data_5SUQ
#
_entry.id   5SUQ
#
_cell.length_a   153.339
_cell.length_b   319.534
_cell.length_c   176.444
_cell.angle_alpha   90.00
_cell.angle_beta   100.96
_cell.angle_gamma   90.00
#
_symmetry.space_group_name_H-M   'P 1 21 1'
#
loop_
_entity.id
_entity.type
_entity.pdbx_description
1 polymer 'ATP-dependent RNA helicase SUB2'
2 polymer Tex1
3 polymer 'Tho2, Hpr1, Mft1, and Thp2'
4 non-polymer 12-TUNGSTOPHOSPHATE
#
loop_
_entity_poly.entity_id
_entity_poly.type
_entity_poly.pdbx_seq_one_letter_code
_entity_poly.pdbx_strand_id
1 'polypeptide(L)'
;MSHEGEEDLLEYSDNEQEIQIDASKAAEAGETGAATSATEGDNNNNTAAGDKKGSYVGIHSTGFKDFLLKPELSRAIIDC
GFEHPSEVQQHTIPQSIHGTDVLCQAKSGLGKTAVFVLSTLQQLDPVPGEVAVVVICNARELAYQIRNEYLRFSKYMPDV
KTAVFYGGTPISKDAELLKNKDTAPHIVVATPGRLKALVREKYIDLSHVKNFVIDECDKVLEELDMRRDVQEIFRATPRD
KQVMMFSATLSQEIRPICRRFLQNPLEIFVDDEAKLTLHGLQQYYIKLEEREKNRKLAQLLDDLEFNQVIIFVKSTTRAN
ELTKLLNASNFPAITVHGHMKQEERIARYKAFKDFEKRICVSTDVFGRGIDIERINLAINYDLTNEADQYLHRVGRAGRF
GTKGLAISFVSSKEDEEVLAKIQERFDVKIAEFPEEGIDPSTYLNN
;
A,C
2 'polypeptide(L)'
;(UNK)(UNK)(UNK)(UNK)(UNK)(UNK)(UNK)(UNK)(UNK)(UNK)(UNK)(UNK)(UNK)(UNK)(UNK)(UNK)
(UNK)(UNK)(UNK)(UNK)(UNK)(UNK)(UNK)(UNK)(UNK)(UNK)(UNK)(UNK)(UNK)(UNK)(UNK)(UNK)
(UNK)(UNK)(UNK)(UNK)(UNK)(UNK)(UNK)(UNK)(UNK)(UNK)(UNK)(UNK)(UNK)(UNK)(UNK)(UNK)
(UNK)(UNK)(UNK)(UNK)(UNK)(UNK)(UNK)(UNK)(UNK)(UNK)(UNK)(UNK)(UNK)(UNK)(UNK)(UNK)
(UNK)(UNK)(UNK)(UNK)(UNK)(UNK)(UNK)(UNK)(UNK)(UNK)(UNK)(UNK)(UNK)(UNK)(UNK)(UNK)
(UNK)(UNK)(UNK)(UNK)(UNK)(UNK)(UNK)(UNK)(UNK)(UNK)(UNK)(UNK)(UNK)(UNK)(UNK)(UNK)
(UNK)(UNK)(UNK)(UNK)(UNK)(UNK)(UNK)(UNK)(UNK)(UNK)(UNK)(UNK)(UNK)(UNK)(UNK)(UNK)
(UNK)(UNK)(UNK)(UNK)(UNK)(UNK)(UNK)(UNK)(UNK)(UNK)(UNK)(UNK)(UNK)(UNK)(UNK)(UNK)
(UNK)(UNK)(UNK)(UNK)(UNK)(UNK)(UNK)(UNK)(UNK)(UNK)(UNK)(UNK)(UNK)(UNK)(UNK)(UNK)
(UNK)(UNK)(UNK)(UNK)(UNK)(UNK)(UNK)(UNK)(UNK)(UNK)(UNK)(UNK)(UNK)(UNK)(UNK)(UNK)
(UNK)(UNK)(UNK)(UNK)(UNK)(UNK)(UNK)(UNK)(UNK)(UNK)(UNK)(UNK)(UNK)(UNK)(UNK)(UNK)
(UNK)(UNK)(UNK)(UNK)(UNK)(UNK)(UNK)(UNK)(UNK)(UNK)(UNK)(UNK)(UNK)(UNK)(UNK)(UNK)
(UNK)(UNK)(UNK)(UNK)(UNK)(UNK)(UNK)(UNK)(UNK)(UNK)(UNK)(UNK)(UNK)(UNK)(UNK)(UNK)
(UNK)(UNK)(UNK)(UNK)(UNK)(UNK)(UNK)(UNK)(UNK)(UNK)(UNK)(UNK)(UNK)(UNK)(UNK)(UNK)
(UNK)(UNK)(UNK)(UNK)(UNK)(UNK)(UNK)(UNK)(UNK)(UNK)(UNK)(UNK)(UNK)(UNK)(UNK)(UNK)
(UNK)(UNK)(UNK)(UNK)(UNK)(UNK)(UNK)(UNK)(UNK)(UNK)(UNK)(UNK)(UNK)(UNK)(UNK)(UNK)
(UNK)(UNK)(UNK)(UNK)(UNK)(UNK)(UNK)(UNK)(UNK)(UNK)(UNK)(UNK)(UNK)(UNK)(UNK)(UNK)
(UNK)(UNK)(UNK)(UNK)(UNK)(UNK)(UNK)(UNK)(UNK)(UNK)(UNK)(UNK)(UNK)(UNK)(UNK)(UNK)
(UNK)(UNK)(UNK)(UNK)(UNK)(UNK)(UNK)(UNK)(UNK)(UNK)(UNK)(UNK)(UNK)(UNK)(UNK)(UNK)
(UNK)(UNK)(UNK)(UNK)(UNK)(UNK)(UNK)(UNK)(UNK)(UNK)(UNK)(UNK)(UNK)(UNK)(UNK)(UNK)
(UNK)(UNK)(UNK)(UNK)(UNK)(UNK)(UNK)(UNK)(UNK)(UNK)(UNK)(UNK)(UNK)(UNK)(UNK)(UNK)
(UNK)(UNK)(UNK)(UNK)(UNK)(UNK)(UNK)(UNK)(UNK)(UNK)(UNK)(UNK)(UNK)(UNK)(UNK)(UNK)
(UNK)(UNK)(UNK)(UNK)(UNK)(UNK)(UNK)(UNK)(UNK)(UNK)(UNK)(UNK)(UNK)(UNK)(UNK)(UNK)
(UNK)(UNK)(UNK)(UNK)(UNK)(UNK)(UNK)(UNK)(UNK)(UNK)(UNK)(UNK)(UNK)(UNK)(UNK)(UNK)
(UNK)(UNK)(UNK)(UNK)(UNK)(UNK)(UNK)(UNK)(UNK)(UNK)(UNK)(UNK)(UNK)(UNK)(UNK)(UNK)
;
B,D
3 'polypeptide(L)'
;(UNK)(UNK)(UNK)(UNK)(UNK)(UNK)(UNK)(UNK)(UNK)(UNK)(UNK)(UNK)(UNK)(UNK)(UNK)(UNK)
(UNK)(UNK)(UNK)(UNK)(UNK)(UNK)(UNK)(UNK)(UNK)(UNK)(UNK)(UNK)(UNK)(UNK)(UNK)(UNK)
(UNK)(UNK)(UNK)(UNK)(UNK)(UNK)(UNK)(UNK)(UNK)(UNK)(UNK)(UNK)(UNK)(UNK)(UNK)(UNK)
(UNK)(UNK)(UNK)(UNK)(UNK)(UNK)(UNK)(UNK)(UNK)(UNK)(UNK)(UNK)(UNK)(UNK)(UNK)(UNK)
(UNK)(UNK)(UNK)(UNK)(UNK)(UNK)(UNK)(UNK)(UNK)(UNK)(UNK)(UNK)(UNK)(UNK)(UNK)(UNK)
(UNK)(UNK)(UNK)(UNK)(UNK)(UNK)(UNK)(UNK)(UNK)(UNK)(UNK)(UNK)(UNK)(UNK)(UNK)(UNK)
(UNK)(UNK)(UNK)(UNK)(UNK)(UNK)(UNK)(UNK)(UNK)(UNK)(UNK)(UNK)(UNK)(UNK)(UNK)(UNK)
(UNK)(UNK)(UNK)(UNK)(UNK)(UNK)(UNK)(UNK)(UNK)(UNK)(UNK)(UNK)(UNK)(UNK)(UNK)(UNK)
(UNK)(UNK)(UNK)(UNK)(UNK)(UNK)(UNK)(UNK)(UNK)(UNK)(UNK)(UNK)(UNK)(UNK)(UNK)(UNK)
(UNK)(UNK)(UNK)(UNK)(UNK)(UNK)(UNK)(UNK)(UNK)(UNK)(UNK)(UNK)(UNK)(UNK)(UNK)(UNK)
(UNK)(UNK)(UNK)(UNK)(UNK)(UNK)(UNK)(UNK)(UNK)(UNK)(UNK)(UNK)(UNK)(UNK)(UNK)(UNK)
(UNK)(UNK)(UNK)(UNK)(UNK)(UNK)(UNK)(UNK)(UNK)(UNK)(UNK)(UNK)(UNK)(UNK)(UNK)(UNK)
(UNK)(UNK)(UNK)(UNK)(UNK)(UNK)(UNK)(UNK)(UNK)(UNK)(UNK)(UNK)(UNK)(UNK)(UNK)(UNK)
(UNK)(UNK)(UNK)(UNK)(UNK)(UNK)(UNK)(UNK)(UNK)(UNK)(UNK)(UNK)(UNK)(UNK)(UNK)(UNK)
(UNK)(UNK)(UNK)(UNK)(UNK)(UNK)(UNK)(UNK)(UNK)(UNK)(UNK)(UNK)(UNK)(UNK)(UNK)(UNK)
(UNK)(UNK)(UNK)(UNK)(UNK)(UNK)(UNK)(UNK)(UNK)(UNK)(UNK)(UNK)(UNK)(UNK)(UNK)(UNK)
(UNK)(UNK)(UNK)(UNK)(UNK)(UNK)(UNK)(UNK)(UNK)(UNK)(UNK)(UNK)(UNK)(UNK)(UNK)(UNK)
(UNK)(UNK)(UNK)(UNK)(UNK)(UNK)(UNK)(UNK)(UNK)(UNK)(UNK)(UNK)(UNK)(UNK)(UNK)(UNK)
(UNK)(UNK)(UNK)(UNK)(UNK)(UNK)(UNK)(UNK)(UNK)(UNK)(UNK)(UNK)(UNK)(UNK)(UNK)(UNK)
(UNK)(UNK)(UNK)(UNK)(UNK)(UNK)(UNK)(UNK)(UNK)(UNK)(UNK)(UNK)(UNK)(UNK)(UNK)(UNK)
(UNK)(UNK)(UNK)(UNK)(UNK)(UNK)(UNK)(UNK)(UNK)(UNK)(UNK)(UNK)(UNK)(UNK)(UNK)(UNK)
(UNK)(UNK)(UNK)(UNK)(UNK)(UNK)(UNK)(UNK)(UNK)(UNK)(UNK)(UNK)(UNK)(UNK)(UNK)(UNK)
(UNK)(UNK)(UNK)(UNK)(UNK)(UNK)(UNK)(UNK)(UNK)(UNK)(UNK)(UNK)(UNK)(UNK)(UNK)(UNK)
(UNK)(UNK)(UNK)(UNK)(UNK)(UNK)(UNK)(UNK)(UNK)(UNK)(UNK)(UNK)(UNK)(UNK)(UNK)(UNK)
(UNK)(UNK)(UNK)(UNK)(UNK)(UNK)(UNK)(UNK)(UNK)(UNK)(UNK)(UNK)(UNK)(UNK)(UNK)(UNK)
(UNK)(UNK)(UNK)(UNK)(UNK)(UNK)(UNK)(UNK)(UNK)(UNK)(UNK)(UNK)(UNK)(UNK)(UNK)(UNK)
(UNK)(UNK)(UNK)(UNK)(UNK)(UNK)(UNK)(UNK)(UNK)(UNK)(UNK)(UNK)(UNK)(UNK)(UNK)(UNK)
(UNK)(UNK)(UNK)(UNK)(UNK)(UNK)(UNK)(UNK)(UNK)(UNK)(UNK)(UNK)(UNK)(UNK)(UNK)(UNK)
(UNK)(UNK)(UNK)(UNK)(UNK)(UNK)(UNK)(UNK)(UNK)(UNK)(UNK)(UNK)(UNK)(UNK)(UNK)(UNK)
(UNK)(UNK)(UNK)(UNK)(UNK)(UNK)(UNK)(UNK)(UNK)(UNK)(UNK)(UNK)(UNK)(UNK)(UNK)(UNK)
(UNK)(UNK)(UNK)(UNK)(UNK)(UNK)(UNK)(UNK)(UNK)(UNK)(UNK)(UNK)(UNK)(UNK)(UNK)(UNK)
(UNK)(UNK)(UNK)(UNK)(UNK)(UNK)(UNK)(UNK)(UNK)(UNK)(UNK)(UNK)(UNK)(UNK)(UNK)(UNK)
(UNK)(UNK)(UNK)(UNK)(UNK)(UNK)(UNK)(UNK)(UNK)(UNK)(UNK)(UNK)(UNK)(UNK)(UNK)(UNK)
(UNK)(UNK)(UNK)(UNK)(UNK)(UNK)(UNK)(UNK)(UNK)(UNK)(UNK)(UNK)(UNK)(UNK)(UNK)(UNK)
(UNK)(UNK)(UNK)(UNK)(UNK)(UNK)(UNK)(UNK)(UNK)(UNK)(UNK)(UNK)(UNK)(UNK)(UNK)(UNK)
(UNK)(UNK)(UNK)(UNK)(UNK)(UNK)(UNK)(UNK)(UNK)(UNK)(UNK)(UNK)(UNK)(UNK)(UNK)(UNK)
(UNK)(UNK)(UNK)(UNK)(UNK)(UNK)(UNK)(UNK)(UNK)(UNK)(UNK)(UNK)(UNK)(UNK)(UNK)(UNK)
(UNK)(UNK)(UNK)(UNK)(UNK)(UNK)(UNK)(UNK)(UNK)(UNK)(UNK)(UNK)(UNK)(UNK)(UNK)(UNK)
(UNK)(UNK)(UNK)(UNK)(UNK)(UNK)(UNK)(UNK)(UNK)(UNK)(UNK)(UNK)(UNK)(UNK)(UNK)(UNK)
(UNK)(UNK)(UNK)(UNK)(UNK)(UNK)(UNK)(UNK)(UNK)(UNK)(UNK)(UNK)(UNK)(UNK)(UNK)(UNK)
(UNK)(UNK)(UNK)(UNK)(UNK)(UNK)(UNK)(UNK)(UNK)(UNK)(UNK)(UNK)(UNK)(UNK)(UNK)(UNK)
(UNK)(UNK)(UNK)(UNK)(UNK)(UNK)(UNK)(UNK)(UNK)(UNK)(UNK)(UNK)(UNK)(UNK)(UNK)(UNK)
(UNK)(UNK)(UNK)(UNK)(UNK)(UNK)(UNK)(UNK)(UNK)(UNK)(UNK)(UNK)(UNK)(UNK)(UNK)(UNK)
(UNK)(UNK)(UNK)(UNK)(UNK)(UNK)(UNK)(UNK)(UNK)(UNK)(UNK)(UNK)(UNK)(UNK)(UNK)(UNK)
(UNK)(UNK)(UNK)(UNK)(UNK)(UNK)(UNK)(UNK)(UNK)(UNK)(UNK)(UNK)(UNK)(UNK)(UNK)(UNK)
(UNK)(UNK)(UNK)(UNK)(UNK)(UNK)(UNK)(UNK)(UNK)(UNK)(UNK)(UNK)(UNK)(UNK)(UNK)(UNK)
(UNK)(UNK)(UNK)(UNK)(UNK)(UNK)(UNK)(UNK)(UNK)(UNK)(UNK)(UNK)(UNK)(UNK)(UNK)(UNK)
(UNK)(UNK)(UNK)(UNK)(UNK)(UNK)(UNK)(UNK)(UNK)(UNK)(UNK)(UNK)(UNK)(UNK)(UNK)(UNK)
(UNK)(UNK)(UNK)(UNK)(UNK)(UNK)(UNK)(UNK)(UNK)(UNK)(UNK)(UNK)(UNK)(UNK)(UNK)(UNK)
(UNK)(UNK)(UNK)(UNK)(UNK)(UNK)(UNK)(UNK)(UNK)(UNK)(UNK)(UNK)(UNK)(UNK)(UNK)(UNK)
(UNK)(UNK)(UNK)(UNK)(UNK)(UNK)(UNK)(UNK)(UNK)(UNK)(UNK)(UNK)(UNK)(UNK)(UNK)(UNK)
(UNK)(UNK)(UNK)(UNK)(UNK)(UNK)(UNK)(UNK)(UNK)(UNK)(UNK)(UNK)(UNK)(UNK)(UNK)(UNK)
(UNK)(UNK)(UNK)(UNK)(UNK)(UNK)(UNK)(UNK)(UNK)(UNK)(UNK)(UNK)(UNK)(UNK)(UNK)(UNK)
(UNK)(UNK)(UNK)(UNK)(UNK)(UNK)(UNK)(UNK)(UNK)(UNK)(UNK)(UNK)(UNK)(UNK)(UNK)(UNK)
(UNK)(UNK)(UNK)(UNK)(UNK)(UNK)(UNK)(UNK)(UNK)(UNK)(UNK)(UNK)(UNK)(UNK)(UNK)(UNK)
(UNK)(UNK)(UNK)(UNK)(UNK)(UNK)(UNK)(UNK)(UNK)(UNK)(UNK)(UNK)(UNK)(UNK)(UNK)(UNK)
(UNK)(UNK)(UNK)(UNK)(UNK)(UNK)(UNK)(UNK)(UNK)(UNK)(UNK)(UNK)(UNK)(UNK)(UNK)(UNK)
(UNK)(UNK)(UNK)(UNK)(UNK)(UNK)(UNK)(UNK)(UNK)(UNK)(UNK)(UNK)(UNK)(UNK)(UNK)(UNK)
(UNK)(UNK)(UNK)(UNK)(UNK)(UNK)(UNK)(UNK)(UNK)(UNK)(UNK)(UNK)(UNK)(UNK)(UNK)(UNK)
(UNK)(UNK)(UNK)(UNK)(UNK)(UNK)(UNK)(UNK)(UNK)(UNK)(UNK)(UNK)(UNK)(UNK)(UNK)(UNK)
(UNK)(UNK)(UNK)(UNK)(UNK)(UNK)(UNK)(UNK)(UNK)(UNK)(UNK)(UNK)(UNK)(UNK)(UNK)(UNK)
(UNK)(UNK)(UNK)(UNK)(UNK)(UNK)(UNK)(UNK)(UNK)(UNK)(UNK)(UNK)(UNK)(UNK)(UNK)(UNK)
(UNK)(UNK)(UNK)(UNK)(UNK)(UNK)(UNK)(UNK)(UNK)(UNK)(UNK)(UNK)(UNK)(UNK)(UNK)(UNK)
(UNK)(UNK)(UNK)(UNK)(UNK)(UNK)(UNK)(UNK)(UNK)(UNK)(UNK)(UNK)(UNK)(UNK)(UNK)(UNK)
(UNK)(UNK)(UNK)(UNK)(UNK)(UNK)(UNK)(UNK)(UNK)(UNK)(UNK)(UNK)(UNK)(UNK)(UNK)(UNK)
(UNK)(UNK)(UNK)(UNK)(UNK)(UNK)(UNK)(UNK)(UNK)(UNK)(UNK)(UNK)(UNK)(UNK)(UNK)(UNK)
(UNK)(UNK)(UNK)(UNK)(UNK)(UNK)(UNK)(UNK)(UNK)(UNK)(UNK)(UNK)(UNK)(UNK)(UNK)(UNK)
(UNK)(UNK)(UNK)(UNK)(UNK)(UNK)(UNK)(UNK)(UNK)(UNK)(UNK)(UNK)(UNK)(UNK)(UNK)(UNK)
(UNK)(UNK)(UNK)(UNK)(UNK)(UNK)(UNK)(UNK)(UNK)(UNK)(UNK)(UNK)(UNK)(UNK)(UNK)(UNK)
(UNK)(UNK)(UNK)(UNK)(UNK)(UNK)(UNK)(UNK)(UNK)(UNK)(UNK)(UNK)(UNK)(UNK)(UNK)(UNK)
(UNK)(UNK)(UNK)(UNK)(UNK)(UNK)(UNK)(UNK)(UNK)(UNK)(UNK)(UNK)(UNK)(UNK)(UNK)(UNK)
(UNK)(UNK)(UNK)(UNK)(UNK)(UNK)(UNK)(UNK)(UNK)(UNK)(UNK)(UNK)(UNK)(UNK)(UNK)(UNK)
(UNK)(UNK)(UNK)(UNK)(UNK)(UNK)(UNK)(UNK)(UNK)(UNK)(UNK)(UNK)(UNK)(UNK)(UNK)(UNK)
(UNK)(UNK)(UNK)(UNK)(UNK)(UNK)(UNK)(UNK)(UNK)(UNK)(UNK)(UNK)(UNK)(UNK)(UNK)(UNK)
(UNK)(UNK)(UNK)(UNK)(UNK)(UNK)(UNK)(UNK)(UNK)(UNK)(UNK)(UNK)(UNK)(UNK)(UNK)(UNK)
(UNK)(UNK)(UNK)(UNK)(UNK)(UNK)(UNK)(UNK)(UNK)(UNK)(UNK)(UNK)(UNK)(UNK)(UNK)(UNK)
(UNK)(UNK)(UNK)(UNK)(UNK)(UNK)(UNK)(UNK)(UNK)(UNK)(UNK)(UNK)(UNK)(UNK)(UNK)(UNK)
(UNK)(UNK)(UNK)(UNK)(UNK)(UNK)(UNK)(UNK)(UNK)(UNK)(UNK)(UNK)(UNK)(UNK)(UNK)(UNK)
(UNK)(UNK)(UNK)(UNK)(UNK)(UNK)(UNK)(UNK)(UNK)(UNK)(UNK)(UNK)(UNK)(UNK)(UNK)(UNK)
(UNK)(UNK)(UNK)(UNK)(UNK)(UNK)(UNK)(UNK)(UNK)(UNK)(UNK)(UNK)(UNK)(UNK)(UNK)(UNK)
(UNK)(UNK)(UNK)(UNK)(UNK)(UNK)(UNK)(UNK)(UNK)(UNK)(UNK)(UNK)(UNK)(UNK)(UNK)(UNK)
(UNK)(UNK)(UNK)(UNK)(UNK)(UNK)(UNK)(UNK)(UNK)(UNK)(UNK)(UNK)(UNK)(UNK)(UNK)(UNK)
(UNK)(UNK)(UNK)(UNK)(UNK)(UNK)(UNK)(UNK)(UNK)(UNK)(UNK)(UNK)(UNK)(UNK)(UNK)(UNK)
(UNK)(UNK)(UNK)(UNK)(UNK)(UNK)(UNK)(UNK)(UNK)(UNK)(UNK)(UNK)(UNK)(UNK)(UNK)(UNK)
(UNK)(UNK)(UNK)(UNK)(UNK)(UNK)(UNK)(UNK)(UNK)(UNK)(UNK)(UNK)(UNK)(UNK)(UNK)(UNK)
(UNK)(UNK)(UNK)(UNK)(UNK)(UNK)(UNK)(UNK)(UNK)(UNK)(UNK)(UNK)(UNK)(UNK)(UNK)(UNK)
(UNK)(UNK)(UNK)(UNK)(UNK)(UNK)(UNK)(UNK)(UNK)(UNK)(UNK)(UNK)(UNK)(UNK)(UNK)(UNK)
(UNK)(UNK)(UNK)(UNK)(UNK)(UNK)(UNK)(UNK)(UNK)(UNK)(UNK)(UNK)(UNK)(UNK)(UNK)(UNK)
(UNK)(UNK)(UNK)(UNK)(UNK)(UNK)(UNK)(UNK)(UNK)(UNK)(UNK)(UNK)(UNK)(UNK)(UNK)(UNK)
(UNK)(UNK)(UNK)(UNK)(UNK)(UNK)(UNK)(UNK)(UNK)(UNK)(UNK)(UNK)(UNK)(UNK)(UNK)(UNK)
(UNK)(UNK)(UNK)(UNK)(UNK)(UNK)(UNK)(UNK)(UNK)(UNK)(UNK)(UNK)(UNK)(UNK)(UNK)(UNK)
(UNK)(UNK)(UNK)(UNK)(UNK)(UNK)(UNK)(UNK)(UNK)(UNK)(UNK)(UNK)(UNK)(UNK)(UNK)(UNK)
(UNK)(UNK)(UNK)(UNK)(UNK)(UNK)(UNK)(UNK)(UNK)(UNK)(UNK)(UNK)(UNK)(UNK)(UNK)(UNK)
(UNK)(UNK)(UNK)(UNK)(UNK)(UNK)(UNK)(UNK)(UNK)(UNK)(UNK)(UNK)(UNK)(UNK)(UNK)(UNK)
(UNK)(UNK)(UNK)(UNK)(UNK)(UNK)(UNK)(UNK)(UNK)(UNK)(UNK)(UNK)(UNK)(UNK)(UNK)(UNK)
(UNK)(UNK)(UNK)(UNK)(UNK)(UNK)(UNK)(UNK)(UNK)(UNK)(UNK)(UNK)(UNK)(UNK)(UNK)(UNK)
(UNK)(UNK)(UNK)(UNK)(UNK)(UNK)(UNK)(UNK)(UNK)(UNK)(UNK)(UNK)(UNK)(UNK)(UNK)(UNK)
(UNK)(UNK)(UNK)(UNK)(UNK)(UNK)(UNK)(UNK)(UNK)(UNK)(UNK)(UNK)(UNK)(UNK)(UNK)(UNK)
(UNK)(UNK)(UNK)(UNK)(UNK)(UNK)(UNK)(UNK)(UNK)(UNK)(UNK)(UNK)(UNK)(UNK)(UNK)(UNK)
(UNK)(UNK)(UNK)(UNK)(UNK)(UNK)(UNK)(UNK)(UNK)(UNK)(UNK)(UNK)(UNK)(UNK)(UNK)(UNK)
(UNK)(UNK)(UNK)(UNK)(UNK)(UNK)(UNK)(UNK)(UNK)(UNK)(UNK)(UNK)(UNK)(UNK)(UNK)(UNK)
(UNK)(UNK)(UNK)(UNK)(UNK)(UNK)(UNK)(UNK)(UNK)(UNK)(UNK)(UNK)(UNK)(UNK)(UNK)(UNK)
(UNK)(UNK)(UNK)(UNK)(UNK)(UNK)(UNK)(UNK)(UNK)(UNK)(UNK)(UNK)(UNK)(UNK)(UNK)(UNK)
(UNK)(UNK)(UNK)(UNK)(UNK)(UNK)(UNK)(UNK)(UNK)(UNK)(UNK)(UNK)(UNK)(UNK)(UNK)(UNK)
(UNK)(UNK)(UNK)(UNK)(UNK)(UNK)(UNK)(UNK)(UNK)(UNK)(UNK)(UNK)(UNK)(UNK)(UNK)(UNK)
(UNK)(UNK)(UNK)(UNK)(UNK)(UNK)(UNK)(UNK)(UNK)(UNK)(UNK)(UNK)(UNK)(UNK)(UNK)(UNK)
(UNK)(UNK)(UNK)(UNK)(UNK)(UNK)(UNK)(UNK)(UNK)(UNK)(UNK)(UNK)(UNK)(UNK)(UNK)(UNK)
(UNK)(UNK)(UNK)(UNK)(UNK)(UNK)(UNK)(UNK)(UNK)(UNK)(UNK)(UNK)(UNK)(UNK)(UNK)(UNK)
(UNK)(UNK)(UNK)(UNK)(UNK)(UNK)(UNK)(UNK)(UNK)(UNK)(UNK)(UNK)(UNK)(UNK)(UNK)(UNK)
(UNK)(UNK)(UNK)(UNK)(UNK)(UNK)(UNK)(UNK)(UNK)(UNK)(UNK)(UNK)(UNK)(UNK)(UNK)(UNK)
(UNK)(UNK)(UNK)(UNK)(UNK)(UNK)(UNK)(UNK)(UNK)(UNK)(UNK)(UNK)(UNK)(UNK)(UNK)(UNK)
(UNK)(UNK)(UNK)(UNK)(UNK)(UNK)(UNK)(UNK)(UNK)(UNK)(UNK)(UNK)(UNK)(UNK)(UNK)(UNK)
(UNK)(UNK)(UNK)(UNK)(UNK)(UNK)(UNK)(UNK)(UNK)(UNK)(UNK)(UNK)(UNK)(UNK)(UNK)(UNK)
(UNK)(UNK)(UNK)(UNK)(UNK)(UNK)(UNK)(UNK)(UNK)(UNK)(UNK)(UNK)(UNK)(UNK)(UNK)(UNK)
(UNK)(UNK)(UNK)(UNK)(UNK)(UNK)(UNK)(UNK)(UNK)(UNK)(UNK)(UNK)(UNK)(UNK)(UNK)(UNK)
(UNK)(UNK)(UNK)(UNK)(UNK)(UNK)(UNK)(UNK)(UNK)(UNK)(UNK)(UNK)(UNK)(UNK)(UNK)(UNK)
(UNK)(UNK)(UNK)(UNK)(UNK)(UNK)(UNK)(UNK)(UNK)(UNK)(UNK)(UNK)(UNK)(UNK)(UNK)(UNK)
(UNK)(UNK)(UNK)(UNK)(UNK)(UNK)(UNK)(UNK)(UNK)(UNK)(UNK)(UNK)(UNK)(UNK)(UNK)(UNK)
(UNK)(UNK)(UNK)(UNK)(UNK)(UNK)(UNK)(UNK)(UNK)(UNK)(UNK)(UNK)(UNK)(UNK)(UNK)(UNK)
(UNK)(UNK)(UNK)(UNK)(UNK)(UNK)(UNK)(UNK)(UNK)(UNK)(UNK)(UNK)(UNK)(UNK)(UNK)(UNK)
(UNK)(UNK)(UNK)(UNK)(UNK)(UNK)(UNK)(UNK)(UNK)(UNK)(UNK)(UNK)(UNK)(UNK)(UNK)(UNK)
(UNK)(UNK)(UNK)(UNK)(UNK)(UNK)(UNK)(UNK)(UNK)(UNK)(UNK)(UNK)(UNK)(UNK)(UNK)(UNK)
(UNK)(UNK)(UNK)(UNK)(UNK)(UNK)(UNK)(UNK)(UNK)(UNK)(UNK)(UNK)(UNK)(UNK)(UNK)(UNK)
(UNK)(UNK)(UNK)(UNK)(UNK)(UNK)(UNK)(UNK)(UNK)(UNK)(UNK)(UNK)(UNK)(UNK)(UNK)(UNK)
(UNK)(UNK)(UNK)(UNK)(UNK)(UNK)(UNK)(UNK)(UNK)(UNK)(UNK)(UNK)(UNK)(UNK)(UNK)(UNK)
(UNK)(UNK)(UNK)(UNK)(UNK)(UNK)(UNK)(UNK)(UNK)(UNK)(UNK)(UNK)(UNK)(UNK)(UNK)(UNK)
(UNK)(UNK)(UNK)(UNK)(UNK)(UNK)(UNK)(UNK)(UNK)(UNK)(UNK)(UNK)(UNK)(UNK)(UNK)(UNK)
(UNK)(UNK)(UNK)(UNK)(UNK)(UNK)(UNK)(UNK)(UNK)(UNK)(UNK)(UNK)(UNK)(UNK)(UNK)(UNK)
(UNK)(UNK)(UNK)(UNK)(UNK)(UNK)(UNK)(UNK)(UNK)(UNK)(UNK)(UNK)(UNK)(UNK)(UNK)(UNK)
(UNK)(UNK)(UNK)(UNK)(UNK)(UNK)(UNK)(UNK)(UNK)(UNK)(UNK)(UNK)(UNK)(UNK)(UNK)(UNK)
(UNK)(UNK)(UNK)(UNK)(UNK)(UNK)(UNK)(UNK)(UNK)(UNK)(UNK)(UNK)(UNK)(UNK)(UNK)(UNK)
(UNK)(UNK)(UNK)(UNK)(UNK)(UNK)(UNK)(UNK)(UNK)(UNK)(UNK)(UNK)(UNK)(UNK)(UNK)(UNK)
(UNK)(UNK)(UNK)(UNK)(UNK)(UNK)(UNK)(UNK)(UNK)(UNK)(UNK)(UNK)(UNK)(UNK)(UNK)(UNK)
(UNK)(UNK)(UNK)(UNK)(UNK)(UNK)(UNK)(UNK)(UNK)(UNK)(UNK)(UNK)(UNK)(UNK)(UNK)(UNK)
(UNK)(UNK)(UNK)(UNK)(UNK)(UNK)(UNK)(UNK)(UNK)(UNK)(UNK)(UNK)(UNK)(UNK)(UNK)(UNK)
(UNK)(UNK)(UNK)(UNK)(UNK)(UNK)(UNK)(UNK)(UNK)(UNK)(UNK)(UNK)(UNK)(UNK)(UNK)(UNK)
(UNK)(UNK)(UNK)(UNK)(UNK)(UNK)(UNK)(UNK)(UNK)(UNK)(UNK)(UNK)(UNK)(UNK)(UNK)(UNK)
(UNK)(UNK)(UNK)(UNK)(UNK)(UNK)(UNK)(UNK)(UNK)(UNK)(UNK)(UNK)(UNK)(UNK)(UNK)(UNK)
(UNK)(UNK)(UNK)(UNK)(UNK)(UNK)(UNK)(UNK)(UNK)(UNK)(UNK)(UNK)(UNK)(UNK)(UNK)(UNK)
(UNK)(UNK)(UNK)(UNK)(UNK)(UNK)(UNK)(UNK)(UNK)(UNK)(UNK)(UNK)(UNK)(UNK)(UNK)(UNK)
(UNK)(UNK)(UNK)(UNK)(UNK)(UNK)(UNK)(UNK)(UNK)(UNK)(UNK)(UNK)(UNK)(UNK)(UNK)(UNK)
(UNK)(UNK)(UNK)(UNK)(UNK)(UNK)(UNK)(UNK)(UNK)(UNK)(UNK)(UNK)(UNK)(UNK)(UNK)(UNK)
(UNK)(UNK)(UNK)(UNK)(UNK)(UNK)(UNK)(UNK)(UNK)(UNK)(UNK)(UNK)(UNK)(UNK)(UNK)(UNK)
(UNK)(UNK)(UNK)(UNK)(UNK)(UNK)(UNK)(UNK)(UNK)(UNK)(UNK)(UNK)
;
M,N
#
loop_
_chem_comp.id
_chem_comp.type
_chem_comp.name
_chem_comp.formula
KEG non-polymer 12-TUNGSTOPHOSPHATE 'O40 P W12'
#
# COMPACT_ATOMS: atom_id res chain seq x y z
N THR A 62 18.19 18.40 37.15
CA THR A 62 19.08 17.47 36.47
C THR A 62 19.36 16.26 37.35
N GLY A 63 18.42 15.31 37.36
CA GLY A 63 18.53 14.18 38.26
C GLY A 63 19.62 13.19 37.88
N PHE A 64 19.97 13.13 36.59
CA PHE A 64 20.96 12.15 36.15
C PHE A 64 22.37 12.48 36.66
N LYS A 65 22.60 13.70 37.14
CA LYS A 65 23.94 14.04 37.58
C LYS A 65 24.32 13.33 38.86
N ASP A 66 23.33 12.81 39.60
CA ASP A 66 23.55 12.02 40.80
C ASP A 66 24.14 10.65 40.52
N PHE A 67 24.15 10.21 39.25
CA PHE A 67 24.81 8.97 38.88
C PHE A 67 26.32 9.13 38.77
N LEU A 68 26.81 10.38 38.77
CA LEU A 68 28.23 10.71 38.74
C LEU A 68 28.87 10.22 37.43
N LEU A 69 28.30 10.73 36.35
CA LEU A 69 28.67 10.39 34.99
C LEU A 69 29.62 11.44 34.45
N LYS A 70 30.23 11.13 33.30
CA LYS A 70 31.17 12.05 32.68
C LYS A 70 30.46 13.38 32.40
N PRO A 71 31.19 14.50 32.49
CA PRO A 71 30.56 15.80 32.21
C PRO A 71 30.03 15.90 30.79
N GLU A 72 30.65 15.21 29.83
CA GLU A 72 30.14 15.21 28.46
C GLU A 72 28.82 14.45 28.36
N LEU A 73 28.69 13.35 29.11
CA LEU A 73 27.42 12.62 29.15
C LEU A 73 26.32 13.46 29.77
N SER A 74 26.55 13.97 30.98
CA SER A 74 25.53 14.77 31.66
C SER A 74 25.10 15.95 30.81
N ARG A 75 26.04 16.55 30.08
CA ARG A 75 25.68 17.69 29.23
C ARG A 75 24.80 17.27 28.07
N ALA A 76 25.08 16.10 27.47
CA ALA A 76 24.23 15.63 26.38
C ALA A 76 22.86 15.20 26.88
N ILE A 77 22.81 14.62 28.09
CA ILE A 77 21.53 14.24 28.69
C ILE A 77 20.66 15.46 28.93
N ILE A 78 21.28 16.61 29.25
CA ILE A 78 20.48 17.81 29.50
C ILE A 78 19.94 18.38 28.19
N ASP A 79 20.70 18.25 27.09
CA ASP A 79 20.19 18.71 25.81
C ASP A 79 19.09 17.82 25.24
N CYS A 80 18.92 16.61 25.77
CA CYS A 80 17.85 15.72 25.32
C CYS A 80 16.57 15.89 26.12
N GLY A 81 16.44 16.95 26.92
CA GLY A 81 15.26 17.16 27.72
C GLY A 81 15.10 16.27 28.93
N PHE A 82 15.94 15.25 29.09
CA PHE A 82 15.86 14.41 30.29
C PHE A 82 16.13 15.24 31.54
N GLU A 83 15.28 15.07 32.56
CA GLU A 83 15.59 15.66 33.86
C GLU A 83 15.32 14.74 35.04
N HIS A 84 14.51 13.69 34.90
CA HIS A 84 14.27 12.78 36.01
C HIS A 84 14.40 11.35 35.49
N PRO A 85 15.22 10.51 36.12
CA PRO A 85 15.36 9.14 35.62
C PRO A 85 14.10 8.31 35.91
N SER A 86 13.75 7.47 34.95
CA SER A 86 12.64 6.56 35.18
C SER A 86 13.04 5.48 36.20
N GLU A 87 12.04 4.73 36.65
CA GLU A 87 12.30 3.75 37.70
C GLU A 87 13.21 2.63 37.20
N VAL A 88 13.11 2.25 35.92
CA VAL A 88 14.01 1.21 35.42
C VAL A 88 15.44 1.73 35.33
N GLN A 89 15.61 3.02 35.05
CA GLN A 89 16.96 3.57 34.95
C GLN A 89 17.56 3.78 36.34
N GLN A 90 16.74 4.14 37.33
CA GLN A 90 17.22 4.24 38.70
C GLN A 90 17.61 2.88 39.27
N HIS A 91 16.92 1.82 38.85
CA HIS A 91 17.17 0.49 39.38
C HIS A 91 18.25 -0.26 38.61
N THR A 92 18.69 0.25 37.46
CA THR A 92 19.63 -0.49 36.62
C THR A 92 20.93 0.25 36.35
N ILE A 93 20.87 1.56 36.07
CA ILE A 93 22.07 2.29 35.66
C ILE A 93 23.19 2.25 36.70
N PRO A 94 22.95 2.59 37.98
CA PRO A 94 24.09 2.68 38.92
C PRO A 94 24.91 1.40 39.01
N GLN A 95 24.26 0.25 39.03
CA GLN A 95 24.93 -1.04 39.18
C GLN A 95 25.40 -1.61 37.84
N SER A 96 24.83 -1.17 36.73
CA SER A 96 25.35 -1.52 35.40
C SER A 96 26.66 -0.80 35.08
N ILE A 97 26.89 0.39 35.65
CA ILE A 97 28.13 1.13 35.39
C ILE A 97 29.34 0.32 35.83
N HIS A 98 29.18 -0.53 36.84
CA HIS A 98 30.27 -1.31 37.41
C HIS A 98 30.62 -2.52 36.55
N GLY A 99 29.90 -2.75 35.45
CA GLY A 99 30.14 -3.92 34.64
C GLY A 99 29.35 -5.14 35.05
N THR A 100 28.36 -4.98 35.94
CA THR A 100 27.57 -6.12 36.38
C THR A 100 26.59 -6.54 35.28
N ASP A 101 26.46 -7.85 35.08
CA ASP A 101 25.51 -8.35 34.09
C ASP A 101 24.09 -7.98 34.48
N VAL A 102 23.25 -7.74 33.46
CA VAL A 102 21.91 -7.22 33.67
C VAL A 102 20.93 -8.08 32.88
N LEU A 103 19.87 -8.53 33.55
CA LEU A 103 18.71 -9.13 32.90
C LEU A 103 17.51 -8.32 33.35
N CYS A 104 17.00 -7.48 32.46
CA CYS A 104 16.08 -6.41 32.85
C CYS A 104 14.74 -6.57 32.15
N GLN A 105 13.67 -6.38 32.92
CA GLN A 105 12.31 -6.35 32.39
C GLN A 105 11.65 -5.07 32.87
N ALA A 106 11.05 -4.33 31.94
CA ALA A 106 10.33 -3.11 32.27
C ALA A 106 9.25 -2.91 31.22
N LYS A 107 8.20 -2.19 31.60
CA LYS A 107 7.07 -2.04 30.71
C LYS A 107 7.43 -1.20 29.50
N SER A 108 6.55 -1.27 28.50
CA SER A 108 6.82 -0.67 27.21
C SER A 108 7.01 0.84 27.35
N GLY A 109 8.12 1.35 26.82
CA GLY A 109 8.31 2.77 26.66
C GLY A 109 8.75 3.53 27.89
N LEU A 110 9.17 2.84 28.95
CA LEU A 110 9.62 3.51 30.16
C LEU A 110 11.14 3.67 30.21
N GLY A 111 11.81 3.60 29.06
CA GLY A 111 13.21 4.00 28.97
C GLY A 111 14.25 2.93 29.23
N LYS A 112 14.13 1.77 28.59
CA LYS A 112 15.18 0.76 28.69
C LYS A 112 16.37 1.05 27.77
N THR A 113 16.17 1.81 26.69
CA THR A 113 17.28 2.10 25.79
C THR A 113 18.32 2.96 26.49
N ALA A 114 17.88 4.03 27.18
CA ALA A 114 18.81 4.90 27.88
C ALA A 114 19.59 4.16 28.96
N VAL A 115 19.10 3.01 29.42
CA VAL A 115 19.83 2.25 30.43
C VAL A 115 21.15 1.76 29.85
N PHE A 116 21.10 0.95 28.79
CA PHE A 116 22.33 0.39 28.25
C PHE A 116 23.09 1.38 27.37
N VAL A 117 22.42 2.43 26.88
CA VAL A 117 23.13 3.45 26.11
C VAL A 117 24.01 4.30 27.01
N LEU A 118 23.42 4.88 28.07
CA LEU A 118 24.19 5.69 29.00
C LEU A 118 25.20 4.86 29.78
N SER A 119 24.88 3.58 30.04
CA SER A 119 25.77 2.75 30.83
C SER A 119 27.05 2.41 30.06
N THR A 120 26.90 1.96 28.81
CA THR A 120 28.06 1.63 28.01
C THR A 120 28.88 2.86 27.67
N LEU A 121 28.21 4.00 27.44
CA LEU A 121 28.94 5.23 27.14
C LEU A 121 29.77 5.70 28.32
N GLN A 122 29.34 5.40 29.54
CA GLN A 122 30.11 5.79 30.71
C GLN A 122 31.30 4.86 30.94
N GLN A 123 31.11 3.54 30.77
CA GLN A 123 32.22 2.61 30.89
C GLN A 123 33.19 2.70 29.73
N LEU A 124 32.76 3.22 28.59
CA LEU A 124 33.61 3.24 27.41
C LEU A 124 34.79 4.18 27.58
N ASP A 125 36.00 3.67 27.33
CA ASP A 125 37.18 4.50 27.11
C ASP A 125 37.70 4.14 25.72
N PRO A 126 37.52 5.01 24.72
CA PRO A 126 37.71 4.60 23.32
C PRO A 126 39.17 4.27 23.00
N VAL A 127 39.37 3.09 22.41
CA VAL A 127 40.65 2.69 21.82
C VAL A 127 40.47 2.70 20.30
N PRO A 128 41.29 3.44 19.56
CA PRO A 128 41.04 3.61 18.12
C PRO A 128 41.03 2.29 17.36
N GLY A 129 40.04 2.13 16.50
CA GLY A 129 39.94 0.97 15.63
C GLY A 129 39.44 -0.29 16.31
N GLU A 130 38.98 -0.20 17.55
CA GLU A 130 38.66 -1.36 18.37
C GLU A 130 37.20 -1.31 18.80
N VAL A 131 36.45 -2.35 18.44
CA VAL A 131 35.04 -2.43 18.82
C VAL A 131 34.96 -2.87 20.27
N ALA A 132 34.35 -2.04 21.11
CA ALA A 132 34.19 -2.36 22.52
C ALA A 132 32.77 -2.75 22.91
N VAL A 133 31.76 -2.22 22.22
CA VAL A 133 30.36 -2.42 22.58
C VAL A 133 29.61 -2.96 21.37
N VAL A 134 28.78 -3.97 21.61
CA VAL A 134 27.94 -4.58 20.57
C VAL A 134 26.51 -4.66 21.09
N VAL A 135 25.56 -4.19 20.29
CA VAL A 135 24.14 -4.21 20.63
C VAL A 135 23.39 -4.95 19.54
N ILE A 136 22.53 -5.90 19.94
CA ILE A 136 21.76 -6.71 19.01
C ILE A 136 20.28 -6.45 19.24
N CYS A 137 19.54 -6.22 18.16
CA CYS A 137 18.09 -6.12 18.20
C CYS A 137 17.48 -7.08 17.18
N ASN A 138 16.17 -7.02 16.97
CA ASN A 138 15.50 -7.93 16.06
C ASN A 138 15.11 -7.33 14.72
N ALA A 139 15.07 -6.00 14.60
CA ALA A 139 14.61 -5.35 13.37
C ALA A 139 15.61 -4.30 12.91
N ARG A 140 15.62 -4.05 11.59
CA ARG A 140 16.61 -3.15 11.02
C ARG A 140 16.36 -1.71 11.45
N GLU A 141 15.12 -1.25 11.39
CA GLU A 141 14.82 0.13 11.76
C GLU A 141 15.03 0.36 13.25
N LEU A 142 14.81 -0.67 14.08
CA LEU A 142 15.10 -0.53 15.50
C LEU A 142 16.59 -0.35 15.74
N ALA A 143 17.42 -1.07 14.99
CA ALA A 143 18.87 -0.85 15.08
C ALA A 143 19.23 0.56 14.66
N TYR A 144 18.61 1.06 13.60
CA TYR A 144 18.82 2.44 13.18
C TYR A 144 18.40 3.41 14.27
N GLN A 145 17.28 3.11 14.95
CA GLN A 145 16.82 3.96 16.04
C GLN A 145 17.78 3.94 17.22
N ILE A 146 18.28 2.75 17.58
CA ILE A 146 19.17 2.63 18.72
C ILE A 146 20.49 3.35 18.45
N ARG A 147 21.02 3.21 17.23
CA ARG A 147 22.26 3.89 16.89
C ARG A 147 22.09 5.41 16.94
N ASN A 148 20.90 5.90 16.57
CA ASN A 148 20.64 7.33 16.66
C ASN A 148 20.58 7.80 18.11
N GLU A 149 20.19 6.93 19.04
CA GLU A 149 20.26 7.28 20.45
C GLU A 149 21.70 7.35 20.94
N TYR A 150 22.56 6.45 20.45
CA TYR A 150 23.98 6.54 20.75
C TYR A 150 24.57 7.86 20.24
N LEU A 151 24.12 8.30 19.06
CA LEU A 151 24.62 9.55 18.50
C LEU A 151 24.22 10.75 19.37
N ARG A 152 23.01 10.73 19.91
CA ARG A 152 22.52 11.90 20.64
C ARG A 152 23.16 12.02 22.03
N PHE A 153 23.52 10.90 22.65
CA PHE A 153 24.17 10.95 23.96
C PHE A 153 25.68 11.03 23.87
N SER A 154 26.28 10.59 22.76
CA SER A 154 27.69 10.83 22.49
C SER A 154 27.91 12.16 21.77
N LYS A 155 26.96 13.09 21.92
CA LYS A 155 27.02 14.38 21.23
C LYS A 155 28.33 15.12 21.52
N TYR A 156 28.73 15.15 22.79
CA TYR A 156 29.91 15.88 23.22
C TYR A 156 31.10 14.98 23.51
N MET A 157 31.12 13.78 22.94
CA MET A 157 32.26 12.87 23.04
C MET A 157 32.84 12.67 21.64
N PRO A 158 33.75 13.55 21.20
CA PRO A 158 34.22 13.48 19.82
C PRO A 158 35.01 12.22 19.51
N ASP A 159 35.66 11.61 20.51
CA ASP A 159 36.43 10.41 20.26
C ASP A 159 35.56 9.21 19.91
N VAL A 160 34.32 9.19 20.40
CA VAL A 160 33.44 8.05 20.19
C VAL A 160 32.94 8.02 18.75
N LYS A 161 32.99 6.84 18.13
CA LYS A 161 32.46 6.61 16.80
C LYS A 161 31.54 5.39 16.84
N THR A 162 30.39 5.50 16.18
CA THR A 162 29.39 4.44 16.19
C THR A 162 28.97 4.09 14.76
N ALA A 163 28.54 2.84 14.59
CA ALA A 163 28.05 2.37 13.30
C ALA A 163 26.91 1.38 13.53
N VAL A 164 26.04 1.27 12.52
CA VAL A 164 24.94 0.32 12.53
C VAL A 164 25.01 -0.51 11.26
N PHE A 165 24.65 -1.80 11.36
CA PHE A 165 24.73 -2.72 10.24
C PHE A 165 23.47 -3.57 10.17
N TYR A 166 22.93 -3.73 8.96
CA TYR A 166 21.76 -4.57 8.75
C TYR A 166 21.73 -5.00 7.30
N GLY A 167 20.84 -5.94 7.00
CA GLY A 167 20.72 -6.45 5.65
C GLY A 167 20.14 -5.42 4.71
N GLY A 168 20.14 -5.76 3.42
CA GLY A 168 19.61 -4.90 2.39
C GLY A 168 20.63 -3.97 1.76
N THR A 169 21.84 -3.89 2.31
CA THR A 169 22.92 -3.06 1.81
C THR A 169 24.12 -3.92 1.43
N PRO A 170 24.93 -3.49 0.46
CA PRO A 170 26.12 -4.27 0.09
C PRO A 170 27.06 -4.41 1.27
N ILE A 171 27.47 -5.66 1.54
CA ILE A 171 28.33 -5.92 2.68
C ILE A 171 29.76 -5.42 2.44
N SER A 172 30.14 -5.21 1.18
CA SER A 172 31.48 -4.69 0.90
C SER A 172 31.63 -3.28 1.43
N LYS A 173 30.56 -2.49 1.40
CA LYS A 173 30.62 -1.13 1.91
C LYS A 173 30.74 -1.10 3.43
N ASP A 174 30.12 -2.07 4.13
CA ASP A 174 30.32 -2.17 5.56
C ASP A 174 31.78 -2.51 5.87
N ALA A 175 32.40 -3.34 5.03
CA ALA A 175 33.80 -3.68 5.21
C ALA A 175 34.68 -2.44 5.06
N GLU A 176 34.41 -1.61 4.05
CA GLU A 176 35.19 -0.39 3.86
C GLU A 176 34.97 0.58 5.00
N LEU A 177 33.73 0.70 5.47
CA LEU A 177 33.43 1.58 6.60
C LEU A 177 34.12 1.10 7.87
N LEU A 178 34.32 -0.22 8.00
CA LEU A 178 34.98 -0.75 9.19
C LEU A 178 36.49 -0.48 9.18
N LYS A 179 37.12 -0.41 8.00
CA LYS A 179 38.56 -0.18 7.95
C LYS A 179 38.93 1.29 8.01
N ASN A 180 38.02 2.18 7.64
CA ASN A 180 38.36 3.59 7.54
C ASN A 180 38.63 4.18 8.92
N LYS A 181 39.69 4.98 9.02
CA LYS A 181 40.07 5.54 10.31
C LYS A 181 39.10 6.61 10.79
N ASP A 182 38.29 7.20 9.90
CA ASP A 182 37.27 8.14 10.34
C ASP A 182 35.99 7.45 10.78
N THR A 183 35.76 6.21 10.35
CA THR A 183 34.50 5.54 10.65
C THR A 183 34.66 4.24 11.43
N ALA A 184 35.89 3.82 11.74
CA ALA A 184 36.09 2.61 12.52
C ALA A 184 35.38 2.75 13.87
N PRO A 185 34.33 1.97 14.10
CA PRO A 185 33.46 2.22 15.26
C PRO A 185 33.93 1.57 16.55
N HIS A 186 33.73 2.28 17.65
CA HIS A 186 33.87 1.71 18.98
C HIS A 186 32.59 1.03 19.46
N ILE A 187 31.45 1.40 18.91
CA ILE A 187 30.15 0.87 19.30
C ILE A 187 29.42 0.43 18.03
N VAL A 188 28.97 -0.83 18.01
CA VAL A 188 28.33 -1.41 16.84
C VAL A 188 26.93 -1.88 17.22
N VAL A 189 25.93 -1.32 16.55
CA VAL A 189 24.55 -1.79 16.64
C VAL A 189 24.23 -2.55 15.37
N ALA A 190 23.52 -3.67 15.49
CA ALA A 190 23.27 -4.48 14.31
C ALA A 190 22.14 -5.46 14.58
N THR A 191 21.60 -6.02 13.48
CA THR A 191 20.72 -7.17 13.45
C THR A 191 21.56 -8.44 13.36
N PRO A 192 21.09 -9.56 13.89
CA PRO A 192 21.96 -10.75 14.00
C PRO A 192 22.46 -11.27 12.67
N GLY A 193 21.67 -11.16 11.60
CA GLY A 193 22.07 -11.76 10.34
C GLY A 193 23.31 -11.13 9.74
N ARG A 194 23.32 -9.80 9.62
CA ARG A 194 24.44 -9.13 8.95
C ARG A 194 25.68 -9.12 9.83
N LEU A 195 25.51 -8.94 11.15
CA LEU A 195 26.68 -8.91 12.03
C LEU A 195 27.38 -10.26 12.05
N LYS A 196 26.62 -11.35 11.96
CA LYS A 196 27.22 -12.66 11.80
C LYS A 196 27.96 -12.76 10.47
N ALA A 197 27.40 -12.21 9.41
CA ALA A 197 28.07 -12.19 8.12
C ALA A 197 29.30 -11.29 8.11
N LEU A 198 29.44 -10.42 9.11
CA LEU A 198 30.65 -9.62 9.26
C LEU A 198 31.69 -10.31 10.11
N VAL A 199 31.25 -11.10 11.10
CA VAL A 199 32.21 -11.82 11.95
C VAL A 199 32.83 -12.97 11.18
N ARG A 200 32.03 -13.68 10.39
CA ARG A 200 32.48 -14.91 9.75
C ARG A 200 33.32 -14.65 8.51
N GLU A 201 33.15 -13.48 7.87
CA GLU A 201 34.03 -13.03 6.81
C GLU A 201 35.11 -12.09 7.32
N LYS A 202 35.27 -12.00 8.64
CA LYS A 202 36.34 -11.24 9.31
C LYS A 202 36.48 -9.82 8.75
N TYR A 203 35.34 -9.21 8.45
CA TYR A 203 35.28 -7.78 8.21
C TYR A 203 35.31 -6.98 9.51
N ILE A 204 34.96 -7.61 10.62
CA ILE A 204 34.94 -6.97 11.93
C ILE A 204 35.71 -7.84 12.91
N ASP A 205 36.32 -7.20 13.90
CA ASP A 205 37.05 -7.91 14.94
C ASP A 205 36.34 -7.68 16.27
N LEU A 206 35.88 -8.75 16.90
CA LEU A 206 35.19 -8.66 18.19
C LEU A 206 35.97 -9.33 19.32
N SER A 207 37.30 -9.42 19.19
CA SER A 207 38.17 -9.96 20.22
C SER A 207 38.37 -9.03 21.41
N HIS A 208 37.77 -7.85 21.40
CA HIS A 208 37.98 -6.87 22.46
C HIS A 208 36.67 -6.35 23.04
N VAL A 209 35.54 -6.99 22.74
CA VAL A 209 34.27 -6.50 23.22
C VAL A 209 34.22 -6.62 24.75
N LYS A 210 33.85 -5.53 25.41
CA LYS A 210 33.67 -5.52 26.85
C LYS A 210 32.21 -5.41 27.26
N ASN A 211 31.34 -4.98 26.35
CA ASN A 211 29.91 -4.82 26.64
C ASN A 211 29.13 -5.48 25.51
N PHE A 212 28.28 -6.45 25.86
CA PHE A 212 27.45 -7.16 24.91
C PHE A 212 26.00 -6.98 25.32
N VAL A 213 25.22 -6.32 24.45
CA VAL A 213 23.83 -5.98 24.75
C VAL A 213 22.93 -6.69 23.75
N ILE A 214 21.86 -7.29 24.25
CA ILE A 214 20.81 -7.88 23.42
C ILE A 214 19.50 -7.21 23.81
N ASP A 215 18.97 -6.38 22.93
CA ASP A 215 17.68 -5.75 23.13
C ASP A 215 16.59 -6.62 22.50
N GLU A 216 15.41 -6.59 23.11
CA GLU A 216 14.32 -7.51 22.76
C GLU A 216 14.82 -8.95 22.81
N CYS A 217 15.49 -9.29 23.91
CA CYS A 217 16.22 -10.55 23.98
C CYS A 217 15.29 -11.77 23.92
N ASP A 218 14.05 -11.62 24.37
CA ASP A 218 13.12 -12.76 24.34
C ASP A 218 12.79 -13.15 22.90
N LYS A 219 12.68 -12.17 22.00
CA LYS A 219 12.44 -12.48 20.60
C LYS A 219 13.71 -12.93 19.90
N VAL A 220 14.85 -12.35 20.28
CA VAL A 220 16.12 -12.70 19.65
C VAL A 220 16.50 -14.15 19.96
N LEU A 221 16.19 -14.62 21.17
CA LEU A 221 16.61 -15.94 21.60
C LEU A 221 15.57 -17.03 21.40
N GLU A 222 14.30 -16.68 21.14
CA GLU A 222 13.33 -17.74 20.85
C GLU A 222 13.29 -18.08 19.36
N GLU A 223 13.48 -17.09 18.49
CA GLU A 223 13.67 -17.37 17.07
C GLU A 223 15.05 -17.97 16.89
N LEU A 224 15.12 -19.15 16.27
CA LEU A 224 16.32 -19.96 16.39
C LEU A 224 17.37 -19.60 15.35
N ASP A 225 16.97 -18.99 14.24
CA ASP A 225 17.98 -18.49 13.30
C ASP A 225 18.70 -17.30 13.89
N MET A 226 17.98 -16.44 14.62
CA MET A 226 18.64 -15.35 15.31
C MET A 226 19.48 -15.83 16.48
N ARG A 227 19.07 -16.91 17.15
CA ARG A 227 19.89 -17.42 18.25
C ARG A 227 21.23 -17.99 17.77
N ARG A 228 21.21 -18.75 16.68
CA ARG A 228 22.46 -19.25 16.10
C ARG A 228 23.41 -18.12 15.75
N ASP A 229 22.90 -17.09 15.07
CA ASP A 229 23.75 -15.98 14.68
C ASP A 229 24.29 -15.27 15.91
N VAL A 230 23.41 -14.98 16.87
CA VAL A 230 23.82 -14.27 18.08
C VAL A 230 24.85 -15.07 18.86
N GLN A 231 24.70 -16.40 18.88
CA GLN A 231 25.67 -17.24 19.60
C GLN A 231 26.98 -17.36 18.82
N GLU A 232 26.93 -17.29 17.50
CA GLU A 232 28.16 -17.21 16.72
C GLU A 232 28.89 -15.91 16.98
N ILE A 233 28.14 -14.80 17.06
CA ILE A 233 28.73 -13.52 17.42
C ILE A 233 29.22 -13.54 18.86
N PHE A 234 28.45 -14.16 19.76
CA PHE A 234 28.80 -14.19 21.17
C PHE A 234 30.07 -14.99 21.45
N ARG A 235 30.46 -15.89 20.53
CA ARG A 235 31.65 -16.70 20.70
C ARG A 235 32.89 -16.07 20.07
N ALA A 236 32.76 -14.94 19.39
CA ALA A 236 33.90 -14.19 18.92
C ALA A 236 34.34 -13.11 19.90
N THR A 237 33.65 -12.98 21.03
CA THR A 237 33.91 -11.98 22.05
C THR A 237 34.63 -12.60 23.24
N PRO A 238 35.36 -11.79 24.01
CA PRO A 238 35.91 -12.30 25.26
C PRO A 238 34.79 -12.76 26.18
N ARG A 239 35.10 -13.81 26.92
CA ARG A 239 34.16 -14.39 27.86
C ARG A 239 34.00 -13.53 29.11
N ASP A 240 35.02 -12.76 29.47
CA ASP A 240 34.99 -11.89 30.64
C ASP A 240 34.55 -10.47 30.23
N LYS A 241 33.33 -10.41 29.68
CA LYS A 241 32.66 -9.17 29.32
C LYS A 241 31.36 -9.02 30.10
N GLN A 242 30.83 -7.79 30.09
CA GLN A 242 29.51 -7.51 30.63
C GLN A 242 28.45 -7.85 29.58
N VAL A 243 27.38 -8.53 30.00
CA VAL A 243 26.28 -8.87 29.12
C VAL A 243 24.99 -8.32 29.72
N MET A 244 24.20 -7.63 28.90
CA MET A 244 22.96 -7.01 29.34
C MET A 244 21.84 -7.39 28.37
N MET A 245 20.66 -7.67 28.90
CA MET A 245 19.49 -8.08 28.12
C MET A 245 18.26 -7.31 28.58
N PHE A 246 17.45 -6.89 27.62
CA PHE A 246 16.28 -6.08 27.90
C PHE A 246 15.09 -6.56 27.08
N SER A 247 13.91 -6.53 27.70
CA SER A 247 12.66 -6.85 27.03
C SER A 247 11.50 -6.49 27.96
N ALA A 248 10.38 -6.09 27.36
CA ALA A 248 9.17 -5.86 28.13
C ALA A 248 8.49 -7.16 28.51
N THR A 249 8.84 -8.25 27.84
CA THR A 249 8.24 -9.56 28.07
C THR A 249 9.37 -10.54 28.27
N LEU A 250 9.50 -11.05 29.49
CA LEU A 250 10.48 -12.10 29.79
C LEU A 250 9.70 -13.18 30.54
N SER A 251 9.08 -14.08 29.78
CA SER A 251 8.29 -15.15 30.36
C SER A 251 9.20 -16.14 31.11
N GLN A 252 8.56 -16.99 31.90
CA GLN A 252 9.28 -17.98 32.69
C GLN A 252 10.01 -18.98 31.80
N GLU A 253 9.54 -19.15 30.56
CA GLU A 253 10.12 -20.13 29.64
C GLU A 253 11.37 -19.63 28.93
N ILE A 254 11.60 -18.31 28.85
CA ILE A 254 12.77 -17.79 28.14
C ILE A 254 13.90 -17.41 29.09
N ARG A 255 13.61 -17.16 30.37
CA ARG A 255 14.66 -16.75 31.31
C ARG A 255 15.78 -17.77 31.48
N PRO A 256 15.53 -19.08 31.59
CA PRO A 256 16.66 -20.01 31.63
C PRO A 256 17.57 -19.93 30.41
N ILE A 257 16.98 -19.73 29.23
CA ILE A 257 17.79 -19.56 28.02
C ILE A 257 18.64 -18.31 28.11
N CYS A 258 18.09 -17.25 28.71
CA CYS A 258 18.86 -16.01 28.87
C CYS A 258 20.05 -16.20 29.79
N ARG A 259 19.83 -16.85 30.93
CA ARG A 259 20.85 -17.00 31.97
C ARG A 259 22.12 -17.71 31.48
N ARG A 260 22.05 -18.44 30.37
CA ARG A 260 23.24 -19.12 29.86
C ARG A 260 24.22 -18.15 29.24
N PHE A 261 23.88 -16.86 29.18
CA PHE A 261 24.78 -15.82 28.75
C PHE A 261 25.23 -14.89 29.87
N LEU A 262 24.58 -14.92 31.04
CA LEU A 262 24.94 -14.07 32.16
C LEU A 262 25.72 -14.84 33.21
N GLN A 263 26.38 -14.08 34.08
CA GLN A 263 27.15 -14.61 35.20
C GLN A 263 26.85 -13.75 36.41
N ASN A 264 26.11 -14.31 37.38
CA ASN A 264 25.61 -13.60 38.56
C ASN A 264 25.01 -12.26 38.17
N PRO A 265 23.93 -12.24 37.40
CA PRO A 265 23.39 -10.98 36.89
C PRO A 265 22.44 -10.31 37.86
N LEU A 266 22.35 -8.98 37.74
CA LEU A 266 21.29 -8.24 38.37
C LEU A 266 20.01 -8.45 37.57
N GLU A 267 18.99 -8.99 38.20
CA GLU A 267 17.76 -9.40 37.53
C GLU A 267 16.61 -8.53 38.01
N ILE A 268 16.04 -7.76 37.10
CA ILE A 268 14.90 -6.90 37.38
C ILE A 268 13.71 -7.44 36.60
N PHE A 269 12.68 -7.89 37.33
CA PHE A 269 11.53 -8.54 36.72
C PHE A 269 10.24 -7.84 37.10
N VAL A 270 9.23 -8.06 36.26
CA VAL A 270 7.86 -7.74 36.60
C VAL A 270 7.14 -9.07 36.60
N GLY A 280 -2.18 13.88 34.56
CA GLY A 280 -2.18 15.00 33.65
C GLY A 280 -2.85 14.74 32.33
N LEU A 281 -3.47 13.57 32.16
CA LEU A 281 -4.10 13.19 30.90
C LEU A 281 -5.61 13.32 31.06
N GLN A 282 -6.22 14.24 30.31
CA GLN A 282 -7.66 14.40 30.29
C GLN A 282 -8.25 13.47 29.24
N GLN A 283 -9.21 12.65 29.64
CA GLN A 283 -9.79 11.63 28.78
C GLN A 283 -11.28 11.89 28.57
N TYR A 284 -11.70 11.93 27.31
CA TYR A 284 -13.09 12.11 26.93
C TYR A 284 -13.45 11.11 25.84
N TYR A 285 -14.75 10.94 25.62
CA TYR A 285 -15.25 10.13 24.52
C TYR A 285 -16.39 10.87 23.84
N ILE A 286 -16.61 10.54 22.58
CA ILE A 286 -17.69 11.11 21.78
C ILE A 286 -18.47 9.96 21.17
N LYS A 287 -19.77 9.91 21.45
CA LYS A 287 -20.66 8.88 20.92
C LYS A 287 -21.29 9.42 19.65
N LEU A 288 -20.94 8.80 18.52
CA LEU A 288 -21.32 9.29 17.21
C LEU A 288 -21.46 8.09 16.28
N GLU A 289 -21.82 8.37 15.05
CA GLU A 289 -22.00 7.35 14.05
C GLU A 289 -20.82 7.43 13.09
N GLU A 290 -20.58 6.34 12.34
CA GLU A 290 -19.37 6.25 11.51
C GLU A 290 -19.29 7.34 10.44
N ARG A 291 -20.43 7.73 9.87
CA ARG A 291 -20.51 8.74 8.83
C ARG A 291 -20.25 10.13 9.38
N GLU A 292 -20.25 10.30 10.70
CA GLU A 292 -20.03 11.60 11.34
C GLU A 292 -18.60 11.80 11.84
N LYS A 293 -17.75 10.78 11.72
CA LYS A 293 -16.39 10.85 12.25
C LYS A 293 -15.54 11.86 11.49
N ASN A 294 -15.64 11.89 10.17
CA ASN A 294 -14.78 12.76 9.37
C ASN A 294 -15.04 14.23 9.68
N ARG A 295 -16.31 14.62 9.71
CA ARG A 295 -16.63 16.03 9.97
C ARG A 295 -16.35 16.41 11.41
N LYS A 296 -16.54 15.49 12.35
CA LYS A 296 -16.30 15.81 13.76
C LYS A 296 -14.81 15.91 14.04
N LEU A 297 -14.01 15.04 13.43
CA LEU A 297 -12.56 15.11 13.60
C LEU A 297 -11.99 16.40 13.03
N ALA A 298 -12.45 16.79 11.82
CA ALA A 298 -11.96 18.02 11.21
C ALA A 298 -12.30 19.23 12.08
N GLN A 299 -13.47 19.21 12.71
CA GLN A 299 -13.85 20.28 13.61
C GLN A 299 -12.99 20.25 14.88
N LEU A 300 -12.74 19.05 15.41
CA LEU A 300 -11.90 18.92 16.60
C LEU A 300 -10.51 19.47 16.35
N LEU A 301 -9.92 19.16 15.20
CA LEU A 301 -8.58 19.66 14.89
C LEU A 301 -8.55 21.15 14.61
N ASP A 302 -9.70 21.76 14.28
CA ASP A 302 -9.75 23.20 14.08
C ASP A 302 -9.97 23.97 15.36
N ASP A 303 -10.64 23.37 16.34
CA ASP A 303 -10.99 24.06 17.58
C ASP A 303 -9.99 23.79 18.70
N LEU A 304 -9.63 22.52 18.92
CA LEU A 304 -8.67 22.19 19.96
C LEU A 304 -7.31 22.79 19.61
N GLU A 305 -6.55 23.15 20.64
CA GLU A 305 -5.23 23.73 20.48
C GLU A 305 -4.20 22.67 20.92
N PHE A 306 -3.61 22.01 19.94
CA PHE A 306 -2.64 20.95 20.17
C PHE A 306 -1.30 21.30 19.52
N ASN A 307 -0.24 20.69 20.03
CA ASN A 307 1.07 20.81 19.40
C ASN A 307 1.22 19.80 18.26
N GLN A 308 1.13 18.51 18.59
CA GLN A 308 1.05 17.45 17.60
C GLN A 308 -0.02 16.46 18.04
N VAL A 309 -0.64 15.79 17.08
CA VAL A 309 -1.74 14.87 17.34
C VAL A 309 -1.44 13.54 16.66
N ILE A 310 -1.77 12.45 17.36
CA ILE A 310 -1.73 11.11 16.80
C ILE A 310 -3.15 10.57 16.75
N ILE A 311 -3.52 9.99 15.62
CA ILE A 311 -4.87 9.50 15.38
C ILE A 311 -4.77 8.01 15.06
N PHE A 312 -5.39 7.18 15.91
CA PHE A 312 -5.26 5.74 15.81
C PHE A 312 -6.45 5.16 15.05
N VAL A 313 -6.16 4.30 14.08
CA VAL A 313 -7.16 3.66 13.24
C VAL A 313 -6.97 2.15 13.33
N LYS A 314 -8.04 1.41 13.04
CA LYS A 314 -8.05 -0.04 13.21
C LYS A 314 -7.58 -0.80 11.97
N SER A 315 -7.32 -0.13 10.85
CA SER A 315 -6.87 -0.82 9.65
C SER A 315 -5.98 0.10 8.83
N THR A 316 -5.27 -0.49 7.87
CA THR A 316 -4.36 0.28 7.04
C THR A 316 -5.12 1.02 5.94
N THR A 317 -6.15 0.40 5.39
CA THR A 317 -6.97 1.08 4.37
C THR A 317 -7.60 2.34 4.93
N ARG A 318 -8.10 2.28 6.17
CA ARG A 318 -8.70 3.46 6.77
C ARG A 318 -7.66 4.51 7.13
N ALA A 319 -6.41 4.09 7.37
CA ALA A 319 -5.34 5.04 7.64
C ALA A 319 -5.00 5.85 6.38
N ASN A 320 -4.83 5.18 5.24
CA ASN A 320 -4.44 5.90 4.02
C ASN A 320 -5.57 6.76 3.49
N GLU A 321 -6.82 6.31 3.63
CA GLU A 321 -7.94 7.09 3.12
C GLU A 321 -8.21 8.30 4.00
N LEU A 322 -8.07 8.15 5.32
CA LEU A 322 -8.24 9.28 6.22
C LEU A 322 -7.14 10.31 6.04
N THR A 323 -5.89 9.85 5.88
CA THR A 323 -4.78 10.77 5.69
C THR A 323 -4.92 11.53 4.38
N LYS A 324 -5.47 10.88 3.35
CA LYS A 324 -5.66 11.52 2.06
C LYS A 324 -6.70 12.63 2.15
N LEU A 325 -7.75 12.41 2.95
CA LEU A 325 -8.79 13.43 3.13
C LEU A 325 -8.29 14.57 4.01
N LEU A 326 -7.40 14.28 4.96
CA LEU A 326 -6.83 15.35 5.78
C LEU A 326 -5.96 16.28 4.96
N ASN A 327 -5.11 15.72 4.09
CA ASN A 327 -4.28 16.56 3.24
C ASN A 327 -5.09 17.36 2.24
N ALA A 328 -6.24 16.83 1.83
CA ALA A 328 -7.10 17.56 0.89
C ALA A 328 -7.81 18.73 1.55
N SER A 329 -8.05 18.64 2.86
CA SER A 329 -8.79 19.67 3.60
C SER A 329 -7.88 20.61 4.38
N ASN A 330 -6.66 20.84 3.89
CA ASN A 330 -5.69 21.73 4.56
C ASN A 330 -5.41 21.27 5.99
N PHE A 331 -5.32 19.95 6.18
CA PHE A 331 -4.82 19.35 7.42
C PHE A 331 -3.62 18.48 7.05
N PRO A 332 -2.43 19.07 6.93
CA PRO A 332 -1.25 18.29 6.51
C PRO A 332 -0.95 17.15 7.49
N ALA A 333 -0.97 15.93 6.96
CA ALA A 333 -0.79 14.74 7.79
C ALA A 333 0.03 13.70 7.05
N ILE A 334 0.64 12.80 7.83
CA ILE A 334 1.34 11.64 7.30
C ILE A 334 0.73 10.39 7.93
N THR A 335 1.06 9.23 7.37
CA THR A 335 0.56 7.96 7.89
C THR A 335 1.66 6.91 7.90
N VAL A 336 1.66 6.09 8.96
CA VAL A 336 2.60 4.99 9.12
C VAL A 336 1.82 3.74 9.52
N HIS A 337 2.08 2.63 8.84
CA HIS A 337 1.41 1.37 9.12
C HIS A 337 2.15 0.26 8.38
N GLY A 338 1.66 -0.97 8.53
CA GLY A 338 2.12 -2.07 7.70
C GLY A 338 1.70 -1.87 6.25
N HIS A 339 1.94 -2.90 5.43
CA HIS A 339 1.64 -2.86 4.00
C HIS A 339 2.37 -1.73 3.29
N MET A 340 3.43 -1.20 3.90
CA MET A 340 4.17 -0.09 3.32
C MET A 340 5.65 -0.42 3.30
N LYS A 341 6.33 0.06 2.26
CA LYS A 341 7.78 -0.10 2.18
C LYS A 341 8.44 0.55 3.37
N GLN A 342 9.41 -0.14 3.96
CA GLN A 342 10.00 0.37 5.19
C GLN A 342 10.83 1.63 4.92
N GLU A 343 11.36 1.77 3.70
CA GLU A 343 11.96 3.04 3.30
C GLU A 343 10.98 4.19 3.49
N GLU A 344 9.70 3.92 3.24
CA GLU A 344 8.68 4.96 3.36
C GLU A 344 8.18 5.09 4.79
N ARG A 345 8.04 3.97 5.51
CA ARG A 345 7.61 4.02 6.90
C ARG A 345 8.56 4.88 7.74
N ILE A 346 9.87 4.72 7.55
CA ILE A 346 10.84 5.46 8.34
C ILE A 346 10.89 6.93 7.91
N ALA A 347 10.77 7.19 6.60
CA ALA A 347 10.84 8.56 6.10
C ALA A 347 9.75 9.42 6.70
N ARG A 348 8.54 8.87 6.85
CA ARG A 348 7.45 9.62 7.46
C ARG A 348 7.55 9.66 8.96
N TYR A 349 8.09 8.59 9.57
CA TYR A 349 8.34 8.61 11.00
C TYR A 349 9.25 9.77 11.37
N LYS A 350 10.30 10.00 10.58
CA LYS A 350 11.20 11.11 10.87
C LYS A 350 10.54 12.45 10.58
N ALA A 351 9.73 12.51 9.51
CA ALA A 351 9.03 13.76 9.19
C ALA A 351 8.08 14.17 10.32
N PHE A 352 7.40 13.21 10.93
CA PHE A 352 6.51 13.53 12.04
C PHE A 352 7.28 13.75 13.33
N LYS A 353 8.33 12.97 13.56
CA LYS A 353 9.15 13.13 14.77
C LYS A 353 9.87 14.47 14.76
N ASP A 354 10.33 14.93 13.60
CA ASP A 354 11.04 16.20 13.48
C ASP A 354 10.11 17.37 13.18
N PHE A 355 8.81 17.22 13.47
CA PHE A 355 7.87 18.34 13.48
C PHE A 355 7.69 19.01 12.12
N GLU A 356 7.76 18.25 11.03
CA GLU A 356 7.45 18.86 9.74
C GLU A 356 5.95 18.88 9.47
N LYS A 357 5.20 17.97 10.08
CA LYS A 357 3.74 17.99 10.04
C LYS A 357 3.22 17.65 11.43
N ARG A 358 2.12 18.29 11.82
CA ARG A 358 1.63 18.17 13.19
C ARG A 358 0.66 17.02 13.38
N ILE A 359 0.26 16.33 12.32
CA ILE A 359 -0.78 15.31 12.38
C ILE A 359 -0.21 14.01 11.84
N CYS A 360 -0.46 12.92 12.56
CA CYS A 360 -0.06 11.58 12.14
C CYS A 360 -1.22 10.61 12.34
N VAL A 361 -1.58 9.89 11.29
CA VAL A 361 -2.61 8.85 11.34
C VAL A 361 -1.91 7.51 11.24
N SER A 362 -2.18 6.60 12.17
CA SER A 362 -1.49 5.33 12.15
C SER A 362 -2.35 4.26 12.79
N THR A 363 -1.97 3.02 12.55
CA THR A 363 -2.59 1.87 13.20
C THR A 363 -1.92 1.66 14.55
N ASP A 364 -2.07 0.49 15.13
CA ASP A 364 -1.41 0.23 16.41
C ASP A 364 0.11 0.07 16.26
N VAL A 365 0.66 0.31 15.07
CA VAL A 365 2.12 0.29 14.88
C VAL A 365 2.79 1.34 15.75
N PHE A 366 2.07 2.42 16.07
CA PHE A 366 2.56 3.45 16.99
C PHE A 366 1.82 3.40 18.32
N GLY A 367 1.07 2.33 18.60
CA GLY A 367 0.28 2.27 19.81
C GLY A 367 1.11 2.17 21.07
N ARG A 368 2.29 1.56 20.99
CA ARG A 368 3.15 1.35 22.14
C ARG A 368 4.51 1.98 21.93
N GLY A 369 5.11 2.44 23.03
CA GLY A 369 6.52 2.78 23.06
C GLY A 369 6.94 4.09 22.43
N ILE A 370 6.30 4.47 21.31
CA ILE A 370 6.73 5.66 20.57
C ILE A 370 6.68 6.88 21.47
N ASP A 371 7.77 7.64 21.48
CA ASP A 371 7.93 8.81 22.36
C ASP A 371 8.24 10.03 21.49
N ILE A 372 7.23 10.89 21.34
CA ILE A 372 7.36 12.17 20.67
C ILE A 372 6.82 13.24 21.61
N GLU A 373 7.69 14.17 22.04
CA GLU A 373 7.36 15.05 23.15
C GLU A 373 6.29 16.08 22.78
N ARG A 374 6.11 16.39 21.50
CA ARG A 374 5.11 17.38 21.09
C ARG A 374 3.71 16.81 20.99
N ILE A 375 3.51 15.51 21.24
CA ILE A 375 2.18 14.92 21.17
C ILE A 375 1.46 15.21 22.48
N ASN A 376 0.47 16.10 22.44
CA ASN A 376 -0.38 16.36 23.59
C ASN A 376 -1.85 16.08 23.29
N LEU A 377 -2.13 15.44 22.15
CA LEU A 377 -3.50 15.09 21.77
C LEU A 377 -3.48 13.74 21.07
N ALA A 378 -4.20 12.77 21.63
CA ALA A 378 -4.37 11.46 21.03
C ALA A 378 -5.85 11.22 20.80
N ILE A 379 -6.22 10.85 19.58
CA ILE A 379 -7.61 10.65 19.21
C ILE A 379 -7.79 9.21 18.75
N ASN A 380 -8.67 8.48 19.45
CA ASN A 380 -9.03 7.13 19.05
C ASN A 380 -10.16 7.24 18.04
N TYR A 381 -9.78 7.38 16.77
CA TYR A 381 -10.76 7.39 15.71
C TYR A 381 -11.52 6.07 15.66
N ASP A 382 -10.83 4.97 15.88
CA ASP A 382 -11.43 3.66 16.08
C ASP A 382 -10.95 3.15 17.42
N LEU A 383 -11.89 2.68 18.25
CA LEU A 383 -11.51 2.17 19.55
C LEU A 383 -10.92 0.76 19.42
N THR A 384 -10.19 0.37 20.46
CA THR A 384 -9.52 -0.92 20.50
C THR A 384 -10.50 -2.02 20.91
N ASN A 385 -10.01 -3.27 20.84
CA ASN A 385 -10.80 -4.41 21.30
C ASN A 385 -10.69 -4.64 22.80
N GLU A 386 -9.56 -4.28 23.41
CA GLU A 386 -9.34 -4.52 24.83
C GLU A 386 -8.66 -3.31 25.45
N ALA A 387 -8.87 -3.15 26.76
CA ALA A 387 -8.45 -1.94 27.47
C ALA A 387 -6.93 -1.73 27.47
N ASP A 388 -6.14 -2.81 27.47
CA ASP A 388 -4.69 -2.65 27.56
C ASP A 388 -4.15 -1.81 26.42
N GLN A 389 -4.56 -2.09 25.19
CA GLN A 389 -4.06 -1.32 24.06
C GLN A 389 -4.51 0.13 24.12
N TYR A 390 -5.69 0.39 24.70
CA TYR A 390 -6.16 1.77 24.87
C TYR A 390 -5.21 2.56 25.77
N LEU A 391 -4.73 1.95 26.86
CA LEU A 391 -3.87 2.69 27.79
C LEU A 391 -2.54 3.03 27.14
N HIS A 392 -2.00 2.12 26.32
CA HIS A 392 -0.78 2.42 25.59
C HIS A 392 -1.01 3.48 24.52
N ARG A 393 -2.17 3.44 23.86
CA ARG A 393 -2.49 4.42 22.83
C ARG A 393 -2.50 5.84 23.41
N VAL A 394 -3.33 6.07 24.43
CA VAL A 394 -3.40 7.38 25.05
C VAL A 394 -2.09 7.76 25.72
N GLY A 395 -1.24 6.79 26.03
CA GLY A 395 0.07 7.05 26.61
C GLY A 395 1.02 7.79 25.69
N ARG A 396 0.74 7.84 24.38
CA ARG A 396 1.61 8.58 23.47
C ARG A 396 1.55 10.08 23.71
N ALA A 397 0.54 10.56 24.42
CA ALA A 397 0.38 11.98 24.70
C ALA A 397 0.71 12.25 26.16
N GLY A 398 1.21 13.45 26.43
CA GLY A 398 1.61 13.81 27.78
C GLY A 398 2.77 13.00 28.28
N ARG A 399 3.85 12.96 27.50
CA ARG A 399 5.02 12.16 27.86
C ARG A 399 5.71 12.76 29.09
N PHE A 400 6.21 11.87 29.96
CA PHE A 400 6.89 12.25 31.19
C PHE A 400 6.01 13.14 32.08
N GLY A 401 4.77 12.68 32.30
CA GLY A 401 3.90 13.35 33.24
C GLY A 401 3.50 14.76 32.88
N THR A 402 3.55 15.11 31.60
CA THR A 402 3.09 16.42 31.15
C THR A 402 1.61 16.40 30.80
N LYS A 403 1.08 17.54 30.40
CA LYS A 403 -0.35 17.68 30.15
C LYS A 403 -0.72 17.08 28.82
N GLY A 404 -1.90 16.47 28.74
CA GLY A 404 -2.35 15.87 27.50
C GLY A 404 -3.85 15.72 27.49
N LEU A 405 -4.37 15.38 26.30
CA LEU A 405 -5.80 15.23 26.09
C LEU A 405 -6.07 14.06 25.17
N ALA A 406 -6.99 13.18 25.58
CA ALA A 406 -7.34 11.99 24.82
C ALA A 406 -8.84 11.99 24.55
N ILE A 407 -9.22 11.72 23.29
CA ILE A 407 -10.61 11.68 22.87
C ILE A 407 -10.82 10.44 22.03
N SER A 408 -11.83 9.65 22.37
CA SER A 408 -12.12 8.40 21.66
C SER A 408 -13.50 8.48 21.03
N PHE A 409 -13.62 7.91 19.83
CA PHE A 409 -14.89 7.84 19.13
C PHE A 409 -15.60 6.53 19.46
N VAL A 410 -16.85 6.64 19.91
CA VAL A 410 -17.69 5.50 20.22
C VAL A 410 -18.78 5.47 19.15
N SER A 411 -18.66 4.54 18.20
CA SER A 411 -19.55 4.50 17.06
C SER A 411 -20.28 3.19 16.89
N SER A 412 -20.13 2.26 17.84
CA SER A 412 -20.81 0.97 17.75
C SER A 412 -20.96 0.35 19.13
N LYS A 413 -21.54 -0.83 19.16
CA LYS A 413 -21.75 -1.49 20.44
C LYS A 413 -20.45 -1.79 21.20
N GLU A 414 -19.44 -2.46 20.60
CA GLU A 414 -18.24 -2.69 21.44
C GLU A 414 -17.48 -1.46 21.83
N ASP A 415 -17.62 -0.38 21.10
CA ASP A 415 -16.93 0.76 21.63
C ASP A 415 -17.50 1.05 23.00
N GLU A 416 -18.79 0.75 23.22
CA GLU A 416 -19.42 1.02 24.51
C GLU A 416 -19.05 0.01 25.60
N GLU A 417 -18.97 -1.28 25.29
CA GLU A 417 -18.49 -2.20 26.31
C GLU A 417 -16.98 -2.07 26.55
N VAL A 418 -16.16 -1.79 25.52
CA VAL A 418 -14.74 -1.64 25.81
C VAL A 418 -14.49 -0.35 26.59
N LEU A 419 -15.21 0.72 26.25
CA LEU A 419 -15.15 1.92 27.07
C LEU A 419 -15.70 1.63 28.46
N ALA A 420 -16.72 0.78 28.54
CA ALA A 420 -17.22 0.34 29.85
C ALA A 420 -16.16 -0.44 30.61
N LYS A 421 -15.38 -1.28 29.94
CA LYS A 421 -14.41 -2.10 30.67
C LYS A 421 -13.13 -1.33 31.00
N ILE A 422 -12.88 -0.19 30.36
CA ILE A 422 -11.68 0.59 30.69
C ILE A 422 -11.83 1.26 32.04
N GLN A 423 -13.02 1.79 32.34
CA GLN A 423 -13.13 2.57 33.55
C GLN A 423 -13.04 1.71 34.81
N GLU A 424 -13.58 0.47 34.84
CA GLU A 424 -13.32 -0.23 36.11
C GLU A 424 -11.83 -0.52 36.26
N ARG A 425 -11.12 -0.88 35.17
CA ARG A 425 -9.73 -1.33 35.30
C ARG A 425 -8.81 -0.23 35.85
N PHE A 426 -8.98 1.02 35.42
CA PHE A 426 -8.06 2.09 35.78
C PHE A 426 -8.66 3.17 36.72
N ASP A 427 -9.84 2.97 37.32
CA ASP A 427 -10.48 4.21 37.80
C ASP A 427 -10.36 5.48 37.03
N VAL A 428 -10.90 5.57 35.88
CA VAL A 428 -10.97 6.87 35.27
C VAL A 428 -12.39 7.04 34.82
N LYS A 429 -12.93 8.21 35.02
CA LYS A 429 -14.26 8.51 34.50
C LYS A 429 -13.95 9.23 33.20
N ILE A 430 -14.11 8.51 32.09
CA ILE A 430 -13.88 9.11 30.79
C ILE A 430 -15.18 9.83 30.49
N ALA A 431 -15.22 11.12 30.77
CA ALA A 431 -16.45 11.88 30.62
C ALA A 431 -16.81 12.00 29.15
N GLU A 432 -18.09 12.23 28.90
CA GLU A 432 -18.53 12.52 27.55
C GLU A 432 -18.11 13.94 27.21
N PHE A 433 -17.52 14.11 26.03
CA PHE A 433 -17.02 15.41 25.61
C PHE A 433 -18.14 16.43 25.66
N PRO A 434 -18.03 17.50 26.45
CA PRO A 434 -19.13 18.45 26.58
C PRO A 434 -19.43 19.12 25.25
N GLU A 435 -20.71 19.34 24.98
CA GLU A 435 -21.09 19.92 23.70
C GLU A 435 -20.59 21.36 23.56
N GLU A 436 -20.42 22.06 24.68
CA GLU A 436 -19.90 23.42 24.66
C GLU A 436 -18.38 23.47 24.48
N GLY A 437 -17.71 22.31 24.37
CA GLY A 437 -16.27 22.30 24.28
C GLY A 437 -15.60 22.42 25.64
N ILE A 438 -14.28 22.31 25.63
CA ILE A 438 -13.49 22.34 26.85
C ILE A 438 -12.55 23.55 26.82
N ASP A 439 -12.19 23.99 28.01
CA ASP A 439 -11.26 25.11 28.19
C ASP A 439 -9.86 24.73 27.71
N PRO A 440 -9.19 25.60 26.96
CA PRO A 440 -7.81 25.29 26.57
C PRO A 440 -6.86 25.16 27.76
N SER A 441 -7.15 25.85 28.87
CA SER A 441 -6.25 25.81 30.03
C SER A 441 -6.24 24.45 30.70
N THR A 442 -7.35 23.73 30.65
CA THR A 442 -7.49 22.40 31.24
C THR A 442 -6.67 21.34 30.54
N TYR A 443 -5.99 21.64 29.42
CA TYR A 443 -5.06 20.68 28.87
C TYR A 443 -3.81 21.34 28.29
N LEU A 444 -3.47 22.54 28.74
CA LEU A 444 -2.26 23.21 28.27
C LEU A 444 -1.31 23.53 29.44
N UNK B 1 16.29 26.24 -33.83
CA UNK B 1 17.50 25.46 -34.06
C UNK B 1 18.70 26.36 -33.86
N UNK B 2 19.75 25.79 -33.25
CA UNK B 2 20.97 26.51 -32.97
C UNK B 2 21.63 27.14 -34.21
N UNK B 3 21.87 28.44 -34.16
CA UNK B 3 22.53 29.10 -35.27
C UNK B 3 23.99 29.39 -34.88
N UNK B 4 24.18 29.87 -33.65
CA UNK B 4 25.53 30.19 -33.17
C UNK B 4 25.69 29.90 -31.67
N UNK B 5 26.94 29.69 -31.27
CA UNK B 5 27.29 29.48 -29.88
C UNK B 5 28.34 30.55 -29.64
N UNK B 6 28.09 31.43 -28.67
CA UNK B 6 29.02 32.52 -28.39
C UNK B 6 29.83 32.25 -27.13
N UNK B 7 31.15 32.12 -27.28
CA UNK B 7 32.04 31.85 -26.16
C UNK B 7 32.92 33.07 -25.89
N UNK B 8 25.26 35.44 -16.44
CA UNK B 8 24.13 35.72 -15.56
C UNK B 8 22.88 36.20 -16.28
N UNK B 9 23.06 36.94 -17.37
CA UNK B 9 21.93 37.50 -18.07
C UNK B 9 22.20 37.92 -19.51
N UNK B 10 21.20 37.79 -20.37
CA UNK B 10 21.33 38.20 -21.77
C UNK B 10 20.09 39.01 -22.14
N UNK B 11 20.30 40.08 -22.90
CA UNK B 11 19.21 40.96 -23.33
C UNK B 11 19.44 41.49 -24.74
N UNK B 12 18.40 41.46 -25.56
CA UNK B 12 18.50 41.98 -26.92
C UNK B 12 18.28 43.48 -26.89
N UNK B 13 19.04 44.21 -27.70
CA UNK B 13 18.85 45.66 -27.76
C UNK B 13 17.49 45.82 -28.44
N UNK B 14 19.67 44.73 -33.18
CA UNK B 14 20.97 44.35 -33.75
C UNK B 14 21.96 43.77 -32.74
N UNK B 15 21.79 44.08 -31.45
CA UNK B 15 22.71 43.57 -30.43
C UNK B 15 22.15 42.67 -29.35
N UNK B 16 23.04 41.86 -28.79
CA UNK B 16 22.72 41.02 -27.66
C UNK B 16 23.77 41.40 -26.62
N UNK B 17 23.31 41.79 -25.43
CA UNK B 17 24.22 42.15 -24.35
C UNK B 17 24.21 41.01 -23.35
N UNK B 18 25.38 40.72 -22.79
CA UNK B 18 25.48 39.65 -21.82
C UNK B 18 26.29 40.11 -20.62
N UNK B 19 25.86 39.67 -19.45
CA UNK B 19 26.53 39.99 -18.20
C UNK B 19 26.99 38.67 -17.60
N UNK B 20 28.05 38.72 -16.80
CA UNK B 20 28.58 37.49 -16.23
C UNK B 20 29.18 37.67 -14.84
N UNK B 21 32.53 39.62 -13.99
CA UNK B 21 32.57 41.08 -13.87
C UNK B 21 32.53 41.83 -15.19
N UNK B 22 32.27 41.11 -16.26
CA UNK B 22 32.24 41.72 -17.59
C UNK B 22 30.87 41.72 -18.28
N UNK B 23 30.74 42.64 -19.21
CA UNK B 23 29.56 42.76 -20.04
C UNK B 23 30.13 42.68 -21.45
N UNK B 24 29.57 41.79 -22.26
CA UNK B 24 30.03 41.64 -23.63
C UNK B 24 28.89 41.95 -24.59
N UNK B 25 29.26 42.51 -25.74
CA UNK B 25 28.29 42.89 -26.76
C UNK B 25 28.49 41.98 -27.98
N UNK B 26 27.39 41.42 -28.49
CA UNK B 26 27.46 40.52 -29.62
C UNK B 26 26.48 40.90 -30.72
N UNK B 27 26.78 40.49 -31.94
CA UNK B 27 25.89 40.76 -33.06
C UNK B 27 24.77 39.74 -33.01
N UNK B 28 28.70 37.50 -34.03
CA UNK B 28 30.03 38.09 -33.99
C UNK B 28 30.29 38.96 -32.77
N UNK B 29 31.33 38.62 -32.02
CA UNK B 29 31.72 39.38 -30.84
C UNK B 29 31.97 40.81 -31.27
N UNK B 30 31.50 41.77 -30.48
CA UNK B 30 31.65 43.18 -30.80
C UNK B 30 32.60 43.90 -29.86
N UNK B 31 32.40 43.72 -28.55
CA UNK B 31 33.26 44.37 -27.58
C UNK B 31 32.99 43.93 -26.15
N UNK B 32 33.94 44.24 -25.27
CA UNK B 32 33.82 43.92 -23.86
C UNK B 32 33.79 45.25 -23.12
N UNK B 33 32.94 45.33 -22.10
CA UNK B 33 32.80 46.53 -21.30
C UNK B 33 33.10 46.14 -19.86
N UNK B 34 34.08 46.80 -19.26
CA UNK B 34 34.50 46.51 -17.88
C UNK B 34 34.47 47.71 -16.94
N UNK B 35 24.89 40.58 -12.04
CA UNK B 35 23.74 39.69 -12.06
C UNK B 35 22.72 40.04 -13.14
N UNK B 36 22.77 41.27 -13.63
CA UNK B 36 21.79 41.69 -14.64
C UNK B 36 22.20 42.93 -15.42
N UNK B 37 21.67 43.06 -16.63
CA UNK B 37 21.93 44.21 -17.50
C UNK B 37 20.64 44.55 -18.24
N UNK B 38 20.50 45.80 -18.65
CA UNK B 38 19.31 46.22 -19.37
C UNK B 38 19.61 47.37 -20.32
N UNK B 39 18.91 47.40 -21.45
CA UNK B 39 19.09 48.42 -22.48
C UNK B 39 18.15 49.60 -22.35
N UNK B 40 18.59 50.76 -22.83
CA UNK B 40 17.76 51.95 -22.84
C UNK B 40 16.91 51.79 -24.11
N UNK B 41 15.79 52.50 -24.18
CA UNK B 41 14.89 52.41 -25.34
C UNK B 41 15.56 52.68 -26.68
N UNK B 42 22.16 53.18 -24.35
CA UNK B 42 22.68 52.99 -23.00
C UNK B 42 22.41 51.60 -22.44
N UNK B 43 23.21 51.24 -21.45
CA UNK B 43 23.07 49.94 -20.78
C UNK B 43 23.28 50.18 -19.30
N UNK B 44 22.48 49.52 -18.48
CA UNK B 44 22.67 49.64 -17.03
C UNK B 44 22.95 48.23 -16.50
N UNK B 45 23.84 48.13 -15.53
CA UNK B 45 24.21 46.83 -14.97
C UNK B 45 24.07 46.80 -13.45
N UNK B 46 23.76 45.63 -12.92
CA UNK B 46 23.60 45.40 -11.48
C UNK B 46 24.70 44.46 -11.00
N UNK B 47 25.46 44.88 -10.00
CA UNK B 47 26.58 44.08 -9.53
C UNK B 47 26.64 43.79 -8.04
N UNK B 48 27.65 46.19 -5.07
CA UNK B 48 26.60 47.07 -4.54
C UNK B 48 26.27 48.28 -5.37
N UNK B 49 26.76 48.35 -6.61
CA UNK B 49 26.44 49.48 -7.44
C UNK B 49 25.86 49.04 -8.77
N UNK B 50 25.28 50.02 -9.46
CA UNK B 50 24.74 49.83 -10.79
C UNK B 50 25.59 50.80 -11.59
N UNK B 51 25.85 50.49 -12.85
CA UNK B 51 26.62 51.38 -13.68
C UNK B 51 25.88 51.61 -15.00
N UNK B 52 25.84 52.86 -15.43
CA UNK B 52 25.21 53.21 -16.70
C UNK B 52 26.33 53.34 -17.71
N UNK B 53 26.19 52.65 -18.84
CA UNK B 53 27.22 52.65 -19.86
C UNK B 53 26.83 53.17 -21.22
N UNK B 54 27.77 53.84 -21.88
CA UNK B 54 27.55 54.31 -23.23
C UNK B 54 28.04 53.14 -24.06
N UNK B 55 27.12 52.41 -24.69
CA UNK B 55 27.50 51.24 -25.47
C UNK B 55 28.51 51.54 -26.57
N UNK B 56 31.68 52.35 -24.78
CA UNK B 56 31.92 51.32 -23.79
C UNK B 56 32.35 51.89 -22.46
N UNK B 57 32.13 53.19 -22.26
CA UNK B 57 32.53 53.80 -21.00
C UNK B 57 31.40 54.04 -20.02
N UNK B 58 31.78 54.03 -18.75
CA UNK B 58 30.85 54.24 -17.65
C UNK B 58 30.50 55.72 -17.56
N UNK B 59 29.21 56.03 -17.65
CA UNK B 59 28.74 57.41 -17.59
C UNK B 59 28.40 57.77 -16.15
N UNK B 60 27.91 56.78 -15.41
CA UNK B 60 27.51 57.00 -14.03
C UNK B 60 27.59 55.71 -13.24
N UNK B 61 27.88 55.85 -11.95
CA UNK B 61 27.92 54.73 -11.03
C UNK B 61 26.85 55.13 -10.03
N UNK B 62 25.87 54.25 -9.84
CA UNK B 62 24.78 54.53 -8.93
C UNK B 62 25.02 53.85 -7.58
N UNK B 63 25.22 54.67 -6.56
CA UNK B 63 25.49 54.18 -5.23
C UNK B 63 24.40 54.47 -4.22
N UNK B 64 24.06 53.46 -3.43
CA UNK B 64 23.02 53.60 -2.43
C UNK B 64 22.69 52.27 -1.76
N UNK B 65 20.86 43.06 -7.56
CA UNK B 65 20.48 41.84 -8.27
C UNK B 65 19.76 42.01 -9.60
N UNK B 66 18.92 43.04 -9.71
CA UNK B 66 18.15 43.23 -10.93
C UNK B 66 18.00 44.68 -11.28
N UNK B 67 17.79 44.96 -12.57
CA UNK B 67 17.65 46.34 -13.01
C UNK B 67 16.89 46.47 -14.32
N UNK B 68 16.37 47.67 -14.57
CA UNK B 68 15.59 47.95 -15.78
C UNK B 68 15.37 49.44 -15.99
N UNK B 69 15.31 49.86 -17.26
CA UNK B 69 15.03 51.24 -17.61
C UNK B 69 13.52 51.30 -17.76
N UNK B 70 12.93 52.48 -17.59
CA UNK B 70 11.50 52.60 -17.84
C UNK B 70 11.46 52.88 -19.35
N UNK B 71 14.50 57.48 -18.67
CA UNK B 71 15.01 58.62 -17.91
C UNK B 71 15.06 58.15 -16.46
N UNK B 72 14.58 56.93 -16.24
CA UNK B 72 14.56 56.33 -14.91
C UNK B 72 15.06 54.91 -14.94
N UNK B 73 15.62 54.49 -13.83
CA UNK B 73 16.12 53.14 -13.69
C UNK B 73 15.61 52.58 -12.38
N UNK B 74 15.17 51.33 -12.41
CA UNK B 74 14.70 50.69 -11.20
C UNK B 74 15.65 49.53 -10.86
N UNK B 75 15.97 49.40 -9.58
CA UNK B 75 16.89 48.35 -9.14
C UNK B 75 16.35 47.59 -7.95
N UNK B 76 16.75 46.33 -7.83
CA UNK B 76 16.34 45.48 -6.73
C UNK B 76 17.60 44.93 -6.10
N UNK B 77 17.64 44.86 -4.78
CA UNK B 77 18.84 44.38 -4.10
C UNK B 77 18.62 43.36 -2.98
N UNK B 78 17.01 44.15 0.31
CA UNK B 78 15.55 44.11 0.38
C UNK B 78 14.81 45.35 -0.13
N UNK B 79 15.54 46.30 -0.71
CA UNK B 79 14.89 47.50 -1.21
C UNK B 79 14.82 47.54 -2.72
N UNK B 80 13.98 48.44 -3.21
CA UNK B 80 13.83 48.71 -4.62
C UNK B 80 14.16 50.20 -4.66
N UNK B 81 15.06 50.59 -5.55
CA UNK B 81 15.42 51.99 -5.68
C UNK B 81 15.15 52.48 -7.08
N UNK B 82 14.73 53.73 -7.17
CA UNK B 82 14.42 54.37 -8.45
C UNK B 82 15.45 55.46 -8.66
N UNK B 83 16.18 55.38 -9.76
CA UNK B 83 17.24 56.34 -10.05
C UNK B 83 16.99 57.25 -11.26
N UNK B 84 17.50 58.47 -11.16
CA UNK B 84 17.39 59.42 -12.25
C UNK B 84 18.55 59.11 -13.19
N UNK B 85 21.32 60.26 -9.52
CA UNK B 85 20.82 60.42 -8.15
C UNK B 85 19.70 59.43 -7.87
N UNK B 86 19.59 59.02 -6.61
CA UNK B 86 18.55 58.09 -6.21
C UNK B 86 17.35 58.94 -5.79
N UNK B 87 16.24 58.80 -6.49
CA UNK B 87 15.04 59.57 -6.19
C UNK B 87 14.23 58.94 -5.07
N UNK B 88 14.04 57.63 -5.15
CA UNK B 88 13.27 56.93 -4.13
C UNK B 88 13.86 55.60 -3.74
N UNK B 89 13.69 55.26 -2.48
CA UNK B 89 14.15 53.98 -1.93
C UNK B 89 12.88 53.39 -1.32
N UNK B 90 12.44 52.27 -1.87
CA UNK B 90 11.24 51.62 -1.38
C UNK B 90 11.56 50.39 -0.53
N UNK B 91 11.00 50.33 0.69
CA UNK B 91 11.21 49.20 1.60
C UNK B 91 10.20 48.18 1.08
N UNK B 92 14.34 39.74 -6.18
CA UNK B 92 14.76 38.95 -7.34
C UNK B 92 14.56 39.62 -8.69
N UNK B 93 13.56 40.49 -8.79
CA UNK B 93 13.29 41.15 -10.06
C UNK B 93 12.51 42.45 -9.92
N UNK B 94 12.70 43.33 -10.89
CA UNK B 94 12.00 44.60 -10.97
C UNK B 94 11.77 44.88 -12.44
N UNK B 95 10.59 45.40 -12.77
CA UNK B 95 10.27 45.65 -14.16
C UNK B 95 9.20 46.74 -14.26
N UNK B 96 9.31 47.57 -15.29
CA UNK B 96 8.34 48.64 -15.52
C UNK B 96 7.30 48.13 -16.50
N UNK B 97 4.25 53.79 -15.64
CA UNK B 97 3.59 54.26 -14.43
C UNK B 97 3.65 53.23 -13.30
N UNK B 98 3.95 51.98 -13.65
CA UNK B 98 4.02 50.91 -12.67
C UNK B 98 5.34 50.15 -12.67
N UNK B 99 5.63 49.54 -11.53
CA UNK B 99 6.83 48.73 -11.33
C UNK B 99 6.36 47.46 -10.64
N UNK B 100 6.85 46.32 -11.11
CA UNK B 100 6.51 45.07 -10.47
C UNK B 100 7.80 44.52 -9.85
N UNK B 101 7.72 44.12 -8.59
CA UNK B 101 8.87 43.56 -7.90
C UNK B 101 8.53 42.17 -7.37
N UNK B 102 9.56 41.36 -7.18
CA UNK B 102 9.40 40.00 -6.66
C UNK B 102 10.48 39.78 -5.62
N UNK B 103 10.21 38.89 -4.66
CA UNK B 103 11.18 38.64 -3.61
C UNK B 103 11.17 37.25 -3.03
N UNK B 104 8.51 35.71 -0.78
CA UNK B 104 7.33 35.06 -1.32
C UNK B 104 6.30 35.99 -1.91
N UNK B 105 6.62 37.28 -1.96
CA UNK B 105 5.68 38.26 -2.48
C UNK B 105 6.02 38.86 -3.84
N UNK B 106 4.98 39.39 -4.47
CA UNK B 106 5.08 40.09 -5.74
C UNK B 106 4.27 41.35 -5.50
N UNK B 107 4.90 42.51 -5.64
CA UNK B 107 4.20 43.76 -5.41
C UNK B 107 4.27 44.70 -6.60
N UNK B 108 3.19 45.43 -6.85
CA UNK B 108 3.13 46.39 -7.94
C UNK B 108 3.16 47.78 -7.32
N UNK B 109 4.07 48.62 -7.81
CA UNK B 109 4.25 49.95 -7.27
C UNK B 109 3.92 51.10 -8.19
N UNK B 110 3.50 52.21 -7.60
CA UNK B 110 3.20 53.42 -8.37
C UNK B 110 4.54 54.11 -8.56
N UNK B 111 2.84 51.34 -2.80
CA UNK B 111 2.40 50.02 -3.25
C UNK B 111 0.94 50.02 -3.68
N UNK B 112 0.69 49.66 -4.93
CA UNK B 112 -0.68 49.62 -5.42
C UNK B 112 -1.30 48.25 -5.18
N UNK B 113 -0.45 47.23 -5.03
CA UNK B 113 -0.98 45.90 -4.80
C UNK B 113 0.05 44.83 -4.49
N UNK B 114 -0.35 43.89 -3.62
CA UNK B 114 0.50 42.76 -3.27
C UNK B 114 -0.23 41.62 -3.98
N UNK B 115 0.20 41.36 -5.21
CA UNK B 115 -0.40 40.36 -6.09
C UNK B 115 -0.26 38.93 -5.59
N UNK B 116 0.96 38.54 -5.24
CA UNK B 116 1.18 37.20 -4.70
C UNK B 116 1.39 37.46 -3.23
N UNK B 117 0.43 36.91 -2.50
CA UNK B 117 0.24 37.05 -1.06
C UNK B 117 0.78 35.97 -0.14
N UNK B 118 9.49 31.24 -2.57
CA UNK B 118 10.21 32.41 -3.06
C UNK B 118 9.79 32.71 -4.50
N UNK B 119 9.53 33.99 -4.79
CA UNK B 119 9.17 34.40 -6.13
C UNK B 119 10.50 34.83 -6.72
N UNK B 120 10.99 34.06 -7.69
CA UNK B 120 12.29 34.30 -8.29
C UNK B 120 12.34 35.20 -9.53
N UNK B 121 11.19 35.59 -10.05
CA UNK B 121 11.17 36.43 -11.23
C UNK B 121 9.78 36.90 -11.59
N UNK B 122 9.69 38.15 -12.01
CA UNK B 122 8.42 38.73 -12.43
C UNK B 122 8.64 39.67 -13.61
N UNK B 123 7.62 39.76 -14.45
CA UNK B 123 7.71 40.60 -15.62
C UNK B 123 6.32 40.90 -16.14
N UNK B 124 6.15 42.08 -16.69
CA UNK B 124 4.88 42.49 -17.27
C UNK B 124 4.81 41.90 -18.67
N UNK B 125 -0.78 41.63 -18.10
CA UNK B 125 -0.43 40.45 -17.31
C UNK B 125 0.96 40.52 -16.71
N UNK B 126 1.17 39.64 -15.75
CA UNK B 126 2.43 39.53 -15.06
C UNK B 126 2.82 38.05 -15.06
N UNK B 127 4.02 37.78 -15.56
CA UNK B 127 4.56 36.43 -15.61
C UNK B 127 5.43 36.30 -14.37
N UNK B 128 5.12 35.34 -13.52
CA UNK B 128 5.89 35.15 -12.30
C UNK B 128 6.40 33.72 -12.13
N UNK B 129 7.65 33.61 -11.67
CA UNK B 129 8.27 32.30 -11.45
C UNK B 129 8.54 32.14 -9.96
N UNK B 130 8.20 30.96 -9.44
CA UNK B 130 8.44 30.64 -8.05
C UNK B 130 9.41 29.45 -7.99
N UNK B 131 7.56 26.33 -10.97
CA UNK B 131 6.33 26.85 -11.52
C UNK B 131 6.33 28.29 -12.03
N UNK B 132 5.74 28.45 -13.21
CA UNK B 132 5.58 29.75 -13.86
C UNK B 132 4.09 30.02 -13.92
N UNK B 133 3.69 31.25 -13.58
CA UNK B 133 2.27 31.60 -13.60
C UNK B 133 1.99 32.93 -14.25
N UNK B 134 0.90 32.97 -15.01
CA UNK B 134 0.46 34.17 -15.69
C UNK B 134 -0.68 34.75 -14.87
N UNK B 135 -0.48 35.92 -14.30
CA UNK B 135 -1.52 36.55 -13.49
C UNK B 135 -2.16 37.73 -14.21
N UNK B 136 -3.45 37.90 -14.00
CA UNK B 136 -4.17 39.03 -14.58
C UNK B 136 -4.03 40.09 -13.49
N UNK B 137 -6.10 40.31 -10.19
CA UNK B 137 -5.33 39.71 -9.11
C UNK B 137 -5.51 38.20 -9.09
N UNK B 138 -5.78 37.61 -10.25
CA UNK B 138 -5.99 36.18 -10.33
C UNK B 138 -5.13 35.44 -11.35
N UNK B 139 -4.77 34.20 -10.99
CA UNK B 139 -3.94 33.37 -11.84
C UNK B 139 -4.76 32.80 -12.98
N UNK B 140 -4.30 33.03 -14.21
CA UNK B 140 -4.98 32.56 -15.40
C UNK B 140 -4.37 31.31 -15.98
N UNK B 141 -3.04 31.24 -16.00
CA UNK B 141 -2.34 30.08 -16.55
C UNK B 141 -1.17 29.67 -15.67
N UNK B 142 -0.86 28.37 -15.70
CA UNK B 142 0.26 27.83 -14.96
C UNK B 142 1.08 27.03 -15.96
N UNK B 143 2.40 27.13 -15.85
CA UNK B 143 3.30 26.44 -16.77
C UNK B 143 4.29 25.64 -15.93
N UNK B 144 4.40 24.34 -16.22
CA UNK B 144 5.29 23.46 -15.47
C UNK B 144 6.00 22.44 -16.37
N UNK B 145 6.85 21.62 -15.78
CA UNK B 145 7.58 20.63 -16.55
C UNK B 145 9.08 20.87 -16.55
N UNK B 146 17.38 32.17 -9.79
CA UNK B 146 16.43 33.16 -10.28
C UNK B 146 16.59 33.19 -11.80
N UNK B 147 15.81 32.36 -12.48
CA UNK B 147 15.83 32.24 -13.91
C UNK B 147 14.91 33.23 -14.62
N UNK B 148 15.42 33.84 -15.69
CA UNK B 148 14.65 34.78 -16.50
C UNK B 148 13.65 34.02 -17.35
N UNK B 149 12.43 34.55 -17.44
CA UNK B 149 11.38 33.94 -18.26
C UNK B 149 10.89 35.02 -19.23
N UNK B 150 10.35 34.60 -20.38
CA UNK B 150 9.92 35.56 -21.40
C UNK B 150 8.62 35.23 -22.12
N UNK B 151 8.07 36.26 -22.74
CA UNK B 151 6.89 36.14 -23.58
C UNK B 151 7.47 36.18 -25.00
N UNK B 152 7.06 35.25 -25.85
CA UNK B 152 7.54 35.27 -27.23
C UNK B 152 6.32 35.62 -28.06
N UNK B 153 6.42 36.71 -28.80
CA UNK B 153 5.28 37.17 -29.62
C UNK B 153 5.61 37.51 -31.08
N UNK B 154 2.48 32.69 -29.94
CA UNK B 154 2.56 33.23 -28.59
C UNK B 154 3.05 32.14 -27.64
N UNK B 155 4.31 32.21 -27.25
CA UNK B 155 4.89 31.23 -26.34
C UNK B 155 5.38 31.84 -25.04
N UNK B 156 5.75 30.97 -24.13
CA UNK B 156 6.34 31.35 -22.86
C UNK B 156 7.69 30.66 -22.95
N UNK B 157 8.75 31.41 -22.75
CA UNK B 157 10.11 30.88 -22.85
C UNK B 157 10.83 30.98 -21.51
N UNK B 158 11.61 29.96 -21.19
CA UNK B 158 12.32 29.98 -19.93
C UNK B 158 13.50 29.03 -19.86
N UNK B 159 14.45 29.39 -19.00
CA UNK B 159 15.61 28.56 -18.79
C UNK B 159 15.19 27.45 -17.84
N UNK B 160 16.21 24.74 -22.53
CA UNK B 160 15.35 25.91 -22.66
C UNK B 160 13.93 25.38 -22.92
N UNK B 161 12.98 25.78 -22.09
CA UNK B 161 11.61 25.32 -22.26
C UNK B 161 10.74 26.35 -22.94
N UNK B 162 9.84 25.88 -23.81
CA UNK B 162 8.91 26.75 -24.51
C UNK B 162 7.51 26.17 -24.36
N UNK B 163 6.58 27.02 -23.95
CA UNK B 163 5.20 26.59 -23.76
C UNK B 163 4.25 27.36 -24.64
N UNK B 164 3.17 26.69 -25.02
CA UNK B 164 2.12 27.33 -25.79
C UNK B 164 1.46 28.15 -24.68
N UNK B 165 3.92 22.13 -23.24
CA UNK B 165 5.30 22.31 -23.65
C UNK B 165 5.35 21.99 -25.13
N UNK B 166 5.81 22.93 -25.94
CA UNK B 166 5.87 22.74 -27.39
C UNK B 166 7.26 22.47 -27.94
N UNK B 167 8.28 22.67 -27.11
CA UNK B 167 9.65 22.44 -27.54
C UNK B 167 10.63 22.65 -26.38
N UNK B 168 11.69 21.84 -26.38
CA UNK B 168 12.73 21.92 -25.37
C UNK B 168 14.05 21.97 -26.13
N UNK B 169 14.82 23.04 -25.93
CA UNK B 169 16.09 23.21 -26.63
C UNK B 169 17.30 22.60 -25.92
N UNK B 170 17.94 21.64 -26.57
CA UNK B 170 19.11 20.98 -26.00
C UNK B 170 20.43 21.49 -26.58
N UNK B 171 21.47 21.47 -25.77
CA UNK B 171 22.77 21.94 -26.24
C UNK B 171 23.63 22.40 -25.07
N UNK B 172 20.43 26.70 -17.47
CA UNK B 172 20.15 27.81 -18.37
C UNK B 172 19.49 28.86 -17.48
N UNK B 173 20.32 29.78 -17.00
CA UNK B 173 19.91 30.83 -16.09
C UNK B 173 19.16 32.00 -16.74
N UNK B 174 19.39 32.21 -18.02
CA UNK B 174 18.76 33.31 -18.71
C UNK B 174 18.40 33.03 -20.16
N UNK B 175 17.25 33.55 -20.57
CA UNK B 175 16.77 33.41 -21.94
C UNK B 175 16.20 34.77 -22.29
N UNK B 176 16.24 35.10 -23.57
CA UNK B 176 15.75 36.36 -24.08
C UNK B 176 15.17 36.11 -25.48
N UNK B 177 14.13 36.85 -25.83
CA UNK B 177 13.48 36.70 -27.12
C UNK B 177 13.70 37.94 -27.97
N UNK B 178 13.96 34.55 -32.77
CA UNK B 178 15.28 34.21 -32.30
C UNK B 178 15.28 34.22 -30.78
N UNK B 179 15.98 33.26 -30.21
CA UNK B 179 16.08 33.15 -28.77
C UNK B 179 17.54 33.14 -28.35
N UNK B 180 17.86 33.90 -27.31
CA UNK B 180 19.21 33.93 -26.79
C UNK B 180 19.14 33.19 -25.47
N UNK B 181 20.03 32.22 -25.26
CA UNK B 181 20.06 31.48 -24.02
C UNK B 181 21.48 31.51 -23.46
N UNK B 182 21.60 31.49 -22.13
CA UNK B 182 22.90 31.53 -21.48
C UNK B 182 22.97 30.55 -20.32
N UNK B 183 24.14 29.96 -20.10
CA UNK B 183 24.29 28.98 -19.04
C UNK B 183 25.36 29.27 -17.99
N UNK B 184 26.75 31.27 -24.66
CA UNK B 184 25.47 31.86 -24.99
C UNK B 184 25.12 31.21 -26.31
N UNK B 185 23.89 30.71 -26.45
CA UNK B 185 23.49 30.10 -27.70
C UNK B 185 22.34 30.89 -28.32
N UNK B 186 22.37 31.01 -29.64
CA UNK B 186 21.35 31.72 -30.39
C UNK B 186 20.55 30.69 -31.17
N UNK B 187 19.23 30.75 -31.04
CA UNK B 187 18.35 29.80 -31.71
C UNK B 187 17.35 30.54 -32.59
N UNK B 188 16.98 29.92 -33.70
CA UNK B 188 16.04 30.52 -34.62
C UNK B 188 15.01 29.51 -35.12
N THR C 62 -11.92 -44.46 -5.92
CA THR C 62 -12.73 -43.69 -4.99
C THR C 62 -12.63 -44.27 -3.58
N GLY C 63 -11.55 -43.92 -2.88
CA GLY C 63 -11.28 -44.51 -1.59
C GLY C 63 -12.23 -44.06 -0.49
N PHE C 64 -12.80 -42.86 -0.63
CA PHE C 64 -13.68 -42.34 0.42
C PHE C 64 -14.99 -43.11 0.53
N LYS C 65 -15.33 -43.91 -0.48
CA LYS C 65 -16.61 -44.60 -0.43
C LYS C 65 -16.61 -45.72 0.61
N ASP C 66 -15.42 -46.14 1.05
CA ASP C 66 -15.25 -47.13 2.09
C ASP C 66 -15.62 -46.60 3.48
N PHE C 67 -15.81 -45.29 3.63
CA PHE C 67 -16.31 -44.72 4.87
C PHE C 67 -17.81 -44.87 5.02
N LEU C 68 -18.50 -45.25 3.94
CA LEU C 68 -19.94 -45.50 3.93
C LEU C 68 -20.71 -44.22 4.25
N LEU C 69 -20.46 -43.23 3.41
CA LEU C 69 -21.02 -41.89 3.53
C LEU C 69 -22.23 -41.77 2.62
N LYS C 70 -22.98 -40.68 2.81
CA LYS C 70 -24.16 -40.44 2.00
C LYS C 70 -23.77 -40.42 0.52
N PRO C 71 -24.66 -40.87 -0.36
CA PRO C 71 -24.34 -40.84 -1.79
C PRO C 71 -24.11 -39.43 -2.32
N GLU C 72 -24.77 -38.43 -1.73
CA GLU C 72 -24.54 -37.05 -2.14
C GLU C 72 -23.14 -36.57 -1.72
N LEU C 73 -22.68 -37.00 -0.54
CA LEU C 73 -21.32 -36.67 -0.11
C LEU C 73 -20.28 -37.31 -1.03
N SER C 74 -20.37 -38.63 -1.19
CA SER C 74 -19.39 -39.34 -2.03
C SER C 74 -19.35 -38.75 -3.44
N ARG C 75 -20.50 -38.34 -3.96
CA ARG C 75 -20.53 -37.76 -5.30
C ARG C 75 -19.82 -36.41 -5.34
N ALA C 76 -19.99 -35.59 -4.30
CA ALA C 76 -19.31 -34.30 -4.27
C ALA C 76 -17.81 -34.49 -4.05
N ILE C 77 -17.43 -35.50 -3.25
CA ILE C 77 -16.01 -35.78 -3.04
C ILE C 77 -15.34 -36.19 -4.35
N ILE C 78 -16.07 -36.87 -5.23
CA ILE C 78 -15.49 -37.30 -6.49
C ILE C 78 -15.31 -36.11 -7.43
N ASP C 79 -16.22 -35.13 -7.38
CA ASP C 79 -16.07 -33.94 -8.21
C ASP C 79 -14.95 -33.02 -7.72
N CYS C 80 -14.46 -33.21 -6.50
CA CYS C 80 -13.37 -32.40 -5.97
C CYS C 80 -12.00 -33.02 -6.24
N GLY C 81 -11.92 -34.03 -7.10
CA GLY C 81 -10.66 -34.69 -7.40
C GLY C 81 -10.12 -35.60 -6.31
N PHE C 82 -10.71 -35.62 -5.13
CA PHE C 82 -10.27 -36.55 -4.09
C PHE C 82 -10.43 -37.99 -4.57
N GLU C 83 -9.39 -38.80 -4.37
CA GLU C 83 -9.54 -40.24 -4.58
C GLU C 83 -8.90 -41.11 -3.50
N HIS C 84 -7.95 -40.59 -2.72
CA HIS C 84 -7.34 -41.40 -1.67
C HIS C 84 -7.31 -40.56 -0.39
N PRO C 85 -7.84 -41.08 0.72
CA PRO C 85 -7.82 -40.29 1.96
C PRO C 85 -6.42 -40.18 2.53
N SER C 86 -6.10 -39.00 3.06
CA SER C 86 -4.82 -38.83 3.72
C SER C 86 -4.82 -39.59 5.05
N GLU C 87 -3.64 -39.71 5.65
CA GLU C 87 -3.52 -40.50 6.88
C GLU C 87 -4.30 -39.88 8.03
N VAL C 88 -4.37 -38.55 8.10
CA VAL C 88 -5.15 -37.93 9.17
C VAL C 88 -6.63 -38.19 8.97
N GLN C 89 -7.08 -38.25 7.72
CA GLN C 89 -8.50 -38.50 7.47
C GLN C 89 -8.86 -39.96 7.70
N GLN C 90 -7.94 -40.88 7.38
CA GLN C 90 -8.17 -42.28 7.68
C GLN C 90 -8.19 -42.55 9.18
N HIS C 91 -7.40 -41.80 9.95
CA HIS C 91 -7.31 -42.00 11.39
C HIS C 91 -8.38 -41.24 12.17
N THR C 92 -9.11 -40.32 11.54
CA THR C 92 -10.05 -39.46 12.26
C THR C 92 -11.48 -39.58 11.79
N ILE C 93 -11.70 -39.63 10.46
CA ILE C 93 -13.08 -39.58 9.95
C ILE C 93 -13.95 -40.74 10.45
N PRO C 94 -13.54 -42.02 10.35
CA PRO C 94 -14.48 -43.10 10.72
C PRO C 94 -15.02 -43.00 12.13
N GLN C 95 -14.17 -42.62 13.09
CA GLN C 95 -14.56 -42.54 14.50
C GLN C 95 -15.18 -41.20 14.86
N SER C 96 -14.91 -40.14 14.07
CA SER C 96 -15.61 -38.87 14.23
C SER C 96 -17.06 -38.93 13.77
N ILE C 97 -17.39 -39.80 12.81
CA ILE C 97 -18.76 -39.91 12.32
C ILE C 97 -19.71 -40.31 13.44
N HIS C 98 -19.21 -41.05 14.43
CA HIS C 98 -20.02 -41.54 15.54
C HIS C 98 -20.29 -40.48 16.59
N GLY C 99 -19.77 -39.26 16.41
CA GLY C 99 -19.95 -38.23 17.39
C GLY C 99 -18.89 -38.21 18.47
N THR C 100 -17.79 -38.96 18.30
CA THR C 100 -16.75 -38.98 19.31
C THR C 100 -15.94 -37.69 19.26
N ASP C 101 -15.61 -37.15 20.43
CA ASP C 101 -14.81 -35.94 20.49
C ASP C 101 -13.42 -36.20 19.92
N VAL C 102 -12.85 -35.18 19.30
CA VAL C 102 -11.60 -35.30 18.55
C VAL C 102 -10.65 -34.20 18.98
N LEU C 103 -9.43 -34.57 19.33
CA LEU C 103 -8.33 -33.63 19.51
C LEU C 103 -7.22 -34.10 18.57
N CYS C 104 -7.04 -33.38 17.46
CA CYS C 104 -6.28 -33.88 16.34
C CYS C 104 -5.09 -32.98 16.04
N GLN C 105 -3.95 -33.60 15.78
CA GLN C 105 -2.74 -32.92 15.35
C GLN C 105 -2.23 -33.60 14.09
N ALA C 106 -1.96 -32.81 13.06
CA ALA C 106 -1.43 -33.33 11.81
C ALA C 106 -0.61 -32.22 11.17
N LYS C 107 0.34 -32.61 10.33
CA LYS C 107 1.24 -31.62 9.76
C LYS C 107 0.51 -30.72 8.76
N SER C 108 1.18 -29.62 8.43
CA SER C 108 0.56 -28.57 7.63
C SER C 108 0.15 -29.11 6.27
N GLY C 109 -1.12 -28.88 5.92
CA GLY C 109 -1.59 -29.11 4.57
C GLY C 109 -1.91 -30.54 4.21
N LEU C 110 -2.00 -31.45 5.18
CA LEU C 110 -2.32 -32.84 4.90
C LEU C 110 -3.80 -33.14 5.09
N GLY C 111 -4.66 -32.12 5.06
CA GLY C 111 -6.09 -32.32 4.97
C GLY C 111 -6.85 -32.47 6.27
N LYS C 112 -6.67 -31.54 7.22
CA LYS C 112 -7.48 -31.54 8.42
C LYS C 112 -8.85 -30.91 8.21
N THR C 113 -9.00 -30.03 7.22
CA THR C 113 -10.29 -29.40 6.97
C THR C 113 -11.32 -30.43 6.53
N ALA C 114 -10.96 -31.29 5.57
CA ALA C 114 -11.87 -32.32 5.09
C ALA C 114 -12.30 -33.27 6.20
N VAL C 115 -11.52 -33.36 7.28
CA VAL C 115 -11.90 -34.24 8.39
C VAL C 115 -13.20 -33.75 9.01
N PHE C 116 -13.20 -32.54 9.55
CA PHE C 116 -14.40 -32.06 10.22
C PHE C 116 -15.47 -31.57 9.26
N VAL C 117 -15.11 -31.26 8.01
CA VAL C 117 -16.13 -30.88 7.04
C VAL C 117 -16.94 -32.08 6.61
N LEU C 118 -16.28 -33.15 6.16
CA LEU C 118 -17.00 -34.35 5.75
C LEU C 118 -17.68 -35.03 6.93
N SER C 119 -17.10 -34.92 8.13
CA SER C 119 -17.65 -35.61 9.29
C SER C 119 -18.96 -34.96 9.72
N THR C 120 -18.97 -33.64 9.86
CA THR C 120 -20.19 -32.94 10.25
C THR C 120 -21.27 -33.04 9.17
N LEU C 121 -20.87 -33.02 7.90
CA LEU C 121 -21.85 -33.13 6.82
C LEU C 121 -22.52 -34.51 6.82
N GLN C 122 -21.81 -35.54 7.27
CA GLN C 122 -22.41 -36.87 7.32
C GLN C 122 -23.34 -37.03 8.51
N GLN C 123 -22.95 -36.52 9.68
CA GLN C 123 -23.84 -36.55 10.84
C GLN C 123 -25.01 -35.59 10.72
N LEU C 124 -24.91 -34.57 9.88
CA LEU C 124 -25.96 -33.57 9.80
C LEU C 124 -27.23 -34.14 9.19
N ASP C 125 -28.34 -33.94 9.89
CA ASP C 125 -29.68 -34.11 9.31
C ASP C 125 -30.39 -32.77 9.47
N PRO C 126 -30.55 -31.99 8.39
CA PRO C 126 -30.93 -30.58 8.53
C PRO C 126 -32.34 -30.39 9.09
N VAL C 127 -32.44 -29.57 10.13
CA VAL C 127 -33.71 -29.09 10.66
C VAL C 127 -33.83 -27.62 10.29
N PRO C 128 -34.90 -27.20 9.61
CA PRO C 128 -34.97 -25.83 9.07
C PRO C 128 -34.87 -24.78 10.17
N GLY C 129 -34.04 -23.76 9.92
CA GLY C 129 -33.90 -22.64 10.82
C GLY C 129 -33.08 -22.90 12.06
N GLU C 130 -32.39 -24.04 12.13
CA GLU C 130 -31.73 -24.50 13.36
C GLU C 130 -30.26 -24.71 13.08
N VAL C 131 -29.41 -24.00 13.82
CA VAL C 131 -27.96 -24.14 13.67
C VAL C 131 -27.52 -25.41 14.39
N ALA C 132 -26.93 -26.33 13.65
CA ALA C 132 -26.45 -27.58 14.21
C ALA C 132 -24.94 -27.66 14.36
N VAL C 133 -24.18 -26.97 13.49
CA VAL C 133 -22.73 -27.07 13.45
C VAL C 133 -22.13 -25.67 13.54
N VAL C 134 -21.11 -25.53 14.38
CA VAL C 134 -20.39 -24.27 14.55
C VAL C 134 -18.89 -24.55 14.43
N VAL C 135 -18.21 -23.76 13.60
CA VAL C 135 -16.78 -23.88 13.38
C VAL C 135 -16.12 -22.53 13.70
N ILE C 136 -15.06 -22.56 14.49
CA ILE C 136 -14.34 -21.36 14.90
C ILE C 136 -12.91 -21.43 14.38
N CYS C 137 -12.45 -20.35 13.77
CA CYS C 137 -11.06 -20.20 13.36
C CYS C 137 -10.49 -18.90 13.92
N ASN C 138 -9.27 -18.53 13.54
CA ASN C 138 -8.64 -17.33 14.07
C ASN C 138 -8.63 -16.14 13.12
N ALA C 139 -8.86 -16.34 11.82
CA ALA C 139 -8.76 -15.27 10.85
C ALA C 139 -10.00 -15.23 9.97
N ARG C 140 -10.29 -14.03 9.44
CA ARG C 140 -11.53 -13.84 8.68
C ARG C 140 -11.47 -14.59 7.35
N GLU C 141 -10.35 -14.45 6.62
CA GLU C 141 -10.24 -15.11 5.33
C GLU C 141 -10.20 -16.64 5.47
N LEU C 142 -9.65 -17.13 6.58
CA LEU C 142 -9.68 -18.57 6.81
C LEU C 142 -11.11 -19.06 7.01
N ALA C 143 -11.93 -18.28 7.72
CA ALA C 143 -13.33 -18.64 7.85
C ALA C 143 -14.03 -18.64 6.49
N TYR C 144 -13.71 -17.64 5.65
CA TYR C 144 -14.25 -17.62 4.30
C TYR C 144 -13.80 -18.85 3.52
N GLN C 145 -12.55 -19.26 3.70
CA GLN C 145 -12.04 -20.45 3.03
C GLN C 145 -12.74 -21.71 3.51
N ILE C 146 -12.94 -21.83 4.83
CA ILE C 146 -13.57 -23.03 5.38
C ILE C 146 -15.01 -23.14 4.93
N ARG C 147 -15.73 -22.01 4.91
CA ARG C 147 -17.12 -22.03 4.46
C ARG C 147 -17.21 -22.43 2.99
N ASN C 148 -16.22 -22.03 2.18
CA ASN C 148 -16.20 -22.44 0.79
C ASN C 148 -15.95 -23.93 0.63
N GLU C 149 -15.25 -24.54 1.58
CA GLU C 149 -15.12 -26.00 1.56
C GLU C 149 -16.42 -26.69 1.91
N TYR C 150 -17.18 -26.10 2.84
CA TYR C 150 -18.51 -26.63 3.13
C TYR C 150 -19.41 -26.54 1.90
N LEU C 151 -19.28 -25.46 1.13
CA LEU C 151 -20.10 -25.31 -0.07
C LEU C 151 -19.76 -26.37 -1.12
N ARG C 152 -18.48 -26.73 -1.25
CA ARG C 152 -18.09 -27.64 -2.32
C ARG C 152 -18.46 -29.08 -1.99
N PHE C 153 -18.49 -29.46 -0.72
CA PHE C 153 -18.87 -30.81 -0.35
C PHE C 153 -20.36 -30.97 -0.10
N SER C 154 -21.08 -29.89 0.21
CA SER C 154 -22.54 -29.89 0.22
C SER C 154 -23.12 -29.56 -1.15
N LYS C 155 -22.34 -29.80 -2.21
CA LYS C 155 -22.75 -29.46 -3.57
C LYS C 155 -24.09 -30.11 -3.92
N TYR C 156 -24.25 -31.39 -3.60
CA TYR C 156 -25.44 -32.15 -3.95
C TYR C 156 -26.37 -32.37 -2.77
N MET C 157 -26.27 -31.54 -1.73
CA MET C 157 -27.19 -31.57 -0.59
C MET C 157 -28.00 -30.27 -0.59
N PRO C 158 -29.10 -30.20 -1.32
CA PRO C 158 -29.82 -28.92 -1.44
C PRO C 158 -30.41 -28.43 -0.13
N ASP C 159 -30.73 -29.33 0.80
CA ASP C 159 -31.32 -28.90 2.06
C ASP C 159 -30.33 -28.15 2.93
N VAL C 160 -29.03 -28.43 2.79
CA VAL C 160 -28.02 -27.82 3.64
C VAL C 160 -27.81 -26.36 3.25
N LYS C 161 -27.76 -25.49 4.25
CA LYS C 161 -27.46 -24.07 4.06
C LYS C 161 -26.36 -23.68 5.03
N THR C 162 -25.38 -22.91 4.55
CA THR C 162 -24.23 -22.51 5.34
C THR C 162 -24.03 -21.00 5.28
N ALA C 163 -23.42 -20.46 6.33
CA ALA C 163 -23.11 -19.04 6.41
C ALA C 163 -21.80 -18.84 7.14
N VAL C 164 -21.13 -17.73 6.85
CA VAL C 164 -19.89 -17.35 7.52
C VAL C 164 -20.05 -15.93 8.05
N PHE C 165 -19.47 -15.66 9.21
CA PHE C 165 -19.59 -14.36 9.87
C PHE C 165 -18.24 -13.92 10.40
N TYR C 166 -17.91 -12.65 10.16
CA TYR C 166 -16.67 -12.06 10.67
C TYR C 166 -16.85 -10.56 10.77
N GLY C 167 -15.88 -9.91 11.41
CA GLY C 167 -15.92 -8.48 11.58
C GLY C 167 -15.72 -7.74 10.26
N GLY C 168 -15.91 -6.43 10.32
CA GLY C 168 -15.76 -5.57 9.16
C GLY C 168 -17.02 -5.35 8.36
N THR C 169 -18.10 -6.06 8.67
CA THR C 169 -19.38 -5.95 8.00
C THR C 169 -20.46 -5.54 9.01
N PRO C 170 -21.49 -4.83 8.56
CA PRO C 170 -22.58 -4.47 9.48
C PRO C 170 -23.25 -5.70 10.08
N ILE C 171 -23.37 -5.70 11.41
CA ILE C 171 -23.93 -6.85 12.10
C ILE C 171 -25.44 -6.95 11.87
N SER C 172 -26.09 -5.85 11.49
CA SER C 172 -27.53 -5.90 11.23
C SER C 172 -27.84 -6.78 10.03
N LYS C 173 -26.94 -6.80 9.04
CA LYS C 173 -27.15 -7.63 7.86
C LYS C 173 -26.97 -9.10 8.19
N ASP C 174 -26.07 -9.44 9.12
CA ASP C 174 -25.98 -10.82 9.56
C ASP C 174 -27.26 -11.25 10.27
N ALA C 175 -27.87 -10.32 11.03
CA ALA C 175 -29.13 -10.62 11.68
C ALA C 175 -30.23 -10.90 10.67
N GLU C 176 -30.31 -10.10 9.61
CA GLU C 176 -31.32 -10.33 8.57
C GLU C 176 -31.06 -11.64 7.84
N LEU C 177 -29.79 -11.93 7.55
CA LEU C 177 -29.45 -13.20 6.89
C LEU C 177 -29.79 -14.39 7.77
N LEU C 178 -29.72 -14.23 9.10
CA LEU C 178 -30.04 -15.32 10.01
C LEU C 178 -31.54 -15.60 10.08
N LYS C 179 -32.39 -14.57 9.90
CA LYS C 179 -33.82 -14.79 9.98
C LYS C 179 -34.44 -15.26 8.68
N ASN C 180 -33.79 -15.00 7.55
CA ASN C 180 -34.39 -15.29 6.26
C ASN C 180 -34.49 -16.80 6.04
N LYS C 181 -35.63 -17.25 5.53
CA LYS C 181 -35.85 -18.68 5.36
C LYS C 181 -35.02 -19.27 4.24
N ASP C 182 -34.52 -18.44 3.31
CA ASP C 182 -33.62 -18.96 2.28
C ASP C 182 -32.17 -19.02 2.75
N THR C 183 -31.80 -18.27 3.80
CA THR C 183 -30.41 -18.21 4.23
C THR C 183 -30.19 -18.65 5.66
N ALA C 184 -31.24 -19.02 6.40
CA ALA C 184 -31.07 -19.51 7.76
C ALA C 184 -30.15 -20.72 7.75
N PRO C 185 -28.96 -20.61 8.32
CA PRO C 185 -27.94 -21.65 8.14
C PRO C 185 -28.03 -22.80 9.15
N HIS C 186 -27.76 -24.00 8.66
CA HIS C 186 -27.54 -25.16 9.52
C HIS C 186 -26.09 -25.26 9.98
N ILE C 187 -25.15 -24.66 9.26
CA ILE C 187 -23.73 -24.72 9.57
C ILE C 187 -23.19 -23.29 9.56
N VAL C 188 -22.54 -22.89 10.65
CA VAL C 188 -22.04 -21.53 10.82
C VAL C 188 -20.54 -21.58 11.04
N VAL C 189 -19.79 -20.93 10.14
CA VAL C 189 -18.36 -20.71 10.32
C VAL C 189 -18.16 -19.25 10.69
N ALA C 190 -17.24 -19.00 11.63
CA ALA C 190 -17.09 -17.63 12.10
C ALA C 190 -15.77 -17.48 12.85
N THR C 191 -15.37 -16.20 13.01
CA THR C 191 -14.32 -15.76 13.92
C THR C 191 -14.93 -15.49 15.30
N PRO C 192 -14.16 -15.66 16.38
CA PRO C 192 -14.76 -15.59 17.72
C PRO C 192 -15.41 -14.26 18.04
N GLY C 193 -14.88 -13.14 17.54
CA GLY C 193 -15.39 -11.85 17.93
C GLY C 193 -16.82 -11.61 17.46
N ARG C 194 -17.08 -11.83 16.17
CA ARG C 194 -18.41 -11.51 15.65
C ARG C 194 -19.45 -12.53 16.08
N LEU C 195 -19.07 -13.81 16.15
CA LEU C 195 -20.02 -14.82 16.56
C LEU C 195 -20.46 -14.62 18.02
N LYS C 196 -19.54 -14.15 18.86
CA LYS C 196 -19.93 -13.76 20.22
C LYS C 196 -20.88 -12.57 20.19
N ALA C 197 -20.63 -11.60 19.31
CA ALA C 197 -21.54 -10.47 19.18
C ALA C 197 -22.88 -10.86 18.58
N LEU C 198 -22.98 -12.05 17.99
CA LEU C 198 -24.26 -12.57 17.53
C LEU C 198 -24.98 -13.37 18.59
N VAL C 199 -24.24 -14.06 19.46
CA VAL C 199 -24.86 -14.83 20.53
C VAL C 199 -25.41 -13.90 21.61
N ARG C 200 -24.66 -12.85 21.94
CA ARG C 200 -24.99 -12.00 23.07
C ARG C 200 -26.09 -10.99 22.73
N GLU C 201 -26.25 -10.65 21.45
CA GLU C 201 -27.38 -9.86 20.99
C GLU C 201 -28.50 -10.74 20.44
N LYS C 202 -28.43 -12.06 20.66
CA LYS C 202 -29.46 -13.04 20.32
C LYS C 202 -29.95 -12.87 18.88
N TYR C 203 -29.01 -12.56 17.98
CA TYR C 203 -29.27 -12.69 16.55
C TYR C 203 -29.18 -14.13 16.08
N ILE C 204 -28.52 -15.00 16.85
CA ILE C 204 -28.37 -16.40 16.50
C ILE C 204 -28.76 -17.23 17.71
N ASP C 205 -29.28 -18.43 17.46
CA ASP C 205 -29.66 -19.35 18.51
C ASP C 205 -28.77 -20.58 18.42
N LEU C 206 -28.01 -20.86 19.47
CA LEU C 206 -27.12 -22.02 19.51
C LEU C 206 -27.54 -23.05 20.56
N SER C 207 -28.82 -23.09 20.89
CA SER C 207 -29.37 -24.07 21.83
C SER C 207 -29.51 -25.47 21.25
N HIS C 208 -29.13 -25.67 19.98
CA HIS C 208 -29.32 -26.95 19.32
C HIS C 208 -28.04 -27.44 18.66
N VAL C 209 -26.89 -26.84 18.96
CA VAL C 209 -25.64 -27.25 18.33
C VAL C 209 -25.29 -28.66 18.76
N LYS C 210 -25.01 -29.51 17.78
CA LYS C 210 -24.56 -30.88 18.03
C LYS C 210 -23.09 -31.08 17.70
N ASN C 211 -22.50 -30.21 16.90
CA ASN C 211 -21.09 -30.31 16.51
C ASN C 211 -20.44 -28.95 16.73
N PHE C 212 -19.39 -28.92 17.54
CA PHE C 212 -18.63 -27.71 17.83
C PHE C 212 -17.19 -27.95 17.42
N VAL C 213 -16.71 -27.16 16.45
CA VAL C 213 -15.38 -27.34 15.89
C VAL C 213 -14.57 -26.08 16.14
N ILE C 214 -13.33 -26.26 16.59
CA ILE C 214 -12.38 -25.16 16.75
C ILE C 214 -11.15 -25.51 15.92
N ASP C 215 -10.96 -24.79 14.81
CA ASP C 215 -9.78 -24.96 13.98
C ASP C 215 -8.71 -23.99 14.43
N GLU C 216 -7.45 -24.41 14.28
CA GLU C 216 -6.30 -23.69 14.84
C GLU C 216 -6.52 -23.45 16.33
N CYS C 217 -6.89 -24.52 17.04
CA CYS C 217 -7.35 -24.39 18.41
C CYS C 217 -6.26 -23.88 19.35
N ASP C 218 -4.99 -24.18 19.04
CA ASP C 218 -3.91 -23.74 19.91
C ASP C 218 -3.79 -22.21 19.91
N LYS C 219 -4.03 -21.58 18.76
CA LYS C 219 -4.01 -20.12 18.70
C LYS C 219 -5.29 -19.53 19.27
N VAL C 220 -6.43 -20.19 19.03
CA VAL C 220 -7.71 -19.68 19.51
C VAL C 220 -7.75 -19.67 21.04
N LEU C 221 -7.14 -20.67 21.68
CA LEU C 221 -7.24 -20.81 23.12
C LEU C 221 -6.07 -20.21 23.89
N GLU C 222 -4.96 -19.87 23.23
CA GLU C 222 -3.90 -19.18 23.96
C GLU C 222 -4.07 -17.67 23.95
N GLU C 223 -4.59 -17.11 22.86
CA GLU C 223 -5.00 -15.71 22.87
C GLU C 223 -6.27 -15.58 23.71
N LEU C 224 -6.24 -14.70 24.71
CA LEU C 224 -7.23 -14.79 25.77
C LEU C 224 -8.50 -14.03 25.43
N ASP C 225 -8.44 -13.05 24.53
CA ASP C 225 -9.67 -12.43 24.08
C ASP C 225 -10.48 -13.39 23.22
N MET C 226 -9.79 -14.20 22.40
CA MET C 226 -10.49 -15.23 21.65
C MET C 226 -10.99 -16.36 22.54
N ARG C 227 -10.29 -16.67 23.63
CA ARG C 227 -10.77 -17.72 24.53
C ARG C 227 -12.05 -17.30 25.26
N ARG C 228 -12.11 -16.06 25.74
CA ARG C 228 -13.34 -15.58 26.38
C ARG C 228 -14.52 -15.64 25.43
N ASP C 229 -14.34 -15.18 24.20
CA ASP C 229 -15.43 -15.20 23.24
C ASP C 229 -15.85 -16.63 22.94
N VAL C 230 -14.87 -17.50 22.68
CA VAL C 230 -15.16 -18.88 22.34
C VAL C 230 -15.86 -19.59 23.50
N GLN C 231 -15.47 -19.27 24.74
CA GLN C 231 -16.13 -19.88 25.90
C GLN C 231 -17.51 -19.29 26.14
N GLU C 232 -17.72 -18.03 25.78
CA GLU C 232 -19.08 -17.49 25.81
C GLU C 232 -19.97 -18.15 24.77
N ILE C 233 -19.43 -18.40 23.58
CA ILE C 233 -20.16 -19.15 22.55
C ILE C 233 -20.35 -20.60 22.99
N PHE C 234 -19.34 -21.19 23.62
CA PHE C 234 -19.40 -22.59 24.02
C PHE C 234 -20.42 -22.83 25.12
N ARG C 235 -20.81 -21.80 25.86
CA ARG C 235 -21.79 -21.92 26.93
C ARG C 235 -23.22 -21.66 26.47
N ALA C 236 -23.41 -21.26 25.21
CA ALA C 236 -24.75 -21.16 24.65
C ALA C 236 -25.18 -22.43 23.93
N THR C 237 -24.32 -23.45 23.90
CA THR C 237 -24.55 -24.71 23.21
C THR C 237 -24.91 -25.80 24.22
N PRO C 238 -25.61 -26.85 23.77
CA PRO C 238 -25.81 -27.99 24.64
C PRO C 238 -24.48 -28.60 25.04
N ARG C 239 -24.44 -29.09 26.25
CA ARG C 239 -23.26 -29.72 26.81
C ARG C 239 -23.01 -31.11 26.22
N ASP C 240 -24.07 -31.78 25.78
CA ASP C 240 -23.97 -33.12 25.19
C ASP C 240 -23.88 -33.02 23.66
N LYS C 241 -22.82 -32.32 23.22
CA LYS C 241 -22.46 -32.20 21.82
C LYS C 241 -21.08 -32.78 21.55
N GLN C 242 -20.80 -33.01 20.27
CA GLN C 242 -19.46 -33.41 19.83
C GLN C 242 -18.59 -32.17 19.69
N VAL C 243 -17.36 -32.25 20.20
CA VAL C 243 -16.39 -31.16 20.10
C VAL C 243 -15.13 -31.69 19.43
N MET C 244 -14.65 -30.96 18.41
CA MET C 244 -13.47 -31.35 17.65
C MET C 244 -12.51 -30.17 17.56
N MET C 245 -11.22 -30.45 17.69
CA MET C 245 -10.18 -29.43 17.65
C MET C 245 -9.04 -29.89 16.75
N PHE C 246 -8.51 -28.95 15.96
CA PHE C 246 -7.47 -29.25 14.99
C PHE C 246 -6.39 -28.18 15.02
N SER C 247 -5.14 -28.61 14.87
CA SER C 247 -4.00 -27.70 14.76
C SER C 247 -2.77 -28.52 14.36
N ALA C 248 -1.88 -27.88 13.61
CA ALA C 248 -0.60 -28.51 13.29
C ALA C 248 0.35 -28.46 14.46
N THR C 249 0.10 -27.58 15.44
CA THR C 249 0.95 -27.40 16.60
C THR C 249 0.06 -27.51 17.82
N LEU C 250 0.26 -28.57 18.60
CA LEU C 250 -0.43 -28.75 19.87
C LEU C 250 0.65 -29.08 20.91
N SER C 251 1.27 -28.04 21.45
CA SER C 251 2.32 -28.22 22.43
C SER C 251 1.77 -28.82 23.72
N GLN C 252 2.69 -29.29 24.57
CA GLN C 252 2.32 -29.89 25.84
C GLN C 252 1.63 -28.89 26.76
N GLU C 253 1.87 -27.60 26.55
CA GLU C 253 1.31 -26.56 27.40
C GLU C 253 -0.13 -26.18 27.06
N ILE C 254 -0.59 -26.46 25.83
CA ILE C 254 -1.95 -26.08 25.44
C ILE C 254 -2.93 -27.25 25.54
N ARG C 255 -2.45 -28.49 25.50
CA ARG C 255 -3.35 -29.64 25.54
C ARG C 255 -4.22 -29.72 26.78
N PRO C 256 -3.73 -29.46 28.00
CA PRO C 256 -4.65 -29.44 29.16
C PRO C 256 -5.77 -28.42 29.01
N ILE C 257 -5.47 -27.24 28.44
CA ILE C 257 -6.50 -26.25 28.20
C ILE C 257 -7.53 -26.76 27.21
N CYS C 258 -7.08 -27.52 26.20
CA CYS C 258 -8.01 -28.08 25.22
C CYS C 258 -8.96 -29.09 25.87
N ARG C 259 -8.40 -30.00 26.69
CA ARG C 259 -9.17 -31.10 27.28
C ARG C 259 -10.35 -30.64 28.11
N ARG C 260 -10.37 -29.39 28.56
CA ARG C 260 -11.49 -28.91 29.35
C ARG C 260 -12.74 -28.69 28.51
N PHE C 261 -12.65 -28.89 27.20
CA PHE C 261 -13.79 -28.87 26.31
C PHE C 261 -14.16 -30.24 25.77
N LEU C 262 -13.31 -31.26 25.91
CA LEU C 262 -13.59 -32.59 25.41
C LEU C 262 -14.02 -33.52 26.54
N GLN C 263 -14.61 -34.64 26.14
CA GLN C 263 -15.06 -35.70 27.05
C GLN C 263 -14.68 -37.03 26.42
N ASN C 264 -13.69 -37.71 27.00
CA ASN C 264 -13.11 -38.93 26.48
C ASN C 264 -12.85 -38.81 24.97
N PRO C 265 -11.95 -37.92 24.55
CA PRO C 265 -11.75 -37.66 23.14
C PRO C 265 -10.76 -38.63 22.50
N LEU C 266 -10.95 -38.83 21.19
CA LEU C 266 -9.93 -39.47 20.38
C LEU C 266 -8.82 -38.46 20.13
N GLU C 267 -7.60 -38.79 20.56
CA GLU C 267 -6.48 -37.87 20.54
C GLU C 267 -5.43 -38.39 19.56
N ILE C 268 -5.18 -37.62 18.52
CA ILE C 268 -4.19 -37.93 17.51
C ILE C 268 -3.08 -36.89 17.60
N PHE C 269 -1.88 -37.32 17.96
CA PHE C 269 -0.77 -36.41 18.20
C PHE C 269 0.42 -36.76 17.33
N VAL C 270 1.27 -35.76 17.14
CA VAL C 270 2.61 -35.98 16.61
C VAL C 270 3.55 -35.54 17.72
N GLY C 280 10.43 -36.01 -7.15
CA GLY C 280 9.78 -35.49 -8.32
C GLY C 280 10.14 -34.06 -8.65
N LEU C 281 11.09 -33.47 -7.93
CA LEU C 281 11.48 -32.08 -8.14
C LEU C 281 12.82 -32.04 -8.87
N GLN C 282 12.82 -31.53 -10.10
CA GLN C 282 14.04 -31.35 -10.86
C GLN C 282 14.65 -30.00 -10.52
N GLN C 283 15.92 -30.01 -10.13
CA GLN C 283 16.60 -28.80 -9.67
C GLN C 283 17.78 -28.47 -10.58
N TYR C 284 17.81 -27.23 -11.06
CA TYR C 284 18.90 -26.72 -11.88
C TYR C 284 19.32 -25.35 -11.39
N TYR C 285 20.47 -24.91 -11.86
CA TYR C 285 20.95 -23.56 -11.59
C TYR C 285 21.52 -22.97 -12.87
N ILE C 286 21.52 -21.65 -12.93
CA ILE C 286 22.07 -20.91 -14.07
C ILE C 286 23.04 -19.88 -13.52
N LYS C 287 24.29 -19.94 -13.98
CA LYS C 287 25.33 -19.02 -13.56
C LYS C 287 25.38 -17.88 -14.59
N LEU C 288 25.00 -16.69 -14.13
CA LEU C 288 24.82 -15.53 -15.00
C LEU C 288 25.17 -14.29 -14.20
N GLU C 289 25.08 -13.15 -14.86
CA GLU C 289 25.38 -11.87 -14.24
C GLU C 289 24.05 -11.16 -14.00
N GLU C 290 24.05 -10.17 -13.11
CA GLU C 290 22.79 -9.53 -12.67
C GLU C 290 22.04 -8.85 -13.82
N ARG C 291 22.78 -8.27 -14.77
CA ARG C 291 22.20 -7.57 -15.92
C ARG C 291 21.58 -8.55 -16.91
N GLU C 292 21.85 -9.84 -16.78
CA GLU C 292 21.32 -10.85 -17.70
C GLU C 292 20.11 -11.59 -17.15
N LYS C 293 19.70 -11.30 -15.91
CA LYS C 293 18.60 -12.02 -15.28
C LYS C 293 17.27 -11.72 -15.96
N ASN C 294 17.02 -10.46 -16.31
CA ASN C 294 15.72 -10.09 -16.86
C ASN C 294 15.47 -10.78 -18.20
N ARG C 295 16.46 -10.74 -19.10
CA ARG C 295 16.28 -11.35 -20.41
C ARG C 295 16.26 -12.87 -20.32
N LYS C 296 17.01 -13.45 -19.40
CA LYS C 296 17.03 -14.91 -19.29
C LYS C 296 15.73 -15.43 -18.67
N LEU C 297 15.19 -14.71 -17.68
CA LEU C 297 13.91 -15.10 -17.09
C LEU C 297 12.78 -15.02 -18.11
N ALA C 298 12.74 -13.93 -18.89
CA ALA C 298 11.69 -13.79 -19.90
C ALA C 298 11.75 -14.91 -20.91
N GLN C 299 12.96 -15.33 -21.27
CA GLN C 299 13.13 -16.46 -22.19
C GLN C 299 12.69 -17.75 -21.52
N LEU C 300 13.05 -17.95 -20.25
CA LEU C 300 12.66 -19.15 -19.53
C LEU C 300 11.14 -19.28 -19.47
N LEU C 301 10.45 -18.18 -19.18
CA LEU C 301 9.00 -18.23 -19.10
C LEU C 301 8.33 -18.40 -20.46
N ASP C 302 9.04 -18.12 -21.55
CA ASP C 302 8.49 -18.34 -22.88
C ASP C 302 8.72 -19.75 -23.38
N ASP C 303 9.79 -20.41 -22.95
CA ASP C 303 10.15 -21.73 -23.43
C ASP C 303 9.65 -22.84 -22.53
N LEU C 304 9.87 -22.74 -21.22
CA LEU C 304 9.39 -23.75 -20.30
C LEU C 304 7.86 -23.79 -20.31
N GLU C 305 7.32 -24.98 -20.08
CA GLU C 305 5.87 -25.20 -20.06
C GLU C 305 5.48 -25.43 -18.59
N PHE C 306 4.94 -24.40 -17.97
CA PHE C 306 4.54 -24.45 -16.57
C PHE C 306 3.05 -24.12 -16.44
N ASN C 307 2.47 -24.58 -15.34
CA ASN C 307 1.09 -24.21 -15.01
C ASN C 307 1.06 -22.85 -14.30
N GLN C 308 1.71 -22.76 -13.14
CA GLN C 308 1.93 -21.51 -12.45
C GLN C 308 3.36 -21.49 -11.94
N VAL C 309 3.93 -20.29 -11.83
CA VAL C 309 5.31 -20.11 -11.44
C VAL C 309 5.38 -19.12 -10.28
N ILE C 310 6.26 -19.41 -9.33
CA ILE C 310 6.58 -18.49 -8.24
C ILE C 310 8.04 -18.08 -8.40
N ILE C 311 8.30 -16.77 -8.28
CA ILE C 311 9.63 -16.22 -8.48
C ILE C 311 10.03 -15.50 -7.19
N PHE C 312 11.09 -15.96 -6.56
CA PHE C 312 11.51 -15.45 -5.26
C PHE C 312 12.59 -14.40 -5.42
N VAL C 313 12.41 -13.27 -4.75
CA VAL C 313 13.33 -12.14 -4.79
C VAL C 313 13.74 -11.81 -3.36
N LYS C 314 14.91 -11.16 -3.23
CA LYS C 314 15.50 -10.89 -1.93
C LYS C 314 15.07 -9.56 -1.32
N SER C 315 14.30 -8.75 -2.03
CA SER C 315 13.86 -7.47 -1.48
C SER C 315 12.51 -7.10 -2.07
N THR C 316 11.85 -6.12 -1.45
CA THR C 316 10.53 -5.69 -1.91
C THR C 316 10.66 -4.77 -3.13
N THR C 317 11.68 -3.90 -3.14
CA THR C 317 11.88 -3.04 -4.30
C THR C 317 12.12 -3.85 -5.57
N ARG C 318 12.91 -4.92 -5.46
CA ARG C 318 13.14 -5.75 -6.63
C ARG C 318 11.91 -6.55 -7.03
N ALA C 319 11.02 -6.84 -6.07
CA ALA C 319 9.77 -7.52 -6.39
C ALA C 319 8.84 -6.62 -7.22
N ASN C 320 8.66 -5.37 -6.79
CA ASN C 320 7.73 -4.48 -7.51
C ASN C 320 8.29 -4.08 -8.87
N GLU C 321 9.60 -3.90 -8.98
CA GLU C 321 10.17 -3.49 -10.26
C GLU C 321 10.18 -4.64 -11.25
N LEU C 322 10.45 -5.86 -10.78
CA LEU C 322 10.40 -7.02 -11.66
C LEU C 322 8.99 -7.31 -12.13
N THR C 323 8.01 -7.20 -11.22
CA THR C 323 6.63 -7.46 -11.59
C THR C 323 6.13 -6.42 -12.59
N LYS C 324 6.61 -5.17 -12.47
CA LYS C 324 6.20 -4.12 -13.39
C LYS C 324 6.74 -4.39 -14.79
N LEU C 325 7.97 -4.92 -14.88
CA LEU C 325 8.55 -5.25 -16.18
C LEU C 325 7.90 -6.49 -16.80
N LEU C 326 7.44 -7.43 -15.96
CA LEU C 326 6.75 -8.60 -16.47
C LEU C 326 5.41 -8.22 -17.09
N ASN C 327 4.65 -7.36 -16.42
CA ASN C 327 3.37 -6.93 -16.97
C ASN C 327 3.55 -6.10 -18.23
N ALA C 328 4.67 -5.38 -18.35
CA ALA C 328 4.92 -4.59 -19.55
C ALA C 328 5.29 -5.46 -20.74
N SER C 329 5.86 -6.64 -20.50
CA SER C 329 6.32 -7.54 -21.56
C SER C 329 5.35 -8.68 -21.84
N ASN C 330 4.04 -8.46 -21.62
CA ASN C 330 3.02 -9.49 -21.83
C ASN C 330 3.31 -10.75 -21.02
N PHE C 331 3.78 -10.56 -19.78
CA PHE C 331 3.86 -11.61 -18.78
C PHE C 331 3.03 -11.18 -17.57
N PRO C 332 1.71 -11.42 -17.60
CA PRO C 332 0.85 -10.95 -16.49
C PRO C 332 1.25 -11.58 -15.17
N ALA C 333 1.60 -10.72 -14.21
CA ALA C 333 2.11 -11.18 -12.92
C ALA C 333 1.56 -10.29 -11.81
N ILE C 334 1.57 -10.85 -10.59
CA ILE C 334 1.25 -10.11 -9.38
C ILE C 334 2.42 -10.25 -8.41
N THR C 335 2.42 -9.42 -7.37
CA THR C 335 3.48 -9.47 -6.37
C THR C 335 2.90 -9.33 -4.97
N VAL C 336 3.48 -10.08 -4.03
CA VAL C 336 3.08 -10.04 -2.62
C VAL C 336 4.35 -9.95 -1.78
N HIS C 337 4.37 -9.00 -0.83
CA HIS C 337 5.52 -8.80 0.05
C HIS C 337 5.08 -7.88 1.18
N GLY C 338 6.02 -7.59 2.08
CA GLY C 338 5.82 -6.55 3.07
C GLY C 338 5.75 -5.18 2.41
N HIS C 339 5.72 -4.14 3.26
CA HIS C 339 5.61 -2.76 2.79
C HIS C 339 4.35 -2.51 1.97
N MET C 340 3.36 -3.39 2.08
CA MET C 340 2.14 -3.29 1.30
C MET C 340 0.94 -3.38 2.23
N LYS C 341 -0.11 -2.63 1.89
CA LYS C 341 -1.36 -2.72 2.63
C LYS C 341 -1.90 -4.13 2.58
N GLN C 342 -2.35 -4.63 3.74
CA GLN C 342 -2.77 -6.02 3.79
C GLN C 342 -4.05 -6.26 2.99
N GLU C 343 -4.87 -5.22 2.84
CA GLU C 343 -5.99 -5.32 1.91
C GLU C 343 -5.51 -5.68 0.52
N GLU C 344 -4.33 -5.18 0.14
CA GLU C 344 -3.78 -5.46 -1.18
C GLU C 344 -3.02 -6.78 -1.21
N ARG C 345 -2.29 -7.11 -0.14
CA ARG C 345 -1.58 -8.38 -0.08
C ARG C 345 -2.53 -9.56 -0.24
N ILE C 346 -3.68 -9.51 0.42
CA ILE C 346 -4.63 -10.61 0.35
C ILE C 346 -5.33 -10.65 -1.00
N ALA C 347 -5.66 -9.48 -1.55
CA ALA C 347 -6.36 -9.42 -2.83
C ALA C 347 -5.55 -10.09 -3.94
N ARG C 348 -4.24 -9.89 -3.93
CA ARG C 348 -3.39 -10.53 -4.94
C ARG C 348 -3.12 -11.98 -4.62
N TYR C 349 -3.05 -12.31 -3.33
CA TYR C 349 -2.92 -13.70 -2.94
C TYR C 349 -4.07 -14.53 -3.49
N LYS C 350 -5.29 -14.00 -3.39
CA LYS C 350 -6.44 -14.73 -3.92
C LYS C 350 -6.43 -14.76 -5.44
N ALA C 351 -6.00 -13.66 -6.08
CA ALA C 351 -5.93 -13.62 -7.53
C ALA C 351 -4.95 -14.67 -8.08
N PHE C 352 -3.83 -14.87 -7.40
CA PHE C 352 -2.87 -15.88 -7.82
C PHE C 352 -3.32 -17.28 -7.42
N LYS C 353 -3.90 -17.42 -6.22
CA LYS C 353 -4.38 -18.71 -5.77
C LYS C 353 -5.53 -19.21 -6.63
N ASP C 354 -6.41 -18.31 -7.08
CA ASP C 354 -7.55 -18.68 -7.91
C ASP C 354 -7.24 -18.61 -9.41
N PHE C 355 -5.96 -18.65 -9.78
CA PHE C 355 -5.53 -18.86 -11.17
C PHE C 355 -5.96 -17.74 -12.10
N GLU C 356 -6.01 -16.49 -11.64
CA GLU C 356 -6.30 -15.41 -12.57
C GLU C 356 -5.04 -14.95 -13.30
N LYS C 357 -3.87 -15.16 -12.70
CA LYS C 357 -2.59 -14.91 -13.34
C LYS C 357 -1.65 -16.05 -12.98
N ARG C 358 -0.81 -16.45 -13.93
CA ARG C 358 0.01 -17.63 -13.75
C ARG C 358 1.36 -17.35 -13.12
N ILE C 359 1.71 -16.07 -12.92
CA ILE C 359 3.04 -15.68 -12.45
C ILE C 359 2.89 -14.87 -11.17
N CYS C 360 3.70 -15.19 -10.17
CA CYS C 360 3.74 -14.45 -8.91
C CYS C 360 5.19 -14.20 -8.52
N VAL C 361 5.52 -12.95 -8.27
CA VAL C 361 6.84 -12.54 -7.78
C VAL C 361 6.69 -12.13 -6.33
N SER C 362 7.51 -12.71 -5.45
CA SER C 362 7.38 -12.42 -4.05
C SER C 362 8.71 -12.58 -3.34
N THR C 363 8.78 -12.04 -2.14
CA THR C 363 9.93 -12.23 -1.26
C THR C 363 9.74 -13.54 -0.51
N ASP C 364 10.47 -13.72 0.58
CA ASP C 364 10.29 -14.94 1.35
C ASP C 364 8.96 -14.98 2.12
N VAL C 365 8.08 -13.99 1.91
CA VAL C 365 6.75 -14.02 2.51
C VAL C 365 5.98 -15.25 2.06
N PHE C 366 6.29 -15.77 0.87
CA PHE C 366 5.70 -17.01 0.37
C PHE C 366 6.71 -18.15 0.37
N GLY C 367 7.85 -17.99 1.05
CA GLY C 367 8.88 -19.01 1.01
C GLY C 367 8.49 -20.29 1.73
N ARG C 368 7.66 -20.19 2.74
CA ARG C 368 7.26 -21.35 3.55
C ARG C 368 5.75 -21.52 3.53
N GLY C 369 5.33 -22.79 3.62
CA GLY C 369 3.95 -23.12 3.93
C GLY C 369 2.92 -22.96 2.83
N ILE C 370 3.06 -21.94 1.98
CA ILE C 370 2.05 -21.65 0.98
C ILE C 370 1.86 -22.85 0.07
N ASP C 371 0.60 -23.24 -0.12
CA ASP C 371 0.25 -24.44 -0.90
C ASP C 371 -0.70 -24.02 -2.03
N ILE C 372 -0.17 -23.99 -3.25
CA ILE C 372 -0.95 -23.75 -4.46
C ILE C 372 -0.63 -24.88 -5.43
N GLU C 373 -1.64 -25.68 -5.78
CA GLU C 373 -1.39 -26.94 -6.47
C GLU C 373 -0.93 -26.75 -7.91
N ARG C 374 -1.21 -25.60 -8.52
CA ARG C 374 -0.79 -25.37 -9.90
C ARG C 374 0.65 -24.90 -10.03
N ILE C 375 1.38 -24.72 -8.92
CA ILE C 375 2.77 -24.30 -8.99
C ILE C 375 3.63 -25.52 -9.28
N ASN C 376 4.17 -25.60 -10.49
CA ASN C 376 5.12 -26.64 -10.86
C ASN C 376 6.46 -26.06 -11.30
N LEU C 377 6.67 -24.76 -11.10
CA LEU C 377 7.92 -24.10 -11.46
C LEU C 377 8.23 -23.05 -10.41
N ALA C 378 9.39 -23.18 -9.76
CA ALA C 378 9.87 -22.20 -8.80
C ALA C 378 11.23 -21.70 -9.27
N ILE C 379 11.38 -20.39 -9.36
CA ILE C 379 12.60 -19.78 -9.87
C ILE C 379 13.20 -18.90 -8.78
N ASN C 380 14.42 -19.22 -8.37
CA ASN C 380 15.17 -18.39 -7.42
C ASN C 380 15.87 -17.31 -8.22
N TYR C 381 15.15 -16.21 -8.44
CA TYR C 381 15.75 -15.06 -9.10
C TYR C 381 16.92 -14.51 -8.28
N ASP C 382 16.77 -14.51 -6.97
CA ASP C 382 17.86 -14.21 -6.03
C ASP C 382 17.96 -15.40 -5.09
N LEU C 383 19.17 -15.91 -4.92
CA LEU C 383 19.36 -17.03 -4.03
C LEU C 383 19.33 -16.59 -2.58
N THR C 384 19.09 -17.55 -1.69
CA THR C 384 18.99 -17.30 -0.25
C THR C 384 20.38 -17.24 0.37
N ASN C 385 20.40 -16.87 1.65
CA ASN C 385 21.65 -16.85 2.42
C ASN C 385 22.02 -18.22 2.99
N GLU C 386 21.03 -19.06 3.28
CA GLU C 386 21.29 -20.36 3.89
C GLU C 386 20.38 -21.40 3.23
N ALA C 387 20.83 -22.66 3.29
CA ALA C 387 20.18 -23.75 2.56
C ALA C 387 18.75 -24.02 3.02
N ASP C 388 18.45 -23.82 4.31
CA ASP C 388 17.12 -24.16 4.82
C ASP C 388 16.03 -23.41 4.08
N GLN C 389 16.21 -22.10 3.89
CA GLN C 389 15.18 -21.33 3.18
C GLN C 389 15.05 -21.76 1.73
N TYR C 390 16.15 -22.22 1.12
CA TYR C 390 16.09 -22.72 -0.25
C TYR C 390 15.17 -23.93 -0.36
N LEU C 391 15.25 -24.85 0.61
CA LEU C 391 14.44 -26.06 0.53
C LEU C 391 12.96 -25.75 0.67
N HIS C 392 12.62 -24.78 1.52
CA HIS C 392 11.23 -24.36 1.63
C HIS C 392 10.78 -23.63 0.38
N ARG C 393 11.65 -22.82 -0.22
CA ARG C 393 11.30 -22.10 -1.44
C ARG C 393 10.93 -23.06 -2.56
N VAL C 394 11.84 -23.97 -2.91
CA VAL C 394 11.56 -24.93 -3.96
C VAL C 394 10.42 -25.87 -3.59
N GLY C 395 10.12 -26.00 -2.30
CA GLY C 395 8.99 -26.81 -1.86
C GLY C 395 7.63 -26.29 -2.28
N ARG C 396 7.53 -25.03 -2.73
CA ARG C 396 6.26 -24.51 -3.19
C ARG C 396 5.80 -25.17 -4.48
N ALA C 397 6.69 -25.84 -5.19
CA ALA C 397 6.37 -26.51 -6.44
C ALA C 397 6.35 -28.02 -6.23
N GLY C 398 5.51 -28.69 -7.01
CA GLY C 398 5.38 -30.12 -6.88
C GLY C 398 4.75 -30.54 -5.56
N ARG C 399 3.62 -29.94 -5.22
CA ARG C 399 2.96 -30.21 -3.94
C ARG C 399 2.44 -31.64 -3.91
N PHE C 400 2.54 -32.27 -2.74
CA PHE C 400 2.11 -33.65 -2.52
C PHE C 400 2.78 -34.62 -3.49
N GLY C 401 4.11 -34.52 -3.58
CA GLY C 401 4.88 -35.48 -4.34
C GLY C 401 4.62 -35.50 -5.83
N THR C 402 4.12 -34.40 -6.39
CA THR C 402 3.90 -34.30 -7.83
C THR C 402 5.16 -33.75 -8.51
N LYS C 403 5.09 -33.63 -9.83
CA LYS C 403 6.25 -33.23 -10.62
C LYS C 403 6.47 -31.74 -10.53
N GLY C 404 7.74 -31.33 -10.52
CA GLY C 404 8.05 -29.91 -10.45
C GLY C 404 9.44 -29.62 -10.97
N LEU C 405 9.73 -28.35 -11.13
CA LEU C 405 11.01 -27.90 -11.67
C LEU C 405 11.46 -26.64 -10.95
N ALA C 406 12.71 -26.63 -10.48
CA ALA C 406 13.29 -25.52 -9.75
C ALA C 406 14.55 -25.04 -10.46
N ILE C 407 14.66 -23.73 -10.64
CA ILE C 407 15.82 -23.12 -11.30
C ILE C 407 16.26 -21.93 -10.47
N SER C 408 17.55 -21.87 -10.14
CA SER C 408 18.10 -20.80 -9.32
C SER C 408 19.13 -20.01 -10.12
N PHE C 409 19.16 -18.70 -9.91
CA PHE C 409 20.13 -17.83 -10.55
C PHE C 409 21.35 -17.66 -9.64
N VAL C 410 22.52 -17.95 -10.18
CA VAL C 410 23.78 -17.78 -9.47
C VAL C 410 24.49 -16.60 -10.14
N SER C 411 24.50 -15.45 -9.47
CA SER C 411 25.01 -14.22 -10.07
C SER C 411 26.13 -13.58 -9.25
N SER C 412 26.58 -14.22 -8.18
CA SER C 412 27.64 -13.65 -7.36
C SER C 412 28.35 -14.76 -6.59
N LYS C 413 29.33 -14.35 -5.79
CA LYS C 413 30.10 -15.34 -5.03
C LYS C 413 29.23 -16.15 -4.06
N GLU C 414 28.43 -15.53 -3.16
CA GLU C 414 27.67 -16.43 -2.27
C GLU C 414 26.63 -17.28 -2.93
N ASP C 415 26.16 -16.89 -4.09
CA ASP C 415 25.25 -17.81 -4.70
C ASP C 415 25.99 -19.12 -4.90
N GLU C 416 27.31 -19.05 -5.15
CA GLU C 416 28.09 -20.26 -5.39
C GLU C 416 28.43 -21.04 -4.11
N GLU C 417 28.76 -20.37 -3.01
CA GLU C 417 28.94 -21.13 -1.78
C GLU C 417 27.61 -21.62 -1.19
N VAL C 418 26.51 -20.86 -1.31
CA VAL C 418 25.25 -21.37 -0.76
C VAL C 418 24.74 -22.52 -1.62
N LEU C 419 24.89 -22.41 -2.94
CA LEU C 419 24.60 -23.56 -3.80
C LEU C 419 25.55 -24.71 -3.49
N ALA C 420 26.81 -24.39 -3.17
CA ALA C 420 27.74 -25.40 -2.72
C ALA C 420 27.29 -26.05 -1.43
N LYS C 421 26.73 -25.29 -0.49
CA LYS C 421 26.36 -25.88 0.80
C LYS C 421 25.02 -26.59 0.74
N ILE C 422 24.20 -26.35 -0.28
CA ILE C 422 22.93 -27.07 -0.39
C ILE C 422 23.14 -28.53 -0.76
N GLN C 423 24.08 -28.80 -1.66
CA GLN C 423 24.20 -30.16 -2.15
C GLN C 423 24.76 -31.10 -1.08
N GLU C 424 25.72 -30.69 -0.22
CA GLU C 424 26.07 -31.72 0.76
C GLU C 424 24.89 -31.99 1.70
N ARG C 425 24.11 -30.95 2.09
CA ARG C 425 23.06 -31.14 3.10
C ARG C 425 21.98 -32.12 2.66
N PHE C 426 21.54 -32.05 1.39
CA PHE C 426 20.42 -32.85 0.92
C PHE C 426 20.78 -33.96 -0.08
N ASP C 427 22.07 -34.31 -0.29
CA ASP C 427 22.29 -35.03 -1.56
C ASP C 427 21.50 -34.70 -2.78
N VAL C 428 21.67 -33.56 -3.33
CA VAL C 428 21.09 -33.36 -4.63
C VAL C 428 22.17 -32.78 -5.49
N LYS C 429 22.27 -33.24 -6.71
CA LYS C 429 23.20 -32.65 -7.65
C LYS C 429 22.34 -31.68 -8.42
N ILE C 430 22.46 -30.39 -8.08
CA ILE C 430 21.70 -29.38 -8.79
C ILE C 430 22.52 -29.12 -10.04
N ALA C 431 22.13 -29.77 -11.14
CA ALA C 431 22.90 -29.66 -12.36
C ALA C 431 22.81 -28.25 -12.93
N GLU C 432 23.81 -27.90 -13.74
CA GLU C 432 23.74 -26.65 -14.46
C GLU C 432 22.74 -26.81 -15.60
N PHE C 433 21.87 -25.83 -15.74
CA PHE C 433 20.81 -25.90 -16.75
C PHE C 433 21.45 -26.08 -18.13
N PRO C 434 21.14 -27.16 -18.84
CA PRO C 434 21.81 -27.41 -20.13
C PRO C 434 21.47 -26.31 -21.13
N GLU C 435 22.47 -25.92 -21.92
CA GLU C 435 22.25 -24.83 -22.87
C GLU C 435 21.24 -25.21 -23.94
N GLU C 436 21.11 -26.50 -24.26
CA GLU C 436 20.12 -26.94 -25.22
C GLU C 436 18.71 -27.02 -24.65
N GLY C 437 18.52 -26.67 -23.38
CA GLY C 437 17.22 -26.78 -22.76
C GLY C 437 16.93 -28.19 -22.30
N ILE C 438 15.78 -28.33 -21.62
CA ILE C 438 15.37 -29.61 -21.06
C ILE C 438 14.07 -30.08 -21.72
N ASP C 439 13.88 -31.39 -21.71
CA ASP C 439 12.69 -32.03 -22.25
C ASP C 439 11.46 -31.66 -21.42
N PRO C 440 10.35 -31.30 -22.05
CA PRO C 440 9.13 -31.04 -21.27
C PRO C 440 8.64 -32.25 -20.49
N SER C 441 8.91 -33.47 -20.98
CA SER C 441 8.41 -34.68 -20.32
C SER C 441 9.09 -34.92 -18.98
N THR C 442 10.33 -34.50 -18.85
CA THR C 442 11.11 -34.64 -17.61
C THR C 442 10.60 -33.78 -16.47
N TYR C 443 9.60 -32.92 -16.68
CA TYR C 443 8.99 -32.23 -15.55
C TYR C 443 7.49 -32.06 -15.71
N LEU C 444 6.84 -32.89 -16.53
CA LEU C 444 5.39 -32.83 -16.69
C LEU C 444 4.73 -34.15 -16.32
N UNK D 1 -27.08 22.29 -26.94
CA UNK D 1 -28.07 22.46 -25.88
C UNK D 1 -29.37 21.82 -26.35
N UNK D 2 -30.06 21.17 -25.41
CA UNK D 2 -31.31 20.50 -25.67
C UNK D 2 -32.38 21.41 -26.27
N UNK D 3 -32.94 21.03 -27.42
CA UNK D 3 -33.99 21.82 -28.02
C UNK D 3 -35.33 21.10 -27.81
N UNK D 4 -35.33 19.78 -27.99
CA UNK D 4 -36.54 18.99 -27.82
C UNK D 4 -36.26 17.59 -27.27
N UNK D 5 -37.27 17.01 -26.63
CA UNK D 5 -37.19 15.66 -26.10
C UNK D 5 -38.39 15.00 -26.77
N UNK D 6 -38.14 13.91 -27.51
CA UNK D 6 -39.21 13.23 -28.21
C UNK D 6 -39.59 11.92 -27.52
N UNK D 7 -40.82 11.85 -27.03
CA UNK D 7 -41.32 10.66 -26.34
C UNK D 7 -42.37 9.96 -27.18
N UNK D 8 -33.47 1.88 -30.15
CA UNK D 8 -32.26 1.20 -30.59
C UNK D 8 -31.39 2.02 -31.55
N UNK D 9 -32.02 2.85 -32.36
CA UNK D 9 -31.26 3.63 -33.33
C UNK D 9 -31.99 4.85 -33.88
N UNK D 10 -31.23 5.89 -34.18
CA UNK D 10 -31.80 7.11 -34.77
C UNK D 10 -30.94 7.52 -35.96
N UNK D 11 -31.60 7.97 -37.03
CA UNK D 11 -30.89 8.39 -38.24
C UNK D 11 -31.60 9.56 -38.90
N UNK D 12 -30.83 10.57 -39.32
CA UNK D 12 -31.39 11.73 -39.99
C UNK D 12 -31.56 11.41 -41.46
N UNK D 13 -32.64 11.87 -42.07
CA UNK D 13 -32.84 11.65 -43.48
C UNK D 13 -31.78 12.51 -44.15
N UNK D 14 -34.73 16.87 -43.24
CA UNK D 14 -35.98 17.23 -42.60
C UNK D 14 -36.52 16.21 -41.59
N UNK D 15 -36.11 14.95 -41.73
CA UNK D 15 -36.60 13.91 -40.83
C UNK D 15 -35.57 13.19 -39.96
N UNK D 16 -36.06 12.66 -38.84
CA UNK D 16 -35.28 11.84 -37.96
C UNK D 16 -36.08 10.55 -37.84
N UNK D 17 -35.46 9.42 -38.15
CA UNK D 17 -36.13 8.14 -38.05
C UNK D 17 -35.59 7.44 -36.81
N UNK D 18 -36.47 6.75 -36.10
CA UNK D 18 -36.06 6.04 -34.91
C UNK D 18 -36.63 4.62 -34.92
N UNK D 19 -35.83 3.68 -34.44
CA UNK D 19 -36.22 2.29 -34.34
C UNK D 19 -36.19 1.93 -32.86
N UNK D 20 -36.99 0.95 -32.47
CA UNK D 20 -37.03 0.57 -31.06
C UNK D 20 -37.29 -0.91 -30.83
N UNK D 21 -40.70 -2.79 -31.53
CA UNK D 21 -41.07 -3.26 -32.87
C UNK D 21 -41.56 -2.16 -33.80
N UNK D 22 -41.40 -0.91 -33.38
CA UNK D 22 -41.85 0.22 -34.18
C UNK D 22 -40.75 1.14 -34.68
N UNK D 23 -41.09 1.85 -35.75
CA UNK D 23 -40.22 2.85 -36.35
C UNK D 23 -41.07 4.10 -36.33
N UNK D 24 -40.53 5.18 -35.79
CA UNK D 24 -41.27 6.43 -35.74
C UNK D 24 -40.52 7.50 -36.52
N UNK D 25 -41.29 8.40 -37.12
CA UNK D 25 -40.73 9.49 -37.92
C UNK D 25 -40.98 10.82 -37.20
N UNK D 26 -39.95 11.64 -37.10
CA UNK D 26 -40.08 12.91 -36.41
C UNK D 26 -39.52 14.06 -37.23
N UNK D 27 -40.00 15.26 -36.95
CA UNK D 27 -39.51 16.44 -37.65
C UNK D 27 -38.19 16.84 -37.01
N UNK D 28 -41.56 17.55 -33.91
CA UNK D 28 -42.96 17.12 -34.07
C UNK D 28 -43.10 15.70 -34.61
N UNK D 29 -43.81 14.88 -33.85
CA UNK D 29 -44.07 13.50 -34.26
C UNK D 29 -44.77 13.54 -35.61
N UNK D 30 -44.37 12.66 -36.52
CA UNK D 30 -44.94 12.63 -37.86
C UNK D 30 -45.78 11.38 -38.11
N UNK D 31 -45.23 10.21 -37.79
CA UNK D 31 -45.97 8.97 -37.99
C UNK D 31 -45.23 7.76 -37.42
N UNK D 32 -45.98 6.66 -37.29
CA UNK D 32 -45.44 5.40 -36.80
C UNK D 32 -45.56 4.41 -37.94
N UNK D 33 -44.54 3.58 -38.09
CA UNK D 33 -44.51 2.57 -39.15
C UNK D 33 -44.33 1.22 -38.46
N UNK D 34 -45.27 0.32 -38.69
CA UNK D 34 -45.24 -1.01 -38.07
C UNK D 34 -45.28 -2.16 -39.07
N UNK D 35 -33.31 -3.41 -34.39
CA UNK D 35 -32.02 -2.96 -33.89
C UNK D 35 -31.43 -1.81 -34.69
N UNK D 36 -31.89 -1.63 -35.93
CA UNK D 36 -31.33 -0.57 -36.76
C UNK D 36 -32.22 -0.18 -37.95
N UNK D 37 -32.06 1.05 -38.41
CA UNK D 37 -32.80 1.57 -39.55
C UNK D 37 -31.87 2.45 -40.38
N UNK D 38 -32.16 2.60 -41.66
CA UNK D 38 -31.33 3.41 -42.52
C UNK D 38 -32.13 4.01 -43.67
N UNK D 39 -31.78 5.22 -44.09
CA UNK D 39 -32.46 5.93 -45.16
C UNK D 39 -31.84 5.72 -46.54
N UNK D 40 -32.67 5.83 -47.57
CA UNK D 40 -32.17 5.74 -48.94
C UNK D 40 -31.67 7.16 -49.25
N UNK D 41 -30.81 7.28 -50.26
CA UNK D 41 -30.24 8.57 -50.63
C UNK D 41 -31.26 9.67 -50.90
N UNK D 42 -36.99 6.06 -49.04
CA UNK D 42 -37.07 4.70 -48.50
C UNK D 42 -36.35 4.54 -47.17
N UNK D 43 -36.75 3.52 -46.43
CA UNK D 43 -36.14 3.19 -45.15
C UNK D 43 -36.03 1.68 -45.07
N UNK D 44 -34.90 1.20 -44.56
CA UNK D 44 -34.75 -0.23 -44.38
C UNK D 44 -34.52 -0.48 -42.88
N UNK D 45 -35.10 -1.56 -42.36
CA UNK D 45 -34.97 -1.88 -40.95
C UNK D 45 -34.47 -3.29 -40.71
N UNK D 46 -33.74 -3.48 -39.62
CA UNK D 46 -33.17 -4.77 -39.23
C UNK D 46 -33.85 -5.22 -37.93
N UNK D 47 -34.42 -6.42 -37.94
CA UNK D 47 -35.15 -6.91 -36.78
C UNK D 47 -34.77 -8.29 -36.25
N UNK D 48 -35.58 -11.84 -37.73
CA UNK D 48 -34.68 -12.35 -38.77
C UNK D 48 -34.88 -11.76 -40.16
N UNK D 49 -35.65 -10.70 -40.27
CA UNK D 49 -35.86 -10.08 -41.57
C UNK D 49 -35.53 -8.61 -41.55
N UNK D 50 -35.41 -8.07 -42.75
CA UNK D 50 -35.19 -6.65 -42.94
C UNK D 50 -36.43 -6.26 -43.73
N UNK D 51 -36.89 -5.03 -43.56
CA UNK D 51 -38.05 -4.59 -44.31
C UNK D 51 -37.75 -3.24 -44.95
N UNK D 52 -38.13 -3.10 -46.21
CA UNK D 52 -37.93 -1.85 -46.94
C UNK D 52 -39.28 -1.13 -46.88
N UNK D 53 -39.25 0.13 -46.47
CA UNK D 53 -40.48 0.90 -46.32
C UNK D 53 -40.57 2.17 -47.15
N UNK D 54 -41.79 2.47 -47.60
CA UNK D 54 -42.02 3.69 -48.34
C UNK D 54 -42.40 4.66 -47.22
N UNK D 55 -41.51 5.59 -46.90
CA UNK D 55 -41.76 6.52 -45.81
C UNK D 55 -43.06 7.33 -45.97
N UNK D 56 -45.78 4.81 -45.53
CA UNK D 56 -45.51 4.06 -44.32
C UNK D 56 -45.72 2.57 -44.52
N UNK D 57 -45.79 2.13 -45.77
CA UNK D 57 -46.01 0.72 -46.01
C UNK D 57 -44.76 -0.07 -46.42
N UNK D 58 -44.80 -1.35 -46.10
CA UNK D 58 -43.70 -2.26 -46.39
C UNK D 58 -43.74 -2.60 -47.87
N UNK D 59 -42.63 -2.34 -48.56
CA UNK D 59 -42.52 -2.64 -49.98
C UNK D 59 -41.93 -4.02 -50.19
N UNK D 60 -41.04 -4.40 -49.29
CA UNK D 60 -40.38 -5.69 -49.40
C UNK D 60 -39.93 -6.17 -48.03
N UNK D 61 -39.93 -7.50 -47.87
CA UNK D 61 -39.45 -8.13 -46.65
C UNK D 61 -38.30 -8.96 -47.17
N UNK D 62 -37.11 -8.76 -46.61
CA UNK D 62 -35.93 -9.49 -47.05
C UNK D 62 -35.66 -10.66 -46.12
N UNK D 63 -35.80 -11.86 -46.67
CA UNK D 63 -35.60 -13.08 -45.92
C UNK D 63 -34.40 -13.89 -46.35
N UNK D 64 -33.63 -14.35 -45.37
CA UNK D 64 -32.44 -15.14 -45.65
C UNK D 64 -31.64 -15.42 -44.39
N UNK D 65 -29.04 -7.46 -37.19
CA UNK D 65 -28.57 -6.43 -36.27
C UNK D 65 -28.27 -5.06 -36.86
N UNK D 66 -27.76 -5.03 -38.08
CA UNK D 66 -27.39 -3.76 -38.69
C UNK D 66 -27.71 -3.71 -40.17
N UNK D 67 -27.90 -2.50 -40.70
CA UNK D 67 -28.22 -2.37 -42.11
C UNK D 67 -27.86 -1.00 -42.67
N UNK D 68 -27.75 -0.93 -43.99
CA UNK D 68 -27.39 0.31 -44.68
C UNK D 68 -27.62 0.22 -46.19
N UNK D 69 -27.98 1.35 -46.79
CA UNK D 69 -28.14 1.43 -48.24
C UNK D 69 -26.79 1.86 -48.76
N UNK D 70 -26.50 1.55 -50.02
CA UNK D 70 -25.25 2.03 -50.60
C UNK D 70 -25.65 3.41 -51.12
N UNK D 71 -29.49 1.15 -54.45
CA UNK D 71 -30.06 0.07 -55.23
C UNK D 71 -29.63 -1.23 -54.54
N UNK D 72 -28.81 -1.07 -53.51
CA UNK D 72 -28.31 -2.20 -52.75
C UNK D 72 -28.43 -1.94 -51.26
N UNK D 73 -28.58 -3.02 -50.51
CA UNK D 73 -28.67 -2.95 -49.07
C UNK D 73 -27.73 -3.97 -48.48
N UNK D 74 -27.02 -3.59 -47.44
CA UNK D 74 -26.11 -4.50 -46.78
C UNK D 74 -26.62 -4.75 -45.36
N UNK D 75 -26.58 -6.00 -44.92
CA UNK D 75 -27.06 -6.36 -43.61
C UNK D 75 -26.06 -7.23 -42.86
N UNK D 76 -26.11 -7.14 -41.53
CA UNK D 76 -25.22 -7.92 -40.68
C UNK D 76 -26.11 -8.64 -39.67
N UNK D 77 -25.80 -9.89 -39.39
CA UNK D 77 -26.63 -10.68 -38.47
C UNK D 77 -25.89 -11.47 -37.40
N UNK D 78 -23.77 -14.47 -38.08
CA UNK D 78 -22.38 -14.26 -38.47
C UNK D 78 -22.12 -13.90 -39.94
N UNK D 79 -23.18 -13.71 -40.71
CA UNK D 79 -23.00 -13.37 -42.10
C UNK D 79 -23.33 -11.91 -42.41
N UNK D 80 -22.89 -11.49 -43.59
CA UNK D 80 -23.16 -10.18 -44.12
C UNK D 80 -23.86 -10.53 -45.43
N UNK D 81 -25.03 -9.94 -45.66
CA UNK D 81 -25.75 -10.21 -46.90
C UNK D 81 -25.94 -8.93 -47.67
N UNK D 82 -25.90 -9.04 -49.00
CA UNK D 82 -26.08 -7.91 -49.89
C UNK D 82 -27.38 -8.15 -50.64
N UNK D 83 -28.32 -7.22 -50.53
CA UNK D 83 -29.61 -7.37 -51.16
C UNK D 83 -29.91 -6.37 -52.29
N UNK D 84 -30.67 -6.83 -53.27
CA UNK D 84 -31.08 -5.98 -54.38
C UNK D 84 -32.33 -5.24 -53.89
N UNK D 85 -34.28 -9.54 -53.57
CA UNK D 85 -33.52 -10.78 -53.64
C UNK D 85 -32.17 -10.61 -52.99
N UNK D 86 -31.64 -11.70 -52.44
CA UNK D 86 -30.32 -11.68 -51.81
C UNK D 86 -29.32 -12.04 -52.89
N UNK D 87 -28.42 -11.12 -53.19
CA UNK D 87 -27.41 -11.34 -54.23
C UNK D 87 -26.22 -12.12 -53.70
N UNK D 88 -25.73 -11.71 -52.53
CA UNK D 88 -24.58 -12.37 -51.95
C UNK D 88 -24.71 -12.57 -50.45
N UNK D 89 -24.16 -13.67 -49.97
CA UNK D 89 -24.12 -13.99 -48.55
C UNK D 89 -22.64 -14.19 -48.27
N UNK D 90 -22.07 -13.32 -47.43
CA UNK D 90 -20.67 -13.43 -47.09
C UNK D 90 -20.45 -14.02 -45.71
N UNK D 91 -19.61 -15.06 -45.61
CA UNK D 91 -19.28 -15.72 -44.35
C UNK D 91 -18.22 -14.81 -43.77
N UNK D 92 -21.77 -6.77 -35.77
CA UNK D 92 -22.26 -5.57 -35.09
C UNK D 92 -22.58 -4.38 -35.99
N UNK D 93 -21.90 -4.29 -37.13
CA UNK D 93 -22.12 -3.19 -38.04
C UNK D 93 -21.67 -3.45 -39.46
N UNK D 94 -22.31 -2.76 -40.39
CA UNK D 94 -22.00 -2.84 -41.81
C UNK D 94 -22.22 -1.45 -42.37
N UNK D 95 -21.33 -1.03 -43.26
CA UNK D 95 -21.44 0.30 -43.83
C UNK D 95 -20.74 0.38 -45.18
N UNK D 96 -21.31 1.14 -46.10
CA UNK D 96 -20.72 1.32 -47.43
C UNK D 96 -19.87 2.57 -47.41
N UNK D 97 -18.21 1.06 -53.50
CA UNK D 97 -17.41 -0.07 -53.95
C UNK D 97 -16.93 -0.93 -52.78
N UNK D 98 -16.98 -0.36 -51.58
CA UNK D 98 -16.54 -1.08 -50.38
C UNK D 98 -17.59 -1.16 -49.28
N UNK D 99 -17.42 -2.18 -48.44
CA UNK D 99 -18.28 -2.43 -47.28
C UNK D 99 -17.36 -2.70 -46.11
N UNK D 100 -17.65 -2.09 -44.96
CA UNK D 100 -16.86 -2.35 -43.78
C UNK D 100 -17.77 -3.07 -42.80
N UNK D 101 -17.29 -4.17 -42.24
CA UNK D 101 -18.04 -4.93 -41.27
C UNK D 101 -17.25 -5.05 -39.97
N UNK D 102 -17.96 -5.26 -38.86
CA UNK D 102 -17.33 -5.42 -37.56
C UNK D 102 -18.04 -6.57 -36.85
N UNK D 103 -17.32 -7.23 -35.94
CA UNK D 103 -17.91 -8.37 -35.25
C UNK D 103 -17.40 -8.61 -33.85
N UNK D 104 -13.97 -9.91 -32.83
CA UNK D 104 -12.83 -9.01 -32.65
C UNK D 104 -12.25 -8.46 -33.93
N UNK D 105 -12.88 -8.75 -35.06
CA UNK D 105 -12.38 -8.29 -36.34
C UNK D 105 -13.19 -7.20 -37.03
N UNK D 106 -12.51 -6.51 -37.93
CA UNK D 106 -13.10 -5.47 -38.76
C UNK D 106 -12.59 -5.84 -40.15
N UNK D 107 -13.50 -6.08 -41.08
CA UNK D 107 -13.11 -6.45 -42.44
C UNK D 107 -13.71 -5.52 -43.49
N UNK D 108 -12.94 -5.26 -44.54
CA UNK D 108 -13.40 -4.41 -45.62
C UNK D 108 -13.62 -5.33 -46.82
N UNK D 109 -14.79 -5.22 -47.42
CA UNK D 109 -15.17 -6.08 -48.54
C UNK D 109 -15.39 -5.38 -49.88
N UNK D 110 -15.12 -6.11 -50.95
CA UNK D 110 -15.33 -5.59 -52.30
C UNK D 110 -16.81 -5.83 -52.58
N UNK D 111 -13.09 -10.38 -49.55
CA UNK D 111 -12.46 -9.57 -48.50
C UNK D 111 -11.20 -8.88 -49.00
N UNK D 112 -11.19 -7.55 -48.95
CA UNK D 112 -10.02 -6.81 -49.39
C UNK D 112 -9.03 -6.62 -48.24
N UNK D 113 -9.53 -6.70 -47.01
CA UNK D 113 -8.65 -6.50 -45.88
C UNK D 113 -9.26 -6.77 -44.50
N UNK D 114 -8.44 -7.31 -43.61
CA UNK D 114 -8.86 -7.55 -42.24
C UNK D 114 -8.07 -6.47 -41.50
N UNK D 115 -8.71 -5.33 -41.32
CA UNK D 115 -8.13 -4.15 -40.69
C UNK D 115 -7.77 -4.33 -39.23
N UNK D 116 -8.73 -4.81 -38.44
CA UNK D 116 -8.47 -5.07 -37.03
C UNK D 116 -8.36 -6.58 -36.99
N UNK D 117 -7.15 -6.97 -36.63
CA UNK D 117 -6.64 -8.34 -36.58
C UNK D 117 -6.65 -9.08 -35.25
N UNK D 118 -14.21 -7.37 -28.61
CA UNK D 118 -15.30 -7.30 -29.59
C UNK D 118 -15.34 -5.92 -30.23
N UNK D 119 -15.49 -5.88 -31.55
CA UNK D 119 -15.58 -4.61 -32.27
C UNK D 119 -17.09 -4.41 -32.37
N UNK D 120 -17.59 -3.40 -31.67
CA UNK D 120 -19.02 -3.13 -31.60
C UNK D 120 -19.59 -2.17 -32.62
N UNK D 121 -18.74 -1.54 -33.42
CA UNK D 121 -19.25 -0.59 -34.39
C UNK D 121 -18.14 -0.10 -35.31
N UNK D 122 -18.48 0.05 -36.60
CA UNK D 122 -17.53 0.57 -37.59
C UNK D 122 -18.26 1.44 -38.58
N UNK D 123 -17.56 2.43 -39.11
CA UNK D 123 -18.14 3.34 -40.06
C UNK D 123 -17.04 4.04 -40.83
N UNK D 124 -17.32 4.32 -42.09
CA UNK D 124 -16.37 5.04 -42.94
C UNK D 124 -16.51 6.51 -42.64
N UNK D 125 -11.07 7.11 -43.94
CA UNK D 125 -10.91 6.57 -42.60
C UNK D 125 -12.07 5.70 -42.17
N UNK D 126 -11.80 4.94 -41.11
CA UNK D 126 -12.78 4.06 -40.52
C UNK D 126 -12.78 4.32 -39.01
N UNK D 127 -13.96 4.62 -38.49
CA UNK D 127 -14.13 4.87 -37.07
C UNK D 127 -14.61 3.54 -36.48
N UNK D 128 -13.87 3.00 -35.52
CA UNK D 128 -14.23 1.73 -34.93
C UNK D 128 -14.32 1.80 -33.42
N UNK D 129 -15.34 1.15 -32.87
CA UNK D 129 -15.53 1.10 -31.42
C UNK D 129 -15.38 -0.33 -30.94
N UNK D 130 -14.65 -0.50 -29.85
CA UNK D 130 -14.44 -1.80 -29.24
C UNK D 130 -15.03 -1.78 -27.83
N UNK D 131 -13.26 2.13 -25.92
CA UNK D 131 -12.37 2.78 -26.86
C UNK D 131 -12.86 2.93 -28.29
N UNK D 132 -12.64 4.13 -28.82
CA UNK D 132 -12.98 4.50 -30.19
C UNK D 132 -11.66 4.78 -30.90
N UNK D 133 -11.51 4.27 -32.12
CA UNK D 133 -10.28 4.47 -32.87
C UNK D 133 -10.52 4.86 -34.31
N UNK D 134 -9.70 5.78 -34.79
CA UNK D 134 -9.76 6.24 -36.16
C UNK D 134 -8.63 5.56 -36.91
N UNK D 135 -8.97 4.71 -37.87
CA UNK D 135 -7.96 4.00 -38.64
C UNK D 135 -7.83 4.54 -40.06
N UNK D 136 -6.61 4.55 -40.56
CA UNK D 136 -6.38 4.98 -41.93
C UNK D 136 -6.51 3.68 -42.71
N UNK D 137 -3.79 0.88 -43.00
CA UNK D 137 -4.09 -0.15 -42.04
C UNK D 137 -3.54 0.19 -40.66
N UNK D 138 -3.43 1.49 -40.37
CA UNK D 138 -2.89 1.92 -39.10
C UNK D 138 -3.77 2.89 -38.30
N UNK D 139 -3.71 2.76 -36.99
CA UNK D 139 -4.48 3.60 -36.09
C UNK D 139 -3.85 4.98 -35.98
N UNK D 140 -4.65 6.00 -36.27
CA UNK D 140 -4.19 7.37 -36.22
C UNK D 140 -4.59 8.10 -34.94
N UNK D 141 -5.83 7.88 -34.49
CA UNK D 141 -6.33 8.52 -33.29
C UNK D 141 -7.08 7.55 -32.41
N UNK D 142 -7.07 7.81 -31.10
CA UNK D 142 -7.79 7.01 -30.13
C UNK D 142 -8.61 7.99 -29.30
N UNK D 143 -9.84 7.61 -28.98
CA UNK D 143 -10.73 8.47 -28.22
C UNK D 143 -11.26 7.65 -27.03
N UNK D 144 -11.11 8.19 -25.83
CA UNK D 144 -11.53 7.51 -24.61
C UNK D 144 -12.17 8.46 -23.59
N UNK D 145 -12.60 7.91 -22.46
CA UNK D 145 -13.22 8.73 -21.44
C UNK D 145 -14.69 8.39 -21.24
N UNK D 146 -23.61 -2.21 -28.33
CA UNK D 146 -23.10 -1.78 -29.61
C UNK D 146 -23.63 -0.37 -29.85
N UNK D 147 -22.85 0.61 -29.40
CA UNK D 147 -23.21 2.01 -29.51
C UNK D 147 -22.77 2.65 -30.83
N UNK D 148 -23.67 3.42 -31.43
CA UNK D 148 -23.39 4.13 -32.67
C UNK D 148 -22.48 5.32 -32.39
N UNK D 149 -21.48 5.51 -33.26
CA UNK D 149 -20.55 6.64 -33.13
C UNK D 149 -20.61 7.42 -34.45
N UNK D 150 -20.29 8.71 -34.41
CA UNK D 150 -20.37 9.55 -35.59
C UNK D 150 -19.25 10.57 -35.78
N UNK D 151 -19.16 11.04 -37.01
CA UNK D 151 -18.22 12.10 -37.39
C UNK D 151 -19.14 13.34 -37.47
N UNK D 152 -18.73 14.43 -36.87
CA UNK D 152 -19.52 15.65 -36.97
C UNK D 152 -18.68 16.60 -37.79
N UNK D 153 -19.22 17.05 -38.92
CA UNK D 153 -18.48 17.94 -39.81
C UNK D 153 -19.23 19.19 -40.26
N UNK D 154 -14.80 19.81 -36.47
CA UNK D 154 -14.68 18.38 -36.73
C UNK D 154 -14.63 17.61 -35.41
N UNK D 155 -15.74 16.98 -35.06
CA UNK D 155 -15.80 16.22 -33.80
C UNK D 155 -16.09 14.76 -34.03
N UNK D 156 -16.00 14.00 -32.94
CA UNK D 156 -16.33 12.59 -32.92
C UNK D 156 -17.44 12.57 -31.88
N UNK D 157 -18.58 11.99 -32.25
CA UNK D 157 -19.74 11.96 -31.37
C UNK D 157 -20.11 10.52 -31.03
N UNK D 158 -20.49 10.29 -29.79
CA UNK D 158 -20.84 8.94 -29.39
C UNK D 158 -21.70 8.87 -28.15
N UNK D 159 -22.47 7.77 -28.06
CA UNK D 159 -23.29 7.54 -26.90
C UNK D 159 -22.38 6.95 -25.84
N UNK D 160 -23.81 11.85 -23.74
CA UNK D 160 -23.33 11.88 -25.11
C UNK D 160 -21.94 12.51 -25.06
N UNK D 161 -20.96 11.82 -25.59
CA UNK D 161 -19.59 12.35 -25.59
C UNK D 161 -19.20 12.94 -26.93
N UNK D 162 -18.46 14.04 -26.89
CA UNK D 162 -17.99 14.70 -28.10
C UNK D 162 -16.50 14.96 -27.95
N UNK D 163 -15.73 14.56 -28.95
CA UNK D 163 -14.29 14.75 -28.92
C UNK D 163 -13.80 15.58 -30.07
N UNK D 164 -12.73 16.32 -29.82
CA UNK D 164 -12.10 17.11 -30.86
C UNK D 164 -11.41 15.99 -31.64
N UNK D 165 -11.84 15.49 -25.01
CA UNK D 165 -13.29 15.57 -24.85
C UNK D 165 -13.61 17.06 -24.76
N UNK D 166 -14.48 17.53 -25.66
CA UNK D 166 -14.84 18.94 -25.69
C UNK D 166 -16.22 19.26 -25.11
N UNK D 167 -17.02 18.22 -24.87
CA UNK D 167 -18.35 18.41 -24.31
C UNK D 167 -19.03 17.07 -24.03
N UNK D 168 -19.81 17.05 -22.96
CA UNK D 168 -20.56 15.87 -22.56
C UNK D 168 -22.01 16.32 -22.33
N UNK D 169 -22.94 15.74 -23.08
CA UNK D 169 -24.34 16.14 -22.98
C UNK D 169 -25.14 15.36 -21.94
N UNK D 170 -25.66 16.08 -20.94
CA UNK D 170 -26.45 15.44 -19.89
C UNK D 170 -27.96 15.64 -20.07
N UNK D 171 -28.73 14.66 -19.62
CA UNK D 171 -30.17 14.74 -19.75
C UNK D 171 -30.80 13.37 -19.74
N UNK D 172 -27.01 5.76 -23.52
CA UNK D 172 -27.25 6.43 -24.78
C UNK D 172 -26.67 5.47 -25.83
N UNK D 173 -27.56 4.64 -26.37
CA UNK D 173 -27.21 3.61 -27.34
C UNK D 173 -26.95 4.12 -28.75
N UNK D 174 -27.55 5.26 -29.09
CA UNK D 174 -27.41 5.79 -30.43
C UNK D 174 -27.36 7.30 -30.51
N UNK D 175 -26.51 7.80 -31.40
CA UNK D 175 -26.38 9.22 -31.64
C UNK D 175 -26.27 9.37 -33.13
N UNK D 176 -26.72 10.52 -33.64
CA UNK D 176 -26.69 10.82 -35.06
C UNK D 176 -26.44 12.31 -35.21
N UNK D 177 -25.73 12.69 -36.28
CA UNK D 177 -25.41 14.08 -36.54
C UNK D 177 -26.13 14.57 -37.79
N UNK D 178 -26.72 19.86 -35.29
CA UNK D 178 -27.76 19.23 -34.50
C UNK D 178 -27.37 17.78 -34.26
N UNK D 179 -27.66 17.31 -33.05
CA UNK D 179 -27.35 15.95 -32.68
C UNK D 179 -28.62 15.26 -32.19
N UNK D 180 -28.85 14.04 -32.65
CA UNK D 180 -30.00 13.28 -32.19
C UNK D 180 -29.42 12.19 -31.29
N UNK D 181 -29.96 12.04 -30.09
CA UNK D 181 -29.48 11.02 -29.18
C UNK D 181 -30.68 10.20 -28.69
N UNK D 182 -30.45 8.91 -28.43
CA UNK D 182 -31.53 8.02 -27.98
C UNK D 182 -31.05 7.13 -26.84
N UNK D 183 -31.95 6.82 -25.92
CA UNK D 183 -31.57 6.01 -24.77
C UNK D 183 -32.39 4.74 -24.56
N UNK D 184 -35.86 10.39 -27.11
CA UNK D 184 -34.89 10.81 -28.09
C UNK D 184 -34.71 12.29 -27.80
N UNK D 185 -33.48 12.76 -27.72
CA UNK D 185 -33.25 14.18 -27.46
C UNK D 185 -32.54 14.81 -28.64
N UNK D 186 -32.93 16.04 -28.96
CA UNK D 186 -32.34 16.80 -30.05
C UNK D 186 -31.52 17.93 -29.44
N UNK D 187 -30.27 18.04 -29.86
CA UNK D 187 -29.37 19.08 -29.34
C UNK D 187 -28.84 19.94 -30.48
N UNK D 188 -28.61 21.21 -30.17
CA UNK D 188 -28.11 22.13 -31.18
C UNK D 188 -27.01 23.04 -30.61
N UNK E 1 -96.97 81.27 -39.97
CA UNK E 1 -96.86 79.87 -39.51
C UNK E 1 -97.51 79.73 -38.14
N UNK E 2 -97.15 80.66 -37.27
CA UNK E 2 -97.64 80.71 -35.88
C UNK E 2 -99.16 80.81 -35.88
N UNK E 3 -99.66 81.70 -36.71
CA UNK E 3 -101.09 81.96 -36.87
C UNK E 3 -101.81 80.67 -37.28
N UNK E 4 -101.22 80.01 -38.25
CA UNK E 4 -101.73 78.74 -38.80
C UNK E 4 -101.85 77.70 -37.69
N UNK E 5 -100.78 77.62 -36.92
CA UNK E 5 -100.66 76.68 -35.79
C UNK E 5 -101.80 76.94 -34.79
N UNK E 6 -101.98 78.20 -34.48
CA UNK E 6 -103.00 78.67 -33.55
C UNK E 6 -104.39 78.23 -34.04
N UNK E 7 -104.61 78.45 -35.32
CA UNK E 7 -105.87 78.10 -35.99
C UNK E 7 -106.15 76.61 -35.84
N UNK E 8 -105.11 75.84 -36.11
CA UNK E 8 -105.15 74.37 -36.02
C UNK E 8 -105.56 73.94 -34.62
N UNK E 9 -104.91 74.56 -33.66
CA UNK E 9 -105.15 74.29 -32.23
C UNK E 9 -106.62 74.54 -31.89
N UNK E 10 -107.10 75.68 -32.36
CA UNK E 10 -108.49 76.11 -32.16
C UNK E 10 -109.45 75.06 -32.71
N UNK E 11 -91.15 68.18 -38.52
CA UNK E 11 -90.86 68.74 -37.19
C UNK E 11 -92.07 69.50 -36.67
N UNK E 12 -92.62 70.33 -37.54
CA UNK E 12 -93.80 71.15 -37.24
C UNK E 12 -94.97 70.27 -36.83
N UNK E 13 -95.16 69.23 -37.61
CA UNK E 13 -96.23 68.25 -37.41
C UNK E 13 -96.09 67.61 -36.01
N UNK E 14 -94.86 67.22 -35.72
CA UNK E 14 -94.51 66.60 -34.45
C UNK E 14 -94.87 67.52 -33.29
N UNK E 15 -94.48 68.77 -33.46
CA UNK E 15 -94.73 69.83 -32.47
C UNK E 15 -96.22 69.95 -32.20
N UNK E 16 -96.96 69.99 -33.28
CA UNK E 16 -98.43 70.11 -33.26
C UNK E 16 -99.03 68.96 -32.45
N UNK E 17 -98.55 67.77 -32.77
CA UNK E 17 -98.98 66.53 -32.11
C UNK E 17 -98.76 66.62 -30.61
N UNK E 18 -97.57 67.07 -30.26
CA UNK E 18 -97.15 67.24 -28.86
C UNK E 18 -98.10 68.18 -28.13
N UNK E 19 -98.38 69.29 -28.80
CA UNK E 19 -99.28 70.32 -28.29
C UNK E 19 -100.66 69.73 -27.99
N UNK E 20 -101.13 68.96 -28.96
CA UNK E 20 -102.44 68.29 -28.89
C UNK E 20 -102.48 67.38 -27.66
N UNK E 21 -101.42 66.62 -27.52
CA UNK E 21 -101.25 65.67 -26.41
C UNK E 21 -101.35 66.41 -25.07
N UNK E 22 -100.62 67.51 -25.01
CA UNK E 22 -100.56 68.36 -23.82
C UNK E 22 -101.97 68.84 -23.45
N UNK E 23 -102.67 69.29 -24.47
CA UNK E 23 -104.04 69.80 -24.34
C UNK E 23 -104.95 68.72 -23.76
N UNK E 24 -104.81 67.54 -24.32
CA UNK E 24 -105.58 66.36 -23.90
C UNK E 24 -105.34 66.08 -22.41
N UNK E 25 -104.08 66.11 -22.05
CA UNK E 25 -103.62 65.86 -20.67
C UNK E 25 -104.29 66.87 -19.72
N UNK E 26 -105.17 76.21 -10.02
CA UNK E 26 -104.02 75.55 -9.42
C UNK E 26 -103.15 74.96 -10.50
N UNK E 27 -103.32 73.67 -10.74
CA UNK E 27 -102.65 72.98 -11.81
C UNK E 27 -103.12 73.62 -13.09
N UNK E 28 -104.41 73.90 -13.10
CA UNK E 28 -105.07 74.54 -14.21
C UNK E 28 -104.44 75.90 -14.38
N UNK E 29 -104.18 76.56 -13.26
CA UNK E 29 -103.61 77.90 -13.30
C UNK E 29 -102.24 77.82 -13.96
N UNK E 30 -101.50 76.78 -13.62
CA UNK E 30 -100.18 76.53 -14.18
C UNK E 30 -100.27 76.31 -15.67
N UNK E 31 -101.29 75.58 -16.08
CA UNK E 31 -101.53 75.29 -17.48
C UNK E 31 -101.79 76.59 -18.22
N UNK E 32 -102.54 77.45 -17.56
CA UNK E 32 -102.87 78.77 -18.08
C UNK E 32 -101.64 79.61 -18.24
N UNK E 33 -100.74 79.49 -17.27
CA UNK E 33 -99.49 80.18 -17.29
C UNK E 33 -98.71 79.70 -18.48
N UNK E 34 -98.79 78.40 -18.71
CA UNK E 34 -98.09 77.76 -19.79
C UNK E 34 -98.62 78.33 -21.06
N UNK E 35 -99.92 78.53 -21.09
CA UNK E 35 -100.64 79.11 -22.20
C UNK E 35 -100.21 80.55 -22.48
N UNK E 36 -100.00 81.31 -21.42
CA UNK E 36 -99.53 82.68 -21.50
C UNK E 36 -98.15 82.64 -22.11
N UNK E 37 -97.41 81.64 -21.68
CA UNK E 37 -96.06 81.44 -22.12
C UNK E 37 -96.10 81.17 -23.60
N UNK E 38 -97.10 80.40 -23.99
CA UNK E 38 -97.32 80.04 -25.37
C UNK E 38 -97.61 81.28 -26.20
N UNK E 39 -98.40 82.17 -25.65
CA UNK E 39 -98.71 83.42 -26.34
C UNK E 39 -97.43 84.23 -26.53
N UNK E 40 -96.60 84.22 -25.50
CA UNK E 40 -95.35 84.96 -25.54
C UNK E 40 -94.50 84.37 -26.65
N UNK E 41 -94.54 83.05 -26.72
CA UNK E 41 -93.81 82.26 -27.71
C UNK E 41 -94.25 82.56 -29.13
N UNK E 42 -95.55 82.71 -29.29
CA UNK E 42 -96.11 83.02 -30.59
C UNK E 42 -95.55 84.36 -30.98
N UNK E 43 -95.48 85.26 -30.01
CA UNK E 43 -94.94 86.58 -30.27
C UNK E 43 -93.48 86.51 -30.69
N UNK E 44 -92.72 85.64 -30.03
CA UNK E 44 -91.32 85.52 -30.35
C UNK E 44 -91.22 85.04 -31.77
N UNK E 45 -92.09 84.12 -32.13
CA UNK E 45 -92.21 83.70 -33.51
C UNK E 45 -91.65 84.82 -34.38
N UNK E 46 -93.95 76.52 -15.72
CA UNK E 46 -93.47 77.52 -16.68
C UNK E 46 -92.25 77.01 -17.43
N UNK E 47 -91.33 76.46 -16.66
CA UNK E 47 -90.07 75.89 -17.17
C UNK E 47 -90.39 74.80 -18.20
N UNK E 48 -91.30 73.94 -17.81
CA UNK E 48 -91.74 72.80 -18.63
C UNK E 48 -92.28 73.32 -19.97
N UNK E 49 -93.12 74.32 -19.86
CA UNK E 49 -93.76 74.97 -21.02
C UNK E 49 -92.69 75.49 -21.98
N UNK E 50 -91.72 76.17 -21.39
CA UNK E 50 -90.59 76.76 -22.12
C UNK E 50 -89.85 75.68 -22.90
N UNK E 51 -89.59 74.59 -22.19
CA UNK E 51 -88.88 73.43 -22.74
C UNK E 51 -89.62 72.89 -23.96
N UNK E 52 -90.92 72.75 -23.77
CA UNK E 52 -91.83 72.25 -24.81
C UNK E 52 -91.75 73.13 -26.06
N UNK E 53 -91.80 74.43 -25.81
CA UNK E 53 -91.72 75.45 -26.86
C UNK E 53 -90.43 75.29 -27.66
N UNK E 54 -89.36 75.14 -26.90
CA UNK E 54 -88.00 74.98 -27.47
C UNK E 54 -87.97 73.75 -28.39
N UNK E 55 -88.54 72.68 -27.88
CA UNK E 55 -88.61 71.39 -28.59
C UNK E 55 -89.34 71.58 -29.92
N UNK E 56 -90.46 72.27 -29.82
CA UNK E 56 -91.32 72.56 -30.98
C UNK E 56 -90.52 73.33 -32.05
N UNK E 57 -90.99 59.24 -26.52
CA UNK E 57 -90.26 60.30 -25.79
C UNK E 57 -91.25 61.34 -25.28
N UNK E 58 -92.13 61.75 -26.19
CA UNK E 58 -93.18 62.74 -25.91
C UNK E 58 -94.05 62.28 -24.74
N UNK E 59 -94.44 61.02 -24.84
CA UNK E 59 -95.29 60.37 -23.83
C UNK E 59 -94.61 60.43 -22.46
N UNK E 60 -93.34 60.07 -22.48
CA UNK E 60 -92.50 60.06 -21.27
C UNK E 60 -92.47 61.45 -20.64
N UNK E 61 -92.25 62.43 -21.49
CA UNK E 61 -92.20 63.85 -21.08
C UNK E 61 -93.50 64.25 -20.39
N UNK E 62 -94.59 63.86 -21.03
CA UNK E 62 -95.94 64.14 -20.54
C UNK E 62 -96.13 63.56 -19.13
N UNK E 63 -95.71 62.31 -19.02
CA UNK E 63 -95.79 61.57 -17.76
C UNK E 63 -95.03 62.30 -16.65
N UNK E 64 -93.83 62.72 -17.01
CA UNK E 64 -92.94 63.47 -16.11
C UNK E 64 -93.63 64.74 -15.61
N UNK E 65 -94.22 65.43 -16.56
CA UNK E 65 -94.93 66.70 -16.31
C UNK E 65 -96.06 66.45 -15.29
N UNK E 66 -96.80 65.39 -15.56
CA UNK E 66 -97.94 64.98 -14.73
C UNK E 66 -97.46 64.74 -13.29
N UNK E 67 -96.37 64.01 -13.20
CA UNK E 67 -95.74 63.65 -11.92
C UNK E 67 -95.39 64.92 -11.14
N UNK E 68 -94.78 65.84 -11.86
CA UNK E 68 -94.35 67.14 -11.31
C UNK E 68 -95.56 67.88 -10.74
N UNK E 69 -96.61 67.90 -11.53
CA UNK E 69 -97.88 68.56 -11.17
C UNK E 69 -98.42 67.97 -9.87
N UNK E 70 -98.41 66.65 -9.82
CA UNK E 70 -98.89 65.89 -8.67
C UNK E 70 -98.11 66.29 -7.41
N UNK E 71 -96.81 66.34 -7.59
CA UNK E 71 -95.86 66.70 -6.52
C UNK E 71 -96.20 68.09 -5.98
N UNK E 72 -96.41 68.99 -6.91
CA UNK E 72 -96.75 70.39 -6.60
C UNK E 72 -98.03 70.46 -5.76
N UNK E 73 -86.64 57.36 -13.72
CA UNK E 73 -87.68 58.14 -14.40
C UNK E 73 -87.80 59.56 -13.87
N UNK E 74 -87.70 59.71 -12.54
CA UNK E 74 -87.72 61.03 -11.90
C UNK E 74 -86.50 61.86 -12.31
N UNK E 75 -85.38 61.16 -12.40
CA UNK E 75 -84.14 61.79 -12.79
C UNK E 75 -84.36 62.29 -14.21
N UNK E 76 -85.05 61.46 -14.97
CA UNK E 76 -85.35 61.72 -16.35
C UNK E 76 -86.19 62.96 -16.45
N UNK E 77 -87.14 63.10 -15.54
CA UNK E 77 -87.99 64.27 -15.52
C UNK E 77 -87.16 65.52 -15.26
N UNK E 78 -86.29 65.44 -14.27
CA UNK E 78 -85.52 66.63 -13.94
C UNK E 78 -84.71 66.99 -15.18
N UNK E 79 -84.20 65.96 -15.85
CA UNK E 79 -83.39 66.09 -17.07
C UNK E 79 -84.07 66.67 -18.31
N UNK E 80 -85.31 66.27 -18.53
CA UNK E 80 -86.11 66.82 -19.60
C UNK E 80 -86.30 68.28 -19.25
N UNK E 81 -86.49 68.52 -17.96
CA UNK E 81 -86.75 69.86 -17.47
C UNK E 81 -85.55 70.65 -17.87
N UNK E 82 -84.38 70.03 -17.72
CA UNK E 82 -83.17 70.54 -18.32
C UNK E 82 -83.30 70.52 -19.84
N UNK E 83 -83.57 48.86 -25.34
CA UNK E 83 -82.49 49.15 -24.37
C UNK E 83 -81.51 50.16 -24.97
N UNK E 84 -81.13 49.86 -26.20
CA UNK E 84 -80.19 50.69 -26.97
C UNK E 84 -80.72 52.12 -27.09
N UNK E 85 -82.00 52.18 -27.44
CA UNK E 85 -82.71 53.46 -27.62
C UNK E 85 -82.67 54.27 -26.32
N UNK E 86 -82.96 53.56 -25.24
CA UNK E 86 -82.97 54.15 -23.89
C UNK E 86 -81.60 54.76 -23.56
N UNK E 87 -80.59 53.96 -23.85
CA UNK E 87 -79.19 54.34 -23.63
C UNK E 87 -78.86 55.64 -24.38
N UNK E 88 -79.27 55.64 -25.63
CA UNK E 88 -79.07 56.78 -26.54
C UNK E 88 -79.70 58.04 -25.95
N UNK E 89 -80.93 57.86 -25.49
CA UNK E 89 -81.73 58.93 -24.88
C UNK E 89 -80.98 59.52 -23.68
N UNK E 90 -80.50 58.61 -22.85
CA UNK E 90 -79.75 58.95 -21.64
C UNK E 90 -78.52 59.79 -22.00
N UNK E 91 -77.82 59.32 -23.01
CA UNK E 91 -76.61 59.98 -23.51
C UNK E 91 -76.93 61.41 -23.94
N UNK E 92 -78.01 61.52 -24.68
CA UNK E 92 -78.51 62.81 -25.20
C UNK E 92 -78.77 63.77 -24.04
N UNK E 93 -79.45 63.24 -23.04
CA UNK E 93 -79.81 63.99 -21.83
C UNK E 93 -78.55 64.53 -21.16
N UNK E 94 -77.58 63.64 -21.03
CA UNK E 94 -76.29 63.95 -20.41
C UNK E 94 -75.62 65.11 -21.15
N UNK E 95 -75.63 64.98 -22.46
CA UNK E 95 -75.03 65.98 -23.37
C UNK E 95 -75.68 67.35 -23.13
N UNK E 96 -77.00 67.32 -23.07
CA UNK E 96 -77.82 68.52 -22.85
C UNK E 96 -77.42 69.19 -21.54
N UNK E 97 -77.31 68.35 -20.52
CA UNK E 97 -76.93 68.80 -19.17
C UNK E 97 -75.57 69.51 -19.21
N UNK E 98 -74.66 68.86 -19.90
CA UNK E 98 -73.28 69.36 -20.06
C UNK E 98 -73.30 70.75 -20.70
N UNK E 99 -83.38 50.55 -12.71
CA UNK E 99 -82.78 50.67 -14.03
C UNK E 99 -82.41 52.14 -14.30
N UNK E 100 -83.36 52.99 -13.99
CA UNK E 100 -83.21 54.45 -14.16
C UNK E 100 -82.00 54.95 -13.37
N UNK E 101 -81.95 54.50 -12.13
CA UNK E 101 -80.87 54.85 -11.20
C UNK E 101 -79.52 54.45 -11.78
N UNK E 102 -79.49 53.23 -12.28
CA UNK E 102 -78.29 52.65 -12.88
C UNK E 102 -77.80 53.52 -14.04
N UNK E 103 -78.77 53.88 -14.87
CA UNK E 103 -78.53 54.72 -16.06
C UNK E 103 -77.90 56.05 -15.64
N UNK E 104 -78.50 56.63 -14.61
CA UNK E 104 -78.07 57.91 -14.05
C UNK E 104 -76.60 57.81 -13.59
N UNK E 105 -76.34 56.74 -12.89
CA UNK E 105 -75.00 56.44 -12.35
C UNK E 105 -73.98 56.38 -13.50
N UNK E 106 -74.38 55.66 -14.53
CA UNK E 106 -73.55 55.47 -15.74
C UNK E 106 -73.21 56.82 -16.36
N UNK E 107 -74.25 57.64 -16.47
CA UNK E 107 -74.14 58.99 -17.04
C UNK E 107 -73.13 59.81 -16.25
N UNK E 108 -73.28 59.74 -14.95
CA UNK E 108 -72.40 60.45 -14.00
C UNK E 108 -70.94 60.04 -14.22
N UNK E 109 -70.76 58.73 -14.32
CA UNK E 109 -69.44 58.13 -14.54
C UNK E 109 -68.81 58.69 -15.82
N UNK E 110 -69.63 58.70 -16.85
CA UNK E 110 -69.23 59.19 -18.18
C UNK E 110 -68.76 60.64 -18.08
N UNK E 111 -69.55 61.42 -17.38
CA UNK E 111 -69.29 62.84 -17.16
C UNK E 111 -67.93 63.02 -16.48
N UNK E 112 -70.33 68.64 -35.37
CA UNK E 112 -70.22 70.09 -35.27
C UNK E 112 -71.59 70.69 -35.06
N UNK E 113 -72.60 69.95 -35.50
CA UNK E 113 -73.97 70.41 -35.39
C UNK E 113 -74.20 70.58 -33.91
N UNK E 114 -73.66 69.66 -33.14
CA UNK E 114 -73.78 69.71 -31.70
C UNK E 114 -73.13 70.96 -31.12
N UNK E 115 -72.00 71.38 -31.67
CA UNK E 115 -71.31 72.59 -31.23
C UNK E 115 -72.16 73.82 -31.48
N UNK E 116 -72.79 73.82 -32.65
CA UNK E 116 -73.62 74.93 -33.03
C UNK E 116 -74.73 74.95 -32.00
N UNK E 117 -75.19 73.75 -31.68
CA UNK E 117 -76.30 73.57 -30.76
C UNK E 117 -75.93 74.16 -29.42
N UNK E 118 -74.71 73.91 -28.98
CA UNK E 118 -74.25 74.42 -27.71
C UNK E 118 -74.20 75.94 -27.67
N UNK E 119 -73.70 76.55 -28.75
CA UNK E 119 -73.65 78.00 -28.77
C UNK E 119 -75.08 78.52 -28.68
N UNK E 120 -75.94 77.85 -29.43
CA UNK E 120 -77.31 78.27 -29.57
C UNK E 120 -77.95 78.18 -28.21
N UNK E 121 -77.57 77.13 -27.51
CA UNK E 121 -78.06 76.80 -26.18
C UNK E 121 -77.69 77.83 -25.16
N UNK E 122 -76.45 78.30 -25.20
CA UNK E 122 -76.05 79.35 -24.28
C UNK E 122 -76.92 80.54 -24.57
N UNK E 123 -77.12 80.78 -25.87
CA UNK E 123 -77.89 81.92 -26.27
C UNK E 123 -79.32 81.81 -25.74
N UNK E 124 -86.15 82.75 -18.48
CA UNK E 124 -85.86 83.97 -17.73
C UNK E 124 -86.89 85.06 -18.06
N UNK E 125 -87.11 85.20 -19.35
CA UNK E 125 -88.06 86.18 -19.91
C UNK E 125 -89.45 85.93 -19.33
N UNK E 126 -89.83 84.67 -19.36
CA UNK E 126 -91.14 84.20 -18.86
C UNK E 126 -91.30 84.58 -17.39
N UNK E 127 -90.25 84.31 -16.64
CA UNK E 127 -90.19 84.59 -15.20
C UNK E 127 -90.42 86.09 -14.96
N UNK E 128 -89.70 86.87 -15.74
CA UNK E 128 -89.76 88.34 -15.68
C UNK E 128 -91.20 88.81 -15.90
N UNK E 129 -91.80 88.25 -16.93
CA UNK E 129 -93.18 88.56 -17.33
C UNK E 129 -94.13 88.28 -16.17
N UNK E 130 -93.94 87.11 -15.58
CA UNK E 130 -94.75 86.64 -14.45
C UNK E 130 -94.65 87.65 -13.29
N UNK E 131 -93.42 88.04 -13.02
CA UNK E 131 -93.10 89.00 -11.95
C UNK E 131 -93.86 90.31 -12.19
N UNK E 132 -93.81 90.80 -13.41
CA UNK E 132 -94.48 92.04 -13.77
C UNK E 132 -95.99 91.94 -13.54
N UNK E 133 -96.55 90.78 -13.89
CA UNK E 133 -97.99 90.56 -13.72
C UNK E 133 -98.39 90.62 -12.25
N UNK E 134 -97.55 90.05 -11.38
CA UNK E 134 -97.82 90.04 -9.96
C UNK E 134 -97.84 91.46 -9.39
N UNK E 135 -96.93 92.30 -9.86
CA UNK E 135 -96.85 93.69 -9.40
C UNK E 135 -98.09 94.47 -9.81
N UNK E 136 -80.79 89.40 -26.51
CA UNK E 136 -82.17 89.20 -26.06
C UNK E 136 -82.19 88.74 -24.59
N UNK E 137 -81.34 87.77 -24.34
CA UNK E 137 -81.18 87.18 -23.00
C UNK E 137 -80.81 88.27 -21.98
N UNK E 138 -79.85 89.07 -22.39
CA UNK E 138 -79.35 90.19 -21.57
C UNK E 138 -80.49 91.14 -21.23
N UNK E 139 -81.26 91.46 -22.26
CA UNK E 139 -82.41 92.37 -22.14
C UNK E 139 -83.40 91.82 -21.12
N UNK E 140 -83.68 90.54 -21.26
CA UNK E 140 -84.60 89.82 -20.38
C UNK E 140 -84.14 89.92 -18.93
N UNK E 141 -82.86 89.69 -18.76
CA UNK E 141 -82.21 89.74 -17.44
C UNK E 141 -82.40 91.11 -16.81
N UNK E 142 -82.14 92.12 -17.63
CA UNK E 142 -82.27 93.53 -17.24
C UNK E 142 -83.69 93.81 -16.75
N UNK E 143 -84.64 93.34 -17.53
CA UNK E 143 -86.07 93.51 -17.27
C UNK E 143 -86.41 92.90 -15.90
N UNK E 144 -85.91 91.69 -15.70
CA UNK E 144 -86.11 90.92 -14.47
C UNK E 144 -85.60 91.73 -13.27
N UNK E 145 -84.40 92.26 -13.45
CA UNK E 145 -83.72 93.06 -12.42
C UNK E 145 -84.58 94.27 -12.05
N UNK E 146 -85.08 94.91 -13.08
CA UNK E 146 -85.94 96.10 -12.95
C UNK E 146 -87.18 95.76 -12.12
N UNK E 147 -87.77 94.64 -12.48
CA UNK E 147 -88.98 94.13 -11.82
C UNK E 147 -88.71 93.91 -10.33
N UNK E 148 -87.58 93.29 -10.07
CA UNK E 148 -87.13 92.98 -8.71
C UNK E 148 -87.01 94.27 -7.89
N UNK E 149 -86.38 95.25 -8.52
CA UNK E 149 -86.15 96.57 -7.92
C UNK E 149 -87.49 97.20 -7.54
N UNK E 150 -88.41 97.13 -8.49
CA UNK E 150 -89.77 97.68 -8.33
C UNK E 150 -90.45 97.05 -7.11
N UNK E 151 -90.34 95.73 -7.06
CA UNK E 151 -90.92 94.91 -5.98
C UNK E 151 -90.37 95.38 -4.63
N UNK E 152 -89.05 95.56 -4.55
CA UNK E 152 -88.40 95.96 -3.31
C UNK E 152 -88.87 97.32 -2.84
N UNK E 153 -89.03 98.26 -3.76
CA UNK E 153 -89.45 99.61 -3.42
C UNK E 153 -90.85 99.58 -2.81
N UNK E 154 -91.73 98.76 -3.38
CA UNK E 154 -93.08 98.62 -2.87
C UNK E 154 -93.06 98.08 -1.45
N UNK E 155 -92.19 97.11 -1.22
CA UNK E 155 -92.04 96.51 0.10
C UNK E 155 -91.56 97.56 1.12
N UNK E 156 -90.63 98.40 0.68
CA UNK E 156 -90.10 99.45 1.54
C UNK E 156 -91.18 100.45 1.94
N UNK E 157 -92.04 100.78 0.97
CA UNK E 157 -93.11 101.75 1.20
C UNK E 157 -94.14 101.21 2.18
N UNK E 158 -59.47 82.93 -37.86
CA UNK E 158 -59.14 83.97 -36.90
C UNK E 158 -60.38 84.74 -36.46
N UNK E 159 -61.18 85.14 -37.44
CA UNK E 159 -62.40 85.90 -37.17
C UNK E 159 -63.33 85.12 -36.25
N UNK E 160 -63.53 83.84 -36.56
CA UNK E 160 -64.40 82.99 -35.76
C UNK E 160 -63.94 82.92 -34.31
N UNK E 161 -62.64 82.71 -34.13
CA UNK E 161 -62.06 82.63 -32.78
C UNK E 161 -62.34 83.93 -32.00
N UNK E 162 -62.10 85.03 -32.69
CA UNK E 162 -62.30 86.37 -32.13
C UNK E 162 -63.76 86.54 -31.70
N UNK E 163 -64.64 86.13 -32.59
CA UNK E 163 -66.10 86.20 -32.38
C UNK E 163 -66.48 85.42 -31.13
N UNK E 164 -65.92 84.22 -31.04
CA UNK E 164 -66.16 83.32 -29.92
C UNK E 164 -65.74 83.98 -28.60
N UNK E 165 -64.56 84.58 -28.65
CA UNK E 165 -63.97 85.27 -27.50
C UNK E 165 -64.91 86.39 -27.04
N UNK E 166 -65.39 87.14 -28.01
CA UNK E 166 -66.29 88.27 -27.78
C UNK E 166 -67.56 87.78 -27.07
N UNK E 167 -68.08 86.70 -27.60
CA UNK E 167 -69.31 86.06 -27.07
C UNK E 167 -69.10 85.68 -25.61
N UNK E 168 -67.97 85.06 -25.36
CA UNK E 168 -67.57 84.62 -24.01
C UNK E 168 -67.55 85.80 -23.05
N UNK E 169 -66.93 86.88 -23.53
CA UNK E 169 -66.79 88.13 -22.77
C UNK E 169 -68.17 88.65 -22.38
N UNK E 170 -69.05 88.66 -23.38
CA UNK E 170 -70.43 89.13 -23.23
C UNK E 170 -71.14 88.33 -22.15
N UNK E 171 -70.97 87.02 -22.24
CA UNK E 171 -71.57 86.06 -21.30
C UNK E 171 -71.11 86.38 -19.88
N UNK E 172 -69.81 86.59 -19.76
CA UNK E 172 -69.17 86.92 -18.47
C UNK E 172 -69.79 88.17 -17.88
N UNK E 173 -69.91 89.16 -18.74
CA UNK E 173 -70.49 90.47 -18.37
C UNK E 173 -71.90 90.29 -17.82
N UNK E 174 -72.67 89.49 -18.56
CA UNK E 174 -74.06 89.17 -18.21
C UNK E 174 -74.12 88.55 -16.82
N UNK E 175 -73.24 87.59 -16.62
CA UNK E 175 -73.13 86.86 -15.35
C UNK E 175 -72.86 87.83 -14.20
N UNK E 176 -71.92 88.72 -14.45
CA UNK E 176 -71.51 89.75 -13.48
C UNK E 176 -72.71 90.60 -13.09
N UNK E 177 -73.44 91.02 -14.12
CA UNK E 177 -74.64 91.86 -13.97
C UNK E 177 -75.66 91.16 -13.07
N UNK E 178 -75.85 89.89 -13.38
CA UNK E 178 -76.79 89.02 -12.64
C UNK E 178 -76.41 88.98 -11.16
N UNK E 179 -75.13 88.77 -10.94
CA UNK E 179 -74.54 88.69 -9.60
C UNK E 179 -74.84 89.98 -8.83
N UNK E 180 -74.59 91.08 -9.51
CA UNK E 180 -74.80 92.43 -8.96
C UNK E 180 -76.25 92.60 -8.53
N UNK E 181 -77.18 92.16 -9.37
CA UNK E 181 -78.60 92.29 -9.07
C UNK E 181 -78.95 91.51 -7.81
N UNK E 182 -78.40 90.31 -7.68
CA UNK E 182 -78.69 89.47 -6.52
C UNK E 182 -78.23 90.12 -5.23
N UNK E 183 -77.06 90.75 -5.27
CA UNK E 183 -76.53 91.43 -4.09
C UNK E 183 -77.43 92.60 -3.68
N UNK E 184 -77.91 93.34 -4.68
CA UNK E 184 -78.79 94.47 -4.43
C UNK E 184 -80.09 94.04 -3.77
N UNK E 185 -80.69 92.97 -4.28
CA UNK E 185 -81.91 92.47 -3.68
C UNK E 185 -81.65 91.98 -2.25
N UNK E 186 -80.59 91.20 -2.09
CA UNK E 186 -80.22 90.68 -0.77
C UNK E 186 -79.84 91.76 0.24
N UNK E 187 -79.07 92.74 -0.21
CA UNK E 187 -78.65 93.83 0.66
C UNK E 187 -79.84 94.65 1.14
N UNK E 188 -80.78 94.90 0.22
CA UNK E 188 -81.97 95.67 0.53
C UNK E 188 -82.93 94.86 1.40
N UNK E 189 -82.85 93.54 1.30
CA UNK E 189 -83.70 92.66 2.08
C UNK E 189 -83.46 92.82 3.58
N UNK E 190 -82.19 92.96 3.95
CA UNK E 190 -81.82 93.12 5.35
C UNK E 190 -82.30 94.46 5.90
N UNK E 191 -101.77 88.55 2.59
CA UNK E 191 -100.59 87.97 3.22
C UNK E 191 -100.00 86.86 2.34
N UNK E 192 -100.91 86.01 1.88
CA UNK E 192 -100.57 84.87 1.02
C UNK E 192 -99.87 85.37 -0.25
N UNK E 193 -100.47 86.39 -0.82
CA UNK E 193 -99.97 87.02 -2.06
C UNK E 193 -98.54 87.53 -1.84
N UNK E 194 -98.37 88.20 -0.73
CA UNK E 194 -97.08 88.78 -0.31
C UNK E 194 -96.02 87.67 -0.23
N UNK E 195 -96.42 86.59 0.42
CA UNK E 195 -95.57 85.42 0.62
C UNK E 195 -95.11 84.86 -0.73
N UNK E 196 -96.09 84.74 -1.61
CA UNK E 196 -95.87 84.23 -2.98
C UNK E 196 -94.84 85.09 -3.71
N UNK E 197 -95.04 86.39 -3.59
CA UNK E 197 -94.16 87.40 -4.21
C UNK E 197 -92.73 87.21 -3.70
N UNK E 198 -92.63 87.07 -2.40
CA UNK E 198 -91.34 86.88 -1.72
C UNK E 198 -90.62 85.65 -2.28
N UNK E 199 -91.39 84.58 -2.38
CA UNK E 199 -90.91 83.30 -2.89
C UNK E 199 -90.34 83.47 -4.30
N UNK E 200 -91.12 84.16 -5.11
CA UNK E 200 -90.77 84.46 -6.51
C UNK E 200 -89.43 85.20 -6.57
N UNK E 201 -89.33 86.20 -5.72
CA UNK E 201 -88.13 87.04 -5.61
C UNK E 201 -86.91 86.17 -5.28
N UNK E 202 -87.12 85.31 -4.30
CA UNK E 202 -86.07 84.38 -3.84
C UNK E 202 -85.59 83.52 -5.00
N UNK E 203 -86.56 82.99 -5.72
CA UNK E 203 -86.31 82.12 -6.88
C UNK E 203 -85.44 82.86 -7.91
N UNK E 204 -85.86 84.08 -8.17
CA UNK E 204 -85.17 84.97 -9.13
C UNK E 204 -83.71 85.16 -8.72
N UNK E 205 -83.54 85.43 -7.44
CA UNK E 205 -82.22 85.64 -6.84
C UNK E 205 -81.34 84.41 -7.06
N UNK E 206 -81.93 83.27 -6.78
CA UNK E 206 -81.27 81.97 -6.92
C UNK E 206 -80.79 81.77 -8.36
N UNK E 207 -81.69 82.08 -9.28
CA UNK E 207 -81.44 81.97 -10.72
C UNK E 207 -80.24 82.83 -11.11
N UNK E 208 -61.71 96.27 -22.96
CA UNK E 208 -61.66 94.91 -22.40
C UNK E 208 -61.11 94.97 -20.97
N UNK E 209 -60.01 95.69 -20.85
CA UNK E 209 -59.32 95.88 -19.57
C UNK E 209 -60.27 96.49 -18.53
N UNK E 210 -60.95 97.52 -18.98
CA UNK E 210 -61.93 98.25 -18.15
C UNK E 210 -63.01 97.29 -17.64
N UNK E 211 -63.51 96.50 -18.57
CA UNK E 211 -64.54 95.50 -18.30
C UNK E 211 -64.08 94.53 -17.21
N UNK E 212 -62.85 94.06 -17.40
CA UNK E 212 -62.20 93.13 -16.48
C UNK E 212 -62.14 93.72 -15.07
N UNK E 213 -61.71 94.97 -15.04
CA UNK E 213 -61.58 95.74 -13.79
C UNK E 213 -62.92 95.80 -13.07
N UNK E 214 -63.94 96.13 -13.85
CA UNK E 214 -65.32 96.24 -13.36
C UNK E 214 -65.76 94.93 -12.72
N UNK E 215 -65.49 93.86 -13.44
CA UNK E 215 -65.82 92.49 -13.02
C UNK E 215 -65.17 92.18 -11.67
N UNK E 216 -63.89 92.53 -11.59
CA UNK E 216 -63.08 92.33 -10.39
C UNK E 216 -63.72 93.06 -9.20
N UNK E 217 -64.08 94.29 -9.46
CA UNK E 217 -64.71 95.18 -8.47
C UNK E 217 -65.99 94.52 -7.93
N UNK E 218 -66.77 94.04 -8.88
CA UNK E 218 -68.05 93.38 -8.59
C UNK E 218 -67.83 92.18 -7.66
N UNK E 219 -66.84 91.41 -8.03
CA UNK E 219 -66.44 90.20 -7.29
C UNK E 219 -66.09 90.56 -5.85
N UNK E 220 -65.29 91.61 -5.74
CA UNK E 220 -64.83 92.13 -4.44
C UNK E 220 -66.03 92.51 -3.57
N UNK E 221 -66.95 93.22 -4.20
CA UNK E 221 -68.19 93.69 -3.55
C UNK E 221 -68.97 92.49 -3.00
N UNK E 222 -69.09 91.49 -3.85
CA UNK E 222 -69.80 90.25 -3.53
C UNK E 222 -69.18 89.59 -2.30
N UNK E 223 -67.87 89.52 -2.33
CA UNK E 223 -67.06 88.93 -1.25
C UNK E 223 -67.35 89.65 0.07
N UNK E 224 -67.33 90.97 -0.03
CA UNK E 224 -67.57 91.86 1.12
C UNK E 224 -68.95 91.57 1.72
N UNK E 225 -64.72 83.19 5.47
CA UNK E 225 -64.10 84.28 4.73
C UNK E 225 -63.00 83.76 3.81
N UNK E 226 -62.13 82.91 4.34
CA UNK E 226 -61.02 82.34 3.56
C UNK E 226 -61.57 81.60 2.34
N UNK E 227 -62.59 80.80 2.61
CA UNK E 227 -63.26 79.98 1.59
C UNK E 227 -63.80 80.90 0.48
N UNK E 228 -64.47 81.94 0.93
CA UNK E 228 -65.08 82.95 0.05
C UNK E 228 -64.02 83.56 -0.86
N UNK E 229 -62.92 83.92 -0.23
CA UNK E 229 -61.76 84.53 -0.92
C UNK E 229 -61.26 83.60 -2.02
N UNK E 230 -61.11 82.34 -1.64
CA UNK E 230 -60.64 81.28 -2.53
C UNK E 230 -61.56 81.18 -3.75
N UNK E 231 -62.85 81.18 -3.46
CA UNK E 231 -63.90 81.09 -4.48
C UNK E 231 -63.76 82.25 -5.48
N UNK E 232 -63.59 83.43 -4.91
CA UNK E 232 -63.43 84.68 -5.68
C UNK E 232 -62.24 84.55 -6.63
N UNK E 233 -61.15 84.07 -6.06
CA UNK E 233 -59.89 83.88 -6.79
C UNK E 233 -60.11 82.96 -7.99
N UNK E 234 -60.80 81.86 -7.70
CA UNK E 234 -61.13 80.84 -8.70
C UNK E 234 -61.92 81.46 -9.85
N UNK E 235 -62.91 82.25 -9.46
CA UNK E 235 -63.79 82.95 -10.40
C UNK E 235 -62.96 83.84 -11.33
N UNK E 236 -62.07 84.58 -10.70
CA UNK E 236 -61.18 85.52 -11.39
C UNK E 236 -60.35 84.77 -12.44
N UNK E 237 -59.80 83.65 -11.99
CA UNK E 237 -58.97 82.78 -12.82
C UNK E 237 -59.75 82.33 -14.06
N UNK E 238 -60.97 81.90 -13.80
CA UNK E 238 -61.90 81.42 -14.83
C UNK E 238 -62.12 82.51 -15.87
N UNK E 239 -62.38 83.70 -15.35
CA UNK E 239 -62.63 84.90 -16.18
C UNK E 239 -61.44 85.16 -17.10
N UNK E 240 -60.27 85.09 -16.49
CA UNK E 240 -59.00 85.31 -17.19
C UNK E 240 -58.86 84.32 -18.35
N UNK E 241 -59.14 83.07 -18.02
CA UNK E 241 -59.07 81.95 -18.97
C UNK E 241 -59.98 82.22 -20.17
N UNK E 242 -61.20 82.64 -19.84
CA UNK E 242 -62.24 82.96 -20.82
C UNK E 242 -61.73 84.05 -21.77
N UNK E 243 -61.16 85.08 -21.16
CA UNK E 243 -60.61 86.24 -21.88
C UNK E 243 -59.54 85.77 -22.88
N UNK E 244 -55.61 88.72 0.56
CA UNK E 244 -55.13 89.86 -0.20
C UNK E 244 -54.11 89.41 -1.23
N UNK E 245 -53.61 88.20 -1.04
CA UNK E 245 -52.66 87.60 -1.96
C UNK E 245 -53.36 87.42 -3.29
N UNK E 246 -54.65 87.12 -3.21
CA UNK E 246 -55.48 87.03 -4.38
C UNK E 246 -55.47 88.40 -4.99
N UNK E 247 -55.48 89.40 -4.14
CA UNK E 247 -55.53 90.75 -4.62
C UNK E 247 -54.29 90.97 -5.45
N UNK E 248 -53.18 90.47 -4.94
CA UNK E 248 -51.90 90.58 -5.60
C UNK E 248 -51.86 89.87 -6.94
N UNK E 249 -52.44 88.68 -7.01
CA UNK E 249 -52.47 87.97 -8.28
C UNK E 249 -53.27 88.79 -9.27
N UNK E 250 -54.36 89.32 -8.77
CA UNK E 250 -55.27 90.08 -9.60
C UNK E 250 -54.53 91.29 -10.14
N UNK E 251 -53.73 91.88 -9.27
CA UNK E 251 -52.94 93.06 -9.58
C UNK E 251 -51.88 92.81 -10.63
N UNK E 252 -51.26 91.65 -10.56
CA UNK E 252 -50.28 91.29 -11.57
C UNK E 252 -51.01 91.19 -12.89
N UNK E 253 -52.19 90.60 -12.82
CA UNK E 253 -52.97 90.43 -14.02
C UNK E 253 -53.25 91.82 -14.57
N UNK E 254 -53.54 92.73 -13.68
CA UNK E 254 -53.87 94.10 -14.00
C UNK E 254 -52.73 94.83 -14.67
N UNK E 255 -51.52 94.62 -14.17
CA UNK E 255 -50.35 95.23 -14.73
C UNK E 255 -50.19 94.71 -16.14
N UNK E 256 -50.45 93.42 -16.29
CA UNK E 256 -50.33 92.79 -17.58
C UNK E 256 -51.32 93.42 -18.55
N UNK E 257 -52.51 93.66 -18.03
CA UNK E 257 -53.58 94.25 -18.79
C UNK E 257 -53.17 95.63 -19.24
N UNK E 258 -52.53 96.36 -18.36
CA UNK E 258 -52.07 97.70 -18.67
C UNK E 258 -51.06 97.64 -19.78
N UNK E 259 -50.17 96.66 -19.70
CA UNK E 259 -49.16 96.53 -20.73
C UNK E 259 -49.84 96.26 -22.05
N UNK E 260 -50.85 95.40 -22.01
CA UNK E 260 -51.57 95.03 -23.20
C UNK E 260 -52.28 96.23 -23.81
N UNK E 261 -52.82 97.06 -22.94
CA UNK E 261 -53.53 98.27 -23.33
C UNK E 261 -52.58 99.24 -24.00
N UNK E 262 -47.56 84.72 -26.26
CA UNK E 262 -47.18 83.81 -25.18
C UNK E 262 -47.10 84.53 -23.85
N UNK E 263 -47.51 85.80 -23.85
CA UNK E 263 -47.47 86.61 -22.63
C UNK E 263 -48.40 86.03 -21.57
N UNK E 264 -49.57 85.57 -21.99
CA UNK E 264 -50.55 85.00 -21.07
C UNK E 264 -50.00 83.75 -20.40
N UNK E 265 -49.30 82.92 -21.17
CA UNK E 265 -48.73 81.69 -20.65
C UNK E 265 -47.96 81.94 -19.36
N UNK E 266 -47.00 82.86 -19.43
CA UNK E 266 -46.18 83.20 -18.25
C UNK E 266 -47.08 83.58 -17.08
N UNK E 267 -48.04 84.42 -17.39
CA UNK E 267 -49.02 84.92 -16.42
C UNK E 267 -49.77 83.75 -15.78
N UNK E 268 -50.21 82.86 -16.65
CA UNK E 268 -50.95 81.65 -16.26
C UNK E 268 -50.12 80.82 -15.28
N UNK E 269 -48.87 80.64 -15.66
CA UNK E 269 -47.89 79.87 -14.87
C UNK E 269 -47.76 80.48 -13.47
N UNK E 270 -47.62 81.78 -13.46
CA UNK E 270 -47.49 82.57 -12.23
C UNK E 270 -48.69 82.33 -11.31
N UNK E 271 -49.87 82.32 -11.94
CA UNK E 271 -51.03 81.77 -11.31
C UNK E 271 -50.71 80.32 -10.96
N UNK E 272 -49.66 79.76 -11.56
CA UNK E 272 -49.32 78.37 -11.33
C UNK E 272 -48.97 78.19 -9.86
N UNK E 273 -48.25 79.15 -9.32
CA UNK E 273 -47.88 79.13 -7.92
C UNK E 273 -49.14 79.17 -7.09
N UNK E 274 -50.10 79.98 -7.53
CA UNK E 274 -51.35 80.11 -6.80
C UNK E 274 -52.11 78.80 -6.77
N UNK E 275 -52.10 78.09 -7.90
CA UNK E 275 -52.76 76.81 -8.02
C UNK E 275 -52.11 75.82 -7.09
N UNK E 276 -50.78 75.86 -7.02
CA UNK E 276 -50.06 74.96 -6.15
C UNK E 276 -50.48 75.25 -4.70
N UNK E 277 -50.60 76.53 -4.37
CA UNK E 277 -50.99 76.93 -3.04
C UNK E 277 -52.39 76.44 -2.70
N UNK E 278 -53.29 76.53 -3.67
CA UNK E 278 -54.66 76.09 -3.50
C UNK E 278 -54.72 74.58 -3.27
N UNK E 279 -53.87 73.85 -3.99
CA UNK E 279 -53.82 72.41 -3.88
C UNK E 279 -52.95 71.83 -4.99
N UNK E 280 -58.74 70.47 -37.83
CA UNK E 280 -58.26 71.60 -37.02
C UNK E 280 -59.41 72.17 -36.17
N UNK E 281 -60.53 72.36 -36.85
CA UNK E 281 -61.76 72.88 -36.24
C UNK E 281 -62.19 71.99 -35.07
N UNK E 282 -62.18 70.70 -35.36
CA UNK E 282 -62.56 69.66 -34.39
C UNK E 282 -61.67 69.77 -33.15
N UNK E 283 -60.39 69.88 -33.41
CA UNK E 283 -59.36 69.99 -32.36
C UNK E 283 -59.65 71.19 -31.48
N UNK E 284 -59.93 72.30 -32.14
CA UNK E 284 -60.24 73.58 -31.48
C UNK E 284 -61.44 73.41 -30.54
N UNK E 285 -62.45 72.77 -31.08
CA UNK E 285 -63.70 72.49 -30.37
C UNK E 285 -63.41 71.69 -29.09
N UNK E 286 -62.60 70.67 -29.28
CA UNK E 286 -62.19 69.77 -28.20
C UNK E 286 -61.51 70.56 -27.09
N UNK E 287 -60.60 71.41 -27.51
CA UNK E 287 -59.82 72.27 -26.62
C UNK E 287 -60.77 73.15 -25.79
N UNK E 288 -61.72 73.74 -26.50
CA UNK E 288 -62.73 74.62 -25.89
C UNK E 288 -63.50 73.87 -24.80
N UNK E 289 -63.90 72.66 -25.17
CA UNK E 289 -64.66 71.77 -24.28
C UNK E 289 -63.86 71.51 -22.99
N UNK E 290 -62.60 71.19 -23.21
CA UNK E 290 -61.66 70.91 -22.12
C UNK E 290 -61.57 72.10 -21.16
N UNK E 291 -61.43 73.27 -21.77
CA UNK E 291 -61.34 74.54 -21.04
C UNK E 291 -62.58 74.74 -20.17
N UNK E 292 -63.71 74.50 -20.78
CA UNK E 292 -65.03 74.62 -20.13
C UNK E 292 -65.09 73.71 -18.90
N UNK E 293 -64.66 72.48 -19.13
CA UNK E 293 -64.64 71.45 -18.08
C UNK E 293 -63.79 71.91 -16.90
N UNK E 294 -62.63 72.44 -17.24
CA UNK E 294 -61.65 72.94 -16.27
C UNK E 294 -62.29 74.04 -15.42
N UNK E 295 -62.96 74.94 -16.12
CA UNK E 295 -63.65 76.08 -15.50
C UNK E 295 -64.70 75.59 -14.49
N UNK E 296 -65.45 74.61 -14.94
CA UNK E 296 -66.51 73.98 -14.14
C UNK E 296 -65.92 73.40 -12.85
N UNK E 297 -64.82 72.70 -13.03
CA UNK E 297 -64.09 72.05 -11.93
C UNK E 297 -63.67 73.11 -10.90
N UNK E 298 -52.31 65.67 -7.38
CA UNK E 298 -52.19 64.96 -8.67
C UNK E 298 -53.13 65.61 -9.70
N UNK E 299 -54.35 65.83 -9.25
CA UNK E 299 -55.41 66.44 -10.07
C UNK E 299 -54.95 67.81 -10.56
N UNK E 300 -54.43 68.57 -9.63
CA UNK E 300 -53.93 69.94 -9.89
C UNK E 300 -52.85 69.90 -10.97
N UNK E 301 -51.93 68.97 -10.80
CA UNK E 301 -50.81 68.75 -11.71
C UNK E 301 -51.33 68.47 -13.13
N UNK E 302 -52.31 67.58 -13.17
CA UNK E 302 -52.96 67.17 -14.41
C UNK E 302 -53.55 68.38 -15.13
N UNK E 303 -54.25 69.18 -14.34
CA UNK E 303 -54.91 70.41 -14.81
C UNK E 303 -53.88 71.34 -15.44
N UNK E 304 -52.79 71.51 -14.72
CA UNK E 304 -51.66 72.37 -15.13
C UNK E 304 -51.14 71.91 -16.49
N UNK E 305 -50.94 70.60 -16.58
CA UNK E 305 -50.43 69.95 -17.79
C UNK E 305 -51.34 70.25 -18.97
N UNK E 306 -52.63 70.09 -18.71
CA UNK E 306 -53.68 70.33 -19.71
C UNK E 306 -53.60 71.77 -20.23
N UNK E 307 -53.47 72.68 -19.27
CA UNK E 307 -53.38 74.12 -19.54
C UNK E 307 -52.18 74.40 -20.46
N UNK E 308 -51.07 73.79 -20.10
CA UNK E 308 -49.81 73.92 -20.84
C UNK E 308 -50.00 73.47 -22.29
N UNK E 309 -50.64 72.33 -22.41
CA UNK E 309 -50.94 71.71 -23.72
C UNK E 309 -51.76 72.66 -24.58
N UNK E 310 -52.77 73.22 -23.94
CA UNK E 310 -53.69 74.17 -24.58
C UNK E 310 -52.91 75.38 -25.11
N UNK E 311 -52.05 75.88 -24.25
CA UNK E 311 -51.19 77.03 -24.57
C UNK E 311 -50.34 76.74 -25.80
N UNK E 312 -49.75 75.56 -25.78
CA UNK E 312 -48.88 75.08 -26.86
C UNK E 312 -49.66 75.05 -28.19
N UNK E 313 -50.86 74.51 -28.10
CA UNK E 313 -51.77 74.39 -29.25
C UNK E 313 -52.05 75.78 -29.83
N UNK E 314 -52.36 76.70 -28.93
CA UNK E 314 -52.66 78.09 -29.28
C UNK E 314 -51.48 78.71 -30.03
N UNK E 315 -71.01 51.10 -19.71
CA UNK E 315 -70.67 49.97 -20.58
C UNK E 315 -69.15 49.96 -20.83
N UNK E 316 -68.64 51.12 -21.15
CA UNK E 316 -67.22 51.34 -21.43
C UNK E 316 -66.38 50.89 -20.23
N UNK E 317 -66.82 51.36 -19.07
CA UNK E 317 -66.18 51.05 -17.80
C UNK E 317 -66.10 49.54 -17.57
N UNK E 318 -67.24 48.91 -17.82
CA UNK E 318 -67.39 47.46 -17.67
C UNK E 318 -66.38 46.74 -18.56
N UNK E 319 -66.33 47.20 -19.81
CA UNK E 319 -65.44 46.65 -20.82
C UNK E 319 -63.98 46.73 -20.35
N UNK E 320 -63.65 47.90 -19.83
CA UNK E 320 -62.31 48.19 -19.31
C UNK E 320 -61.95 47.20 -18.20
N UNK E 321 -62.90 47.03 -17.31
CA UNK E 321 -62.77 46.13 -16.16
C UNK E 321 -62.47 44.71 -16.64
N UNK E 322 -63.26 44.30 -17.62
CA UNK E 322 -63.15 42.98 -18.24
C UNK E 322 -61.74 42.77 -18.80
N UNK E 323 -61.29 43.79 -19.51
CA UNK E 323 -59.97 43.79 -20.14
C UNK E 323 -58.88 43.61 -19.08
N UNK E 324 -59.03 44.36 -18.01
CA UNK E 324 -58.11 44.34 -16.87
C UNK E 324 -58.02 42.92 -16.29
N UNK E 325 -59.20 42.35 -16.11
CA UNK E 325 -59.35 40.99 -15.56
C UNK E 325 -58.60 39.98 -16.44
N UNK E 326 52.76 11.83 1.67
CA UNK E 326 53.29 13.20 1.67
C UNK E 326 54.04 13.48 0.37
N UNK E 327 54.89 12.53 0.03
CA UNK E 327 55.73 12.59 -1.18
C UNK E 327 54.83 12.73 -2.42
N UNK E 328 53.82 11.89 -2.44
CA UNK E 328 52.83 11.85 -3.54
C UNK E 328 52.17 13.23 -3.70
N UNK E 329 51.76 13.75 -2.55
CA UNK E 329 51.11 15.07 -2.48
C UNK E 329 52.01 16.15 -3.07
N UNK E 330 53.26 16.09 -2.66
CA UNK E 330 54.30 17.03 -3.10
C UNK E 330 54.43 16.98 -4.63
N UNK E 331 54.49 15.75 -5.12
CA UNK E 331 54.63 15.48 -6.56
C UNK E 331 53.46 16.11 -7.32
N UNK E 332 52.27 15.88 -6.78
CA UNK E 332 51.02 16.40 -7.34
C UNK E 332 51.08 17.92 -7.45
N UNK E 333 51.52 18.52 -6.35
CA UNK E 333 51.65 19.97 -6.24
C UNK E 333 52.58 20.51 -7.33
N UNK E 334 53.70 19.82 -7.46
CA UNK E 334 54.74 20.16 -8.44
C UNK E 334 54.14 20.14 -9.86
N UNK E 335 53.40 19.08 -10.11
CA UNK E 335 52.74 18.86 -11.40
C UNK E 335 51.80 20.03 -11.71
N UNK E 336 51.02 20.38 -10.70
CA UNK E 336 50.05 21.48 -10.78
C UNK E 336 50.76 22.78 -11.15
N UNK E 337 51.85 23.01 -10.45
CA UNK E 337 52.69 24.21 -10.64
C UNK E 337 53.17 24.29 -12.10
N UNK E 338 53.66 23.16 -12.61
CA UNK E 338 54.15 23.09 -13.98
C UNK E 338 53.05 23.40 -14.98
N UNK E 339 51.86 22.85 -14.73
CA UNK E 339 50.72 23.06 -15.62
C UNK E 339 50.34 24.53 -15.66
N UNK E 340 50.38 25.19 -14.50
CA UNK E 340 50.07 26.60 -14.42
C UNK E 340 51.07 27.41 -15.24
N UNK E 341 52.34 27.02 -15.14
CA UNK E 341 53.40 27.68 -15.89
C UNK E 341 53.16 27.52 -17.39
N UNK E 342 52.73 26.32 -17.78
CA UNK E 342 52.45 26.03 -19.18
C UNK E 342 51.29 26.90 -19.67
N UNK E 343 50.28 27.07 -18.82
CA UNK E 343 49.12 27.88 -19.17
C UNK E 343 49.51 29.33 -19.44
N UNK E 344 -60.60 31.81 -31.84
CA UNK E 344 -60.18 33.20 -31.66
C UNK E 344 -58.95 33.29 -30.75
N UNK E 345 -59.01 32.58 -29.63
CA UNK E 345 -57.89 32.57 -28.67
C UNK E 345 -56.60 32.09 -29.35
N UNK E 346 -56.77 31.01 -30.08
CA UNK E 346 -55.66 30.38 -30.82
C UNK E 346 -55.05 31.38 -31.81
N UNK E 347 -55.95 32.04 -32.52
CA UNK E 347 -55.58 33.05 -33.53
C UNK E 347 -54.76 34.16 -32.87
N UNK E 348 -55.26 34.61 -31.74
CA UNK E 348 -54.63 35.67 -30.94
C UNK E 348 -53.21 35.27 -30.56
N UNK E 349 -53.10 34.05 -30.09
CA UNK E 349 -51.84 33.45 -29.65
C UNK E 349 -50.84 33.46 -30.82
N UNK E 350 -51.33 33.02 -31.96
CA UNK E 350 -50.54 32.95 -33.20
C UNK E 350 -49.99 34.34 -33.55
N UNK E 351 -50.89 35.31 -33.48
CA UNK E 351 -50.58 36.71 -33.77
C UNK E 351 -49.44 37.20 -32.86
N UNK E 352 -49.61 36.89 -31.60
CA UNK E 352 -48.64 37.26 -30.54
C UNK E 352 -47.26 36.68 -30.88
N UNK E 353 -47.28 35.41 -31.24
CA UNK E 353 -46.07 34.67 -31.61
C UNK E 353 -45.36 35.36 -32.77
N UNK E 354 -46.16 35.71 -33.77
CA UNK E 354 -45.69 36.38 -34.98
C UNK E 354 -44.99 37.69 -34.61
N UNK E 355 -45.67 38.43 -33.76
CA UNK E 355 -45.18 39.74 -33.27
C UNK E 355 -43.82 39.56 -32.60
N UNK E 356 -43.75 38.55 -31.75
CA UNK E 356 -42.53 38.21 -31.00
C UNK E 356 -41.38 37.94 -31.97
N UNK E 357 -41.70 37.15 -32.98
CA UNK E 357 -40.75 36.75 -34.03
C UNK E 357 -40.19 37.99 -34.72
N UNK E 358 -41.12 38.87 -35.07
CA UNK E 358 -40.81 40.13 -35.75
C UNK E 358 -39.83 40.95 -34.90
N UNK E 359 -40.16 41.04 -33.64
CA UNK E 359 -39.36 41.78 -32.64
C UNK E 359 -37.93 41.23 -32.62
N UNK E 360 -37.87 39.92 -32.56
CA UNK E 360 -36.59 39.18 -32.51
C UNK E 360 -35.75 39.53 -33.73
N UNK E 361 -36.38 39.50 -34.91
CA UNK E 361 -35.69 39.81 -36.16
C UNK E 361 -35.13 41.23 -36.13
N UNK E 362 -35.92 42.17 -35.62
CA UNK E 362 -35.51 43.57 -35.55
C UNK E 362 -34.28 43.73 -34.65
N UNK E 363 -34.28 43.00 -33.54
CA UNK E 363 -33.17 43.07 -32.59
C UNK E 363 -31.87 42.58 -33.23
N UNK E 364 -31.97 41.52 -34.03
CA UNK E 364 -30.80 40.95 -34.70
C UNK E 364 -30.24 41.93 -35.73
N UNK E 365 -55.74 51.29 -10.73
CA UNK E 365 -54.33 51.17 -10.31
C UNK E 365 -53.65 50.05 -11.09
N UNK E 366 -54.35 48.92 -11.14
CA UNK E 366 -53.88 47.71 -11.83
C UNK E 366 -53.61 48.03 -13.30
N UNK E 367 -54.58 48.71 -13.89
CA UNK E 367 -54.53 49.11 -15.30
C UNK E 367 -53.29 49.97 -15.56
N UNK E 368 -53.10 50.92 -14.67
CA UNK E 368 -51.96 51.86 -14.72
C UNK E 368 -50.64 51.08 -14.70
N UNK E 369 -50.59 50.14 -13.78
CA UNK E 369 -49.42 49.28 -13.59
C UNK E 369 -49.10 48.53 -14.89
N UNK E 370 -50.16 47.97 -15.45
CA UNK E 370 -50.08 47.20 -16.71
C UNK E 370 -49.49 48.07 -17.82
N UNK E 371 -50.02 49.28 -17.90
CA UNK E 371 -49.61 50.27 -18.90
C UNK E 371 -48.11 50.55 -18.76
N UNK E 372 -47.72 50.77 -17.52
CA UNK E 372 -46.32 51.06 -17.16
C UNK E 372 -45.41 49.92 -17.64
N UNK E 373 -45.85 48.71 -17.35
CA UNK E 373 -45.14 47.49 -17.72
C UNK E 373 -44.94 47.43 -19.23
N UNK E 374 -46.03 47.72 -19.93
CA UNK E 374 -46.05 47.72 -21.40
C UNK E 374 -45.02 48.70 -21.93
N UNK E 375 -45.04 49.88 -21.35
CA UNK E 375 -44.13 50.97 -21.70
C UNK E 375 -42.67 50.52 -21.55
N UNK E 376 -42.43 49.90 -20.41
CA UNK E 376 -41.10 49.38 -20.06
C UNK E 376 -40.62 48.39 -21.12
N UNK E 377 -41.53 47.50 -21.46
CA UNK E 377 -41.28 46.44 -22.47
C UNK E 377 -40.89 47.08 -23.79
N UNK E 378 -41.67 48.09 -24.17
CA UNK E 378 -41.46 48.83 -25.41
C UNK E 378 -40.06 49.45 -25.43
N UNK E 379 -39.72 50.06 -24.32
CA UNK E 379 -38.42 50.71 -24.12
C UNK E 379 -37.29 49.70 -24.33
N UNK E 380 -37.47 48.56 -23.70
CA UNK E 380 -36.51 47.45 -23.76
C UNK E 380 -36.29 47.02 -25.22
N UNK E 381 -37.41 46.87 -25.91
CA UNK E 381 -37.42 46.48 -27.31
C UNK E 381 -36.62 47.46 -28.16
N UNK E 382 -36.89 48.73 -27.90
CA UNK E 382 -36.22 49.85 -28.59
C UNK E 382 -34.71 49.76 -28.39
N UNK E 383 -34.34 49.54 -27.15
CA UNK E 383 -32.94 49.42 -26.73
C UNK E 383 -32.26 48.29 -27.51
N UNK E 384 -32.92 47.14 -27.58
CA UNK E 384 -32.39 45.99 -28.30
C UNK E 384 -32.17 46.31 -29.77
N UNK E 385 -33.09 47.04 -30.36
CA UNK E 385 -32.99 47.42 -31.76
C UNK E 385 -31.76 48.30 -32.01
N UNK E 386 -31.50 49.22 -31.09
CA UNK E 386 -30.36 50.11 -31.22
C UNK E 386 -29.05 49.34 -31.20
N UNK E 387 -8.73 48.52 -42.44
CA UNK E 387 -8.58 48.41 -41.00
C UNK E 387 -9.67 49.18 -40.26
N UNK E 388 -9.38 50.44 -39.94
CA UNK E 388 -10.33 51.29 -39.24
C UNK E 388 -11.28 51.98 -40.21
N UNK E 389 -10.71 52.52 -41.29
CA UNK E 389 -11.50 53.21 -42.30
C UNK E 389 -12.44 52.21 -42.90
N UNK E 390 -11.90 51.02 -43.14
CA UNK E 390 -12.65 49.92 -43.69
C UNK E 390 -13.74 49.47 -42.74
N UNK E 391 -13.46 49.49 -41.43
CA UNK E 391 -14.41 48.97 -40.49
C UNK E 391 -15.69 49.79 -40.62
N UNK E 392 -15.52 51.09 -40.77
CA UNK E 392 -16.64 52.00 -40.91
C UNK E 392 -17.43 51.69 -42.16
N UNK E 393 -16.73 51.38 -43.23
CA UNK E 393 -17.34 51.01 -44.49
C UNK E 393 -18.15 49.73 -44.36
N UNK E 394 -17.60 48.79 -43.61
CA UNK E 394 -18.29 47.54 -43.35
C UNK E 394 -19.55 47.85 -42.57
N UNK E 395 -19.42 48.78 -41.62
CA UNK E 395 -20.55 49.22 -40.82
C UNK E 395 -21.59 49.89 -41.70
N UNK E 396 -21.13 50.69 -42.65
CA UNK E 396 -22.02 51.38 -43.59
C UNK E 396 -22.78 50.36 -44.43
N UNK E 397 -22.07 49.31 -44.85
CA UNK E 397 -22.67 48.24 -45.65
C UNK E 397 -23.73 47.54 -44.82
N UNK E 398 -23.42 47.34 -43.54
CA UNK E 398 -24.33 46.69 -42.62
C UNK E 398 -25.60 47.50 -42.45
N UNK E 399 -25.48 48.82 -42.38
CA UNK E 399 -26.65 49.66 -42.24
C UNK E 399 -27.49 49.44 -43.46
N UNK E 400 -26.82 49.35 -44.60
CA UNK E 400 -27.53 49.25 -45.85
C UNK E 400 -28.32 47.96 -45.85
N UNK E 401 -27.66 46.87 -45.49
CA UNK E 401 -28.36 45.62 -45.28
C UNK E 401 -29.27 45.86 -44.09
N UNK E 402 -28.71 46.50 -43.06
CA UNK E 402 -29.47 46.88 -41.89
C UNK E 402 -30.53 47.90 -42.30
N UNK E 403 -30.13 48.83 -43.15
CA UNK E 403 -31.08 49.78 -43.71
C UNK E 403 -32.03 48.94 -44.52
N UNK E 404 -31.46 47.96 -45.20
CA UNK E 404 -32.22 46.98 -45.95
C UNK E 404 -33.05 46.18 -44.96
N UNK E 405 -32.45 45.87 -43.81
CA UNK E 405 -33.17 45.08 -42.80
C UNK E 405 -34.49 45.76 -42.47
N UNK E 406 -34.48 47.08 -42.38
CA UNK E 406 -35.68 47.85 -42.11
C UNK E 406 -36.69 47.67 -43.25
N UNK E 407 -36.19 47.66 -44.47
CA UNK E 407 -37.04 47.43 -45.64
C UNK E 407 -37.66 46.03 -45.58
N UNK E 408 -36.86 45.06 -45.16
CA UNK E 408 -37.34 43.69 -45.01
C UNK E 408 -38.43 43.62 -43.96
N UNK E 409 -38.25 44.38 -42.88
CA UNK E 409 -39.25 44.46 -41.82
C UNK E 409 -40.54 45.06 -42.34
N UNK E 410 -40.42 46.08 -43.18
CA UNK E 410 -41.60 46.69 -43.80
C UNK E 410 -42.32 45.69 -44.68
N UNK E 411 -41.55 44.89 -45.40
CA UNK E 411 -42.12 43.84 -46.25
C UNK E 411 -42.87 42.82 -45.40
N UNK E 412 -42.29 42.48 -44.25
CA UNK E 412 -42.93 41.55 -43.32
C UNK E 412 -44.24 42.13 -42.81
N UNK E 413 -44.22 43.44 -42.55
CA UNK E 413 -45.41 44.15 -42.09
C UNK E 413 -46.50 44.10 -43.15
N UNK E 414 -46.11 44.23 -44.41
CA UNK E 414 -47.07 44.15 -45.51
C UNK E 414 -47.71 42.76 -45.50
N UNK E 415 -46.88 41.75 -45.25
CA UNK E 415 -47.34 40.37 -45.10
C UNK E 415 -48.27 40.39 -43.91
N UNK E 416 -47.86 41.16 -42.92
CA UNK E 416 -48.58 41.30 -41.67
C UNK E 416 -49.95 41.90 -41.89
N UNK E 417 -50.06 42.90 -42.76
CA UNK E 417 -51.33 43.52 -43.10
C UNK E 417 -52.27 42.55 -43.79
N UNK E 418 -51.74 41.74 -44.70
CA UNK E 418 -52.60 40.74 -45.33
C UNK E 418 -53.09 39.77 -44.26
N UNK E 419 -52.17 39.44 -43.38
CA UNK E 419 -52.42 38.49 -42.32
C UNK E 419 -53.49 39.05 -41.43
N UNK E 420 -53.44 40.36 -41.27
CA UNK E 420 -54.34 41.18 -40.49
C UNK E 420 -55.75 41.22 -41.04
N UNK E 421 -55.86 41.27 -42.36
CA UNK E 421 -57.18 41.16 -42.96
C UNK E 421 -57.68 39.79 -42.58
N UNK E 422 -56.78 38.82 -42.65
CA UNK E 422 -57.14 37.45 -42.28
C UNK E 422 -57.60 37.37 -40.82
N UNK E 423 -56.91 38.12 -39.97
CA UNK E 423 -57.16 38.22 -38.54
C UNK E 423 -58.49 38.87 -38.20
N UNK E 424 -58.83 39.88 -38.98
CA UNK E 424 -60.11 40.54 -38.83
C UNK E 424 -61.12 39.47 -39.15
N UNK E 425 -60.81 38.67 -40.17
CA UNK E 425 -61.68 37.58 -40.58
C UNK E 425 -61.85 36.60 -39.43
N UNK E 426 -60.76 36.32 -38.74
CA UNK E 426 -60.80 35.49 -37.54
C UNK E 426 -61.02 36.38 -36.32
N UNK E 427 -57.63 47.99 -32.17
CA UNK E 427 -57.76 46.99 -33.24
C UNK E 427 -58.13 47.69 -34.55
N UNK E 428 -59.11 48.56 -34.45
CA UNK E 428 -59.63 49.34 -35.59
C UNK E 428 -58.49 50.15 -36.21
N UNK E 429 -57.75 50.81 -35.35
CA UNK E 429 -56.61 51.64 -35.74
C UNK E 429 -55.59 50.81 -36.52
N UNK E 430 -55.31 49.65 -35.96
CA UNK E 430 -54.35 48.70 -36.55
C UNK E 430 -54.80 48.32 -37.96
N UNK E 431 -56.07 48.00 -38.06
CA UNK E 431 -56.71 47.60 -39.32
C UNK E 431 -56.52 48.71 -40.37
N UNK E 432 -56.81 49.91 -39.92
CA UNK E 432 -56.71 51.12 -40.75
C UNK E 432 -55.28 51.26 -41.30
N UNK E 433 -54.34 51.10 -40.39
CA UNK E 433 -52.90 51.19 -40.69
C UNK E 433 -52.53 50.19 -41.77
N UNK E 434 -53.02 48.97 -41.57
CA UNK E 434 -52.78 47.84 -42.48
C UNK E 434 -53.29 48.19 -43.88
N UNK E 435 -54.50 48.72 -43.90
CA UNK E 435 -55.18 49.14 -45.14
C UNK E 435 -54.33 50.17 -45.88
N UNK E 436 -53.86 51.14 -45.11
CA UNK E 436 -53.02 52.23 -45.63
C UNK E 436 -51.77 51.66 -46.28
N UNK E 437 -51.16 50.74 -45.57
CA UNK E 437 -49.93 50.06 -46.02
C UNK E 437 -50.18 49.37 -47.35
N UNK E 438 -51.29 48.66 -47.41
CA UNK E 438 -51.72 47.91 -48.60
C UNK E 438 -51.85 48.87 -49.79
N UNK E 439 -52.50 49.98 -49.52
CA UNK E 439 -52.75 51.03 -50.52
C UNK E 439 -51.41 51.53 -51.08
N UNK E 440 -50.51 51.79 -50.16
CA UNK E 440 -49.16 52.29 -50.48
C UNK E 440 -48.45 51.29 -51.41
N UNK E 441 -48.54 50.04 -51.03
CA UNK E 441 -47.93 48.93 -51.78
C UNK E 441 -48.47 48.91 -53.21
N UNK E 442 -49.78 49.03 -53.30
CA UNK E 442 -50.50 49.03 -54.58
C UNK E 442 -49.98 50.16 -55.47
N UNK E 443 -49.88 51.33 -54.85
CA UNK E 443 -49.39 52.55 -55.52
C UNK E 443 -48.00 52.31 -56.09
N UNK E 444 -47.16 51.73 -55.25
CA UNK E 444 -45.76 51.41 -55.60
C UNK E 444 -45.73 50.50 -56.82
N UNK E 445 -38.56 55.36 -39.65
CA UNK E 445 -38.93 55.78 -38.29
C UNK E 445 -40.42 55.54 -38.05
N UNK E 446 -41.18 55.98 -39.02
CA UNK E 446 -42.65 55.85 -39.00
C UNK E 446 -43.04 54.37 -38.86
N UNK E 447 -42.40 53.57 -39.67
CA UNK E 447 -42.62 52.11 -39.69
C UNK E 447 -42.37 51.51 -38.31
N UNK E 448 -41.24 51.93 -37.75
CA UNK E 448 -40.80 51.48 -36.42
C UNK E 448 -41.87 51.81 -35.38
N UNK E 449 -42.33 53.04 -35.47
CA UNK E 449 -43.35 53.57 -34.55
C UNK E 449 -44.62 52.71 -34.62
N UNK E 450 -45.01 52.43 -35.85
CA UNK E 450 -46.20 51.61 -36.16
C UNK E 450 -46.06 50.24 -35.50
N UNK E 451 -44.88 49.66 -35.69
CA UNK E 451 -44.54 48.34 -35.16
C UNK E 451 -44.70 48.35 -33.63
N UNK E 452 -44.15 49.38 -33.04
CA UNK E 452 -44.18 49.58 -31.59
C UNK E 452 -45.63 49.62 -31.09
N UNK E 453 -46.42 50.38 -31.81
CA UNK E 453 -47.85 50.56 -31.51
C UNK E 453 -48.56 49.21 -31.54
N UNK E 454 -48.26 48.46 -32.58
CA UNK E 454 -48.83 47.13 -32.80
C UNK E 454 -48.51 46.22 -31.61
N UNK E 455 -47.25 46.26 -31.23
CA UNK E 455 -46.72 45.47 -30.11
C UNK E 455 -47.49 45.80 -28.83
N UNK E 456 -47.66 47.09 -28.62
CA UNK E 456 -48.36 47.62 -27.44
C UNK E 456 -49.79 47.07 -27.40
N UNK E 457 -50.43 47.14 -28.56
CA UNK E 457 -51.80 46.67 -28.74
C UNK E 457 -51.91 45.19 -28.36
N UNK E 458 -50.96 44.39 -28.85
CA UNK E 458 -50.97 42.96 -28.60
C UNK E 458 -50.82 42.63 -27.11
N UNK E 459 -49.96 43.36 -26.44
CA UNK E 459 -49.72 43.13 -25.02
C UNK E 459 -51.00 43.39 -24.22
N UNK E 460 -51.71 44.44 -24.59
CA UNK E 460 -52.96 44.78 -23.92
C UNK E 460 -53.97 43.66 -24.12
N UNK E 461 -54.01 43.12 -25.33
CA UNK E 461 -54.92 42.02 -25.65
C UNK E 461 -54.59 40.79 -24.81
N UNK E 462 -53.29 40.53 -24.64
CA UNK E 462 -52.84 39.39 -23.86
C UNK E 462 -53.26 39.51 -22.39
N UNK E 463 -53.16 40.74 -21.87
CA UNK E 463 -53.49 41.02 -20.49
C UNK E 463 -54.99 40.83 -20.23
N UNK E 464 -50.59 61.67 -51.90
CA UNK E 464 -50.61 60.34 -51.26
C UNK E 464 -49.31 59.59 -51.60
N UNK E 465 -48.99 59.62 -52.87
CA UNK E 465 -47.79 58.97 -53.40
C UNK E 465 -46.54 59.50 -52.69
N UNK E 466 -46.50 60.82 -52.61
CA UNK E 466 -45.39 61.54 -51.97
C UNK E 466 -45.22 61.07 -50.52
N UNK E 467 -46.36 61.02 -49.84
CA UNK E 467 -46.43 60.59 -48.44
C UNK E 467 -45.86 59.19 -48.28
N UNK E 468 -46.28 58.33 -49.17
CA UNK E 468 -45.86 56.92 -49.21
C UNK E 468 -44.34 56.84 -49.35
N UNK E 469 -43.84 57.63 -50.29
CA UNK E 469 -42.40 57.72 -50.58
C UNK E 469 -41.63 58.11 -49.32
N UNK E 470 -42.16 59.14 -48.68
CA UNK E 470 -41.57 59.69 -47.44
C UNK E 470 -41.47 58.59 -46.37
N UNK E 471 -42.58 57.88 -46.24
CA UNK E 471 -42.71 56.78 -45.28
C UNK E 471 -41.62 55.72 -45.54
N UNK E 472 -41.51 55.38 -46.80
CA UNK E 472 -40.54 54.39 -47.28
C UNK E 472 -39.12 54.81 -46.89
N UNK E 473 -38.84 56.08 -47.15
CA UNK E 473 -37.54 56.70 -46.87
C UNK E 473 -37.23 56.57 -45.37
N UNK E 474 -20.44 59.72 -39.94
CA UNK E 474 -21.31 59.09 -40.95
C UNK E 474 -22.77 59.13 -40.48
N UNK E 475 -22.93 58.73 -39.22
CA UNK E 475 -24.25 58.68 -38.57
C UNK E 475 -24.90 60.06 -38.60
N UNK E 476 -24.09 61.05 -38.23
CA UNK E 476 -24.52 62.46 -38.19
C UNK E 476 -25.01 62.90 -39.57
N UNK E 477 -24.21 62.55 -40.56
CA UNK E 477 -24.50 62.87 -41.97
C UNK E 477 -25.86 62.28 -42.38
N UNK E 478 -26.02 61.03 -42.02
CA UNK E 478 -27.24 60.27 -42.31
C UNK E 478 -28.46 60.98 -41.70
N UNK E 479 -28.28 61.37 -40.45
CA UNK E 479 -29.33 62.07 -39.68
C UNK E 479 -29.72 63.36 -40.40
N UNK E 480 -28.70 64.08 -40.81
CA UNK E 480 -28.86 65.36 -41.53
C UNK E 480 -29.69 65.15 -42.79
N UNK E 481 -29.30 64.12 -43.52
CA UNK E 481 -29.96 63.73 -44.78
C UNK E 481 -31.45 63.47 -44.53
N UNK E 482 -31.69 62.70 -43.49
CA UNK E 482 -33.05 62.33 -43.06
C UNK E 482 -33.89 63.57 -42.80
N UNK E 483 -33.27 64.48 -42.06
CA UNK E 483 -33.89 65.76 -41.68
C UNK E 483 -34.29 66.54 -42.93
N UNK E 484 -33.35 66.59 -43.85
CA UNK E 484 -33.53 67.28 -45.14
C UNK E 484 -34.73 66.71 -45.88
N UNK E 485 -34.75 65.39 -45.92
CA UNK E 485 -35.82 64.63 -46.59
C UNK E 485 -37.18 65.01 -45.99
N UNK E 486 -37.20 65.02 -44.68
CA UNK E 486 -38.41 65.35 -43.89
C UNK E 486 -38.91 66.74 -44.27
N UNK E 487 -37.96 67.65 -44.30
CA UNK E 487 -38.22 69.06 -44.64
C UNK E 487 -38.87 69.15 -46.02
N UNK E 488 -38.27 68.43 -46.95
CA UNK E 488 -38.71 68.38 -48.35
C UNK E 488 -40.17 67.90 -48.41
N UNK E 489 -40.41 66.84 -47.66
CA UNK E 489 -41.74 66.21 -47.57
C UNK E 489 -42.77 67.23 -47.09
N UNK E 490 -42.38 67.92 -46.04
CA UNK E 490 -43.21 68.96 -45.40
C UNK E 490 -43.57 70.03 -46.43
N UNK E 491 -42.56 70.46 -47.15
CA UNK E 491 -42.68 71.49 -48.20
C UNK E 491 -43.71 71.04 -49.25
N UNK E 492 -43.55 69.81 -49.66
CA UNK E 492 -44.41 69.18 -50.67
C UNK E 492 -45.87 69.21 -50.19
N UNK E 493 -46.03 68.82 -48.94
CA UNK E 493 -47.35 68.77 -48.28
C UNK E 493 -48.00 70.15 -48.32
N UNK E 494 -47.23 71.18 -47.98
CA UNK E 494 -47.74 72.53 -47.96
C UNK E 494 -48.23 72.96 -49.35
N UNK E 495 -47.47 72.61 -50.37
CA UNK E 495 -47.81 72.94 -51.74
C UNK E 495 -49.14 72.30 -52.15
N UNK E 496 -49.30 71.03 -51.80
CA UNK E 496 -50.51 70.29 -52.14
C UNK E 496 -51.73 70.92 -51.47
N UNK E 497 -51.57 71.32 -50.21
CA UNK E 497 -52.66 71.93 -49.45
C UNK E 497 -53.11 73.24 -50.10
N UNK E 498 -52.15 74.03 -50.58
CA UNK E 498 -52.45 75.31 -51.21
C UNK E 498 -53.26 75.10 -52.49
N UNK E 499 0.60 51.49 -51.90
CA UNK E 499 -0.52 51.44 -52.84
C UNK E 499 -1.86 51.38 -52.09
N UNK E 500 -1.93 50.49 -51.10
CA UNK E 500 -3.14 50.33 -50.31
C UNK E 500 -3.55 51.64 -49.65
N UNK E 501 -2.59 52.31 -49.03
CA UNK E 501 -2.85 53.58 -48.36
C UNK E 501 -3.43 54.61 -49.32
N UNK E 502 -2.82 54.72 -50.50
CA UNK E 502 -3.29 55.67 -51.52
C UNK E 502 -4.74 55.39 -51.90
N UNK E 503 -5.06 54.13 -52.14
CA UNK E 503 -6.40 53.74 -52.52
C UNK E 503 -7.42 54.16 -51.46
N UNK E 504 -7.10 53.87 -50.20
CA UNK E 504 -7.97 54.22 -49.09
C UNK E 504 -8.26 55.72 -49.04
N UNK E 505 -7.21 56.52 -49.17
CA UNK E 505 -7.33 57.97 -49.15
C UNK E 505 -8.28 58.45 -50.25
N UNK E 506 -8.09 57.93 -51.46
CA UNK E 506 -8.93 58.30 -52.60
C UNK E 506 -10.41 58.01 -52.32
N UNK E 507 -10.68 56.82 -51.81
CA UNK E 507 -12.06 56.42 -51.49
C UNK E 507 -12.68 57.40 -50.50
N UNK E 508 -11.89 57.70 -49.47
CA UNK E 508 -12.29 58.62 -48.40
C UNK E 508 -12.63 59.99 -48.99
N UNK E 509 -11.73 60.44 -49.86
CA UNK E 509 -11.87 61.74 -50.54
C UNK E 509 -13.19 61.78 -51.33
N UNK E 510 -13.41 60.70 -52.06
CA UNK E 510 -14.62 60.54 -52.89
C UNK E 510 -15.87 60.66 -52.02
N UNK E 511 -15.82 59.96 -50.90
CA UNK E 511 -16.92 59.93 -49.93
C UNK E 511 -17.22 61.35 -49.43
N UNK E 512 -16.14 62.04 -49.10
CA UNK E 512 -16.21 63.42 -48.61
C UNK E 512 -16.90 64.32 -49.64
N UNK E 513 -16.47 64.16 -50.87
CA UNK E 513 -16.99 64.91 -52.02
C UNK E 513 -18.50 64.69 -52.15
N UNK E 514 -18.86 63.42 -52.06
CA UNK E 514 -20.27 62.98 -52.15
C UNK E 514 -21.10 63.69 -51.06
N UNK E 515 -20.55 63.66 -49.87
CA UNK E 515 -21.19 64.26 -48.69
C UNK E 515 -21.44 65.75 -48.93
N UNK E 516 -20.40 66.39 -49.44
CA UNK E 516 -20.42 67.83 -49.75
C UNK E 516 -21.56 68.13 -50.75
N UNK E 517 -21.61 67.30 -51.77
CA UNK E 517 -22.61 67.41 -52.84
C UNK E 517 -24.01 67.32 -52.25
N UNK E 518 -24.17 66.34 -51.38
CA UNK E 518 -25.45 66.07 -50.69
C UNK E 518 -25.88 67.32 -49.90
N UNK E 519 -24.92 67.85 -49.18
CA UNK E 519 -25.12 69.05 -48.35
C UNK E 519 -25.61 70.22 -49.21
N UNK E 520 -24.93 70.37 -50.33
CA UNK E 520 -25.23 71.44 -51.31
C UNK E 520 -26.68 71.30 -51.79
N UNK E 521 -27.02 70.07 -52.13
CA UNK E 521 -28.36 69.72 -52.62
C UNK E 521 -29.41 70.11 -51.58
N UNK E 522 -29.12 69.74 -50.35
CA UNK E 522 -30.00 70.02 -49.20
C UNK E 522 -30.23 71.53 -49.07
N UNK E 523 -29.13 72.26 -49.17
CA UNK E 523 -29.14 73.72 -49.07
C UNK E 523 -30.05 74.31 -50.15
N UNK E 524 -29.87 73.80 -51.35
CA UNK E 524 -30.64 74.22 -52.53
C UNK E 524 -32.13 74.02 -52.28
N UNK E 525 -32.47 72.85 -51.76
CA UNK E 525 -33.87 72.51 -51.49
C UNK E 525 -34.48 73.45 -50.45
N UNK E 526 -33.69 73.79 -49.44
CA UNK E 526 -34.16 74.68 -48.38
C UNK E 526 -34.48 76.06 -48.96
N UNK E 527 -33.61 76.53 -49.86
CA UNK E 527 -33.80 77.84 -50.47
C UNK E 527 -35.11 77.90 -51.25
N UNK E 528 -35.41 76.83 -51.98
CA UNK E 528 -36.65 76.77 -52.75
C UNK E 528 -37.86 76.83 -51.83
N UNK E 529 -37.78 76.12 -50.70
CA UNK E 529 -38.86 76.11 -49.72
C UNK E 529 -39.08 77.49 -49.13
N UNK E 530 -38.00 78.20 -48.85
CA UNK E 530 -38.13 79.55 -48.28
C UNK E 530 -38.82 80.49 -49.27
N UNK E 531 -38.45 80.38 -50.54
CA UNK E 531 -39.04 81.21 -51.58
C UNK E 531 -40.53 80.97 -51.72
N UNK E 532 -40.93 79.70 -51.65
CA UNK E 532 -42.34 79.34 -51.74
C UNK E 532 -43.12 79.96 -50.59
N UNK E 533 -42.52 79.92 -49.40
CA UNK E 533 -43.15 80.51 -48.22
C UNK E 533 -43.31 82.02 -48.39
N UNK E 534 -42.29 82.65 -48.96
CA UNK E 534 -42.31 84.09 -49.19
C UNK E 534 -43.41 84.48 -50.18
N UNK E 535 -43.46 83.76 -51.30
CA UNK E 535 -44.45 84.03 -52.33
C UNK E 535 -45.86 83.80 -51.81
N UNK E 536 -46.03 82.74 -51.04
CA UNK E 536 -47.33 82.40 -50.48
C UNK E 536 -47.83 83.49 -49.54
N UNK E 537 -46.92 84.04 -48.74
CA UNK E 537 -47.27 85.09 -47.79
C UNK E 537 -47.75 86.34 -48.52
N UNK E 538 -15.11 73.88 -39.55
CA UNK E 538 -15.99 73.72 -38.41
C UNK E 538 -16.78 74.99 -38.14
N UNK E 539 -16.08 76.12 -38.14
CA UNK E 539 -16.73 77.42 -37.87
C UNK E 539 -17.84 77.67 -38.91
N UNK E 540 -17.48 77.41 -40.15
CA UNK E 540 -18.39 77.58 -41.29
C UNK E 540 -19.64 76.72 -41.09
N UNK E 541 -19.38 75.48 -40.73
CA UNK E 541 -20.44 74.48 -40.48
C UNK E 541 -21.39 74.99 -39.40
N UNK E 542 -20.79 75.48 -38.34
CA UNK E 542 -21.52 76.02 -37.18
C UNK E 542 -22.44 77.15 -37.63
N UNK E 543 -21.87 78.04 -38.42
CA UNK E 543 -22.56 79.20 -38.97
C UNK E 543 -23.79 78.75 -39.77
N UNK E 544 -23.55 77.77 -40.61
CA UNK E 544 -24.58 77.18 -41.47
C UNK E 544 -25.73 76.65 -40.63
N UNK E 545 -25.35 75.92 -39.60
CA UNK E 545 -26.29 75.32 -38.65
C UNK E 545 -27.17 76.39 -38.02
N UNK E 546 -26.51 77.44 -37.58
CA UNK E 546 -27.15 78.60 -36.95
C UNK E 546 -28.20 79.20 -37.90
N UNK E 547 -27.77 79.39 -39.13
CA UNK E 547 -28.60 79.95 -40.19
C UNK E 547 -29.87 79.10 -40.37
N UNK E 548 -29.64 77.80 -40.43
CA UNK E 548 -30.71 76.80 -40.60
C UNK E 548 -31.73 76.94 -39.47
N UNK E 549 -31.19 77.04 -38.27
CA UNK E 549 -32.00 77.17 -37.04
C UNK E 549 -32.88 78.42 -37.13
N UNK E 550 -32.24 79.49 -37.55
CA UNK E 550 -32.90 80.80 -37.71
C UNK E 550 -34.08 80.68 -38.68
N UNK E 551 -33.79 80.03 -39.79
CA UNK E 551 -34.77 79.79 -40.86
C UNK E 551 -35.98 79.04 -40.30
N UNK E 552 -35.67 78.00 -39.56
CA UNK E 552 -36.67 77.13 -38.93
C UNK E 552 -37.59 77.97 -38.02
N UNK E 553 -36.93 78.79 -37.23
CA UNK E 553 -37.62 79.69 -36.27
C UNK E 553 -38.59 80.59 -37.02
N UNK E 554 -38.08 81.16 -38.10
CA UNK E 554 -38.85 82.07 -38.96
C UNK E 554 -40.10 81.37 -39.49
N UNK E 555 -39.87 80.16 -39.96
CA UNK E 555 -40.95 79.31 -40.51
C UNK E 555 -42.03 79.09 -39.46
N UNK E 556 -41.58 78.76 -38.27
CA UNK E 556 -42.45 78.50 -37.11
C UNK E 556 -43.32 79.72 -36.83
N UNK E 557 -42.65 80.87 -36.83
CA UNK E 557 -43.29 82.16 -36.58
C UNK E 557 -44.40 82.40 -37.60
N UNK E 558 -44.05 82.16 -38.84
CA UNK E 558 -44.96 82.32 -39.99
C UNK E 558 -46.20 81.46 -39.80
N UNK E 559 -45.99 80.20 -39.42
CA UNK E 559 -47.09 79.27 -39.19
C UNK E 559 -48.06 79.80 -38.13
N UNK E 560 5.12 61.65 -44.97
CA UNK E 560 5.61 61.92 -43.61
C UNK E 560 6.59 60.84 -43.18
N UNK E 561 6.18 59.61 -43.43
CA UNK E 561 6.97 58.42 -43.10
C UNK E 561 8.33 58.48 -43.79
N UNK E 562 8.26 58.80 -45.07
CA UNK E 562 9.45 58.92 -45.93
C UNK E 562 10.41 59.95 -45.35
N UNK E 563 9.83 61.08 -45.00
CA UNK E 563 10.59 62.21 -44.41
C UNK E 563 11.32 61.75 -43.14
N UNK E 564 10.57 61.05 -42.32
CA UNK E 564 11.07 60.51 -41.04
C UNK E 564 12.28 59.61 -41.30
N UNK E 565 12.10 58.74 -42.27
CA UNK E 565 13.13 57.77 -42.68
C UNK E 565 14.41 58.51 -43.09
N UNK E 566 14.20 59.53 -43.91
CA UNK E 566 15.28 60.37 -44.43
C UNK E 566 16.06 60.99 -43.26
N UNK E 567 15.31 61.52 -42.32
CA UNK E 567 15.84 62.17 -41.12
C UNK E 567 16.72 61.19 -40.35
N UNK E 568 16.18 59.99 -40.18
CA UNK E 568 16.85 58.90 -39.48
C UNK E 568 18.20 58.59 -40.14
N UNK E 569 18.13 58.48 -41.45
CA UNK E 569 19.30 58.19 -42.29
C UNK E 569 20.39 59.25 -42.07
N UNK E 570 19.93 60.49 -42.10
CA UNK E 570 20.80 61.66 -41.91
C UNK E 570 21.52 61.57 -40.56
N UNK E 571 20.72 61.26 -39.55
CA UNK E 571 21.19 61.12 -38.17
C UNK E 571 22.30 60.06 -38.10
N UNK E 572 22.01 58.94 -38.74
CA UNK E 572 22.92 57.79 -38.79
C UNK E 572 24.25 58.21 -39.41
N UNK E 573 24.13 58.94 -40.51
CA UNK E 573 25.29 59.45 -41.26
C UNK E 573 26.15 60.32 -40.36
N UNK E 574 25.47 61.21 -39.66
CA UNK E 574 26.10 62.15 -38.73
C UNK E 574 26.89 61.39 -37.66
N UNK E 575 26.24 60.38 -37.12
CA UNK E 575 26.80 59.51 -36.09
C UNK E 575 28.10 58.87 -36.60
N UNK E 576 28.00 58.35 -37.80
CA UNK E 576 29.12 57.68 -38.48
C UNK E 576 30.30 58.63 -38.60
N UNK E 577 29.98 59.84 -39.04
CA UNK E 577 30.97 60.90 -39.23
C UNK E 577 31.69 61.19 -37.92
N UNK E 578 30.89 61.31 -36.87
CA UNK E 578 31.38 61.58 -35.52
C UNK E 578 32.37 60.49 -35.09
N UNK E 579 31.96 59.26 -35.33
CA UNK E 579 32.75 58.07 -35.01
C UNK E 579 34.10 58.13 -35.70
N UNK E 580 34.08 58.46 -36.99
CA UNK E 580 35.31 58.55 -37.78
C UNK E 580 36.28 59.57 -37.17
N UNK E 581 -16.05 71.33 -60.18
CA UNK E 581 -14.72 71.92 -60.23
C UNK E 581 -13.96 71.68 -58.93
N UNK E 582 -14.62 71.92 -57.81
CA UNK E 582 -14.02 71.72 -56.50
C UNK E 582 -13.54 70.29 -56.32
N UNK E 583 -14.40 69.34 -56.66
CA UNK E 583 -14.07 67.92 -56.54
C UNK E 583 -12.82 67.58 -57.34
N UNK E 584 -12.77 68.04 -58.59
CA UNK E 584 -11.64 67.79 -59.46
C UNK E 584 -10.33 68.30 -58.83
N UNK E 585 -10.37 69.52 -58.33
CA UNK E 585 -9.20 70.13 -57.71
C UNK E 585 -8.70 69.29 -56.55
N UNK E 586 -9.61 68.86 -55.68
CA UNK E 586 -9.26 68.04 -54.54
C UNK E 586 -8.56 66.77 -54.95
N UNK E 587 -9.12 66.08 -55.95
CA UNK E 587 -8.55 64.84 -56.46
C UNK E 587 -7.11 65.07 -56.93
N UNK E 588 -6.97 66.14 -57.70
CA UNK E 588 -5.67 66.55 -58.26
C UNK E 588 -4.66 66.78 -57.13
N UNK E 589 -5.13 67.50 -56.14
CA UNK E 589 -4.32 67.84 -54.95
C UNK E 589 -3.84 66.57 -54.27
N UNK E 590 -4.77 65.65 -54.10
CA UNK E 590 -4.51 64.35 -53.47
C UNK E 590 -3.41 63.61 -54.23
N UNK E 591 -3.58 63.60 -55.54
CA UNK E 591 -2.64 62.94 -56.45
C UNK E 591 -1.23 63.52 -56.28
N UNK E 592 -1.20 64.84 -56.24
CA UNK E 592 0.06 65.60 -56.07
C UNK E 592 0.75 65.18 -54.78
N UNK E 593 -0.06 65.13 -53.73
CA UNK E 593 0.40 64.75 -52.38
C UNK E 593 1.03 63.36 -52.42
N UNK E 594 0.32 62.46 -53.06
CA UNK E 594 0.74 61.06 -53.22
C UNK E 594 2.11 61.00 -53.91
N UNK E 595 2.21 61.77 -54.98
CA UNK E 595 3.43 61.86 -55.79
C UNK E 595 4.61 62.32 -54.92
N UNK E 596 4.33 63.35 -54.15
CA UNK E 596 5.31 63.94 -53.23
C UNK E 596 5.82 62.89 -52.25
N UNK E 597 4.86 62.16 -51.69
CA UNK E 597 5.13 61.09 -50.71
C UNK E 597 6.06 60.05 -51.33
N UNK E 598 5.71 59.67 -52.55
CA UNK E 598 6.47 58.67 -53.32
C UNK E 598 7.92 59.13 -53.49
N UNK E 599 8.04 60.39 -53.87
CA UNK E 599 9.34 61.03 -54.10
C UNK E 599 10.18 60.96 -52.82
N UNK E 600 9.54 61.31 -51.72
CA UNK E 600 10.16 61.31 -50.39
C UNK E 600 10.70 59.92 -50.06
N UNK E 601 9.84 58.94 -50.32
CA UNK E 601 10.16 57.52 -50.07
C UNK E 601 11.41 57.12 -50.86
N UNK E 602 11.40 57.51 -52.12
CA UNK E 602 12.50 57.24 -53.05
C UNK E 602 13.81 57.81 -52.51
N UNK E 603 58.93 36.36 -8.06
CA UNK E 603 59.39 37.22 -9.14
C UNK E 603 58.94 36.69 -10.50
N UNK E 604 59.14 35.40 -10.72
CA UNK E 604 58.75 34.76 -11.97
C UNK E 604 57.26 34.95 -12.25
N UNK E 605 56.44 34.71 -11.25
CA UNK E 605 55.00 34.85 -11.38
C UNK E 605 54.61 36.27 -11.80
N UNK E 606 55.20 37.25 -11.13
CA UNK E 606 54.93 38.65 -11.44
C UNK E 606 55.25 38.97 -12.89
N UNK E 607 56.42 38.53 -13.35
CA UNK E 607 56.85 38.78 -14.72
C UNK E 607 55.85 38.20 -15.72
N UNK E 608 55.43 36.96 -15.48
CA UNK E 608 54.47 36.30 -16.36
C UNK E 608 53.18 37.10 -16.47
N UNK E 609 52.65 37.54 -15.32
CA UNK E 609 51.42 38.32 -15.28
C UNK E 609 51.54 39.59 -16.12
N UNK E 610 52.65 40.30 -15.94
CA UNK E 610 52.88 41.54 -16.67
C UNK E 610 52.86 41.30 -18.18
N UNK E 611 53.56 40.25 -18.62
CA UNK E 611 53.62 39.91 -20.05
C UNK E 611 52.21 39.66 -20.58
N UNK E 612 51.46 38.88 -19.82
CA UNK E 612 50.07 38.53 -20.15
C UNK E 612 49.23 39.79 -20.30
N UNK E 613 49.39 40.66 -19.32
CA UNK E 613 48.67 41.94 -19.27
C UNK E 613 48.96 42.76 -20.54
N UNK E 614 50.24 42.81 -20.86
CA UNK E 614 50.73 43.54 -22.04
C UNK E 614 50.06 43.00 -23.30
N UNK E 615 50.28 41.72 -23.57
CA UNK E 615 49.87 41.17 -24.86
C UNK E 615 48.36 41.08 -25.09
N UNK E 616 47.64 40.55 -24.11
CA UNK E 616 46.23 40.30 -24.31
C UNK E 616 45.40 41.56 -24.45
N UNK E 617 45.60 42.51 -23.54
CA UNK E 617 44.75 43.69 -23.53
C UNK E 617 44.98 44.49 -24.80
N UNK E 618 46.26 44.67 -25.13
CA UNK E 618 46.61 45.46 -26.29
C UNK E 618 46.08 44.77 -27.53
N UNK E 619 46.24 43.46 -27.59
CA UNK E 619 45.85 42.77 -28.81
C UNK E 619 44.36 42.94 -28.98
N UNK E 620 43.62 42.76 -27.89
CA UNK E 620 42.17 42.78 -27.99
C UNK E 620 41.75 44.17 -28.43
N UNK E 621 42.33 45.19 -27.83
CA UNK E 621 41.90 46.53 -28.13
C UNK E 621 42.15 46.83 -29.59
N UNK E 622 43.34 46.46 -30.07
CA UNK E 622 43.69 46.80 -31.44
C UNK E 622 42.73 46.11 -32.39
N UNK E 623 42.48 44.83 -32.12
CA UNK E 623 41.67 44.05 -33.04
C UNK E 623 40.29 44.66 -33.07
N UNK E 624 39.77 44.98 -31.90
CA UNK E 624 38.41 45.46 -31.81
C UNK E 624 38.30 46.75 -32.57
N UNK E 625 39.26 47.64 -32.38
CA UNK E 625 39.17 48.94 -33.01
C UNK E 625 39.20 48.78 -34.52
N UNK E 626 40.12 47.95 -35.00
CA UNK E 626 40.27 47.85 -36.45
C UNK E 626 38.98 47.28 -37.02
N UNK E 627 38.46 46.26 -36.35
CA UNK E 627 37.30 45.57 -36.86
C UNK E 627 36.15 46.54 -36.92
N UNK E 628 35.81 47.16 -35.80
CA UNK E 628 34.56 47.90 -35.76
C UNK E 628 34.33 49.11 -36.67
N UNK E 629 35.27 50.05 -36.75
CA UNK E 629 34.98 51.21 -37.58
C UNK E 629 34.81 50.93 -39.08
N UNK E 630 35.68 50.07 -39.63
CA UNK E 630 35.56 49.76 -41.05
C UNK E 630 34.26 49.05 -41.38
N UNK E 631 33.90 48.12 -40.49
CA UNK E 631 32.67 47.38 -40.69
C UNK E 631 31.50 48.32 -40.62
N UNK E 632 31.55 49.25 -39.68
CA UNK E 632 30.44 50.17 -39.54
C UNK E 632 30.31 51.01 -40.80
N UNK E 633 31.44 51.46 -41.33
CA UNK E 633 31.38 52.28 -42.52
C UNK E 633 30.79 51.51 -43.69
N UNK E 634 31.20 50.26 -43.88
CA UNK E 634 30.59 49.49 -44.96
C UNK E 634 29.10 49.21 -44.70
N UNK E 635 28.78 48.84 -43.47
CA UNK E 635 27.42 48.47 -43.07
C UNK E 635 26.25 49.46 -43.08
N UNK E 636 26.47 50.70 -42.61
CA UNK E 636 25.35 51.65 -42.52
C UNK E 636 25.26 52.69 -43.63
N UNK E 637 26.38 53.32 -43.93
CA UNK E 637 26.47 54.35 -44.98
C UNK E 637 25.88 53.81 -46.29
N UNK E 638 26.29 52.60 -46.61
CA UNK E 638 25.85 51.89 -47.82
C UNK E 638 24.33 51.76 -47.83
N UNK E 639 23.83 51.34 -46.68
CA UNK E 639 22.39 51.13 -46.47
C UNK E 639 21.64 52.44 -46.72
N UNK E 640 22.18 53.49 -46.15
CA UNK E 640 21.61 54.84 -46.26
C UNK E 640 21.53 55.25 -47.73
N UNK E 641 22.63 55.00 -48.43
CA UNK E 641 22.76 55.31 -49.86
C UNK E 641 21.66 54.59 -50.65
N UNK E 642 21.53 53.32 -50.33
CA UNK E 642 20.54 52.43 -50.97
C UNK E 642 19.12 53.01 -50.79
N UNK E 643 18.86 53.39 -49.55
CA UNK E 643 17.57 53.97 -49.15
C UNK E 643 17.28 55.21 -49.99
N UNK E 644 18.27 56.09 -50.11
CA UNK E 644 18.11 57.32 -50.88
C UNK E 644 17.73 57.02 -52.32
N UNK E 645 61.95 0.67 -2.71
CA UNK E 645 63.07 1.07 -3.58
C UNK E 645 62.53 1.68 -4.88
N UNK E 646 61.57 0.97 -5.44
CA UNK E 646 60.91 1.37 -6.70
C UNK E 646 60.28 2.76 -6.54
N UNK E 647 59.58 2.90 -5.42
CA UNK E 647 58.89 4.16 -5.07
C UNK E 647 59.91 5.31 -5.01
N UNK E 648 61.00 5.03 -4.34
CA UNK E 648 62.11 5.99 -4.16
C UNK E 648 62.62 6.44 -5.52
N UNK E 649 62.85 5.45 -6.37
CA UNK E 649 63.35 5.67 -7.74
C UNK E 649 62.40 6.60 -8.49
N UNK E 650 61.13 6.29 -8.39
CA UNK E 650 60.06 7.05 -9.04
C UNK E 650 60.10 8.51 -8.59
N UNK E 651 60.23 8.67 -7.30
CA UNK E 651 60.30 10.00 -6.65
C UNK E 651 61.47 10.79 -7.22
N UNK E 652 62.60 10.12 -7.30
CA UNK E 652 63.85 10.69 -7.81
C UNK E 652 63.64 11.19 -9.24
N UNK E 653 63.02 10.33 -10.03
CA UNK E 653 62.72 10.61 -11.44
C UNK E 653 61.87 11.88 -11.55
N UNK E 654 60.85 11.91 -10.71
CA UNK E 654 59.91 13.04 -10.65
C UNK E 654 60.66 14.34 -10.36
N UNK E 655 61.53 14.26 -9.37
CA UNK E 655 62.36 15.37 -8.93
C UNK E 655 63.19 15.90 -10.11
N UNK E 656 63.83 14.99 -10.84
CA UNK E 656 64.68 15.38 -11.95
C UNK E 656 63.88 16.09 -13.04
N UNK E 657 62.68 15.59 -13.32
CA UNK E 657 61.83 16.18 -14.34
C UNK E 657 61.44 17.60 -13.93
N UNK E 658 61.15 17.79 -12.65
CA UNK E 658 60.78 19.10 -12.15
C UNK E 658 61.95 20.06 -12.30
N UNK E 659 63.16 19.57 -12.04
CA UNK E 659 64.37 20.37 -12.18
C UNK E 659 64.56 20.79 -13.63
N UNK E 660 64.29 19.87 -14.55
CA UNK E 660 64.41 20.13 -15.98
C UNK E 660 63.43 21.22 -16.42
N UNK E 661 62.22 21.15 -15.88
CA UNK E 661 61.16 22.08 -16.23
C UNK E 661 61.49 23.50 -15.77
N UNK E 662 62.05 23.61 -14.57
CA UNK E 662 62.43 24.91 -14.03
C UNK E 662 63.50 25.57 -14.88
N UNK E 663 64.47 24.76 -15.32
CA UNK E 663 65.55 25.27 -16.16
C UNK E 663 65.03 25.81 -17.50
N UNK E 664 64.07 25.10 -18.07
CA UNK E 664 63.47 25.49 -19.34
C UNK E 664 62.74 26.82 -19.20
N UNK E 665 62.04 26.99 -18.08
CA UNK E 665 61.28 28.20 -17.82
C UNK E 665 62.20 29.41 -17.64
N UNK E 666 37.36 51.66 26.22
CA UNK E 666 38.38 51.61 27.29
C UNK E 666 37.89 52.42 28.50
N UNK E 667 37.43 53.62 28.19
CA UNK E 667 36.91 54.56 29.20
C UNK E 667 35.78 53.92 29.98
N UNK E 668 34.88 53.31 29.23
CA UNK E 668 33.69 52.63 29.79
C UNK E 668 34.13 51.53 30.76
N UNK E 669 35.09 50.76 30.29
CA UNK E 669 35.66 49.65 31.07
C UNK E 669 36.22 50.16 32.40
N UNK E 670 36.97 51.24 32.29
CA UNK E 670 37.60 51.90 33.44
C UNK E 670 36.54 52.32 34.46
N UNK E 671 35.50 52.92 33.92
CA UNK E 671 34.35 53.40 34.72
C UNK E 671 33.74 52.24 35.49
N UNK E 672 33.53 51.16 34.77
CA UNK E 672 32.94 49.92 35.31
C UNK E 672 33.79 49.41 36.48
N UNK E 673 35.09 49.38 36.23
CA UNK E 673 36.07 48.94 37.22
C UNK E 673 35.98 49.77 38.50
N UNK E 674 35.90 51.07 38.29
CA UNK E 674 35.80 52.05 39.36
C UNK E 674 34.56 51.77 40.22
N UNK E 675 33.46 51.54 39.51
CA UNK E 675 32.16 51.25 40.11
C UNK E 675 32.26 50.01 41.00
N UNK E 676 32.89 49.00 40.43
CA UNK E 676 33.10 47.70 41.10
C UNK E 676 33.87 47.91 42.41
N UNK E 677 34.93 48.70 42.29
CA UNK E 677 35.82 49.03 43.42
C UNK E 677 35.00 49.69 44.54
N UNK E 678 34.19 50.65 44.11
CA UNK E 678 33.32 51.42 45.03
C UNK E 678 32.40 50.47 45.79
N UNK E 679 31.81 49.57 45.02
CA UNK E 679 30.88 48.56 45.56
C UNK E 679 31.58 47.72 46.63
N UNK E 680 32.77 47.29 46.28
CA UNK E 680 33.61 46.46 47.17
C UNK E 680 33.86 47.19 48.48
N UNK E 681 34.22 48.46 48.33
CA UNK E 681 34.51 49.34 49.47
C UNK E 681 33.29 49.42 50.40
N UNK E 682 -41.65 49.00 -10.44
CA UNK E 682 -42.33 49.75 -9.38
C UNK E 682 -41.40 50.87 -8.85
N UNK E 683 -40.17 50.46 -8.60
CA UNK E 683 -39.13 51.35 -8.09
C UNK E 683 -38.92 52.53 -9.05
N UNK E 684 -38.83 52.17 -10.32
CA UNK E 684 -38.64 53.14 -11.41
C UNK E 684 -39.78 54.17 -11.41
N UNK E 685 -40.98 53.63 -11.29
CA UNK E 685 -42.22 54.43 -11.27
C UNK E 685 -42.17 55.44 -10.12
N UNK E 686 -41.78 54.92 -8.97
CA UNK E 686 -41.66 55.71 -7.74
C UNK E 686 -40.69 56.86 -7.94
N UNK E 687 -39.55 56.52 -8.53
CA UNK E 687 -38.49 57.48 -8.83
C UNK E 687 -39.03 58.61 -9.72
N UNK E 688 -39.73 58.18 -10.75
CA UNK E 688 -40.35 59.10 -11.72
C UNK E 688 -41.29 60.08 -11.01
N UNK E 689 -42.10 59.51 -10.15
CA UNK E 689 -43.08 60.27 -9.36
C UNK E 689 -42.37 61.33 -8.52
N UNK E 690 -41.31 60.89 -7.88
CA UNK E 690 -40.47 61.75 -7.02
C UNK E 690 -39.94 62.94 -7.83
N UNK E 691 -39.42 62.60 -9.00
CA UNK E 691 -38.85 63.58 -9.93
C UNK E 691 -39.90 64.63 -10.29
N UNK E 692 -41.08 64.13 -10.61
CA UNK E 692 -42.23 64.96 -10.98
C UNK E 692 -42.55 65.95 -9.86
N UNK E 693 -42.59 65.40 -8.66
CA UNK E 693 -42.88 66.17 -7.44
C UNK E 693 -41.87 67.30 -7.28
N UNK E 694 -40.59 66.97 -7.45
CA UNK E 694 -39.53 67.96 -7.33
C UNK E 694 -39.66 69.06 -8.38
N UNK E 695 -40.01 68.66 -9.60
CA UNK E 695 -40.17 69.60 -10.70
C UNK E 695 -41.26 70.62 -10.39
N UNK E 696 -29.30 46.54 -18.08
CA UNK E 696 -29.82 47.74 -18.74
C UNK E 696 -30.56 48.61 -17.73
N UNK E 697 -31.42 47.94 -16.97
CA UNK E 697 -32.25 48.59 -15.95
C UNK E 697 -31.35 49.30 -14.93
N UNK E 698 -30.34 48.57 -14.50
CA UNK E 698 -29.35 49.06 -13.52
C UNK E 698 -28.69 50.33 -14.06
N UNK E 699 -28.28 50.26 -15.29
CA UNK E 699 -27.62 51.36 -16.00
C UNK E 699 -28.52 52.60 -15.99
N UNK E 700 -29.77 52.35 -16.34
CA UNK E 700 -30.80 53.40 -16.41
C UNK E 700 -30.93 54.09 -15.04
N UNK E 701 -31.00 53.25 -14.01
CA UNK E 701 -31.12 53.70 -12.62
C UNK E 701 -29.95 54.62 -12.26
N UNK E 702 -28.77 54.15 -12.63
CA UNK E 702 -27.52 54.87 -12.38
C UNK E 702 -27.57 56.26 -13.02
N UNK E 703 -28.01 56.26 -14.27
CA UNK E 703 -28.14 57.47 -15.08
C UNK E 703 -29.06 58.47 -14.38
N UNK E 704 -30.18 57.93 -13.94
CA UNK E 704 -31.22 58.71 -13.23
C UNK E 704 -30.61 59.37 -11.99
N UNK E 705 -29.89 58.56 -11.25
CA UNK E 705 -29.21 58.99 -10.01
C UNK E 705 -28.27 60.15 -10.30
N UNK E 706 -27.50 59.97 -11.36
CA UNK E 706 -26.52 60.97 -11.82
C UNK E 706 -27.23 62.30 -12.12
N UNK E 707 -28.32 62.17 -12.84
CA UNK E 707 -29.15 63.32 -13.25
C UNK E 707 -29.62 64.08 -12.01
N UNK E 708 -30.11 63.31 -11.06
CA UNK E 708 -30.62 63.84 -9.78
C UNK E 708 -29.53 64.64 -9.07
N UNK E 709 -28.36 64.03 -9.03
CA UNK E 709 -27.17 64.62 -8.40
C UNK E 709 -26.85 65.97 -9.04
N UNK E 710 -26.87 65.96 -10.36
CA UNK E 710 -26.58 67.14 -11.18
C UNK E 710 -27.57 68.26 -10.83
N UNK E 711 -28.82 67.87 -10.77
CA UNK E 711 -29.93 68.80 -10.44
C UNK E 711 -29.69 69.45 -9.08
N UNK E 712 -29.33 68.60 -8.13
CA UNK E 712 -29.04 69.01 -6.75
C UNK E 712 -27.92 70.06 -6.74
N UNK E 713 -32.80 32.71 -0.30
CA UNK E 713 -31.74 33.07 -1.23
C UNK E 713 -32.22 34.11 -2.23
N UNK E 714 -33.41 33.87 -2.81
CA UNK E 714 -33.98 34.80 -3.80
C UNK E 714 -34.15 36.18 -3.17
N UNK E 715 -34.70 36.18 -1.98
CA UNK E 715 -34.95 37.40 -1.20
C UNK E 715 -33.64 38.16 -0.99
N UNK E 716 -32.63 37.41 -0.58
CA UNK E 716 -31.28 37.92 -0.32
C UNK E 716 -30.73 38.61 -1.58
N UNK E 717 -30.88 37.90 -2.68
CA UNK E 717 -30.43 38.37 -4.00
C UNK E 717 -31.08 39.70 -4.34
N UNK E 718 -32.38 39.73 -4.12
CA UNK E 718 -33.21 40.92 -4.39
C UNK E 718 -32.69 42.11 -3.57
N UNK E 719 -32.44 41.83 -2.31
CA UNK E 719 -31.93 42.83 -1.35
C UNK E 719 -30.61 43.41 -1.86
N UNK E 720 -29.75 42.50 -2.28
CA UNK E 720 -28.42 42.83 -2.81
C UNK E 720 -28.55 43.78 -4.01
N UNK E 721 -29.46 43.40 -4.89
CA UNK E 721 -29.75 44.16 -6.11
C UNK E 721 -30.17 45.58 -5.75
N UNK E 722 -31.08 45.65 -4.79
CA UNK E 722 -31.63 46.92 -4.29
C UNK E 722 -30.50 47.82 -3.78
N UNK E 723 -29.63 47.20 -2.99
CA UNK E 723 -28.47 47.87 -2.40
C UNK E 723 -27.59 48.47 -3.50
N UNK E 724 -27.34 47.64 -4.50
CA UNK E 724 -26.52 48.01 -5.65
C UNK E 724 -27.11 49.24 -6.34
N UNK E 725 -28.42 49.17 -6.55
CA UNK E 725 -29.18 50.24 -7.20
C UNK E 725 -29.01 51.55 -6.42
N UNK E 726 -29.16 51.43 -5.12
CA UNK E 726 -29.04 52.56 -4.18
C UNK E 726 -27.66 53.21 -4.33
N UNK E 727 -26.66 52.34 -4.34
CA UNK E 727 -25.26 52.75 -4.47
C UNK E 727 -25.06 53.54 -5.75
N UNK E 728 -25.61 53.00 -6.82
CA UNK E 728 -25.54 53.60 -8.16
C UNK E 728 -26.14 55.01 -8.13
N UNK E 729 -27.31 55.08 -7.52
CA UNK E 729 -28.06 56.34 -7.38
C UNK E 729 -27.20 57.38 -6.65
N UNK E 730 -26.59 56.93 -5.58
CA UNK E 730 -25.73 57.77 -4.73
C UNK E 730 -24.58 58.33 -5.58
N UNK E 731 -23.98 57.44 -6.34
CA UNK E 731 -22.85 57.76 -7.22
C UNK E 731 -23.26 58.86 -8.21
N UNK E 732 -34.45 65.31 -2.78
CA UNK E 732 -34.26 64.91 -1.39
C UNK E 732 -35.17 63.75 -1.12
N UNK E 733 -36.40 63.88 -1.57
CA UNK E 733 -37.40 62.87 -1.35
C UNK E 733 -36.96 61.60 -2.06
N UNK E 734 -36.10 61.77 -3.04
CA UNK E 734 -35.45 60.62 -3.67
C UNK E 734 -34.58 59.96 -2.62
N UNK E 735 -33.95 60.79 -1.81
CA UNK E 735 -33.12 60.30 -0.73
C UNK E 735 -34.02 59.51 0.19
N UNK E 736 -35.20 60.08 0.37
CA UNK E 736 -36.21 59.51 1.22
C UNK E 736 -36.58 58.14 0.72
N UNK E 737 -36.71 58.03 -0.60
CA UNK E 737 -37.03 56.78 -1.26
C UNK E 737 -35.95 55.72 -1.06
N UNK E 738 -34.70 56.13 -1.17
CA UNK E 738 -33.62 55.17 -0.96
C UNK E 738 -33.77 54.69 0.46
N UNK E 739 -34.03 55.65 1.31
CA UNK E 739 -34.12 55.42 2.73
C UNK E 739 -35.22 54.43 3.02
N UNK E 740 -36.33 54.55 2.29
CA UNK E 740 -37.51 53.67 2.36
C UNK E 740 -37.30 52.23 1.92
N UNK E 741 -36.52 52.06 0.85
CA UNK E 741 -36.14 50.70 0.47
C UNK E 741 -35.36 50.15 1.65
N UNK E 742 -33.60 46.56 9.39
CA UNK E 742 -34.45 45.59 10.08
C UNK E 742 -34.23 44.25 9.38
N UNK E 743 -33.17 44.26 8.56
CA UNK E 743 -32.64 43.06 7.95
C UNK E 743 -31.13 43.07 8.17
N UNK E 744 -30.57 44.27 8.05
CA UNK E 744 -29.16 44.53 8.22
C UNK E 744 -28.71 44.25 9.64
N UNK E 745 -29.51 44.64 10.62
CA UNK E 745 -29.17 44.34 12.00
C UNK E 745 -29.13 42.83 12.17
N UNK E 746 -30.09 42.15 11.55
CA UNK E 746 -30.13 40.69 11.62
C UNK E 746 -28.89 40.07 10.97
N UNK E 747 -28.49 40.65 9.85
CA UNK E 747 -27.32 40.21 9.11
C UNK E 747 -26.07 40.41 9.94
N UNK E 748 -26.03 41.50 10.66
CA UNK E 748 -24.93 41.85 11.54
C UNK E 748 -24.85 40.79 12.61
N UNK E 749 -26.01 40.38 13.09
CA UNK E 749 -26.09 39.33 14.10
C UNK E 749 -25.53 38.02 13.53
N UNK E 750 -25.88 37.74 12.27
CA UNK E 750 -25.39 36.55 11.60
C UNK E 750 -23.87 36.59 11.46
N UNK E 751 -23.35 37.77 11.16
CA UNK E 751 -21.92 37.99 11.04
C UNK E 751 -21.24 37.74 12.37
N UNK E 752 -21.89 38.19 13.43
CA UNK E 752 -21.39 38.00 14.78
C UNK E 752 -21.34 36.51 15.08
N UNK E 753 -22.37 35.80 14.63
CA UNK E 753 -22.45 34.36 14.82
C UNK E 753 -21.30 33.65 14.10
N UNK E 754 -20.97 34.13 12.91
CA UNK E 754 -19.86 33.55 12.13
C UNK E 754 -18.66 33.19 12.98
N UNK E 755 -24.77 51.37 10.47
CA UNK E 755 -25.95 51.79 9.69
C UNK E 755 -26.15 53.29 9.82
N UNK E 756 -26.08 53.75 11.06
CA UNK E 756 -26.24 55.17 11.41
C UNK E 756 -25.22 56.01 10.65
N UNK E 757 -23.99 55.54 10.70
CA UNK E 757 -22.85 56.19 10.04
C UNK E 757 -23.11 56.33 8.54
N UNK E 758 -23.57 55.23 7.97
CA UNK E 758 -23.90 55.15 6.54
C UNK E 758 -24.95 56.20 6.18
N UNK E 759 -25.97 56.24 7.02
CA UNK E 759 -27.10 57.19 6.85
C UNK E 759 -26.58 58.62 6.84
N UNK E 760 -25.72 58.89 7.81
CA UNK E 760 -25.10 60.21 7.99
C UNK E 760 -24.34 60.62 6.72
N UNK E 761 -23.58 59.66 6.22
CA UNK E 761 -22.76 59.83 5.01
C UNK E 761 -23.66 60.19 3.83
N UNK E 762 -24.74 59.45 3.72
CA UNK E 762 -25.73 59.63 2.65
C UNK E 762 -26.30 61.05 2.70
N UNK E 763 -26.64 61.45 3.92
CA UNK E 763 -27.20 62.78 4.18
C UNK E 763 -26.23 63.86 3.71
N UNK E 764 -24.98 63.66 4.09
CA UNK E 764 -23.88 64.58 3.75
C UNK E 764 -23.78 64.73 2.23
N UNK E 765 -23.81 63.58 1.58
CA UNK E 765 -23.73 63.50 0.11
C UNK E 765 -24.86 64.31 -0.53
N UNK E 766 -26.05 64.09 0.00
CA UNK E 766 -27.26 64.77 -0.46
C UNK E 766 -27.10 66.28 -0.35
N UNK E 767 -26.60 66.69 0.81
CA UNK E 767 -26.36 68.11 1.11
C UNK E 767 -25.40 68.71 0.09
N UNK E 768 -24.34 67.97 -0.17
CA UNK E 768 -23.30 68.37 -1.12
C UNK E 768 -23.91 68.59 -2.51
N UNK E 769 -24.73 67.63 -2.89
CA UNK E 769 -25.44 67.64 -4.19
C UNK E 769 -26.29 68.90 -4.30
N UNK E 770 3.02 67.78 -5.90
CA UNK E 770 2.65 66.38 -5.73
C UNK E 770 1.56 66.24 -4.69
N UNK E 771 1.64 67.06 -3.65
CA UNK E 771 0.67 67.01 -2.56
C UNK E 771 -0.74 67.36 -3.01
N UNK E 772 -0.89 68.38 -3.85
CA UNK E 772 -2.19 68.80 -4.37
C UNK E 772 -2.84 67.74 -5.26
N UNK E 773 -1.99 67.13 -6.09
CA UNK E 773 -2.45 66.06 -6.96
C UNK E 773 -2.90 64.97 -6.05
N UNK E 774 -2.15 64.79 -4.97
CA UNK E 774 -2.44 63.75 -3.99
C UNK E 774 -3.79 64.00 -3.36
N UNK E 775 -4.10 65.25 -3.05
CA UNK E 775 -5.38 65.65 -2.49
C UNK E 775 -6.55 65.38 -3.44
N UNK E 776 -6.33 65.65 -4.72
CA UNK E 776 -7.35 65.35 -5.72
C UNK E 776 -7.59 63.84 -5.77
N UNK E 777 -6.47 63.13 -5.69
CA UNK E 777 -6.49 61.68 -5.75
C UNK E 777 -7.28 61.21 -4.57
N UNK E 778 -7.11 61.89 -3.45
CA UNK E 778 -7.78 61.63 -2.19
C UNK E 778 -9.29 61.83 -2.25
N UNK E 779 -9.73 62.89 -2.92
CA UNK E 779 -11.17 63.05 -3.09
C UNK E 779 -11.69 61.88 -3.92
N UNK E 780 -10.91 61.52 -4.95
CA UNK E 780 -11.31 60.44 -5.82
C UNK E 780 -11.41 59.16 -5.00
N UNK E 781 -10.48 59.01 -4.07
CA UNK E 781 -10.35 57.90 -3.14
C UNK E 781 -11.50 57.79 -2.16
N UNK E 782 -11.98 58.92 -1.67
CA UNK E 782 -13.12 58.93 -0.79
C UNK E 782 -14.25 58.39 -1.62
N UNK E 783 -14.29 58.81 -2.88
CA UNK E 783 -15.31 58.32 -3.78
C UNK E 783 -15.24 56.80 -3.97
N UNK E 784 -14.02 56.29 -4.12
CA UNK E 784 -13.78 54.86 -4.28
C UNK E 784 -14.19 54.08 -3.04
N UNK E 785 -13.93 54.67 -1.89
CA UNK E 785 -14.30 54.07 -0.61
C UNK E 785 -15.80 53.97 -0.55
N UNK E 786 -16.47 55.02 -1.03
CA UNK E 786 -17.92 55.02 -1.06
C UNK E 786 -18.40 53.91 -1.96
N UNK E 787 -17.72 53.73 -3.08
CA UNK E 787 -18.09 52.70 -4.05
C UNK E 787 -17.98 51.33 -3.39
N UNK E 788 -16.93 51.15 -2.60
CA UNK E 788 -16.76 49.92 -1.85
C UNK E 788 -18.07 49.54 -1.18
N UNK E 789 -3.61 75.12 6.34
CA UNK E 789 -4.92 75.21 7.01
C UNK E 789 -5.98 74.46 6.19
N UNK E 790 -5.95 74.73 4.91
CA UNK E 790 -6.88 74.13 3.94
C UNK E 790 -6.75 72.60 3.98
N UNK E 791 -5.51 72.17 3.95
CA UNK E 791 -5.16 70.75 3.98
C UNK E 791 -5.74 70.09 5.23
N UNK E 792 -5.52 70.77 6.35
CA UNK E 792 -6.00 70.32 7.67
C UNK E 792 -7.52 70.14 7.63
N UNK E 793 -8.17 71.14 7.09
CA UNK E 793 -9.63 71.18 6.96
C UNK E 793 -10.12 69.97 6.17
N UNK E 794 -9.44 69.74 5.06
CA UNK E 794 -9.74 68.62 4.15
C UNK E 794 -9.65 67.29 4.90
N UNK E 795 -8.57 67.18 5.64
CA UNK E 795 -8.27 65.98 6.46
C UNK E 795 -9.41 65.72 7.44
N UNK E 796 -9.80 66.80 8.10
CA UNK E 796 -10.89 66.78 9.09
C UNK E 796 -12.18 66.26 8.45
N UNK E 797 -12.46 66.81 7.29
CA UNK E 797 -13.65 66.48 6.49
C UNK E 797 -13.65 64.97 6.19
N UNK E 798 -12.50 64.51 5.74
CA UNK E 798 -12.28 63.10 5.38
C UNK E 798 -12.58 62.21 6.58
N UNK E 799 -12.03 62.62 7.72
CA UNK E 799 -12.20 61.90 8.99
C UNK E 799 -13.68 61.79 9.33
N UNK E 800 -14.36 62.91 9.19
CA UNK E 800 -15.80 63.01 9.48
C UNK E 800 -16.58 62.02 8.61
N UNK E 801 -16.22 62.03 7.33
CA UNK E 801 -16.83 61.15 6.33
C UNK E 801 -16.67 59.69 6.73
N UNK E 802 -15.45 59.37 7.13
CA UNK E 802 -15.08 58.01 7.56
C UNK E 802 -15.95 57.58 8.74
N UNK E 803 -16.07 58.49 9.68
CA UNK E 803 -16.87 58.29 10.91
C UNK E 803 -18.31 57.98 10.53
N UNK E 804 6.19 71.22 16.52
CA UNK E 804 6.60 70.11 17.36
C UNK E 804 5.40 69.48 18.05
N UNK E 805 4.89 70.16 19.07
CA UNK E 805 3.72 69.69 19.79
C UNK E 805 2.53 69.62 18.85
N UNK E 806 2.42 70.60 17.97
CA UNK E 806 1.36 70.65 16.98
C UNK E 806 1.51 69.46 16.03
N UNK E 807 2.75 69.16 15.69
CA UNK E 807 3.01 68.04 14.81
C UNK E 807 2.52 66.78 15.48
N UNK E 808 2.78 66.70 16.79
CA UNK E 808 2.36 65.57 17.60
C UNK E 808 0.84 65.43 17.65
N UNK E 809 0.13 66.55 17.75
CA UNK E 809 -1.33 66.55 17.72
C UNK E 809 -1.87 66.07 16.36
N UNK E 810 -1.18 66.51 15.31
CA UNK E 810 -1.56 66.10 13.97
C UNK E 810 -1.39 64.60 13.93
N UNK E 811 -0.32 64.16 14.56
CA UNK E 811 0.05 62.77 14.61
C UNK E 811 -1.02 61.99 15.31
N UNK E 812 -1.55 62.53 16.39
CA UNK E 812 -2.64 61.89 17.13
C UNK E 812 -3.91 61.76 16.30
N UNK E 813 -4.23 62.79 15.53
CA UNK E 813 -5.40 62.70 14.65
C UNK E 813 -5.17 61.61 13.59
N UNK E 814 -3.95 61.59 13.09
CA UNK E 814 -3.57 60.65 12.06
C UNK E 814 -3.71 59.27 12.64
N UNK E 815 -3.36 59.16 13.92
CA UNK E 815 -3.40 57.95 14.71
C UNK E 815 -4.80 57.44 14.90
N UNK E 816 -5.75 58.33 15.13
CA UNK E 816 -7.13 57.92 15.22
C UNK E 816 -7.51 57.34 13.87
N UNK E 817 -7.06 58.01 12.81
CA UNK E 817 -7.35 57.51 11.47
C UNK E 817 -6.76 56.11 11.25
N UNK E 818 -5.55 55.91 11.76
CA UNK E 818 -4.82 54.66 11.68
C UNK E 818 -5.51 53.54 12.44
N UNK E 819 -6.07 53.89 13.58
CA UNK E 819 -6.82 52.96 14.40
C UNK E 819 -8.01 52.54 13.59
N UNK E 820 -8.61 53.50 12.90
CA UNK E 820 -9.75 53.21 12.05
C UNK E 820 -9.34 52.23 10.96
N UNK E 821 -8.15 52.44 10.41
CA UNK E 821 -7.61 51.55 9.39
C UNK E 821 -7.40 50.13 9.92
N UNK E 822 -6.90 50.04 11.14
CA UNK E 822 -6.60 48.76 11.79
C UNK E 822 -7.67 47.72 11.52
N UNK E 823 10.81 70.82 8.88
CA UNK E 823 9.70 71.09 7.96
C UNK E 823 9.62 70.00 6.89
N UNK E 824 10.78 69.70 6.34
CA UNK E 824 10.92 68.67 5.29
C UNK E 824 10.40 67.33 5.80
N UNK E 825 10.84 67.00 7.01
CA UNK E 825 10.46 65.76 7.68
C UNK E 825 8.94 65.66 7.81
N UNK E 826 8.37 66.77 8.27
CA UNK E 826 6.93 66.91 8.47
C UNK E 826 6.19 66.64 7.15
N UNK E 827 6.70 67.26 6.11
CA UNK E 827 6.14 67.14 4.75
C UNK E 827 6.13 65.68 4.32
N UNK E 828 7.27 65.04 4.54
CA UNK E 828 7.48 63.63 4.21
C UNK E 828 6.44 62.76 4.92
N UNK E 829 6.28 63.05 6.19
CA UNK E 829 5.32 62.33 7.06
C UNK E 829 3.91 62.45 6.49
N UNK E 830 3.57 63.68 6.13
CA UNK E 830 2.27 64.02 5.56
C UNK E 830 2.02 63.20 4.30
N UNK E 831 3.03 63.18 3.47
CA UNK E 831 3.00 62.45 2.19
C UNK E 831 2.72 60.97 2.43
N UNK E 832 3.45 60.44 3.40
CA UNK E 832 3.34 59.03 3.81
C UNK E 832 1.90 58.72 4.22
N UNK E 833 1.38 59.61 5.04
CA UNK E 833 0.01 59.51 5.57
C UNK E 833 -1.00 59.44 4.42
N UNK E 834 -0.79 60.36 3.49
CA UNK E 834 -1.63 60.48 2.29
C UNK E 834 -1.64 59.16 1.51
N UNK E 835 -0.44 58.65 1.34
CA UNK E 835 -0.21 57.39 0.61
C UNK E 835 -0.99 56.25 1.28
N UNK E 836 -0.87 56.21 2.59
CA UNK E 836 -1.53 55.21 3.44
C UNK E 836 -3.05 55.27 3.22
N UNK E 837 -3.55 56.50 3.26
CA UNK E 837 -4.97 56.78 3.08
C UNK E 837 -5.45 56.25 1.73
N UNK E 838 -4.65 56.54 0.72
CA UNK E 838 -4.93 56.13 -0.66
C UNK E 838 -5.04 54.61 -0.74
N UNK E 839 -4.06 53.96 -0.11
CA UNK E 839 -3.98 52.50 -0.06
C UNK E 839 -5.24 51.92 0.56
N UNK E 840 -5.64 52.52 1.66
CA UNK E 840 -6.83 52.13 2.42
C UNK E 840 -8.07 52.20 1.53
N UNK E 841 0.12 45.14 4.19
CA UNK E 841 1.08 44.97 5.29
C UNK E 841 2.20 46.00 5.17
N UNK E 842 2.72 46.09 3.96
CA UNK E 842 3.81 47.01 3.64
C UNK E 842 3.40 48.45 3.97
N UNK E 843 2.19 48.78 3.53
CA UNK E 843 1.60 50.11 3.74
C UNK E 843 1.54 50.42 5.24
N UNK E 844 1.06 49.44 5.98
CA UNK E 844 0.92 49.53 7.44
C UNK E 844 2.27 49.83 8.08
N UNK E 845 3.26 49.07 7.63
CA UNK E 845 4.64 49.19 8.11
C UNK E 845 5.16 50.61 7.89
N UNK E 846 4.90 51.09 6.68
CA UNK E 846 5.31 52.43 6.25
C UNK E 846 4.71 53.48 7.19
N UNK E 847 3.42 53.30 7.42
CA UNK E 847 2.64 54.19 8.29
C UNK E 847 3.26 54.25 9.69
N UNK E 848 3.57 53.06 10.19
CA UNK E 848 4.17 52.88 11.51
C UNK E 848 5.49 53.65 11.59
N UNK E 849 6.28 53.48 10.55
CA UNK E 849 7.59 54.13 10.43
C UNK E 849 7.44 55.64 10.49
N UNK E 850 6.47 56.12 9.74
CA UNK E 850 6.15 57.55 9.66
C UNK E 850 5.81 58.09 11.04
N UNK E 851 4.97 57.34 11.72
CA UNK E 851 4.52 57.67 13.08
C UNK E 851 5.71 57.80 14.02
N UNK E 852 6.58 56.82 13.91
CA UNK E 852 7.80 56.74 14.73
C UNK E 852 8.65 58.00 14.51
N UNK E 853 -14.28 44.80 14.51
CA UNK E 853 -13.37 44.27 15.54
C UNK E 853 -13.54 42.75 15.65
N UNK E 854 -14.79 42.35 15.70
CA UNK E 854 -15.16 40.93 15.80
C UNK E 854 -14.58 40.14 14.63
N UNK E 855 -14.78 40.72 13.46
CA UNK E 855 -14.30 40.13 12.19
C UNK E 855 -12.79 39.93 12.24
N UNK E 856 -12.12 40.98 12.70
CA UNK E 856 -10.66 40.99 12.83
C UNK E 856 -10.20 39.84 13.75
N UNK E 857 -10.90 39.75 14.86
CA UNK E 857 -10.64 38.71 15.88
C UNK E 857 -10.75 37.33 15.26
N UNK E 858 -11.83 37.15 14.52
CA UNK E 858 -12.13 35.89 13.84
C UNK E 858 -10.98 35.52 12.89
N UNK E 859 -10.56 36.52 12.13
CA UNK E 859 -9.48 36.38 11.16
C UNK E 859 -8.20 35.90 11.85
N UNK E 860 -7.92 36.56 12.96
CA UNK E 860 -6.74 36.27 13.79
C UNK E 860 -6.77 34.81 14.25
N UNK E 861 -7.95 34.42 14.72
CA UNK E 861 -8.18 33.06 15.22
C UNK E 861 -7.89 32.04 14.11
N UNK E 862 -8.42 32.35 12.93
CA UNK E 862 -8.26 31.52 11.74
C UNK E 862 -6.78 31.33 11.42
N UNK E 863 -6.08 32.46 11.45
CA UNK E 863 -4.64 32.50 11.18
C UNK E 863 -3.89 31.58 12.15
N UNK E 864 -4.26 31.72 13.42
CA UNK E 864 -3.67 30.94 14.51
C UNK E 864 -3.85 29.44 14.24
N UNK E 865 -5.08 29.11 13.87
CA UNK E 865 -5.47 27.73 13.57
C UNK E 865 -4.60 27.17 12.44
N UNK E 866 -4.47 27.98 11.41
CA UNK E 866 -3.66 27.64 10.22
C UNK E 866 -2.22 27.33 10.63
N UNK E 867 -1.70 28.22 11.46
CA UNK E 867 -0.33 28.12 11.98
C UNK E 867 -0.15 26.78 12.71
N UNK E 868 -1.12 26.49 13.56
CA UNK E 868 -1.14 25.27 14.37
C UNK E 868 -1.09 24.04 13.46
N UNK E 869 -1.92 24.09 12.44
CA UNK E 869 -2.04 23.03 11.44
C UNK E 869 -0.68 22.78 10.77
N UNK E 870 4.41 54.25 23.52
CA UNK E 870 3.17 55.02 23.65
C UNK E 870 2.16 54.58 22.58
N UNK E 871 2.68 54.47 21.37
CA UNK E 871 1.89 54.06 20.20
C UNK E 871 1.28 52.67 20.45
N UNK E 872 2.13 51.79 20.93
CA UNK E 872 1.75 50.40 21.24
C UNK E 872 0.60 50.39 22.24
N UNK E 873 0.78 51.19 23.28
CA UNK E 873 -0.20 51.33 24.36
C UNK E 873 -1.55 51.78 23.79
N UNK E 874 -1.48 52.78 22.94
CA UNK E 874 -2.65 53.36 22.27
C UNK E 874 -3.40 52.27 21.50
N UNK E 875 -2.61 51.52 20.74
CA UNK E 875 -3.12 50.42 19.90
C UNK E 875 -3.87 49.40 20.78
N UNK E 876 -3.23 49.07 21.88
CA UNK E 876 -3.78 48.11 22.85
C UNK E 876 -5.13 48.60 23.36
N UNK E 877 -5.15 49.87 23.71
CA UNK E 877 -6.36 50.55 24.23
C UNK E 877 -7.49 50.44 23.21
N UNK E 878 -7.14 50.73 21.98
CA UNK E 878 -8.07 50.70 20.85
C UNK E 878 -8.68 49.30 20.71
N UNK E 879 -7.81 48.32 20.78
CA UNK E 879 -8.17 46.91 20.67
C UNK E 879 -9.19 46.55 21.77
N UNK E 880 -8.86 46.99 22.97
CA UNK E 880 -9.70 46.76 24.16
C UNK E 880 -11.09 47.33 23.94
N UNK E 881 -11.10 48.56 23.44
CA UNK E 881 -12.33 49.30 23.15
C UNK E 881 -13.20 48.51 22.16
N UNK E 882 -12.53 48.05 21.12
CA UNK E 882 -13.17 47.26 20.05
C UNK E 882 -13.83 46.01 20.65
N UNK E 883 -13.07 45.35 21.49
CA UNK E 883 -13.51 44.12 22.18
C UNK E 883 -14.78 44.39 22.99
N UNK E 884 -14.71 45.49 23.71
CA UNK E 884 -15.83 45.95 24.57
C UNK E 884 -17.08 46.15 23.72
N UNK E 885 -2.11 41.65 8.34
CA UNK E 885 -1.80 41.30 6.95
C UNK E 885 -0.39 40.79 6.87
N UNK E 886 0.51 41.51 7.53
CA UNK E 886 1.90 41.12 7.56
C UNK E 886 1.94 39.77 8.24
N UNK E 887 1.09 39.62 9.24
CA UNK E 887 1.03 38.38 9.97
C UNK E 887 0.63 37.31 8.98
N UNK E 888 -0.29 37.66 8.07
CA UNK E 888 -0.80 36.73 7.07
C UNK E 888 0.29 36.26 6.12
N UNK E 889 1.14 37.19 5.70
CA UNK E 889 2.26 36.88 4.84
C UNK E 889 3.21 35.95 5.55
N UNK E 890 3.41 36.22 6.84
CA UNK E 890 4.32 35.43 7.62
C UNK E 890 3.77 34.02 7.61
N UNK E 891 2.46 33.93 7.78
CA UNK E 891 1.80 32.64 7.82
C UNK E 891 1.96 31.88 6.50
N UNK E 892 1.83 32.57 5.37
CA UNK E 892 2.01 31.91 4.09
C UNK E 892 3.44 31.38 3.92
N UNK E 893 4.40 32.19 4.35
CA UNK E 893 5.80 31.79 4.23
C UNK E 893 6.02 30.55 5.10
N UNK E 894 5.36 30.57 6.25
CA UNK E 894 5.40 29.49 7.23
C UNK E 894 4.80 28.21 6.68
N UNK E 895 3.73 28.34 5.92
CA UNK E 895 3.08 27.22 5.28
C UNK E 895 4.09 26.64 4.32
N UNK E 896 4.78 27.53 3.63
CA UNK E 896 5.77 27.06 2.67
C UNK E 896 6.81 26.25 3.43
N UNK E 897 7.22 26.76 4.58
CA UNK E 897 8.22 26.08 5.39
C UNK E 897 7.76 24.72 5.88
N UNK E 898 6.52 24.61 6.32
CA UNK E 898 6.04 23.34 6.85
C UNK E 898 6.09 22.28 5.77
N UNK E 899 0.98 29.22 23.16
CA UNK E 899 -0.38 29.50 22.70
C UNK E 899 -0.69 31.00 22.86
N UNK E 900 -0.35 31.49 24.03
CA UNK E 900 -0.55 32.90 24.38
C UNK E 900 0.17 33.81 23.38
N UNK E 901 1.41 33.44 23.13
CA UNK E 901 2.29 34.17 22.20
C UNK E 901 1.63 34.24 20.82
N UNK E 902 1.16 33.08 20.39
CA UNK E 902 0.50 32.92 19.09
C UNK E 902 -0.71 33.86 18.99
N UNK E 903 -1.49 33.85 20.06
CA UNK E 903 -2.70 34.67 20.17
C UNK E 903 -2.34 36.15 20.02
N UNK E 904 -1.30 36.52 20.73
CA UNK E 904 -0.78 37.90 20.72
C UNK E 904 -0.41 38.32 19.29
N UNK E 905 0.31 37.42 18.64
CA UNK E 905 0.77 37.61 17.27
C UNK E 905 -0.43 37.86 16.34
N UNK E 906 -1.42 37.01 16.52
CA UNK E 906 -2.67 37.07 15.73
C UNK E 906 -3.33 38.43 15.90
N UNK E 907 -3.40 38.85 17.15
CA UNK E 907 -4.00 40.13 17.54
C UNK E 907 -3.28 41.28 16.82
N UNK E 908 -1.96 41.20 16.88
CA UNK E 908 -1.08 42.20 16.26
C UNK E 908 -1.37 42.30 14.76
N UNK E 909 -1.46 41.13 14.15
CA UNK E 909 -1.73 41.00 12.71
C UNK E 909 -3.06 41.69 12.36
N UNK E 910 8.34 22.99 18.21
CA UNK E 910 7.43 23.51 17.19
C UNK E 910 7.27 25.02 17.35
N UNK E 911 7.05 25.41 18.59
CA UNK E 911 6.87 26.82 18.97
C UNK E 911 8.09 27.63 18.56
N UNK E 912 9.23 27.08 18.89
CA UNK E 912 10.54 27.69 18.61
C UNK E 912 10.69 27.92 17.10
N UNK E 913 10.34 26.88 16.36
CA UNK E 913 10.40 26.89 14.89
C UNK E 913 9.54 28.02 14.33
N UNK E 914 8.34 28.09 14.87
CA UNK E 914 7.33 29.09 14.48
C UNK E 914 7.90 30.50 14.70
N UNK E 915 8.50 30.67 15.87
CA UNK E 915 9.11 31.94 16.28
C UNK E 915 10.19 32.35 15.28
N UNK E 916 11.02 31.37 14.95
CA UNK E 916 12.13 31.54 14.01
C UNK E 916 11.59 32.03 12.66
N UNK E 917 10.55 31.35 12.21
CA UNK E 917 9.87 31.64 10.94
C UNK E 917 9.40 33.09 10.93
N UNK E 918 8.76 33.46 12.04
CA UNK E 918 8.22 34.81 12.23
C UNK E 918 9.33 35.85 12.10
N UNK E 919 10.42 35.55 12.77
CA UNK E 919 11.61 36.41 12.78
C UNK E 919 12.12 36.63 11.36
N UNK E 920 12.20 35.52 10.64
CA UNK E 920 12.66 35.49 9.25
C UNK E 920 11.78 36.40 8.40
N UNK E 921 10.49 36.24 8.59
CA UNK E 921 9.47 37.01 7.87
C UNK E 921 9.68 38.51 8.11
N UNK E 922 9.88 38.83 9.37
CA UNK E 922 10.10 40.21 9.83
C UNK E 922 11.32 40.80 9.12
N UNK E 923 3.84 27.68 34.30
CA UNK E 923 4.65 28.89 34.44
C UNK E 923 6.03 28.68 33.81
N UNK E 924 6.62 27.55 34.17
CA UNK E 924 7.93 27.15 33.68
C UNK E 924 7.94 27.08 32.16
N UNK E 925 6.91 26.45 31.64
CA UNK E 925 6.72 26.28 30.19
C UNK E 925 6.67 27.64 29.50
N UNK E 926 5.90 28.52 30.10
CA UNK E 926 5.71 29.89 29.61
C UNK E 926 7.06 30.61 29.53
N UNK E 927 7.80 30.47 30.61
CA UNK E 927 9.13 31.07 30.75
C UNK E 927 10.05 30.58 29.62
N UNK E 928 10.01 29.29 29.42
CA UNK E 928 10.81 28.60 28.39
C UNK E 928 10.49 29.19 27.01
N UNK E 929 9.19 29.31 26.77
CA UNK E 929 8.65 29.85 25.51
C UNK E 929 9.20 31.26 25.27
N UNK E 930 9.13 32.05 26.32
CA UNK E 930 9.59 33.44 26.31
C UNK E 930 11.07 33.50 25.93
N UNK E 931 11.83 32.63 26.57
CA UNK E 931 13.27 32.51 26.36
C UNK E 931 13.56 32.22 24.88
N UNK E 932 12.81 31.25 24.38
CA UNK E 932 12.92 30.81 22.98
C UNK E 932 12.68 31.98 22.03
N UNK E 933 11.62 32.71 22.34
CA UNK E 933 11.21 33.89 21.56
C UNK E 933 12.35 34.91 21.51
N UNK E 934 12.91 35.14 22.69
CA UNK E 934 14.02 36.09 22.88
C UNK E 934 15.20 35.69 21.99
N UNK E 935 15.50 34.40 22.05
CA UNK E 935 16.60 33.80 21.29
C UNK E 935 16.40 34.06 19.79
N UNK E 936 15.17 33.79 19.37
CA UNK E 936 14.76 33.96 17.97
C UNK E 936 14.99 35.41 17.52
N UNK E 937 14.55 36.30 18.38
CA UNK E 937 14.66 37.76 18.15
C UNK E 937 16.13 38.13 17.96
N UNK E 938 16.95 37.61 18.86
CA UNK E 938 18.40 37.84 18.85
C UNK E 938 19.00 37.40 17.52
N UNK E 939 18.60 36.21 17.12
CA UNK E 939 19.04 35.59 15.87
C UNK E 939 18.71 36.49 14.68
N UNK E 940 17.48 36.95 14.69
CA UNK E 940 16.95 37.84 13.65
C UNK E 940 17.80 39.10 13.55
N UNK E 941 18.08 39.67 14.71
CA UNK E 941 18.88 40.88 14.85
C UNK E 941 20.27 40.67 14.23
N UNK E 942 1.64 37.96 35.21
CA UNK E 942 0.72 37.98 34.07
C UNK E 942 0.80 39.33 33.35
N UNK E 943 0.77 40.38 34.16
CA UNK E 943 0.84 41.76 33.69
C UNK E 943 2.12 41.98 32.89
N UNK E 944 3.21 41.50 33.49
CA UNK E 944 4.55 41.61 32.89
C UNK E 944 4.57 40.93 31.53
N UNK E 945 4.00 39.74 31.50
CA UNK E 945 3.92 38.92 30.28
C UNK E 945 3.17 39.69 29.18
N UNK E 946 2.06 40.27 29.59
CA UNK E 946 1.19 41.05 28.69
C UNK E 946 1.99 42.21 28.09
N UNK E 947 2.71 42.89 28.96
CA UNK E 947 3.55 44.03 28.59
C UNK E 947 4.57 43.62 27.53
N UNK E 948 5.20 42.49 27.81
CA UNK E 948 6.22 41.91 26.93
C UNK E 948 5.64 41.65 25.55
N UNK E 949 4.46 41.05 25.57
CA UNK E 949 3.71 40.70 24.34
C UNK E 949 3.46 41.97 23.51
N UNK E 950 3.00 42.98 24.22
CA UNK E 950 2.69 44.29 23.63
C UNK E 950 3.93 44.86 22.93
N UNK E 951 5.02 44.79 23.65
CA UNK E 951 6.33 45.29 23.19
C UNK E 951 6.72 44.58 21.89
N UNK E 952 6.55 43.27 21.92
CA UNK E 952 6.87 42.40 20.78
C UNK E 952 6.05 42.82 19.56
N UNK E 953 4.77 43.03 19.81
CA UNK E 953 3.82 43.45 18.77
C UNK E 953 4.27 44.76 18.13
N UNK E 954 4.63 45.68 19.00
CA UNK E 954 5.10 47.02 18.60
C UNK E 954 6.32 46.89 17.69
N UNK E 955 7.24 46.04 18.12
CA UNK E 955 8.49 45.76 17.39
C UNK E 955 8.17 45.25 15.99
N UNK E 956 7.25 44.31 15.96
CA UNK E 956 6.79 43.68 14.71
C UNK E 956 6.24 44.73 13.75
N UNK E 957 5.41 45.59 14.32
CA UNK E 957 4.78 46.69 13.58
C UNK E 957 5.84 47.59 12.95
N UNK E 958 13.08 47.71 20.97
CA UNK E 958 13.41 46.35 21.43
C UNK E 958 14.36 46.43 22.64
N UNK E 959 15.38 47.26 22.46
CA UNK E 959 16.40 47.49 23.48
C UNK E 959 15.76 47.98 24.78
N UNK E 960 14.89 48.95 24.61
CA UNK E 960 14.14 49.57 25.71
C UNK E 960 13.35 48.50 26.48
N UNK E 961 12.67 47.69 25.70
CA UNK E 961 11.84 46.59 26.23
C UNK E 961 12.70 45.64 27.08
N UNK E 962 13.85 45.30 26.52
CA UNK E 962 14.82 44.41 27.16
C UNK E 962 15.25 44.98 28.50
N UNK E 963 15.56 46.27 28.47
CA UNK E 963 15.99 47.02 29.65
C UNK E 963 14.92 46.94 30.74
N UNK E 964 13.71 47.17 30.32
CA UNK E 964 12.52 47.15 31.20
C UNK E 964 12.40 45.79 31.87
N UNK E 965 12.55 44.77 31.05
CA UNK E 965 12.48 43.37 31.50
C UNK E 965 13.52 43.10 32.58
N UNK E 966 14.72 43.56 32.29
CA UNK E 966 15.87 43.42 33.18
C UNK E 966 15.57 44.06 34.54
N UNK E 967 15.04 45.26 34.45
CA UNK E 967 14.66 46.06 35.64
C UNK E 967 13.65 45.28 36.50
N UNK E 968 12.67 44.75 35.81
CA UNK E 968 11.59 43.96 36.43
C UNK E 968 12.18 42.77 37.18
N UNK E 969 13.09 42.10 36.50
CA UNK E 969 13.78 40.91 37.04
C UNK E 969 14.52 41.29 38.34
N UNK E 970 15.22 42.40 38.25
CA UNK E 970 16.00 42.94 39.37
C UNK E 970 15.10 43.18 40.58
N UNK E 971 13.98 43.81 40.28
CA UNK E 971 12.95 44.15 41.29
C UNK E 971 12.47 42.87 41.98
N UNK E 972 12.19 41.89 41.17
CA UNK E 972 11.71 40.57 41.62
C UNK E 972 12.73 39.96 42.59
N UNK E 973 14.66 37.99 36.24
CA UNK E 973 15.54 36.81 36.37
C UNK E 973 15.39 35.90 35.15
N UNK E 974 14.14 35.66 34.81
CA UNK E 974 13.76 34.82 33.68
C UNK E 974 14.39 35.37 32.38
N UNK E 975 14.23 36.67 32.23
CA UNK E 975 14.75 37.40 31.06
C UNK E 975 16.26 37.21 30.96
N UNK E 976 16.91 37.38 32.09
CA UNK E 976 18.37 37.23 32.22
C UNK E 976 18.80 35.84 31.76
N UNK E 977 18.06 34.86 32.27
CA UNK E 977 18.31 33.44 31.97
C UNK E 977 18.22 33.21 30.46
N UNK E 978 17.17 33.76 29.89
CA UNK E 978 16.89 33.65 28.45
C UNK E 978 18.07 34.22 27.65
N UNK E 979 18.50 35.38 28.09
CA UNK E 979 19.63 36.10 27.46
C UNK E 979 20.89 35.22 27.48
N UNK E 980 21.12 34.65 28.63
CA UNK E 980 22.28 33.77 28.87
C UNK E 980 22.25 32.59 27.89
N UNK E 981 21.07 32.01 27.79
CA UNK E 981 20.80 30.87 26.91
C UNK E 981 21.14 31.24 25.47
N UNK E 982 20.64 32.39 25.08
CA UNK E 982 20.85 32.94 23.73
C UNK E 982 22.35 33.07 23.43
N UNK E 983 23.04 33.64 24.41
CA UNK E 983 24.49 33.86 24.34
C UNK E 983 25.21 32.53 24.11
N UNK E 984 24.80 31.55 24.90
CA UNK E 984 25.37 30.19 24.85
C UNK E 984 25.19 29.61 23.44
N UNK E 985 23.41 53.64 27.33
CA UNK E 985 24.44 52.67 27.75
C UNK E 985 23.95 51.25 27.47
N UNK E 986 22.72 51.01 27.87
CA UNK E 986 22.06 49.71 27.71
C UNK E 986 22.03 49.32 26.23
N UNK E 987 21.63 50.29 25.44
CA UNK E 987 21.52 50.13 23.97
C UNK E 987 22.88 49.73 23.40
N UNK E 988 23.89 50.46 23.83
CA UNK E 988 25.28 50.23 23.40
C UNK E 988 25.70 48.79 23.72
N UNK E 989 25.39 48.39 24.94
CA UNK E 989 25.70 47.05 25.45
C UNK E 989 25.06 45.99 24.55
N UNK E 990 23.80 46.23 24.25
CA UNK E 990 22.99 45.35 23.41
C UNK E 990 23.65 45.19 22.04
N UNK E 991 24.04 46.32 21.49
CA UNK E 991 24.70 46.40 20.18
C UNK E 991 25.97 45.55 20.18
N UNK E 992 26.74 45.73 21.24
CA UNK E 992 28.01 45.02 21.44
C UNK E 992 27.76 43.51 21.44
N UNK E 993 26.75 43.12 22.19
CA UNK E 993 26.34 41.72 22.34
C UNK E 993 26.01 41.14 20.96
N UNK E 994 25.24 41.90 20.22
CA UNK E 994 24.80 41.52 18.87
C UNK E 994 26.02 41.28 17.97
N UNK E 995 26.95 42.21 18.05
CA UNK E 995 28.20 42.17 17.28
C UNK E 995 28.96 40.89 17.59
N UNK E 996 29.05 40.61 18.88
CA UNK E 996 29.74 39.43 19.40
C UNK E 996 29.12 38.16 18.82
N UNK E 997 27.81 38.14 18.86
CA UNK E 997 27.01 37.01 18.35
C UNK E 997 27.31 36.78 16.87
N UNK E 998 27.32 37.88 16.14
CA UNK E 998 27.59 37.88 14.70
C UNK E 998 28.97 37.26 14.42
N UNK E 999 29.93 37.73 15.21
CA UNK E 999 31.32 37.28 15.12
C UNK E 999 31.39 35.75 15.32
N UNK E 1000 30.70 35.32 16.35
CA UNK E 1000 30.62 33.90 16.73
C UNK E 1000 30.09 33.07 15.56
N UNK E 1001 24.41 40.05 45.57
CA UNK E 1001 25.25 39.66 44.42
C UNK E 1001 24.50 39.93 43.12
N UNK E 1002 23.25 39.50 43.11
CA UNK E 1002 22.36 39.64 41.95
C UNK E 1002 22.22 41.12 41.60
N UNK E 1003 21.99 41.91 42.63
CA UNK E 1003 21.81 43.36 42.50
C UNK E 1003 23.05 43.98 41.86
N UNK E 1004 24.20 43.56 42.38
CA UNK E 1004 25.50 44.03 41.91
C UNK E 1004 25.66 43.74 40.41
N UNK E 1005 25.31 42.50 40.07
CA UNK E 1005 25.38 42.01 38.69
C UNK E 1005 24.54 42.89 37.76
N UNK E 1006 23.33 43.16 38.25
CA UNK E 1006 22.35 43.98 37.52
C UNK E 1006 22.93 45.37 37.26
N UNK E 1007 23.52 45.92 38.30
CA UNK E 1007 24.14 47.25 38.27
C UNK E 1007 25.23 47.28 37.19
N UNK E 1008 26.05 46.25 37.23
CA UNK E 1008 27.17 46.08 36.29
C UNK E 1008 26.64 46.08 34.85
N UNK E 1009 25.59 45.30 34.66
CA UNK E 1009 24.93 45.15 33.36
C UNK E 1009 24.47 46.52 32.85
N UNK E 1010 23.83 47.24 33.75
CA UNK E 1010 23.30 48.58 33.47
C UNK E 1010 24.42 49.50 33.01
N UNK E 1011 25.51 49.44 33.75
CA UNK E 1011 26.71 50.25 33.48
C UNK E 1011 27.23 49.97 32.08
N UNK E 1012 35.06 43.43 25.94
CA UNK E 1012 33.59 43.40 26.02
C UNK E 1012 33.10 41.96 26.16
N UNK E 1013 33.66 41.12 25.30
CA UNK E 1013 33.33 39.68 25.26
C UNK E 1013 33.60 39.04 26.62
N UNK E 1014 34.77 39.36 27.14
CA UNK E 1014 35.24 38.86 28.45
C UNK E 1014 34.23 39.24 29.54
N UNK E 1015 33.85 40.51 29.50
CA UNK E 1015 32.90 41.09 30.45
C UNK E 1015 31.58 40.31 30.42
N UNK E 1016 31.13 40.10 29.19
CA UNK E 1016 29.88 39.37 28.93
C UNK E 1016 29.94 37.98 29.54
N UNK E 1017 31.06 37.33 29.30
CA UNK E 1017 31.33 35.97 29.80
C UNK E 1017 31.23 35.94 31.33
N UNK E 1018 31.87 36.93 31.92
CA UNK E 1018 31.91 37.10 33.38
C UNK E 1018 30.49 37.22 33.93
N UNK E 1019 29.73 38.06 33.27
CA UNK E 1019 28.33 38.34 33.62
C UNK E 1019 27.53 37.03 33.60
N UNK E 1020 27.72 36.29 32.53
CA UNK E 1020 27.05 35.00 32.31
C UNK E 1020 27.36 34.05 33.46
N UNK E 1021 28.63 34.00 33.80
CA UNK E 1021 29.15 33.15 34.88
C UNK E 1021 28.45 33.50 36.20
N UNK E 1022 28.39 34.80 36.44
CA UNK E 1022 27.77 35.35 37.65
C UNK E 1022 26.30 34.90 37.74
N UNK E 1023 25.63 35.04 36.60
CA UNK E 1023 24.23 34.67 36.47
C UNK E 1023 24.03 33.19 36.82
N UNK E 1024 24.90 32.39 36.26
CA UNK E 1024 24.91 30.93 36.47
C UNK E 1024 25.04 30.61 37.95
N UNK E 1025 25.98 31.29 38.56
CA UNK E 1025 26.29 31.14 40.00
C UNK E 1025 25.03 31.45 40.83
N UNK E 1026 24.41 32.56 40.47
CA UNK E 1026 23.19 33.03 41.13
C UNK E 1026 22.09 31.96 41.05
N UNK E 1027 21.95 31.44 39.85
CA UNK E 1027 20.95 30.39 39.55
C UNK E 1027 21.19 29.17 40.46
N UNK E 1028 22.45 28.80 40.52
CA UNK E 1028 22.89 27.64 41.33
C UNK E 1028 22.50 27.86 42.79
N UNK E 1029 22.80 29.06 43.25
CA UNK E 1029 22.53 29.47 44.64
C UNK E 1029 21.03 29.33 44.93
N UNK E 1030 20.24 29.84 43.99
CA UNK E 1030 18.77 29.81 44.07
C UNK E 1030 18.28 28.37 44.21
N UNK E 1031 18.84 27.53 43.35
CA UNK E 1031 18.52 26.09 43.31
C UNK E 1031 18.79 25.45 44.67
N UNK E 1032 19.96 25.75 45.24
CA UNK E 1032 20.33 25.21 46.54
C UNK E 1032 19.32 25.57 47.61
N UNK E 1033 47.34 43.49 29.09
CA UNK E 1033 47.66 43.76 30.49
C UNK E 1033 46.45 44.37 31.21
N UNK E 1034 45.88 45.35 30.53
CA UNK E 1034 44.71 46.08 31.03
C UNK E 1034 43.55 45.11 31.29
N UNK E 1035 43.35 44.26 30.30
CA UNK E 1035 42.29 43.23 30.34
C UNK E 1035 42.48 42.32 31.55
N UNK E 1036 43.72 41.90 31.72
CA UNK E 1036 44.12 41.03 32.83
C UNK E 1036 43.78 41.68 34.17
N UNK E 1037 44.16 42.95 34.25
CA UNK E 1037 43.93 43.78 35.45
C UNK E 1037 42.43 43.82 35.78
N UNK E 1038 41.67 44.06 34.74
CA UNK E 1038 40.19 44.16 34.83
C UNK E 1038 39.63 42.85 35.40
N UNK E 1039 40.12 41.76 34.83
CA UNK E 1039 39.71 40.40 35.22
C UNK E 1039 39.98 40.19 36.71
N UNK E 1040 41.18 40.58 37.10
CA UNK E 1040 41.64 40.46 38.49
C UNK E 1040 40.70 41.21 39.43
N UNK E 1041 40.39 42.42 39.02
CA UNK E 1041 39.49 43.32 39.76
C UNK E 1041 38.13 42.65 39.96
N UNK E 1042 37.64 42.10 38.87
CA UNK E 1042 36.34 41.40 38.84
C UNK E 1042 36.34 40.25 39.85
N UNK E 1043 37.41 39.49 39.80
CA UNK E 1043 37.62 38.34 40.69
C UNK E 1043 37.56 38.78 42.14
N UNK E 1044 38.28 39.86 42.41
CA UNK E 1044 38.36 40.45 43.75
C UNK E 1044 36.96 40.81 44.25
N UNK E 1045 36.22 41.46 43.36
CA UNK E 1045 34.85 41.91 43.64
C UNK E 1045 33.97 40.71 44.01
N UNK E 1046 34.12 39.68 43.20
CA UNK E 1046 33.37 38.42 43.39
C UNK E 1046 33.65 37.85 44.78
N UNK E 1047 34.93 37.82 45.10
CA UNK E 1047 35.42 37.30 46.39
C UNK E 1047 34.78 38.07 47.54
N UNK E 1048 34.79 39.39 47.39
CA UNK E 1048 34.22 40.31 48.37
C UNK E 1048 32.74 40.00 48.60
N UNK E 1049 52.19 42.40 57.27
CA UNK E 1049 50.87 41.87 56.89
C UNK E 1049 50.46 42.39 55.51
N UNK E 1050 50.65 43.69 55.35
CA UNK E 1050 50.33 44.40 54.10
C UNK E 1050 51.11 43.78 52.94
N UNK E 1051 52.39 43.58 53.19
CA UNK E 1051 53.31 43.01 52.22
C UNK E 1051 52.82 41.62 51.78
N UNK E 1052 52.46 40.85 52.78
CA UNK E 1052 51.95 39.48 52.58
C UNK E 1052 50.72 39.50 51.68
N UNK E 1053 49.83 40.41 52.01
CA UNK E 1053 48.57 40.61 51.27
C UNK E 1053 48.86 40.92 49.80
N UNK E 1054 49.81 41.82 49.62
CA UNK E 1054 50.25 42.26 48.28
C UNK E 1054 50.75 41.06 47.48
N UNK E 1055 51.58 40.28 48.15
CA UNK E 1055 52.18 39.07 47.56
C UNK E 1055 51.08 38.12 47.09
N UNK E 1056 50.12 37.92 47.97
CA UNK E 1056 48.97 37.04 47.72
C UNK E 1056 48.22 37.50 46.47
N UNK E 1057 47.99 38.80 46.43
CA UNK E 1057 47.29 39.45 45.32
C UNK E 1057 48.02 39.18 44.00
N UNK E 1058 49.32 39.36 44.06
CA UNK E 1058 50.22 39.15 42.92
C UNK E 1058 50.08 37.72 42.41
N UNK E 1059 50.13 36.81 43.35
CA UNK E 1059 50.01 35.36 43.08
C UNK E 1059 48.71 35.07 42.35
N UNK E 1060 47.65 35.65 42.89
CA UNK E 1060 46.29 35.50 42.35
C UNK E 1060 46.24 35.96 40.90
N UNK E 1061 46.83 37.12 40.68
CA UNK E 1061 46.92 37.76 39.36
C UNK E 1061 47.61 36.82 38.37
N UNK E 1062 48.73 36.29 38.84
CA UNK E 1062 49.56 35.35 38.06
C UNK E 1062 48.73 34.14 37.63
N UNK E 1063 48.02 33.62 38.61
CA UNK E 1063 47.15 32.44 38.43
C UNK E 1063 46.11 32.72 37.34
N UNK E 1064 45.51 33.90 37.46
CA UNK E 1064 44.47 34.37 36.53
C UNK E 1064 45.04 34.41 35.10
N UNK E 1065 46.22 34.98 35.01
CA UNK E 1065 46.95 35.12 33.74
C UNK E 1065 47.17 33.75 33.10
N UNK E 1066 47.62 32.83 33.94
CA UNK E 1066 47.90 31.45 33.53
C UNK E 1066 46.64 30.81 32.95
N UNK E 1067 42.17 -3.81 43.60
CA UNK E 1067 41.46 -2.77 44.34
C UNK E 1067 40.51 -2.01 43.42
N UNK E 1068 40.66 -2.23 42.12
CA UNK E 1068 39.87 -1.52 41.12
C UNK E 1068 38.38 -1.81 41.26
N UNK E 1069 38.04 -3.06 41.51
CA UNK E 1069 36.65 -3.44 41.67
C UNK E 1069 36.07 -2.72 42.87
N UNK E 1070 36.84 -2.66 43.94
CA UNK E 1070 36.40 -2.01 45.16
C UNK E 1070 36.17 -0.54 44.88
N UNK E 1071 37.06 0.07 44.12
CA UNK E 1071 36.94 1.47 43.78
C UNK E 1071 35.68 1.73 42.98
N UNK E 1072 35.38 0.85 42.03
CA UNK E 1072 34.20 1.00 41.21
C UNK E 1072 32.96 0.89 42.08
N UNK E 1073 33.00 -0.04 43.03
CA UNK E 1073 31.88 -0.25 43.93
C UNK E 1073 31.65 1.00 44.76
N UNK E 1074 32.74 1.60 45.20
CA UNK E 1074 32.67 2.81 46.00
C UNK E 1074 32.07 3.94 45.19
N UNK E 1075 32.46 4.03 43.91
CA UNK E 1075 31.85 5.00 43.04
C UNK E 1075 30.37 4.68 42.89
N UNK E 1076 30.07 3.39 42.80
CA UNK E 1076 28.70 2.90 42.65
C UNK E 1076 27.80 3.21 43.85
N UNK E 1077 28.33 3.07 45.06
CA UNK E 1077 27.54 3.31 46.27
C UNK E 1077 27.11 4.77 46.31
N UNK E 1078 28.02 5.65 45.93
CA UNK E 1078 27.75 7.09 45.82
C UNK E 1078 26.41 7.32 45.14
N UNK E 1079 26.23 6.59 44.05
CA UNK E 1079 25.00 6.66 43.24
C UNK E 1079 23.79 6.31 44.10
N UNK E 1080 23.94 5.23 44.84
CA UNK E 1080 22.90 4.72 45.74
C UNK E 1080 22.51 5.78 46.76
N UNK E 1081 23.55 6.39 47.33
CA UNK E 1081 23.39 7.45 48.34
C UNK E 1081 22.58 8.60 47.76
N UNK E 1082 22.96 8.99 46.55
CA UNK E 1082 22.32 10.08 45.82
C UNK E 1082 20.83 9.78 45.64
N UNK E 1083 20.57 8.55 45.22
CA UNK E 1083 19.21 8.06 44.99
C UNK E 1083 18.38 8.19 46.26
N UNK E 1084 18.98 7.73 47.34
CA UNK E 1084 18.36 7.76 48.68
C UNK E 1084 17.99 9.19 49.05
N UNK E 1085 18.93 10.08 48.82
CA UNK E 1085 18.77 11.51 49.11
C UNK E 1085 17.57 12.07 48.34
N UNK E 1086 17.49 11.74 47.06
CA UNK E 1086 16.40 12.20 46.21
C UNK E 1086 15.06 11.78 46.76
N UNK E 1087 44.15 3.09 52.41
CA UNK E 1087 43.14 3.62 51.47
C UNK E 1087 41.95 2.66 51.38
N UNK E 1088 42.30 1.40 51.22
CA UNK E 1088 41.33 0.30 51.11
C UNK E 1088 40.43 0.26 52.36
N UNK E 1089 41.09 0.36 53.50
CA UNK E 1089 40.42 0.35 54.81
C UNK E 1089 39.41 1.50 54.89
N UNK E 1090 39.88 2.66 54.47
CA UNK E 1090 39.08 3.90 54.46
C UNK E 1090 37.82 3.69 53.61
N UNK E 1091 38.05 3.13 52.45
CA UNK E 1091 36.99 2.85 51.46
C UNK E 1091 35.92 1.95 52.10
N UNK E 1092 36.43 0.90 52.75
CA UNK E 1092 35.59 -0.10 53.43
C UNK E 1092 34.71 0.59 54.48
N UNK E 1093 35.35 1.44 55.25
CA UNK E 1093 34.70 2.21 56.32
C UNK E 1093 33.56 3.06 55.74
N UNK E 1094 33.89 3.72 54.65
CA UNK E 1094 32.94 4.60 53.93
C UNK E 1094 31.71 3.79 53.50
N UNK E 1095 32.00 2.63 52.93
CA UNK E 1095 30.97 1.70 52.45
C UNK E 1095 30.03 1.31 53.60
N UNK E 1096 30.65 0.98 54.71
CA UNK E 1096 29.94 0.57 55.93
C UNK E 1096 29.00 1.68 56.38
N UNK E 1097 29.54 2.88 56.39
CA UNK E 1097 28.81 4.09 56.78
C UNK E 1097 27.57 4.26 55.90
N UNK E 1098 27.80 4.11 54.60
CA UNK E 1098 26.75 4.24 53.58
C UNK E 1098 25.63 3.24 53.86
N UNK E 1099 26.05 2.02 54.13
CA UNK E 1099 25.14 0.91 54.42
C UNK E 1099 24.26 1.25 55.63
N UNK E 1100 24.93 1.76 56.64
CA UNK E 1100 24.28 2.16 57.91
C UNK E 1100 23.20 3.20 57.63
N UNK E 1101 23.60 4.18 56.83
CA UNK E 1101 22.72 5.30 56.44
C UNK E 1101 21.47 4.76 55.74
N UNK E 1102 58.72 9.82 53.60
CA UNK E 1102 57.75 8.86 53.07
C UNK E 1102 56.70 8.53 54.14
N UNK E 1103 57.21 8.27 55.32
CA UNK E 1103 56.38 7.93 56.50
C UNK E 1103 55.39 9.07 56.78
N UNK E 1104 55.94 10.27 56.76
CA UNK E 1104 55.17 11.50 57.01
C UNK E 1104 54.02 11.61 56.00
N UNK E 1105 54.40 11.38 54.75
CA UNK E 1105 53.46 11.45 53.63
C UNK E 1105 52.30 10.46 53.84
N UNK E 1106 52.69 9.26 54.22
CA UNK E 1106 51.75 8.16 54.49
C UNK E 1106 50.76 8.57 55.57
N UNK E 1107 51.33 9.14 56.63
CA UNK E 1107 50.55 9.61 57.79
C UNK E 1107 49.52 10.64 57.34
N UNK E 1108 49.99 11.57 56.54
CA UNK E 1108 49.16 12.65 55.98
C UNK E 1108 47.98 12.07 55.21
N UNK E 1109 48.31 11.11 54.37
CA UNK E 1109 47.34 10.40 53.52
C UNK E 1109 46.25 9.77 54.39
N UNK E 1110 46.72 9.09 55.43
CA UNK E 1110 45.86 8.40 56.40
C UNK E 1110 44.87 9.40 57.03
N UNK E 1111 45.44 10.52 57.44
CA UNK E 1111 44.68 11.61 58.07
C UNK E 1111 43.58 12.09 57.13
N UNK E 1112 43.97 12.30 55.89
CA UNK E 1112 43.06 12.75 54.82
C UNK E 1112 41.90 11.79 54.67
N UNK E 1113 42.26 10.52 54.63
CA UNK E 1113 41.29 9.41 54.49
C UNK E 1113 40.27 9.46 55.63
N UNK E 1114 40.81 9.61 56.82
CA UNK E 1114 40.01 9.68 58.05
C UNK E 1114 39.01 10.84 57.96
N UNK E 1115 39.52 11.97 57.53
CA UNK E 1115 38.72 13.20 57.37
C UNK E 1115 37.57 12.94 56.40
N UNK E 1116 37.91 12.31 55.30
CA UNK E 1116 36.94 11.96 54.24
C UNK E 1116 35.83 11.09 54.82
N UNK E 1117 36.25 10.10 55.58
CA UNK E 1117 35.35 9.14 56.23
C UNK E 1117 34.37 9.89 57.14
N UNK E 1118 34.94 10.79 57.91
CA UNK E 1118 34.18 11.61 58.86
C UNK E 1118 33.10 12.42 58.13
N UNK E 1119 33.54 13.01 57.04
CA UNK E 1119 32.68 13.84 56.18
C UNK E 1119 31.50 13.00 55.68
N UNK E 1120 59.17 21.39 50.55
CA UNK E 1120 58.75 20.43 51.57
C UNK E 1120 57.98 21.14 52.68
N UNK E 1121 58.55 22.24 53.12
CA UNK E 1121 57.99 23.09 54.18
C UNK E 1121 56.59 23.56 53.78
N UNK E 1122 56.52 24.03 52.54
CA UNK E 1122 55.26 24.53 51.96
C UNK E 1122 54.19 23.44 51.99
N UNK E 1123 54.61 22.26 51.56
CA UNK E 1123 53.75 21.08 51.52
C UNK E 1123 53.19 20.77 52.91
N UNK E 1124 54.08 20.80 53.87
CA UNK E 1124 53.76 20.54 55.27
C UNK E 1124 52.70 21.53 55.76
N UNK E 1125 52.94 22.79 55.44
CA UNK E 1125 52.05 23.90 55.79
C UNK E 1125 50.65 23.64 55.23
N UNK E 1126 50.63 23.27 53.97
CA UNK E 1126 49.40 22.97 53.23
C UNK E 1126 48.62 21.86 53.94
N UNK E 1127 49.35 20.83 54.30
CA UNK E 1127 48.81 19.66 54.99
C UNK E 1127 48.15 20.08 56.30
N UNK E 1128 48.89 20.91 57.03
CA UNK E 1128 48.44 21.44 58.33
C UNK E 1128 47.12 22.19 58.16
N UNK E 1129 47.10 23.03 57.13
CA UNK E 1129 45.93 23.85 56.80
C UNK E 1129 44.71 22.95 56.55
N UNK E 1130 44.97 21.92 55.75
CA UNK E 1130 43.94 20.94 55.38
C UNK E 1130 43.36 20.29 56.64
N UNK E 1131 44.27 19.89 57.51
CA UNK E 1131 43.92 19.25 58.78
C UNK E 1131 43.00 20.17 59.60
N UNK E 1132 43.42 21.42 59.67
CA UNK E 1132 42.69 22.46 60.40
C UNK E 1132 41.26 22.58 59.87
N UNK E 1133 41.19 22.62 58.55
CA UNK E 1133 39.91 22.75 57.83
C UNK E 1133 38.99 21.58 58.19
N UNK E 1134 39.58 20.40 58.16
CA UNK E 1134 38.88 19.15 58.48
C UNK E 1134 38.30 19.21 59.89
N UNK E 1135 25.81 25.25 46.15
CA UNK E 1135 26.82 24.34 46.66
C UNK E 1135 27.72 23.83 45.54
N UNK E 1136 27.33 24.12 44.31
CA UNK E 1136 28.09 23.67 43.14
C UNK E 1136 29.48 24.29 43.14
N UNK E 1137 29.55 25.57 43.50
CA UNK E 1137 30.83 26.27 43.57
C UNK E 1137 31.73 25.62 44.63
N UNK E 1138 31.13 25.27 45.76
CA UNK E 1138 31.86 24.61 46.83
C UNK E 1138 32.39 23.26 46.36
N UNK E 1139 31.57 22.55 45.60
CA UNK E 1139 31.98 21.26 45.06
C UNK E 1139 33.15 21.43 44.11
N UNK E 1140 33.11 22.48 43.31
CA UNK E 1140 34.18 22.79 42.38
C UNK E 1140 35.46 23.09 43.14
N UNK E 1141 35.34 23.83 44.24
CA UNK E 1141 36.47 24.15 45.08
C UNK E 1141 37.08 22.89 45.67
N UNK E 1142 36.22 21.95 46.08
CA UNK E 1142 36.67 20.71 46.67
C UNK E 1142 37.27 19.79 45.61
N UNK E 1143 36.55 19.59 44.51
CA UNK E 1143 37.02 18.74 43.41
C UNK E 1143 38.43 19.17 42.98
N UNK E 1144 38.56 20.48 42.81
CA UNK E 1144 39.83 21.10 42.40
C UNK E 1144 40.93 20.75 43.39
N UNK E 1145 40.59 20.90 44.66
CA UNK E 1145 41.50 20.62 45.77
C UNK E 1145 41.98 19.17 45.72
N UNK E 1146 41.01 18.29 45.50
CA UNK E 1146 41.25 16.85 45.41
C UNK E 1146 42.24 16.55 44.27
N UNK E 1147 41.98 17.18 43.15
CA UNK E 1147 42.81 17.06 41.94
C UNK E 1147 44.24 17.46 42.25
N UNK E 1148 44.36 18.60 42.90
CA UNK E 1148 45.66 19.17 43.30
C UNK E 1148 46.43 18.18 44.17
N UNK E 1149 45.71 17.63 45.12
CA UNK E 1149 46.26 16.65 46.07
C UNK E 1149 46.81 15.43 45.31
N UNK E 1150 46.00 14.97 44.38
CA UNK E 1150 46.33 13.82 43.54
C UNK E 1150 47.64 14.09 42.78
N UNK E 1151 47.69 15.27 42.20
CA UNK E 1151 48.84 15.74 41.42
C UNK E 1151 50.11 15.71 42.29
N UNK E 1152 49.95 16.24 43.49
CA UNK E 1152 51.03 16.32 44.48
C UNK E 1152 51.56 14.91 44.79
N UNK E 1153 50.62 14.02 45.00
CA UNK E 1153 50.90 12.61 45.31
C UNK E 1153 51.73 11.98 44.18
N UNK E 1154 51.26 12.25 42.97
CA UNK E 1154 51.90 11.74 41.75
C UNK E 1154 53.36 12.22 41.68
N UNK E 1155 53.56 13.50 41.95
CA UNK E 1155 54.89 14.10 41.90
C UNK E 1155 55.82 13.46 42.94
N UNK E 1156 55.28 13.20 44.13
CA UNK E 1156 56.06 12.59 45.19
C UNK E 1156 56.53 11.19 44.77
N UNK E 1157 55.65 10.45 44.12
CA UNK E 1157 55.98 9.11 43.65
C UNK E 1157 57.09 9.15 42.63
N UNK E 1158 57.04 10.13 41.73
CA UNK E 1158 58.06 10.30 40.71
C UNK E 1158 59.42 10.59 41.34
N UNK E 1159 59.42 11.41 42.38
CA UNK E 1159 60.63 11.78 43.08
C UNK E 1159 61.24 10.56 43.79
N UNK E 1160 57.36 27.25 42.99
CA UNK E 1160 56.62 26.69 41.85
C UNK E 1160 55.31 26.07 42.33
N UNK E 1161 55.44 25.29 43.39
CA UNK E 1161 54.31 24.59 44.01
C UNK E 1161 53.24 25.60 44.44
N UNK E 1162 53.72 26.64 45.08
CA UNK E 1162 52.87 27.73 45.58
C UNK E 1162 52.08 28.36 44.43
N UNK E 1163 52.82 28.63 43.37
CA UNK E 1163 52.28 29.23 42.14
C UNK E 1163 51.15 28.36 41.59
N UNK E 1164 51.45 27.07 41.52
CA UNK E 1164 50.50 26.06 41.02
C UNK E 1164 49.22 26.09 41.84
N UNK E 1165 49.40 26.12 43.15
CA UNK E 1165 48.30 26.16 44.12
C UNK E 1165 47.42 27.37 43.86
N UNK E 1166 48.09 28.50 43.69
CA UNK E 1166 47.43 29.79 43.43
C UNK E 1166 46.56 29.68 42.17
N UNK E 1167 47.17 29.12 41.14
CA UNK E 1167 46.53 28.93 39.84
C UNK E 1167 45.25 28.10 40.00
N UNK E 1168 45.40 27.02 40.76
CA UNK E 1168 44.30 26.09 41.05
C UNK E 1168 43.14 26.82 41.71
N UNK E 1169 43.52 27.62 42.70
CA UNK E 1169 42.56 28.42 43.48
C UNK E 1169 41.78 29.34 42.56
N UNK E 1170 42.53 30.00 41.68
CA UNK E 1170 41.98 30.94 40.69
C UNK E 1170 40.94 30.23 39.82
N UNK E 1171 41.35 29.07 39.36
CA UNK E 1171 40.51 28.22 38.49
C UNK E 1171 39.19 27.89 39.19
N UNK E 1172 39.33 27.50 40.45
CA UNK E 1172 38.20 27.14 41.30
C UNK E 1172 37.22 28.32 41.41
N UNK E 1173 37.80 29.47 41.66
CA UNK E 1173 37.06 30.73 41.80
C UNK E 1173 36.25 31.00 40.52
N UNK E 1174 27.67 15.53 47.57
CA UNK E 1174 28.37 16.20 46.47
C UNK E 1174 29.88 16.24 46.78
N UNK E 1175 30.17 16.64 48.00
CA UNK E 1175 31.56 16.75 48.50
C UNK E 1175 32.26 15.40 48.37
N UNK E 1176 31.55 14.38 48.83
CA UNK E 1176 32.04 13.00 48.80
C UNK E 1176 32.39 12.58 47.37
N UNK E 1177 31.46 12.90 46.48
CA UNK E 1177 31.60 12.59 45.05
C UNK E 1177 32.86 13.25 44.49
N UNK E 1178 33.02 14.51 44.85
CA UNK E 1178 34.16 15.32 44.42
C UNK E 1178 35.47 14.67 44.87
N UNK E 1179 35.46 14.26 46.13
CA UNK E 1179 36.62 13.62 46.76
C UNK E 1179 36.99 12.35 45.99
N UNK E 1180 35.97 11.58 45.69
CA UNK E 1180 36.10 10.31 44.95
C UNK E 1180 36.76 10.57 43.59
N UNK E 1181 36.27 11.58 42.89
CA UNK E 1181 36.80 11.94 41.58
C UNK E 1181 38.28 12.31 41.67
N UNK E 1182 38.65 13.03 42.72
CA UNK E 1182 40.03 13.45 42.92
C UNK E 1182 40.96 12.24 43.10
N UNK E 1183 40.48 11.24 43.83
CA UNK E 1183 41.26 10.03 44.07
C UNK E 1183 41.54 9.29 42.77
N UNK E 1184 40.54 9.24 41.89
CA UNK E 1184 40.67 8.55 40.62
C UNK E 1184 41.67 9.28 39.71
N UNK E 1185 45.08 29.16 25.26
CA UNK E 1185 45.18 27.79 24.78
C UNK E 1185 45.31 26.80 25.93
N UNK E 1186 46.22 27.11 26.86
CA UNK E 1186 46.44 26.25 28.01
C UNK E 1186 45.19 26.15 28.87
N UNK E 1187 44.52 27.28 29.05
CA UNK E 1187 43.29 27.32 29.83
C UNK E 1187 42.22 26.45 29.17
N UNK E 1188 42.15 26.54 27.84
CA UNK E 1188 41.19 25.73 27.09
C UNK E 1188 41.50 24.25 27.26
N UNK E 1189 42.78 23.91 27.25
CA UNK E 1189 43.20 22.53 27.45
C UNK E 1189 42.80 22.04 28.83
N UNK E 1190 42.95 22.92 29.82
CA UNK E 1190 42.58 22.59 31.19
C UNK E 1190 41.07 22.34 31.28
N UNK E 1191 40.31 23.17 30.57
CA UNK E 1191 38.86 23.02 30.53
C UNK E 1191 38.48 21.69 29.90
N UNK E 1192 39.20 21.32 28.84
CA UNK E 1192 38.96 20.05 28.17
C UNK E 1192 39.24 18.89 29.11
N UNK E 1193 40.32 19.02 29.89
CA UNK E 1193 40.69 18.01 30.87
C UNK E 1193 39.60 17.87 31.93
N UNK E 1194 39.05 19.01 32.35
CA UNK E 1194 38.00 19.01 33.37
C UNK E 1194 36.77 18.24 32.90
N UNK E 1195 61.26 34.79 42.06
CA UNK E 1195 59.85 34.57 41.74
C UNK E 1195 59.42 35.43 40.56
N UNK E 1196 59.77 36.71 40.61
CA UNK E 1196 59.42 37.64 39.54
C UNK E 1196 59.96 37.18 38.20
N UNK E 1197 61.23 36.78 38.18
CA UNK E 1197 61.87 36.31 36.96
C UNK E 1197 61.13 35.12 36.37
N UNK E 1198 60.79 34.16 37.23
CA UNK E 1198 60.08 32.96 36.79
C UNK E 1198 58.75 33.32 36.14
N UNK E 1199 57.99 34.21 36.78
CA UNK E 1199 56.69 34.64 36.25
C UNK E 1199 56.86 35.25 34.86
N UNK E 1200 57.85 36.11 34.77
CA UNK E 1200 58.19 36.81 33.53
C UNK E 1200 58.51 35.79 32.42
N UNK E 1201 59.32 34.83 32.80
CA UNK E 1201 59.76 33.74 31.90
C UNK E 1201 58.53 32.99 31.37
N UNK E 1202 57.66 32.67 32.29
CA UNK E 1202 56.41 31.94 32.00
C UNK E 1202 55.58 32.72 30.97
N UNK E 1203 55.46 34.01 31.23
CA UNK E 1203 54.71 34.94 30.39
C UNK E 1203 55.28 34.92 28.96
N UNK E 1204 56.59 35.00 28.91
CA UNK E 1204 57.35 35.00 27.65
C UNK E 1204 57.04 33.72 26.85
N UNK E 1205 57.09 32.62 27.58
CA UNK E 1205 56.83 31.29 27.02
C UNK E 1205 55.43 31.25 26.40
N UNK E 1206 54.49 31.76 27.17
CA UNK E 1206 53.08 31.82 26.77
C UNK E 1206 52.93 32.60 25.46
N UNK E 1207 53.59 33.75 25.44
CA UNK E 1207 53.59 34.65 24.29
C UNK E 1207 54.11 33.92 23.05
N UNK E 1208 55.21 33.22 23.25
CA UNK E 1208 55.87 32.44 22.19
C UNK E 1208 54.90 31.40 21.62
N UNK E 1209 54.24 30.72 22.53
CA UNK E 1209 53.26 29.68 22.20
C UNK E 1209 52.14 30.27 21.34
N UNK E 1210 51.67 31.42 21.78
CA UNK E 1210 50.59 32.15 21.10
C UNK E 1210 51.01 32.48 19.66
N UNK E 1211 52.23 32.98 19.56
CA UNK E 1211 52.83 33.36 18.27
C UNK E 1211 52.85 32.15 17.33
N UNK E 1212 53.32 31.05 17.88
CA UNK E 1212 53.42 29.77 17.16
C UNK E 1212 52.06 29.36 16.61
N UNK E 1213 51.07 29.46 17.49
CA UNK E 1213 49.68 29.11 17.17
C UNK E 1213 49.18 29.95 15.99
N UNK E 1214 49.47 31.24 16.09
CA UNK E 1214 49.09 32.23 15.08
C UNK E 1214 49.69 31.85 13.73
N UNK E 1215 50.96 31.52 13.78
CA UNK E 1215 51.74 31.10 12.59
C UNK E 1215 51.08 29.90 11.93
N UNK E 1216 50.75 28.94 12.78
CA UNK E 1216 50.10 27.68 12.35
C UNK E 1216 48.80 27.99 11.62
N UNK E 1217 48.03 28.87 12.25
CA UNK E 1217 46.72 29.30 11.72
C UNK E 1217 46.90 29.90 10.32
N UNK E 1218 47.88 30.78 10.18
CA UNK E 1218 48.16 31.43 8.91
C UNK E 1218 48.50 30.41 7.83
N UNK E 1219 49.27 29.40 8.21
CA UNK E 1219 49.67 28.35 7.28
C UNK E 1219 48.47 27.58 6.75
N UNK E 1220 47.51 27.31 7.64
CA UNK E 1220 46.30 26.58 7.26
C UNK E 1220 45.48 27.36 6.23
N UNK E 1221 45.40 28.67 6.43
CA UNK E 1221 44.65 29.54 5.52
C UNK E 1221 45.31 29.59 4.15
N UNK E 1222 30.57 23.88 21.33
CA UNK E 1222 30.99 25.23 21.70
C UNK E 1222 32.28 25.18 22.51
N UNK E 1223 32.27 24.28 23.48
CA UNK E 1223 33.41 24.07 24.38
C UNK E 1223 34.65 23.70 23.57
N UNK E 1224 34.45 22.78 22.65
CA UNK E 1224 35.50 22.28 21.76
C UNK E 1224 36.11 23.45 20.97
N UNK E 1225 35.22 24.26 20.43
CA UNK E 1225 35.59 25.44 19.63
C UNK E 1225 36.46 26.37 20.46
N UNK E 1226 36.00 26.61 21.68
CA UNK E 1226 36.69 27.48 22.63
C UNK E 1226 38.12 26.97 22.88
N UNK E 1227 38.19 25.67 23.11
CA UNK E 1227 39.46 24.99 23.37
C UNK E 1227 40.42 25.20 22.20
N UNK E 1228 39.88 25.01 21.01
CA UNK E 1228 40.63 25.16 19.75
C UNK E 1228 41.20 26.57 19.66
N UNK E 1229 40.34 27.53 19.95
CA UNK E 1229 40.68 28.95 19.93
C UNK E 1229 41.86 29.23 20.88
N UNK E 1230 41.72 28.68 22.06
CA UNK E 1230 42.73 28.82 23.13
C UNK E 1230 44.08 28.29 22.63
N UNK E 1231 49.31 12.07 12.77
CA UNK E 1231 50.33 11.03 12.82
C UNK E 1231 51.61 11.63 13.38
N UNK E 1232 52.56 11.92 12.51
CA UNK E 1232 53.62 12.83 12.87
C UNK E 1232 52.91 14.15 13.11
N UNK E 1233 51.92 14.43 12.26
CA UNK E 1233 51.03 15.58 12.36
C UNK E 1233 50.17 15.54 13.62
N UNK E 1234 49.70 14.36 13.95
CA UNK E 1234 48.93 14.18 15.16
C UNK E 1234 49.87 14.56 16.29
N UNK E 1235 51.12 14.14 16.13
CA UNK E 1235 52.16 14.35 17.10
C UNK E 1235 52.38 15.84 17.27
N UNK E 1236 52.34 16.55 16.15
CA UNK E 1236 52.48 18.00 16.14
C UNK E 1236 51.36 18.70 16.88
N UNK E 1237 50.14 18.24 16.65
CA UNK E 1237 49.01 18.86 17.33
C UNK E 1237 49.24 18.66 18.81
N UNK E 1238 49.72 17.47 19.16
CA UNK E 1238 50.00 17.11 20.55
C UNK E 1238 51.09 17.95 21.23
N UNK E 1239 52.15 18.23 20.49
CA UNK E 1239 53.23 19.06 20.98
C UNK E 1239 52.70 20.45 21.20
N UNK E 1240 51.80 20.86 20.32
CA UNK E 1240 51.18 22.15 20.43
C UNK E 1240 50.42 22.19 21.73
N UNK E 1241 49.73 21.09 22.01
CA UNK E 1241 48.97 21.02 23.24
C UNK E 1241 49.93 21.15 24.40
N UNK E 1242 51.04 20.43 24.31
CA UNK E 1242 52.12 20.57 25.25
C UNK E 1242 52.65 21.98 25.08
N UNK E 1243 -50.00 62.91 -19.95
CA UNK E 1243 -48.90 63.65 -20.57
C UNK E 1243 -47.62 63.49 -19.76
N UNK E 1244 -47.79 63.67 -18.46
CA UNK E 1244 -46.70 63.56 -17.49
C UNK E 1244 -46.05 62.17 -17.58
N UNK E 1245 -46.92 61.18 -17.60
CA UNK E 1245 -46.51 59.76 -17.69
C UNK E 1245 -45.67 59.54 -18.94
N UNK E 1246 -46.18 60.08 -20.04
CA UNK E 1246 -45.53 59.98 -21.36
C UNK E 1246 -44.12 60.58 -21.29
N UNK E 1247 -44.07 61.75 -20.68
CA UNK E 1247 -42.80 62.50 -20.52
C UNK E 1247 -41.79 61.65 -19.74
N UNK E 1248 -42.28 61.07 -18.67
CA UNK E 1248 -41.48 60.21 -17.79
C UNK E 1248 -40.90 59.04 -18.58
N UNK E 1249 -41.77 58.43 -19.36
CA UNK E 1249 -41.42 57.29 -20.22
C UNK E 1249 -40.28 57.68 -21.17
N UNK E 1250 -40.47 58.83 -21.78
CA UNK E 1250 -39.51 59.40 -22.74
C UNK E 1250 -38.14 59.56 -22.08
N UNK E 1251 -38.19 60.13 -20.89
CA UNK E 1251 -36.99 60.38 -20.08
C UNK E 1251 -36.24 59.07 -19.81
N UNK E 1252 -37.03 58.08 -19.42
CA UNK E 1252 -36.52 56.74 -19.11
C UNK E 1252 -35.80 56.16 -20.33
N UNK E 1253 -36.47 56.29 -21.46
CA UNK E 1253 -35.96 55.81 -22.76
C UNK E 1253 -34.59 56.46 -23.06
N UNK E 1254 -34.57 57.76 -22.86
CA UNK E 1254 -33.37 58.58 -23.10
C UNK E 1254 -32.21 58.07 -22.23
N UNK E 1255 -32.54 57.84 -20.98
CA UNK E 1255 -31.58 57.34 -19.98
C UNK E 1255 -31.00 56.00 -20.44
N UNK E 1256 -31.88 55.14 -20.88
CA UNK E 1256 -31.54 53.80 -21.36
C UNK E 1256 -30.55 53.92 -22.53
N UNK E 1257 -30.89 54.81 -23.44
CA UNK E 1257 -30.10 55.07 -24.65
C UNK E 1257 -28.67 55.50 -24.25
N UNK E 1258 -38.11 76.67 -16.94
CA UNK E 1258 -36.81 76.50 -16.29
C UNK E 1258 -36.47 75.01 -16.15
N UNK E 1259 -37.47 74.28 -15.67
CA UNK E 1259 -37.36 72.84 -15.46
C UNK E 1259 -36.99 72.13 -16.77
N UNK E 1260 -37.72 72.53 -17.81
CA UNK E 1260 -37.53 71.98 -19.16
C UNK E 1260 -36.08 72.21 -19.61
N UNK E 1261 -35.64 73.43 -19.40
CA UNK E 1261 -34.28 73.87 -19.78
C UNK E 1261 -33.25 72.98 -19.08
N UNK E 1262 -33.47 72.80 -17.79
CA UNK E 1262 -32.61 71.98 -16.93
C UNK E 1262 -32.51 70.55 -17.49
N UNK E 1263 -33.68 70.03 -17.83
CA UNK E 1263 -33.80 68.68 -18.38
C UNK E 1263 -32.97 68.55 -19.66
N UNK E 1264 -33.13 69.55 -20.51
CA UNK E 1264 -32.42 69.63 -21.79
C UNK E 1264 -30.92 69.59 -21.57
N UNK E 1265 -30.50 70.40 -20.62
CA UNK E 1265 -29.08 70.53 -20.23
C UNK E 1265 -28.53 69.16 -19.81
N UNK E 1266 -29.31 68.51 -18.97
CA UNK E 1266 -28.98 67.18 -18.43
C UNK E 1266 -28.79 66.19 -19.58
N UNK E 1267 -29.74 66.24 -20.51
CA UNK E 1267 -29.73 65.37 -21.70
C UNK E 1267 -28.45 65.57 -22.50
N UNK E 1268 -28.14 66.84 -22.68
CA UNK E 1268 -26.94 67.26 -23.43
C UNK E 1268 -25.68 66.68 -22.78
N UNK E 1269 -25.64 66.82 -21.47
CA UNK E 1269 -24.53 66.33 -20.64
C UNK E 1269 -24.35 64.82 -20.84
N UNK E 1270 -25.47 64.14 -20.78
CA UNK E 1270 -25.53 62.68 -20.94
C UNK E 1270 -24.95 62.29 -22.31
N UNK E 1271 -25.39 63.01 -23.32
CA UNK E 1271 -24.96 62.79 -24.70
C UNK E 1271 -23.44 62.94 -24.80
N UNK E 1272 -51.78 66.06 -26.75
CA UNK E 1272 -51.01 65.73 -27.94
C UNK E 1272 -50.40 67.00 -28.54
N UNK E 1273 -51.25 68.00 -28.65
CA UNK E 1273 -50.87 69.31 -29.20
C UNK E 1273 -49.71 69.91 -28.38
N UNK E 1274 -49.89 69.84 -27.08
CA UNK E 1274 -48.91 70.35 -26.11
C UNK E 1274 -47.56 69.67 -26.32
N UNK E 1275 -47.63 68.35 -26.45
CA UNK E 1275 -46.45 67.50 -26.66
C UNK E 1275 -45.71 67.93 -27.93
N UNK E 1276 -46.50 68.13 -28.97
CA UNK E 1276 -46.00 68.55 -30.29
C UNK E 1276 -45.24 69.86 -30.16
N UNK E 1277 -45.88 70.78 -29.46
CA UNK E 1277 -45.33 72.12 -29.21
C UNK E 1277 -43.98 72.02 -28.51
N UNK E 1278 -43.96 71.18 -27.50
CA UNK E 1278 -42.75 70.92 -26.69
C UNK E 1278 -41.62 70.43 -27.59
N UNK E 1279 -41.98 69.48 -28.43
CA UNK E 1279 -41.05 68.85 -29.38
C UNK E 1279 -40.43 69.93 -30.28
N UNK E 1280 -41.32 70.76 -30.79
CA UNK E 1280 -40.95 71.87 -31.69
C UNK E 1280 -39.93 72.77 -31.00
N UNK E 1281 -40.26 73.11 -29.77
CA UNK E 1281 -39.42 73.98 -28.93
C UNK E 1281 -38.02 73.39 -28.79
N UNK E 1282 -38.01 72.10 -28.48
CA UNK E 1282 -36.78 71.33 -28.30
C UNK E 1282 -35.92 71.41 -29.56
N UNK E 1283 -36.59 71.19 -30.68
CA UNK E 1283 -35.96 71.22 -32.01
C UNK E 1283 -35.29 72.58 -32.25
N UNK E 1284 -25.75 69.08 -31.11
CA UNK E 1284 -27.16 69.05 -30.73
C UNK E 1284 -27.94 68.18 -31.71
N UNK E 1285 -27.30 67.84 -32.82
CA UNK E 1285 -27.92 67.02 -33.84
C UNK E 1285 -28.25 65.59 -33.39
N UNK E 1286 -27.34 64.98 -32.64
CA UNK E 1286 -27.56 63.64 -32.09
C UNK E 1286 -28.69 63.66 -31.07
N UNK E 1287 -28.69 64.73 -30.28
CA UNK E 1287 -29.71 64.92 -29.28
C UNK E 1287 -31.00 65.01 -30.06
N UNK E 1288 -30.92 65.68 -31.20
CA UNK E 1288 -32.04 65.87 -32.10
C UNK E 1288 -32.58 64.57 -32.65
N UNK E 1289 -31.71 63.64 -33.01
CA UNK E 1289 -32.13 62.31 -33.45
C UNK E 1289 -32.85 61.58 -32.33
N UNK E 1290 -32.31 61.69 -31.13
CA UNK E 1290 -32.94 61.06 -29.99
C UNK E 1290 -34.33 61.66 -29.82
N UNK E 1291 -34.38 62.96 -30.05
CA UNK E 1291 -35.59 63.76 -29.97
C UNK E 1291 -36.63 63.35 -30.99
N UNK E 1292 -36.18 63.03 -32.19
CA UNK E 1292 -37.03 62.58 -33.26
C UNK E 1292 -37.63 61.27 -32.81
N UNK E 1293 -36.81 60.45 -32.17
CA UNK E 1293 -37.32 59.19 -31.64
C UNK E 1293 -38.40 59.44 -30.60
N UNK E 1294 -38.16 60.41 -29.74
CA UNK E 1294 -39.11 60.76 -28.70
C UNK E 1294 -40.41 61.25 -29.31
N UNK E 1295 -40.28 61.99 -30.40
CA UNK E 1295 -41.38 62.55 -31.17
C UNK E 1295 -42.23 61.46 -31.81
N UNK E 1296 -41.54 60.44 -32.31
CA UNK E 1296 -42.21 59.29 -32.88
C UNK E 1296 -42.99 58.63 -31.76
N UNK E 1297 -42.37 58.62 -30.59
CA UNK E 1297 -43.01 58.05 -29.41
C UNK E 1297 -44.28 58.81 -29.10
N UNK E 1298 -44.21 60.13 -29.19
CA UNK E 1298 -45.35 60.99 -28.94
C UNK E 1298 -46.45 60.69 -29.94
N UNK E 1299 -46.05 60.51 -31.20
CA UNK E 1299 -47.00 60.22 -32.25
C UNK E 1299 -47.73 58.91 -31.97
N UNK E 1300 -46.99 57.91 -31.50
CA UNK E 1300 -47.61 56.62 -31.21
C UNK E 1300 -48.21 56.58 -29.82
N UNK E 1301 54.33 -18.24 35.62
CA UNK E 1301 53.90 -18.80 34.34
C UNK E 1301 53.19 -17.72 33.50
N UNK E 1302 52.29 -17.04 34.19
CA UNK E 1302 51.48 -15.95 33.59
C UNK E 1302 52.41 -14.87 33.03
N UNK E 1303 53.37 -14.50 33.85
CA UNK E 1303 54.36 -13.48 33.51
C UNK E 1303 55.11 -13.87 32.24
N UNK E 1304 55.53 -15.12 32.23
CA UNK E 1304 56.28 -15.72 31.11
C UNK E 1304 55.46 -15.61 29.82
N UNK E 1305 54.19 -15.98 29.96
CA UNK E 1305 53.23 -15.96 28.86
C UNK E 1305 53.12 -14.54 28.28
N UNK E 1306 52.99 -13.61 29.19
CA UNK E 1306 52.86 -12.18 28.87
C UNK E 1306 54.09 -11.72 28.07
N UNK E 1307 55.24 -12.12 28.57
CA UNK E 1307 56.53 -11.78 27.95
C UNK E 1307 56.58 -12.31 26.51
N UNK E 1308 56.16 -13.55 26.38
CA UNK E 1308 56.12 -14.25 25.09
C UNK E 1308 55.24 -13.48 24.10
N UNK E 1309 54.09 -13.09 24.60
CA UNK E 1309 53.09 -12.33 23.83
C UNK E 1309 53.71 -11.03 23.31
N UNK E 1310 54.38 -10.36 24.23
CA UNK E 1310 55.05 -9.08 23.96
C UNK E 1310 56.08 -9.26 22.83
N UNK E 1311 56.85 -10.32 22.97
CA UNK E 1311 57.90 -10.67 22.00
C UNK E 1311 57.28 -10.86 20.62
N UNK E 1312 56.19 -11.60 20.61
CA UNK E 1312 55.45 -11.91 19.38
C UNK E 1312 54.99 -10.62 18.70
N UNK E 1313 54.44 -9.74 19.52
CA UNK E 1313 53.94 -8.44 19.08
C UNK E 1313 55.07 -7.64 18.41
N UNK E 1314 56.21 -7.64 19.09
CA UNK E 1314 57.42 -6.95 18.64
C UNK E 1314 57.83 -7.46 17.26
N UNK E 1315 57.83 -8.78 17.15
CA UNK E 1315 58.20 -9.49 15.92
C UNK E 1315 57.28 -9.05 14.77
N UNK E 1316 56.00 -9.03 15.09
CA UNK E 1316 54.96 -8.64 14.14
C UNK E 1316 55.21 -7.22 13.63
N UNK E 1317 55.51 -6.34 14.57
CA UNK E 1317 55.80 -4.93 14.30
C UNK E 1317 56.97 -4.81 13.33
N UNK E 1318 58.00 -5.57 13.65
CA UNK E 1318 59.25 -5.62 12.86
C UNK E 1318 58.93 -6.02 11.41
N UNK E 1319 58.13 -7.06 11.32
CA UNK E 1319 57.70 -7.62 10.03
C UNK E 1319 56.99 -6.54 9.20
N UNK E 1320 56.09 -5.86 9.88
CA UNK E 1320 55.28 -4.79 9.28
C UNK E 1320 56.21 -3.70 8.72
N UNK E 1321 57.18 -3.30 9.52
CA UNK E 1321 58.13 -2.27 9.10
C UNK E 1321 58.86 -2.67 7.82
N UNK E 1322 54.35 -25.53 30.73
CA UNK E 1322 53.43 -25.26 29.62
C UNK E 1322 53.87 -24.00 28.86
N UNK E 1323 54.16 -22.99 29.65
CA UNK E 1323 54.60 -21.68 29.14
C UNK E 1323 55.87 -21.86 28.29
N UNK E 1324 56.79 -22.61 28.85
CA UNK E 1324 58.08 -22.90 28.21
C UNK E 1324 57.85 -23.57 26.86
N UNK E 1325 56.97 -24.55 26.88
CA UNK E 1325 56.60 -25.32 25.69
C UNK E 1325 56.07 -24.39 24.60
N UNK E 1326 55.18 -23.51 25.04
CA UNK E 1326 54.54 -22.52 24.16
C UNK E 1326 55.60 -21.65 23.49
N UNK E 1327 56.52 -21.19 24.33
CA UNK E 1327 57.63 -20.33 23.89
C UNK E 1327 58.45 -21.04 22.81
N UNK E 1328 58.74 -22.30 23.09
CA UNK E 1328 59.52 -23.16 22.19
C UNK E 1328 58.82 -23.26 20.83
N UNK E 1329 57.53 -23.50 20.91
CA UNK E 1329 56.67 -23.63 19.72
C UNK E 1329 56.74 -22.36 18.88
N UNK E 1330 56.62 -21.24 19.57
CA UNK E 1330 56.67 -19.90 18.96
C UNK E 1330 57.99 -19.72 18.21
N UNK E 1331 59.05 -20.09 18.89
CA UNK E 1331 60.41 -19.99 18.36
C UNK E 1331 60.53 -20.80 17.07
N UNK E 1332 60.00 -22.01 17.14
CA UNK E 1332 60.01 -22.95 16.00
C UNK E 1332 59.30 -22.32 14.80
N UNK E 1333 58.15 -21.75 15.10
CA UNK E 1333 57.30 -21.09 14.10
C UNK E 1333 58.08 -19.97 13.41
N UNK E 1334 58.73 -19.19 14.24
CA UNK E 1334 59.54 -18.04 13.78
C UNK E 1334 60.63 -18.53 12.83
N UNK E 1335 61.29 -19.60 13.24
CA UNK E 1335 62.37 -20.23 12.48
C UNK E 1335 61.86 -20.65 11.09
N UNK E 1336 60.71 -21.28 11.12
CA UNK E 1336 60.04 -21.78 9.92
C UNK E 1336 59.78 -20.61 8.95
N UNK E 1337 59.25 -19.55 9.53
CA UNK E 1337 58.92 -18.32 8.79
C UNK E 1337 60.17 -17.78 8.10
N UNK E 1338 42.31 -49.34 42.40
CA UNK E 1338 42.44 -49.04 43.82
C UNK E 1338 43.87 -48.65 44.07
N UNK E 1339 44.71 -49.61 44.43
CA UNK E 1339 46.13 -49.41 44.32
C UNK E 1339 46.39 -49.22 42.85
N UNK E 1340 45.73 -50.07 42.07
CA UNK E 1340 45.78 -50.01 40.64
C UNK E 1340 45.18 -48.71 40.18
N UNK E 1341 44.11 -48.29 40.83
CA UNK E 1341 43.44 -47.08 40.42
C UNK E 1341 44.43 -45.96 40.58
N UNK E 1342 45.13 -46.02 41.70
CA UNK E 1342 46.06 -44.99 42.07
C UNK E 1342 47.16 -44.94 41.04
N UNK E 1343 47.63 -46.11 40.65
CA UNK E 1343 48.71 -46.19 39.70
C UNK E 1343 48.29 -45.58 38.38
N UNK E 1344 47.08 -45.88 37.96
CA UNK E 1344 46.58 -45.38 36.69
C UNK E 1344 46.51 -43.87 36.74
N UNK E 1345 46.05 -43.37 37.87
CA UNK E 1345 45.89 -41.95 38.03
C UNK E 1345 47.24 -41.28 37.94
N UNK E 1346 48.18 -41.86 38.66
CA UNK E 1346 49.57 -41.49 38.50
C UNK E 1346 49.84 -41.45 37.02
N UNK E 1347 49.14 -42.32 36.30
CA UNK E 1347 49.26 -42.41 34.86
C UNK E 1347 48.92 -41.06 34.35
N UNK E 1348 47.96 -40.41 34.99
CA UNK E 1348 47.59 -39.08 34.57
C UNK E 1348 48.77 -38.13 34.68
N UNK E 1349 49.50 -38.21 35.77
CA UNK E 1349 50.62 -37.29 35.96
C UNK E 1349 51.64 -37.54 34.88
N UNK E 1350 51.86 -38.81 34.57
CA UNK E 1350 52.82 -39.20 33.55
C UNK E 1350 52.31 -38.84 32.15
N UNK E 1351 50.99 -38.90 31.97
CA UNK E 1351 50.40 -38.59 30.68
C UNK E 1351 50.66 -37.14 30.29
N UNK E 1352 50.57 -36.23 31.27
CA UNK E 1352 50.84 -34.83 31.03
C UNK E 1352 52.29 -34.63 30.61
N UNK E 1353 53.20 -35.35 31.26
CA UNK E 1353 54.61 -35.29 30.92
C UNK E 1353 54.84 -35.77 29.49
N UNK E 1354 54.13 -36.84 29.12
CA UNK E 1354 54.24 -37.39 27.78
C UNK E 1354 53.76 -36.36 26.76
N UNK E 1355 52.67 -35.66 27.10
CA UNK E 1355 52.14 -34.63 26.24
C UNK E 1355 53.14 -33.49 26.07
N UNK E 1356 53.80 -33.11 27.16
CA UNK E 1356 54.79 -32.05 27.05
C UNK E 1356 55.87 -32.53 26.10
N UNK E 1357 56.28 -33.78 26.29
CA UNK E 1357 57.41 -34.31 25.55
C UNK E 1357 57.06 -34.26 24.07
N UNK E 1358 55.83 -34.60 23.74
CA UNK E 1358 55.37 -34.42 22.38
C UNK E 1358 54.20 -33.46 22.45
N UNK E 1359 54.48 -32.17 22.36
CA UNK E 1359 55.75 -31.65 21.84
C UNK E 1359 56.40 -30.61 22.75
N UNK E 1360 57.72 -30.67 22.90
CA UNK E 1360 58.59 -31.53 22.10
C UNK E 1360 60.03 -31.45 22.58
N UNK E 1361 48.90 -5.37 3.15
CA UNK E 1361 49.46 -5.18 4.49
C UNK E 1361 48.39 -5.32 5.56
N UNK E 1362 47.26 -4.66 5.35
CA UNK E 1362 46.15 -4.69 6.31
C UNK E 1362 45.68 -6.13 6.54
N UNK E 1363 45.50 -6.87 5.44
CA UNK E 1363 45.05 -8.25 5.52
C UNK E 1363 46.00 -9.10 6.36
N UNK E 1364 47.29 -8.96 6.09
CA UNK E 1364 48.31 -9.71 6.81
C UNK E 1364 48.23 -9.44 8.32
N UNK E 1365 48.12 -8.17 8.68
CA UNK E 1365 48.04 -7.77 10.08
C UNK E 1365 46.85 -8.44 10.77
N UNK E 1366 45.69 -8.39 10.11
CA UNK E 1366 44.47 -8.98 10.65
C UNK E 1366 44.66 -10.47 10.93
N UNK E 1367 45.23 -11.17 9.96
CA UNK E 1367 45.46 -12.60 10.09
C UNK E 1367 46.34 -12.91 11.30
N UNK E 1368 47.42 -12.17 11.44
CA UNK E 1368 48.35 -12.35 12.56
C UNK E 1368 47.62 -12.20 13.90
N UNK E 1369 46.84 -11.13 14.02
CA UNK E 1369 46.09 -10.86 15.24
C UNK E 1369 45.18 -12.03 15.60
N UNK E 1370 44.44 -12.52 14.61
CA UNK E 1370 43.51 -13.65 14.81
C UNK E 1370 44.28 -14.86 15.36
N UNK E 1371 45.39 -15.13 14.70
CA UNK E 1371 46.28 -16.25 15.05
C UNK E 1371 46.75 -16.11 16.50
N UNK E 1372 47.17 -14.90 16.82
CA UNK E 1372 47.66 -14.55 18.16
C UNK E 1372 46.58 -14.84 19.20
N UNK E 1373 45.39 -14.39 18.87
CA UNK E 1373 44.20 -14.56 19.73
C UNK E 1373 43.96 -16.04 20.01
N UNK E 1374 44.01 -16.80 18.93
CA UNK E 1374 43.81 -18.25 18.96
C UNK E 1374 44.82 -18.91 19.91
N UNK E 1375 46.06 -18.48 19.74
CA UNK E 1375 47.20 -18.98 20.53
C UNK E 1375 46.93 -18.73 22.02
N UNK E 1376 46.50 -17.50 22.29
CA UNK E 1376 46.19 -17.04 23.64
C UNK E 1376 45.12 -17.93 24.27
N UNK E 1377 44.09 -18.17 23.48
CA UNK E 1377 42.94 -19.01 23.88
C UNK E 1377 43.43 -20.40 24.25
N UNK E 1378 44.28 -20.93 23.40
CA UNK E 1378 44.86 -22.27 23.57
C UNK E 1378 45.61 -22.35 24.90
N UNK E 1379 46.42 -21.32 25.12
CA UNK E 1379 47.23 -21.19 26.33
C UNK E 1379 46.34 -21.21 27.57
N UNK E 1380 45.28 -20.43 27.48
CA UNK E 1380 44.29 -20.30 28.57
C UNK E 1380 43.69 -21.68 28.89
N UNK E 1381 43.32 -22.37 27.82
CA UNK E 1381 42.72 -23.71 27.90
C UNK E 1381 43.68 -24.66 28.64
N UNK E 1382 44.92 -24.59 28.23
CA UNK E 1382 45.99 -25.42 28.79
C UNK E 1382 46.11 -25.17 30.30
N UNK E 1383 46.11 -23.90 30.63
CA UNK E 1383 46.21 -23.43 32.03
C UNK E 1383 45.06 -24.03 32.85
N UNK E 1384 43.88 -23.92 32.28
CA UNK E 1384 42.65 -24.43 32.90
C UNK E 1384 42.78 -25.93 33.20
N UNK E 1385 43.26 -26.63 32.18
CA UNK E 1385 43.47 -28.07 32.24
C UNK E 1385 44.41 -28.42 33.40
N UNK E 1386 45.49 -27.67 33.46
CA UNK E 1386 46.53 -27.83 34.48
C UNK E 1386 45.92 -27.67 35.87
N UNK E 1387 45.12 -26.62 36.00
CA UNK E 1387 44.43 -26.27 37.24
C UNK E 1387 43.55 -27.44 37.70
N UNK E 1388 42.80 -27.95 36.73
CA UNK E 1388 41.89 -29.08 36.94
C UNK E 1388 42.65 -30.28 37.48
N UNK E 1389 43.79 -30.59 36.86
CA UNK E 1389 44.57 -31.76 37.28
C UNK E 1389 45.07 -31.64 38.71
N UNK E 1390 45.53 -30.45 39.08
CA UNK E 1390 46.05 -30.24 40.43
C UNK E 1390 44.97 -30.45 41.49
N UNK E 1391 43.76 -29.97 41.22
CA UNK E 1391 42.65 -30.14 42.14
C UNK E 1391 42.34 -31.62 42.33
N UNK E 1392 42.37 -32.36 41.23
CA UNK E 1392 42.12 -33.80 41.27
C UNK E 1392 43.18 -34.49 42.11
N UNK E 1393 44.43 -34.05 41.95
CA UNK E 1393 45.53 -34.62 42.71
C UNK E 1393 45.32 -34.36 44.19
N UNK E 1394 44.86 -33.15 44.51
CA UNK E 1394 44.58 -32.79 45.89
C UNK E 1394 43.48 -33.65 46.49
N UNK E 1395 42.44 -33.90 45.70
CA UNK E 1395 41.33 -34.71 46.17
C UNK E 1395 41.79 -36.13 46.49
N UNK E 1396 42.62 -36.69 45.62
CA UNK E 1396 43.14 -38.04 45.83
C UNK E 1396 44.00 -38.15 47.09
N UNK E 1397 44.83 -37.13 47.32
CA UNK E 1397 45.70 -37.12 48.49
C UNK E 1397 44.91 -37.09 49.79
N UNK E 1398 43.84 -36.29 49.80
CA UNK E 1398 42.99 -36.17 50.97
C UNK E 1398 42.28 -37.50 51.29
N UNK E 1399 41.82 -38.18 50.24
CA UNK E 1399 41.13 -39.45 50.41
C UNK E 1399 42.07 -40.51 50.98
N UNK E 1400 27.53 -39.86 55.69
CA UNK E 1400 28.57 -38.91 55.32
C UNK E 1400 29.54 -39.53 54.31
N UNK E 1401 29.99 -40.74 54.59
CA UNK E 1401 30.92 -41.44 53.70
C UNK E 1401 30.34 -41.58 52.30
N UNK E 1402 29.09 -42.02 52.22
CA UNK E 1402 28.42 -42.20 50.94
C UNK E 1402 28.39 -40.90 50.14
N UNK E 1403 28.03 -39.82 50.80
CA UNK E 1403 27.96 -38.50 50.15
C UNK E 1403 29.32 -38.13 49.57
N UNK E 1404 30.32 -38.33 50.40
CA UNK E 1404 31.73 -38.04 50.05
C UNK E 1404 32.12 -38.84 48.81
N UNK E 1405 31.78 -40.12 48.86
CA UNK E 1405 32.07 -41.07 47.78
C UNK E 1405 31.44 -40.58 46.46
N UNK E 1406 30.19 -40.18 46.59
CA UNK E 1406 29.40 -39.67 45.46
C UNK E 1406 30.09 -38.46 44.84
N UNK E 1407 30.51 -37.56 45.71
CA UNK E 1407 31.20 -36.33 45.33
C UNK E 1407 32.47 -36.66 44.53
N UNK E 1408 33.22 -37.61 45.08
CA UNK E 1408 34.47 -38.08 44.48
C UNK E 1408 34.21 -38.60 43.07
N UNK E 1409 33.18 -39.41 42.97
CA UNK E 1409 32.75 -40.02 41.70
C UNK E 1409 32.46 -38.92 40.67
N UNK E 1410 31.71 -37.94 41.12
CA UNK E 1410 31.30 -36.79 40.31
C UNK E 1410 32.55 -36.08 39.76
N UNK E 1411 33.47 -35.85 40.67
CA UNK E 1411 34.74 -35.18 40.36
C UNK E 1411 35.49 -35.94 39.27
N UNK E 1412 35.55 -37.25 39.46
CA UNK E 1412 36.22 -38.17 38.54
C UNK E 1412 35.60 -38.04 37.14
N UNK E 1413 34.28 -38.04 37.13
CA UNK E 1413 33.48 -37.94 35.90
C UNK E 1413 33.84 -36.64 35.16
N UNK E 1414 33.86 -35.58 35.94
CA UNK E 1414 34.19 -34.23 35.45
C UNK E 1414 35.56 -34.24 34.77
N UNK E 1415 36.51 -34.84 35.48
CA UNK E 1415 37.89 -34.94 35.03
C UNK E 1415 37.94 -35.66 33.68
N UNK E 1416 37.22 -36.77 33.62
CA UNK E 1416 37.13 -37.61 32.42
C UNK E 1416 36.62 -36.78 31.24
N UNK E 1417 35.56 -36.04 31.52
CA UNK E 1417 34.91 -35.17 30.53
C UNK E 1417 35.91 -34.16 29.98
N UNK E 1418 36.64 -33.56 30.90
CA UNK E 1418 37.67 -32.55 30.59
C UNK E 1418 38.70 -33.15 29.64
N UNK E 1419 39.14 -34.35 30.01
CA UNK E 1419 40.15 -35.10 29.25
C UNK E 1419 39.66 -35.32 27.82
N UNK E 1420 38.41 -35.76 27.74
CA UNK E 1420 37.74 -36.03 26.45
C UNK E 1420 37.75 -34.77 25.58
N UNK E 1421 37.39 -33.68 26.21
CA UNK E 1421 37.32 -32.37 25.56
C UNK E 1421 38.69 -31.99 24.98
N UNK E 1422 39.70 -32.19 25.80
CA UNK E 1422 41.10 -31.91 25.46
C UNK E 1422 41.49 -32.71 24.22
N UNK E 1423 38.08 -26.18 10.28
CA UNK E 1423 38.77 -24.96 10.65
C UNK E 1423 38.13 -24.30 11.87
N UNK E 1424 38.71 -23.20 12.32
CA UNK E 1424 38.19 -22.47 13.48
C UNK E 1424 36.68 -22.53 13.54
N UNK E 1425 36.04 -22.43 12.37
CA UNK E 1425 34.62 -22.47 12.28
C UNK E 1425 34.25 -23.88 12.66
N UNK E 1426 35.02 -24.84 12.21
CA UNK E 1426 34.66 -26.22 12.49
C UNK E 1426 34.67 -26.56 13.98
N UNK E 1427 35.66 -26.06 14.69
CA UNK E 1427 35.77 -26.26 16.13
C UNK E 1427 34.60 -25.61 16.82
N UNK E 1428 34.26 -24.44 16.32
CA UNK E 1428 33.17 -23.68 16.92
C UNK E 1428 31.91 -24.48 16.75
N UNK E 1429 31.79 -25.09 15.58
CA UNK E 1429 30.67 -25.92 15.23
C UNK E 1429 30.56 -27.13 16.13
N UNK E 1430 31.72 -27.67 16.50
CA UNK E 1430 31.75 -28.77 17.45
C UNK E 1430 31.18 -28.28 18.78
N UNK E 1431 31.54 -27.07 19.15
CA UNK E 1431 31.01 -26.44 20.35
C UNK E 1431 29.50 -26.24 20.25
N UNK E 1432 29.05 -25.81 19.08
CA UNK E 1432 27.62 -25.63 18.83
C UNK E 1432 26.93 -26.98 18.95
N UNK E 1433 27.57 -28.01 18.40
CA UNK E 1433 27.12 -29.36 18.53
C UNK E 1433 26.49 -29.33 19.88
N UNK E 1434 27.18 -28.65 20.80
CA UNK E 1434 26.62 -28.54 22.15
C UNK E 1434 25.22 -27.93 22.12
N UNK E 1435 25.03 -26.94 21.26
CA UNK E 1435 23.74 -26.31 21.09
C UNK E 1435 22.74 -27.33 20.61
N UNK E 1436 23.19 -28.20 19.70
CA UNK E 1436 22.32 -29.26 19.18
C UNK E 1436 21.89 -30.19 20.30
N UNK E 1437 22.83 -30.55 21.17
CA UNK E 1437 22.49 -31.41 22.32
C UNK E 1437 21.47 -30.73 23.24
N UNK E 1438 21.64 -29.43 23.45
CA UNK E 1438 20.70 -28.66 24.27
C UNK E 1438 19.31 -28.67 23.65
N UNK E 1439 19.25 -28.51 22.33
CA UNK E 1439 17.98 -28.51 21.60
C UNK E 1439 17.33 -29.87 21.78
N UNK E 1440 18.20 -30.89 21.78
CA UNK E 1440 17.85 -32.29 21.94
C UNK E 1440 17.23 -32.57 23.31
N UNK E 1441 17.68 -31.83 24.32
CA UNK E 1441 17.23 -32.03 25.69
C UNK E 1441 15.72 -31.81 25.75
N UNK E 1442 15.24 -30.81 25.01
CA UNK E 1442 13.80 -30.56 24.97
C UNK E 1442 13.17 -31.82 24.39
N UNK E 1443 13.83 -32.39 23.39
CA UNK E 1443 13.37 -33.64 22.77
C UNK E 1443 12.93 -34.67 23.82
N UNK E 1444 13.78 -34.83 24.81
CA UNK E 1444 13.55 -35.77 25.92
C UNK E 1444 12.25 -35.41 26.64
N UNK E 1445 12.11 -34.13 26.91
CA UNK E 1445 10.94 -33.58 27.59
C UNK E 1445 9.67 -33.91 26.80
N UNK E 1446 9.76 -33.67 25.51
CA UNK E 1446 8.66 -33.92 24.57
C UNK E 1446 8.24 -35.39 24.63
N UNK E 1447 9.25 -36.24 24.60
CA UNK E 1447 9.07 -37.70 24.64
C UNK E 1447 8.32 -38.09 25.92
N UNK E 1448 8.77 -37.52 27.01
CA UNK E 1448 8.20 -37.75 28.34
C UNK E 1448 6.71 -37.38 28.34
N UNK E 1449 6.46 -36.21 27.79
CA UNK E 1449 5.09 -35.66 27.68
C UNK E 1449 4.19 -36.63 26.91
N UNK E 1450 4.73 -37.10 25.80
CA UNK E 1450 4.04 -38.04 24.91
C UNK E 1450 3.67 -39.30 25.68
N UNK E 1451 4.65 -39.80 26.41
CA UNK E 1451 4.51 -41.01 27.23
C UNK E 1451 3.36 -40.83 28.23
N UNK E 1452 3.39 -39.68 28.88
CA UNK E 1452 2.39 -39.30 29.89
C UNK E 1452 1.00 -39.33 29.28
N UNK E 1453 0.91 -38.73 28.11
CA UNK E 1453 -0.34 -38.63 27.34
C UNK E 1453 -0.88 -40.04 27.05
N UNK E 1454 0.03 -40.88 26.60
CA UNK E 1454 -0.28 -42.28 26.26
C UNK E 1454 -0.87 -42.99 27.48
N UNK E 1455 -0.19 -42.79 28.60
CA UNK E 1455 -0.57 -43.39 29.88
C UNK E 1455 -2.00 -42.97 30.25
N UNK E 1456 -3.68 -48.19 20.10
CA UNK E 1456 -2.57 -48.89 19.43
C UNK E 1456 -2.01 -48.04 18.30
N UNK E 1457 -2.94 -47.52 17.51
CA UNK E 1457 -2.63 -46.66 16.36
C UNK E 1457 -1.83 -45.44 16.82
N UNK E 1458 -2.33 -44.84 17.88
CA UNK E 1458 -1.73 -43.64 18.49
C UNK E 1458 -0.28 -43.94 18.90
N UNK E 1459 -0.13 -45.08 19.55
CA UNK E 1459 1.17 -45.56 20.04
C UNK E 1459 2.15 -45.69 18.87
N UNK E 1460 1.65 -46.30 17.81
CA UNK E 1460 2.42 -46.53 16.59
C UNK E 1460 2.91 -45.20 16.01
N UNK E 1461 1.98 -44.26 15.96
CA UNK E 1461 2.23 -42.92 15.45
C UNK E 1461 3.36 -42.26 16.25
N UNK E 1462 3.23 -42.38 17.56
CA UNK E 1462 4.20 -41.82 18.51
C UNK E 1462 5.59 -42.39 18.23
N UNK E 1463 5.62 -43.70 18.07
CA UNK E 1463 6.85 -44.45 17.79
C UNK E 1463 7.51 -43.92 16.52
N UNK E 1464 6.69 -43.76 15.51
CA UNK E 1464 7.11 -43.25 14.19
C UNK E 1464 7.76 -41.89 14.35
N UNK E 1465 7.08 -41.05 15.10
CA UNK E 1465 7.52 -39.67 15.37
C UNK E 1465 8.90 -39.69 16.03
N UNK E 1466 9.02 -40.56 17.02
CA UNK E 1466 10.26 -40.74 17.78
C UNK E 1466 11.41 -41.12 16.84
N UNK E 1467 11.10 -42.07 15.98
CA UNK E 1467 12.04 -42.58 14.97
C UNK E 1467 12.54 -41.44 14.09
N UNK E 1468 11.58 -40.66 13.64
CA UNK E 1468 11.83 -39.50 12.77
C UNK E 1468 12.80 -38.53 13.46
N UNK E 1469 12.48 -38.26 14.71
CA UNK E 1469 13.28 -37.36 15.55
C UNK E 1469 14.72 -37.84 15.63
N UNK E 1470 14.83 -39.13 15.89
CA UNK E 1470 16.13 -39.81 16.01
C UNK E 1470 16.95 -39.63 14.73
N UNK E 1471 16.26 -39.86 13.62
CA UNK E 1471 16.85 -39.73 12.28
C UNK E 1471 17.39 -38.33 12.07
N UNK E 1472 16.57 -37.36 12.45
CA UNK E 1472 16.89 -35.94 12.33
C UNK E 1472 18.16 -35.62 13.12
N UNK E 1473 17.25 -24.64 36.55
CA UNK E 1473 18.15 -25.73 36.12
C UNK E 1473 17.76 -27.04 36.80
N UNK E 1474 17.55 -26.93 38.10
CA UNK E 1474 17.18 -28.07 38.95
C UNK E 1474 15.87 -28.70 38.43
N UNK E 1475 14.93 -27.82 38.16
CA UNK E 1475 13.60 -28.19 37.66
C UNK E 1475 13.75 -28.98 36.35
N UNK E 1476 14.57 -28.42 35.47
CA UNK E 1476 14.85 -29.00 34.16
C UNK E 1476 15.41 -30.43 34.32
N UNK E 1477 16.35 -30.53 35.23
CA UNK E 1477 17.03 -31.80 35.55
C UNK E 1477 16.00 -32.84 35.99
N UNK E 1478 15.13 -32.39 36.88
CA UNK E 1478 14.05 -33.22 37.43
C UNK E 1478 13.16 -33.76 36.31
N UNK E 1479 12.80 -32.83 35.44
CA UNK E 1479 11.95 -33.13 34.27
C UNK E 1479 12.59 -34.22 33.41
N UNK E 1480 13.88 -34.02 33.16
CA UNK E 1480 14.69 -34.94 32.36
C UNK E 1480 14.66 -36.34 32.97
N UNK E 1481 14.86 -36.36 34.28
CA UNK E 1481 14.87 -37.60 35.07
C UNK E 1481 13.55 -38.34 34.90
N UNK E 1482 12.48 -37.57 35.04
CA UNK E 1482 11.11 -38.07 34.92
C UNK E 1482 10.90 -38.72 33.55
N UNK E 1483 11.36 -38.01 32.55
CA UNK E 1483 11.27 -38.45 31.14
C UNK E 1483 11.97 -39.79 30.97
N UNK E 1484 13.17 -39.85 31.52
CA UNK E 1484 14.02 -41.04 31.48
C UNK E 1484 13.28 -42.23 32.10
N UNK E 1485 12.70 -41.96 33.26
CA UNK E 1485 11.94 -42.97 34.02
C UNK E 1485 10.80 -43.52 33.17
N UNK E 1486 10.10 -42.59 32.55
CA UNK E 1486 8.95 -42.90 31.69
C UNK E 1486 9.39 -43.83 30.55
N UNK E 1487 10.50 -43.45 29.95
CA UNK E 1487 11.09 -44.20 28.83
C UNK E 1487 11.40 -45.64 29.27
N UNK E 1488 12.01 -45.73 30.44
CA UNK E 1488 12.39 -47.01 31.04
C UNK E 1488 11.15 -47.90 31.22
N UNK E 1489 10.11 -47.27 31.75
CA UNK E 1489 8.82 -47.93 32.01
C UNK E 1489 8.26 -48.50 30.70
N UNK E 1490 8.30 -47.65 29.69
CA UNK E 1490 7.81 -48.00 28.34
C UNK E 1490 8.55 -49.23 27.81
N UNK E 1491 9.87 -49.18 27.97
CA UNK E 1491 10.76 -50.26 27.54
C UNK E 1491 10.37 -51.57 28.22
N UNK E 1492 10.17 -51.47 29.51
CA UNK E 1492 9.78 -52.60 30.36
C UNK E 1492 8.48 -53.22 29.85
N UNK E 1493 7.50 -52.37 29.56
CA UNK E 1493 6.21 -52.84 29.05
C UNK E 1493 6.38 -53.64 27.77
N UNK E 1494 5.01 -61.98 16.83
CA UNK E 1494 5.21 -60.88 17.77
C UNK E 1494 6.31 -59.96 17.27
N UNK E 1495 6.83 -60.26 16.09
CA UNK E 1495 7.96 -59.52 15.56
C UNK E 1495 7.75 -58.03 15.30
N UNK E 1496 6.62 -57.62 14.74
CA UNK E 1496 6.42 -56.18 14.51
C UNK E 1496 6.38 -55.37 15.80
N UNK E 1497 5.69 -55.94 16.80
CA UNK E 1497 5.58 -55.32 18.11
C UNK E 1497 6.96 -55.24 18.70
N UNK E 1498 7.70 -56.31 18.48
CA UNK E 1498 9.05 -56.41 19.01
C UNK E 1498 9.92 -55.33 18.39
N UNK E 1499 9.74 -55.10 17.10
CA UNK E 1499 10.49 -54.10 16.38
C UNK E 1499 10.18 -52.74 16.96
N UNK E 1500 8.90 -52.53 17.25
CA UNK E 1500 8.53 -51.25 17.83
C UNK E 1500 9.19 -51.06 19.18
N UNK E 1501 9.23 -52.11 19.98
CA UNK E 1501 9.84 -52.01 21.30
C UNK E 1501 11.31 -51.68 21.13
N UNK E 1502 11.92 -52.41 20.21
CA UNK E 1502 13.35 -52.30 19.87
C UNK E 1502 13.79 -50.99 19.21
N UNK E 1503 12.99 -50.48 18.28
CA UNK E 1503 13.34 -49.24 17.60
C UNK E 1503 13.38 -48.17 18.68
N UNK E 1504 12.42 -48.28 19.58
CA UNK E 1504 12.30 -47.39 20.74
C UNK E 1504 13.56 -47.49 21.61
N UNK E 1505 13.94 -48.74 21.85
CA UNK E 1505 15.12 -49.06 22.67
C UNK E 1505 16.37 -48.40 22.07
N UNK E 1506 16.48 -48.57 20.76
CA UNK E 1506 17.61 -48.03 19.98
C UNK E 1506 17.68 -46.50 20.16
N UNK E 1507 16.51 -45.90 20.02
CA UNK E 1507 16.35 -44.44 20.14
C UNK E 1507 16.83 -43.98 21.52
N UNK E 1508 16.39 -44.71 22.52
CA UNK E 1508 16.73 -44.44 23.93
C UNK E 1508 18.25 -44.48 24.11
N UNK E 1509 18.83 -45.52 23.55
CA UNK E 1509 20.29 -45.75 23.60
C UNK E 1509 21.03 -44.55 23.00
N UNK E 1510 20.54 -44.15 21.85
CA UNK E 1510 21.10 -43.02 21.09
C UNK E 1510 21.07 -41.75 21.95
N UNK E 1511 19.93 -41.54 22.56
CA UNK E 1511 19.69 -40.38 23.44
C UNK E 1511 20.72 -40.37 24.58
N UNK E 1512 20.87 -41.54 25.18
CA UNK E 1512 21.79 -41.74 26.30
C UNK E 1512 23.22 -41.37 25.87
N UNK E 1513 23.58 -41.87 24.70
CA UNK E 1513 24.90 -41.63 24.11
C UNK E 1513 25.14 -40.13 23.95
N UNK E 1514 24.13 -39.48 23.41
CA UNK E 1514 24.15 -38.03 23.17
C UNK E 1514 24.40 -37.28 24.47
N UNK E 1515 23.67 -37.67 25.52
CA UNK E 1515 23.81 -37.05 26.82
C UNK E 1515 25.22 -37.19 27.37
N UNK E 1516 25.82 -38.37 27.16
CA UNK E 1516 27.17 -38.63 27.62
C UNK E 1516 28.18 -37.72 26.94
N UNK E 1517 27.99 -37.49 25.65
CA UNK E 1517 28.88 -36.63 24.88
C UNK E 1517 28.85 -35.20 25.40
N UNK E 1518 19.59 -54.67 32.49
CA UNK E 1518 20.35 -53.42 32.41
C UNK E 1518 21.34 -53.49 31.28
N UNK E 1519 21.09 -54.41 30.35
CA UNK E 1519 22.03 -54.63 29.29
C UNK E 1519 22.13 -53.36 28.48
N UNK E 1520 21.00 -52.71 28.24
CA UNK E 1520 21.00 -51.47 27.49
C UNK E 1520 21.78 -50.33 28.16
N UNK E 1521 21.64 -50.22 29.48
CA UNK E 1521 22.37 -49.21 30.22
C UNK E 1521 23.86 -49.47 30.10
N UNK E 1522 24.17 -50.75 30.18
CA UNK E 1522 25.54 -51.17 30.13
C UNK E 1522 26.07 -50.76 28.78
N UNK E 1523 25.23 -50.94 27.78
CA UNK E 1523 25.58 -50.62 26.42
C UNK E 1523 25.83 -49.14 26.23
N UNK E 1524 25.02 -48.30 26.87
CA UNK E 1524 25.25 -46.87 26.77
C UNK E 1524 26.59 -46.51 27.38
N UNK E 1525 26.89 -47.15 28.50
CA UNK E 1525 28.15 -46.88 29.17
C UNK E 1525 29.28 -47.27 28.25
N UNK E 1526 29.08 -48.40 27.59
CA UNK E 1526 30.04 -48.99 26.70
C UNK E 1526 30.30 -48.09 25.53
N UNK E 1527 29.24 -47.46 25.05
CA UNK E 1527 29.30 -46.51 23.97
C UNK E 1527 30.11 -45.31 24.35
N UNK E 1528 29.92 -44.88 25.58
CA UNK E 1528 30.68 -43.74 26.06
C UNK E 1528 32.14 -44.13 26.05
N UNK E 1529 32.38 -45.37 26.45
CA UNK E 1529 33.73 -45.90 26.49
C UNK E 1529 34.34 -45.94 25.10
N UNK E 1530 33.52 -46.34 24.14
CA UNK E 1530 33.95 -46.45 22.78
C UNK E 1530 34.34 -45.09 22.28
N UNK E 1531 33.55 -44.10 22.68
CA UNK E 1531 33.81 -42.73 22.30
C UNK E 1531 35.13 -42.28 22.86
N UNK E 1532 35.38 -42.67 24.10
CA UNK E 1532 36.60 -42.30 24.77
C UNK E 1532 37.75 -42.90 24.01
N UNK E 1533 37.56 -44.12 23.56
CA UNK E 1533 38.53 -44.85 22.78
C UNK E 1533 38.83 -44.20 21.44
N UNK E 1534 37.79 -43.71 20.78
CA UNK E 1534 37.97 -43.07 19.50
C UNK E 1534 38.83 -41.86 19.79
N UNK E 1535 38.52 -41.22 20.92
CA UNK E 1535 39.21 -40.02 21.31
C UNK E 1535 40.67 -40.30 21.53
N UNK E 1536 49.72 -44.06 24.21
CA UNK E 1536 49.57 -45.52 24.27
C UNK E 1536 49.11 -45.93 25.68
N UNK E 1537 49.79 -45.37 26.65
CA UNK E 1537 49.53 -45.62 28.07
C UNK E 1537 48.07 -45.28 28.40
N UNK E 1538 47.68 -44.11 27.93
CA UNK E 1538 46.32 -43.57 28.13
C UNK E 1538 45.29 -44.54 27.57
N UNK E 1539 45.58 -44.99 26.35
CA UNK E 1539 44.71 -45.93 25.63
C UNK E 1539 44.54 -47.21 26.44
N UNK E 1540 45.66 -47.70 26.94
CA UNK E 1540 45.71 -48.92 27.75
C UNK E 1540 44.81 -48.77 28.97
N UNK E 1541 44.97 -47.63 29.61
CA UNK E 1541 44.22 -47.28 30.83
C UNK E 1541 42.72 -47.32 30.53
N UNK E 1542 42.37 -46.69 29.41
CA UNK E 1542 40.98 -46.60 28.95
C UNK E 1542 40.41 -48.01 28.76
N UNK E 1543 41.20 -48.84 28.12
CA UNK E 1543 40.83 -50.23 27.83
C UNK E 1543 40.55 -50.98 29.13
N UNK E 1544 41.45 -50.78 30.07
CA UNK E 1544 41.37 -51.39 31.41
C UNK E 1544 40.04 -51.00 32.08
N UNK E 1545 39.77 -49.71 32.01
CA UNK E 1545 38.56 -49.12 32.59
C UNK E 1545 37.31 -49.78 32.00
N UNK E 1546 37.34 -49.90 30.69
CA UNK E 1546 36.25 -50.50 29.91
C UNK E 1546 36.00 -51.93 30.40
N UNK E 1547 37.10 -52.65 30.52
CA UNK E 1547 37.09 -54.05 30.98
C UNK E 1547 36.43 -54.16 32.35
N UNK E 1548 36.85 -53.26 33.22
CA UNK E 1548 36.35 -53.19 34.60
C UNK E 1548 34.84 -52.98 34.59
N UNK E 1549 34.42 -52.05 33.76
CA UNK E 1549 33.01 -51.69 33.59
C UNK E 1549 32.20 -52.92 33.17
N UNK E 1550 32.75 -53.61 32.18
CA UNK E 1550 32.15 -54.82 31.62
C UNK E 1550 31.95 -55.87 32.73
N UNK E 1551 43.25 -62.90 26.02
CA UNK E 1551 42.40 -62.57 24.86
C UNK E 1551 42.07 -61.08 24.87
N UNK E 1552 41.67 -60.61 26.03
CA UNK E 1552 41.30 -59.21 26.26
C UNK E 1552 42.47 -58.29 25.90
N UNK E 1553 43.63 -58.69 26.39
CA UNK E 1553 44.89 -57.96 26.17
C UNK E 1553 45.16 -57.84 24.67
N UNK E 1554 45.01 -58.96 24.01
CA UNK E 1554 45.22 -59.08 22.55
C UNK E 1554 44.31 -58.10 21.81
N UNK E 1555 43.06 -58.13 22.23
CA UNK E 1555 42.00 -57.28 21.65
C UNK E 1555 42.41 -55.80 21.78
N UNK E 1556 42.84 -55.47 22.98
CA UNK E 1556 43.27 -54.11 23.33
C UNK E 1556 44.41 -53.67 22.40
N UNK E 1557 45.36 -54.57 22.25
CA UNK E 1557 46.53 -54.35 21.40
C UNK E 1557 46.10 -54.05 19.97
N UNK E 1558 45.18 -54.87 19.50
CA UNK E 1558 44.62 -54.76 18.14
C UNK E 1558 43.99 -53.37 17.94
N UNK E 1559 43.21 -52.99 18.93
CA UNK E 1559 42.51 -51.71 18.96
C UNK E 1559 43.51 -50.56 18.83
N UNK E 1560 44.55 -50.68 19.64
CA UNK E 1560 45.64 -49.69 19.68
C UNK E 1560 46.27 -49.54 18.30
N UNK E 1561 46.55 -50.69 17.71
CA UNK E 1561 47.15 -50.77 16.37
C UNK E 1561 46.28 -50.04 15.35
N UNK E 1562 44.99 -50.33 15.43
CA UNK E 1562 43.98 -49.75 14.54
C UNK E 1562 44.00 -48.22 14.66
N UNK E 1563 37.74 -46.26 8.98
CA UNK E 1563 38.17 -46.28 10.38
C UNK E 1563 36.95 -46.43 11.30
N UNK E 1564 35.95 -45.61 11.01
CA UNK E 1564 34.70 -45.59 11.76
C UNK E 1564 34.04 -46.98 11.75
N UNK E 1565 34.00 -47.53 10.55
CA UNK E 1565 33.43 -48.86 10.31
C UNK E 1565 34.13 -49.91 11.17
N UNK E 1566 35.45 -49.82 11.14
CA UNK E 1566 36.33 -50.73 11.88
C UNK E 1566 35.99 -50.67 13.38
N UNK E 1567 35.89 -49.43 13.84
CA UNK E 1567 35.58 -49.14 15.25
C UNK E 1567 34.25 -49.78 15.64
N UNK E 1568 33.28 -49.60 14.77
CA UNK E 1568 31.93 -50.14 14.95
C UNK E 1568 31.99 -51.66 15.09
N UNK E 1569 32.74 -52.26 14.20
CA UNK E 1569 32.94 -53.71 14.14
C UNK E 1569 33.52 -54.20 15.48
N UNK E 1570 34.53 -53.48 15.91
CA UNK E 1570 35.23 -53.78 17.17
C UNK E 1570 34.25 -53.77 18.34
N UNK E 1571 33.45 -52.72 18.35
CA UNK E 1571 32.41 -52.50 19.38
C UNK E 1571 31.46 -53.69 19.43
N UNK E 1572 31.02 -54.07 18.23
CA UNK E 1572 30.09 -55.19 18.04
C UNK E 1572 30.68 -56.47 18.64
N UNK E 1573 31.94 -56.69 18.29
CA UNK E 1573 32.71 -57.86 18.75
C UNK E 1573 32.74 -57.90 20.29
N UNK E 1574 33.03 -56.75 20.84
CA UNK E 1574 33.11 -56.56 22.30
C UNK E 1574 31.78 -56.94 22.95
N UNK E 1575 30.73 -56.43 22.35
CA UNK E 1575 29.35 -56.66 22.81
C UNK E 1575 29.06 -58.16 22.83
N UNK E 1576 29.43 -58.80 21.74
CA UNK E 1576 29.24 -60.25 21.53
C UNK E 1576 29.95 -61.02 22.66
N UNK E 1577 31.18 -60.61 22.89
CA UNK E 1577 32.04 -61.22 23.93
C UNK E 1577 31.36 -61.12 25.29
N UNK E 1578 30.87 -59.93 25.56
CA UNK E 1578 30.16 -59.62 26.83
C UNK E 1578 28.97 -60.55 27.01
N UNK E 1579 28.07 -37.17 12.37
CA UNK E 1579 27.07 -37.83 11.50
C UNK E 1579 27.48 -39.28 11.27
N UNK E 1580 28.74 -39.45 10.93
CA UNK E 1580 29.34 -40.77 10.66
C UNK E 1580 29.16 -41.68 11.88
N UNK E 1581 29.48 -41.12 13.03
CA UNK E 1581 29.40 -41.82 14.31
C UNK E 1581 27.96 -42.29 14.55
N UNK E 1582 27.04 -41.38 14.31
CA UNK E 1582 25.60 -41.65 14.47
C UNK E 1582 25.18 -42.82 13.58
N UNK E 1583 25.63 -42.75 12.35
CA UNK E 1583 25.35 -43.78 11.34
C UNK E 1583 25.83 -45.15 11.83
N UNK E 1584 27.05 -45.14 12.33
CA UNK E 1584 27.72 -46.34 12.85
C UNK E 1584 26.88 -46.94 13.98
N UNK E 1585 26.46 -46.07 14.86
CA UNK E 1585 25.64 -46.44 16.03
C UNK E 1585 24.35 -47.12 15.56
N UNK E 1586 23.73 -46.49 14.59
CA UNK E 1586 22.47 -46.97 13.99
C UNK E 1586 22.66 -48.39 13.44
N UNK E 1587 23.76 -48.54 12.71
CA UNK E 1587 24.14 -49.83 12.10
C UNK E 1587 24.26 -50.90 13.17
N UNK E 1588 24.96 -50.53 14.22
CA UNK E 1588 25.20 -51.42 15.37
C UNK E 1588 23.87 -51.89 15.97
N UNK E 1589 23.00 -50.92 16.15
CA UNK E 1589 21.66 -51.14 16.70
C UNK E 1589 20.90 -52.16 15.84
N UNK E 1590 20.96 -51.92 14.55
CA UNK E 1590 20.31 -52.77 13.54
C UNK E 1590 20.80 -54.21 13.66
N UNK E 1591 22.11 -54.31 13.76
CA UNK E 1591 22.81 -55.61 13.88
C UNK E 1591 22.30 -56.36 15.12
N UNK E 1592 22.23 -55.62 16.21
CA UNK E 1592 21.77 -56.13 17.50
C UNK E 1592 20.36 -56.69 17.36
N UNK E 1593 19.48 -55.92 16.73
CA UNK E 1593 18.10 -56.33 16.53
C UNK E 1593 17.98 -57.55 15.65
N UNK E 1594 18.45 -57.43 14.41
CA UNK E 1594 18.40 -58.53 13.46
C UNK E 1594 19.22 -59.71 13.96
N UNK E 1595 20.40 -59.42 14.51
CA UNK E 1595 21.26 -60.45 15.06
C UNK E 1595 20.56 -61.17 16.21
N UNK E 1596 19.87 -60.40 17.05
CA UNK E 1596 19.13 -60.95 18.17
C UNK E 1596 18.03 -61.88 17.67
N UNK E 1597 17.36 -61.46 16.60
CA UNK E 1597 16.30 -62.26 16.00
C UNK E 1597 16.88 -63.57 15.47
N UNK E 1598 18.05 -63.49 14.87
CA UNK E 1598 18.73 -64.67 14.35
C UNK E 1598 19.06 -65.63 15.48
N UNK E 1599 19.52 -65.06 16.60
CA UNK E 1599 19.83 -65.86 17.79
C UNK E 1599 18.59 -66.56 18.30
N UNK E 1600 17.47 -65.84 18.29
CA UNK E 1600 16.20 -66.40 18.74
C UNK E 1600 15.80 -67.56 17.83
N UNK E 1601 16.02 -67.39 16.54
CA UNK E 1601 15.72 -68.42 15.55
C UNK E 1601 16.57 -69.65 15.81
N UNK E 1602 33.87 -52.24 46.74
CA UNK E 1602 33.13 -52.06 45.48
C UNK E 1602 34.00 -52.52 44.30
N UNK E 1603 35.23 -52.06 44.33
CA UNK E 1603 36.23 -52.38 43.30
C UNK E 1603 36.42 -53.90 43.20
N UNK E 1604 36.57 -54.49 44.36
CA UNK E 1604 36.77 -55.94 44.50
C UNK E 1604 35.59 -56.69 43.86
N UNK E 1605 34.40 -56.22 44.20
CA UNK E 1605 33.14 -56.80 43.70
C UNK E 1605 33.12 -56.75 42.17
N UNK E 1606 33.48 -55.59 41.66
CA UNK E 1606 33.52 -55.33 40.22
C UNK E 1606 34.47 -56.33 39.54
N UNK E 1607 35.63 -56.48 40.14
CA UNK E 1607 36.67 -57.39 39.67
C UNK E 1607 36.14 -58.82 39.58
N UNK E 1608 35.47 -59.20 40.65
CA UNK E 1608 34.86 -60.53 40.79
C UNK E 1608 33.87 -60.77 39.64
N UNK E 1609 33.05 -59.76 39.44
CA UNK E 1609 32.00 -59.78 38.39
C UNK E 1609 32.66 -60.00 37.02
N UNK E 1610 33.71 -59.25 36.79
CA UNK E 1610 34.48 -59.31 35.55
C UNK E 1610 35.01 -60.72 35.31
N UNK E 1611 35.57 -61.26 36.37
CA UNK E 1611 36.13 -62.61 36.37
C UNK E 1611 35.07 -63.63 35.97
N UNK E 1612 33.92 -63.48 36.60
CA UNK E 1612 32.75 -64.35 36.37
C UNK E 1612 32.36 -64.31 34.89
N UNK E 1613 32.29 -63.09 34.38
CA UNK E 1613 31.93 -62.82 32.99
C UNK E 1613 32.90 -63.55 32.04
N UNK E 1614 34.17 -63.41 32.36
CA UNK E 1614 35.27 -64.03 31.60
C UNK E 1614 35.08 -65.54 31.55
N UNK E 1615 34.81 -66.09 32.73
CA UNK E 1615 34.59 -67.53 32.91
C UNK E 1615 33.45 -68.01 32.01
N UNK E 1616 32.37 -67.24 32.07
CA UNK E 1616 31.16 -67.51 31.28
C UNK E 1616 31.50 -67.56 29.79
N UNK E 1617 32.25 -66.56 29.37
CA UNK E 1617 32.69 -66.41 27.98
C UNK E 1617 33.48 -67.65 27.54
N UNK E 1618 34.39 -68.04 28.41
CA UNK E 1618 35.26 -69.21 28.20
C UNK E 1618 34.41 -70.46 27.99
N UNK E 1619 33.44 -70.60 28.88
CA UNK E 1619 32.50 -71.74 28.87
C UNK E 1619 31.77 -71.80 27.52
N UNK E 1620 31.29 -70.63 27.12
CA UNK E 1620 30.56 -70.46 25.85
C UNK E 1620 31.42 -70.92 24.68
N UNK E 1621 41.90 -75.77 28.23
CA UNK E 1621 42.43 -76.43 29.44
C UNK E 1621 43.81 -75.89 29.79
N UNK E 1622 44.66 -75.67 28.80
CA UNK E 1622 45.90 -74.99 29.11
C UNK E 1622 45.59 -73.53 29.47
N UNK E 1623 44.75 -72.91 28.64
CA UNK E 1623 44.32 -71.51 28.80
C UNK E 1623 43.47 -71.09 30.01
N UNK E 1624 42.47 -71.91 30.35
CA UNK E 1624 41.51 -71.58 31.40
C UNK E 1624 42.11 -71.44 32.78
N UNK E 1625 43.01 -72.37 33.09
CA UNK E 1625 43.70 -72.45 34.39
C UNK E 1625 44.32 -71.10 34.74
N UNK E 1626 45.00 -70.54 33.75
CA UNK E 1626 45.67 -69.24 33.88
C UNK E 1626 44.66 -68.16 34.28
N UNK E 1627 43.56 -68.18 33.56
CA UNK E 1627 42.45 -67.23 33.78
C UNK E 1627 41.96 -67.33 35.22
N UNK E 1628 41.76 -68.57 35.65
CA UNK E 1628 41.28 -68.88 37.00
C UNK E 1628 42.24 -68.30 38.04
N UNK E 1629 43.51 -68.53 37.79
CA UNK E 1629 44.60 -68.05 38.66
C UNK E 1629 44.54 -66.53 38.79
N UNK E 1630 44.38 -65.90 37.65
CA UNK E 1630 44.30 -64.43 37.55
C UNK E 1630 43.13 -63.91 38.40
N UNK E 1631 42.01 -64.59 38.23
CA UNK E 1631 40.77 -64.26 38.95
C UNK E 1631 41.01 -64.33 40.46
N UNK E 1632 41.65 -65.41 40.86
CA UNK E 1632 41.99 -65.67 42.27
C UNK E 1632 42.83 -64.53 42.83
N UNK E 1633 43.83 -64.18 42.05
CA UNK E 1633 44.77 -63.10 42.39
C UNK E 1633 44.01 -61.79 42.62
N UNK E 1634 43.12 -61.52 41.70
CA UNK E 1634 42.28 -60.31 41.72
C UNK E 1634 41.46 -60.27 43.01
N UNK E 1635 40.87 -61.41 43.31
CA UNK E 1635 40.04 -61.59 44.51
C UNK E 1635 40.86 -61.29 45.77
N UNK E 1636 42.05 -61.85 45.78
CA UNK E 1636 43.00 -61.68 46.89
C UNK E 1636 43.30 -60.19 47.10
N UNK E 1637 26.16 -52.85 45.48
CA UNK E 1637 27.38 -53.60 45.15
C UNK E 1637 27.33 -55.00 45.78
N UNK E 1638 26.95 -55.00 47.04
CA UNK E 1638 26.83 -56.24 47.83
C UNK E 1638 25.84 -57.20 47.18
N UNK E 1639 24.71 -56.61 46.80
CA UNK E 1639 23.62 -57.35 46.14
C UNK E 1639 24.14 -58.00 44.86
N UNK E 1640 24.85 -57.21 44.09
CA UNK E 1640 25.44 -57.63 42.81
C UNK E 1640 26.37 -58.83 43.04
N UNK E 1641 27.20 -58.68 44.05
CA UNK E 1641 28.18 -59.72 44.44
C UNK E 1641 27.45 -61.02 44.75
N UNK E 1642 26.40 -60.88 45.54
CA UNK E 1642 25.56 -62.01 45.97
C UNK E 1642 24.99 -62.73 44.74
N UNK E 1643 24.48 -61.93 43.83
CA UNK E 1643 23.88 -62.43 42.58
C UNK E 1643 24.91 -63.24 41.80
N UNK E 1644 26.10 -62.67 41.70
CA UNK E 1644 27.23 -63.29 40.99
C UNK E 1644 27.55 -64.66 41.60
N UNK E 1645 27.61 -64.66 42.92
CA UNK E 1645 27.89 -65.87 43.70
C UNK E 1645 26.87 -66.96 43.39
N UNK E 1646 25.61 -66.53 43.39
CA UNK E 1646 24.47 -67.41 43.11
C UNK E 1646 24.63 -68.04 41.73
N UNK E 1647 24.96 -67.19 40.78
CA UNK E 1647 25.15 -67.59 39.37
C UNK E 1647 26.23 -68.66 39.29
N UNK E 1648 27.32 -68.39 39.98
CA UNK E 1648 28.49 -69.29 40.03
C UNK E 1648 28.08 -70.65 40.56
N UNK E 1649 27.32 -70.61 41.64
CA UNK E 1649 26.80 -71.81 42.31
C UNK E 1649 25.97 -72.64 41.33
N UNK E 1650 25.10 -71.93 40.63
CA UNK E 1650 24.20 -72.54 39.64
C UNK E 1650 25.02 -73.26 38.55
N UNK E 1651 26.03 -72.55 38.09
CA UNK E 1651 26.95 -73.05 37.05
C UNK E 1651 27.60 -74.36 37.51
N UNK E 1652 28.08 -74.31 38.75
CA UNK E 1652 28.74 -75.45 39.39
C UNK E 1652 27.81 -76.66 39.42
N UNK E 1653 26.59 -76.38 39.83
CA UNK E 1653 25.54 -77.40 39.93
C UNK E 1653 25.30 -78.06 38.56
N UNK E 1654 25.21 -77.20 37.56
CA UNK E 1654 25.00 -77.63 36.17
C UNK E 1654 26.12 -78.57 35.73
N UNK E 1655 27.36 -78.18 36.02
CA UNK E 1655 28.52 -78.97 35.65
C UNK E 1655 28.47 -80.36 36.31
N UNK E 1656 28.04 -80.39 37.57
CA UNK E 1656 27.95 -81.63 38.31
C UNK E 1656 26.95 -82.59 37.66
N UNK E 1657 25.82 -82.04 37.20
CA UNK E 1657 24.79 -82.85 36.56
C UNK E 1657 25.31 -83.50 35.28
N UNK E 1658 26.09 -82.74 34.52
CA UNK E 1658 26.66 -83.24 33.27
C UNK E 1658 27.67 -84.36 33.52
N UNK E 1659 38.60 -84.82 37.43
CA UNK E 1659 39.59 -83.73 37.35
C UNK E 1659 38.88 -82.37 37.34
N UNK E 1660 37.86 -82.30 36.51
CA UNK E 1660 37.05 -81.09 36.35
C UNK E 1660 36.44 -80.69 37.70
N UNK E 1661 35.89 -81.68 38.36
CA UNK E 1661 35.25 -81.51 39.67
C UNK E 1661 36.25 -80.93 40.67
N UNK E 1662 37.43 -81.53 40.66
CA UNK E 1662 38.54 -81.13 41.54
C UNK E 1662 38.88 -79.65 41.31
N UNK E 1663 38.99 -79.32 40.04
CA UNK E 1663 39.31 -77.96 39.60
C UNK E 1663 38.28 -76.96 40.14
N UNK E 1664 37.02 -77.36 39.97
CA UNK E 1664 35.87 -76.56 40.42
C UNK E 1664 35.98 -76.30 41.93
N UNK E 1665 36.27 -77.37 42.64
CA UNK E 1665 36.42 -77.33 44.10
C UNK E 1665 37.50 -76.33 44.50
N UNK E 1666 38.61 -76.44 43.80
CA UNK E 1666 39.79 -75.58 44.02
C UNK E 1666 39.39 -74.10 43.84
N UNK E 1667 38.68 -73.87 42.75
CA UNK E 1667 38.20 -72.53 42.39
C UNK E 1667 37.33 -71.96 43.52
N UNK E 1668 36.43 -72.81 43.98
CA UNK E 1668 35.50 -72.46 45.06
C UNK E 1668 36.27 -72.05 46.32
N UNK E 1669 37.27 -72.86 46.62
CA UNK E 1669 38.15 -72.65 47.78
C UNK E 1669 38.82 -71.29 47.68
N UNK E 1670 39.34 -71.03 46.50
CA UNK E 1670 40.05 -69.77 46.19
C UNK E 1670 39.12 -68.58 46.44
N UNK E 1671 44.42 -93.81 31.63
CA UNK E 1671 45.45 -93.71 32.68
C UNK E 1671 46.22 -92.41 32.52
N UNK E 1672 46.60 -92.15 31.28
CA UNK E 1672 47.37 -90.95 30.91
C UNK E 1672 46.59 -89.69 31.31
N UNK E 1673 45.32 -89.72 30.96
CA UNK E 1673 44.38 -88.62 31.24
C UNK E 1673 44.32 -88.35 32.75
N UNK E 1674 44.21 -89.43 33.48
CA UNK E 1674 44.14 -89.41 34.96
C UNK E 1674 45.38 -88.75 35.52
N UNK E 1675 46.52 -89.18 34.99
CA UNK E 1675 47.83 -88.67 35.39
C UNK E 1675 47.90 -87.16 35.17
N UNK E 1676 47.46 -86.76 34.01
CA UNK E 1676 47.43 -85.35 33.59
C UNK E 1676 46.61 -84.54 34.59
N UNK E 1677 45.45 -85.08 34.90
CA UNK E 1677 44.50 -84.45 35.83
C UNK E 1677 45.17 -84.24 37.20
N UNK E 1678 45.84 -85.29 37.63
CA UNK E 1678 46.55 -85.29 38.92
C UNK E 1678 47.60 -84.18 38.94
N UNK E 1679 48.34 -84.12 37.85
CA UNK E 1679 49.40 -83.11 37.66
C UNK E 1679 48.82 -81.71 37.79
N UNK E 1680 47.70 -81.52 37.10
CA UNK E 1680 46.99 -80.24 37.07
C UNK E 1680 46.60 -79.84 38.50
N UNK E 1681 46.06 -80.81 39.21
CA UNK E 1681 45.61 -80.63 40.60
C UNK E 1681 46.78 -80.18 41.47
N UNK E 1682 47.89 -80.86 41.29
CA UNK E 1682 49.13 -80.59 42.02
C UNK E 1682 49.57 -79.14 41.78
N UNK E 1683 49.53 -78.77 40.52
CA UNK E 1683 49.91 -77.43 40.07
C UNK E 1683 49.05 -76.38 40.77
N UNK E 1684 47.76 -76.66 40.77
CA UNK E 1684 46.75 -75.79 41.38
C UNK E 1684 47.08 -75.58 42.86
N UNK E 1685 47.36 -76.69 43.51
CA UNK E 1685 47.70 -76.73 44.94
C UNK E 1685 48.91 -75.84 45.22
N UNK E 1686 49.90 -76.01 44.37
CA UNK E 1686 51.17 -75.25 44.44
C UNK E 1686 50.88 -73.76 44.36
N UNK E 1687 50.06 -73.42 43.38
CA UNK E 1687 49.65 -72.03 43.13
C UNK E 1687 48.98 -71.44 44.37
N UNK E 1688 48.09 -72.22 44.94
CA UNK E 1688 47.33 -71.84 46.14
C UNK E 1688 48.30 -71.53 47.28
N UNK E 1689 49.26 -72.43 47.44
CA UNK E 1689 50.29 -72.34 48.47
C UNK E 1689 51.07 -71.03 48.32
N UNK E 1690 51.45 -70.72 47.08
CA UNK E 1690 52.22 -69.51 46.81
C UNK E 1690 51.43 -68.27 47.17
N UNK E 1691 50.13 -68.28 46.88
CA UNK E 1691 49.27 -67.15 47.19
C UNK E 1691 49.20 -66.92 48.69
N UNK E 1692 49.12 -68.01 49.45
CA UNK E 1692 49.06 -67.92 50.91
C UNK E 1692 50.35 -67.30 51.46
N UNK E 1693 36.35 -96.61 42.49
CA UNK E 1693 36.18 -96.13 43.86
C UNK E 1693 37.51 -95.75 44.49
N UNK E 1694 38.50 -96.62 44.34
CA UNK E 1694 39.83 -96.37 44.90
C UNK E 1694 40.40 -95.06 44.34
N UNK E 1695 40.28 -94.93 43.04
CA UNK E 1695 40.75 -93.74 42.30
C UNK E 1695 40.07 -92.49 42.85
N UNK E 1696 38.77 -92.60 43.01
CA UNK E 1696 37.93 -91.51 43.53
C UNK E 1696 38.43 -91.07 44.91
N UNK E 1697 38.66 -92.08 45.73
CA UNK E 1697 39.14 -91.88 47.11
C UNK E 1697 40.46 -91.12 47.10
N UNK E 1698 41.34 -91.57 46.22
CA UNK E 1698 42.67 -90.98 46.05
C UNK E 1698 42.54 -89.49 45.69
N UNK E 1699 41.66 -89.24 44.74
CA UNK E 1699 41.37 -87.89 44.25
C UNK E 1699 40.92 -86.99 45.39
N UNK E 1700 40.00 -87.54 46.17
CA UNK E 1700 39.43 -86.85 47.34
C UNK E 1700 40.54 -86.46 48.32
N UNK E 1701 41.40 -87.43 48.57
CA UNK E 1701 42.54 -87.27 49.48
C UNK E 1701 43.44 -86.12 49.01
N UNK E 1702 43.70 -86.15 47.71
CA UNK E 1702 44.54 -85.14 47.05
C UNK E 1702 43.95 -83.75 47.26
N UNK E 1703 42.65 -83.68 47.03
CA UNK E 1703 41.88 -82.44 47.16
C UNK E 1703 42.01 -81.89 48.59
N UNK E 1704 41.84 -82.80 49.53
CA UNK E 1704 41.94 -82.48 50.96
C UNK E 1704 43.31 -81.89 51.28
N UNK E 1705 44.33 -82.55 50.76
CA UNK E 1705 45.72 -82.15 50.94
C UNK E 1705 45.93 -80.72 50.42
N UNK E 1706 45.40 -80.50 49.23
CA UNK E 1706 45.48 -79.19 48.56
C UNK E 1706 44.87 -78.11 49.44
N UNK E 1707 43.69 -78.43 49.95
CA UNK E 1707 42.92 -77.53 50.81
C UNK E 1707 43.76 -77.16 52.05
N UNK E 1708 44.35 -78.18 52.63
CA UNK E 1708 45.19 -78.05 53.82
C UNK E 1708 46.35 -77.08 53.53
N UNK E 1709 46.97 -77.31 52.40
CA UNK E 1709 48.10 -76.50 51.93
C UNK E 1709 47.70 -75.03 51.81
N UNK E 1710 46.54 -74.84 51.20
CA UNK E 1710 45.96 -73.52 50.99
C UNK E 1710 45.77 -72.81 52.34
N UNK E 1711 45.21 -73.56 53.26
CA UNK E 1711 44.93 -73.07 54.62
C UNK E 1711 46.23 -72.60 55.28
N UNK E 1712 47.24 -73.45 55.14
CA UNK E 1712 48.58 -73.20 55.70
C UNK E 1712 49.13 -71.89 55.15
N UNK E 1713 45.01 -94.91 59.42
CA UNK E 1713 45.12 -95.05 57.96
C UNK E 1713 45.04 -93.66 57.31
N UNK E 1714 44.09 -92.90 57.78
CA UNK E 1714 43.85 -91.53 57.28
C UNK E 1714 45.10 -90.68 57.48
N UNK E 1715 45.65 -90.79 58.67
CA UNK E 1715 46.87 -90.06 59.06
C UNK E 1715 48.02 -90.40 58.12
N UNK E 1716 48.15 -91.70 57.88
CA UNK E 1716 49.19 -92.24 56.99
C UNK E 1716 49.06 -91.64 55.59
N UNK E 1717 47.83 -91.63 55.13
CA UNK E 1717 47.48 -91.10 53.80
C UNK E 1717 47.90 -89.63 53.70
N UNK E 1718 47.55 -88.90 54.74
CA UNK E 1718 47.85 -87.46 54.85
C UNK E 1718 49.37 -87.25 54.74
N UNK E 1719 50.08 -88.06 55.50
CA UNK E 1719 51.55 -88.02 55.55
C UNK E 1719 52.13 -88.23 54.14
N UNK E 1720 51.59 -89.24 53.48
CA UNK E 1720 51.99 -89.61 52.12
C UNK E 1720 51.81 -88.42 51.17
N UNK E 1721 50.65 -87.82 51.30
CA UNK E 1721 50.25 -86.66 50.48
C UNK E 1721 51.27 -85.52 50.68
N UNK E 1722 51.58 -85.28 51.94
CA UNK E 1722 52.53 -84.24 52.35
C UNK E 1722 53.89 -84.48 51.69
N UNK E 1723 54.30 -85.73 51.77
CA UNK E 1723 55.58 -86.19 51.21
C UNK E 1723 55.63 -85.89 49.70
N UNK E 1724 54.54 -86.26 49.06
CA UNK E 1724 54.36 -86.07 47.61
C UNK E 1724 54.51 -84.60 47.25
N UNK E 1725 53.83 -83.78 48.04
CA UNK E 1725 53.84 -82.31 47.87
C UNK E 1725 55.27 -81.78 47.96
N UNK E 1726 55.96 -82.27 48.98
CA UNK E 1726 57.36 -81.89 49.24
C UNK E 1726 58.23 -82.21 48.04
N UNK E 1727 58.04 -83.42 47.54
CA UNK E 1727 58.77 -83.94 46.38
C UNK E 1727 58.56 -83.02 45.18
N UNK E 1728 57.30 -82.68 44.97
CA UNK E 1728 56.87 -81.81 43.87
C UNK E 1728 57.59 -80.46 43.96
N UNK E 1729 57.61 -79.89 45.17
CA UNK E 1729 58.27 -78.61 45.39
C UNK E 1729 59.77 -78.71 45.14
N UNK E 1730 60.36 -79.85 45.51
CA UNK E 1730 61.79 -80.06 45.32
C UNK E 1730 62.15 -80.03 43.84
N UNK E 1731 61.30 -80.65 43.02
CA UNK E 1731 61.53 -80.67 41.58
C UNK E 1731 61.48 -79.26 41.02
N UNK E 1732 60.55 -78.46 41.52
CA UNK E 1732 60.42 -77.07 41.10
C UNK E 1732 61.67 -76.28 41.48
N UNK E 1733 62.19 -76.56 42.68
CA UNK E 1733 63.38 -75.86 43.17
C UNK E 1733 64.56 -76.83 43.27
N UNK E 1734 14.10 -114.31 62.22
CA UNK E 1734 15.20 -113.50 62.74
C UNK E 1734 16.18 -113.14 61.61
N UNK E 1735 16.52 -114.17 60.85
CA UNK E 1735 17.44 -114.06 59.72
C UNK E 1735 16.91 -113.03 58.72
N UNK E 1736 15.63 -113.18 58.42
CA UNK E 1736 14.93 -112.31 57.48
C UNK E 1736 15.02 -110.85 57.95
N UNK E 1737 14.75 -110.67 59.23
CA UNK E 1737 14.79 -109.36 59.87
C UNK E 1737 16.17 -108.73 59.70
N UNK E 1738 17.17 -109.55 59.98
CA UNK E 1738 18.58 -109.15 59.89
C UNK E 1738 18.89 -108.66 58.47
N UNK E 1739 18.44 -109.45 57.52
CA UNK E 1739 18.63 -109.17 56.09
C UNK E 1739 18.02 -107.82 55.73
N UNK E 1740 16.81 -107.63 56.21
CA UNK E 1740 16.05 -106.39 56.00
C UNK E 1740 16.83 -105.19 56.52
N UNK E 1741 17.34 -105.36 57.73
CA UNK E 1741 18.13 -104.34 58.42
C UNK E 1741 19.34 -103.95 57.58
N UNK E 1742 20.01 -104.99 57.10
CA UNK E 1742 21.21 -104.84 56.27
C UNK E 1742 20.89 -104.02 55.02
N UNK E 1743 19.78 -104.39 54.41
CA UNK E 1743 19.29 -103.73 53.19
C UNK E 1743 19.07 -102.24 53.45
N UNK E 1744 18.42 -101.98 54.56
CA UNK E 1744 18.10 -100.62 55.01
C UNK E 1744 19.38 -99.80 55.16
N UNK E 1745 20.34 -100.42 55.82
CA UNK E 1745 21.67 -99.83 56.05
C UNK E 1745 22.32 -99.43 54.74
N UNK E 1746 22.27 -100.38 53.81
CA UNK E 1746 22.85 -100.22 52.47
C UNK E 1746 22.21 -99.01 51.78
N UNK E 1747 20.90 -98.96 51.87
CA UNK E 1747 20.09 -97.89 51.27
C UNK E 1747 20.54 -96.53 51.83
N UNK E 1748 20.68 -96.51 53.14
CA UNK E 1748 21.10 -95.31 53.87
C UNK E 1748 22.45 -94.83 53.37
N UNK E 1749 23.35 -95.79 53.24
CA UNK E 1749 24.73 -95.55 52.77
C UNK E 1749 24.70 -94.91 51.38
N UNK E 1750 23.87 -95.50 50.53
CA UNK E 1750 23.68 -95.06 49.14
C UNK E 1750 23.23 -93.60 49.13
N UNK E 1751 22.24 -93.33 49.96
CA UNK E 1751 21.64 -92.00 50.11
C UNK E 1751 22.73 -90.98 50.49
N UNK E 1752 23.51 -91.39 51.47
CA UNK E 1752 24.63 -90.56 52.00
C UNK E 1752 25.59 -90.21 50.87
N UNK E 1753 3.39 -67.73 64.03
CA UNK E 1753 4.14 -69.01 63.99
C UNK E 1753 3.38 -70.07 64.78
N UNK E 1754 2.96 -69.67 65.97
CA UNK E 1754 2.21 -70.53 66.89
C UNK E 1754 0.93 -71.05 66.22
N UNK E 1755 0.25 -70.11 65.59
CA UNK E 1755 -1.01 -70.38 64.88
C UNK E 1755 -0.77 -71.43 63.78
N UNK E 1756 0.30 -71.20 63.05
CA UNK E 1756 0.71 -72.08 61.94
C UNK E 1756 0.93 -73.50 62.46
N UNK E 1757 1.66 -73.56 63.56
CA UNK E 1757 2.00 -74.81 64.24
C UNK E 1757 0.73 -75.57 64.60
N UNK E 1758 -0.19 -74.82 65.19
CA UNK E 1758 -1.49 -75.34 65.63
C UNK E 1758 -2.24 -75.96 64.45
N UNK E 1759 -2.25 -75.21 63.37
CA UNK E 1759 -2.90 -75.61 62.11
C UNK E 1759 -2.33 -76.93 61.62
N UNK E 1760 -1.00 -76.98 61.63
CA UNK E 1760 -0.25 -78.16 61.19
C UNK E 1760 -0.66 -79.38 62.02
N UNK E 1761 -0.72 -79.16 63.32
CA UNK E 1761 -1.09 -80.20 64.29
C UNK E 1761 -2.49 -80.74 63.97
N UNK E 1762 -3.39 -79.80 63.73
CA UNK E 1762 -4.78 -80.11 63.39
C UNK E 1762 -4.85 -80.99 62.16
N UNK E 1763 -4.07 -80.58 61.16
CA UNK E 1763 -3.99 -81.29 59.86
C UNK E 1763 -3.54 -82.73 60.09
N UNK E 1764 -2.51 -82.85 60.90
CA UNK E 1764 -1.90 -84.14 61.25
C UNK E 1764 -2.95 -85.05 61.89
N UNK E 1765 -3.68 -84.46 62.82
CA UNK E 1765 -4.75 -85.15 63.56
C UNK E 1765 -5.80 -85.69 62.59
N UNK E 1766 -6.18 -84.81 61.67
CA UNK E 1766 -7.17 -85.12 60.63
C UNK E 1766 -6.71 -86.32 59.81
N UNK E 1767 -5.46 -86.25 59.41
CA UNK E 1767 -4.82 -87.29 58.60
C UNK E 1767 -4.88 -88.64 59.33
N UNK E 1768 -4.54 -88.58 60.60
CA UNK E 1768 -4.54 -89.76 61.50
C UNK E 1768 -5.93 -90.38 61.54
N UNK E 1769 6.34 -74.54 73.77
CA UNK E 1769 6.51 -75.71 72.92
C UNK E 1769 6.09 -76.98 73.67
N UNK E 1770 6.58 -77.06 74.89
CA UNK E 1770 6.31 -78.20 75.78
C UNK E 1770 4.79 -78.33 75.99
N UNK E 1771 4.19 -77.20 76.28
CA UNK E 1771 2.73 -77.11 76.51
C UNK E 1771 1.97 -77.65 75.30
N UNK E 1772 2.41 -77.18 74.14
CA UNK E 1772 1.82 -77.56 72.85
C UNK E 1772 1.88 -79.08 72.68
N UNK E 1773 3.05 -79.60 72.96
CA UNK E 1773 3.33 -81.04 72.86
C UNK E 1773 2.36 -81.83 73.75
N UNK E 1774 2.23 -81.33 74.97
CA UNK E 1774 1.36 -81.93 75.98
C UNK E 1774 -0.08 -81.98 75.47
N UNK E 1775 -0.50 -80.86 74.92
CA UNK E 1775 -1.85 -80.69 74.35
C UNK E 1775 -2.08 -81.74 73.26
N UNK E 1776 -1.10 -81.85 72.39
CA UNK E 1776 -1.13 -82.79 71.26
C UNK E 1776 -1.31 -84.21 71.78
N UNK E 1777 -0.53 -84.53 72.78
CA UNK E 1777 -0.55 -85.85 73.43
C UNK E 1777 -1.94 -86.16 73.95
N UNK E 1778 -2.49 -85.17 74.63
CA UNK E 1778 -3.83 -85.25 75.23
C UNK E 1778 -4.87 -85.56 74.15
N UNK E 1779 -4.75 -84.81 73.06
CA UNK E 1779 -5.64 -84.94 71.90
C UNK E 1779 -5.59 -86.38 71.37
N UNK E 1780 -4.37 -86.86 71.23
CA UNK E 1780 -4.09 -88.20 70.72
C UNK E 1780 -4.79 -89.24 71.60
N UNK E 1781 -4.61 -89.05 72.90
CA UNK E 1781 -5.19 -89.93 73.93
C UNK E 1781 -6.71 -89.99 73.77
N UNK E 1782 -7.28 -88.80 73.62
CA UNK E 1782 -8.73 -88.62 73.46
C UNK E 1782 -9.22 -89.41 72.24
N UNK E 1783 -8.48 -89.24 71.16
CA UNK E 1783 -8.77 -89.90 69.88
C UNK E 1783 -8.79 -91.42 70.07
N UNK E 1784 -7.77 -91.88 70.75
CA UNK E 1784 -7.59 -93.32 71.05
C UNK E 1784 -8.80 -93.84 71.82
N UNK E 1785 2.29 -78.95 32.77
CA UNK E 1785 2.42 -77.67 33.48
C UNK E 1785 3.65 -77.70 34.39
N UNK E 1786 3.75 -78.79 35.12
CA UNK E 1786 4.85 -79.03 36.06
C UNK E 1786 6.19 -78.97 35.32
N UNK E 1787 6.22 -79.68 34.21
CA UNK E 1787 7.40 -79.75 33.35
C UNK E 1787 7.83 -78.35 32.91
N UNK E 1788 6.83 -77.60 32.47
CA UNK E 1788 7.02 -76.23 32.00
C UNK E 1788 7.65 -75.38 33.10
N UNK E 1789 7.09 -75.52 34.29
CA UNK E 1789 7.55 -74.80 35.49
C UNK E 1789 9.01 -75.11 35.75
N UNK E 1790 9.31 -76.39 35.69
CA UNK E 1790 10.68 -76.91 35.92
C UNK E 1790 11.65 -76.26 34.93
N UNK E 1791 11.23 -76.25 33.69
CA UNK E 1791 12.00 -75.67 32.58
C UNK E 1791 12.32 -74.21 32.87
N UNK E 1792 11.27 -73.51 33.28
CA UNK E 1792 11.35 -72.07 33.60
C UNK E 1792 12.38 -71.85 34.70
N UNK E 1793 12.28 -72.68 35.73
CA UNK E 1793 13.18 -72.64 36.89
C UNK E 1793 14.63 -72.80 36.43
N UNK E 1794 14.82 -73.79 35.58
CA UNK E 1794 16.15 -74.12 35.02
C UNK E 1794 16.72 -72.90 34.29
N UNK E 1795 15.87 -72.30 33.48
CA UNK E 1795 16.21 -71.12 32.68
C UNK E 1795 16.69 -69.99 33.60
N UNK E 1796 15.90 -69.79 34.65
CA UNK E 1796 16.18 -68.76 35.66
C UNK E 1796 17.56 -68.98 36.28
N UNK E 1797 -2.83 -69.81 40.59
CA UNK E 1797 -1.64 -69.28 39.92
C UNK E 1797 -0.63 -68.79 40.97
N UNK E 1798 -1.15 -68.04 41.91
CA UNK E 1798 -0.36 -67.47 43.01
C UNK E 1798 0.33 -68.59 43.79
N UNK E 1799 -0.45 -69.61 44.10
CA UNK E 1799 0.01 -70.78 44.84
C UNK E 1799 1.19 -71.44 44.10
N UNK E 1800 0.97 -71.61 42.80
CA UNK E 1800 1.96 -72.21 41.90
C UNK E 1800 3.27 -71.43 41.95
N UNK E 1801 3.12 -70.12 41.86
CA UNK E 1801 4.24 -69.18 41.89
C UNK E 1801 5.04 -69.36 43.18
N UNK E 1802 4.29 -69.41 44.27
CA UNK E 1802 4.86 -69.58 45.62
C UNK E 1802 5.68 -70.87 45.69
N UNK E 1803 5.08 -71.92 45.16
CA UNK E 1803 5.70 -73.25 45.13
C UNK E 1803 7.03 -73.19 44.38
N UNK E 1804 6.98 -72.54 43.24
CA UNK E 1804 8.14 -72.36 42.36
C UNK E 1804 9.26 -71.65 43.12
N UNK E 1805 8.88 -70.60 43.79
CA UNK E 1805 9.80 -69.77 44.60
C UNK E 1805 10.49 -70.64 45.66
N UNK E 1806 9.67 -71.42 46.32
CA UNK E 1806 10.12 -72.34 47.38
C UNK E 1806 11.17 -73.30 46.83
N UNK E 1807 10.83 -73.85 45.68
CA UNK E 1807 11.70 -74.81 44.96
C UNK E 1807 13.06 -74.17 44.67
N UNK E 1808 12.99 -72.96 44.17
CA UNK E 1808 14.17 -72.16 43.81
C UNK E 1808 15.06 -71.98 45.05
N UNK E 1809 -0.77 -75.79 52.81
CA UNK E 1809 0.30 -76.61 53.40
C UNK E 1809 -0.28 -77.90 54.00
N UNK E 1810 -1.35 -77.70 54.75
CA UNK E 1810 -2.06 -78.79 55.43
C UNK E 1810 -2.54 -79.81 54.39
N UNK E 1811 -3.13 -79.28 53.33
CA UNK E 1811 -3.66 -80.08 52.23
C UNK E 1811 -2.55 -80.94 51.62
N UNK E 1812 -1.44 -80.27 51.38
CA UNK E 1812 -0.24 -80.90 50.80
C UNK E 1812 0.21 -82.08 51.68
N UNK E 1813 0.27 -81.80 52.96
CA UNK E 1813 0.68 -82.78 53.97
C UNK E 1813 -0.24 -84.01 53.91
N UNK E 1814 -1.51 -83.72 53.86
CA UNK E 1814 -2.56 -84.76 53.79
C UNK E 1814 -2.34 -85.65 52.57
N UNK E 1815 -2.10 -84.99 51.45
CA UNK E 1815 -1.85 -85.65 50.16
C UNK E 1815 -0.66 -86.59 50.28
N UNK E 1816 0.39 -86.07 50.88
CA UNK E 1816 1.64 -86.81 51.10
C UNK E 1816 1.37 -88.08 51.91
N UNK E 1817 0.61 -87.88 52.96
CA UNK E 1817 0.22 -88.96 53.88
C UNK E 1817 -0.51 -90.06 53.11
N UNK E 1818 -1.45 -89.62 52.30
CA UNK E 1818 -2.28 -90.50 51.47
C UNK E 1818 -1.39 -91.34 50.55
N UNK E 1819 -0.45 -90.64 49.93
CA UNK E 1819 0.51 -91.25 49.00
C UNK E 1819 1.31 -92.35 49.72
N UNK E 1820 1.76 -92.01 50.91
CA UNK E 1820 2.55 -92.91 51.76
C UNK E 1820 1.74 -94.18 52.06
N UNK E 1821 9.94 -74.74 62.13
CA UNK E 1821 10.72 -75.80 62.78
C UNK E 1821 9.94 -77.12 62.74
N UNK E 1822 8.68 -77.00 63.11
CA UNK E 1822 7.75 -78.15 63.14
C UNK E 1822 7.68 -78.81 61.76
N UNK E 1823 7.52 -77.94 60.77
CA UNK E 1823 7.41 -78.35 59.36
C UNK E 1823 8.66 -79.13 58.96
N UNK E 1824 9.79 -78.56 59.32
CA UNK E 1824 11.12 -79.15 59.03
C UNK E 1824 11.20 -80.56 59.63
N UNK E 1825 10.79 -80.64 60.87
CA UNK E 1825 10.79 -81.89 61.64
C UNK E 1825 9.95 -82.95 60.91
N UNK E 1826 8.78 -82.52 60.50
CA UNK E 1826 7.82 -83.37 59.78
C UNK E 1826 8.47 -83.92 58.51
N UNK E 1827 9.10 -83.01 57.79
CA UNK E 1827 9.80 -83.33 56.54
C UNK E 1827 10.86 -84.41 56.77
N UNK E 1828 11.62 -84.19 57.83
CA UNK E 1828 12.70 -85.09 58.23
C UNK E 1828 12.13 -86.49 58.50
N UNK E 1829 11.04 -86.50 59.24
CA UNK E 1829 10.34 -87.73 59.61
C UNK E 1829 9.92 -88.50 58.35
N UNK E 1830 9.35 -87.75 57.44
CA UNK E 1830 8.87 -88.29 56.15
C UNK E 1830 10.03 -88.95 55.39
N UNK E 1831 11.14 -88.23 55.36
CA UNK E 1831 12.36 -88.67 54.70
C UNK E 1831 12.82 -90.01 55.28
N UNK E 1832 12.82 -90.03 56.60
CA UNK E 1832 13.24 -91.21 57.38
C UNK E 1832 12.37 -92.42 57.00
N UNK E 1833 34.99 -45.26 53.69
CA UNK E 1833 35.82 -46.22 52.98
C UNK E 1833 36.27 -47.36 53.90
N UNK E 1834 36.74 -46.99 55.09
CA UNK E 1834 37.20 -47.97 56.06
C UNK E 1834 36.09 -48.97 56.41
N UNK E 1835 34.90 -48.45 56.68
CA UNK E 1835 33.76 -49.28 57.02
C UNK E 1835 33.45 -50.29 55.92
N UNK E 1836 33.43 -49.81 54.68
CA UNK E 1836 33.16 -50.66 53.54
C UNK E 1836 34.16 -51.81 53.45
N UNK E 1837 35.43 -51.48 53.59
CA UNK E 1837 36.50 -52.48 53.54
C UNK E 1837 36.29 -53.57 54.59
N UNK E 1838 36.00 -53.15 55.82
CA UNK E 1838 35.78 -54.08 56.91
C UNK E 1838 34.65 -55.05 56.60
N UNK E 1839 33.54 -54.51 56.11
CA UNK E 1839 32.36 -55.32 55.76
C UNK E 1839 32.75 -56.38 54.73
N UNK E 1840 33.46 -55.91 53.72
CA UNK E 1840 33.94 -56.75 52.62
C UNK E 1840 34.81 -57.89 53.16
N UNK E 1841 35.71 -57.50 54.05
CA UNK E 1841 36.65 -58.42 54.69
C UNK E 1841 35.88 -59.52 55.43
N UNK E 1842 34.88 -59.06 56.18
CA UNK E 1842 34.01 -59.93 56.98
C UNK E 1842 33.33 -60.97 56.07
N UNK E 1843 32.81 -60.45 54.97
CA UNK E 1843 32.11 -61.26 53.96
C UNK E 1843 33.04 -62.36 53.43
N UNK E 1844 34.24 -61.92 53.12
CA UNK E 1844 35.29 -62.81 52.59
C UNK E 1844 35.57 -63.94 53.57
N UNK E 1845 35.71 -63.55 54.82
CA UNK E 1845 35.98 -64.47 55.94
C UNK E 1845 34.87 -65.52 56.02
N UNK E 1846 33.64 -65.03 55.95
CA UNK E 1846 32.44 -65.86 56.01
C UNK E 1846 32.47 -66.90 54.89
N UNK E 1847 32.78 -66.41 53.70
CA UNK E 1847 32.87 -67.23 52.49
C UNK E 1847 33.88 -68.36 52.70
N UNK E 1848 35.02 -67.97 53.22
CA UNK E 1848 36.14 -68.88 53.50
C UNK E 1848 35.68 -69.99 54.45
N UNK E 1849 35.00 -69.56 55.50
CA UNK E 1849 34.46 -70.45 56.53
C UNK E 1849 33.53 -71.48 55.89
N UNK E 1850 32.65 -70.97 55.05
CA UNK E 1850 31.66 -71.77 54.33
C UNK E 1850 32.36 -72.85 53.50
N UNK E 1851 33.39 -72.40 52.79
CA UNK E 1851 34.19 -73.27 51.93
C UNK E 1851 34.80 -74.40 52.75
N UNK E 1852 35.36 -74.01 53.88
CA UNK E 1852 36.00 -74.95 54.82
C UNK E 1852 35.00 -76.02 55.26
N UNK E 1853 33.83 -75.54 55.61
CA UNK E 1853 32.72 -76.39 56.08
C UNK E 1853 32.38 -77.42 55.01
N UNK E 1854 32.26 -76.92 53.79
CA UNK E 1854 31.94 -77.73 52.61
C UNK E 1854 32.97 -78.85 52.43
N UNK E 1855 34.22 -78.44 52.55
CA UNK E 1855 35.38 -79.33 52.41
C UNK E 1855 35.28 -80.46 53.45
N UNK E 1856 34.99 -80.05 54.67
CA UNK E 1856 34.85 -80.96 55.81
C UNK E 1856 33.76 -82.00 55.52
N UNK E 1857 32.65 -81.49 55.03
CA UNK E 1857 31.48 -82.31 54.69
C UNK E 1857 31.87 -83.37 53.65
N UNK E 1858 32.48 -82.88 52.57
CA UNK E 1858 32.73 -83.68 51.38
C UNK E 1858 33.63 -84.86 51.60
N UNK E 1859 34.72 -84.67 52.34
CA UNK E 1859 35.58 -85.81 52.60
C UNK E 1859 34.81 -86.86 53.39
N UNK E 1860 34.05 -86.42 54.39
CA UNK E 1860 33.29 -87.36 55.21
C UNK E 1860 32.21 -88.14 54.46
N UNK E 1861 31.45 -87.46 53.59
CA UNK E 1861 30.47 -88.18 52.79
C UNK E 1861 31.22 -89.15 51.89
N UNK E 1862 32.31 -88.62 51.33
CA UNK E 1862 33.23 -89.36 50.51
C UNK E 1862 34.00 -90.34 51.37
N UNK E 1863 34.36 -89.89 52.57
CA UNK E 1863 35.22 -90.68 53.43
C UNK E 1863 34.43 -91.87 53.94
N UNK E 1864 33.16 -91.61 54.24
CA UNK E 1864 32.25 -92.61 54.77
C UNK E 1864 32.04 -93.76 53.78
N UNK E 1865 31.96 -93.45 52.49
CA UNK E 1865 31.68 -94.50 51.51
C UNK E 1865 32.74 -95.62 51.52
N UNK E 1866 34.00 -95.22 51.63
CA UNK E 1866 35.11 -96.18 51.65
C UNK E 1866 34.87 -97.27 52.68
N UNK E 1867 34.47 -96.89 53.89
CA UNK E 1867 34.23 -97.84 54.95
C UNK E 1867 33.09 -98.79 54.59
N UNK E 1868 32.05 -98.24 53.97
CA UNK E 1868 30.92 -99.04 53.53
C UNK E 1868 31.37 -100.06 52.49
N UNK E 1869 32.23 -99.62 51.59
CA UNK E 1869 32.76 -100.50 50.54
C UNK E 1869 33.57 -101.62 51.18
N UNK E 1870 34.35 -101.28 52.20
CA UNK E 1870 35.14 -102.27 52.92
C UNK E 1870 34.23 -103.30 53.58
N UNK E 1871 33.13 -102.82 54.15
CA UNK E 1871 32.17 -103.69 54.79
C UNK E 1871 31.56 -104.64 53.77
N UNK E 1872 31.28 -104.11 52.58
CA UNK E 1872 30.72 -104.90 51.49
C UNK E 1872 31.70 -105.98 51.07
N UNK E 1873 32.98 -105.63 51.02
CA UNK E 1873 34.03 -106.57 50.63
C UNK E 1873 33.97 -107.84 51.48
N UNK E 1874 32.96 -110.52 60.88
CA UNK E 1874 33.17 -109.42 59.94
C UNK E 1874 31.95 -108.51 59.90
N UNK E 1875 30.77 -109.11 59.79
CA UNK E 1875 29.52 -108.35 59.74
C UNK E 1875 29.36 -107.47 60.97
N UNK E 1876 29.60 -108.04 62.14
CA UNK E 1876 29.48 -107.30 63.40
C UNK E 1876 30.41 -106.08 63.38
N UNK E 1877 31.64 -106.34 62.97
CA UNK E 1877 32.69 -105.33 62.87
C UNK E 1877 32.24 -104.20 61.95
N UNK E 1878 31.71 -104.61 60.81
CA UNK E 1878 31.22 -103.69 59.77
C UNK E 1878 30.13 -102.79 60.35
N UNK E 1879 29.22 -103.42 61.07
CA UNK E 1879 28.09 -102.75 61.72
C UNK E 1879 28.62 -101.67 62.68
N UNK E 1880 29.59 -102.10 63.47
CA UNK E 1880 30.23 -101.23 64.47
C UNK E 1880 30.82 -99.99 63.80
N UNK E 1881 31.53 -100.26 62.70
CA UNK E 1881 32.18 -99.22 61.90
C UNK E 1881 31.15 -98.20 61.41
N UNK E 1882 30.06 -98.75 60.90
CA UNK E 1882 28.94 -97.95 60.37
C UNK E 1882 28.40 -97.04 61.47
N UNK E 1883 28.20 -97.62 62.62
CA UNK E 1883 27.68 -96.92 63.80
C UNK E 1883 28.59 -95.75 64.15
N UNK E 1884 29.89 -96.05 64.17
CA UNK E 1884 30.94 -95.07 64.47
C UNK E 1884 30.85 -93.88 63.51
N UNK E 1885 30.73 -94.24 62.24
CA UNK E 1885 30.63 -93.27 61.13
C UNK E 1885 29.44 -92.33 61.37
N UNK E 1886 28.33 -92.96 61.69
CA UNK E 1886 27.06 -92.27 61.96
C UNK E 1886 27.25 -91.25 63.09
N UNK E 1887 27.88 -91.73 64.14
CA UNK E 1887 28.17 -90.93 65.34
C UNK E 1887 29.00 -89.70 64.96
N UNK E 1888 30.02 -89.95 64.16
CA UNK E 1888 30.93 -88.91 63.68
C UNK E 1888 30.15 -87.84 62.93
N UNK E 1889 29.28 -88.32 62.04
CA UNK E 1889 28.43 -87.46 61.21
C UNK E 1889 27.58 -86.56 62.09
N UNK E 1890 26.98 -87.19 63.10
CA UNK E 1890 26.12 -86.50 64.05
C UNK E 1890 26.89 -85.38 64.75
N UNK E 1891 28.09 -85.73 65.18
CA UNK E 1891 28.99 -84.81 65.88
C UNK E 1891 29.27 -83.59 64.99
N UNK E 1892 29.58 -83.89 63.74
CA UNK E 1892 29.88 -82.87 62.72
C UNK E 1892 28.71 -81.91 62.58
N UNK E 1893 27.54 -82.50 62.49
CA UNK E 1893 26.27 -81.76 62.34
C UNK E 1893 26.09 -80.80 63.52
N UNK E 1894 26.32 -81.34 64.69
CA UNK E 1894 26.20 -80.60 65.95
C UNK E 1894 27.14 -79.38 65.93
N UNK E 1895 20.45 -91.16 61.61
CA UNK E 1895 20.74 -90.72 60.24
C UNK E 1895 19.69 -89.71 59.78
N UNK E 1896 18.45 -90.09 60.02
CA UNK E 1896 17.28 -89.28 59.65
C UNK E 1896 17.37 -87.90 60.32
N UNK E 1897 17.68 -87.94 61.60
CA UNK E 1897 17.83 -86.74 62.44
C UNK E 1897 18.89 -85.82 61.84
N UNK E 1898 20.01 -86.43 61.50
CA UNK E 1898 21.16 -85.73 60.91
C UNK E 1898 20.73 -85.02 59.62
N UNK E 1899 20.02 -85.77 58.80
CA UNK E 1899 19.51 -85.29 57.51
C UNK E 1899 18.63 -84.05 57.72
N UNK E 1900 17.75 -84.18 58.70
CA UNK E 1900 16.80 -83.12 59.07
C UNK E 1900 17.57 -81.84 59.46
N UNK E 1901 18.58 -82.06 60.28
CA UNK E 1901 19.45 -80.98 60.78
C UNK E 1901 20.09 -80.25 59.61
N UNK E 1902 20.61 -81.05 58.69
CA UNK E 1902 21.29 -80.57 57.49
C UNK E 1902 20.33 -79.67 56.68
N UNK E 1903 19.13 -80.20 56.52
CA UNK E 1903 18.06 -79.50 55.78
C UNK E 1903 17.78 -78.14 56.39
N UNK E 1904 17.66 -78.17 57.72
CA UNK E 1904 17.39 -76.97 58.51
C UNK E 1904 18.49 -75.92 58.27
N UNK E 1905 19.71 -76.40 58.33
CA UNK E 1905 20.91 -75.57 58.13
C UNK E 1905 20.84 -74.89 56.76
N UNK E 1906 20.52 -75.71 55.77
CA UNK E 1906 20.41 -75.27 54.37
C UNK E 1906 19.38 -74.14 54.26
N UNK E 1907 18.24 -74.38 54.89
CA UNK E 1907 17.12 -73.43 54.92
C UNK E 1907 17.58 -72.10 55.50
N UNK E 1908 18.28 -72.21 56.61
CA UNK E 1908 18.81 -71.05 57.34
C UNK E 1908 19.72 -70.23 56.42
N UNK E 1909 20.60 -70.96 55.75
CA UNK E 1909 21.57 -70.38 54.81
C UNK E 1909 20.83 -69.59 53.72
N UNK E 1910 19.81 -70.24 53.18
CA UNK E 1910 18.97 -69.67 52.12
C UNK E 1910 18.35 -68.35 52.59
N UNK E 1911 17.82 -68.40 53.80
CA UNK E 1911 17.17 -67.25 54.44
C UNK E 1911 18.16 -66.08 54.55
N UNK E 1912 19.37 -66.39 54.99
CA UNK E 1912 20.41 -65.38 55.15
C UNK E 1912 20.78 -64.74 53.82
N UNK E 1913 20.85 -65.55 52.78
CA UNK E 1913 21.18 -65.05 51.45
C UNK E 1913 20.11 -64.07 50.96
N UNK E 1914 18.86 -64.40 51.23
CA UNK E 1914 17.75 -63.54 50.84
C UNK E 1914 17.82 -62.19 51.54
N UNK E 1915 18.18 -62.22 52.83
CA UNK E 1915 18.32 -61.00 53.61
C UNK E 1915 19.42 -60.11 53.05
N UNK E 1916 20.52 -60.73 52.64
CA UNK E 1916 21.65 -60.02 52.07
C UNK E 1916 21.27 -59.36 50.74
N UNK E 1917 14.27 -78.87 69.87
CA UNK E 1917 14.91 -79.92 69.08
C UNK E 1917 14.39 -81.30 69.52
N UNK E 1918 14.37 -81.47 70.82
CA UNK E 1918 13.91 -82.70 71.46
C UNK E 1918 12.47 -83.00 71.03
N UNK E 1919 11.65 -81.97 71.11
CA UNK E 1919 10.24 -82.03 70.75
C UNK E 1919 10.08 -82.51 69.30
N UNK E 1920 10.87 -81.89 68.45
CA UNK E 1920 10.88 -82.18 67.01
C UNK E 1920 11.21 -83.65 66.78
N UNK E 1921 12.24 -84.09 67.49
CA UNK E 1921 12.71 -85.48 67.42
C UNK E 1921 11.58 -86.45 67.78
N UNK E 1922 10.93 -86.10 68.88
CA UNK E 1922 9.80 -86.89 69.41
C UNK E 1922 8.70 -87.02 68.36
N UNK E 1923 8.40 -85.88 67.76
CA UNK E 1923 7.36 -85.78 66.72
C UNK E 1923 7.71 -86.71 65.55
N UNK E 1924 8.96 -86.64 65.16
CA UNK E 1924 9.50 -87.44 64.06
C UNK E 1924 9.31 -88.94 64.36
N UNK E 1925 9.67 -89.29 65.58
CA UNK E 1925 9.57 -90.66 66.08
C UNK E 1925 8.13 -91.16 65.98
N UNK E 1926 7.24 -90.29 66.44
CA UNK E 1926 5.79 -90.56 66.44
C UNK E 1926 5.32 -90.85 65.02
N UNK E 1927 5.75 -89.98 64.12
CA UNK E 1927 5.41 -90.07 62.69
C UNK E 1927 5.85 -91.42 62.13
N UNK E 1928 7.09 -91.77 62.46
CA UNK E 1928 7.70 -93.03 62.03
C UNK E 1928 6.86 -94.22 62.50
N UNK E 1929 6.48 -94.15 63.77
CA UNK E 1929 5.67 -95.18 64.40
C UNK E 1929 4.35 -95.36 63.66
N UNK E 1930 3.74 -94.22 63.37
CA UNK E 1930 2.46 -94.16 62.64
C UNK E 1930 2.59 -94.86 61.29
N UNK E 1931 3.67 -94.51 60.61
CA UNK E 1931 3.98 -95.05 59.28
C UNK E 1931 4.09 -96.58 59.35
N UNK E 1932 4.81 -97.02 60.36
CA UNK E 1932 5.04 -98.45 60.62
C UNK E 1932 3.70 -99.17 60.79
N UNK E 1933 2.83 -98.57 61.60
CA UNK E 1933 1.52 -99.16 61.87
C UNK E 1933 0.69 -99.26 60.60
N UNK E 1934 0.77 -98.23 59.76
CA UNK E 1934 0.03 -98.23 58.50
C UNK E 1934 0.53 -99.36 57.60
N UNK E 1935 1.84 -99.57 57.60
CA UNK E 1935 2.44 -100.64 56.81
C UNK E 1935 1.96 -102.00 57.29
N UNK E 1936 1.86 -102.15 58.61
CA UNK E 1936 1.41 -103.41 59.20
C UNK E 1936 -0.02 -103.72 58.78
N UNK E 1937 -0.86 -102.68 58.75
CA UNK E 1937 -2.25 -102.83 58.35
C UNK E 1937 -2.36 -103.26 56.89
N UNK E 1938 36.90 -65.82 18.77
CA UNK E 1938 37.16 -64.85 17.69
C UNK E 1938 36.60 -65.40 16.37
N UNK E 1939 36.93 -66.66 16.14
CA UNK E 1939 36.50 -67.39 14.92
C UNK E 1939 34.98 -67.39 14.83
N UNK E 1940 34.37 -67.71 15.95
CA UNK E 1940 32.90 -67.77 16.07
C UNK E 1940 32.29 -66.42 15.71
N UNK E 1941 32.88 -65.38 16.27
CA UNK E 1941 32.46 -64.00 16.05
C UNK E 1941 32.50 -63.66 14.56
N UNK E 1942 33.61 -64.04 13.96
CA UNK E 1942 33.87 -63.81 12.52
C UNK E 1942 32.76 -64.48 11.69
N UNK E 1943 32.49 -65.72 12.06
CA UNK E 1943 31.48 -66.54 11.39
C UNK E 1943 30.12 -65.85 11.45
N UNK E 1944 29.80 -65.37 12.65
CA UNK E 1944 28.56 -64.68 12.93
C UNK E 1944 28.42 -63.45 12.02
N UNK E 1945 29.51 -62.70 11.96
CA UNK E 1945 29.61 -61.49 11.14
C UNK E 1945 29.32 -61.82 9.68
N UNK E 1946 29.96 -62.87 9.23
CA UNK E 1946 29.82 -63.36 7.85
C UNK E 1946 28.36 -63.67 7.54
N UNK E 1947 27.75 -64.38 8.48
CA UNK E 1947 26.34 -64.79 8.39
C UNK E 1947 25.45 -63.56 8.25
N UNK E 1948 25.73 -62.58 9.09
CA UNK E 1948 24.99 -61.31 9.12
C UNK E 1948 25.08 -60.63 7.75
N UNK E 1949 26.29 -60.59 7.24
CA UNK E 1949 26.59 -59.98 5.94
C UNK E 1949 25.76 -60.65 4.85
N UNK E 1950 25.77 -61.97 4.89
CA UNK E 1950 25.04 -62.82 3.93
C UNK E 1950 23.55 -62.47 3.96
N UNK E 1951 23.04 -62.38 5.17
CA UNK E 1951 21.63 -62.06 5.43
C UNK E 1951 21.28 -60.70 4.80
N UNK E 1952 22.16 -59.75 5.05
CA UNK E 1952 22.02 -58.38 4.53
C UNK E 1952 21.94 -58.39 3.00
N UNK E 1953 46.12 -59.88 12.20
CA UNK E 1953 46.09 -58.60 11.47
C UNK E 1953 45.17 -58.71 10.25
N UNK E 1954 45.37 -59.80 9.54
CA UNK E 1954 44.60 -60.09 8.31
C UNK E 1954 43.12 -60.17 8.64
N UNK E 1955 42.83 -60.87 9.72
CA UNK E 1955 41.46 -61.07 10.21
C UNK E 1955 40.81 -59.71 10.50
N UNK E 1956 41.58 -58.89 11.19
CA UNK E 1956 41.16 -57.54 11.59
C UNK E 1956 40.79 -56.72 10.34
N UNK E 1957 41.68 -56.81 9.37
CA UNK E 1957 41.53 -56.11 8.09
C UNK E 1957 40.22 -56.52 7.41
N UNK E 1958 40.02 -57.82 7.40
CA UNK E 1958 38.83 -58.45 6.80
C UNK E 1958 37.56 -57.89 7.46
N UNK E 1959 37.61 -57.87 8.78
CA UNK E 1959 36.51 -57.38 9.62
C UNK E 1959 36.17 -55.93 9.25
N UNK E 1960 37.23 -55.14 9.15
CA UNK E 1960 37.14 -53.72 8.81
C UNK E 1960 36.43 -53.55 7.46
N UNK E 1961 36.89 -54.36 6.52
CA UNK E 1961 36.36 -54.36 5.15
C UNK E 1961 34.85 -54.65 5.17
N UNK E 1962 34.51 -55.67 5.94
CA UNK E 1962 33.12 -56.11 6.11
C UNK E 1962 32.26 -54.96 6.63
N UNK E 1963 32.80 -54.30 7.66
CA UNK E 1963 32.15 -53.17 8.31
C UNK E 1963 31.87 -52.07 7.28
N UNK E 1964 32.89 -51.78 6.50
CA UNK E 1964 32.85 -50.75 5.45
C UNK E 1964 31.72 -51.07 4.47
N UNK E 1965 31.69 -52.33 4.07
CA UNK E 1965 30.69 -52.84 3.12
C UNK E 1965 29.29 -52.62 3.66
N UNK E 1966 29.14 -52.97 4.93
CA UNK E 1966 27.86 -52.84 5.66
C UNK E 1966 27.40 -51.38 5.64
N UNK E 1967 28.35 -50.51 5.95
CA UNK E 1967 28.12 -49.07 5.99
C UNK E 1967 27.61 -48.58 4.63
N UNK E 1968 28.30 -49.03 3.60
CA UNK E 1968 27.98 -48.69 2.21
C UNK E 1968 26.53 -49.09 1.89
N UNK E 1969 26.22 -50.31 2.28
CA UNK E 1969 24.90 -50.91 2.06
C UNK E 1969 23.82 -50.03 2.72
N UNK E 1970 24.12 -49.66 3.96
CA UNK E 1970 23.22 -48.82 4.77
C UNK E 1970 22.95 -47.50 4.05
N UNK E 1971 30.35 -66.71 -24.27
CA UNK E 1971 30.52 -66.09 -22.96
C UNK E 1971 29.37 -66.45 -22.02
N UNK E 1972 28.18 -66.59 -22.57
CA UNK E 1972 27.00 -66.93 -21.78
C UNK E 1972 27.17 -68.31 -21.14
N UNK E 1973 27.71 -69.25 -21.90
CA UNK E 1973 27.97 -70.58 -21.38
C UNK E 1973 28.95 -70.54 -20.22
N UNK E 1974 29.98 -69.71 -20.37
CA UNK E 1974 30.98 -69.52 -19.33
C UNK E 1974 30.33 -68.95 -18.08
N UNK E 1975 29.42 -68.00 -18.27
CA UNK E 1975 28.69 -67.41 -17.15
C UNK E 1975 27.85 -68.45 -16.44
N UNK E 1976 27.23 -69.33 -17.22
CA UNK E 1976 26.43 -70.41 -16.67
C UNK E 1976 27.30 -71.36 -15.85
N UNK E 1977 28.50 -71.62 -16.35
CA UNK E 1977 29.45 -72.47 -15.64
C UNK E 1977 29.85 -71.83 -14.32
N UNK E 1978 30.05 -70.52 -14.35
CA UNK E 1978 30.39 -69.78 -13.14
C UNK E 1978 29.26 -69.87 -12.12
N UNK E 1979 28.02 -69.77 -12.61
CA UNK E 1979 26.85 -69.89 -11.76
C UNK E 1979 26.79 -71.27 -11.13
N UNK E 1980 27.12 -72.29 -11.92
CA UNK E 1980 27.15 -73.67 -11.42
C UNK E 1980 28.21 -73.81 -10.33
N UNK E 1981 29.34 -73.14 -10.46
CA UNK E 1981 30.30 -73.05 -9.35
C UNK E 1981 29.73 -72.23 -8.17
N UNK E 1982 28.98 -71.19 -8.54
CA UNK E 1982 28.50 -70.24 -7.54
C UNK E 1982 27.57 -70.82 -6.49
N UNK E 1983 26.54 -71.56 -6.89
CA UNK E 1983 25.66 -72.18 -5.90
C UNK E 1983 26.56 -73.12 -5.12
N UNK E 1984 27.44 -73.80 -5.84
CA UNK E 1984 28.49 -74.63 -5.23
C UNK E 1984 29.40 -73.69 -4.45
N UNK E 1985 29.65 -72.53 -5.04
CA UNK E 1985 30.53 -71.52 -4.47
C UNK E 1985 30.01 -70.99 -3.13
N UNK E 1986 28.70 -70.87 -2.99
CA UNK E 1986 28.16 -70.33 -1.75
C UNK E 1986 28.59 -71.20 -0.57
N UNK E 1987 28.53 -72.53 -0.75
CA UNK E 1987 28.99 -73.44 0.29
C UNK E 1987 30.49 -73.23 0.53
N UNK E 1988 31.23 -73.04 -0.56
CA UNK E 1988 32.65 -72.79 -0.49
C UNK E 1988 32.94 -71.49 0.24
N UNK E 1989 32.12 -70.47 -0.02
CA UNK E 1989 32.27 -69.19 0.64
C UNK E 1989 32.04 -69.35 2.13
N UNK E 1990 31.04 -70.17 2.48
CA UNK E 1990 30.74 -70.46 3.88
C UNK E 1990 31.91 -71.15 4.56
N UNK E 1991 32.55 -72.09 3.85
CA UNK E 1991 33.68 -72.83 4.39
C UNK E 1991 34.87 -71.92 4.71
N UNK E 1992 35.12 -70.97 3.83
CA UNK E 1992 36.22 -70.02 3.99
C UNK E 1992 36.13 -69.38 5.35
N UNK E 1993 34.90 -69.06 5.75
CA UNK E 1993 34.71 -68.39 7.01
C UNK E 1993 35.23 -69.38 8.00
N UNK E 1994 34.90 -70.63 7.76
CA UNK E 1994 35.49 -71.70 8.52
C UNK E 1994 36.94 -71.31 8.70
N UNK E 1995 24.33 -60.77 -7.49
CA UNK E 1995 25.31 -59.70 -7.73
C UNK E 1995 25.98 -59.29 -6.43
N UNK E 1996 25.15 -59.11 -5.43
CA UNK E 1996 25.58 -58.70 -4.08
C UNK E 1996 26.57 -59.73 -3.53
N UNK E 1997 26.19 -60.98 -3.67
CA UNK E 1997 26.99 -62.12 -3.22
C UNK E 1997 28.37 -62.10 -3.88
N UNK E 1998 28.34 -61.89 -5.17
CA UNK E 1998 29.55 -61.83 -6.01
C UNK E 1998 30.48 -60.72 -5.49
N UNK E 1999 29.87 -59.58 -5.24
CA UNK E 1999 30.58 -58.39 -4.74
C UNK E 1999 31.28 -58.72 -3.42
N UNK E 2000 30.51 -59.36 -2.56
CA UNK E 2000 30.98 -59.77 -1.22
C UNK E 2000 32.21 -60.67 -1.36
N UNK E 2001 32.09 -61.63 -2.25
CA UNK E 2001 33.14 -62.61 -2.55
C UNK E 2001 34.41 -61.88 -2.98
N UNK E 2002 34.22 -60.94 -3.88
CA UNK E 2002 35.31 -60.13 -4.44
C UNK E 2002 36.03 -59.40 -3.31
N UNK E 2003 35.23 -58.79 -2.45
CA UNK E 2003 35.72 -58.03 -1.29
C UNK E 2003 36.59 -58.93 -0.41
N UNK E 2004 36.07 -60.12 -0.16
CA UNK E 2004 36.74 -61.13 0.66
C UNK E 2004 38.11 -61.47 0.08
N UNK E 2005 38.08 -61.69 -1.22
CA UNK E 2005 39.29 -62.03 -2.00
C UNK E 2005 40.35 -60.94 -1.83
N UNK E 2006 39.87 -59.71 -1.98
CA UNK E 2006 40.71 -58.51 -1.87
C UNK E 2006 41.38 -58.47 -0.49
N UNK E 2007 40.56 -58.71 0.51
CA UNK E 2007 40.99 -58.72 1.92
C UNK E 2007 42.09 -59.75 2.12
N UNK E 2008 41.86 -60.92 1.58
CA UNK E 2008 42.79 -62.06 1.64
C UNK E 2008 44.14 -61.65 1.04
N UNK E 2009 41.58 -75.42 -8.85
CA UNK E 2009 42.75 -74.59 -9.14
C UNK E 2009 42.62 -73.24 -8.43
N UNK E 2010 41.44 -72.67 -8.58
CA UNK E 2010 41.10 -71.36 -7.99
C UNK E 2010 41.28 -71.42 -6.47
N UNK E 2011 40.73 -72.48 -5.90
CA UNK E 2011 40.79 -72.73 -4.46
C UNK E 2011 42.25 -72.77 -3.99
N UNK E 2012 43.03 -73.51 -4.74
CA UNK E 2012 44.46 -73.69 -4.48
C UNK E 2012 45.17 -72.33 -4.45
N UNK E 2013 44.85 -71.55 -5.48
CA UNK E 2013 45.41 -70.20 -5.65
C UNK E 2013 45.10 -69.34 -4.42
N UNK E 2014 43.84 -69.41 -4.03
CA UNK E 2014 43.32 -68.66 -2.87
C UNK E 2014 44.12 -69.02 -1.61
N UNK E 2015 44.29 -70.32 -1.45
CA UNK E 2015 45.02 -70.90 -0.31
C UNK E 2015 46.44 -70.34 -0.27
N UNK E 2016 47.06 -70.36 -1.44
CA UNK E 2016 48.44 -69.86 -1.63
C UNK E 2016 48.53 -68.40 -1.19
N UNK E 2017 47.57 -67.64 -1.67
CA UNK E 2017 47.47 -66.20 -1.38
C UNK E 2017 47.39 -65.97 0.14
N UNK E 2018 46.53 -66.76 0.75
CA UNK E 2018 46.30 -66.71 2.20
C UNK E 2018 47.61 -66.96 2.94
N UNK E 2019 48.30 -68.00 2.50
CA UNK E 2019 49.59 -68.41 3.06
C UNK E 2019 50.59 -67.26 2.99
N UNK E 2020 50.63 -66.65 1.82
CA UNK E 2020 51.53 -65.52 1.54
C UNK E 2020 51.26 -64.38 2.52
N UNK E 2021 68.79 -62.36 -5.62
CA UNK E 2021 67.79 -61.39 -5.99
C UNK E 2021 67.14 -61.77 -7.30
N UNK E 2022 67.96 -61.88 -8.34
CA UNK E 2022 67.51 -62.24 -9.68
C UNK E 2022 66.91 -63.63 -9.71
N UNK E 2023 67.52 -64.51 -8.93
CA UNK E 2023 67.00 -65.85 -8.73
C UNK E 2023 65.66 -65.71 -8.05
N UNK E 2024 65.60 -64.73 -7.17
CA UNK E 2024 64.38 -64.50 -6.43
C UNK E 2024 63.33 -64.19 -7.46
N UNK E 2025 63.73 -63.39 -8.44
CA UNK E 2025 62.87 -62.97 -9.52
C UNK E 2025 62.40 -64.14 -10.35
N UNK E 2026 63.29 -65.06 -10.63
CA UNK E 2026 62.91 -66.22 -11.41
C UNK E 2026 61.87 -67.03 -10.66
N UNK E 2027 62.07 -67.18 -9.36
CA UNK E 2027 61.14 -67.92 -8.53
C UNK E 2027 59.78 -67.25 -8.48
N UNK E 2028 59.83 -65.92 -8.42
CA UNK E 2028 58.66 -65.09 -8.35
C UNK E 2028 57.90 -65.28 -9.62
N UNK E 2029 58.66 -65.38 -10.69
CA UNK E 2029 58.13 -65.55 -12.00
C UNK E 2029 57.40 -66.85 -12.03
N UNK E 2030 57.97 -67.86 -11.41
CA UNK E 2030 57.34 -69.16 -11.35
C UNK E 2030 56.02 -69.06 -10.61
N UNK E 2031 56.01 -68.34 -9.50
CA UNK E 2031 54.79 -68.20 -8.74
C UNK E 2031 53.73 -67.48 -9.56
N UNK E 2032 54.18 -66.48 -10.29
CA UNK E 2032 53.34 -65.66 -11.14
C UNK E 2032 52.74 -66.47 -12.26
N UNK E 2033 53.52 -67.37 -12.78
CA UNK E 2033 53.14 -68.30 -13.83
C UNK E 2033 52.08 -69.23 -13.30
N UNK E 2034 52.27 -69.61 -12.06
CA UNK E 2034 51.32 -70.46 -11.39
C UNK E 2034 50.04 -69.67 -11.36
N UNK E 2035 50.19 -68.39 -11.08
CA UNK E 2035 49.06 -67.50 -10.98
C UNK E 2035 48.34 -67.45 -12.32
N UNK E 2036 49.11 -67.34 -13.39
CA UNK E 2036 48.55 -67.41 -14.72
C UNK E 2036 48.31 -68.89 -14.98
N UNK E 2037 67.69 -48.77 -12.52
CA UNK E 2037 66.59 -48.73 -11.56
C UNK E 2037 65.81 -50.01 -11.63
N UNK E 2038 66.35 -50.97 -12.37
CA UNK E 2038 65.66 -52.23 -12.57
C UNK E 2038 65.44 -53.06 -11.31
N UNK E 2039 66.42 -53.13 -10.42
CA UNK E 2039 66.25 -53.88 -9.17
C UNK E 2039 65.15 -53.29 -8.30
N UNK E 2040 65.14 -51.97 -8.27
CA UNK E 2040 64.16 -51.21 -7.52
C UNK E 2040 62.84 -51.53 -8.13
N UNK E 2041 62.88 -51.59 -9.44
CA UNK E 2041 61.70 -51.81 -10.21
C UNK E 2041 61.17 -53.15 -9.84
N UNK E 2042 62.05 -54.13 -9.66
CA UNK E 2042 61.67 -55.46 -9.25
C UNK E 2042 61.02 -55.53 -7.87
N UNK E 2043 61.55 -54.78 -6.92
CA UNK E 2043 60.92 -54.75 -5.59
C UNK E 2043 59.51 -54.18 -5.70
N UNK E 2044 59.48 -53.15 -6.53
CA UNK E 2044 58.32 -52.33 -6.74
C UNK E 2044 57.33 -53.29 -7.29
N UNK E 2045 57.86 -54.13 -8.15
CA UNK E 2045 57.22 -55.19 -8.89
C UNK E 2045 56.61 -56.28 -8.06
N UNK E 2046 57.28 -56.71 -7.01
CA UNK E 2046 56.65 -57.73 -6.21
C UNK E 2046 55.42 -57.03 -5.69
N UNK E 2047 55.60 -55.77 -5.32
CA UNK E 2047 54.43 -55.04 -4.80
C UNK E 2047 53.31 -54.90 -5.84
N UNK E 2048 53.70 -54.64 -7.07
CA UNK E 2048 52.82 -54.48 -8.19
C UNK E 2048 52.06 -55.75 -8.47
N UNK E 2049 52.78 -56.86 -8.36
CA UNK E 2049 52.22 -58.15 -8.59
C UNK E 2049 51.15 -58.37 -7.58
N UNK E 2050 51.42 -57.96 -6.36
CA UNK E 2050 50.45 -58.13 -5.32
C UNK E 2050 49.21 -57.34 -5.67
N UNK E 2051 49.43 -56.14 -6.18
CA UNK E 2051 48.33 -55.27 -6.59
C UNK E 2051 47.49 -55.84 -7.72
N UNK E 2052 48.18 -56.45 -8.67
CA UNK E 2052 47.57 -57.07 -9.82
C UNK E 2052 46.71 -58.17 -9.32
N UNK E 2053 47.26 -58.84 -8.32
CA UNK E 2053 46.64 -59.96 -7.69
C UNK E 2053 45.36 -59.50 -7.05
N UNK E 2054 45.43 -58.33 -6.44
CA UNK E 2054 44.28 -57.75 -5.79
C UNK E 2054 43.22 -57.49 -6.83
N UNK E 2055 43.66 -57.02 -7.98
CA UNK E 2055 42.73 -56.73 -9.06
C UNK E 2055 42.04 -58.01 -9.49
N UNK E 2056 42.80 -59.08 -9.56
CA UNK E 2056 42.22 -60.35 -9.93
C UNK E 2056 40.93 -60.13 -10.68
N UNK E 2057 73.89 -68.94 -23.03
CA UNK E 2057 73.49 -69.10 -21.64
C UNK E 2057 72.33 -68.17 -21.28
N UNK E 2058 72.62 -66.87 -21.25
CA UNK E 2058 71.61 -65.88 -20.92
C UNK E 2058 70.48 -65.90 -21.96
N UNK E 2059 70.85 -66.04 -23.22
CA UNK E 2059 69.88 -66.10 -24.30
C UNK E 2059 68.99 -67.32 -24.12
N UNK E 2060 69.61 -68.44 -23.73
CA UNK E 2060 68.89 -69.68 -23.50
C UNK E 2060 67.90 -69.52 -22.36
N UNK E 2061 68.32 -68.81 -21.31
CA UNK E 2061 67.46 -68.57 -20.16
C UNK E 2061 66.41 -67.52 -20.48
N UNK E 2062 66.79 -66.54 -21.29
CA UNK E 2062 65.89 -65.47 -21.68
C UNK E 2062 64.74 -66.02 -22.52
N UNK E 2063 65.07 -66.95 -23.42
CA UNK E 2063 64.06 -67.60 -24.25
C UNK E 2063 63.08 -68.37 -23.39
N UNK E 2064 63.60 -69.05 -22.38
CA UNK E 2064 62.76 -69.81 -21.46
C UNK E 2064 61.82 -68.87 -20.71
N UNK E 2065 62.34 -67.72 -20.31
CA UNK E 2065 61.55 -66.72 -19.61
C UNK E 2065 60.43 -66.22 -20.52
N UNK E 2066 60.76 -66.01 -21.79
CA UNK E 2066 59.77 -65.57 -22.77
C UNK E 2066 58.68 -66.62 -22.93
N UNK E 2067 59.08 -67.88 -22.95
CA UNK E 2067 58.13 -68.99 -23.06
C UNK E 2067 57.21 -69.00 -21.86
N UNK E 2068 57.78 -68.76 -20.68
CA UNK E 2068 56.99 -68.71 -19.45
C UNK E 2068 55.98 -67.58 -19.51
N UNK E 2069 56.41 -66.44 -20.05
CA UNK E 2069 55.53 -65.28 -20.19
C UNK E 2069 54.38 -65.63 -21.14
N UNK E 2070 54.70 -66.34 -22.22
CA UNK E 2070 53.70 -66.75 -23.18
C UNK E 2070 52.68 -67.69 -22.52
N UNK E 2071 41.04 -73.82 -27.86
CA UNK E 2071 41.75 -72.68 -27.30
C UNK E 2071 43.19 -73.06 -27.14
N UNK E 2072 43.40 -74.23 -26.57
CA UNK E 2072 44.73 -74.71 -26.32
C UNK E 2072 45.43 -74.86 -27.64
N UNK E 2073 44.71 -75.36 -28.62
CA UNK E 2073 45.28 -75.56 -29.94
C UNK E 2073 45.68 -74.22 -30.51
N UNK E 2074 44.83 -73.22 -30.30
CA UNK E 2074 45.11 -71.93 -30.85
C UNK E 2074 46.39 -71.41 -30.23
N UNK E 2075 46.51 -71.65 -28.94
CA UNK E 2075 47.66 -71.20 -28.21
C UNK E 2075 48.90 -71.88 -28.75
N UNK E 2076 48.77 -73.16 -29.04
CA UNK E 2076 49.90 -73.91 -29.54
C UNK E 2076 50.33 -73.33 -30.85
N UNK E 2077 49.36 -72.98 -31.68
CA UNK E 2077 49.67 -72.41 -32.97
C UNK E 2077 50.39 -71.08 -32.84
N UNK E 2078 49.94 -70.29 -31.90
CA UNK E 2078 50.51 -68.99 -31.69
C UNK E 2078 51.95 -69.17 -31.27
N UNK E 2079 52.13 -70.17 -30.43
CA UNK E 2079 53.42 -70.49 -29.89
C UNK E 2079 54.35 -70.89 -31.01
N UNK E 2080 53.84 -71.67 -31.96
CA UNK E 2080 54.64 -72.09 -33.10
C UNK E 2080 55.06 -70.91 -33.95
N UNK E 2081 54.12 -69.98 -34.10
CA UNK E 2081 54.43 -68.84 -34.93
C UNK E 2081 55.56 -68.16 -34.21
N UNK E 2082 55.46 -68.10 -32.91
CA UNK E 2082 56.47 -67.45 -32.10
C UNK E 2082 57.84 -68.11 -32.19
N UNK E 2083 57.85 -69.43 -32.19
CA UNK E 2083 59.10 -70.17 -32.19
C UNK E 2083 59.77 -69.80 -33.47
N UNK E 2084 59.01 -69.69 -34.55
CA UNK E 2084 59.61 -69.12 -35.74
C UNK E 2084 59.46 -67.63 -35.50
N UNK E 2085 61.50 -66.49 -32.31
CA UNK E 2085 62.75 -66.58 -31.60
C UNK E 2085 62.84 -65.48 -30.56
N UNK E 2086 63.91 -65.53 -29.78
CA UNK E 2086 64.19 -64.52 -28.79
C UNK E 2086 64.47 -63.18 -29.47
N UNK E 2087 65.16 -63.24 -30.60
CA UNK E 2087 65.68 -62.03 -31.26
C UNK E 2087 64.57 -61.02 -31.49
N UNK E 2088 63.47 -61.61 -31.89
CA UNK E 2088 62.26 -60.93 -32.23
C UNK E 2088 61.82 -60.26 -30.98
N UNK E 2089 62.00 -61.00 -29.90
CA UNK E 2089 61.66 -60.62 -28.55
C UNK E 2089 62.45 -59.43 -28.07
N UNK E 2090 63.73 -59.37 -28.40
CA UNK E 2090 64.50 -58.23 -28.01
C UNK E 2090 63.86 -57.07 -28.74
N UNK E 2091 63.51 -57.33 -29.99
CA UNK E 2091 62.92 -56.27 -30.79
C UNK E 2091 61.60 -55.79 -30.20
N UNK E 2092 60.81 -56.75 -29.73
CA UNK E 2092 59.52 -56.55 -29.09
C UNK E 2092 59.59 -55.77 -27.80
N UNK E 2093 60.62 -56.06 -27.04
CA UNK E 2093 60.84 -55.38 -25.79
C UNK E 2093 61.09 -53.95 -26.17
N UNK E 2094 61.84 -53.78 -27.25
CA UNK E 2094 62.17 -52.43 -27.67
C UNK E 2094 60.88 -51.76 -28.03
N UNK E 2095 60.02 -52.53 -28.69
CA UNK E 2095 58.69 -52.10 -28.98
C UNK E 2095 57.89 -52.41 -27.73
N UNK E 2096 33.66 -52.33 -41.87
CA UNK E 2096 32.69 -53.11 -41.08
C UNK E 2096 33.25 -54.52 -40.82
N UNK E 2097 33.74 -55.10 -41.89
CA UNK E 2097 34.31 -56.46 -41.87
C UNK E 2097 35.47 -56.52 -40.86
N UNK E 2098 36.32 -55.51 -40.96
CA UNK E 2098 37.50 -55.37 -40.11
C UNK E 2098 37.07 -55.32 -38.64
N UNK E 2099 36.07 -54.51 -38.40
CA UNK E 2099 35.51 -54.31 -37.06
C UNK E 2099 35.02 -55.65 -36.49
N UNK E 2100 34.30 -56.36 -37.33
CA UNK E 2100 33.73 -57.67 -37.00
C UNK E 2100 34.85 -58.63 -36.59
N UNK E 2101 35.89 -58.62 -37.40
CA UNK E 2101 37.07 -59.46 -37.19
C UNK E 2101 37.69 -59.17 -35.83
N UNK E 2102 37.84 -57.90 -35.57
CA UNK E 2102 38.41 -57.39 -34.31
C UNK E 2102 37.59 -57.91 -33.12
N UNK E 2103 36.29 -57.78 -33.26
CA UNK E 2103 35.33 -58.22 -32.24
C UNK E 2103 35.51 -59.70 -31.95
N UNK E 2104 35.61 -60.46 -33.03
CA UNK E 2104 35.79 -61.92 -32.96
C UNK E 2104 37.06 -62.26 -32.19
N UNK E 2105 38.11 -61.55 -32.54
CA UNK E 2105 39.43 -61.71 -31.91
C UNK E 2105 39.33 -61.47 -30.40
N UNK E 2106 38.66 -60.39 -30.07
CA UNK E 2106 38.44 -59.99 -28.68
C UNK E 2106 37.72 -61.10 -27.91
N UNK E 2107 36.69 -61.61 -28.55
CA UNK E 2107 35.86 -62.69 -27.99
C UNK E 2107 36.74 -63.92 -27.69
N UNK E 2108 37.55 -64.24 -28.66
CA UNK E 2108 38.48 -65.38 -28.58
C UNK E 2108 39.41 -65.22 -27.38
N UNK E 2109 39.95 -64.02 -27.28
CA UNK E 2109 40.87 -63.64 -26.19
C UNK E 2109 40.19 -63.86 -24.84
N UNK E 2110 38.97 -63.37 -24.76
CA UNK E 2110 38.14 -63.46 -23.56
C UNK E 2110 37.97 -64.94 -23.15
N UNK E 2111 55.17 -53.84 -36.24
CA UNK E 2111 55.97 -54.50 -37.28
C UNK E 2111 55.99 -56.01 -37.07
N UNK E 2112 56.22 -56.38 -35.83
CA UNK E 2112 56.28 -57.79 -35.41
C UNK E 2112 54.96 -58.49 -35.73
N UNK E 2113 53.89 -57.80 -35.37
CA UNK E 2113 52.51 -58.28 -35.59
C UNK E 2113 52.28 -58.54 -37.07
N UNK E 2114 52.70 -57.57 -37.87
CA UNK E 2114 52.57 -57.62 -39.33
C UNK E 2114 53.30 -58.85 -39.88
N UNK E 2115 54.50 -59.02 -39.38
CA UNK E 2115 55.37 -60.15 -39.77
C UNK E 2115 54.67 -61.48 -39.49
N UNK E 2116 54.12 -61.55 -38.28
CA UNK E 2116 53.40 -62.73 -37.80
C UNK E 2116 52.24 -63.06 -38.74
N UNK E 2117 51.47 -62.04 -39.11
CA UNK E 2117 50.33 -62.25 -39.98
C UNK E 2117 50.80 -62.78 -41.32
N UNK E 2118 51.89 -62.23 -41.83
CA UNK E 2118 52.45 -62.70 -43.09
C UNK E 2118 52.92 -64.15 -42.96
N UNK E 2119 53.54 -64.46 -41.84
CA UNK E 2119 54.02 -65.83 -41.58
C UNK E 2119 52.85 -66.81 -41.53
N UNK E 2120 51.77 -66.40 -40.88
CA UNK E 2120 50.57 -67.20 -40.78
C UNK E 2120 49.98 -67.40 -42.16
N UNK E 2121 50.01 -66.32 -42.94
CA UNK E 2121 49.46 -66.31 -44.30
C UNK E 2121 50.21 -67.32 -45.18
N UNK E 2122 51.53 -67.26 -45.06
CA UNK E 2122 52.45 -68.14 -45.81
C UNK E 2122 52.14 -69.60 -45.48
N UNK E 2123 51.99 -69.86 -44.20
CA UNK E 2123 51.69 -71.19 -43.68
C UNK E 2123 50.39 -71.71 -44.29
N UNK E 2124 49.40 -70.84 -44.28
CA UNK E 2124 48.06 -71.13 -44.82
C UNK E 2124 48.17 -71.54 -46.28
N UNK E 2125 48.94 -70.73 -47.01
CA UNK E 2125 49.17 -70.92 -48.45
C UNK E 2125 49.78 -72.31 -48.69
N UNK E 2126 50.78 -72.61 -47.88
CA UNK E 2126 51.50 -73.88 -47.94
C UNK E 2126 50.53 -75.05 -47.75
N UNK E 2127 49.70 -74.90 -46.74
CA UNK E 2127 48.68 -75.89 -46.38
C UNK E 2127 47.75 -76.15 -47.57
N UNK E 2128 47.28 -75.07 -48.19
CA UNK E 2128 46.40 -75.18 -49.35
C UNK E 2128 47.04 -75.99 -50.47
N UNK E 2129 41.03 -62.24 -52.25
CA UNK E 2129 42.43 -61.87 -52.21
C UNK E 2129 42.57 -60.40 -52.60
N UNK E 2130 41.82 -60.00 -53.62
CA UNK E 2130 41.84 -58.62 -54.12
C UNK E 2130 41.29 -57.62 -53.10
N UNK E 2131 40.21 -57.99 -52.44
CA UNK E 2131 39.64 -57.11 -51.44
C UNK E 2131 40.68 -56.98 -50.38
N UNK E 2132 41.32 -58.09 -50.09
CA UNK E 2132 42.30 -58.14 -49.02
C UNK E 2132 43.43 -57.20 -49.36
N UNK E 2133 43.86 -57.20 -50.62
CA UNK E 2133 44.92 -56.31 -51.10
C UNK E 2133 44.57 -54.83 -51.06
N UNK E 2134 43.34 -54.50 -51.42
CA UNK E 2134 42.93 -53.10 -51.36
C UNK E 2134 43.03 -52.69 -49.90
N UNK E 2135 42.59 -53.62 -49.08
CA UNK E 2135 42.56 -53.43 -47.65
C UNK E 2135 43.96 -53.21 -47.13
N UNK E 2136 44.89 -53.97 -47.68
CA UNK E 2136 46.29 -53.92 -47.31
C UNK E 2136 46.85 -52.56 -47.64
N UNK E 2137 46.48 -52.05 -48.80
CA UNK E 2137 46.97 -50.75 -49.20
C UNK E 2137 46.48 -49.78 -48.15
N UNK E 2138 45.22 -49.93 -47.78
CA UNK E 2138 44.64 -49.02 -46.81
C UNK E 2138 45.33 -49.09 -45.45
N UNK E 2139 45.65 -50.29 -45.02
CA UNK E 2139 46.31 -50.52 -43.76
C UNK E 2139 47.69 -49.91 -43.74
N UNK E 2140 48.39 -50.05 -44.85
CA UNK E 2140 49.73 -49.51 -44.93
C UNK E 2140 49.57 -48.03 -44.78
N UNK E 2141 48.56 -47.53 -45.47
CA UNK E 2141 48.10 -46.18 -45.29
C UNK E 2141 47.72 -46.05 -43.82
N UNK E 2142 57.59 -49.29 -46.62
CA UNK E 2142 56.27 -49.76 -46.15
C UNK E 2142 55.32 -49.87 -47.33
N UNK E 2143 55.31 -48.81 -48.13
CA UNK E 2143 54.46 -48.71 -49.33
C UNK E 2143 54.75 -49.88 -50.28
N UNK E 2144 56.03 -50.09 -50.48
CA UNK E 2144 56.54 -51.16 -51.36
C UNK E 2144 56.03 -52.52 -50.89
N UNK E 2145 56.16 -52.71 -49.59
CA UNK E 2145 55.73 -53.95 -48.92
C UNK E 2145 54.24 -54.19 -49.17
N UNK E 2146 53.48 -53.12 -48.98
CA UNK E 2146 52.02 -53.13 -49.16
C UNK E 2146 51.68 -53.57 -50.59
N UNK E 2147 52.39 -52.95 -51.52
CA UNK E 2147 52.22 -53.22 -52.95
C UNK E 2147 52.46 -54.69 -53.25
N UNK E 2148 53.53 -55.19 -52.68
CA UNK E 2148 53.95 -56.60 -52.83
C UNK E 2148 52.85 -57.52 -52.34
N UNK E 2149 52.33 -57.18 -51.17
CA UNK E 2149 51.26 -57.93 -50.51
C UNK E 2149 50.03 -58.00 -51.43
N UNK E 2150 49.70 -56.84 -51.97
CA UNK E 2150 48.55 -56.68 -52.88
C UNK E 2150 48.71 -57.61 -54.09
N UNK E 2151 49.91 -57.57 -54.64
CA UNK E 2151 50.28 -58.37 -55.81
C UNK E 2151 50.08 -59.85 -55.51
N UNK E 2152 50.58 -60.25 -54.35
CA UNK E 2152 50.48 -61.64 -53.86
C UNK E 2152 49.01 -62.07 -53.79
N UNK E 2153 48.22 -61.18 -53.21
CA UNK E 2153 46.77 -61.40 -53.04
C UNK E 2153 46.11 -61.64 -54.41
N UNK E 2154 46.48 -60.78 -55.33
CA UNK E 2154 45.97 -60.82 -56.71
C UNK E 2154 46.29 -62.18 -57.35
N UNK E 2155 47.53 -62.58 -57.16
CA UNK E 2155 48.05 -63.84 -57.69
C UNK E 2155 47.22 -65.01 -57.15
N UNK E 2156 47.00 -64.96 -55.84
CA UNK E 2156 46.24 -65.97 -55.11
C UNK E 2156 44.83 -66.09 -55.71
N UNK E 2157 55.25 -70.09 -55.62
CA UNK E 2157 56.13 -69.19 -54.87
C UNK E 2157 57.02 -68.40 -55.83
N UNK E 2158 57.60 -69.15 -56.76
CA UNK E 2158 58.50 -68.60 -57.79
C UNK E 2158 57.76 -67.52 -58.60
N UNK E 2159 56.56 -67.88 -59.00
CA UNK E 2159 55.69 -67.00 -59.79
C UNK E 2159 55.45 -65.68 -59.03
N UNK E 2160 55.12 -65.85 -57.76
CA UNK E 2160 54.85 -64.73 -56.86
C UNK E 2160 56.06 -63.79 -56.80
N UNK E 2161 57.21 -64.41 -56.64
CA UNK E 2161 58.51 -63.70 -56.56
C UNK E 2161 58.72 -62.87 -57.82
N UNK E 2162 58.47 -63.53 -58.95
CA UNK E 2162 58.62 -62.92 -60.28
C UNK E 2162 57.74 -61.68 -60.38
N UNK E 2163 56.50 -61.86 -59.95
CA UNK E 2163 55.48 -60.79 -59.97
C UNK E 2163 55.97 -59.59 -59.15
N UNK E 2164 56.48 -59.91 -57.98
CA UNK E 2164 57.01 -58.91 -57.04
C UNK E 2164 58.13 -58.11 -57.71
N UNK E 2165 59.02 -58.85 -58.34
CA UNK E 2165 60.17 -58.28 -59.05
C UNK E 2165 59.69 -57.30 -60.12
N UNK E 2166 58.71 -57.76 -60.88
CA UNK E 2166 58.10 -56.97 -61.96
C UNK E 2166 57.55 -55.66 -61.41
N UNK E 2167 56.84 -55.78 -60.31
CA UNK E 2167 56.21 -54.65 -59.62
C UNK E 2167 57.28 -53.62 -59.23
N UNK E 2168 58.35 -54.15 -58.65
CA UNK E 2168 59.49 -53.35 -58.21
C UNK E 2168 60.08 -52.56 -59.38
N UNK E 2169 60.25 -53.27 -60.47
CA UNK E 2169 60.80 -52.71 -61.71
C UNK E 2169 59.93 -51.55 -62.19
N UNK E 2170 63.33 -61.16 -44.17
CA UNK E 2170 62.73 -62.44 -43.77
C UNK E 2170 61.78 -62.93 -44.88
N UNK E 2171 60.94 -62.00 -45.30
CA UNK E 2171 59.95 -62.23 -46.37
C UNK E 2171 60.63 -62.74 -47.64
N UNK E 2172 61.69 -62.03 -47.98
CA UNK E 2172 62.51 -62.33 -49.17
C UNK E 2172 63.05 -63.75 -49.09
N UNK E 2173 63.58 -64.06 -47.92
CA UNK E 2173 64.16 -65.39 -47.62
C UNK E 2173 63.11 -66.47 -47.83
N UNK E 2174 61.93 -66.20 -47.29
CA UNK E 2174 60.79 -67.12 -47.37
C UNK E 2174 60.44 -67.39 -48.83
N UNK E 2175 60.38 -66.31 -49.58
CA UNK E 2175 60.07 -66.34 -51.02
C UNK E 2175 61.06 -67.24 -51.76
N UNK E 2176 62.33 -67.01 -51.44
CA UNK E 2176 63.45 -67.76 -52.02
C UNK E 2176 63.27 -69.25 -51.75
N UNK E 2177 62.97 -69.54 -50.51
CA UNK E 2177 62.76 -70.92 -50.04
C UNK E 2177 61.64 -71.58 -50.85
N UNK E 2178 60.56 -70.84 -50.99
CA UNK E 2178 59.37 -71.29 -51.73
C UNK E 2178 59.76 -71.63 -53.18
N UNK E 2179 60.52 -70.74 -53.76
CA UNK E 2179 61.01 -70.87 -55.15
C UNK E 2179 61.81 -72.17 -55.29
N UNK E 2180 62.69 -72.36 -54.33
CA UNK E 2180 63.58 -73.53 -54.28
C UNK E 2180 62.74 -74.82 -54.24
N UNK E 2181 63.88 -48.30 -55.45
CA UNK E 2181 65.27 -48.42 -54.99
C UNK E 2181 65.32 -49.26 -53.72
N UNK E 2182 64.42 -48.91 -52.81
CA UNK E 2182 64.29 -49.60 -51.51
C UNK E 2182 64.03 -51.09 -51.72
N UNK E 2183 63.10 -51.35 -52.62
CA UNK E 2183 62.70 -52.71 -52.98
C UNK E 2183 63.91 -53.51 -53.48
N UNK E 2184 64.64 -52.86 -54.37
CA UNK E 2184 65.85 -53.43 -54.98
C UNK E 2184 66.86 -53.81 -53.90
N UNK E 2185 67.04 -52.88 -52.99
CA UNK E 2185 67.97 -53.03 -51.85
C UNK E 2185 67.58 -54.27 -51.03
N UNK E 2186 66.29 -54.34 -50.76
CA UNK E 2186 65.71 -55.44 -49.97
C UNK E 2186 66.00 -56.78 -50.65
N UNK E 2187 65.77 -56.79 -51.95
CA UNK E 2187 65.99 -57.97 -52.79
C UNK E 2187 67.45 -58.43 -52.69
N UNK E 2188 68.32 -57.45 -52.80
CA UNK E 2188 69.77 -57.67 -52.73
C UNK E 2188 70.15 -58.32 -51.40
N UNK E 2189 69.58 -57.75 -50.35
CA UNK E 2189 69.80 -58.21 -48.97
C UNK E 2189 69.38 -59.68 -48.85
N UNK E 2190 68.21 -59.96 -49.38
CA UNK E 2190 67.62 -61.31 -49.38
C UNK E 2190 68.57 -62.29 -50.06
N UNK E 2191 69.05 -61.87 -51.21
CA UNK E 2191 69.98 -62.66 -52.03
C UNK E 2191 71.24 -62.99 -51.23
N UNK E 2192 71.75 -61.97 -50.58
CA UNK E 2192 72.96 -62.08 -49.75
C UNK E 2192 72.74 -63.12 -48.64
N UNK E 2193 69.95 -65.41 -57.94
CA UNK E 2193 69.98 -65.07 -59.37
C UNK E 2193 70.08 -66.35 -60.21
N UNK E 2194 70.99 -67.19 -59.79
CA UNK E 2194 71.25 -68.48 -60.45
C UNK E 2194 69.98 -69.32 -60.48
N UNK E 2195 69.34 -69.38 -59.33
CA UNK E 2195 68.09 -70.12 -59.13
C UNK E 2195 67.03 -69.62 -60.12
N UNK E 2196 66.92 -68.31 -60.18
CA UNK E 2196 65.96 -67.62 -61.05
C UNK E 2196 66.19 -68.02 -62.51
N UNK E 2197 67.46 -67.98 -62.87
CA UNK E 2197 67.91 -68.33 -64.23
C UNK E 2197 67.48 -69.75 -64.57
N UNK E 2198 67.74 -70.63 -63.62
CA UNK E 2198 67.41 -72.07 -63.75
C UNK E 2198 65.91 -72.23 -64.00
N UNK E 2199 65.16 -71.53 -63.19
CA UNK E 2199 63.68 -71.54 -63.26
C UNK E 2199 63.22 -71.12 -64.66
N UNK E 2200 63.82 -70.03 -65.13
CA UNK E 2200 63.52 -69.46 -66.45
C UNK E 2200 63.77 -70.50 -67.53
N UNK E 2201 64.91 -71.17 -67.45
CA UNK E 2201 65.28 -72.19 -68.43
C UNK E 2201 64.33 -73.38 -68.37
N UNK E 2202 63.82 -73.67 -67.18
CA UNK E 2202 62.91 -74.79 -66.97
C UNK E 2202 61.63 -74.57 -67.77
N UNK E 2203 61.13 -73.34 -67.77
CA UNK E 2203 59.93 -73.01 -68.50
C UNK E 2203 60.15 -73.21 -70.00
N UNK E 2204 61.33 -72.82 -70.47
CA UNK E 2204 61.69 -73.00 -71.88
C UNK E 2204 61.74 -74.48 -72.23
N UNK E 2205 62.27 -75.29 -71.31
CA UNK E 2205 62.39 -76.72 -71.54
C UNK E 2205 61.05 -77.32 -71.95
N UNK E 2206 69.41 -54.90 -65.33
CA UNK E 2206 69.42 -56.28 -64.82
C UNK E 2206 67.99 -56.73 -64.51
N UNK E 2207 67.29 -55.86 -63.83
CA UNK E 2207 65.89 -56.09 -63.42
C UNK E 2207 65.02 -56.35 -64.65
N UNK E 2208 65.21 -55.50 -65.63
CA UNK E 2208 64.48 -55.56 -66.91
C UNK E 2208 64.72 -56.92 -67.56
N UNK E 2209 65.98 -57.30 -67.59
CA UNK E 2209 66.43 -58.57 -68.18
C UNK E 2209 65.72 -59.74 -67.50
N UNK E 2210 65.71 -59.67 -66.18
CA UNK E 2210 65.08 -60.69 -65.32
C UNK E 2210 63.60 -60.83 -65.68
N UNK E 2211 62.97 -59.68 -65.79
CA UNK E 2211 61.54 -59.59 -66.12
C UNK E 2211 61.26 -60.27 -67.45
N UNK E 2212 62.11 -59.94 -68.42
CA UNK E 2212 62.04 -60.48 -69.77
C UNK E 2212 62.11 -62.01 -69.74
N UNK E 2213 63.08 -62.47 -68.97
CA UNK E 2213 63.34 -63.92 -68.79
C UNK E 2213 62.08 -64.60 -68.25
N UNK E 2214 61.52 -63.97 -67.22
CA UNK E 2214 60.31 -64.46 -66.55
C UNK E 2214 59.17 -64.59 -67.56
N UNK E 2215 59.03 -63.55 -68.35
CA UNK E 2215 57.99 -63.47 -69.39
C UNK E 2215 58.14 -64.64 -70.37
N UNK E 2216 59.38 -64.84 -70.79
CA UNK E 2216 59.74 -65.91 -71.72
C UNK E 2216 59.33 -67.27 -71.16
N UNK E 2217 59.68 -67.45 -69.90
CA UNK E 2217 59.39 -68.68 -69.15
C UNK E 2217 57.87 -68.95 -69.15
N UNK E 2218 57.15 -67.89 -68.85
CA UNK E 2218 55.68 -67.92 -68.80
C UNK E 2218 55.11 -68.37 -70.14
N UNK E 2219 55.65 -67.76 -71.18
CA UNK E 2219 55.25 -68.04 -72.57
C UNK E 2219 55.45 -69.53 -72.88
N UNK E 2220 49.91 -58.98 -33.65
CA UNK E 2220 49.12 -58.86 -34.88
C UNK E 2220 47.76 -58.25 -34.57
N UNK E 2221 47.15 -58.81 -33.54
CA UNK E 2221 45.81 -58.38 -33.07
C UNK E 2221 45.84 -56.90 -32.71
N UNK E 2222 46.87 -56.54 -31.96
CA UNK E 2222 47.10 -55.16 -31.51
C UNK E 2222 47.17 -54.22 -32.70
N UNK E 2223 47.96 -54.61 -33.71
CA UNK E 2223 48.14 -53.80 -34.91
C UNK E 2223 46.81 -53.58 -35.63
N UNK E 2224 45.98 -54.61 -35.64
CA UNK E 2224 44.68 -54.54 -36.30
C UNK E 2224 43.79 -53.50 -35.65
N UNK E 2225 43.83 -53.45 -34.31
CA UNK E 2225 43.06 -52.45 -33.57
C UNK E 2225 43.52 -51.05 -33.91
N UNK E 2226 44.84 -50.87 -34.03
CA UNK E 2226 45.40 -49.59 -34.39
C UNK E 2226 44.95 -49.18 -35.78
N UNK E 2227 44.91 -50.15 -36.70
CA UNK E 2227 44.46 -49.90 -38.06
C UNK E 2227 43.00 -49.46 -38.05
N UNK E 2228 42.20 -50.11 -37.22
CA UNK E 2228 40.78 -49.78 -37.08
C UNK E 2228 40.64 -48.35 -36.57
N UNK E 2229 41.48 -47.99 -35.60
CA UNK E 2229 41.45 -46.65 -35.05
C UNK E 2229 41.80 -45.63 -36.12
N UNK E 2230 42.78 -45.96 -36.95
CA UNK E 2230 43.19 -45.10 -38.05
C UNK E 2230 42.05 -44.91 -39.04
N UNK E 2231 41.32 -46.00 -39.31
CA UNK E 2231 40.20 -45.95 -40.24
C UNK E 2231 38.93 -46.46 -39.59
N UNK F 1 65.69 36.74 -111.21
CA UNK F 1 66.43 35.47 -111.22
C UNK F 1 67.85 35.70 -111.76
N UNK F 2 67.89 36.43 -112.87
CA UNK F 2 69.14 36.76 -113.55
C UNK F 2 70.08 37.51 -112.60
N UNK F 3 69.49 38.48 -111.93
CA UNK F 3 70.21 39.33 -110.95
C UNK F 3 70.82 38.45 -109.85
N UNK F 4 70.00 37.55 -109.36
CA UNK F 4 70.38 36.60 -108.30
C UNK F 4 71.59 35.77 -108.76
N UNK F 5 71.48 35.28 -109.97
CA UNK F 5 72.52 34.45 -110.60
C UNK F 5 73.84 35.23 -110.65
N UNK F 6 73.72 36.47 -111.10
CA UNK F 6 74.86 37.39 -111.24
C UNK F 6 75.55 37.56 -109.87
N UNK F 7 74.72 37.79 -108.88
CA UNK F 7 75.17 37.98 -107.49
C UNK F 7 75.97 36.77 -107.03
N UNK F 8 75.40 35.61 -107.29
CA UNK F 8 75.99 34.31 -106.93
C UNK F 8 77.37 34.18 -107.57
N UNK F 9 77.42 34.51 -108.85
CA UNK F 9 78.65 34.47 -109.65
C UNK F 9 79.73 35.35 -109.01
N UNK F 10 63.15 39.23 -97.76
CA UNK F 10 63.02 37.79 -98.03
C UNK F 10 64.06 37.34 -99.05
N UNK F 11 64.16 38.12 -100.10
CA UNK F 11 65.11 37.88 -101.20
C UNK F 11 66.54 37.83 -100.65
N UNK F 12 66.84 38.81 -99.83
CA UNK F 12 68.15 38.95 -99.20
C UNK F 12 68.48 37.70 -98.38
N UNK F 13 67.49 37.29 -97.61
CA UNK F 13 67.59 36.11 -96.75
C UNK F 13 67.93 34.87 -97.59
N UNK F 14 67.18 34.75 -98.68
CA UNK F 14 67.34 33.64 -99.63
C UNK F 14 68.77 33.60 -100.16
N UNK F 15 69.23 34.78 -100.55
CA UNK F 15 70.59 34.97 -101.09
C UNK F 15 71.63 34.49 -100.09
N UNK F 16 71.42 34.92 -98.85
CA UNK F 16 72.30 34.59 -97.73
C UNK F 16 72.39 33.07 -97.56
N UNK F 17 71.22 32.46 -97.59
CA UNK F 17 71.06 31.01 -97.45
C UNK F 17 71.86 30.29 -98.53
N UNK F 18 71.69 30.78 -99.74
CA UNK F 18 72.36 30.24 -100.94
C UNK F 18 73.88 30.30 -100.74
N UNK F 19 74.33 31.45 -100.29
CA UNK F 19 75.76 31.71 -100.03
C UNK F 19 76.30 30.69 -99.03
N UNK F 20 75.53 30.51 -97.97
CA UNK F 20 75.87 29.59 -96.89
C UNK F 20 76.03 28.17 -97.44
N UNK F 21 75.06 27.79 -98.25
CA UNK F 21 75.03 26.48 -98.90
C UNK F 21 76.30 26.26 -99.73
N UNK F 22 76.62 27.29 -100.50
CA UNK F 22 77.81 27.30 -101.37
C UNK F 22 79.06 27.07 -100.55
N UNK F 23 79.14 27.80 -99.46
CA UNK F 23 80.27 27.74 -98.51
C UNK F 23 80.43 26.31 -98.00
N UNK F 24 79.30 25.74 -97.60
CA UNK F 24 79.24 24.38 -97.06
C UNK F 24 79.79 23.38 -98.09
N UNK F 25 80.14 12.43 -105.98
CA UNK F 25 79.36 11.77 -104.94
C UNK F 25 78.46 12.80 -104.25
N UNK F 26 78.93 13.29 -103.11
CA UNK F 26 78.26 14.34 -102.39
C UNK F 26 78.26 15.54 -103.30
N UNK F 27 79.40 15.70 -103.95
CA UNK F 27 79.62 16.78 -104.89
C UNK F 27 78.62 16.60 -106.01
N UNK F 28 78.42 15.35 -106.41
CA UNK F 28 77.52 15.06 -107.51
C UNK F 28 76.11 15.49 -107.12
N UNK F 29 75.78 15.22 -105.87
CA UNK F 29 74.49 15.59 -105.32
C UNK F 29 74.32 17.09 -105.31
N UNK F 30 75.39 17.79 -104.98
CA UNK F 30 75.40 19.23 -104.94
C UNK F 30 75.14 19.76 -106.34
N UNK F 31 75.75 19.10 -107.30
CA UNK F 31 75.61 19.40 -108.71
C UNK F 31 74.18 19.21 -109.16
N UNK F 32 73.57 18.15 -108.67
CA UNK F 32 72.20 17.83 -108.95
C UNK F 32 71.35 18.95 -108.40
N UNK F 33 71.73 19.42 -107.23
CA UNK F 33 71.02 20.47 -106.54
C UNK F 33 71.09 21.69 -107.40
N UNK F 34 72.26 21.89 -107.98
CA UNK F 34 72.54 22.98 -108.89
C UNK F 34 71.69 22.93 -110.16
N UNK F 35 71.52 21.73 -110.68
CA UNK F 35 70.68 21.48 -111.84
C UNK F 35 69.28 21.85 -111.47
N UNK F 36 68.93 21.48 -110.26
CA UNK F 36 67.63 21.73 -109.71
C UNK F 36 67.44 23.22 -109.66
N UNK F 37 68.49 23.91 -109.27
CA UNK F 37 68.51 25.35 -109.17
C UNK F 37 68.28 25.98 -110.53
N UNK F 38 68.90 25.41 -111.55
CA UNK F 38 68.69 25.90 -112.91
C UNK F 38 67.25 25.73 -113.31
N UNK F 39 66.68 24.60 -112.93
CA UNK F 39 65.31 24.30 -113.27
C UNK F 39 64.43 25.33 -112.58
N UNK F 40 64.80 25.65 -111.36
CA UNK F 40 64.12 26.63 -110.53
C UNK F 40 64.16 28.03 -111.11
N UNK F 41 65.31 28.39 -111.66
CA UNK F 41 65.47 29.67 -112.28
C UNK F 41 64.51 29.73 -113.43
N UNK F 42 64.41 28.61 -114.14
CA UNK F 42 63.49 28.53 -115.26
C UNK F 42 62.05 28.70 -114.81
N UNK F 43 61.71 28.10 -113.69
CA UNK F 43 60.36 28.20 -113.18
C UNK F 43 60.09 29.65 -112.88
N UNK F 44 61.08 30.31 -112.31
CA UNK F 44 61.02 31.75 -112.13
C UNK F 44 60.02 32.29 -113.13
N UNK F 45 68.31 16.07 -103.62
CA UNK F 45 67.38 16.73 -104.56
C UNK F 45 66.22 17.36 -103.80
N UNK F 46 65.67 16.56 -102.90
CA UNK F 46 64.53 16.96 -102.06
C UNK F 46 64.90 18.19 -101.24
N UNK F 47 66.07 18.11 -100.65
CA UNK F 47 66.63 19.20 -99.82
C UNK F 47 66.72 20.49 -100.63
N UNK F 48 67.26 20.33 -101.82
CA UNK F 48 67.44 21.45 -102.76
C UNK F 48 66.10 22.11 -103.06
N UNK F 49 65.12 21.26 -103.34
CA UNK F 49 63.76 21.68 -103.65
C UNK F 49 63.18 22.51 -102.50
N UNK F 50 63.37 21.97 -101.31
CA UNK F 50 62.90 22.60 -100.07
C UNK F 50 63.50 24.00 -99.93
N UNK F 51 64.80 24.06 -100.16
CA UNK F 51 65.57 25.31 -100.09
C UNK F 51 64.99 26.34 -101.06
N UNK F 52 64.74 25.87 -102.26
CA UNK F 52 64.18 26.70 -103.35
C UNK F 52 62.84 27.29 -102.91
N UNK F 53 62.02 26.40 -102.35
CA UNK F 53 60.68 26.76 -101.86
C UNK F 53 60.78 27.87 -100.81
N UNK F 54 61.71 27.66 -99.90
CA UNK F 54 61.98 28.59 -98.79
C UNK F 54 62.34 29.97 -99.36
N UNK F 55 63.23 29.94 -100.33
CA UNK F 55 63.71 31.15 -101.01
C UNK F 55 62.53 31.91 -101.63
N UNK F 56 67.92 29.17 -87.75
CA UNK F 56 67.11 28.16 -88.44
C UNK F 56 67.87 27.63 -89.66
N UNK F 57 68.39 28.59 -90.42
CA UNK F 57 69.16 28.31 -91.64
C UNK F 57 70.35 27.41 -91.31
N UNK F 58 71.05 27.78 -90.25
CA UNK F 58 72.23 27.06 -89.76
C UNK F 58 71.85 25.60 -89.44
N UNK F 59 70.75 25.48 -88.73
CA UNK F 59 70.21 24.18 -88.32
C UNK F 59 69.95 23.31 -89.54
N UNK F 60 69.30 23.92 -90.52
CA UNK F 60 68.96 23.27 -91.78
C UNK F 60 70.22 22.73 -92.47
N UNK F 61 71.21 23.60 -92.51
CA UNK F 61 72.51 23.31 -93.12
C UNK F 61 73.13 22.07 -92.45
N UNK F 62 73.09 22.11 -91.13
CA UNK F 62 73.64 21.04 -90.28
C UNK F 62 72.96 19.71 -90.62
N UNK F 63 71.65 19.79 -90.71
CA UNK F 63 70.80 18.63 -91.02
C UNK F 63 71.21 18.04 -92.37
N UNK F 64 71.37 18.92 -93.33
CA UNK F 64 71.76 18.56 -94.70
C UNK F 64 73.09 17.82 -94.68
N UNK F 65 74.02 18.39 -93.93
CA UNK F 65 75.38 17.84 -93.78
C UNK F 65 75.30 16.41 -93.23
N UNK F 66 74.48 16.28 -92.20
CA UNK F 66 74.26 14.99 -91.52
C UNK F 66 73.76 13.96 -92.51
N UNK F 67 72.77 14.38 -93.29
CA UNK F 67 72.14 13.55 -94.32
C UNK F 67 73.19 13.05 -95.32
N UNK F 68 74.01 13.99 -95.74
CA UNK F 68 75.09 13.73 -96.69
C UNK F 68 76.04 12.67 -96.15
N UNK F 69 76.39 12.86 -94.88
CA UNK F 69 77.30 11.95 -94.16
C UNK F 69 76.72 10.54 -94.15
N UNK F 70 75.43 10.49 -93.83
CA UNK F 70 74.68 9.23 -93.75
C UNK F 70 74.73 8.50 -95.11
N UNK F 71 74.49 9.28 -96.15
CA UNK F 71 74.49 8.79 -97.53
C UNK F 71 75.85 8.17 -97.86
N UNK F 72 67.02 16.38 -83.07
CA UNK F 72 67.63 17.07 -84.19
C UNK F 72 67.48 16.31 -85.51
N UNK F 73 67.62 14.99 -85.46
CA UNK F 73 67.42 14.13 -86.63
C UNK F 73 65.98 14.17 -87.10
N UNK F 74 65.08 14.20 -86.12
CA UNK F 74 63.67 14.27 -86.40
C UNK F 74 63.44 15.59 -87.11
N UNK F 75 64.16 16.59 -86.63
CA UNK F 75 64.08 17.93 -87.13
C UNK F 75 64.52 17.94 -88.57
N UNK F 76 65.57 17.20 -88.87
CA UNK F 76 66.05 17.11 -90.23
C UNK F 76 64.99 16.50 -91.13
N UNK F 77 64.40 15.40 -90.68
CA UNK F 77 63.41 14.75 -91.53
C UNK F 77 62.31 15.74 -91.79
N UNK F 78 61.96 16.50 -90.74
CA UNK F 78 60.90 17.52 -90.77
C UNK F 78 61.14 18.73 -91.68
N UNK F 79 62.37 19.22 -91.70
CA UNK F 79 62.74 20.30 -92.59
C UNK F 79 62.60 19.73 -93.99
N UNK F 80 62.99 18.46 -94.11
CA UNK F 80 62.98 17.78 -95.39
C UNK F 80 61.54 17.83 -95.83
N UNK F 81 60.65 17.62 -94.88
CA UNK F 81 59.24 17.89 -95.07
C UNK F 81 59.05 19.40 -95.29
N UNK F 82 63.98 28.68 -75.56
CA UNK F 82 63.10 27.51 -75.39
C UNK F 82 61.78 27.75 -76.12
N UNK F 83 61.25 28.93 -75.89
CA UNK F 83 59.98 29.37 -76.49
C UNK F 83 60.08 29.31 -78.02
N UNK F 84 61.17 29.86 -78.51
CA UNK F 84 61.47 29.92 -79.95
C UNK F 84 61.48 28.50 -80.53
N UNK F 85 62.17 27.63 -79.82
CA UNK F 85 62.31 26.21 -80.21
C UNK F 85 60.92 25.57 -80.32
N UNK F 86 60.12 25.83 -79.31
CA UNK F 86 58.75 25.31 -79.23
C UNK F 86 57.94 25.76 -80.45
N UNK F 87 58.07 27.04 -80.73
CA UNK F 87 57.38 27.68 -81.86
C UNK F 87 57.76 26.97 -83.17
N UNK F 88 59.06 26.77 -83.31
CA UNK F 88 59.64 26.11 -84.49
C UNK F 88 59.03 24.72 -84.67
N UNK F 89 59.00 24.01 -83.55
CA UNK F 89 58.45 22.64 -83.49
C UNK F 89 57.00 22.64 -83.98
N UNK F 90 56.26 23.58 -83.45
CA UNK F 90 54.83 23.76 -83.78
C UNK F 90 54.66 23.96 -85.29
N UNK F 91 55.49 24.85 -85.80
CA UNK F 91 55.50 25.19 -87.23
C UNK F 91 55.74 23.95 -88.07
N UNK F 92 56.73 23.18 -87.64
CA UNK F 92 57.12 21.94 -88.31
C UNK F 92 55.93 20.98 -88.36
N UNK F 93 55.28 20.85 -87.22
CA UNK F 93 54.11 19.99 -87.05
C UNK F 93 53.01 20.39 -88.03
N UNK F 94 52.79 21.68 -88.09
CA UNK F 94 51.76 22.28 -88.97
C UNK F 94 52.05 21.91 -90.42
N UNK F 95 53.32 22.08 -90.77
CA UNK F 95 53.82 21.79 -92.12
C UNK F 95 53.53 20.32 -92.49
N UNK F 96 53.86 19.46 -91.54
CA UNK F 96 53.67 18.01 -91.67
C UNK F 96 52.20 17.69 -91.94
N UNK F 97 51.37 18.33 -91.13
CA UNK F 97 49.91 18.17 -91.22
C UNK F 97 49.42 18.55 -92.63
N UNK F 98 66.00 16.09 -75.51
CA UNK F 98 65.12 17.26 -75.62
C UNK F 98 64.32 17.19 -76.93
N UNK F 99 65.06 16.89 -77.99
CA UNK F 99 64.48 16.77 -79.34
C UNK F 99 63.38 15.71 -79.35
N UNK F 100 63.72 14.59 -78.76
CA UNK F 100 62.81 13.44 -78.65
C UNK F 100 61.51 13.85 -77.94
N UNK F 101 61.70 14.55 -76.84
CA UNK F 101 60.60 15.04 -76.01
C UNK F 101 59.68 15.94 -76.83
N UNK F 102 60.32 16.83 -77.57
CA UNK F 102 59.62 17.79 -78.44
C UNK F 102 58.75 17.04 -79.46
N UNK F 103 59.37 16.04 -80.06
CA UNK F 103 58.73 15.20 -81.06
C UNK F 103 57.49 14.53 -80.48
N UNK F 104 57.68 14.00 -79.29
CA UNK F 104 56.61 13.31 -78.55
C UNK F 104 55.43 14.27 -78.34
N UNK F 105 55.78 15.46 -77.90
CA UNK F 105 54.80 16.53 -77.62
C UNK F 105 53.99 16.84 -78.88
N UNK F 106 54.72 16.97 -79.97
CA UNK F 106 54.14 17.25 -81.29
C UNK F 106 53.12 16.17 -81.67
N UNK F 107 53.56 14.95 -81.47
CA UNK F 107 52.74 13.76 -81.77
C UNK F 107 51.43 13.80 -80.98
N UNK F 108 51.59 14.11 -79.70
CA UNK F 108 50.47 14.21 -78.75
C UNK F 108 49.47 15.25 -79.25
N UNK F 109 50.01 16.39 -79.64
CA UNK F 109 49.23 17.52 -80.15
C UNK F 109 48.41 17.08 -81.37
N UNK F 110 49.10 16.40 -82.26
CA UNK F 110 48.51 15.88 -83.51
C UNK F 110 47.32 14.96 -83.18
N UNK F 111 44.12 32.66 -91.58
CA UNK F 111 43.64 32.30 -92.91
C UNK F 111 44.82 32.21 -93.85
N UNK F 112 45.88 32.94 -93.51
CA UNK F 112 47.06 32.97 -94.33
C UNK F 112 47.55 31.54 -94.39
N UNK F 113 47.44 30.87 -93.26
CA UNK F 113 47.84 29.48 -93.15
C UNK F 113 47.03 28.58 -94.08
N UNK F 114 45.73 28.87 -94.20
CA UNK F 114 44.86 28.10 -95.09
C UNK F 114 45.26 28.26 -96.54
N UNK F 115 45.59 29.51 -96.87
CA UNK F 115 46.01 29.80 -98.22
C UNK F 115 47.26 29.00 -98.44
N UNK F 116 48.08 28.96 -97.40
CA UNK F 116 49.36 28.30 -97.45
C UNK F 116 49.14 26.83 -97.73
N UNK F 117 48.15 26.24 -97.06
CA UNK F 117 47.85 24.84 -97.25
C UNK F 117 47.40 24.52 -98.67
N UNK F 118 46.55 25.38 -99.23
CA UNK F 118 46.10 25.13 -100.59
C UNK F 118 47.32 25.18 -101.50
N UNK F 119 48.15 26.17 -101.22
CA UNK F 119 49.31 26.45 -102.05
C UNK F 119 50.21 25.26 -101.98
N UNK F 120 50.28 24.69 -100.79
CA UNK F 120 51.11 23.56 -100.45
C UNK F 120 50.70 22.31 -101.19
N UNK F 121 49.40 22.07 -101.28
CA UNK F 121 48.93 20.92 -102.02
C UNK F 121 49.37 21.13 -103.45
N UNK F 122 49.22 22.37 -103.89
CA UNK F 122 49.56 22.69 -105.26
C UNK F 122 51.04 22.43 -105.51
N UNK F 123 58.73 16.34 -107.54
CA UNK F 123 58.28 15.34 -108.51
C UNK F 123 58.89 15.65 -109.88
N UNK F 124 58.79 16.91 -110.25
CA UNK F 124 59.30 17.42 -111.52
C UNK F 124 60.80 17.14 -111.64
N UNK F 125 61.48 17.46 -110.56
CA UNK F 125 62.94 17.27 -110.45
C UNK F 125 63.29 15.79 -110.68
N UNK F 126 62.54 14.95 -110.00
CA UNK F 126 62.70 13.49 -110.08
C UNK F 126 62.57 13.02 -111.53
N UNK F 127 61.53 13.53 -112.16
CA UNK F 127 61.20 13.21 -113.55
C UNK F 127 62.38 13.58 -114.46
N UNK F 128 62.87 14.77 -114.23
CA UNK F 128 64.01 15.33 -114.98
C UNK F 128 65.22 14.41 -114.86
N UNK F 129 65.47 14.02 -113.63
CA UNK F 129 66.59 13.13 -113.28
C UNK F 129 66.48 11.82 -114.06
N UNK F 130 65.27 11.28 -114.03
CA UNK F 130 64.94 10.02 -114.71
C UNK F 130 65.25 10.14 -116.20
N UNK F 131 64.81 11.23 -116.81
CA UNK F 131 65.04 11.47 -118.23
C UNK F 131 66.53 11.52 -118.55
N UNK F 132 67.30 12.15 -117.67
CA UNK F 132 68.74 12.26 -117.86
C UNK F 132 69.41 10.88 -117.86
N UNK F 133 68.95 10.01 -116.97
CA UNK F 133 69.51 8.67 -116.86
C UNK F 133 69.27 7.88 -118.14
N UNK F 134 68.08 8.03 -118.71
CA UNK F 134 67.73 7.33 -119.94
C UNK F 134 68.60 7.78 -121.10
N UNK F 135 50.22 22.05 -113.23
CA UNK F 135 51.67 21.88 -113.40
C UNK F 135 52.11 20.55 -112.78
N UNK F 136 51.62 20.32 -111.58
CA UNK F 136 51.92 19.10 -110.80
C UNK F 136 51.49 17.87 -111.60
N UNK F 137 50.28 17.95 -112.12
CA UNK F 137 49.68 16.88 -112.93
C UNK F 137 50.57 16.56 -114.13
N UNK F 138 50.98 17.63 -114.78
CA UNK F 138 51.84 17.54 -115.98
C UNK F 138 53.15 16.82 -115.63
N UNK F 139 53.72 17.22 -114.51
CA UNK F 139 54.97 16.66 -114.00
C UNK F 139 54.81 15.15 -113.78
N UNK F 140 53.70 14.82 -113.15
CA UNK F 140 53.35 13.42 -112.84
C UNK F 140 53.29 12.59 -114.12
N UNK F 141 52.61 13.17 -115.09
CA UNK F 141 52.43 12.56 -116.41
C UNK F 141 53.79 12.27 -117.05
N UNK F 142 54.64 13.27 -116.99
CA UNK F 142 56.00 13.22 -117.53
C UNK F 142 56.78 12.05 -116.89
N UNK F 143 56.67 12.00 -115.57
CA UNK F 143 57.32 10.97 -114.76
C UNK F 143 56.88 9.58 -115.21
N UNK F 144 55.57 9.47 -115.38
CA UNK F 144 54.93 8.21 -115.80
C UNK F 144 55.50 7.77 -117.15
N UNK F 145 55.57 8.74 -118.05
CA UNK F 145 56.08 8.53 -119.41
C UNK F 145 57.50 7.99 -119.36
N UNK F 146 58.30 8.65 -118.52
CA UNK F 146 59.71 8.30 -118.31
C UNK F 146 59.83 6.84 -117.84
N UNK F 147 58.99 6.52 -116.88
CA UNK F 147 58.93 5.18 -116.28
C UNK F 147 58.65 4.13 -117.37
N UNK F 148 57.65 4.47 -118.17
CA UNK F 148 57.21 3.61 -119.29
C UNK F 148 58.38 3.35 -120.24
N UNK F 149 59.07 4.43 -120.56
CA UNK F 149 60.23 4.40 -121.46
C UNK F 149 61.29 3.44 -120.92
N UNK F 150 61.54 3.61 -119.63
CA UNK F 150 62.53 2.81 -118.90
C UNK F 150 62.18 1.32 -119.01
N UNK F 151 60.91 1.00 -118.78
CA UNK F 151 60.45 -0.38 -118.80
C UNK F 151 60.62 -1.01 -120.18
N UNK F 152 60.33 -0.26 -121.23
CA UNK F 152 60.43 -0.77 -122.58
C UNK F 152 61.89 -1.12 -122.91
N UNK F 153 62.81 -0.27 -122.46
CA UNK F 153 64.22 -0.52 -122.68
C UNK F 153 64.65 -1.80 -121.97
N UNK F 154 64.13 -2.00 -120.76
CA UNK F 154 64.44 -3.20 -119.99
C UNK F 154 63.92 -4.44 -120.71
N UNK F 155 62.72 -4.33 -121.28
CA UNK F 155 62.12 -5.44 -122.01
C UNK F 155 62.95 -5.82 -123.23
N UNK F 156 63.47 -4.82 -123.92
CA UNK F 156 64.26 -5.01 -125.12
C UNK F 156 65.58 -5.72 -124.80
N UNK F 157 29.54 30.73 -102.15
CA UNK F 157 29.15 29.55 -102.92
C UNK F 157 30.20 29.20 -103.97
N UNK F 158 30.64 30.20 -104.71
CA UNK F 158 31.64 30.00 -105.75
C UNK F 158 32.92 29.40 -105.18
N UNK F 159 33.39 29.97 -104.08
CA UNK F 159 34.60 29.49 -103.42
C UNK F 159 34.48 28.02 -103.04
N UNK F 160 33.35 27.66 -102.43
CA UNK F 160 33.11 26.28 -102.02
C UNK F 160 33.20 25.34 -103.23
N UNK F 161 32.53 25.77 -104.27
CA UNK F 161 32.47 25.02 -105.55
C UNK F 161 33.89 24.80 -106.09
N UNK F 162 34.65 25.89 -106.07
CA UNK F 162 36.03 25.91 -106.54
C UNK F 162 36.86 24.89 -105.76
N UNK F 163 36.69 24.93 -104.45
CA UNK F 163 37.39 24.05 -103.52
C UNK F 163 37.10 22.59 -103.87
N UNK F 164 35.81 22.34 -104.08
CA UNK F 164 35.31 21.00 -104.43
C UNK F 164 35.99 20.50 -105.70
N UNK F 165 36.03 21.38 -106.68
CA UNK F 165 36.63 21.11 -107.99
C UNK F 165 38.09 20.72 -107.82
N UNK F 166 38.77 21.52 -107.01
CA UNK F 166 40.20 21.32 -106.70
C UNK F 166 40.42 19.92 -106.11
N UNK F 167 39.56 19.61 -105.15
CA UNK F 167 39.59 18.32 -104.44
C UNK F 167 39.45 17.17 -105.44
N UNK F 168 38.49 17.34 -106.32
CA UNK F 168 38.18 16.35 -107.37
C UNK F 168 39.42 16.11 -108.25
N UNK F 169 40.02 17.22 -108.63
CA UNK F 169 41.24 17.23 -109.47
C UNK F 169 42.35 16.43 -108.79
N UNK F 170 42.51 16.73 -107.52
CA UNK F 170 43.53 16.08 -106.66
C UNK F 170 43.32 14.57 -106.65
N UNK F 171 42.06 14.21 -106.45
CA UNK F 171 41.63 12.80 -106.40
C UNK F 171 42.00 12.09 -107.71
N UNK F 172 41.68 12.77 -108.80
CA UNK F 172 41.94 12.28 -110.15
C UNK F 172 43.44 12.01 -110.33
N UNK F 173 44.21 12.98 -109.90
CA UNK F 173 45.68 12.93 -109.97
C UNK F 173 46.20 11.70 -109.22
N UNK F 174 45.67 11.54 -108.03
CA UNK F 174 46.02 10.43 -107.14
C UNK F 174 45.75 9.10 -107.84
N UNK F 175 44.58 9.02 -108.42
CA UNK F 175 44.12 7.83 -109.15
C UNK F 175 45.09 7.50 -110.27
N UNK F 176 45.45 8.53 -111.01
CA UNK F 176 46.39 8.44 -112.14
C UNK F 176 47.72 7.86 -111.67
N UNK F 177 48.18 8.41 -110.57
CA UNK F 177 49.46 8.02 -109.94
C UNK F 177 49.42 6.52 -109.60
N UNK F 178 48.32 6.14 -108.99
CA UNK F 178 48.08 4.75 -108.58
C UNK F 178 48.16 3.82 -109.79
N UNK F 179 47.49 4.24 -110.84
CA UNK F 179 47.44 3.50 -112.11
C UNK F 179 48.85 3.28 -112.65
N UNK F 180 49.65 4.34 -112.62
CA UNK F 180 51.02 4.26 -113.13
C UNK F 180 51.83 3.24 -112.33
N UNK F 181 51.66 3.23 -111.02
CA UNK F 181 52.40 2.31 -110.16
C UNK F 181 52.06 0.86 -110.49
N UNK F 182 50.79 0.60 -110.73
CA UNK F 182 50.35 -0.75 -111.07
C UNK F 182 50.96 -1.21 -112.40
N UNK F 183 51.01 -0.31 -113.36
CA UNK F 183 51.58 -0.61 -114.67
C UNK F 183 53.07 -0.95 -114.56
N UNK F 184 53.80 -0.17 -113.79
CA UNK F 184 55.22 -0.46 -113.62
C UNK F 184 55.40 -1.80 -112.89
N UNK F 185 54.64 -1.99 -111.81
CA UNK F 185 54.71 -3.23 -111.05
C UNK F 185 54.28 -4.47 -111.83
N UNK F 186 53.20 -4.34 -112.58
CA UNK F 186 52.69 -5.45 -113.38
C UNK F 186 53.69 -5.86 -114.45
N UNK F 187 54.30 -4.87 -115.08
CA UNK F 187 55.29 -5.12 -116.12
C UNK F 187 56.59 -5.65 -115.54
N UNK F 188 56.85 -5.33 -114.28
CA UNK F 188 58.05 -5.78 -113.60
C UNK F 188 58.10 -7.31 -113.49
N UNK F 189 56.94 -7.90 -113.20
CA UNK F 189 56.84 -9.34 -113.06
C UNK F 189 57.04 -10.04 -114.41
N UNK F 190 76.25 -2.57 -115.05
CA UNK F 190 75.43 -3.29 -114.07
C UNK F 190 74.99 -2.33 -112.96
N UNK F 191 75.97 -1.58 -112.48
CA UNK F 191 75.78 -0.59 -111.41
C UNK F 191 74.73 0.44 -111.83
N UNK F 192 74.89 0.91 -113.05
CA UNK F 192 74.00 1.91 -113.64
C UNK F 192 72.56 1.37 -113.67
N UNK F 193 72.46 0.15 -114.12
CA UNK F 193 71.18 -0.56 -114.23
C UNK F 193 70.49 -0.62 -112.85
N UNK F 194 71.30 -1.00 -111.87
CA UNK F 194 70.85 -1.12 -110.48
C UNK F 194 70.29 0.21 -109.99
N UNK F 195 71.05 1.25 -110.27
CA UNK F 195 70.70 2.63 -109.91
C UNK F 195 69.34 3.01 -110.49
N UNK F 196 69.21 2.69 -111.78
CA UNK F 196 67.99 2.97 -112.55
C UNK F 196 66.79 2.28 -111.89
N UNK F 197 67.01 1.02 -111.55
CA UNK F 197 65.99 0.19 -110.90
C UNK F 197 65.53 0.83 -109.59
N UNK F 198 66.52 1.26 -108.82
CA UNK F 198 66.31 1.90 -107.52
C UNK F 198 65.44 3.15 -107.70
N UNK F 199 65.81 3.93 -108.69
CA UNK F 199 65.11 5.18 -109.04
C UNK F 199 63.64 4.88 -109.34
N UNK F 200 63.46 3.86 -110.15
CA UNK F 200 62.12 3.41 -110.58
C UNK F 200 61.28 3.05 -109.36
N UNK F 201 61.90 2.30 -108.47
CA UNK F 201 61.27 1.84 -107.22
C UNK F 201 60.81 3.03 -106.41
N UNK F 202 61.71 4.00 -106.29
CA UNK F 202 61.47 5.23 -105.54
C UNK F 202 60.25 5.96 -106.10
N UNK F 203 60.25 6.06 -107.42
CA UNK F 203 59.16 6.71 -108.17
C UNK F 203 57.82 6.04 -107.86
N UNK F 204 57.86 4.73 -107.91
CA UNK F 204 56.68 3.89 -107.64
C UNK F 204 56.14 4.17 -106.24
N UNK F 205 57.07 4.21 -105.30
CA UNK F 205 56.76 4.48 -103.89
C UNK F 205 56.06 5.82 -103.74
N UNK F 206 56.63 6.81 -104.41
CA UNK F 206 56.13 8.18 -104.42
C UNK F 206 54.68 8.21 -104.93
N UNK F 207 31.17 14.25 -113.58
CA UNK F 207 31.61 13.93 -112.22
C UNK F 207 31.36 12.44 -111.92
N UNK F 208 30.17 12.01 -112.27
CA UNK F 208 29.73 10.63 -112.07
C UNK F 208 30.68 9.68 -112.80
N UNK F 209 30.96 10.04 -114.04
CA UNK F 209 31.84 9.26 -114.91
C UNK F 209 33.23 9.11 -114.28
N UNK F 210 33.71 10.24 -113.78
CA UNK F 210 35.02 10.32 -113.11
C UNK F 210 35.07 9.36 -111.92
N UNK F 211 34.00 9.43 -111.14
CA UNK F 211 33.83 8.60 -109.94
C UNK F 211 33.90 7.12 -110.31
N UNK F 212 33.17 6.80 -111.37
CA UNK F 212 33.10 5.43 -111.89
C UNK F 212 34.50 4.93 -112.26
N UNK F 213 35.20 5.80 -112.97
CA UNK F 213 36.57 5.53 -113.43
C UNK F 213 37.48 5.22 -112.24
N UNK F 214 37.35 6.07 -111.24
CA UNK F 214 38.13 5.95 -109.99
C UNK F 214 37.88 4.58 -109.34
N UNK F 215 36.61 4.25 -109.27
CA UNK F 215 36.15 2.98 -108.69
C UNK F 215 36.80 1.80 -109.41
N UNK F 216 36.75 1.89 -110.73
CA UNK F 216 37.31 0.87 -111.63
C UNK F 216 38.80 0.69 -111.34
N UNK F 217 39.48 1.81 -111.23
CA UNK F 217 40.91 1.86 -110.95
C UNK F 217 41.22 1.14 -109.63
N UNK F 218 40.42 1.48 -108.65
CA UNK F 218 40.53 0.91 -107.29
C UNK F 218 40.40 -0.61 -107.35
N UNK F 219 39.39 -1.04 -108.09
CA UNK F 219 39.09 -2.46 -108.28
C UNK F 219 40.29 -3.18 -108.89
N UNK F 220 40.84 -2.54 -109.91
CA UNK F 220 42.01 -3.05 -110.64
C UNK F 220 43.18 -3.25 -109.68
N UNK F 221 43.39 -2.23 -108.87
CA UNK F 221 44.47 -2.19 -107.87
C UNK F 221 44.31 -3.37 -106.91
N UNK F 222 43.09 -3.54 -106.46
CA UNK F 222 42.72 -4.61 -105.52
C UNK F 222 43.07 -5.98 -106.13
N UNK F 223 42.67 -6.12 -107.38
CA UNK F 223 42.90 -7.36 -108.16
C UNK F 223 44.39 -7.66 -108.22
N UNK F 224 43.46 -10.48 -98.55
CA UNK F 224 42.43 -10.06 -99.49
C UNK F 224 41.35 -9.26 -98.78
N UNK F 225 40.87 -9.77 -97.65
CA UNK F 225 39.82 -9.09 -96.88
C UNK F 225 40.28 -7.68 -96.50
N UNK F 226 41.50 -7.63 -96.00
CA UNK F 226 42.13 -6.38 -95.57
C UNK F 226 42.18 -5.38 -96.73
N UNK F 227 42.61 -5.90 -97.86
CA UNK F 227 42.74 -5.12 -99.11
C UNK F 227 41.38 -4.53 -99.48
N UNK F 228 40.37 -5.38 -99.42
CA UNK F 228 38.99 -5.02 -99.74
C UNK F 228 38.53 -3.86 -98.83
N UNK F 229 38.82 -4.03 -97.56
CA UNK F 229 38.47 -3.04 -96.52
C UNK F 229 39.10 -1.69 -96.86
N UNK F 230 40.37 -1.76 -97.21
CA UNK F 230 41.18 -0.58 -97.56
C UNK F 230 40.53 0.15 -98.74
N UNK F 231 40.16 -0.64 -99.73
CA UNK F 231 39.52 -0.14 -100.96
C UNK F 231 38.23 0.59 -100.61
N UNK F 232 37.46 -0.04 -99.76
CA UNK F 232 36.17 0.50 -99.30
C UNK F 232 36.39 1.85 -98.63
N UNK F 233 37.38 1.89 -97.77
CA UNK F 233 37.76 3.09 -97.03
C UNK F 233 38.09 4.23 -97.99
N UNK F 234 38.89 3.88 -98.98
CA UNK F 234 39.33 4.80 -100.03
C UNK F 234 38.13 5.40 -100.75
N UNK F 235 37.22 4.51 -101.09
CA UNK F 235 35.98 4.87 -101.80
C UNK F 235 35.19 5.88 -100.97
N UNK F 236 35.06 5.56 -99.70
CA UNK F 236 34.35 6.40 -98.73
C UNK F 236 34.95 7.80 -98.70
N UNK F 237 36.26 7.82 -98.62
CA UNK F 237 37.04 9.07 -98.57
C UNK F 237 36.75 9.91 -99.80
N UNK F 238 36.78 9.24 -100.95
CA UNK F 238 36.52 9.87 -102.25
C UNK F 238 35.14 10.52 -102.25
N UNK F 239 34.18 9.75 -101.77
CA UNK F 239 32.77 10.18 -101.68
C UNK F 239 32.67 11.45 -100.84
N UNK F 240 33.34 11.41 -99.70
CA UNK F 240 33.38 12.52 -98.75
C UNK F 240 33.91 13.78 -99.43
N UNK F 241 35.01 13.58 -100.14
CA UNK F 241 35.69 14.66 -100.88
C UNK F 241 34.73 15.29 -101.89
N UNK F 242 34.04 14.43 -102.60
CA UNK F 242 33.06 14.83 -103.62
C UNK F 242 31.98 15.71 -102.99
N UNK F 243 32.38 -8.22 -101.68
CA UNK F 243 31.46 -7.76 -102.70
C UNK F 243 30.42 -6.84 -102.11
N UNK F 244 30.31 -6.90 -100.79
CA UNK F 244 29.39 -6.05 -100.05
C UNK F 244 29.81 -4.61 -100.25
N UNK F 245 31.12 -4.42 -100.34
CA UNK F 245 31.68 -3.14 -100.66
C UNK F 245 31.18 -2.79 -102.02
N UNK F 246 31.10 -3.80 -102.87
CA UNK F 246 30.68 -3.57 -104.23
C UNK F 246 29.29 -3.01 -104.15
N UNK F 247 28.48 -3.59 -103.29
CA UNK F 247 27.10 -3.18 -103.09
C UNK F 247 26.98 -1.76 -102.58
N UNK F 248 27.83 -1.38 -101.64
CA UNK F 248 27.78 -0.03 -101.12
C UNK F 248 28.11 0.93 -102.27
N UNK F 249 29.10 0.52 -103.04
CA UNK F 249 29.57 1.34 -104.12
C UNK F 249 28.44 1.53 -105.12
N UNK F 250 27.71 0.45 -105.33
CA UNK F 250 26.58 0.39 -106.25
C UNK F 250 25.45 1.30 -105.83
N UNK F 251 25.17 1.34 -104.53
CA UNK F 251 24.15 2.22 -104.02
C UNK F 251 24.58 3.64 -104.31
N UNK F 252 25.86 3.87 -104.10
CA UNK F 252 26.39 5.19 -104.33
C UNK F 252 26.18 5.52 -105.79
N UNK F 253 26.38 4.54 -106.63
CA UNK F 253 26.25 4.66 -108.07
C UNK F 253 24.84 4.99 -108.50
N UNK F 254 23.88 4.35 -107.87
CA UNK F 254 22.49 4.59 -108.17
C UNK F 254 22.18 6.02 -107.81
N UNK F 255 22.75 6.44 -106.69
CA UNK F 255 22.54 7.79 -106.21
C UNK F 255 23.10 8.77 -107.22
N UNK F 256 24.25 8.42 -107.75
CA UNK F 256 24.94 9.23 -108.71
C UNK F 256 24.10 9.35 -109.96
N UNK F 257 23.48 8.25 -110.35
CA UNK F 257 22.62 8.24 -111.51
C UNK F 257 21.45 9.17 -111.29
N UNK F 258 20.90 9.13 -110.09
CA UNK F 258 19.76 9.97 -109.79
C UNK F 258 20.21 11.43 -109.91
N UNK F 259 21.39 11.69 -109.40
CA UNK F 259 21.92 13.04 -109.40
C UNK F 259 22.13 13.53 -110.83
N UNK F 260 22.61 12.62 -111.66
CA UNK F 260 22.86 12.90 -113.07
C UNK F 260 21.57 13.22 -113.79
N UNK F 261 20.29 17.20 -98.84
CA UNK F 261 20.41 16.26 -97.73
C UNK F 261 20.41 14.82 -98.22
N UNK F 262 20.45 14.65 -99.54
CA UNK F 262 20.46 13.33 -100.14
C UNK F 262 21.70 12.55 -99.74
N UNK F 263 22.84 13.24 -99.71
CA UNK F 263 24.11 12.61 -99.35
C UNK F 263 24.07 12.09 -97.91
N UNK F 264 23.47 12.88 -97.02
CA UNK F 264 23.37 12.50 -95.61
C UNK F 264 22.85 11.07 -95.46
N UNK F 265 21.68 10.81 -96.05
CA UNK F 265 21.06 9.48 -95.98
C UNK F 265 22.06 8.42 -96.47
N UNK F 266 22.67 8.73 -97.59
CA UNK F 266 23.66 7.85 -98.23
C UNK F 266 24.81 7.58 -97.27
N UNK F 267 25.28 8.65 -96.67
CA UNK F 267 26.39 8.61 -95.70
C UNK F 267 26.04 7.68 -94.53
N UNK F 268 24.83 7.87 -94.04
CA UNK F 268 24.29 7.08 -92.93
C UNK F 268 24.30 5.60 -93.28
N UNK F 269 23.81 5.33 -94.48
CA UNK F 269 23.74 3.96 -95.02
C UNK F 269 25.13 3.32 -95.05
N UNK F 270 26.10 4.12 -95.47
CA UNK F 270 27.47 3.81 -95.20
C UNK F 270 27.63 3.67 -93.70
N UNK F 271 26.68 4.18 -92.94
CA UNK F 271 26.77 4.15 -91.48
C UNK F 271 26.81 2.71 -91.02
N UNK F 272 25.98 1.89 -91.66
CA UNK F 272 25.93 0.47 -91.34
C UNK F 272 27.28 -0.13 -91.66
N UNK F 273 27.86 0.30 -92.76
CA UNK F 273 29.16 -0.22 -93.18
C UNK F 273 30.24 0.12 -92.15
N UNK F 274 30.18 1.33 -91.62
CA UNK F 274 31.13 1.79 -90.63
C UNK F 274 30.97 0.95 -89.37
N UNK F 275 29.72 0.67 -89.02
CA UNK F 275 29.47 -0.14 -87.85
C UNK F 275 30.09 -1.51 -88.05
N UNK F 276 29.92 -2.05 -89.26
CA UNK F 276 30.46 -3.35 -89.59
C UNK F 276 31.99 -3.36 -89.50
N UNK F 277 32.60 -2.29 -89.98
CA UNK F 277 34.05 -2.14 -89.95
C UNK F 277 34.56 -2.09 -88.51
N UNK F 278 33.80 -1.40 -87.66
CA UNK F 278 34.17 -1.26 -86.26
C UNK F 278 33.28 -0.22 -85.59
N UNK F 279 32.22 32.82 -90.16
CA UNK F 279 31.63 31.76 -90.98
C UNK F 279 32.74 31.02 -91.75
N UNK F 280 33.60 31.83 -92.34
CA UNK F 280 34.73 31.34 -93.13
C UNK F 280 35.63 30.45 -92.27
N UNK F 281 35.91 30.95 -91.09
CA UNK F 281 36.75 30.25 -90.10
C UNK F 281 36.15 28.88 -89.77
N UNK F 282 34.85 28.92 -89.53
CA UNK F 282 34.08 27.71 -89.20
C UNK F 282 34.20 26.67 -90.31
N UNK F 283 34.03 27.17 -91.53
CA UNK F 283 34.12 26.34 -92.74
C UNK F 283 35.49 25.67 -92.82
N UNK F 284 36.50 26.48 -92.59
CA UNK F 284 37.90 26.03 -92.61
C UNK F 284 38.11 24.89 -91.61
N UNK F 285 37.59 25.13 -90.42
CA UNK F 285 37.67 24.17 -89.31
C UNK F 285 37.05 22.84 -89.72
N UNK F 286 35.87 22.96 -90.31
CA UNK F 286 35.09 21.80 -90.78
C UNK F 286 35.92 20.99 -91.79
N UNK F 287 36.51 21.73 -92.71
CA UNK F 287 37.35 21.15 -93.78
C UNK F 287 38.50 20.37 -93.15
N UNK F 288 39.13 21.00 -92.18
CA UNK F 288 40.27 20.42 -91.45
C UNK F 288 39.86 19.09 -90.81
N UNK F 289 38.71 19.14 -90.16
CA UNK F 289 38.13 17.99 -89.46
C UNK F 289 37.93 16.83 -90.45
N UNK F 290 37.36 17.18 -91.59
CA UNK F 290 37.07 16.24 -92.67
C UNK F 290 38.37 15.56 -93.11
N UNK F 291 39.38 16.38 -93.31
CA UNK F 291 40.71 15.94 -93.74
C UNK F 291 41.27 14.92 -92.74
N UNK F 292 41.15 15.29 -91.48
CA UNK F 292 41.62 14.46 -90.36
C UNK F 292 40.94 13.09 -90.40
N UNK F 293 39.65 13.14 -90.59
CA UNK F 293 38.80 11.94 -90.66
C UNK F 293 39.29 11.03 -91.78
N UNK F 294 39.52 11.64 -92.93
CA UNK F 294 39.99 10.96 -94.13
C UNK F 294 41.31 10.24 -93.84
N UNK F 295 42.20 10.99 -93.21
CA UNK F 295 43.53 10.49 -92.83
C UNK F 295 43.40 9.25 -91.94
N UNK F 296 42.51 9.38 -90.97
CA UNK F 296 42.24 8.30 -90.00
C UNK F 296 41.78 7.04 -90.74
N UNK F 297 33.83 3.11 -79.87
CA UNK F 297 33.65 4.46 -79.34
C UNK F 297 34.13 5.49 -80.36
N UNK F 298 35.31 5.22 -80.86
CA UNK F 298 35.98 6.08 -81.86
C UNK F 298 35.08 6.24 -83.09
N UNK F 299 34.57 5.11 -83.54
CA UNK F 299 33.68 5.04 -84.70
C UNK F 299 32.45 5.92 -84.48
N UNK F 300 31.88 5.76 -83.30
CA UNK F 300 30.69 6.51 -82.89
C UNK F 300 30.95 8.01 -82.95
N UNK F 301 32.11 8.37 -82.41
CA UNK F 301 32.56 9.76 -82.36
C UNK F 301 32.64 10.33 -83.78
N UNK F 302 33.25 9.54 -84.65
CA UNK F 302 33.44 9.88 -86.06
C UNK F 302 32.09 10.15 -86.72
N UNK F 303 31.18 9.25 -86.46
CA UNK F 303 29.80 9.31 -86.98
C UNK F 303 29.14 10.62 -86.56
N UNK F 304 29.29 10.90 -85.28
CA UNK F 304 28.73 12.11 -84.67
C UNK F 304 29.26 13.36 -85.37
N UNK F 305 30.56 13.35 -85.57
CA UNK F 305 31.29 14.44 -86.23
C UNK F 305 30.71 14.67 -87.64
N UNK F 306 30.55 13.56 -88.34
CA UNK F 306 30.01 13.55 -89.71
C UNK F 306 28.63 14.20 -89.73
N UNK F 307 27.82 13.77 -88.77
CA UNK F 307 26.44 14.26 -88.61
C UNK F 307 26.45 15.77 -88.43
N UNK F 308 27.33 16.21 -87.55
CA UNK F 308 27.49 17.63 -87.22
C UNK F 308 27.83 18.42 -88.48
N UNK F 309 28.77 17.88 -89.22
CA UNK F 309 29.25 18.48 -90.48
C UNK F 309 28.07 18.66 -91.46
N UNK F 310 27.30 17.58 -91.56
CA UNK F 310 26.12 17.53 -92.44
C UNK F 310 25.15 18.65 -92.06
N UNK F 311 24.91 18.74 -90.76
CA UNK F 311 24.00 19.74 -90.19
C UNK F 311 24.46 21.16 -90.57
N UNK F 312 25.76 21.36 -90.39
CA UNK F 312 26.40 22.64 -90.71
C UNK F 312 26.17 23.01 -92.17
N UNK F 313 26.39 22.02 -93.01
CA UNK F 313 26.24 22.16 -94.47
C UNK F 313 24.80 22.59 -94.79
N UNK F 314 52.76 20.75 -73.23
CA UNK F 314 52.55 21.75 -72.16
C UNK F 314 51.09 21.74 -71.72
N UNK F 315 50.23 21.76 -72.72
CA UNK F 315 48.78 21.76 -72.52
C UNK F 315 48.35 20.54 -71.71
N UNK F 316 48.89 19.40 -72.13
CA UNK F 316 48.62 18.11 -71.50
C UNK F 316 49.01 18.16 -70.01
N UNK F 317 50.20 18.69 -69.79
CA UNK F 317 50.77 18.84 -68.45
C UNK F 317 49.83 19.67 -67.57
N UNK F 318 49.39 20.78 -68.15
CA UNK F 318 48.48 21.72 -67.49
C UNK F 318 47.20 21.01 -67.07
N UNK F 319 46.68 20.25 -68.01
CA UNK F 319 45.44 19.47 -67.82
C UNK F 319 45.60 18.51 -66.64
N UNK F 320 46.73 17.82 -66.66
CA UNK F 320 47.09 16.85 -65.62
C UNK F 320 47.10 17.52 -64.25
N UNK F 321 47.74 18.67 -64.21
CA UNK F 321 47.87 19.49 -63.00
C UNK F 321 46.48 19.84 -62.46
N UNK F 322 45.64 20.29 -63.38
CA UNK F 322 44.26 20.67 -63.07
C UNK F 322 43.51 19.50 -62.43
N UNK F 323 43.67 18.35 -63.05
CA UNK F 323 43.04 17.10 -62.62
C UNK F 323 43.46 16.78 -61.18
N UNK F 324 44.77 16.89 -60.96
CA UNK F 324 45.39 16.64 -59.66
C UNK F 324 44.76 17.54 -58.59
N UNK F 325 -50.05 -14.94 4.66
CA UNK F 325 -50.94 -15.47 3.61
C UNK F 325 -52.06 -14.45 3.33
N UNK F 326 -52.64 -13.97 4.41
CA UNK F 326 -53.74 -12.99 4.36
C UNK F 326 -53.28 -11.74 3.61
N UNK F 327 -52.09 -11.29 3.98
CA UNK F 327 -51.47 -10.10 3.38
C UNK F 327 -51.32 -10.28 1.87
N UNK F 328 -50.81 -11.46 1.52
CA UNK F 328 -50.59 -11.84 0.12
C UNK F 328 -51.90 -11.77 -0.66
N UNK F 329 -52.92 -12.35 -0.05
CA UNK F 329 -54.28 -12.39 -0.62
C UNK F 329 -54.77 -10.97 -0.89
N UNK F 330 -54.58 -10.14 0.09
CA UNK F 330 -55.00 -8.72 0.04
C UNK F 330 -54.32 -8.03 -1.15
N UNK F 331 -53.02 -8.27 -1.24
CA UNK F 331 -52.17 -7.71 -2.30
C UNK F 331 -52.72 -8.12 -3.67
N UNK F 332 -53.02 -9.40 -3.78
CA UNK F 332 -53.55 -10.00 -5.01
C UNK F 332 -54.86 -9.29 -5.41
N UNK F 333 -55.70 -9.13 -4.41
CA UNK F 333 -57.01 -8.48 -4.58
C UNK F 333 -56.83 -7.06 -5.13
N UNK F 334 -55.89 -6.36 -4.52
CA UNK F 334 -55.55 -4.99 -4.88
C UNK F 334 -55.12 -4.93 -6.35
N UNK F 335 -54.26 -5.86 -6.69
CA UNK F 335 -53.72 -5.98 -8.05
C UNK F 335 -54.87 -6.16 -9.06
N UNK F 336 -55.76 -7.07 -8.69
CA UNK F 336 -56.93 -7.40 -9.51
C UNK F 336 -57.77 -6.13 -9.75
N UNK F 337 -58.01 -5.38 -8.69
CA UNK F 337 -58.80 -4.15 -8.78
C UNK F 337 -58.14 -3.14 -9.71
N UNK F 338 -56.82 -3.02 -9.59
CA UNK F 338 -56.07 -2.08 -10.42
C UNK F 338 -56.18 -2.44 -11.89
N UNK F 339 -56.11 -3.75 -12.17
CA UNK F 339 -56.24 -4.22 -13.55
C UNK F 339 -57.61 -3.88 -14.09
N UNK F 340 -58.63 -4.04 -13.26
CA UNK F 340 -60.00 -3.72 -13.66
C UNK F 340 -60.12 -2.24 -13.96
N UNK F 341 -59.46 -1.41 -13.13
CA UNK F 341 -59.46 0.03 -13.33
C UNK F 341 -58.81 0.39 -14.66
N UNK F 342 -57.72 -0.30 -14.97
CA UNK F 342 -56.98 -0.06 -16.20
C UNK F 342 -57.86 -0.32 -17.43
N UNK F 343 43.86 34.49 -53.69
CA UNK F 343 43.16 34.01 -54.87
C UNK F 343 42.21 32.86 -54.52
N UNK F 344 42.71 31.90 -53.75
CA UNK F 344 41.91 30.75 -53.34
C UNK F 344 40.66 31.22 -52.59
N UNK F 345 40.90 32.12 -51.66
CA UNK F 345 39.84 32.71 -50.83
C UNK F 345 38.78 33.36 -51.71
N UNK F 346 39.27 34.13 -52.67
CA UNK F 346 38.43 34.86 -53.62
C UNK F 346 37.54 33.87 -54.39
N UNK F 347 38.18 32.82 -54.84
CA UNK F 347 37.52 31.75 -55.61
C UNK F 347 36.38 31.14 -54.78
N UNK F 348 36.71 30.87 -53.53
CA UNK F 348 35.78 30.28 -52.56
C UNK F 348 34.55 31.18 -52.41
N UNK F 349 34.85 32.47 -52.25
CA UNK F 349 33.82 33.50 -52.08
C UNK F 349 32.88 33.51 -53.29
N UNK F 350 33.49 33.47 -54.45
CA UNK F 350 32.77 33.45 -55.73
C UNK F 350 31.81 32.26 -55.80
N UNK F 351 32.36 31.12 -55.42
CA UNK F 351 31.62 29.85 -55.40
C UNK F 351 30.39 29.97 -54.49
N UNK F 352 30.64 30.53 -53.33
CA UNK F 352 29.59 30.75 -52.30
C UNK F 352 28.47 31.62 -52.88
N UNK F 353 28.89 32.68 -53.53
CA UNK F 353 27.98 33.65 -54.17
C UNK F 353 27.09 32.93 -55.19
N UNK F 354 27.74 32.12 -56.00
CA UNK F 354 27.09 31.33 -57.05
C UNK F 354 26.02 30.43 -56.44
N UNK F 355 26.42 29.77 -55.37
CA UNK F 355 25.54 28.85 -54.64
C UNK F 355 24.29 29.58 -54.14
N UNK F 356 24.55 30.74 -53.57
CA UNK F 356 23.49 31.62 -53.03
C UNK F 356 22.50 31.97 -54.14
N UNK F 357 23.05 32.36 -55.26
CA UNK F 357 22.28 32.75 -56.45
C UNK F 357 21.37 31.59 -56.88
N UNK F 358 21.97 30.42 -56.92
CA UNK F 358 21.28 29.19 -57.31
C UNK F 358 20.09 28.94 -56.38
N UNK F 359 20.37 29.08 -55.10
CA UNK F 359 19.37 28.90 -54.04
C UNK F 359 18.19 29.84 -54.25
N UNK F 360 18.50 31.10 -54.52
CA UNK F 360 17.46 32.11 -54.75
C UNK F 360 16.59 31.75 -55.94
N UNK F 361 17.22 31.26 -57.01
CA UNK F 361 16.51 30.88 -58.22
C UNK F 361 15.54 29.73 -57.94
N UNK F 362 15.99 28.77 -57.13
CA UNK F 362 15.17 27.62 -56.79
C UNK F 362 13.92 28.04 -56.03
N UNK F 363 14.09 28.99 -55.12
CA UNK F 363 12.97 29.49 -54.32
C UNK F 363 11.94 30.21 -55.19
N UNK F 364 39.64 9.96 -68.81
CA UNK F 364 38.45 9.28 -68.26
C UNK F 364 37.90 10.07 -67.07
N UNK F 365 38.83 10.44 -66.21
CA UNK F 365 38.52 11.21 -64.98
C UNK F 365 37.82 12.53 -65.36
N UNK F 366 38.42 13.18 -66.34
CA UNK F 366 37.93 14.47 -66.85
C UNK F 366 36.48 14.32 -67.34
N UNK F 367 36.29 13.25 -68.11
CA UNK F 367 34.98 12.92 -68.69
C UNK F 367 33.94 12.75 -67.58
N UNK F 368 34.35 12.00 -66.57
CA UNK F 368 33.52 11.72 -65.39
C UNK F 368 33.09 13.02 -64.73
N UNK F 369 34.08 13.87 -64.54
CA UNK F 369 33.89 15.19 -63.92
C UNK F 369 32.84 16.00 -64.69
N UNK F 370 33.03 15.99 -66.00
CA UNK F 370 32.14 16.71 -66.93
C UNK F 370 30.70 16.21 -66.76
N UNK F 371 30.59 14.90 -66.73
CA UNK F 371 29.29 14.22 -66.57
C UNK F 371 28.60 14.67 -65.29
N UNK F 372 29.40 14.68 -64.23
CA UNK F 372 28.95 15.08 -62.90
C UNK F 372 28.39 16.50 -62.94
N UNK F 373 29.17 17.36 -63.57
CA UNK F 373 28.83 18.78 -63.75
C UNK F 373 27.48 18.92 -64.44
N UNK F 374 27.35 18.17 -65.51
CA UNK F 374 26.13 18.15 -66.33
C UNK F 374 24.93 17.76 -65.48
N UNK F 375 25.14 16.71 -64.70
CA UNK F 375 24.10 16.18 -63.80
C UNK F 375 23.65 17.26 -62.82
N UNK F 376 24.64 17.93 -62.26
CA UNK F 376 24.42 19.02 -61.29
C UNK F 376 23.56 20.11 -61.92
N UNK F 377 23.95 20.47 -63.13
CA UNK F 377 23.26 21.51 -63.91
C UNK F 377 21.79 21.14 -64.10
N UNK F 378 21.60 19.88 -64.48
CA UNK F 378 20.27 19.31 -64.72
C UNK F 378 19.41 19.44 -63.45
N UNK F 379 20.02 19.06 -62.35
CA UNK F 379 19.38 19.10 -61.03
C UNK F 379 18.93 20.52 -60.71
N UNK F 380 19.83 21.45 -60.95
CA UNK F 380 19.61 22.88 -60.71
C UNK F 380 18.40 23.35 -61.52
N UNK F 381 18.40 22.96 -62.78
CA UNK F 381 17.33 23.30 -63.73
C UNK F 381 15.97 22.80 -63.19
N UNK F 382 15.99 21.56 -62.76
CA UNK F 382 14.82 20.88 -62.21
C UNK F 382 14.27 21.68 -61.01
N UNK F 383 15.16 22.07 -60.12
CA UNK F 383 14.78 22.83 -58.94
C UNK F 383 14.12 24.15 -59.32
N UNK F 384 14.66 24.80 -60.34
CA UNK F 384 14.12 26.08 -60.82
C UNK F 384 12.69 25.91 -61.33
N UNK F 385 12.44 24.83 -62.04
CA UNK F 385 11.11 24.55 -62.59
C UNK F 385 10.09 24.39 -61.47
N UNK F 386 -11.51 31.08 -56.10
CA UNK F 386 -11.27 29.67 -55.80
C UNK F 386 -10.25 29.07 -56.78
N UNK F 387 -10.76 28.49 -57.85
CA UNK F 387 -9.90 27.87 -58.87
C UNK F 387 -9.44 28.90 -59.90
N UNK F 388 -10.36 29.73 -60.36
CA UNK F 388 -10.05 30.76 -61.35
C UNK F 388 -9.06 31.72 -60.71
N UNK F 389 -9.33 32.02 -59.45
CA UNK F 389 -8.49 32.88 -58.66
C UNK F 389 -7.12 32.27 -58.45
N UNK F 390 -7.08 30.95 -58.25
CA UNK F 390 -5.81 30.33 -57.93
C UNK F 390 -4.85 30.58 -59.08
N UNK F 391 -5.38 30.48 -60.29
CA UNK F 391 -4.60 30.70 -61.48
C UNK F 391 -4.08 32.12 -61.55
N UNK F 392 -4.93 33.07 -61.16
CA UNK F 392 -4.57 34.47 -61.10
C UNK F 392 -3.46 34.72 -60.10
N UNK F 393 -3.56 34.03 -58.96
CA UNK F 393 -2.53 34.13 -57.93
C UNK F 393 -1.24 33.59 -58.52
N UNK F 394 -1.36 32.50 -59.27
CA UNK F 394 -0.21 31.89 -59.93
C UNK F 394 0.38 32.85 -60.95
N UNK F 395 -0.49 33.55 -61.68
CA UNK F 395 -0.05 34.52 -62.67
C UNK F 395 0.70 35.65 -62.00
N UNK F 396 0.19 36.08 -60.84
CA UNK F 396 0.82 37.15 -60.08
C UNK F 396 2.20 36.70 -59.62
N UNK F 397 2.27 35.43 -59.22
CA UNK F 397 3.51 34.83 -58.76
C UNK F 397 4.55 34.81 -59.87
N UNK F 398 4.11 34.50 -61.09
CA UNK F 398 5.04 34.47 -62.20
C UNK F 398 5.58 35.87 -62.34
N UNK F 399 4.69 36.84 -62.19
CA UNK F 399 5.07 38.21 -62.41
C UNK F 399 6.14 38.59 -61.42
N UNK F 400 5.88 38.27 -60.14
CA UNK F 400 6.90 38.42 -59.13
C UNK F 400 7.99 37.43 -59.50
N UNK F 401 7.55 36.21 -59.85
CA UNK F 401 8.47 35.18 -60.31
C UNK F 401 9.10 35.63 -61.62
N UNK F 402 8.29 36.23 -62.49
CA UNK F 402 8.79 36.80 -63.73
C UNK F 402 9.70 37.92 -63.27
N UNK F 403 9.24 38.62 -62.24
CA UNK F 403 10.01 39.66 -61.58
C UNK F 403 11.23 39.01 -60.96
N UNK F 404 11.04 37.83 -60.38
CA UNK F 404 12.15 37.13 -59.73
C UNK F 404 13.30 36.98 -60.71
N UNK F 405 12.97 36.68 -61.96
CA UNK F 405 13.98 36.54 -63.01
C UNK F 405 14.69 37.88 -63.23
N UNK F 406 13.93 38.96 -63.21
CA UNK F 406 14.49 40.30 -63.34
C UNK F 406 15.43 40.61 -62.18
N UNK F 407 15.03 40.19 -60.98
CA UNK F 407 15.86 40.37 -59.80
C UNK F 407 17.16 39.60 -59.93
N UNK F 408 17.07 38.38 -60.50
CA UNK F 408 18.24 37.55 -60.75
C UNK F 408 19.17 38.24 -61.73
N UNK F 409 18.61 38.86 -62.75
CA UNK F 409 19.39 39.61 -63.73
C UNK F 409 20.10 40.78 -63.07
N UNK F 410 19.40 41.43 -62.15
CA UNK F 410 19.99 42.54 -61.40
C UNK F 410 21.16 42.04 -60.55
N UNK F 411 20.99 40.88 -59.95
CA UNK F 411 22.05 40.26 -59.15
C UNK F 411 23.25 39.95 -60.03
N UNK F 412 22.98 39.48 -61.24
CA UNK F 412 24.02 39.16 -62.21
C UNK F 412 24.79 40.43 -62.58
N UNK F 413 24.09 41.54 -62.72
CA UNK F 413 24.74 42.81 -63.01
C UNK F 413 25.68 43.17 -61.86
N UNK F 414 25.22 42.92 -60.64
CA UNK F 414 26.03 43.10 -59.45
C UNK F 414 27.19 42.15 -59.61
N UNK F 415 26.86 40.97 -60.13
CA UNK F 415 27.80 39.90 -60.34
C UNK F 415 28.89 40.31 -61.33
N UNK F 416 28.52 41.00 -62.40
CA UNK F 416 29.47 41.50 -63.37
C UNK F 416 30.43 42.52 -62.78
N UNK F 417 29.91 43.41 -61.95
CA UNK F 417 30.80 44.37 -61.30
C UNK F 417 31.77 43.60 -60.41
N UNK F 418 31.21 42.60 -59.74
CA UNK F 418 31.94 41.79 -58.80
C UNK F 418 33.03 41.07 -59.55
N UNK F 419 32.68 40.69 -60.78
CA UNK F 419 33.52 39.99 -61.74
C UNK F 419 34.69 40.81 -62.22
N UNK F 420 34.46 42.10 -62.43
CA UNK F 420 35.57 42.98 -62.76
C UNK F 420 36.48 42.94 -61.55
N UNK F 421 35.86 42.97 -60.38
CA UNK F 421 36.64 42.92 -59.14
C UNK F 421 37.44 41.63 -59.04
N UNK F 422 36.82 40.54 -59.48
CA UNK F 422 37.38 39.19 -59.51
C UNK F 422 38.54 39.04 -60.46
N UNK F 423 38.42 39.69 -61.61
CA UNK F 423 39.49 39.72 -62.58
C UNK F 423 40.63 40.41 -61.87
N UNK F 424 40.28 41.45 -61.12
CA UNK F 424 41.27 42.21 -60.38
C UNK F 424 41.95 41.30 -59.37
N UNK F 425 41.18 40.45 -58.73
CA UNK F 425 41.72 39.43 -57.83
C UNK F 425 42.01 38.16 -58.61
N UNK F 426 36.95 31.56 -68.34
CA UNK F 426 37.06 32.79 -67.52
C UNK F 426 36.90 34.02 -68.42
N UNK F 427 37.63 33.97 -69.51
CA UNK F 427 37.63 35.06 -70.51
C UNK F 427 36.21 35.30 -71.03
N UNK F 428 35.57 34.19 -71.36
CA UNK F 428 34.19 34.19 -71.88
C UNK F 428 33.26 34.87 -70.88
N UNK F 429 33.41 34.45 -69.64
CA UNK F 429 32.62 34.98 -68.52
C UNK F 429 32.78 36.50 -68.41
N UNK F 430 34.03 36.91 -68.49
CA UNK F 430 34.41 38.32 -68.42
C UNK F 430 33.71 39.11 -69.52
N UNK F 431 33.78 38.54 -70.71
CA UNK F 431 33.18 39.13 -71.91
C UNK F 431 31.67 39.33 -71.70
N UNK F 432 31.06 38.28 -71.19
CA UNK F 432 29.61 38.26 -70.90
C UNK F 432 29.26 39.39 -69.94
N UNK F 433 30.06 39.49 -68.89
CA UNK F 433 29.90 40.51 -67.85
C UNK F 433 29.94 41.90 -68.47
N UNK F 434 30.94 42.09 -69.32
CA UNK F 434 31.17 43.36 -70.02
C UNK F 434 29.93 43.73 -70.84
N UNK F 435 29.44 42.74 -71.55
CA UNK F 435 28.26 42.88 -72.42
C UNK F 435 27.06 43.34 -71.59
N UNK F 436 26.89 42.67 -70.46
CA UNK F 436 25.80 42.95 -69.51
C UNK F 436 25.87 44.41 -69.05
N UNK F 437 27.09 44.81 -68.69
CA UNK F 437 27.38 46.16 -68.23
C UNK F 437 26.96 47.18 -69.29
N UNK F 438 27.37 46.89 -70.50
CA UNK F 438 27.09 47.73 -71.67
C UNK F 438 25.58 47.91 -71.84
N UNK F 439 24.89 46.79 -71.73
CA UNK F 439 23.43 46.73 -71.86
C UNK F 439 22.77 47.64 -70.81
N UNK F 440 23.28 47.49 -69.60
CA UNK F 440 22.80 48.26 -68.44
C UNK F 440 22.95 49.77 -68.72
N UNK F 441 24.13 50.10 -69.21
CA UNK F 441 24.49 51.49 -69.54
C UNK F 441 23.50 52.05 -70.56
N UNK F 442 23.25 51.25 -71.58
CA UNK F 442 22.34 51.59 -72.68
C UNK F 442 20.95 51.88 -72.12
N UNK F 443 20.51 51.00 -71.25
CA UNK F 443 19.21 51.09 -70.59
C UNK F 443 19.09 52.42 -69.83
N UNK F 444 15.41 33.56 -70.74
CA UNK F 444 15.98 32.25 -71.10
C UNK F 444 17.49 32.38 -71.28
N UNK F 445 17.86 33.42 -72.01
CA UNK F 445 19.27 33.72 -72.30
C UNK F 445 20.05 33.90 -70.98
N UNK F 446 19.44 34.67 -70.11
CA UNK F 446 20.01 34.99 -68.78
C UNK F 446 20.26 33.69 -68.01
N UNK F 447 19.24 32.85 -68.03
CA UNK F 447 19.27 31.55 -67.35
C UNK F 447 20.44 30.72 -67.86
N UNK F 448 20.55 30.69 -69.18
CA UNK F 448 21.60 29.94 -69.89
C UNK F 448 22.98 30.42 -69.42
N UNK F 449 23.10 31.74 -69.39
CA UNK F 449 24.35 32.41 -68.97
C UNK F 449 24.73 31.97 -67.56
N UNK F 450 23.72 32.01 -66.69
CA UNK F 450 23.87 31.63 -65.28
C UNK F 450 24.39 30.20 -65.17
N UNK F 451 23.77 29.33 -65.95
CA UNK F 451 24.10 27.91 -66.00
C UNK F 451 25.57 27.73 -66.39
N UNK F 452 25.94 28.46 -67.43
CA UNK F 452 27.31 28.44 -67.97
C UNK F 452 28.30 28.84 -66.88
N UNK F 453 27.96 29.91 -66.19
CA UNK F 453 28.78 30.46 -65.09
C UNK F 453 29.00 29.39 -64.01
N UNK F 454 27.89 28.75 -63.67
CA UNK F 454 27.87 27.68 -62.65
C UNK F 454 28.82 26.56 -63.05
N UNK F 455 28.71 26.17 -64.31
CA UNK F 455 29.53 25.11 -64.90
C UNK F 455 31.02 25.46 -64.78
N UNK F 456 31.30 26.70 -65.13
CA UNK F 456 32.67 27.24 -65.09
C UNK F 456 33.23 27.14 -63.67
N UNK F 457 32.42 27.54 -62.69
CA UNK F 457 32.85 27.54 -61.30
C UNK F 457 33.16 26.13 -60.79
N UNK F 458 32.33 25.17 -61.18
CA UNK F 458 32.52 23.79 -60.75
C UNK F 458 33.84 23.24 -61.28
N UNK F 459 34.17 23.58 -62.52
CA UNK F 459 35.42 23.14 -63.13
C UNK F 459 36.60 23.73 -62.37
N UNK F 460 36.47 24.99 -61.98
CA UNK F 460 37.51 25.67 -61.22
C UNK F 460 37.72 24.99 -59.87
N UNK F 461 36.60 24.60 -59.24
CA UNK F 461 36.66 23.94 -57.95
C UNK F 461 37.38 22.59 -58.04
N UNK F 462 37.11 21.88 -59.12
CA UNK F 462 37.70 20.56 -59.36
C UNK F 462 39.21 20.66 -59.56
N UNK F 463 22.79 45.50 -80.41
CA UNK F 463 23.30 45.10 -79.09
C UNK F 463 22.22 45.33 -78.02
N UNK F 464 21.63 46.51 -78.09
CA UNK F 464 20.58 46.94 -77.18
C UNK F 464 19.40 45.95 -77.22
N UNK F 465 19.02 45.64 -78.45
CA UNK F 465 17.92 44.71 -78.73
C UNK F 465 18.20 43.34 -78.07
N UNK F 466 19.43 42.89 -78.28
CA UNK F 466 19.90 41.61 -77.74
C UNK F 466 19.77 41.60 -76.22
N UNK F 467 20.23 42.69 -75.64
CA UNK F 467 20.20 42.90 -74.18
C UNK F 467 18.77 42.79 -73.67
N UNK F 468 17.89 43.48 -74.36
CA UNK F 468 16.45 43.51 -74.05
C UNK F 468 15.88 42.10 -74.05
N UNK F 469 16.24 41.38 -75.10
CA UNK F 469 15.79 39.98 -75.31
C UNK F 469 16.23 39.12 -74.12
N UNK F 470 17.49 39.30 -73.76
CA UNK F 470 18.11 38.57 -72.64
C UNK F 470 17.33 38.82 -71.35
N UNK F 471 17.05 40.09 -71.15
CA UNK F 471 16.30 40.56 -69.95
C UNK F 471 14.94 39.87 -69.89
N UNK F 472 14.28 39.86 -71.04
CA UNK F 472 12.95 39.25 -71.20
C UNK F 472 13.00 37.78 -70.81
N UNK F 473 -2.48 29.16 -68.12
CA UNK F 473 -1.70 30.39 -67.90
C UNK F 473 -0.24 30.16 -68.31
N UNK F 474 0.29 29.05 -67.84
CA UNK F 474 1.67 28.64 -68.12
C UNK F 474 1.89 28.54 -69.63
N UNK F 475 0.95 27.89 -70.27
CA UNK F 475 0.97 27.68 -71.74
C UNK F 475 1.02 29.03 -72.45
N UNK F 476 0.16 29.92 -72.00
CA UNK F 476 0.05 31.28 -72.55
C UNK F 476 1.39 32.00 -72.45
N UNK F 477 1.97 31.89 -71.27
CA UNK F 477 3.27 32.50 -70.96
C UNK F 477 4.33 32.00 -71.93
N UNK F 478 4.33 30.69 -72.10
CA UNK F 478 5.27 29.99 -72.99
C UNK F 478 5.14 30.54 -74.41
N UNK F 479 3.90 30.65 -74.84
CA UNK F 479 3.56 31.15 -76.17
C UNK F 479 4.12 32.56 -76.37
N UNK F 480 3.90 33.38 -75.36
CA UNK F 480 4.35 34.77 -75.33
C UNK F 480 5.86 34.83 -75.50
N UNK F 481 6.52 33.98 -74.73
CA UNK F 481 8.00 33.87 -74.73
C UNK F 481 8.49 33.53 -76.15
N UNK F 482 7.83 32.56 -76.73
CA UNK F 482 8.13 32.08 -78.09
C UNK F 482 8.03 33.22 -79.08
N UNK F 483 6.94 33.95 -78.96
CA UNK F 483 6.65 35.11 -79.81
C UNK F 483 7.78 36.14 -79.71
N UNK F 484 8.15 36.40 -78.48
CA UNK F 484 9.23 37.36 -78.16
C UNK F 484 10.53 36.95 -78.85
N UNK F 485 10.82 35.66 -78.72
CA UNK F 485 12.02 35.06 -79.31
C UNK F 485 12.03 35.26 -80.82
N UNK F 486 10.88 34.99 -81.41
CA UNK F 486 10.68 35.12 -82.86
C UNK F 486 10.96 36.55 -83.29
N UNK F 487 10.40 37.47 -82.53
CA UNK F 487 10.54 38.92 -82.78
C UNK F 487 12.02 39.30 -82.77
N UNK F 488 12.71 38.80 -81.76
CA UNK F 488 14.14 39.05 -81.54
C UNK F 488 14.93 38.56 -82.77
N UNK F 489 14.59 37.36 -83.19
CA UNK F 489 15.22 36.71 -84.35
C UNK F 489 15.05 37.58 -85.59
N UNK F 490 13.83 38.05 -85.77
CA UNK F 490 13.45 38.91 -86.90
C UNK F 490 14.31 40.18 -86.91
N UNK F 491 14.41 40.76 -85.73
CA UNK F 491 15.19 41.98 -85.51
C UNK F 491 16.65 41.76 -85.93
N UNK F 492 17.17 40.65 -85.46
CA UNK F 492 18.55 40.24 -85.74
C UNK F 492 18.78 40.14 -87.25
N UNK F 493 17.83 39.52 -87.95
CA UNK F 493 17.96 39.34 -89.40
C UNK F 493 18.01 40.70 -90.10
N UNK F 494 17.18 41.62 -89.64
CA UNK F 494 17.12 42.96 -90.23
C UNK F 494 18.45 43.69 -90.07
N UNK F 495 19.02 43.60 -88.88
CA UNK F 495 20.30 44.25 -88.59
C UNK F 495 21.41 43.70 -89.46
N UNK F 496 21.40 42.38 -89.65
CA UNK F 496 22.41 41.72 -90.47
C UNK F 496 22.36 42.20 -91.92
N UNK F 497 21.13 42.37 -92.43
CA UNK F 497 20.94 42.82 -93.80
C UNK F 497 21.49 44.23 -94.00
N UNK F 498 -22.47 38.65 -55.33
CA UNK F 498 -21.60 39.75 -55.73
C UNK F 498 -20.18 39.26 -55.99
N UNK F 499 -19.66 38.46 -55.06
CA UNK F 499 -18.31 37.92 -55.18
C UNK F 499 -18.14 37.13 -56.47
N UNK F 500 -19.10 36.25 -56.74
CA UNK F 500 -19.06 35.43 -57.95
C UNK F 500 -19.01 36.30 -59.21
N UNK F 501 -19.85 37.31 -59.27
CA UNK F 501 -19.89 38.22 -60.41
C UNK F 501 -18.54 38.87 -60.64
N UNK F 502 -17.94 39.38 -59.56
CA UNK F 502 -16.65 40.04 -59.65
C UNK F 502 -15.59 39.10 -60.22
N UNK F 503 -15.55 37.88 -59.72
CA UNK F 503 -14.58 36.89 -60.18
C UNK F 503 -14.72 36.64 -61.68
N UNK F 504 -15.96 36.46 -62.13
CA UNK F 504 -16.23 36.22 -63.55
C UNK F 504 -15.70 37.35 -64.41
N UNK F 505 -15.99 38.59 -64.00
CA UNK F 505 -15.54 39.76 -64.74
C UNK F 505 -14.03 39.79 -64.88
N UNK F 506 -13.33 39.55 -63.78
CA UNK F 506 -11.87 39.53 -63.77
C UNK F 506 -11.35 38.50 -64.77
N UNK F 507 -11.94 37.33 -64.70
CA UNK F 507 -11.60 36.20 -65.57
C UNK F 507 -11.78 36.60 -67.04
N UNK F 508 -12.92 37.21 -67.29
CA UNK F 508 -13.30 37.69 -68.64
C UNK F 508 -12.24 38.65 -69.16
N UNK F 509 -11.88 39.58 -68.29
CA UNK F 509 -10.88 40.61 -68.60
C UNK F 509 -9.55 39.96 -68.99
N UNK F 510 -9.17 38.99 -68.19
CA UNK F 510 -7.93 38.23 -68.38
C UNK F 510 -7.93 37.56 -69.77
N UNK F 511 -9.06 36.94 -70.05
CA UNK F 511 -9.28 36.24 -71.33
C UNK F 511 -9.09 37.21 -72.50
N UNK F 512 -9.71 38.37 -72.35
CA UNK F 512 -9.66 39.43 -73.35
C UNK F 512 -8.22 39.84 -73.62
N UNK F 513 -7.50 40.03 -72.51
CA UNK F 513 -6.09 40.43 -72.54
C UNK F 513 -5.28 39.40 -73.32
N UNK F 514 -5.53 38.15 -73.00
CA UNK F 514 -4.85 37.01 -73.63
C UNK F 514 -5.08 37.04 -75.15
N UNK F 515 -6.33 37.25 -75.49
CA UNK F 515 -6.76 37.32 -76.90
C UNK F 515 -6.00 38.41 -77.63
N UNK F 516 -5.94 39.56 -76.98
CA UNK F 516 -5.25 40.75 -77.51
C UNK F 516 -3.79 40.42 -77.78
N UNK F 517 -3.18 39.77 -76.80
CA UNK F 517 -1.77 39.36 -76.85
C UNK F 517 -1.54 38.46 -78.07
N UNK F 518 -2.43 37.50 -78.21
CA UNK F 518 -2.40 36.53 -79.31
C UNK F 518 -2.44 37.25 -80.66
N UNK F 519 -3.37 38.20 -80.74
CA UNK F 519 -3.58 39.01 -81.94
C UNK F 519 -2.28 39.75 -82.30
N UNK F 520 -1.70 40.34 -81.28
CA UNK F 520 -0.44 41.11 -81.40
C UNK F 520 0.66 40.20 -81.98
N UNK F 521 0.75 39.02 -81.40
CA UNK F 521 1.73 38.01 -81.80
C UNK F 521 1.57 37.67 -83.28
N UNK F 522 0.32 37.45 -83.65
CA UNK F 522 -0.06 37.11 -85.03
C UNK F 522 0.40 38.20 -85.99
N UNK F 523 0.12 39.43 -85.58
CA UNK F 523 0.48 40.63 -86.34
C UNK F 523 1.99 40.67 -86.58
N UNK F 524 2.75 40.43 -85.51
CA UNK F 524 4.21 40.45 -85.58
C UNK F 524 4.73 39.39 -86.54
N UNK F 525 4.13 38.21 -86.50
CA UNK F 525 4.53 37.12 -87.37
C UNK F 525 4.33 37.49 -88.84
N UNK F 526 3.21 38.15 -89.12
CA UNK F 526 2.89 38.54 -90.48
C UNK F 526 3.94 39.51 -91.04
N UNK F 527 4.37 40.46 -90.20
CA UNK F 527 5.38 41.42 -90.60
C UNK F 527 6.69 40.71 -90.91
N UNK F 528 7.04 39.73 -90.09
CA UNK F 528 8.27 38.96 -90.29
C UNK F 528 8.23 38.19 -91.60
N UNK F 529 7.08 37.61 -91.92
CA UNK F 529 6.95 36.86 -93.17
C UNK F 529 7.14 37.77 -94.37
N UNK F 530 6.55 38.97 -94.30
CA UNK F 530 6.65 39.93 -95.39
C UNK F 530 8.09 40.36 -95.63
N UNK F 531 8.83 40.57 -94.54
CA UNK F 531 10.23 40.96 -94.63
C UNK F 531 11.03 39.87 -95.32
N UNK F 532 10.73 38.62 -94.97
CA UNK F 532 11.41 37.48 -95.58
C UNK F 532 11.11 37.42 -97.07
N UNK F 533 9.86 37.69 -97.43
CA UNK F 533 9.45 37.67 -98.83
C UNK F 533 10.15 38.75 -99.64
N UNK F 534 10.15 39.97 -99.11
CA UNK F 534 10.80 41.09 -99.78
C UNK F 534 12.30 40.87 -99.93
N UNK F 535 12.92 40.31 -98.88
CA UNK F 535 14.35 40.04 -98.89
C UNK F 535 14.71 39.04 -99.97
N UNK F 536 13.88 38.01 -100.13
CA UNK F 536 14.11 36.98 -101.12
C UNK F 536 14.07 37.55 -102.53
N UNK F 537 -11.28 25.49 -79.87
CA UNK F 537 -10.16 24.56 -79.85
C UNK F 537 -9.72 24.20 -81.27
N UNK F 538 -10.67 23.89 -82.13
CA UNK F 538 -10.38 23.54 -83.52
C UNK F 538 -9.61 24.67 -84.20
N UNK F 539 -10.15 25.87 -84.00
CA UNK F 539 -9.58 27.09 -84.56
C UNK F 539 -8.12 27.27 -84.10
N UNK F 540 -7.95 27.07 -82.80
CA UNK F 540 -6.64 27.18 -82.15
C UNK F 540 -5.65 26.21 -82.79
N UNK F 541 -6.13 24.98 -82.96
CA UNK F 541 -5.34 23.90 -83.56
C UNK F 541 -4.89 24.29 -84.96
N UNK F 542 -5.84 24.82 -85.71
CA UNK F 542 -5.61 25.27 -87.08
C UNK F 542 -4.51 26.33 -87.12
N UNK F 543 -4.64 27.27 -86.21
CA UNK F 543 -3.70 28.39 -86.07
C UNK F 543 -2.29 27.84 -85.81
N UNK F 544 -2.23 26.90 -84.89
CA UNK F 544 -0.97 26.24 -84.50
C UNK F 544 -0.32 25.60 -85.72
N UNK F 545 -1.14 24.88 -86.46
CA UNK F 545 -0.72 24.17 -87.68
C UNK F 545 -0.10 25.16 -88.67
N UNK F 546 -0.81 26.26 -88.85
CA UNK F 546 -0.40 27.34 -89.75
C UNK F 546 0.97 27.88 -89.36
N UNK F 547 1.10 28.11 -88.06
CA UNK F 547 2.34 28.62 -87.46
C UNK F 547 3.50 27.67 -87.77
N UNK F 548 3.23 26.40 -87.56
CA UNK F 548 4.20 25.31 -87.79
C UNK F 548 4.67 25.34 -89.25
N UNK F 549 3.69 25.46 -90.12
CA UNK F 549 3.92 25.50 -91.58
C UNK F 549 4.85 26.67 -91.92
N UNK F 550 4.52 27.80 -91.35
CA UNK F 550 5.28 29.05 -91.54
C UNK F 550 6.74 28.84 -91.13
N UNK F 551 6.88 28.24 -89.97
CA UNK F 551 8.20 27.94 -89.38
C UNK F 551 9.03 27.08 -90.34
N UNK F 552 8.35 26.05 -90.84
CA UNK F 552 8.95 25.09 -91.78
C UNK F 552 9.45 25.83 -93.02
N UNK F 553 8.60 26.69 -93.52
CA UNK F 553 8.88 27.49 -94.72
C UNK F 553 10.14 28.34 -94.49
N UNK F 554 10.17 28.97 -93.33
CA UNK F 554 11.29 29.83 -92.91
C UNK F 554 12.58 29.03 -92.91
N UNK F 555 12.50 27.85 -92.32
CA UNK F 555 13.63 26.92 -92.21
C UNK F 555 14.17 26.58 -93.60
N UNK F 556 13.24 26.27 -94.48
CA UNK F 556 13.54 25.91 -95.88
C UNK F 556 14.29 27.05 -96.55
N UNK F 557 13.77 28.24 -96.35
CA UNK F 557 14.34 29.48 -96.92
C UNK F 557 15.79 29.64 -96.45
N UNK F 558 16.01 29.45 -95.15
CA UNK F 558 17.35 29.58 -94.58
C UNK F 558 18.33 28.63 -95.25
N UNK F 559 -28.38 28.47 -65.00
CA UNK F 559 -28.57 27.02 -64.98
C UNK F 559 -29.12 26.57 -63.62
N UNK F 560 -28.47 27.09 -62.58
CA UNK F 560 -28.84 26.80 -61.20
C UNK F 560 -30.30 27.18 -60.94
N UNK F 561 -30.63 28.37 -61.40
CA UNK F 561 -31.98 28.94 -61.26
C UNK F 561 -33.00 28.00 -61.91
N UNK F 562 -32.65 27.59 -63.12
CA UNK F 562 -33.49 26.69 -63.93
C UNK F 562 -33.75 25.39 -63.17
N UNK F 563 -32.68 24.86 -62.62
CA UNK F 563 -32.71 23.61 -61.84
C UNK F 563 -33.66 23.75 -60.66
N UNK F 564 -33.51 24.87 -59.98
CA UNK F 564 -34.34 25.20 -58.81
C UNK F 564 -35.82 25.22 -59.19
N UNK F 565 -36.08 25.88 -60.30
CA UNK F 565 -37.44 26.01 -60.85
C UNK F 565 -38.04 24.63 -61.10
N UNK F 566 -37.23 23.80 -61.73
CA UNK F 566 -37.60 22.42 -62.08
C UNK F 566 -37.99 21.66 -60.82
N UNK F 567 -37.14 21.80 -59.81
CA UNK F 567 -37.32 21.15 -58.51
C UNK F 567 -38.66 21.56 -57.91
N UNK F 568 -38.90 22.86 -57.96
CA UNK F 568 -40.13 23.46 -57.43
C UNK F 568 -41.35 22.85 -58.11
N UNK F 569 -41.25 22.77 -59.42
CA UNK F 569 -42.31 22.21 -60.28
C UNK F 569 -42.62 20.78 -59.86
N UNK F 570 -41.55 20.02 -59.69
CA UNK F 570 -41.61 18.62 -59.28
C UNK F 570 -42.36 18.49 -57.95
N UNK F 571 -41.97 19.34 -57.03
CA UNK F 571 -42.55 19.40 -55.69
C UNK F 571 -44.06 19.64 -55.77
N UNK F 572 -44.40 20.61 -56.60
CA UNK F 572 -45.79 21.00 -56.84
C UNK F 572 -46.60 19.81 -57.34
N UNK F 573 -46.01 19.13 -58.31
CA UNK F 573 -46.61 17.95 -58.94
C UNK F 573 -46.89 16.88 -57.88
N UNK F 574 -45.89 16.66 -57.06
CA UNK F 574 -45.96 15.68 -55.96
C UNK F 574 -47.13 16.01 -55.03
N UNK F 575 -47.21 17.28 -54.68
CA UNK F 575 -48.25 17.81 -53.80
C UNK F 575 -49.63 17.52 -54.39
N UNK F 576 -49.74 17.82 -55.67
CA UNK F 576 -50.98 17.62 -56.43
C UNK F 576 -51.40 16.16 -56.37
N UNK F 577 -50.43 15.30 -56.60
CA UNK F 577 -50.61 13.84 -56.59
C UNK F 577 -51.16 13.39 -55.23
N UNK F 578 -50.52 13.92 -54.20
CA UNK F 578 -50.89 13.62 -52.81
C UNK F 578 -52.35 14.01 -52.55
N UNK F 579 -52.73 15.20 -53.00
CA UNK F 579 -54.09 15.68 -52.82
C UNK F 579 -55.10 14.73 -53.45
N UNK F 580 -14.73 46.01 -81.70
CA UNK F 580 -16.14 45.69 -81.89
C UNK F 580 -16.47 44.32 -81.31
N UNK F 581 -15.62 43.33 -81.62
CA UNK F 581 -15.83 41.97 -81.13
C UNK F 581 -15.86 41.94 -79.61
N UNK F 582 -14.91 42.60 -78.97
CA UNK F 582 -14.84 42.65 -77.52
C UNK F 582 -16.12 43.21 -76.92
N UNK F 583 -16.58 44.32 -77.48
CA UNK F 583 -17.80 44.97 -76.99
C UNK F 583 -18.99 44.01 -77.06
N UNK F 584 -19.15 43.33 -78.19
CA UNK F 584 -20.24 42.39 -78.38
C UNK F 584 -20.21 41.30 -77.31
N UNK F 585 -19.03 40.73 -77.09
CA UNK F 585 -18.88 39.67 -76.09
C UNK F 585 -19.32 40.14 -74.71
N UNK F 586 -18.86 41.34 -74.32
CA UNK F 586 -19.21 41.90 -73.01
C UNK F 586 -20.74 42.01 -72.88
N UNK F 587 -21.33 42.55 -73.94
CA UNK F 587 -22.77 42.76 -74.02
C UNK F 587 -23.50 41.42 -73.85
N UNK F 588 -23.00 40.44 -74.56
CA UNK F 588 -23.55 39.07 -74.54
C UNK F 588 -23.52 38.51 -73.12
N UNK F 589 -22.38 38.71 -72.49
CA UNK F 589 -22.13 38.25 -71.11
C UNK F 589 -23.16 38.87 -70.17
N UNK F 590 -23.33 40.17 -70.35
CA UNK F 590 -24.27 40.97 -69.54
C UNK F 590 -25.69 40.40 -69.68
N UNK F 591 -26.04 40.15 -70.93
CA UNK F 591 -27.35 39.60 -71.28
C UNK F 591 -27.58 38.26 -70.56
N UNK F 592 -26.56 37.44 -70.63
CA UNK F 592 -26.57 36.10 -70.01
C UNK F 592 -26.82 36.23 -68.50
N UNK F 593 -26.08 37.15 -67.91
CA UNK F 593 -26.16 37.44 -66.48
C UNK F 593 -27.61 37.83 -66.10
N UNK F 594 -28.15 38.72 -66.91
CA UNK F 594 -29.52 39.22 -66.73
C UNK F 594 -30.51 38.06 -66.75
N UNK F 595 -30.32 37.21 -67.74
CA UNK F 595 -31.17 36.01 -67.95
C UNK F 595 -31.14 35.13 -66.70
N UNK F 596 -29.92 34.92 -66.22
CA UNK F 596 -29.67 34.10 -65.02
C UNK F 596 -30.43 34.67 -63.83
N UNK F 597 -30.30 35.97 -63.68
CA UNK F 597 -30.95 36.72 -62.59
C UNK F 597 -32.46 36.51 -62.64
N UNK F 598 -32.99 36.64 -63.85
CA UNK F 598 -34.42 36.47 -64.12
C UNK F 598 -34.89 35.09 -63.68
N UNK F 599 -34.09 34.11 -64.08
CA UNK F 599 -34.35 32.70 -63.78
C UNK F 599 -34.42 32.49 -62.27
N UNK F 600 -33.45 33.06 -61.60
CA UNK F 600 -33.32 33.00 -60.14
C UNK F 600 -34.58 33.56 -59.48
N UNK F 601 -34.98 34.71 -59.98
CA UNK F 601 -36.17 35.43 -59.50
C UNK F 601 -37.40 34.53 -59.63
N UNK F 602 -63.32 -14.32 -22.04
CA UNK F 602 -64.24 -13.52 -22.84
C UNK F 602 -64.02 -12.03 -22.59
N UNK F 603 -63.93 -11.65 -21.32
CA UNK F 603 -63.73 -10.26 -20.95
C UNK F 603 -62.44 -9.71 -21.59
N UNK F 604 -61.36 -10.47 -21.48
CA UNK F 604 -60.08 -10.05 -22.03
C UNK F 604 -60.19 -9.81 -23.53
N UNK F 605 -60.81 -10.73 -24.24
CA UNK F 605 -60.98 -10.61 -25.68
C UNK F 605 -61.73 -9.33 -26.05
N UNK F 606 -62.83 -9.06 -25.34
CA UNK F 606 -63.62 -7.87 -25.59
C UNK F 606 -62.78 -6.60 -25.43
N UNK F 607 -62.02 -6.53 -24.34
CA UNK F 607 -61.18 -5.37 -24.07
C UNK F 607 -60.19 -5.13 -25.20
N UNK F 608 -59.54 -6.20 -25.65
CA UNK F 608 -58.56 -6.11 -26.73
C UNK F 608 -59.20 -5.53 -27.99
N UNK F 609 -60.37 -6.06 -28.36
CA UNK F 609 -61.08 -5.59 -29.54
C UNK F 609 -61.37 -4.10 -29.46
N UNK F 610 -61.88 -3.65 -28.31
CA UNK F 610 -62.19 -2.23 -28.11
C UNK F 610 -60.94 -1.38 -28.33
N UNK F 611 -59.87 -1.83 -27.72
CA UNK F 611 -58.56 -1.16 -27.79
C UNK F 611 -58.12 -1.05 -29.26
N UNK F 612 -58.25 -2.16 -29.95
CA UNK F 612 -57.88 -2.27 -31.37
C UNK F 612 -58.67 -1.25 -32.19
N UNK F 613 -59.96 -1.21 -31.91
CA UNK F 613 -60.90 -0.29 -32.58
C UNK F 613 -60.45 1.15 -32.39
N UNK F 614 -60.39 1.57 -31.13
CA UNK F 614 -60.19 2.99 -30.85
C UNK F 614 -58.81 3.55 -31.21
N UNK F 615 -57.76 2.83 -30.81
CA UNK F 615 -56.43 3.37 -30.99
C UNK F 615 -56.00 3.47 -32.45
N UNK F 616 -56.19 2.40 -33.20
CA UNK F 616 -55.70 2.38 -34.56
C UNK F 616 -56.43 3.42 -35.38
N UNK F 617 -57.75 3.44 -35.23
CA UNK F 617 -58.57 4.36 -36.00
C UNK F 617 -58.20 5.78 -35.62
N UNK F 618 -58.04 6.01 -34.32
CA UNK F 618 -57.80 7.38 -33.90
C UNK F 618 -56.48 7.84 -34.50
N UNK F 619 -55.49 6.97 -34.43
CA UNK F 619 -54.16 7.36 -34.87
C UNK F 619 -54.21 7.65 -36.34
N UNK F 620 -54.88 6.79 -37.10
CA UNK F 620 -54.87 6.95 -38.54
C UNK F 620 -55.55 8.26 -38.90
N UNK F 621 -56.68 8.53 -38.26
CA UNK F 621 -57.43 9.72 -38.62
C UNK F 621 -56.59 10.95 -38.32
N UNK F 622 -55.98 10.95 -37.14
CA UNK F 622 -55.26 12.12 -36.72
C UNK F 622 -54.11 12.35 -37.68
N UNK F 623 -53.43 11.28 -38.03
CA UNK F 623 -52.25 11.41 -38.86
C UNK F 623 -52.65 11.96 -40.20
N UNK F 624 -53.74 11.42 -40.76
CA UNK F 624 -54.13 11.84 -42.09
C UNK F 624 -54.48 13.31 -42.08
N UNK F 625 -55.26 13.72 -41.08
CA UNK F 625 -55.73 15.10 -41.07
C UNK F 625 -54.52 16.01 -40.95
N UNK F 626 -53.62 15.63 -40.06
CA UNK F 626 -52.49 16.50 -39.77
C UNK F 626 -51.67 16.63 -41.03
N UNK F 627 -51.22 15.53 -41.61
CA UNK F 627 -50.23 15.62 -42.67
C UNK F 627 -50.55 16.35 -43.98
N UNK F 628 -51.67 16.08 -44.61
CA UNK F 628 -51.90 16.76 -45.89
C UNK F 628 -52.04 18.29 -45.80
N UNK F 629 -52.77 18.78 -44.81
CA UNK F 629 -52.94 20.22 -44.68
C UNK F 629 -51.62 20.91 -44.41
N UNK F 630 -50.83 20.30 -43.53
CA UNK F 630 -49.55 20.86 -43.19
C UNK F 630 -48.67 20.89 -44.41
N UNK F 631 -48.71 19.81 -45.19
CA UNK F 631 -47.87 19.77 -46.37
C UNK F 631 -48.27 20.87 -47.33
N UNK F 632 -49.57 21.08 -47.49
CA UNK F 632 -50.01 22.10 -48.40
C UNK F 632 -49.56 23.49 -47.95
N UNK F 633 -49.67 23.78 -46.67
CA UNK F 633 -49.18 25.07 -46.21
C UNK F 633 -47.66 25.19 -46.34
N UNK F 634 -46.96 24.12 -45.96
CA UNK F 634 -45.48 24.08 -45.94
C UNK F 634 -44.64 24.17 -47.23
N UNK F 635 -45.04 23.48 -48.29
CA UNK F 635 -44.21 23.47 -49.51
C UNK F 635 -44.65 24.39 -50.65
N UNK F 636 -45.95 24.35 -50.95
CA UNK F 636 -46.54 25.18 -52.01
C UNK F 636 -46.17 26.65 -51.79
N UNK F 637 -46.34 27.06 -50.55
CA UNK F 637 -46.05 28.44 -50.12
C UNK F 637 -44.59 28.79 -50.43
N UNK F 638 -43.73 27.85 -50.05
CA UNK F 638 -42.28 27.98 -50.23
C UNK F 638 -41.96 28.18 -51.72
N UNK F 639 -42.59 27.34 -52.52
CA UNK F 639 -42.43 27.35 -53.98
C UNK F 639 -42.81 28.72 -54.54
N UNK F 640 -43.95 29.19 -54.07
CA UNK F 640 -44.51 30.50 -54.47
C UNK F 640 -43.50 31.61 -54.16
N UNK F 641 -42.98 31.54 -52.95
CA UNK F 641 -41.98 32.50 -52.45
C UNK F 641 -40.76 32.54 -53.37
N UNK F 642 -40.31 31.33 -53.69
CA UNK F 642 -39.14 31.13 -54.57
C UNK F 642 -39.38 31.79 -55.93
N UNK F 643 -40.56 31.56 -56.49
CA UNK F 643 -40.92 32.13 -57.78
C UNK F 643 -40.83 33.66 -57.75
N UNK F 644 -56.20 -8.71 16.97
CA UNK F 644 -57.58 -8.21 16.80
C UNK F 644 -57.60 -7.11 15.74
N UNK F 645 -56.65 -6.19 15.88
CA UNK F 645 -56.49 -5.06 14.97
C UNK F 645 -56.30 -5.56 13.54
N UNK F 646 -55.41 -6.53 13.42
CA UNK F 646 -55.07 -7.15 12.14
C UNK F 646 -56.34 -7.73 11.48
N UNK F 647 -57.08 -8.44 12.30
CA UNK F 647 -58.34 -9.09 11.89
C UNK F 647 -59.31 -8.05 11.34
N UNK F 648 -59.42 -6.97 12.09
CA UNK F 648 -60.30 -5.84 11.75
C UNK F 648 -59.92 -5.28 10.39
N UNK F 649 -58.63 -5.09 10.23
CA UNK F 649 -58.04 -4.55 8.99
C UNK F 649 -58.42 -5.45 7.81
N UNK F 650 -58.25 -6.73 8.03
CA UNK F 650 -58.55 -7.77 7.03
C UNK F 650 -60.02 -7.67 6.60
N UNK F 651 -60.86 -7.57 7.60
CA UNK F 651 -62.32 -7.46 7.42
C UNK F 651 -62.64 -6.25 6.54
N UNK F 652 -62.02 -5.14 6.89
CA UNK F 652 -62.19 -3.87 6.18
C UNK F 652 -61.82 -4.03 4.71
N UNK F 653 -60.69 -4.67 4.50
CA UNK F 653 -60.14 -4.94 3.17
C UNK F 653 -61.16 -5.74 2.35
N UNK F 654 -61.68 -6.77 2.99
CA UNK F 654 -62.67 -7.68 2.39
C UNK F 654 -63.90 -6.89 1.94
N UNK F 655 -64.39 -6.02 2.81
CA UNK F 655 -65.57 -5.23 2.50
C UNK F 655 -65.34 -4.31 1.29
N UNK F 656 -64.16 -3.70 1.25
CA UNK F 656 -63.82 -2.81 0.14
C UNK F 656 -63.79 -3.58 -1.17
N UNK F 657 -63.25 -4.79 -1.13
CA UNK F 657 -63.19 -5.63 -2.32
C UNK F 657 -64.59 -5.97 -2.78
N UNK F 658 -65.48 -6.25 -1.84
CA UNK F 658 -66.87 -6.56 -2.16
C UNK F 658 -67.55 -5.37 -2.81
N UNK F 659 -67.26 -4.18 -2.31
CA UNK F 659 -67.82 -2.95 -2.86
C UNK F 659 -67.36 -2.73 -4.29
N UNK F 660 -66.09 -3.01 -4.55
CA UNK F 660 -65.49 -2.83 -5.86
C UNK F 660 -66.11 -3.76 -6.89
N UNK F 661 -66.35 -5.01 -6.49
CA UNK F 661 -66.95 -5.99 -7.39
C UNK F 661 -68.36 -5.58 -7.79
N UNK F 662 -69.11 -5.05 -6.83
CA UNK F 662 -70.48 -4.60 -7.09
C UNK F 662 -70.50 -3.45 -8.09
N UNK F 663 -69.55 -2.53 -7.94
CA UNK F 663 -69.45 -1.38 -8.83
C UNK F 663 -69.15 -1.82 -10.26
N UNK F 664 -68.28 -2.81 -10.39
CA UNK F 664 -67.88 -3.32 -11.69
C UNK F 664 -69.05 -4.01 -12.39
N UNK F 665 -38.57 -43.32 -35.59
CA UNK F 665 -39.27 -44.50 -35.09
C UNK F 665 -38.73 -45.76 -35.80
N UNK F 666 -38.63 -45.63 -37.11
CA UNK F 666 -38.14 -46.71 -37.98
C UNK F 666 -36.73 -47.13 -37.55
N UNK F 667 -35.91 -46.11 -37.34
CA UNK F 667 -34.51 -46.29 -36.93
C UNK F 667 -34.45 -47.07 -35.62
N UNK F 668 -35.29 -46.63 -34.70
CA UNK F 668 -35.39 -47.24 -33.36
C UNK F 668 -35.74 -48.72 -33.49
N UNK F 669 -36.72 -48.98 -34.32
CA UNK F 669 -37.21 -50.34 -34.60
C UNK F 669 -36.07 -51.22 -35.11
N UNK F 670 -35.34 -50.65 -36.06
CA UNK F 670 -34.20 -51.32 -36.68
C UNK F 670 -33.16 -51.71 -35.63
N UNK F 671 -32.88 -50.73 -34.77
CA UNK F 671 -31.92 -50.88 -33.67
C UNK F 671 -32.33 -52.04 -32.77
N UNK F 672 -33.62 -52.04 -32.44
CA UNK F 672 -34.22 -53.06 -31.58
C UNK F 672 -34.03 -54.45 -32.19
N UNK F 673 -34.32 -54.52 -33.48
CA UNK F 673 -34.19 -55.74 -34.26
C UNK F 673 -32.76 -56.28 -34.20
N UNK F 674 -31.83 -55.35 -34.40
CA UNK F 674 -30.40 -55.64 -34.38
C UNK F 674 -30.00 -56.25 -33.02
N UNK F 675 -30.50 -55.60 -31.99
CA UNK F 675 -30.24 -56.01 -30.59
C UNK F 675 -30.73 -57.43 -30.38
N UNK F 676 -31.93 -57.68 -30.85
CA UNK F 676 -32.58 -59.00 -30.75
C UNK F 676 -31.71 -60.06 -31.41
N UNK F 677 -31.27 -59.72 -32.60
CA UNK F 677 -30.42 -60.59 -33.42
C UNK F 677 -29.16 -60.96 -32.65
N UNK F 678 -28.55 -59.93 -32.08
CA UNK F 678 -27.32 -60.06 -31.29
C UNK F 678 -27.54 -61.04 -30.14
N UNK F 679 -28.65 -60.83 -29.46
CA UNK F 679 -29.06 -61.64 -28.31
C UNK F 679 -29.17 -63.11 -28.72
N UNK F 680 -29.83 -63.31 -29.84
CA UNK F 680 -30.04 -64.64 -30.43
C UNK F 680 -28.71 -65.32 -30.68
N UNK F 681 28.47 6.57 -60.33
CA UNK F 681 29.17 5.51 -61.06
C UNK F 681 28.16 4.61 -61.77
N UNK F 682 27.15 4.23 -61.02
CA UNK F 682 26.06 3.36 -61.51
C UNK F 682 25.39 4.00 -62.72
N UNK F 683 25.09 5.27 -62.56
CA UNK F 683 24.44 6.08 -63.61
C UNK F 683 25.28 6.06 -64.89
N UNK F 684 26.56 6.29 -64.68
CA UNK F 684 27.55 6.31 -65.78
C UNK F 684 27.53 4.98 -66.53
N UNK F 685 27.56 3.92 -65.75
CA UNK F 685 27.54 2.55 -66.27
C UNK F 685 26.30 2.33 -67.13
N UNK F 686 25.18 2.77 -66.60
CA UNK F 686 23.87 2.65 -67.27
C UNK F 686 23.92 3.37 -68.62
N UNK F 687 24.46 4.56 -68.59
CA UNK F 687 24.60 5.42 -69.77
C UNK F 687 25.43 4.70 -70.84
N UNK F 688 26.52 4.13 -70.39
CA UNK F 688 27.46 3.38 -71.24
C UNK F 688 26.73 2.23 -71.93
N UNK F 689 25.97 1.51 -71.12
CA UNK F 689 25.18 0.35 -71.56
C UNK F 689 24.22 0.78 -72.68
N UNK F 690 23.54 1.89 -72.41
CA UNK F 690 22.56 2.47 -73.32
C UNK F 690 23.23 2.78 -74.67
N UNK F 691 24.38 3.41 -74.56
CA UNK F 691 25.19 3.79 -75.74
C UNK F 691 25.53 2.57 -76.58
N UNK F 692 25.96 1.53 -75.87
CA UNK F 692 26.34 0.25 -76.48
C UNK F 692 25.16 -0.33 -77.26
N UNK F 693 23.99 -0.33 -76.63
CA UNK F 693 22.78 -0.85 -77.25
C UNK F 693 22.41 -0.04 -78.50
N UNK F 694 22.56 1.28 -78.40
CA UNK F 694 22.24 2.15 -79.52
C UNK F 694 23.11 1.84 -80.75
N UNK F 695 15.62 12.23 -55.88
CA UNK F 695 15.67 12.70 -57.27
C UNK F 695 16.41 11.68 -58.14
N UNK F 696 17.55 11.25 -57.62
CA UNK F 696 18.41 10.27 -58.29
C UNK F 696 17.64 8.98 -58.56
N UNK F 697 16.94 8.54 -57.52
CA UNK F 697 16.12 7.33 -57.56
C UNK F 697 15.07 7.44 -58.67
N UNK F 698 14.43 8.59 -58.68
CA UNK F 698 13.38 8.91 -59.67
C UNK F 698 13.94 8.79 -61.09
N UNK F 699 15.11 9.40 -61.25
CA UNK F 699 15.82 9.42 -62.53
C UNK F 699 16.10 7.99 -63.00
N UNK F 700 16.59 7.20 -62.06
CA UNK F 700 16.93 5.79 -62.30
C UNK F 700 15.69 5.04 -62.80
N UNK F 701 14.59 5.28 -62.10
CA UNK F 701 13.30 4.65 -62.40
C UNK F 701 12.88 4.99 -63.83
N UNK F 702 13.01 6.26 -64.15
CA UNK F 702 12.67 6.80 -65.47
C UNK F 702 13.48 6.08 -66.55
N UNK F 703 14.76 5.97 -66.27
CA UNK F 703 15.71 5.32 -67.18
C UNK F 703 15.27 3.88 -67.44
N UNK F 704 14.94 3.21 -66.37
CA UNK F 704 14.49 1.80 -66.39
C UNK F 704 13.26 1.67 -67.29
N UNK F 705 12.34 2.58 -67.07
CA UNK F 705 11.07 2.63 -67.82
C UNK F 705 11.36 2.77 -69.32
N UNK F 706 12.26 3.69 -69.61
CA UNK F 706 12.69 3.98 -70.98
C UNK F 706 13.24 2.71 -71.64
N UNK F 707 14.10 2.05 -70.90
CA UNK F 707 14.75 0.81 -71.32
C UNK F 707 13.69 -0.24 -71.67
N UNK F 708 12.73 -0.36 -70.78
CA UNK F 708 11.62 -1.31 -70.91
C UNK F 708 10.86 -1.04 -72.21
N UNK F 709 10.57 0.24 -72.42
CA UNK F 709 9.85 0.71 -73.60
C UNK F 709 10.60 0.32 -74.87
N UNK F 710 11.89 0.57 -74.83
CA UNK F 710 12.80 0.25 -75.95
C UNK F 710 12.72 -1.23 -76.29
N UNK F 711 12.80 -2.03 -75.23
CA UNK F 711 12.75 -3.49 -75.33
C UNK F 711 11.45 -3.93 -76.01
N UNK F 712 26.16 -1.27 -40.84
CA UNK F 712 24.86 -0.63 -41.05
C UNK F 712 24.85 0.19 -42.34
N UNK F 713 25.89 1.00 -42.51
CA UNK F 713 26.00 1.85 -43.71
C UNK F 713 25.97 0.99 -44.97
N UNK F 714 26.77 -0.06 -44.92
CA UNK F 714 26.89 -1.02 -46.02
C UNK F 714 25.53 -1.62 -46.35
N UNK F 715 24.85 -2.03 -45.31
CA UNK F 715 23.51 -2.63 -45.39
C UNK F 715 22.55 -1.67 -46.09
N UNK F 716 22.60 -0.42 -45.64
CA UNK F 716 21.77 0.66 -46.16
C UNK F 716 22.00 0.82 -47.67
N UNK F 717 23.28 0.83 -48.01
CA UNK F 717 23.72 0.98 -49.40
C UNK F 717 23.14 -0.15 -50.27
N UNK F 718 23.26 -1.35 -49.73
CA UNK F 718 22.76 -2.57 -50.38
C UNK F 718 21.26 -2.44 -50.66
N UNK F 719 20.56 -2.00 -49.63
CA UNK F 719 19.10 -1.80 -49.67
C UNK F 719 18.74 -0.83 -50.80
N UNK F 720 19.49 0.26 -50.83
CA UNK F 720 19.31 1.33 -51.82
C UNK F 720 19.47 0.75 -53.23
N UNK F 721 20.52 -0.03 -53.39
CA UNK F 721 20.87 -0.67 -54.66
C UNK F 721 19.70 -1.55 -55.12
N UNK F 722 19.21 -2.33 -54.17
CA UNK F 722 18.09 -3.26 -54.41
C UNK F 722 16.86 -2.50 -54.91
N UNK F 723 16.60 -1.40 -54.22
CA UNK F 723 15.47 -0.52 -54.53
C UNK F 723 15.58 0.00 -55.98
N UNK F 724 16.79 0.44 -56.29
CA UNK F 724 17.12 0.97 -57.61
C UNK F 724 16.83 -0.09 -58.69
N UNK F 725 17.31 -1.29 -58.40
CA UNK F 725 17.13 -2.44 -59.29
C UNK F 725 15.65 -2.70 -59.56
N UNK F 726 14.90 -2.67 -58.47
CA UNK F 726 13.45 -2.89 -58.50
C UNK F 726 12.78 -1.85 -59.41
N UNK F 727 13.19 -0.62 -59.21
CA UNK F 727 12.68 0.53 -59.97
C UNK F 727 12.93 0.31 -61.47
N UNK F 728 14.15 -0.10 -61.75
CA UNK F 728 14.60 -0.37 -63.13
C UNK F 728 13.71 -1.44 -63.77
N UNK F 729 13.50 -2.48 -63.01
CA UNK F 729 12.67 -3.61 -63.43
C UNK F 729 11.27 -3.14 -63.79
N UNK F 730 10.73 -2.33 -62.90
CA UNK F 730 9.38 -1.75 -63.04
C UNK F 730 9.30 -0.96 -64.35
N UNK F 731 19.63 -5.55 -72.63
CA UNK F 731 19.85 -6.83 -71.98
C UNK F 731 21.04 -6.69 -71.08
N UNK F 732 22.07 -6.06 -71.62
CA UNK F 732 23.30 -5.88 -70.88
C UNK F 732 23.01 -5.01 -69.67
N UNK F 733 21.95 -4.24 -69.76
CA UNK F 733 21.45 -3.52 -68.61
C UNK F 733 21.02 -4.54 -67.58
N UNK F 734 20.42 -5.62 -68.06
CA UNK F 734 19.99 -6.69 -67.19
C UNK F 734 21.23 -7.24 -66.55
N UNK F 735 22.26 -7.33 -67.36
CA UNK F 735 23.53 -7.85 -66.97
C UNK F 735 24.09 -6.99 -65.85
N UNK F 736 23.94 -5.69 -65.98
CA UNK F 736 24.38 -4.73 -64.99
C UNK F 736 23.65 -4.89 -63.66
N UNK F 737 22.34 -5.11 -63.73
CA UNK F 737 21.59 -5.28 -62.50
C UNK F 737 22.17 -6.51 -61.84
N UNK F 738 22.40 -7.50 -62.70
CA UNK F 738 22.85 -8.79 -62.28
C UNK F 738 24.19 -8.66 -61.59
N UNK F 739 25.04 -7.80 -62.11
CA UNK F 739 26.38 -7.46 -61.59
C UNK F 739 26.40 -6.76 -60.23
N UNK F 740 25.46 -5.84 -60.03
CA UNK F 740 25.34 -5.25 -58.70
C UNK F 740 25.00 -6.41 -57.77
N UNK F 741 25.92 -13.39 -52.64
CA UNK F 741 27.11 -13.69 -51.85
C UNK F 741 27.04 -12.77 -50.64
N UNK F 742 25.86 -12.18 -50.48
CA UNK F 742 25.49 -11.44 -49.30
C UNK F 742 24.11 -11.91 -48.87
N UNK F 743 23.28 -12.15 -49.87
CA UNK F 743 21.92 -12.63 -49.71
C UNK F 743 21.88 -14.01 -49.09
N UNK F 744 22.77 -14.89 -49.52
CA UNK F 744 22.83 -16.21 -48.92
C UNK F 744 23.18 -16.05 -47.45
N UNK F 745 24.11 -15.15 -47.17
CA UNK F 745 24.49 -14.89 -45.79
C UNK F 745 23.33 -14.36 -44.96
N UNK F 746 22.55 -13.48 -45.58
CA UNK F 746 21.38 -12.88 -44.97
C UNK F 746 20.33 -13.94 -44.68
N UNK F 747 20.22 -14.89 -45.60
CA UNK F 747 19.29 -16.00 -45.49
C UNK F 747 19.70 -16.82 -44.28
N UNK F 748 21.01 -16.99 -44.14
CA UNK F 748 21.55 -17.70 -43.00
C UNK F 748 21.21 -16.98 -41.70
N UNK F 749 21.30 -15.65 -41.73
CA UNK F 749 20.96 -14.83 -40.57
C UNK F 749 19.48 -14.99 -40.22
N UNK F 750 18.66 -15.04 -41.25
CA UNK F 750 17.23 -15.22 -41.10
C UNK F 750 16.94 -16.58 -40.46
N UNK F 751 17.70 -17.58 -40.89
CA UNK F 751 17.57 -18.93 -40.36
C UNK F 751 17.93 -18.90 -38.88
N UNK F 752 18.97 -18.13 -38.56
CA UNK F 752 19.42 -17.99 -37.19
C UNK F 752 18.34 -17.36 -36.32
N UNK F 753 17.64 -16.36 -36.86
CA UNK F 753 16.55 -15.69 -36.15
C UNK F 753 15.68 -16.65 -35.34
N UNK F 754 16.70 -17.02 -54.66
CA UNK F 754 17.54 -16.16 -55.50
C UNK F 754 17.41 -16.57 -56.97
N UNK F 755 17.51 -17.86 -57.17
CA UNK F 755 17.43 -18.47 -58.50
C UNK F 755 16.08 -18.11 -59.15
N UNK F 756 15.05 -18.27 -58.36
CA UNK F 756 13.67 -18.00 -58.78
C UNK F 756 13.55 -16.53 -59.24
N UNK F 757 14.11 -15.66 -58.41
CA UNK F 757 14.10 -14.22 -58.64
C UNK F 757 14.77 -13.91 -59.98
N UNK F 758 15.92 -14.54 -60.17
CA UNK F 758 16.73 -14.39 -61.38
C UNK F 758 15.91 -14.78 -62.61
N UNK F 759 15.25 -15.91 -62.47
CA UNK F 759 14.40 -16.48 -63.54
C UNK F 759 13.30 -15.47 -63.91
N UNK F 760 12.69 -14.94 -62.87
CA UNK F 760 11.60 -13.95 -63.01
C UNK F 760 12.10 -12.74 -63.80
N UNK F 761 13.27 -12.28 -63.40
CA UNK F 761 13.92 -11.12 -64.01
C UNK F 761 14.14 -11.36 -65.51
N UNK F 762 14.65 -12.55 -65.78
CA UNK F 762 14.94 -12.99 -67.15
C UNK F 762 13.65 -12.95 -67.99
N UNK F 763 12.60 -13.49 -67.40
CA UNK F 763 11.27 -13.56 -68.04
C UNK F 763 10.80 -12.14 -68.39
N UNK F 764 10.95 -11.26 -67.42
CA UNK F 764 10.56 -9.85 -67.54
C UNK F 764 11.29 -9.21 -68.73
N UNK F 765 12.58 -9.47 -68.76
CA UNK F 765 13.48 -8.95 -69.81
C UNK F 765 13.00 -9.42 -71.18
N UNK F 766 12.69 -10.70 -71.25
CA UNK F 766 12.20 -11.34 -72.48
C UNK F 766 10.93 -10.65 -72.96
N UNK F 767 10.03 -10.44 -72.01
CA UNK F 767 8.74 -9.78 -72.26
C UNK F 767 8.96 -8.39 -72.85
N UNK F 768 9.87 -7.67 -72.23
CA UNK F 768 10.24 -6.31 -72.63
C UNK F 768 10.73 -6.31 -74.09
N UNK F 769 -17.10 -9.77 -65.33
CA UNK F 769 -16.39 -9.57 -64.08
C UNK F 769 -15.09 -10.35 -64.08
N UNK F 770 -15.12 -11.53 -64.67
CA UNK F 770 -13.95 -12.40 -64.71
C UNK F 770 -12.78 -11.79 -65.50
N UNK F 771 -13.09 -11.18 -66.64
CA UNK F 771 -12.06 -10.53 -67.47
C UNK F 771 -11.41 -9.33 -66.79
N UNK F 772 -12.25 -8.56 -66.12
CA UNK F 772 -11.77 -7.41 -65.36
C UNK F 772 -10.89 -7.97 -64.30
N UNK F 773 -11.31 -9.10 -63.75
CA UNK F 773 -10.58 -9.78 -62.69
C UNK F 773 -9.21 -10.19 -63.19
N UNK F 774 -9.14 -10.70 -64.42
CA UNK F 774 -7.88 -11.09 -65.05
C UNK F 774 -6.94 -9.92 -65.26
N UNK F 775 -7.50 -8.77 -65.67
CA UNK F 775 -6.68 -7.58 -65.82
C UNK F 775 -6.13 -7.16 -64.46
N UNK F 776 -7.00 -7.29 -63.46
CA UNK F 776 -6.67 -6.91 -62.10
C UNK F 776 -5.53 -7.81 -61.68
N UNK F 777 -5.61 -9.06 -62.10
CA UNK F 777 -4.62 -10.09 -61.83
C UNK F 777 -3.26 -9.81 -62.44
N UNK F 778 -3.23 -9.32 -63.67
CA UNK F 778 -1.96 -8.93 -64.24
C UNK F 778 -1.38 -7.79 -63.41
N UNK F 779 -2.26 -6.87 -63.02
CA UNK F 779 -1.83 -5.73 -62.24
C UNK F 779 -1.25 -6.23 -60.91
N UNK F 780 -1.89 -7.25 -60.38
CA UNK F 780 -1.54 -7.92 -59.14
C UNK F 780 -0.21 -8.65 -59.19
N UNK F 781 0.09 -9.27 -60.31
CA UNK F 781 1.36 -9.92 -60.50
C UNK F 781 2.38 -8.79 -60.41
N UNK F 782 2.02 -7.68 -61.02
CA UNK F 782 2.91 -6.51 -60.98
C UNK F 782 3.14 -6.02 -59.55
N UNK F 783 2.07 -5.99 -58.76
CA UNK F 783 2.14 -5.57 -57.37
C UNK F 783 3.00 -6.52 -56.54
N UNK F 784 2.88 -7.80 -56.84
CA UNK F 784 3.65 -8.82 -56.17
C UNK F 784 5.11 -8.59 -56.47
N UNK F 785 5.39 -8.25 -57.71
CA UNK F 785 6.75 -7.96 -58.12
C UNK F 785 7.26 -6.77 -57.33
N UNK F 786 6.40 -5.77 -57.17
CA UNK F 786 6.77 -4.57 -56.44
C UNK F 786 7.13 -4.92 -55.01
N UNK F 787 6.36 -5.82 -54.42
CA UNK F 787 6.66 -6.31 -53.10
C UNK F 787 8.14 -6.65 -52.97
N UNK F 788 -9.75 -21.91 -72.14
CA UNK F 788 -8.38 -22.34 -72.47
C UNK F 788 -7.39 -21.21 -72.17
N UNK F 789 -7.77 -20.03 -72.64
CA UNK F 789 -6.97 -18.81 -72.47
C UNK F 789 -6.73 -18.54 -70.97
N UNK F 790 -7.81 -18.65 -70.24
CA UNK F 790 -7.81 -18.44 -68.78
C UNK F 790 -6.82 -19.39 -68.11
N UNK F 791 -6.93 -20.64 -68.52
CA UNK F 791 -6.07 -21.74 -68.01
C UNK F 791 -4.60 -21.40 -68.26
N UNK F 792 -4.35 -20.97 -69.48
CA UNK F 792 -3.00 -20.59 -69.92
C UNK F 792 -2.44 -19.49 -69.02
N UNK F 793 -3.27 -18.50 -68.81
CA UNK F 793 -2.95 -17.34 -67.98
C UNK F 793 -2.55 -17.78 -66.57
N UNK F 794 -3.39 -18.67 -66.05
CA UNK F 794 -3.20 -19.24 -64.71
C UNK F 794 -1.83 -19.93 -64.61
N UNK F 795 -1.56 -20.72 -65.63
CA UNK F 795 -0.31 -21.48 -65.74
C UNK F 795 0.88 -20.52 -65.71
N UNK F 796 0.76 -19.47 -66.50
CA UNK F 796 1.78 -18.42 -66.62
C UNK F 796 2.06 -17.81 -65.24
N UNK F 797 0.97 -17.49 -64.57
CA UNK F 797 1.01 -16.88 -63.23
C UNK F 797 1.78 -17.79 -62.27
N UNK F 798 1.43 -19.05 -62.33
CA UNK F 798 2.04 -20.10 -61.50
C UNK F 798 3.55 -20.14 -61.72
N UNK F 799 3.90 -20.13 -62.99
CA UNK F 799 5.30 -20.16 -63.44
C UNK F 799 6.07 -18.98 -62.85
N UNK F 800 5.44 -17.82 -62.96
CA UNK F 800 5.99 -16.56 -62.46
C UNK F 800 6.27 -16.66 -60.95
N UNK F 801 5.27 -17.18 -60.26
CA UNK F 801 5.33 -17.38 -58.81
C UNK F 801 6.53 -18.26 -58.45
N UNK F 802 6.64 -19.35 -59.19
CA UNK F 802 7.72 -20.34 -59.01
C UNK F 802 9.08 -19.65 -59.17
N UNK F 803 -15.80 -32.61 -64.14
CA UNK F 803 -15.75 -33.26 -62.84
C UNK F 803 -14.31 -33.56 -62.46
N UNK F 804 -13.76 -34.59 -63.09
CA UNK F 804 -12.37 -34.98 -62.83
C UNK F 804 -11.44 -33.86 -63.25
N UNK F 805 -11.77 -33.20 -64.36
CA UNK F 805 -11.00 -32.06 -64.84
C UNK F 805 -11.08 -30.93 -63.83
N UNK F 806 -12.26 -30.75 -63.25
CA UNK F 806 -12.45 -29.71 -62.27
C UNK F 806 -11.54 -30.01 -61.09
N UNK F 807 -11.47 -31.29 -60.74
CA UNK F 807 -10.63 -31.75 -59.65
C UNK F 807 -9.14 -31.50 -59.92
N UNK F 808 -8.71 -31.70 -61.16
CA UNK F 808 -7.34 -31.42 -61.55
C UNK F 808 -7.03 -29.93 -61.47
N UNK F 809 -8.01 -29.13 -61.86
CA UNK F 809 -7.87 -27.68 -61.80
C UNK F 809 -7.69 -27.35 -60.34
N UNK F 810 -8.47 -28.06 -59.53
CA UNK F 810 -8.48 -27.87 -58.09
C UNK F 810 -7.12 -28.18 -57.52
N UNK F 811 -6.50 -29.25 -58.01
CA UNK F 811 -5.16 -29.63 -57.59
C UNK F 811 -4.12 -28.57 -57.94
N UNK F 812 -4.23 -28.00 -59.12
CA UNK F 812 -3.29 -26.92 -59.49
C UNK F 812 -3.49 -25.72 -58.57
N UNK F 813 -4.76 -25.45 -58.30
CA UNK F 813 -5.14 -24.33 -57.48
C UNK F 813 -4.57 -24.57 -56.11
N UNK F 814 -4.58 -25.83 -55.71
CA UNK F 814 -4.08 -26.32 -54.44
C UNK F 814 -2.58 -26.15 -54.29
N UNK F 815 -1.84 -26.39 -55.37
CA UNK F 815 -0.42 -26.13 -55.34
C UNK F 815 -0.23 -24.65 -55.10
N UNK F 816 -1.06 -23.86 -55.78
CA UNK F 816 -0.98 -22.42 -55.62
C UNK F 816 -1.26 -22.01 -54.16
N UNK F 817 -2.25 -22.66 -53.57
CA UNK F 817 -2.65 -22.46 -52.19
C UNK F 817 -1.58 -22.82 -51.19
N UNK F 818 -0.87 -23.90 -51.50
CA UNK F 818 0.23 -24.35 -50.68
C UNK F 818 1.28 -23.27 -50.72
N UNK F 819 1.47 -22.70 -51.91
CA UNK F 819 2.43 -21.61 -52.08
C UNK F 819 2.01 -20.44 -51.22
N UNK F 820 0.71 -20.17 -51.18
CA UNK F 820 0.18 -19.10 -50.35
C UNK F 820 0.43 -19.34 -48.86
N UNK F 821 0.25 -20.58 -48.44
CA UNK F 821 0.41 -20.98 -47.05
C UNK F 821 1.60 -20.31 -46.39
N UNK F 822 -21.82 -26.01 -63.74
CA UNK F 822 -21.04 -24.98 -64.45
C UNK F 822 -20.95 -23.71 -63.62
N UNK F 823 -22.10 -23.32 -63.10
CA UNK F 823 -22.25 -22.12 -62.26
C UNK F 823 -21.32 -22.23 -61.03
N UNK F 824 -21.39 -23.40 -60.42
CA UNK F 824 -20.59 -23.72 -59.22
C UNK F 824 -19.10 -23.55 -59.53
N UNK F 825 -18.72 -24.12 -60.66
CA UNK F 825 -17.33 -24.09 -61.15
C UNK F 825 -16.87 -22.63 -61.30
N UNK F 826 -17.73 -21.86 -61.93
CA UNK F 826 -17.49 -20.43 -62.19
C UNK F 826 -17.24 -19.69 -60.87
N UNK F 827 -18.12 -19.98 -59.92
CA UNK F 827 -18.07 -19.39 -58.57
C UNK F 827 -16.72 -19.70 -57.92
N UNK F 828 -16.34 -20.96 -58.02
CA UNK F 828 -15.08 -21.47 -57.46
C UNK F 828 -13.90 -20.70 -58.06
N UNK F 829 -13.95 -20.56 -59.37
CA UNK F 829 -12.92 -19.85 -60.13
C UNK F 829 -12.78 -18.41 -59.63
N UNK F 830 -13.93 -17.78 -59.47
CA UNK F 830 -14.03 -16.40 -58.99
C UNK F 830 -13.35 -16.27 -57.62
N UNK F 831 -13.70 -17.22 -56.76
CA UNK F 831 -13.18 -17.29 -55.39
C UNK F 831 -11.65 -17.36 -55.42
N UNK F 832 -11.17 -18.24 -56.27
CA UNK F 832 -9.74 -18.49 -56.46
C UNK F 832 -9.04 -17.19 -56.87
N UNK F 833 -9.66 -16.53 -57.83
CA UNK F 833 -9.15 -15.25 -58.36
C UNK F 833 -9.02 -14.22 -57.24
N UNK F 834 -10.08 -14.15 -56.45
CA UNK F 834 -10.16 -13.23 -55.30
C UNK F 834 -9.01 -13.50 -54.34
N UNK F 835 -8.83 -14.77 -54.05
CA UNK F 835 -7.77 -15.24 -53.14
C UNK F 835 -6.40 -14.78 -53.64
N UNK F 836 -6.20 -14.99 -54.93
CA UNK F 836 -4.96 -14.62 -55.63
C UNK F 836 -4.69 -13.13 -55.46
N UNK F 837 -5.74 -12.37 -55.70
CA UNK F 837 -5.71 -10.90 -55.59
C UNK F 837 -5.27 -10.47 -54.19
N UNK F 838 -5.90 -11.12 -53.22
CA UNK F 838 -5.63 -10.87 -51.80
C UNK F 838 -4.15 -11.11 -51.49
N UNK F 839 -3.67 -12.23 -51.99
CA UNK F 839 -2.28 -12.67 -51.81
C UNK F 839 -1.33 -11.61 -52.36
N UNK F 840 -6.84 -14.11 -43.02
CA UNK F 840 -7.45 -15.30 -42.41
C UNK F 840 -8.78 -15.62 -43.11
N UNK F 841 -9.57 -14.56 -43.25
CA UNK F 841 -10.89 -14.63 -43.89
C UNK F 841 -10.75 -15.18 -45.31
N UNK F 842 -9.79 -14.63 -46.01
CA UNK F 842 -9.49 -15.01 -47.41
C UNK F 842 -9.16 -16.50 -47.48
N UNK F 843 -8.31 -16.91 -46.56
CA UNK F 843 -7.87 -18.31 -46.45
C UNK F 843 -9.07 -19.23 -46.25
N UNK F 844 -9.93 -18.81 -45.35
CA UNK F 844 -11.16 -19.55 -45.00
C UNK F 844 -12.02 -19.73 -46.25
N UNK F 845 -12.18 -18.62 -46.96
CA UNK F 845 -12.97 -18.58 -48.21
C UNK F 845 -12.42 -19.59 -49.22
N UNK F 846 -11.11 -19.55 -49.36
CA UNK F 846 -10.38 -20.43 -50.27
C UNK F 846 -10.66 -21.90 -49.93
N UNK F 847 -10.57 -22.17 -48.64
CA UNK F 847 -10.80 -23.52 -48.09
C UNK F 847 -12.20 -24.00 -48.45
N UNK F 848 -13.14 -23.11 -48.24
CA UNK F 848 -14.57 -23.35 -48.52
C UNK F 848 -14.75 -23.71 -49.99
N UNK F 849 -14.12 -22.92 -50.83
CA UNK F 849 -14.17 -23.08 -52.29
C UNK F 849 -13.66 -24.47 -52.67
N UNK F 850 -12.53 -24.82 -52.07
CA UNK F 850 -11.86 -26.11 -52.29
C UNK F 850 -12.82 -27.26 -51.95
N UNK F 851 -13.43 -27.10 -50.79
CA UNK F 851 -14.39 -28.08 -50.26
C UNK F 851 -15.54 -28.29 -51.26
N UNK F 852 9.21 -21.38 -44.93
CA UNK F 852 8.71 -22.42 -44.02
C UNK F 852 9.24 -22.17 -42.61
N UNK F 853 10.53 -21.91 -42.55
CA UNK F 853 11.24 -21.64 -41.29
C UNK F 853 10.61 -20.44 -40.58
N UNK F 854 10.39 -19.41 -41.36
CA UNK F 854 9.79 -18.15 -40.88
C UNK F 854 8.41 -18.43 -40.26
N UNK F 855 7.64 -19.20 -41.01
CA UNK F 855 6.29 -19.60 -40.61
C UNK F 855 6.32 -20.31 -39.25
N UNK F 856 7.26 -21.24 -39.16
CA UNK F 856 7.47 -22.05 -37.95
C UNK F 856 7.76 -21.14 -36.76
N UNK F 857 8.66 -20.19 -37.01
CA UNK F 857 9.09 -19.21 -36.00
C UNK F 857 7.87 -18.44 -35.49
N UNK F 858 7.07 -17.98 -36.45
CA UNK F 858 5.86 -17.21 -36.18
C UNK F 858 4.92 -18.01 -35.26
N UNK F 859 4.75 -19.27 -35.64
CA UNK F 859 3.89 -20.21 -34.91
C UNK F 859 4.36 -20.33 -33.46
N UNK F 860 5.67 -20.50 -33.33
CA UNK F 860 6.32 -20.64 -32.02
C UNK F 860 6.03 -19.41 -31.15
N UNK F 861 6.19 -18.25 -31.78
CA UNK F 861 5.97 -16.95 -31.14
C UNK F 861 4.53 -16.87 -30.61
N UNK F 862 3.61 -17.28 -31.48
CA UNK F 862 2.17 -17.27 -31.18
C UNK F 862 1.90 -18.14 -29.95
N UNK F 863 2.50 -19.32 -29.98
CA UNK F 863 2.37 -20.31 -28.90
C UNK F 863 2.83 -19.69 -27.57
N UNK F 864 3.99 -19.06 -27.65
CA UNK F 864 4.61 -18.39 -26.49
C UNK F 864 3.66 -17.36 -25.91
N UNK F 865 3.11 -16.56 -26.81
CA UNK F 865 2.16 -15.50 -26.47
C UNK F 865 0.96 -16.07 -25.71
N UNK F 866 0.45 -17.16 -26.28
CA UNK F 866 -0.71 -17.87 -25.73
C UNK F 866 -0.41 -18.33 -24.29
N UNK F 867 0.77 -18.91 -24.15
CA UNK F 867 1.26 -19.42 -22.86
C UNK F 867 1.29 -18.29 -21.83
N UNK F 868 1.84 -17.17 -22.27
CA UNK F 868 1.96 -15.96 -21.44
C UNK F 868 0.59 -15.52 -20.95
N UNK F 869 -8.61 -35.40 -47.40
CA UNK F 869 -7.58 -35.45 -48.45
C UNK F 869 -6.77 -34.15 -48.47
N UNK F 870 -7.51 -33.06 -48.42
CA UNK F 870 -6.94 -31.70 -48.42
C UNK F 870 -5.99 -31.53 -47.24
N UNK F 871 -6.47 -31.97 -46.09
CA UNK F 871 -5.72 -31.89 -44.83
C UNK F 871 -4.40 -32.65 -44.96
N UNK F 872 -4.52 -33.85 -45.52
CA UNK F 872 -3.38 -34.75 -45.74
C UNK F 872 -2.33 -34.06 -46.61
N UNK F 873 -2.83 -33.46 -47.68
CA UNK F 873 -2.01 -32.74 -48.67
C UNK F 873 -1.23 -31.62 -47.96
N UNK F 874 -1.97 -30.88 -47.14
CA UNK F 874 -1.42 -29.76 -46.38
C UNK F 874 -0.27 -30.24 -45.48
N UNK F 875 -0.55 -31.33 -44.80
CA UNK F 875 0.41 -31.98 -43.89
C UNK F 875 1.69 -32.33 -44.64
N UNK F 876 1.50 -32.93 -45.79
CA UNK F 876 2.60 -33.36 -46.67
C UNK F 876 3.47 -32.15 -47.04
N UNK F 877 2.78 -31.09 -47.43
CA UNK F 877 3.41 -29.83 -47.84
C UNK F 877 4.28 -29.29 -46.69
N UNK F 878 3.69 -29.31 -45.51
CA UNK F 878 4.35 -28.84 -44.28
C UNK F 878 5.63 -29.64 -44.05
N UNK F 879 5.50 -30.94 -44.18
CA UNK F 879 6.61 -31.89 -43.99
C UNK F 879 7.75 -31.54 -44.95
N UNK F 880 7.37 -31.33 -46.20
CA UNK F 880 8.30 -30.98 -47.28
C UNK F 880 9.07 -29.71 -46.93
N UNK F 881 8.31 -28.73 -46.47
CA UNK F 881 8.85 -27.43 -46.07
C UNK F 881 9.90 -27.61 -44.97
N UNK F 882 9.53 -28.42 -44.00
CA UNK F 882 10.39 -28.73 -42.84
C UNK F 882 11.70 -29.34 -43.32
N UNK F 883 11.56 -30.29 -44.22
CA UNK F 883 12.70 -31.02 -44.82
C UNK F 883 13.64 -30.01 -45.49
N UNK F 884 -2.98 -16.95 -39.64
CA UNK F 884 -3.50 -15.61 -39.45
C UNK F 884 -4.75 -15.67 -38.60
N UNK F 885 -5.61 -16.61 -38.93
CA UNK F 885 -6.82 -16.81 -38.18
C UNK F 885 -6.40 -17.18 -36.77
N UNK F 886 -5.33 -17.96 -36.70
CA UNK F 886 -4.82 -18.38 -35.42
C UNK F 886 -4.42 -17.12 -34.68
N UNK F 887 -3.84 -16.17 -35.41
CA UNK F 887 -3.37 -14.92 -34.82
C UNK F 887 -4.51 -14.10 -34.22
N UNK F 888 -5.61 -14.05 -34.95
CA UNK F 888 -6.80 -13.35 -34.49
C UNK F 888 -7.32 -14.02 -33.24
N UNK F 889 -7.29 -15.33 -33.24
CA UNK F 889 -7.78 -16.09 -32.11
C UNK F 889 -6.94 -15.68 -30.92
N UNK F 890 -5.64 -15.59 -31.16
CA UNK F 890 -4.70 -15.22 -30.12
C UNK F 890 -4.98 -13.83 -29.56
N UNK F 891 -5.27 -12.87 -30.43
CA UNK F 891 -5.59 -11.52 -29.96
C UNK F 891 -6.85 -11.51 -29.10
N UNK F 892 -7.86 -12.26 -29.55
CA UNK F 892 -9.11 -12.32 -28.80
C UNK F 892 -8.84 -12.92 -27.43
N UNK F 893 -7.96 -13.91 -27.44
CA UNK F 893 -7.52 -14.62 -26.25
C UNK F 893 -6.79 -13.72 -25.27
N UNK F 894 -5.98 -12.83 -25.82
CA UNK F 894 -5.25 -11.86 -25.04
C UNK F 894 -6.28 -10.99 -24.36
N UNK F 895 -7.31 -10.63 -25.12
CA UNK F 895 -8.34 -9.80 -24.57
C UNK F 895 -8.97 -10.54 -23.40
N UNK F 896 -9.21 -11.83 -23.60
CA UNK F 896 -9.82 -12.63 -22.54
C UNK F 896 -8.96 -12.73 -21.29
N UNK F 897 -7.66 -12.91 -21.45
CA UNK F 897 -6.79 -13.07 -20.30
C UNK F 897 -6.83 -11.81 -19.45
N UNK F 898 0.33 -29.09 -24.63
CA UNK F 898 1.46 -28.46 -25.34
C UNK F 898 1.44 -28.87 -26.81
N UNK F 899 1.27 -30.17 -27.00
CA UNK F 899 1.22 -30.77 -28.34
C UNK F 899 0.10 -30.14 -29.16
N UNK F 900 -1.05 -30.04 -28.52
CA UNK F 900 -2.26 -29.46 -29.13
C UNK F 900 -1.97 -28.02 -29.59
N UNK F 901 -1.35 -27.28 -28.69
CA UNK F 901 -0.98 -25.88 -28.92
C UNK F 901 -0.09 -25.77 -30.15
N UNK F 902 0.90 -26.65 -30.18
CA UNK F 902 1.88 -26.73 -31.27
C UNK F 902 1.16 -26.95 -32.60
N UNK F 903 0.25 -27.90 -32.56
CA UNK F 903 -0.56 -28.28 -33.73
C UNK F 903 -1.33 -27.07 -34.25
N UNK F 904 -1.94 -26.38 -33.31
CA UNK F 904 -2.73 -25.17 -33.60
C UNK F 904 -1.88 -24.13 -34.30
N UNK F 905 -0.70 -23.93 -33.73
CA UNK F 905 0.29 -22.97 -34.25
C UNK F 905 0.64 -23.31 -35.70
N UNK F 906 0.89 -24.59 -35.92
CA UNK F 906 1.25 -25.13 -37.23
C UNK F 906 0.15 -24.82 -38.24
N UNK F 907 -1.07 -25.09 -37.81
CA UNK F 907 -2.28 -24.86 -38.61
C UNK F 907 -2.37 -23.39 -39.02
N UNK F 908 -2.15 -22.54 -38.04
CA UNK F 908 -2.19 -21.08 -38.22
C UNK F 908 -1.17 -20.66 -39.28
N UNK F 909 -6.30 -24.32 -17.51
CA UNK F 909 -5.80 -23.28 -18.42
C UNK F 909 -5.96 -23.73 -19.87
N UNK F 910 -5.55 -24.96 -20.10
CA UNK F 910 -5.62 -25.60 -21.43
C UNK F 910 -7.06 -25.60 -21.94
N UNK F 911 -7.94 -26.01 -21.04
CA UNK F 911 -9.39 -26.08 -21.32
C UNK F 911 -9.92 -24.72 -21.74
N UNK F 912 -9.51 -23.73 -20.96
CA UNK F 912 -9.91 -22.33 -21.19
C UNK F 912 -9.48 -21.87 -22.59
N UNK F 913 -8.24 -22.19 -22.89
CA UNK F 913 -7.61 -21.86 -24.18
C UNK F 913 -8.43 -22.47 -25.32
N UNK F 914 -8.75 -23.73 -25.13
CA UNK F 914 -9.54 -24.51 -26.11
C UNK F 914 -10.88 -23.83 -26.37
N UNK F 915 -11.51 -23.45 -25.27
CA UNK F 915 -12.82 -22.77 -25.29
C UNK F 915 -12.74 -21.49 -26.10
N UNK F 916 -11.69 -20.73 -25.81
CA UNK F 916 -11.41 -19.46 -26.49
C UNK F 916 -11.30 -19.67 -27.99
N UNK F 917 -10.53 -20.69 -28.34
CA UNK F 917 -10.27 -21.07 -29.73
C UNK F 917 -11.60 -21.37 -30.44
N UNK F 918 -12.41 -22.14 -29.75
CA UNK F 918 -13.74 -22.56 -30.24
C UNK F 918 -14.59 -21.32 -30.54
N UNK F 919 -14.57 -20.42 -29.58
CA UNK F 919 -15.32 -19.16 -29.66
C UNK F 919 -14.89 -18.37 -30.90
N UNK F 920 -13.59 -18.29 -31.06
CA UNK F 920 -12.97 -17.58 -32.18
C UNK F 920 -13.45 -18.16 -33.51
N UNK F 921 -13.42 -19.48 -33.55
CA UNK F 921 -13.85 -20.25 -34.73
C UNK F 921 -15.31 -19.91 -35.08
N UNK F 922 0.52 -39.97 -20.59
CA UNK F 922 -0.49 -40.50 -21.52
C UNK F 922 -1.88 -40.10 -21.03
N UNK F 923 -2.10 -40.31 -19.75
CA UNK F 923 -3.37 -39.99 -19.08
C UNK F 923 -3.71 -38.51 -19.27
N UNK F 924 -2.70 -37.70 -19.03
CA UNK F 924 -2.80 -36.24 -19.14
C UNK F 924 -3.24 -35.86 -20.57
N UNK F 925 -2.57 -36.47 -21.51
CA UNK F 925 -2.82 -36.27 -22.94
C UNK F 925 -4.28 -36.58 -23.27
N UNK F 926 -4.71 -37.72 -22.76
CA UNK F 926 -6.07 -38.22 -22.95
C UNK F 926 -7.09 -37.20 -22.43
N UNK F 927 -6.79 -36.72 -21.24
CA UNK F 927 -7.62 -35.73 -20.54
C UNK F 927 -7.77 -34.47 -21.41
N UNK F 928 -6.63 -34.03 -21.91
CA UNK F 928 -6.53 -32.84 -22.77
C UNK F 928 -7.42 -33.01 -24.00
N UNK F 929 -7.29 -34.18 -24.60
CA UNK F 929 -8.06 -34.55 -25.79
C UNK F 929 -9.56 -34.46 -25.51
N UNK F 930 -9.93 -35.03 -24.38
CA UNK F 930 -11.32 -35.05 -23.92
C UNK F 930 -11.86 -33.63 -23.78
N UNK F 931 -11.04 -32.80 -23.17
CA UNK F 931 -11.36 -31.38 -22.93
C UNK F 931 -11.63 -30.68 -24.27
N UNK F 932 -10.72 -30.94 -25.19
CA UNK F 932 -10.78 -30.37 -26.55
C UNK F 932 -12.11 -30.75 -27.21
N UNK F 933 -12.41 -32.03 -27.10
CA UNK F 933 -13.64 -32.61 -27.67
C UNK F 933 -14.87 -31.89 -27.11
N UNK F 934 -14.85 -31.72 -25.79
CA UNK F 934 -15.93 -31.05 -25.05
C UNK F 934 -16.13 -29.64 -25.59
N UNK F 935 -15.00 -28.95 -25.73
CA UNK F 935 -14.96 -27.57 -26.23
C UNK F 935 -15.62 -27.49 -27.62
N UNK F 936 -15.22 -28.43 -28.45
CA UNK F 936 -15.72 -28.54 -29.83
C UNK F 936 -17.24 -28.70 -29.82
N UNK F 937 -17.69 -29.59 -28.96
CA UNK F 937 -19.11 -29.90 -28.79
C UNK F 937 -19.88 -28.63 -28.41
N UNK F 938 -19.31 -27.92 -27.46
CA UNK F 938 -19.88 -26.66 -26.95
C UNK F 938 -20.04 -25.66 -28.09
N UNK F 939 -18.97 -25.55 -28.86
CA UNK F 939 -18.92 -24.64 -30.02
C UNK F 939 -20.05 -24.98 -31.00
N UNK F 940 -20.16 -26.27 -31.27
CA UNK F 940 -21.18 -26.79 -32.19
C UNK F 940 -22.58 -26.39 -31.70
N UNK F 941 0.44 -42.64 -30.81
CA UNK F 941 1.05 -41.39 -31.26
C UNK F 941 0.48 -41.00 -32.63
N UNK F 942 0.46 -42.00 -33.50
CA UNK F 942 -0.03 -41.84 -34.87
C UNK F 942 -1.48 -41.36 -34.86
N UNK F 943 -2.26 -42.01 -34.02
CA UNK F 943 -3.68 -41.72 -33.85
C UNK F 943 -3.86 -40.26 -33.42
N UNK F 944 -3.06 -39.88 -32.45
CA UNK F 944 -3.06 -38.52 -31.89
C UNK F 944 -2.79 -37.49 -33.00
N UNK F 945 -1.77 -37.81 -33.79
CA UNK F 945 -1.34 -36.98 -34.91
C UNK F 945 -2.49 -36.77 -35.89
N UNK F 946 -3.14 -37.88 -36.20
CA UNK F 946 -4.28 -37.93 -37.12
C UNK F 946 -5.39 -37.00 -36.61
N UNK F 947 -5.66 -37.14 -35.33
CA UNK F 947 -6.70 -36.36 -34.64
C UNK F 947 -6.39 -34.86 -34.78
N UNK F 948 -5.14 -34.55 -34.52
CA UNK F 948 -4.64 -33.16 -34.59
C UNK F 948 -4.87 -32.59 -36.00
N UNK F 949 -4.51 -33.40 -36.97
CA UNK F 949 -4.65 -33.05 -38.39
C UNK F 949 -6.11 -32.74 -38.71
N UNK F 950 -6.97 -33.62 -38.23
CA UNK F 950 -8.42 -33.50 -38.43
C UNK F 950 -8.92 -32.17 -37.86
N UNK F 951 -8.47 -31.89 -36.65
CA UNK F 951 -8.81 -30.67 -35.93
C UNK F 951 -8.42 -29.44 -36.75
N UNK F 952 -7.20 -29.49 -37.25
CA UNK F 952 -6.62 -28.41 -38.06
C UNK F 952 -7.50 -28.17 -39.29
N UNK F 953 -7.86 -29.27 -39.93
CA UNK F 953 -8.71 -29.25 -41.13
C UNK F 953 -10.04 -28.55 -40.83
N UNK F 954 -10.62 -28.96 -39.71
CA UNK F 954 -11.89 -28.42 -39.23
C UNK F 954 -11.79 -26.90 -39.05
N UNK F 955 -10.72 -26.51 -38.41
CA UNK F 955 -10.42 -25.10 -38.13
C UNK F 955 -10.36 -24.31 -39.44
N UNK F 956 -9.65 -24.88 -40.38
CA UNK F 956 -9.47 -24.30 -41.72
C UNK F 956 -10.83 -24.07 -42.38
N UNK F 957 -15.88 -33.08 -39.26
CA UNK F 957 -15.77 -33.30 -37.81
C UNK F 957 -16.42 -34.65 -37.43
N UNK F 958 -17.61 -34.84 -37.97
CA UNK F 958 -18.40 -36.05 -37.74
C UNK F 958 -17.61 -37.29 -38.17
N UNK F 959 -17.04 -37.17 -39.36
CA UNK F 959 -16.24 -38.23 -39.97
C UNK F 959 -15.07 -38.60 -39.04
N UNK F 960 -14.41 -37.56 -38.57
CA UNK F 960 -13.26 -37.68 -37.67
C UNK F 960 -13.65 -38.44 -36.40
N UNK F 961 -14.79 -38.04 -35.87
CA UNK F 961 -15.36 -38.63 -34.65
C UNK F 961 -15.59 -40.13 -34.86
N UNK F 962 -16.19 -40.43 -36.01
CA UNK F 962 -16.50 -41.80 -36.41
C UNK F 962 -15.22 -42.65 -36.45
N UNK F 963 -14.22 -42.06 -37.07
CA UNK F 963 -12.90 -42.70 -37.23
C UNK F 963 -12.32 -43.04 -35.85
N UNK F 964 -12.40 -42.06 -34.98
CA UNK F 964 -11.91 -42.16 -33.60
C UNK F 964 -12.59 -43.33 -32.89
N UNK F 965 -13.89 -43.37 -33.05
CA UNK F 965 -14.75 -44.41 -32.45
C UNK F 965 -14.29 -45.79 -32.94
N UNK F 966 -14.10 -45.87 -34.23
CA UNK F 966 -13.65 -47.10 -34.90
C UNK F 966 -12.33 -47.59 -34.30
N UNK F 967 -11.43 -46.63 -34.17
CA UNK F 967 -10.08 -46.87 -33.61
C UNK F 967 -10.21 -47.45 -32.20
N UNK F 968 -11.05 -46.81 -31.42
CA UNK F 968 -11.32 -47.20 -30.03
C UNK F 968 -11.81 -48.66 -29.98
N UNK F 969 -12.75 -48.93 -30.85
CA UNK F 969 -13.36 -50.27 -30.97
C UNK F 969 -12.28 -51.31 -31.26
N UNK F 970 -11.43 -50.97 -32.21
CA UNK F 970 -10.31 -51.81 -32.64
C UNK F 970 -9.41 -52.13 -31.45
N UNK F 971 -9.09 -51.09 -30.72
CA UNK F 971 -8.24 -51.16 -29.53
C UNK F 971 -8.84 -52.14 -28.52
N UNK F 972 -11.66 -45.97 -27.15
CA UNK F 972 -12.19 -46.00 -25.77
C UNK F 972 -12.11 -44.60 -25.14
N UNK F 973 -10.95 -44.00 -25.31
CA UNK F 973 -10.66 -42.66 -24.78
C UNK F 973 -11.67 -41.65 -25.35
N UNK F 974 -11.86 -41.76 -26.65
CA UNK F 974 -12.78 -40.88 -27.39
C UNK F 974 -14.19 -41.00 -26.81
N UNK F 975 -14.58 -42.25 -26.62
CA UNK F 975 -15.90 -42.60 -26.07
C UNK F 975 -16.08 -41.94 -24.70
N UNK F 976 -15.05 -42.09 -23.89
CA UNK F 976 -15.03 -41.54 -22.53
C UNK F 976 -15.23 -40.02 -22.57
N UNK F 977 -14.50 -39.41 -23.46
CA UNK F 977 -14.53 -37.95 -23.68
C UNK F 977 -15.97 -37.51 -24.02
N UNK F 978 -16.55 -38.26 -24.95
CA UNK F 978 -17.91 -38.02 -25.42
C UNK F 978 -18.90 -38.06 -24.25
N UNK F 979 -18.73 -39.10 -23.45
CA UNK F 979 -19.56 -39.34 -22.27
C UNK F 979 -19.48 -38.14 -21.31
N UNK F 980 -18.25 -37.72 -21.10
CA UNK F 980 -17.94 -36.58 -20.22
C UNK F 980 -18.68 -35.33 -20.71
N UNK F 981 -18.57 -35.12 -22.01
CA UNK F 981 -19.19 -33.97 -22.69
C UNK F 981 -20.71 -33.99 -22.45
N UNK F 982 -21.26 -35.16 -22.65
CA UNK F 982 -22.71 -35.40 -22.48
C UNK F 982 -23.14 -35.03 -21.05
N UNK F 983 -22.34 -35.51 -20.12
CA UNK F 983 -22.56 -35.27 -18.68
C UNK F 983 -22.59 -33.77 -18.40
N UNK F 984 -25.58 -42.31 -41.06
CA UNK F 984 -26.23 -42.69 -39.80
C UNK F 984 -25.51 -42.03 -38.62
N UNK F 985 -24.19 -42.15 -38.67
CA UNK F 985 -23.30 -41.60 -37.63
C UNK F 985 -23.51 -40.09 -37.52
N UNK F 986 -23.54 -39.46 -38.68
CA UNK F 986 -23.73 -38.00 -38.79
C UNK F 986 -25.06 -37.60 -38.13
N UNK F 987 -26.09 -38.36 -38.47
CA UNK F 987 -27.44 -38.15 -37.96
C UNK F 987 -27.44 -38.21 -36.42
N UNK F 988 -26.78 -39.25 -35.93
CA UNK F 988 -26.65 -39.50 -34.49
C UNK F 988 -26.00 -38.30 -33.81
N UNK F 989 -24.92 -37.84 -34.42
CA UNK F 989 -24.15 -36.69 -33.93
C UNK F 989 -25.05 -35.46 -33.83
N UNK F 990 -25.81 -35.26 -34.88
CA UNK F 990 -26.74 -34.13 -34.99
C UNK F 990 -27.75 -34.18 -33.84
N UNK F 991 -28.28 -35.36 -33.64
CA UNK F 991 -29.27 -35.64 -32.58
C UNK F 991 -28.69 -35.27 -31.22
N UNK F 992 -27.47 -35.72 -31.01
CA UNK F 992 -26.72 -35.49 -29.77
C UNK F 992 -26.59 -33.99 -29.51
N UNK F 993 -26.21 -33.30 -30.57
CA UNK F 993 -26.01 -31.84 -30.55
C UNK F 993 -27.30 -31.15 -30.13
N UNK F 994 -28.39 -31.59 -30.75
CA UNK F 994 -29.73 -31.06 -30.50
C UNK F 994 -30.09 -31.22 -29.01
N UNK F 995 -29.82 -32.43 -28.53
CA UNK F 995 -30.08 -32.79 -27.14
C UNK F 995 -29.33 -31.85 -26.19
N UNK F 996 -28.07 -31.64 -26.53
CA UNK F 996 -27.17 -30.78 -25.75
C UNK F 996 -27.74 -29.36 -25.68
N UNK F 997 -28.17 -28.90 -26.84
CA UNK F 997 -28.76 -27.56 -27.01
C UNK F 997 -29.98 -27.42 -26.09
N UNK F 998 -30.81 -28.44 -26.15
CA UNK F 998 -32.05 -28.50 -25.36
C UNK F 998 -31.72 -28.38 -23.86
N UNK F 999 -30.72 -29.16 -23.47
CA UNK F 999 -30.24 -29.20 -22.08
C UNK F 999 -29.81 -27.80 -21.63
N UNK F 1000 -19.23 -57.10 -24.96
CA UNK F 1000 -20.20 -56.07 -24.55
C UNK F 1000 -19.85 -54.74 -25.22
N UNK F 1001 -18.57 -54.42 -25.14
CA UNK F 1001 -18.01 -53.18 -25.71
C UNK F 1001 -18.31 -53.12 -27.20
N UNK F 1002 -18.03 -54.25 -27.86
CA UNK F 1002 -18.23 -54.40 -29.30
C UNK F 1002 -19.70 -54.14 -29.65
N UNK F 1003 -20.57 -54.75 -28.87
CA UNK F 1003 -22.03 -54.63 -29.03
C UNK F 1003 -22.44 -53.16 -28.95
N UNK F 1004 -21.90 -52.50 -27.94
CA UNK F 1004 -22.17 -51.09 -27.67
C UNK F 1004 -21.79 -50.24 -28.89
N UNK F 1005 -20.59 -50.53 -29.38
CA UNK F 1005 -20.02 -49.85 -30.55
C UNK F 1005 -20.95 -49.99 -31.74
N UNK F 1006 -21.39 -51.22 -31.95
CA UNK F 1006 -22.30 -51.58 -33.04
C UNK F 1006 -23.59 -50.75 -32.95
N UNK F 1007 -24.11 -50.71 -31.74
CA UNK F 1007 -25.35 -49.97 -31.43
C UNK F 1007 -25.18 -48.49 -31.80
N UNK F 1008 -24.05 -47.96 -31.38
CA UNK F 1008 -23.68 -46.55 -31.62
C UNK F 1008 -23.68 -46.27 -33.13
N UNK F 1009 -23.03 -47.18 -33.85
CA UNK F 1009 -22.90 -47.10 -35.31
C UNK F 1009 -24.28 -47.06 -35.95
N UNK F 1010 -25.14 -47.96 -35.48
CA UNK F 1010 -26.51 -48.08 -35.97
C UNK F 1010 -27.26 -46.76 -35.77
N UNK F 1011 -34.55 -40.88 -28.44
CA UNK F 1011 -33.13 -40.69 -28.80
C UNK F 1011 -32.31 -40.41 -27.54
N UNK F 1012 -32.84 -39.52 -26.73
CA UNK F 1012 -32.21 -39.11 -25.47
C UNK F 1012 -32.00 -40.34 -24.57
N UNK F 1013 -33.06 -41.11 -24.47
CA UNK F 1013 -33.09 -42.34 -23.66
C UNK F 1013 -31.99 -43.28 -24.11
N UNK F 1014 -31.93 -43.45 -25.43
CA UNK F 1014 -30.95 -44.33 -26.08
C UNK F 1014 -29.52 -43.89 -25.71
N UNK F 1015 -29.32 -42.58 -25.81
CA UNK F 1015 -28.03 -41.95 -25.51
C UNK F 1015 -27.62 -42.26 -24.07
N UNK F 1016 -28.59 -42.08 -23.19
CA UNK F 1016 -28.42 -42.32 -21.75
C UNK F 1016 -27.97 -43.76 -21.51
N UNK F 1017 -28.68 -44.66 -22.17
CA UNK F 1017 -28.42 -46.11 -22.09
C UNK F 1017 -26.98 -46.41 -22.50
N UNK F 1018 -26.60 -45.80 -23.62
CA UNK F 1018 -25.27 -45.96 -24.19
C UNK F 1018 -24.20 -45.52 -23.18
N UNK F 1019 -24.47 -44.36 -22.60
CA UNK F 1019 -23.58 -43.77 -21.59
C UNK F 1019 -23.39 -44.73 -20.42
N UNK F 1020 -24.51 -45.26 -19.96
CA UNK F 1020 -24.55 -46.21 -18.84
C UNK F 1020 -23.68 -47.43 -19.16
N UNK F 1021 -23.86 -47.92 -20.36
CA UNK F 1021 -23.12 -49.09 -20.87
C UNK F 1021 -21.62 -48.81 -20.82
N UNK F 1022 -21.26 -47.64 -21.32
CA UNK F 1022 -19.88 -47.18 -21.37
C UNK F 1022 -19.27 -47.17 -19.96
N UNK F 1023 -20.04 -46.61 -19.05
CA UNK F 1023 -19.65 -46.49 -17.63
C UNK F 1023 -19.37 -47.89 -17.06
N UNK F 1024 -20.29 -48.79 -17.35
CA UNK F 1024 -20.21 -50.18 -16.90
C UNK F 1024 -18.91 -50.82 -17.39
N UNK F 1025 -18.66 -50.60 -18.67
CA UNK F 1025 -17.47 -51.12 -19.34
C UNK F 1025 -16.20 -50.62 -18.64
N UNK F 1026 -16.21 -49.34 -18.37
CA UNK F 1026 -15.09 -48.65 -17.69
C UNK F 1026 -14.83 -49.30 -16.34
N UNK F 1027 -15.92 -49.50 -15.62
CA UNK F 1027 -15.90 -50.11 -14.28
C UNK F 1027 -15.25 -51.50 -14.35
N UNK F 1028 -15.69 -52.25 -15.33
CA UNK F 1028 -15.21 -53.61 -15.58
C UNK F 1028 -13.70 -53.60 -15.80
N UNK F 1029 -13.30 -52.67 -16.65
CA UNK F 1029 -11.88 -52.47 -17.01
C UNK F 1029 -11.05 -52.21 -15.74
N UNK F 1030 -11.58 -51.30 -14.94
CA UNK F 1030 -10.94 -50.91 -13.67
C UNK F 1030 -10.75 -52.12 -12.78
N UNK F 1031 -11.78 -52.94 -12.65
CA UNK F 1031 -11.73 -54.14 -11.82
C UNK F 1031 -10.60 -55.07 -12.28
N UNK F 1032 -45.46 -46.10 -24.67
CA UNK F 1032 -45.51 -47.57 -24.62
C UNK F 1032 -44.35 -48.16 -25.41
N UNK F 1033 -44.19 -47.63 -26.60
CA UNK F 1033 -43.13 -48.05 -27.54
C UNK F 1033 -41.75 -47.88 -26.88
N UNK F 1034 -41.59 -46.71 -26.28
CA UNK F 1034 -40.35 -46.34 -25.59
C UNK F 1034 -40.04 -47.36 -24.49
N UNK F 1035 -41.08 -47.64 -23.72
CA UNK F 1035 -41.00 -48.59 -22.60
C UNK F 1035 -40.53 -49.97 -23.11
N UNK F 1036 -41.16 -50.38 -24.19
CA UNK F 1036 -40.86 -51.66 -24.83
C UNK F 1036 -39.38 -51.72 -25.24
N UNK F 1037 -38.94 -50.64 -25.85
CA UNK F 1037 -37.55 -50.49 -26.31
C UNK F 1037 -36.60 -50.65 -25.13
N UNK F 1038 -36.94 -49.96 -24.07
CA UNK F 1038 -36.15 -49.97 -22.82
C UNK F 1038 -36.01 -51.41 -22.30
N UNK F 1039 -37.14 -52.08 -22.29
CA UNK F 1039 -37.24 -53.47 -21.82
C UNK F 1039 -36.31 -54.36 -22.64
N UNK F 1040 -36.38 -54.16 -23.95
CA UNK F 1040 -35.58 -54.91 -24.91
C UNK F 1040 -34.09 -54.72 -24.62
N UNK F 1041 -33.74 -53.47 -24.41
CA UNK F 1041 -32.37 -53.06 -24.10
C UNK F 1041 -31.87 -53.78 -22.84
N UNK F 1042 -32.72 -53.77 -21.84
CA UNK F 1042 -32.45 -54.40 -20.55
C UNK F 1042 -32.16 -55.89 -20.74
N UNK F 1043 -33.02 -56.50 -21.53
CA UNK F 1043 -32.94 -57.94 -21.85
C UNK F 1043 -31.58 -58.24 -22.51
N UNK F 1044 -31.24 -57.39 -23.46
CA UNK F 1044 -29.99 -57.50 -24.21
C UNK F 1044 -28.79 -57.46 -23.25
N UNK F 1045 -28.86 -56.49 -22.36
CA UNK F 1045 -27.83 -56.26 -21.34
C UNK F 1045 -27.65 -57.52 -20.50
N UNK F 1046 -28.77 -58.05 -20.07
CA UNK F 1046 -28.83 -59.27 -19.24
C UNK F 1046 -28.14 -60.42 -19.97
N UNK F 1047 -28.49 -60.56 -21.23
CA UNK F 1047 -27.94 -61.61 -22.11
C UNK F 1047 -26.41 -61.49 -22.17
N UNK F 1048 -43.40 -73.80 -17.79
CA UNK F 1048 -42.11 -73.10 -17.71
C UNK F 1048 -42.16 -71.81 -18.54
N UNK F 1049 -42.67 -71.96 -19.75
CA UNK F 1049 -42.82 -70.86 -20.71
C UNK F 1049 -43.68 -69.75 -20.09
N UNK F 1050 -44.78 -70.17 -19.52
CA UNK F 1050 -45.75 -69.28 -18.88
C UNK F 1050 -45.06 -68.48 -17.77
N UNK F 1051 -44.32 -69.21 -16.97
CA UNK F 1051 -43.56 -68.64 -15.84
C UNK F 1051 -42.60 -67.55 -16.34
N UNK F 1052 -41.90 -67.91 -17.39
CA UNK F 1052 -40.93 -67.01 -18.04
C UNK F 1052 -41.61 -65.71 -18.48
N UNK F 1053 -42.74 -65.91 -19.12
CA UNK F 1053 -43.56 -64.80 -19.63
C UNK F 1053 -43.95 -63.86 -18.49
N UNK F 1054 -44.40 -64.48 -17.41
CA UNK F 1054 -44.83 -63.77 -16.19
C UNK F 1054 -43.67 -62.91 -15.66
N UNK F 1055 -42.51 -63.55 -15.60
CA UNK F 1055 -41.28 -62.91 -15.12
C UNK F 1055 -40.96 -61.67 -15.95
N UNK F 1056 -41.06 -61.87 -17.25
CA UNK F 1056 -40.79 -60.81 -18.25
C UNK F 1056 -41.72 -59.62 -18.00
N UNK F 1057 -42.98 -59.96 -17.81
CA UNK F 1057 -44.04 -58.97 -17.56
C UNK F 1057 -43.71 -58.15 -16.31
N UNK F 1058 -43.31 -58.87 -15.28
CA UNK F 1058 -42.94 -58.29 -13.99
C UNK F 1058 -41.80 -57.29 -14.18
N UNK F 1059 -40.80 -57.74 -14.93
CA UNK F 1059 -39.61 -56.94 -15.24
C UNK F 1059 -40.01 -55.64 -15.92
N UNK F 1060 -40.88 -55.79 -16.90
CA UNK F 1060 -41.40 -54.67 -17.70
C UNK F 1060 -42.08 -53.65 -16.77
N UNK F 1061 -42.90 -54.18 -15.89
CA UNK F 1061 -43.65 -53.37 -14.91
C UNK F 1061 -42.68 -52.56 -14.05
N UNK F 1062 -41.66 -53.26 -13.59
CA UNK F 1062 -40.61 -52.67 -12.74
C UNK F 1062 -39.94 -51.51 -13.46
N UNK F 1063 -39.61 -51.77 -14.72
CA UNK F 1063 -38.96 -50.79 -15.59
C UNK F 1063 -39.83 -49.53 -15.71
N UNK F 1064 -41.10 -49.78 -15.95
CA UNK F 1064 -42.11 -48.72 -16.09
C UNK F 1064 -42.15 -47.84 -14.83
N UNK F 1065 -42.17 -48.54 -13.70
CA UNK F 1065 -42.21 -47.90 -12.38
C UNK F 1065 -40.99 -46.98 -12.21
N UNK F 1066 -26.35 -49.02 21.16
CA UNK F 1066 -25.74 -49.82 20.10
C UNK F 1066 -25.23 -48.93 18.97
N UNK F 1067 -25.62 -47.67 19.01
CA UNK F 1067 -25.26 -46.72 17.96
C UNK F 1067 -23.76 -46.52 17.85
N UNK F 1068 -23.09 -46.43 19.00
CA UNK F 1068 -21.64 -46.25 19.00
C UNK F 1068 -20.98 -47.45 18.35
N UNK F 1069 -21.49 -48.63 18.69
CA UNK F 1069 -20.95 -49.87 18.14
C UNK F 1069 -21.13 -49.87 16.63
N UNK F 1070 -22.29 -49.42 16.18
CA UNK F 1070 -22.58 -49.38 14.75
C UNK F 1070 -21.62 -48.44 14.04
N UNK F 1071 -21.36 -47.29 14.65
CA UNK F 1071 -20.45 -46.32 14.06
C UNK F 1071 -19.06 -46.92 13.96
N UNK F 1072 -18.67 -47.64 15.01
CA UNK F 1072 -17.35 -48.25 15.05
C UNK F 1072 -17.24 -49.28 13.93
N UNK F 1073 -18.32 -50.03 13.74
CA UNK F 1073 -18.35 -51.03 12.69
C UNK F 1073 -18.22 -50.39 11.33
N UNK F 1074 -18.89 -49.26 11.15
CA UNK F 1074 -18.75 -48.51 9.91
C UNK F 1074 -17.30 -48.04 9.79
N UNK F 1075 -16.74 -47.61 10.93
CA UNK F 1075 -15.36 -47.13 10.99
C UNK F 1075 -14.31 -48.19 10.65
N UNK F 1076 -14.51 -49.42 11.12
CA UNK F 1076 -13.56 -50.49 10.87
C UNK F 1076 -13.46 -50.76 9.37
N UNK F 1077 -14.62 -50.75 8.73
CA UNK F 1077 -14.73 -50.90 7.27
C UNK F 1077 -13.65 -50.06 6.58
N UNK F 1078 -13.57 -48.82 7.03
CA UNK F 1078 -12.60 -47.84 6.51
C UNK F 1078 -11.18 -48.38 6.66
N UNK F 1079 -10.90 -48.88 7.85
CA UNK F 1079 -9.60 -49.45 8.20
C UNK F 1079 -9.25 -50.59 7.24
N UNK F 1080 -10.23 -51.45 7.05
CA UNK F 1080 -10.11 -52.62 6.15
C UNK F 1080 -9.74 -52.17 4.75
N UNK F 1081 -10.46 -51.16 4.29
CA UNK F 1081 -10.27 -50.56 2.97
C UNK F 1081 -8.84 -50.07 2.81
N UNK F 1082 -8.40 -49.35 3.84
CA UNK F 1082 -7.06 -48.78 3.91
C UNK F 1082 -6.01 -49.88 3.77
N UNK F 1083 -6.23 -50.94 4.52
CA UNK F 1083 -5.35 -52.11 4.55
C UNK F 1083 -5.24 -52.70 3.15
N UNK F 1084 -6.38 -52.85 2.52
CA UNK F 1084 -6.50 -53.40 1.17
C UNK F 1084 -5.67 -52.57 0.20
N UNK F 1085 -5.82 -51.25 0.28
CA UNK F 1085 -5.07 -50.34 -0.59
C UNK F 1085 -3.57 -50.55 -0.45
N UNK F 1086 -27.81 -59.30 16.55
CA UNK F 1086 -27.19 -58.33 15.63
C UNK F 1086 -25.87 -57.83 16.22
N UNK F 1087 -25.94 -57.47 17.49
CA UNK F 1087 -24.79 -56.96 18.23
C UNK F 1087 -23.65 -57.99 18.22
N UNK F 1088 -24.03 -59.22 18.50
CA UNK F 1088 -23.11 -60.36 18.54
C UNK F 1088 -22.40 -60.50 17.19
N UNK F 1089 -23.21 -60.43 16.15
CA UNK F 1089 -22.74 -60.54 14.76
C UNK F 1089 -21.69 -59.46 14.47
N UNK F 1090 -22.04 -58.26 14.88
CA UNK F 1090 -21.19 -57.07 14.70
C UNK F 1090 -19.84 -57.30 15.37
N UNK F 1091 -19.92 -57.78 16.60
CA UNK F 1091 -18.74 -58.08 17.42
C UNK F 1091 -17.83 -59.07 16.70
N UNK F 1092 -18.47 -60.11 16.19
CA UNK F 1092 -17.78 -61.18 15.46
C UNK F 1092 -17.03 -60.60 14.26
N UNK F 1093 -17.74 -59.76 13.54
CA UNK F 1093 -17.20 -59.09 12.35
C UNK F 1093 -15.96 -58.28 12.71
N UNK F 1094 -16.09 -57.54 13.80
CA UNK F 1094 -15.02 -56.69 14.32
C UNK F 1094 -13.77 -57.54 14.62
N UNK F 1095 -14.03 -58.64 15.29
CA UNK F 1095 -13.00 -59.61 15.67
C UNK F 1095 -12.25 -60.11 14.44
N UNK F 1096 -13.04 -60.47 13.44
CA UNK F 1096 -12.54 -60.98 12.16
C UNK F 1096 -11.61 -59.94 11.52
N UNK F 1097 -12.08 -58.71 11.52
CA UNK F 1097 -11.35 -57.57 10.96
C UNK F 1097 -10.00 -57.42 11.64
N UNK F 1098 -10.05 -57.49 12.96
CA UNK F 1098 -8.87 -57.38 13.82
C UNK F 1098 -7.85 -58.45 13.44
N UNK F 1099 -8.36 -59.66 13.32
CA UNK F 1099 -7.55 -60.83 12.95
C UNK F 1099 -6.85 -60.60 11.63
N UNK F 1100 -7.62 -60.11 10.68
CA UNK F 1100 -7.14 -59.82 9.32
C UNK F 1100 -5.98 -58.82 9.38
N UNK F 1101 -42.89 -64.49 14.31
CA UNK F 1101 -41.87 -63.60 14.88
C UNK F 1101 -40.56 -64.37 15.06
N UNK F 1102 -40.70 -65.54 15.65
CA UNK F 1102 -39.57 -66.45 15.93
C UNK F 1102 -38.84 -66.78 14.64
N UNK F 1103 -39.63 -67.12 13.64
CA UNK F 1103 -39.13 -67.49 12.31
C UNK F 1103 -38.31 -66.33 11.72
N UNK F 1104 -38.89 -65.15 11.84
CA UNK F 1104 -38.27 -63.92 11.34
C UNK F 1104 -36.91 -63.71 12.00
N UNK F 1105 -36.91 -63.89 13.31
CA UNK F 1105 -35.71 -63.75 14.14
C UNK F 1105 -34.61 -64.70 13.66
N UNK F 1106 -35.03 -65.93 13.43
CA UNK F 1106 -34.15 -67.01 12.96
C UNK F 1106 -33.51 -66.62 11.63
N UNK F 1107 -34.36 -66.12 10.75
CA UNK F 1107 -33.95 -65.68 9.42
C UNK F 1107 -32.88 -64.59 9.53
N UNK F 1108 -33.16 -63.64 10.39
CA UNK F 1108 -32.27 -62.51 10.66
C UNK F 1108 -30.89 -63.01 11.11
N UNK F 1109 -30.95 -63.95 12.05
CA UNK F 1109 -29.75 -64.57 12.62
C UNK F 1109 -28.91 -65.22 11.51
N UNK F 1110 -29.61 -65.95 10.67
CA UNK F 1110 -29.00 -66.65 9.53
C UNK F 1110 -28.28 -65.66 8.62
N UNK F 1111 -28.98 -64.58 8.33
CA UNK F 1111 -28.47 -63.50 7.48
C UNK F 1111 -27.18 -62.94 8.06
N UNK F 1112 -27.23 -62.68 9.35
CA UNK F 1112 -26.10 -62.14 10.12
C UNK F 1112 -24.89 -63.06 9.99
N UNK F 1113 -25.16 -64.34 10.17
CA UNK F 1113 -24.14 -65.40 10.09
C UNK F 1113 -23.48 -65.38 8.71
N UNK F 1114 -24.33 -65.29 7.70
CA UNK F 1114 -23.89 -65.25 6.30
C UNK F 1114 -22.96 -64.07 6.07
N UNK F 1115 -23.38 -62.93 6.58
CA UNK F 1115 -22.62 -61.67 6.49
C UNK F 1115 -21.24 -61.84 7.10
N UNK F 1116 -21.24 -62.43 8.28
CA UNK F 1116 -20.01 -62.70 9.05
C UNK F 1116 -19.06 -63.56 8.22
N UNK F 1117 -19.63 -64.59 7.65
CA UNK F 1117 -18.88 -65.55 6.81
C UNK F 1117 -18.22 -64.82 5.64
N UNK F 1118 -19.02 -63.98 5.01
CA UNK F 1118 -18.59 -63.17 3.86
C UNK F 1118 -17.39 -62.29 4.25
N UNK F 1119 -46.67 -64.12 2.95
CA UNK F 1119 -45.81 -64.82 3.91
C UNK F 1119 -45.00 -65.89 3.21
N UNK F 1120 -45.71 -66.64 2.39
CA UNK F 1120 -45.12 -67.74 1.60
C UNK F 1120 -44.00 -67.21 0.71
N UNK F 1121 -44.31 -66.11 0.05
CA UNK F 1121 -43.38 -65.43 -0.86
C UNK F 1121 -42.11 -65.04 -0.11
N UNK F 1122 -42.33 -64.46 1.05
CA UNK F 1122 -41.25 -64.00 1.94
C UNK F 1122 -40.33 -65.17 2.30
N UNK F 1123 -40.98 -66.25 2.66
CA UNK F 1123 -40.30 -67.50 3.05
C UNK F 1123 -39.41 -67.99 1.91
N UNK F 1124 -40.00 -67.99 0.73
CA UNK F 1124 -39.32 -68.41 -0.50
C UNK F 1124 -38.07 -67.57 -0.74
N UNK F 1125 -38.25 -66.27 -0.59
CA UNK F 1125 -37.18 -65.28 -0.76
C UNK F 1125 -36.03 -65.59 0.20
N UNK F 1126 -36.41 -65.83 1.44
CA UNK F 1126 -35.46 -66.15 2.52
C UNK F 1126 -34.63 -67.38 2.14
N UNK F 1127 -35.35 -68.39 1.67
CA UNK F 1127 -34.77 -69.68 1.26
C UNK F 1127 -33.73 -69.43 0.16
N UNK F 1128 -34.14 -68.63 -0.80
CA UNK F 1128 -33.30 -68.27 -1.96
C UNK F 1128 -32.00 -67.62 -1.47
N UNK F 1129 -32.18 -66.68 -0.56
CA UNK F 1129 -31.06 -65.93 0.05
C UNK F 1129 -30.07 -66.89 0.71
N UNK F 1130 -30.64 -67.81 1.46
CA UNK F 1130 -29.88 -68.84 2.19
C UNK F 1130 -29.04 -69.65 1.21
N UNK F 1131 -29.70 -70.06 0.14
CA UNK F 1131 -29.09 -70.86 -0.93
C UNK F 1131 -27.89 -70.12 -1.53
N UNK F 1132 -28.12 -68.84 -1.80
CA UNK F 1132 -27.11 -67.95 -2.37
C UNK F 1132 -25.89 -67.88 -1.45
N UNK F 1133 -26.19 -67.71 -0.18
CA UNK F 1133 -25.16 -67.62 0.88
C UNK F 1133 -24.31 -68.89 0.87
N UNK F 1134 -17.00 -54.76 -10.43
CA UNK F 1134 -17.64 -55.23 -9.22
C UNK F 1134 -18.62 -54.20 -8.67
N UNK F 1135 -18.60 -53.01 -9.25
CA UNK F 1135 -19.49 -51.94 -8.82
C UNK F 1135 -20.95 -52.31 -9.03
N UNK F 1136 -21.23 -52.94 -10.16
CA UNK F 1136 -22.58 -53.39 -10.47
C UNK F 1136 -23.04 -54.43 -9.45
N UNK F 1137 -22.13 -55.33 -9.08
CA UNK F 1137 -22.42 -56.36 -8.08
C UNK F 1137 -22.73 -55.70 -6.74
N UNK F 1138 -21.96 -54.68 -6.40
CA UNK F 1138 -22.16 -53.95 -5.15
C UNK F 1138 -23.54 -53.29 -5.16
N UNK F 1139 -23.91 -52.73 -6.30
CA UNK F 1139 -25.22 -52.10 -6.45
C UNK F 1139 -26.33 -53.11 -6.27
N UNK F 1140 -26.12 -54.31 -6.82
CA UNK F 1140 -27.08 -55.40 -6.69
C UNK F 1140 -27.23 -55.81 -5.22
N UNK F 1141 -26.11 -55.85 -4.51
CA UNK F 1141 -26.11 -56.22 -3.10
C UNK F 1141 -26.72 -55.11 -2.24
N UNK F 1142 -26.24 -53.89 -2.43
CA UNK F 1142 -26.73 -52.73 -1.67
C UNK F 1142 -28.25 -52.66 -1.76
N UNK F 1143 -28.72 -52.80 -2.99
CA UNK F 1143 -30.16 -52.76 -3.31
C UNK F 1143 -30.90 -53.84 -2.52
N UNK F 1144 -30.32 -55.02 -2.56
CA UNK F 1144 -30.87 -56.20 -1.86
C UNK F 1144 -30.99 -55.92 -0.37
N UNK F 1145 -29.92 -55.35 0.17
CA UNK F 1145 -29.85 -54.99 1.59
C UNK F 1145 -30.97 -54.02 1.96
N UNK F 1146 -31.13 -53.03 1.10
CA UNK F 1146 -32.14 -51.99 1.26
C UNK F 1146 -33.53 -52.63 1.31
N UNK F 1147 -33.75 -53.52 0.37
CA UNK F 1147 -35.02 -54.25 0.24
C UNK F 1147 -35.33 -55.01 1.53
N UNK F 1148 -34.30 -55.69 2.01
CA UNK F 1148 -34.37 -56.49 3.24
C UNK F 1148 -34.79 -55.60 4.42
N UNK F 1149 -34.13 -54.47 4.49
CA UNK F 1149 -34.38 -53.45 5.53
C UNK F 1149 -35.84 -53.02 5.51
N UNK F 1150 -36.30 -52.74 4.31
CA UNK F 1150 -37.68 -52.29 4.05
C UNK F 1150 -38.66 -53.35 4.56
N UNK F 1151 -38.36 -54.58 4.21
CA UNK F 1151 -39.18 -55.74 4.59
C UNK F 1151 -39.29 -55.82 6.11
N UNK F 1152 -38.14 -55.68 6.75
CA UNK F 1152 -38.01 -55.72 8.21
C UNK F 1152 -38.90 -54.66 8.84
N UNK F 1153 -38.80 -53.47 8.28
CA UNK F 1153 -39.57 -52.30 8.73
C UNK F 1153 -41.07 -52.60 8.66
N UNK F 1154 -41.50 -53.17 7.54
CA UNK F 1154 -42.90 -53.49 7.33
C UNK F 1154 -43.40 -54.51 8.34
N UNK F 1155 -42.56 -55.49 8.65
CA UNK F 1155 -42.92 -56.52 9.61
C UNK F 1155 -43.13 -55.91 10.99
N UNK F 1156 -42.27 -54.97 11.35
CA UNK F 1156 -42.38 -54.28 12.64
C UNK F 1156 -43.68 -53.51 12.73
N UNK F 1157 -44.07 -52.85 11.64
CA UNK F 1157 -45.30 -52.08 11.60
C UNK F 1157 -46.50 -53.00 11.79
N UNK F 1158 -46.46 -54.17 11.17
CA UNK F 1158 -47.54 -55.15 11.28
C UNK F 1158 -47.67 -55.67 12.70
N UNK F 1159 -48.03 -57.77 -4.31
CA UNK F 1159 -47.46 -56.43 -4.16
C UNK F 1159 -45.97 -56.52 -3.85
N UNK F 1160 -45.67 -57.39 -2.90
CA UNK F 1160 -44.30 -57.64 -2.45
C UNK F 1160 -43.43 -58.07 -3.63
N UNK F 1161 -43.97 -59.00 -4.38
CA UNK F 1161 -43.31 -59.57 -5.57
C UNK F 1161 -42.97 -58.45 -6.56
N UNK F 1162 -43.97 -57.62 -6.79
CA UNK F 1162 -43.87 -56.48 -7.71
C UNK F 1162 -42.73 -55.56 -7.28
N UNK F 1163 -42.73 -55.28 -5.98
CA UNK F 1163 -41.72 -54.41 -5.36
C UNK F 1163 -40.33 -54.97 -5.60
N UNK F 1164 -40.21 -56.27 -5.37
CA UNK F 1164 -38.95 -57.01 -5.54
C UNK F 1164 -38.45 -56.86 -6.98
N UNK F 1165 -39.39 -57.06 -7.89
CA UNK F 1165 -39.12 -56.96 -9.33
C UNK F 1165 -38.57 -55.58 -9.68
N UNK F 1166 -39.24 -54.58 -9.14
CA UNK F 1166 -38.88 -53.17 -9.34
C UNK F 1166 -37.44 -52.93 -8.87
N UNK F 1167 -37.17 -53.44 -7.68
CA UNK F 1167 -35.86 -53.32 -7.05
C UNK F 1167 -34.78 -53.92 -7.95
N UNK F 1168 -35.09 -55.11 -8.46
CA UNK F 1168 -34.20 -55.86 -9.35
C UNK F 1168 -33.88 -55.03 -10.59
N UNK F 1169 -34.94 -54.46 -11.14
CA UNK F 1169 -34.85 -53.61 -12.34
C UNK F 1169 -33.92 -52.43 -12.09
N UNK F 1170 -34.12 -51.81 -10.95
CA UNK F 1170 -33.34 -50.65 -10.51
C UNK F 1170 -31.85 -51.02 -10.45
N UNK F 1171 -31.62 -52.17 -9.83
CA UNK F 1171 -30.27 -52.72 -9.66
C UNK F 1171 -29.59 -52.90 -11.02
N UNK F 1172 -30.35 -53.49 -11.92
CA UNK F 1172 -29.91 -53.75 -13.30
C UNK F 1172 -29.49 -52.44 -13.98
N UNK F 1173 -16.19 -54.37 -0.48
CA UNK F 1173 -17.27 -53.60 -1.11
C UNK F 1173 -18.63 -54.15 -0.69
N UNK F 1174 -18.72 -55.47 -0.79
CA UNK F 1174 -19.94 -56.21 -0.44
C UNK F 1174 -20.33 -55.94 1.01
N UNK F 1175 -19.31 -56.02 1.86
CA UNK F 1175 -19.47 -55.79 3.30
C UNK F 1175 -20.03 -54.39 3.56
N UNK F 1176 -19.43 -53.44 2.87
CA UNK F 1176 -19.80 -52.02 2.97
C UNK F 1176 -21.29 -51.85 2.59
N UNK F 1177 -21.64 -52.48 1.49
CA UNK F 1177 -23.00 -52.45 0.96
C UNK F 1177 -23.99 -52.98 2.01
N UNK F 1178 -23.61 -54.11 2.59
CA UNK F 1178 -24.40 -54.78 3.62
C UNK F 1178 -24.64 -53.83 4.80
N UNK F 1179 -23.56 -53.20 5.20
CA UNK F 1179 -23.56 -52.25 6.33
C UNK F 1179 -24.55 -51.11 6.05
N UNK F 1180 -24.49 -50.57 4.83
CA UNK F 1180 -25.37 -49.49 4.43
C UNK F 1180 -26.84 -49.91 4.49
N UNK F 1181 -27.10 -51.14 4.08
CA UNK F 1181 -28.46 -51.67 4.09
C UNK F 1181 -29.01 -51.74 5.51
N UNK F 1182 -28.17 -52.15 6.46
CA UNK F 1182 -28.57 -52.26 7.85
C UNK F 1182 -28.96 -50.91 8.42
N UNK F 1183 -28.20 -49.88 8.06
CA UNK F 1183 -28.46 -48.52 8.54
C UNK F 1183 -29.78 -47.98 7.98
N UNK F 1184 -40.88 -38.96 -12.30
CA UNK F 1184 -40.77 -38.22 -11.05
C UNK F 1184 -40.41 -39.15 -9.89
N UNK F 1185 -41.12 -40.26 -9.78
CA UNK F 1185 -40.88 -41.22 -8.72
C UNK F 1185 -39.48 -41.82 -8.84
N UNK F 1186 -39.06 -42.11 -10.06
CA UNK F 1186 -37.72 -42.64 -10.30
C UNK F 1186 -36.66 -41.63 -9.87
N UNK F 1187 -36.91 -40.36 -10.19
CA UNK F 1187 -36.00 -39.29 -9.81
C UNK F 1187 -35.91 -39.19 -8.28
N UNK F 1188 -37.05 -39.34 -7.62
CA UNK F 1188 -37.08 -39.31 -6.16
C UNK F 1188 -36.27 -40.46 -5.59
N UNK F 1189 -36.40 -41.62 -6.21
CA UNK F 1189 -35.65 -42.81 -5.78
C UNK F 1189 -34.16 -42.56 -5.95
N UNK F 1190 -33.79 -41.93 -7.05
CA UNK F 1190 -32.38 -41.60 -7.31
C UNK F 1190 -31.86 -40.65 -6.25
N UNK F 1191 -32.69 -39.67 -5.87
CA UNK F 1191 -32.32 -38.71 -4.84
C UNK F 1191 -32.12 -39.42 -3.51
N UNK F 1192 -32.98 -40.39 -3.22
CA UNK F 1192 -32.88 -41.18 -2.00
C UNK F 1192 -31.58 -41.98 -1.99
N UNK F 1193 -31.22 -42.53 -3.14
CA UNK F 1193 -30.00 -43.32 -3.28
C UNK F 1193 -28.77 -42.49 -2.95
N UNK F 1194 -53.66 -59.19 -10.57
CA UNK F 1194 -52.37 -58.58 -10.78
C UNK F 1194 -52.43 -57.55 -11.91
N UNK F 1195 -53.04 -57.95 -13.03
CA UNK F 1195 -53.16 -57.05 -14.18
C UNK F 1195 -53.87 -55.76 -13.80
N UNK F 1196 -54.99 -55.89 -13.09
CA UNK F 1196 -55.76 -54.72 -12.66
C UNK F 1196 -54.92 -53.77 -11.83
N UNK F 1197 -54.18 -54.33 -10.86
CA UNK F 1197 -53.33 -53.52 -10.00
C UNK F 1197 -52.31 -52.73 -10.80
N UNK F 1198 -51.65 -53.41 -11.75
CA UNK F 1198 -50.64 -52.77 -12.59
C UNK F 1198 -51.26 -51.59 -13.34
N UNK F 1199 -52.41 -51.86 -13.91
CA UNK F 1199 -53.18 -50.87 -14.68
C UNK F 1199 -53.50 -49.65 -13.81
N UNK F 1200 -53.96 -49.96 -12.61
CA UNK F 1200 -54.32 -48.94 -11.61
C UNK F 1200 -53.11 -48.04 -11.31
N UNK F 1201 -51.99 -48.71 -11.10
CA UNK F 1201 -50.72 -48.05 -10.80
C UNK F 1201 -50.35 -47.08 -11.92
N UNK F 1202 -50.48 -47.59 -13.13
CA UNK F 1202 -50.17 -46.84 -14.35
C UNK F 1202 -51.02 -45.57 -14.40
N UNK F 1203 -52.31 -45.78 -14.14
CA UNK F 1203 -53.30 -44.69 -14.14
C UNK F 1203 -52.90 -43.60 -13.14
N UNK F 1204 -52.53 -44.07 -11.97
CA UNK F 1204 -52.09 -43.20 -10.86
C UNK F 1204 -50.90 -42.35 -11.29
N UNK F 1205 -49.95 -43.03 -11.91
CA UNK F 1205 -48.72 -42.41 -12.41
C UNK F 1205 -49.06 -41.29 -13.41
N UNK F 1206 -49.96 -41.64 -14.31
CA UNK F 1206 -50.43 -40.72 -15.36
C UNK F 1206 -51.03 -39.46 -14.72
N UNK F 1207 -51.86 -39.70 -13.73
CA UNK F 1207 -52.56 -38.64 -12.99
C UNK F 1207 -51.52 -37.70 -12.37
N UNK F 1208 -50.53 -38.32 -11.74
CA UNK F 1208 -49.44 -37.59 -11.08
C UNK F 1208 -48.72 -36.69 -12.07
N UNK F 1209 -48.43 -37.27 -13.21
CA UNK F 1209 -47.73 -36.59 -14.32
C UNK F 1209 -48.54 -35.35 -14.74
N UNK F 1210 -49.83 -35.58 -14.90
CA UNK F 1210 -50.78 -34.53 -15.31
C UNK F 1210 -50.74 -33.37 -14.30
N UNK F 1211 -50.79 -33.75 -13.04
CA UNK F 1211 -50.75 -32.80 -11.92
C UNK F 1211 -49.49 -31.94 -11.99
N UNK F 1212 -48.39 -32.63 -12.21
CA UNK F 1212 -47.06 -32.00 -12.31
C UNK F 1212 -47.06 -30.97 -13.43
N UNK F 1213 -47.61 -31.39 -14.56
CA UNK F 1213 -47.70 -30.56 -15.77
C UNK F 1213 -48.48 -29.28 -15.45
N UNK F 1214 -49.61 -29.48 -14.79
CA UNK F 1214 -50.51 -28.41 -14.39
C UNK F 1214 -49.77 -27.39 -13.51
N UNK F 1215 -49.03 -27.93 -12.57
CA UNK F 1215 -48.24 -27.14 -11.61
C UNK F 1215 -47.23 -26.28 -12.38
N UNK F 1216 -46.56 -26.93 -13.31
CA UNK F 1216 -45.55 -26.27 -14.17
C UNK F 1216 -46.17 -25.09 -14.92
N UNK F 1217 -47.34 -25.33 -15.50
CA UNK F 1217 -48.04 -24.29 -16.26
C UNK F 1217 -48.38 -23.09 -15.37
N UNK F 1218 -48.78 -23.38 -14.13
CA UNK F 1218 -49.13 -22.33 -13.18
C UNK F 1218 -47.93 -21.45 -12.87
N UNK F 1219 -46.76 -22.07 -12.71
CA UNK F 1219 -45.54 -21.34 -12.42
C UNK F 1219 -45.18 -20.38 -13.54
N UNK F 1220 -45.36 -20.82 -14.78
CA UNK F 1220 -45.06 -20.01 -15.95
C UNK F 1220 -46.00 -18.81 -16.04
N UNK F 1221 -26.83 -31.47 -11.84
CA UNK F 1221 -27.46 -32.18 -12.96
C UNK F 1221 -28.48 -33.19 -12.43
N UNK F 1222 -28.04 -33.93 -11.42
CA UNK F 1222 -28.87 -34.94 -10.77
C UNK F 1222 -30.15 -34.31 -10.21
N UNK F 1223 -29.95 -33.19 -9.54
CA UNK F 1223 -31.03 -32.42 -8.92
C UNK F 1223 -32.06 -32.03 -9.99
N UNK F 1224 -31.53 -31.51 -11.08
CA UNK F 1224 -32.33 -31.06 -12.23
C UNK F 1224 -33.18 -32.22 -12.76
N UNK F 1225 -32.52 -33.35 -12.91
CA UNK F 1225 -33.16 -34.59 -13.40
C UNK F 1225 -34.33 -34.97 -12.48
N UNK F 1226 -34.05 -34.92 -11.21
CA UNK F 1226 -35.03 -35.25 -10.16
C UNK F 1226 -36.27 -34.35 -10.29
N UNK F 1227 -35.97 -33.07 -10.45
CA UNK F 1227 -37.00 -32.03 -10.60
C UNK F 1227 -37.89 -32.34 -11.79
N UNK F 1228 -37.23 -32.66 -12.89
CA UNK F 1228 -37.89 -33.01 -14.15
C UNK F 1228 -38.85 -34.19 -13.95
N UNK F 1229 -38.33 -35.19 -13.27
CA UNK F 1229 -39.07 -36.42 -12.95
C UNK F 1229 -40.34 -36.07 -12.17
N UNK F 1230 -43.78 -24.07 3.07
CA UNK F 1230 -44.48 -24.08 4.33
C UNK F 1230 -45.71 -24.97 4.20
N UNK F 1231 -46.88 -24.37 4.04
CA UNK F 1231 -48.00 -25.10 3.52
C UNK F 1231 -47.59 -25.49 2.12
N UNK F 1232 -46.91 -24.55 1.44
CA UNK F 1232 -46.30 -24.74 0.13
C UNK F 1232 -45.20 -25.78 0.12
N UNK F 1233 -44.41 -25.76 1.18
CA UNK F 1233 -43.37 -26.75 1.34
C UNK F 1233 -44.08 -28.08 1.41
N UNK F 1234 -45.20 -28.06 2.12
CA UNK F 1234 -46.02 -29.22 2.37
C UNK F 1234 -46.53 -29.74 1.03
N UNK F 1235 -46.92 -28.82 0.17
CA UNK F 1235 -47.38 -29.13 -1.16
C UNK F 1235 -46.31 -29.79 -2.01
N UNK F 1236 -45.11 -29.26 -1.95
CA UNK F 1236 -44.03 -29.85 -2.73
C UNK F 1236 -43.86 -31.27 -2.24
N UNK F 1237 -43.96 -31.44 -0.93
CA UNK F 1237 -43.82 -32.75 -0.29
C UNK F 1237 -44.89 -33.77 -0.67
N UNK F 1238 -46.13 -33.31 -0.77
CA UNK F 1238 -47.24 -34.14 -1.20
C UNK F 1238 -47.01 -34.56 -2.62
N UNK F 1239 -46.45 -33.64 -3.39
CA UNK F 1239 -46.13 -33.91 -4.77
C UNK F 1239 -45.12 -35.03 -4.80
N UNK F 1240 -44.16 -34.95 -3.91
CA UNK F 1240 -43.15 -35.97 -3.84
C UNK F 1240 -43.83 -37.29 -3.52
N UNK F 1241 -44.73 -37.24 -2.56
CA UNK F 1241 -45.56 -38.38 -2.25
C UNK F 1241 -46.43 -38.61 -3.46
N UNK F 1242 29.47 15.65 -77.95
CA UNK F 1242 28.08 15.85 -78.41
C UNK F 1242 27.16 14.81 -77.77
N UNK F 1243 27.63 13.58 -77.82
CA UNK F 1243 26.91 12.42 -77.27
C UNK F 1243 26.64 12.63 -75.77
N UNK F 1244 27.69 13.06 -75.09
CA UNK F 1244 27.64 13.33 -73.65
C UNK F 1244 26.57 14.38 -73.35
N UNK F 1245 26.62 15.43 -74.14
CA UNK F 1245 25.68 16.57 -74.03
C UNK F 1245 24.23 16.06 -74.16
N UNK F 1246 24.05 15.24 -75.18
CA UNK F 1246 22.74 14.64 -75.50
C UNK F 1246 22.23 13.86 -74.29
N UNK F 1247 23.12 13.06 -73.75
CA UNK F 1247 22.84 12.20 -72.59
C UNK F 1247 22.38 13.06 -71.41
N UNK F 1248 23.13 14.13 -71.19
CA UNK F 1248 22.85 15.09 -70.12
C UNK F 1248 21.45 15.67 -70.27
N UNK F 1249 21.16 16.07 -71.50
CA UNK F 1249 19.86 16.64 -71.86
C UNK F 1249 18.73 15.67 -71.53
N UNK F 1250 18.95 14.43 -71.93
CA UNK F 1250 18.01 13.34 -71.71
C UNK F 1250 17.72 13.18 -70.21
N UNK F 1251 18.80 13.19 -69.46
CA UNK F 1251 18.75 13.05 -67.99
C UNK F 1251 17.90 14.16 -67.39
N UNK F 1252 18.17 15.36 -67.87
CA UNK F 1252 17.47 16.58 -67.43
C UNK F 1252 15.97 16.43 -67.66
N UNK F 1253 15.66 15.98 -68.87
CA UNK F 1253 14.28 15.76 -69.31
C UNK F 1253 13.57 14.79 -68.38
N UNK F 1254 14.28 13.70 -68.10
CA UNK F 1254 13.79 12.63 -67.21
C UNK F 1254 13.45 13.21 -65.83
N UNK F 1255 14.38 14.00 -65.34
CA UNK F 1255 14.26 14.66 -64.04
C UNK F 1255 13.01 15.52 -63.99
N UNK F 1256 12.85 16.29 -65.05
CA UNK F 1256 11.70 17.20 -65.23
C UNK F 1256 10.39 16.42 -65.16
N UNK F 1257 15.76 7.35 -87.05
CA UNK F 1257 14.76 6.46 -86.42
C UNK F 1257 14.87 6.55 -84.90
N UNK F 1258 16.10 6.47 -84.44
CA UNK F 1258 16.44 6.53 -83.01
C UNK F 1258 15.92 7.84 -82.41
N UNK F 1259 16.20 8.91 -83.13
CA UNK F 1259 15.80 10.27 -82.74
C UNK F 1259 14.28 10.34 -82.58
N UNK F 1260 13.61 9.79 -83.58
CA UNK F 1260 12.14 9.74 -83.63
C UNK F 1260 11.60 9.03 -82.40
N UNK F 1261 12.21 7.89 -82.13
CA UNK F 1261 11.84 7.04 -80.99
C UNK F 1261 11.96 7.83 -79.68
N UNK F 1262 13.08 8.51 -79.57
CA UNK F 1262 13.40 9.35 -78.39
C UNK F 1262 12.31 10.40 -78.19
N UNK F 1263 11.98 11.04 -79.29
CA UNK F 1263 10.95 12.10 -79.33
C UNK F 1263 9.62 11.55 -78.82
N UNK F 1264 9.28 10.39 -79.34
CA UNK F 1264 8.04 9.68 -78.98
C UNK F 1264 8.00 9.43 -77.47
N UNK F 1265 9.12 8.93 -76.97
CA UNK F 1265 9.30 8.61 -75.55
C UNK F 1265 9.04 9.86 -74.71
N UNK F 1266 9.66 10.95 -75.15
CA UNK F 1266 9.56 12.25 -74.48
C UNK F 1266 8.09 12.69 -74.39
N UNK F 1267 7.42 12.54 -75.53
CA UNK F 1267 6.01 12.90 -75.66
C UNK F 1267 5.18 12.12 -74.66
N UNK F 1268 5.45 10.82 -74.62
CA UNK F 1268 4.77 9.88 -73.72
C UNK F 1268 4.93 10.34 -72.26
N UNK F 1269 6.16 10.67 -71.94
CA UNK F 1269 6.55 11.12 -70.59
C UNK F 1269 5.73 12.37 -70.22
N UNK F 1270 5.68 13.29 -71.17
CA UNK F 1270 4.97 14.56 -71.01
C UNK F 1270 3.49 14.29 -70.71
N UNK F 1271 28.47 21.89 -82.33
CA UNK F 1271 27.51 22.93 -81.94
C UNK F 1271 26.46 23.11 -83.03
N UNK F 1272 26.95 23.21 -84.25
CA UNK F 1272 26.13 23.37 -85.45
C UNK F 1272 25.12 22.22 -85.57
N UNK F 1273 25.66 21.03 -85.38
CA UNK F 1273 24.87 19.78 -85.45
C UNK F 1273 23.75 19.82 -84.43
N UNK F 1274 24.12 20.22 -83.23
CA UNK F 1274 23.18 20.33 -82.09
C UNK F 1274 22.05 21.29 -82.45
N UNK F 1275 22.44 22.41 -83.00
CA UNK F 1275 21.50 23.47 -83.42
C UNK F 1275 20.50 22.91 -84.43
N UNK F 1276 21.06 22.21 -85.39
CA UNK F 1276 20.28 21.58 -86.47
C UNK F 1276 19.22 20.63 -85.88
N UNK F 1277 19.71 19.83 -84.95
CA UNK F 1277 18.87 18.84 -84.24
C UNK F 1277 17.70 19.54 -83.56
N UNK F 1278 18.05 20.60 -82.87
CA UNK F 1278 17.07 21.43 -82.12
C UNK F 1278 15.99 21.94 -83.07
N UNK F 1279 16.46 22.46 -84.19
CA UNK F 1279 15.60 23.01 -85.24
C UNK F 1279 14.61 21.95 -85.72
N UNK F 1280 15.16 20.77 -85.97
CA UNK F 1280 14.39 19.62 -86.44
C UNK F 1280 13.28 19.28 -85.44
N UNK F 1281 13.69 19.25 -84.18
CA UNK F 1281 12.78 18.94 -83.06
C UNK F 1281 11.62 19.94 -83.04
N UNK F 1282 11.99 21.20 -83.18
CA UNK F 1282 11.03 22.33 -83.19
C UNK F 1282 10.01 22.12 -84.31
N UNK F 1283 2.36 19.60 -78.01
CA UNK F 1283 3.78 19.55 -78.36
C UNK F 1283 4.45 20.83 -77.89
N UNK F 1284 3.64 21.82 -77.52
CA UNK F 1284 4.15 23.10 -77.06
C UNK F 1284 4.94 23.02 -75.75
N UNK F 1285 4.46 22.23 -74.80
CA UNK F 1285 5.14 22.02 -73.53
C UNK F 1285 6.47 21.30 -73.76
N UNK F 1286 6.41 20.33 -74.66
CA UNK F 1286 7.58 19.57 -75.02
C UNK F 1286 8.55 20.58 -75.58
N UNK F 1287 8.00 21.52 -76.34
CA UNK F 1287 8.74 22.59 -76.98
C UNK F 1287 9.42 23.50 -75.98
N UNK F 1288 8.74 23.83 -74.88
CA UNK F 1288 9.35 24.61 -73.81
C UNK F 1288 10.52 23.85 -73.19
N UNK F 1289 10.31 22.56 -72.98
CA UNK F 1289 11.38 21.74 -72.42
C UNK F 1289 12.55 21.78 -73.38
N UNK F 1290 12.21 21.76 -74.66
CA UNK F 1290 13.16 21.78 -75.76
C UNK F 1290 13.94 23.07 -75.81
N UNK F 1291 13.27 24.17 -75.53
CA UNK F 1291 13.89 25.48 -75.49
C UNK F 1291 14.90 25.45 -74.37
N UNK F 1292 14.53 24.81 -73.28
CA UNK F 1292 15.45 24.68 -72.17
C UNK F 1292 16.69 23.88 -72.59
N UNK F 1293 16.45 22.82 -73.32
CA UNK F 1293 17.53 21.97 -73.81
C UNK F 1293 18.44 22.75 -74.73
N UNK F 1294 17.83 23.61 -75.53
CA UNK F 1294 18.51 24.47 -76.49
C UNK F 1294 19.39 25.49 -75.80
N UNK F 1295 18.89 26.02 -74.69
CA UNK F 1295 19.63 26.95 -73.87
C UNK F 1295 20.83 26.19 -73.33
N UNK F 1296 20.58 24.92 -72.99
CA UNK F 1296 21.64 24.06 -72.49
C UNK F 1296 22.71 23.89 -73.54
N UNK F 1297 22.27 23.71 -74.79
CA UNK F 1297 23.19 23.55 -75.89
C UNK F 1297 24.01 24.82 -76.07
N UNK F 1298 23.35 25.95 -75.94
CA UNK F 1298 24.02 27.24 -76.09
C UNK F 1298 25.10 27.40 -75.04
N UNK F 1299 24.80 26.98 -73.81
CA UNK F 1299 25.78 27.10 -72.73
C UNK F 1299 26.73 25.91 -72.70
N UNK F 1300 -40.28 -39.21 36.71
CA UNK F 1300 -40.05 -37.76 36.84
C UNK F 1300 -39.74 -37.15 35.47
N UNK F 1301 -38.86 -37.83 34.77
CA UNK F 1301 -38.42 -37.42 33.42
C UNK F 1301 -39.63 -37.32 32.48
N UNK F 1302 -40.43 -38.36 32.55
CA UNK F 1302 -41.66 -38.47 31.74
C UNK F 1302 -42.58 -37.28 32.00
N UNK F 1303 -42.75 -37.02 33.28
CA UNK F 1303 -43.59 -35.92 33.76
C UNK F 1303 -43.11 -34.59 33.18
N UNK F 1304 -41.81 -34.41 33.27
CA UNK F 1304 -41.13 -33.21 32.78
C UNK F 1304 -41.42 -33.02 31.28
N UNK F 1305 -41.26 -34.12 30.56
CA UNK F 1305 -41.48 -34.17 29.12
C UNK F 1305 -42.91 -33.72 28.79
N UNK F 1306 -43.83 -34.29 29.55
CA UNK F 1306 -45.27 -34.01 29.41
C UNK F 1306 -45.53 -32.51 29.58
N UNK F 1307 -44.92 -31.98 30.63
CA UNK F 1307 -45.03 -30.56 30.99
C UNK F 1307 -44.56 -29.69 29.83
N UNK F 1308 -43.41 -30.08 29.30
CA UNK F 1308 -42.76 -29.38 28.17
C UNK F 1308 -43.72 -29.34 26.98
N UNK F 1309 -44.28 -30.51 26.70
CA UNK F 1309 -45.22 -30.70 25.59
C UNK F 1309 -46.41 -29.75 25.74
N UNK F 1310 -46.93 -29.73 26.96
CA UNK F 1310 -48.08 -28.88 27.33
C UNK F 1310 -47.75 -27.41 27.04
N UNK F 1311 -46.57 -27.02 27.49
CA UNK F 1311 -46.06 -25.65 27.33
C UNK F 1311 -46.03 -25.29 25.85
N UNK F 1312 -45.49 -26.20 25.07
CA UNK F 1312 -45.35 -26.05 23.62
C UNK F 1312 -46.72 -25.82 22.99
N UNK F 1313 -47.66 -26.65 23.41
CA UNK F 1313 -49.05 -26.60 22.94
C UNK F 1313 -49.64 -25.22 23.21
N UNK F 1314 -49.43 -24.77 24.43
CA UNK F 1314 -49.92 -23.48 24.91
C UNK F 1314 -49.37 -22.35 24.01
N UNK F 1315 -48.09 -22.45 23.76
CA UNK F 1315 -47.36 -21.48 22.93
C UNK F 1315 -47.98 -21.41 21.54
N UNK F 1316 -48.22 -22.59 21.00
CA UNK F 1316 -48.82 -22.76 19.67
C UNK F 1316 -50.18 -22.07 19.62
N UNK F 1317 -50.96 -22.33 20.65
CA UNK F 1317 -52.31 -21.78 20.80
C UNK F 1317 -52.25 -20.24 20.78
N UNK F 1318 -51.31 -19.74 21.56
CA UNK F 1318 -51.08 -18.29 21.70
C UNK F 1318 -50.78 -17.68 20.33
N UNK F 1319 -49.89 -18.36 19.62
CA UNK F 1319 -49.45 -17.95 18.28
C UNK F 1319 -50.66 -17.86 17.35
N UNK F 1320 -51.50 -18.88 17.38
CA UNK F 1320 -52.70 -18.92 16.54
C UNK F 1320 -53.59 -17.71 16.78
N UNK F 1321 -40.02 -32.61 42.51
CA UNK F 1321 -39.42 -31.47 41.78
C UNK F 1321 -40.24 -31.17 40.52
N UNK F 1322 -40.54 -32.24 39.81
CA UNK F 1322 -41.31 -32.17 38.57
C UNK F 1322 -42.68 -31.53 38.83
N UNK F 1323 -43.30 -32.02 39.90
CA UNK F 1323 -44.63 -31.54 40.33
C UNK F 1323 -44.58 -30.03 40.61
N UNK F 1324 -43.55 -29.66 41.32
CA UNK F 1324 -43.30 -28.25 41.70
C UNK F 1324 -43.20 -27.39 40.45
N UNK F 1325 -42.41 -27.88 39.51
CA UNK F 1325 -42.18 -27.21 38.22
C UNK F 1325 -43.50 -26.99 37.50
N UNK F 1326 -44.30 -28.05 37.47
CA UNK F 1326 -45.62 -28.05 36.83
C UNK F 1326 -46.50 -26.96 37.44
N UNK F 1327 -46.49 -26.95 38.76
CA UNK F 1327 -47.26 -25.98 39.56
C UNK F 1327 -46.88 -24.55 39.18
N UNK F 1328 -45.57 -24.35 39.12
CA UNK F 1328 -44.98 -23.05 38.76
C UNK F 1328 -45.49 -22.60 37.39
N UNK F 1329 -45.42 -23.54 36.47
CA UNK F 1329 -45.85 -23.32 35.08
C UNK F 1329 -47.31 -22.88 35.04
N UNK F 1330 -48.11 -23.60 35.80
CA UNK F 1330 -49.55 -23.35 35.91
C UNK F 1330 -49.80 -21.92 36.40
N UNK F 1331 -49.05 -21.58 37.45
CA UNK F 1331 -49.13 -20.25 38.08
C UNK F 1331 -48.82 -19.17 37.05
N UNK F 1332 -47.76 -19.41 36.30
CA UNK F 1332 -47.30 -18.49 35.26
C UNK F 1332 -48.40 -18.26 34.23
N UNK F 1333 -49.00 -19.37 33.82
CA UNK F 1333 -50.08 -19.38 32.83
C UNK F 1333 -51.24 -18.52 33.32
N UNK F 1334 -51.59 -18.74 34.58
CA UNK F 1334 -52.67 -18.02 35.27
C UNK F 1334 -52.41 -16.53 35.23
N UNK F 1335 -51.17 -16.18 35.57
CA UNK F 1335 -50.70 -14.79 35.61
C UNK F 1335 -50.88 -14.14 34.23
N UNK F 1336 -50.45 -14.89 33.23
CA UNK F 1336 -50.52 -14.45 31.82
C UNK F 1336 -51.97 -14.16 31.44
N UNK F 1337 -21.49 -35.35 64.81
CA UNK F 1337 -21.36 -36.80 64.89
C UNK F 1337 -22.76 -37.38 64.91
N UNK F 1338 -23.31 -37.59 66.10
CA UNK F 1338 -24.72 -37.79 66.21
C UNK F 1338 -25.32 -36.47 65.77
N UNK F 1339 -24.70 -35.41 66.24
CA UNK F 1339 -25.07 -34.07 65.87
C UNK F 1339 -24.85 -33.88 64.40
N UNK F 1340 -23.75 -34.43 63.90
CA UNK F 1340 -23.42 -34.25 62.50
C UNK F 1340 -24.55 -34.87 61.71
N UNK F 1341 -24.97 -36.03 62.18
CA UNK F 1341 -25.97 -36.82 61.51
C UNK F 1341 -27.26 -36.05 61.49
N UNK F 1342 -27.57 -35.43 62.62
CA UNK F 1342 -28.80 -34.68 62.74
C UNK F 1342 -28.80 -33.52 61.76
N UNK F 1343 -27.67 -32.85 61.67
CA UNK F 1343 -27.57 -31.70 60.80
C UNK F 1343 -27.78 -32.13 59.36
N UNK F 1344 -27.18 -33.26 59.02
CA UNK F 1344 -27.26 -33.76 57.68
C UNK F 1344 -28.69 -34.09 57.34
N UNK F 1345 -29.33 -34.77 58.28
CA UNK F 1345 -30.77 -34.94 58.24
C UNK F 1345 -31.35 -33.59 57.93
N UNK F 1346 -30.68 -32.55 58.41
CA UNK F 1346 -31.09 -31.19 58.21
C UNK F 1346 -31.13 -31.01 56.71
N UNK F 1347 -30.19 -31.63 56.02
CA UNK F 1347 -30.17 -31.52 54.59
C UNK F 1347 -31.46 -32.08 53.99
N UNK F 1348 -31.91 -33.21 54.50
CA UNK F 1348 -33.09 -33.82 53.93
C UNK F 1348 -34.27 -32.89 54.16
N UNK F 1349 -34.31 -32.30 55.34
CA UNK F 1349 -35.38 -31.38 55.70
C UNK F 1349 -35.27 -30.07 54.94
N UNK F 1350 -34.04 -29.67 54.63
CA UNK F 1350 -33.80 -28.43 53.91
C UNK F 1350 -34.41 -28.49 52.51
N UNK F 1351 -34.28 -29.65 51.86
CA UNK F 1351 -34.85 -29.84 50.54
C UNK F 1351 -36.37 -29.72 50.60
N UNK F 1352 -36.96 -30.30 51.64
CA UNK F 1352 -38.40 -30.23 51.83
C UNK F 1352 -38.84 -28.78 52.02
N UNK F 1353 -38.05 -28.03 52.79
CA UNK F 1353 -38.34 -26.62 53.02
C UNK F 1353 -38.28 -25.85 51.71
N UNK F 1354 -37.30 -26.18 50.88
CA UNK F 1354 -37.17 -25.56 49.57
C UNK F 1354 -38.39 -25.86 48.70
N UNK F 1355 -38.85 -27.11 48.74
CA UNK F 1355 -40.02 -27.45 47.94
C UNK F 1355 -41.16 -26.60 48.44
N UNK F 1356 -41.29 -26.51 49.77
CA UNK F 1356 -42.43 -25.85 50.36
C UNK F 1356 -42.44 -24.41 49.90
N UNK F 1357 -41.26 -23.80 49.85
CA UNK F 1357 -41.15 -22.47 49.28
C UNK F 1357 -40.19 -22.61 48.10
N UNK F 1358 -40.73 -22.93 46.92
CA UNK F 1358 -42.16 -22.77 46.62
C UNK F 1358 -42.77 -24.02 46.00
N UNK F 1359 -43.99 -24.37 46.41
CA UNK F 1359 -44.83 -23.51 47.23
C UNK F 1359 -46.14 -24.23 47.61
N UNK F 1360 -44.56 -10.92 15.94
CA UNK F 1360 -44.85 -12.33 16.21
C UNK F 1360 -43.56 -13.14 16.33
N UNK F 1361 -42.65 -12.93 15.38
CA UNK F 1361 -41.37 -13.64 15.38
C UNK F 1361 -40.61 -13.40 16.67
N UNK F 1362 -40.52 -12.13 17.08
CA UNK F 1362 -39.82 -11.77 18.30
C UNK F 1362 -40.39 -12.48 19.51
N UNK F 1363 -41.72 -12.49 19.63
CA UNK F 1363 -42.40 -13.14 20.74
C UNK F 1363 -42.04 -14.62 20.81
N UNK F 1364 -42.10 -15.29 19.66
CA UNK F 1364 -41.78 -16.71 19.58
C UNK F 1364 -40.37 -16.99 20.07
N UNK F 1365 -39.41 -16.20 19.61
CA UNK F 1365 -38.02 -16.35 20.00
C UNK F 1365 -37.86 -16.24 21.52
N UNK F 1366 -38.49 -15.23 22.10
CA UNK F 1366 -38.42 -15.00 23.54
C UNK F 1366 -38.92 -16.22 24.31
N UNK F 1367 -40.07 -16.74 23.89
CA UNK F 1367 -40.67 -17.90 24.54
C UNK F 1367 -39.72 -19.09 24.52
N UNK F 1368 -39.14 -19.35 23.36
CA UNK F 1368 -38.21 -20.47 23.20
C UNK F 1368 -37.03 -20.35 24.17
N UNK F 1369 -36.45 -19.16 24.24
CA UNK F 1369 -35.32 -18.90 25.14
C UNK F 1369 -35.71 -19.21 26.58
N UNK F 1370 -36.87 -18.70 26.95
CA UNK F 1370 -37.44 -18.88 28.29
C UNK F 1370 -37.59 -20.37 28.60
N UNK F 1371 -38.14 -21.06 27.64
CA UNK F 1371 -38.39 -22.51 27.73
C UNK F 1371 -37.07 -23.25 27.98
N UNK F 1372 -36.09 -22.86 27.19
CA UNK F 1372 -34.73 -23.43 27.26
C UNK F 1372 -34.16 -23.25 28.68
N UNK F 1373 -34.31 -22.04 29.17
CA UNK F 1373 -33.84 -21.65 30.50
C UNK F 1373 -34.48 -22.54 31.56
N UNK F 1374 -35.78 -22.70 31.42
CA UNK F 1374 -36.60 -23.50 32.33
C UNK F 1374 -36.07 -24.94 32.37
N UNK F 1375 -35.83 -25.45 31.18
CA UNK F 1375 -35.32 -26.81 30.97
C UNK F 1375 -33.99 -27.00 31.70
N UNK F 1376 -33.14 -26.00 31.50
CA UNK F 1376 -31.80 -25.98 32.11
C UNK F 1376 -31.91 -26.04 33.63
N UNK F 1377 -32.82 -25.22 34.14
CA UNK F 1377 -33.09 -25.12 35.58
C UNK F 1377 -33.51 -26.49 36.13
N UNK F 1378 -34.42 -27.11 35.39
CA UNK F 1378 -34.96 -28.43 35.74
C UNK F 1378 -33.82 -29.45 35.83
N UNK F 1379 -32.97 -29.40 34.82
CA UNK F 1379 -31.81 -30.30 34.71
C UNK F 1379 -30.91 -30.14 35.94
N UNK F 1380 -30.67 -28.89 36.27
CA UNK F 1380 -29.83 -28.51 37.41
C UNK F 1380 -30.40 -29.11 38.70
N UNK F 1381 -31.70 -28.93 38.84
CA UNK F 1381 -32.45 -29.43 40.00
C UNK F 1381 -32.28 -30.94 40.14
N UNK F 1382 -32.44 -31.60 39.00
CA UNK F 1382 -32.32 -33.06 38.90
C UNK F 1382 -30.93 -33.51 39.38
N UNK F 1383 -29.94 -32.80 38.88
CA UNK F 1383 -28.53 -33.05 39.20
C UNK F 1383 -28.32 -32.94 40.71
N UNK F 1384 -28.86 -31.88 41.26
CA UNK F 1384 -28.77 -31.58 42.70
C UNK F 1384 -29.36 -32.75 43.51
N UNK F 1385 -30.52 -33.17 43.06
CA UNK F 1385 -31.27 -34.28 43.69
C UNK F 1385 -30.41 -35.54 43.70
N UNK F 1386 -29.82 -35.81 42.55
CA UNK F 1386 -28.94 -36.97 42.35
C UNK F 1386 -27.79 -36.94 43.34
N UNK F 1387 -27.19 -35.76 43.42
CA UNK F 1387 -26.05 -35.51 44.32
C UNK F 1387 -26.44 -35.82 45.77
N UNK F 1388 -27.60 -35.34 46.19
CA UNK F 1388 -28.05 -35.55 47.57
C UNK F 1388 -28.23 -37.03 47.90
N UNK F 1389 -28.82 -37.78 46.97
CA UNK F 1389 -29.06 -39.20 47.19
C UNK F 1389 -27.75 -39.97 47.37
N UNK F 1390 -26.75 -39.64 46.58
CA UNK F 1390 -25.45 -40.29 46.69
C UNK F 1390 -24.84 -40.01 48.05
N UNK F 1391 -24.97 -38.77 48.51
CA UNK F 1391 -24.46 -38.39 49.82
C UNK F 1391 -25.16 -39.18 50.91
N UNK F 1392 -26.47 -39.35 50.76
CA UNK F 1392 -27.25 -40.10 51.72
C UNK F 1392 -26.77 -41.56 51.76
N UNK F 1393 -26.49 -42.10 50.59
CA UNK F 1393 -25.99 -43.46 50.49
C UNK F 1393 -24.64 -43.61 51.18
N UNK F 1394 -23.77 -42.63 50.99
CA UNK F 1394 -22.45 -42.68 51.61
C UNK F 1394 -22.55 -42.68 53.13
N UNK F 1395 -23.44 -41.84 53.66
CA UNK F 1395 -23.65 -41.76 55.10
C UNK F 1395 -24.17 -43.07 55.69
N UNK F 1396 -25.10 -43.70 54.98
CA UNK F 1396 -25.69 -44.95 55.44
C UNK F 1396 -24.64 -46.06 55.50
N UNK F 1397 -23.77 -46.11 54.51
CA UNK F 1397 -22.71 -47.12 54.46
C UNK F 1397 -21.73 -46.95 55.61
N UNK F 1398 -21.39 -45.70 55.91
CA UNK F 1398 -20.46 -45.40 57.00
C UNK F 1398 -21.03 -45.81 58.35
N UNK F 1399 -6.19 -48.07 55.38
CA UNK F 1399 -7.45 -48.14 54.64
C UNK F 1399 -8.49 -47.18 55.22
N UNK F 1400 -8.62 -47.19 56.54
CA UNK F 1400 -9.58 -46.32 57.21
C UNK F 1400 -9.31 -44.85 56.90
N UNK F 1401 -8.05 -44.45 57.00
CA UNK F 1401 -7.65 -43.08 56.72
C UNK F 1401 -8.05 -42.66 55.31
N UNK F 1402 -7.74 -43.52 54.35
CA UNK F 1402 -8.07 -43.24 52.93
C UNK F 1402 -9.57 -43.01 52.78
N UNK F 1403 -10.32 -43.91 53.38
CA UNK F 1403 -11.79 -43.89 53.37
C UNK F 1403 -12.30 -42.56 53.94
N UNK F 1404 -11.71 -42.22 55.08
CA UNK F 1404 -12.05 -40.98 55.80
C UNK F 1404 -11.83 -39.77 54.89
N UNK F 1405 -10.68 -39.78 54.25
CA UNK F 1405 -10.26 -38.71 53.33
C UNK F 1405 -11.29 -38.55 52.21
N UNK F 1406 -11.66 -39.69 51.66
CA UNK F 1406 -12.64 -39.78 50.57
C UNK F 1406 -13.96 -39.14 51.00
N UNK F 1407 -14.37 -39.53 52.20
CA UNK F 1407 -15.62 -39.05 52.80
C UNK F 1407 -15.59 -37.52 52.91
N UNK F 1408 -14.47 -37.04 53.40
CA UNK F 1408 -14.22 -35.60 53.59
C UNK F 1408 -14.37 -34.87 52.27
N UNK F 1409 -13.74 -35.44 51.26
CA UNK F 1409 -13.74 -34.90 49.89
C UNK F 1409 -15.18 -34.78 49.38
N UNK F 1410 -15.92 -35.86 49.60
CA UNK F 1410 -17.33 -35.96 49.19
C UNK F 1410 -18.14 -34.84 49.84
N UNK F 1411 -17.91 -34.68 51.13
CA UNK F 1411 -18.58 -33.66 51.95
C UNK F 1411 -18.32 -32.26 51.37
N UNK F 1412 -17.06 -32.04 51.07
CA UNK F 1412 -16.58 -30.77 50.50
C UNK F 1412 -17.32 -30.47 49.19
N UNK F 1413 -17.38 -31.51 48.37
CA UNK F 1413 -18.04 -31.45 47.06
C UNK F 1413 -19.51 -31.04 47.22
N UNK F 1414 -20.15 -31.70 48.18
CA UNK F 1414 -21.56 -31.47 48.51
C UNK F 1414 -21.77 -30.00 48.89
N UNK F 1415 -20.88 -29.53 49.75
CA UNK F 1415 -20.89 -28.16 50.26
C UNK F 1415 -20.81 -27.17 49.09
N UNK F 1416 -19.88 -27.46 48.20
CA UNK F 1416 -19.63 -26.65 47.01
C UNK F 1416 -20.90 -26.56 46.16
N UNK F 1417 -21.51 -27.72 45.96
CA UNK F 1417 -22.74 -27.86 45.19
C UNK F 1417 -23.84 -26.98 45.79
N UNK F 1418 -23.96 -27.08 47.11
CA UNK F 1418 -24.95 -26.31 47.88
C UNK F 1418 -24.75 -24.81 47.66
N UNK F 1419 -23.49 -24.41 47.75
CA UNK F 1419 -23.09 -23.02 47.57
C UNK F 1419 -23.51 -22.52 46.18
N UNK F 1420 -23.22 -23.36 45.20
CA UNK F 1420 -23.56 -23.08 43.80
C UNK F 1420 -25.05 -22.84 43.64
N UNK F 1421 -25.80 -23.75 44.25
CA UNK F 1421 -27.27 -23.72 44.23
C UNK F 1421 -27.78 -22.40 44.80
N UNK F 1422 -28.78 -10.34 34.69
CA UNK F 1422 -29.59 -11.14 33.77
C UNK F 1422 -28.83 -12.36 33.28
N UNK F 1423 -29.49 -13.18 32.47
CA UNK F 1423 -28.88 -14.39 31.93
C UNK F 1423 -27.39 -14.18 31.64
N UNK F 1424 -27.06 -12.99 31.13
CA UNK F 1424 -25.71 -12.67 30.81
C UNK F 1424 -25.00 -12.60 32.15
N UNK F 1425 -25.66 -12.03 33.14
CA UNK F 1425 -25.00 -11.87 34.42
C UNK F 1425 -24.62 -13.20 35.08
N UNK F 1426 -25.52 -14.17 35.00
CA UNK F 1426 -25.27 -15.50 35.54
C UNK F 1426 -24.11 -16.14 34.80
N UNK F 1427 -24.11 -15.92 33.51
CA UNK F 1427 -23.09 -16.50 32.67
C UNK F 1427 -21.77 -15.93 33.10
N UNK F 1428 -21.79 -14.64 33.38
CA UNK F 1428 -20.63 -13.90 33.81
C UNK F 1428 -20.12 -14.41 35.14
N UNK F 1429 -21.04 -14.81 36.00
CA UNK F 1429 -20.66 -15.41 37.26
C UNK F 1429 -19.91 -16.71 36.97
N UNK F 1430 -20.41 -17.45 35.99
CA UNK F 1430 -19.75 -18.68 35.54
C UNK F 1430 -18.37 -18.38 34.98
N UNK F 1431 -18.26 -17.31 34.20
CA UNK F 1431 -16.98 -16.89 33.64
C UNK F 1431 -16.04 -16.52 34.77
N UNK F 1432 -16.60 -15.84 35.78
CA UNK F 1432 -15.88 -15.53 36.98
C UNK F 1432 -14.98 -16.72 37.10
N UNK F 1433 -15.57 -17.87 36.83
CA UNK F 1433 -14.77 -19.10 36.89
C UNK F 1433 -13.53 -19.01 35.99
N UNK F 1434 -13.73 -18.42 34.81
CA UNK F 1434 -12.64 -18.22 33.87
C UNK F 1434 -11.60 -17.31 34.50
N UNK F 1435 -12.07 -16.30 35.22
CA UNK F 1435 -11.17 -15.38 35.89
C UNK F 1435 -10.33 -16.11 36.93
N UNK F 1436 -10.96 -17.01 37.69
CA UNK F 1436 -10.23 -17.81 38.67
C UNK F 1436 -9.17 -18.71 38.00
N UNK F 1437 -9.54 -19.27 36.86
CA UNK F 1437 -8.60 -20.10 36.10
C UNK F 1437 -7.40 -19.28 35.64
N UNK F 1438 -7.67 -18.06 35.18
CA UNK F 1438 -6.61 -17.17 34.71
C UNK F 1438 -5.70 -16.86 35.89
N UNK F 1439 -6.34 -16.72 37.05
CA UNK F 1439 -5.71 -16.46 38.33
C UNK F 1439 -4.76 -17.58 38.76
N UNK F 1440 -5.11 -18.81 38.39
CA UNK F 1440 -4.34 -19.97 38.78
C UNK F 1440 -2.93 -19.85 38.23
N UNK F 1441 -2.81 -19.34 37.01
CA UNK F 1441 -1.50 -19.13 36.43
C UNK F 1441 -0.78 -18.14 37.34
N UNK F 1442 -1.52 -17.15 37.82
CA UNK F 1442 -0.98 -16.15 38.75
C UNK F 1442 -0.14 -16.80 39.85
N UNK F 1443 -0.71 -17.82 40.43
CA UNK F 1443 -0.07 -18.59 41.51
C UNK F 1443 1.27 -19.16 41.03
N UNK F 1444 1.22 -19.73 39.84
CA UNK F 1444 2.39 -20.34 39.19
C UNK F 1444 3.50 -19.28 39.04
N UNK F 1445 3.08 -18.14 38.54
CA UNK F 1445 3.97 -17.00 38.31
C UNK F 1445 4.66 -16.59 39.61
N UNK F 1446 3.85 -16.49 40.64
CA UNK F 1446 4.31 -16.13 41.99
C UNK F 1446 5.37 -17.10 42.47
N UNK F 1447 5.07 -18.38 42.28
CA UNK F 1447 5.96 -19.48 42.66
C UNK F 1447 7.31 -19.33 41.96
N UNK F 1448 7.21 -19.08 40.67
CA UNK F 1448 8.39 -18.90 39.82
C UNK F 1448 9.27 -17.76 40.34
N UNK F 1449 8.59 -16.67 40.66
CA UNK F 1449 9.24 -15.46 41.19
C UNK F 1449 10.00 -15.79 42.47
N UNK F 1450 9.32 -16.52 43.33
CA UNK F 1450 9.85 -16.95 44.63
C UNK F 1450 11.13 -17.76 44.43
N UNK F 1451 11.03 -18.69 43.48
CA UNK F 1451 12.14 -19.59 43.12
C UNK F 1451 13.35 -18.76 42.67
N UNK F 1452 13.06 -17.80 41.82
CA UNK F 1452 14.08 -16.88 41.27
C UNK F 1452 14.80 -16.15 42.40
N UNK F 1453 13.99 -15.65 43.31
CA UNK F 1453 14.47 -14.90 44.49
C UNK F 1453 15.42 -15.77 45.30
N UNK F 1454 14.98 -17.00 45.52
CA UNK F 1454 15.74 -18.01 46.28
C UNK F 1454 17.11 -18.23 45.64
N UNK F 1455 17.47 -6.90 47.90
CA UNK F 1455 16.40 -6.27 48.67
C UNK F 1455 15.46 -5.52 47.73
N UNK F 1456 16.07 -4.76 46.85
CA UNK F 1456 15.37 -3.94 45.85
C UNK F 1456 14.47 -4.84 44.98
N UNK F 1457 15.08 -5.92 44.54
CA UNK F 1457 14.41 -6.91 43.69
C UNK F 1457 13.17 -7.47 44.40
N UNK F 1458 13.38 -7.81 45.66
CA UNK F 1458 12.32 -8.35 46.52
C UNK F 1458 11.16 -7.37 46.62
N UNK F 1459 11.52 -6.12 46.85
CA UNK F 1459 10.56 -5.02 46.96
C UNK F 1459 9.72 -4.91 45.69
N UNK F 1460 10.42 -4.96 44.58
CA UNK F 1460 9.82 -4.88 43.25
C UNK F 1460 8.79 -6.00 43.07
N UNK F 1461 9.21 -7.19 43.45
CA UNK F 1461 8.39 -8.40 43.36
C UNK F 1461 7.10 -8.22 44.17
N UNK F 1462 7.29 -7.72 45.38
CA UNK F 1462 6.20 -7.46 46.32
C UNK F 1462 5.18 -6.50 45.68
N UNK F 1463 5.72 -5.44 45.11
CA UNK F 1463 4.94 -4.40 44.43
C UNK F 1463 4.08 -5.02 43.32
N UNK F 1464 4.75 -5.85 42.54
CA UNK F 1464 4.13 -6.55 41.40
C UNK F 1464 2.95 -7.39 41.89
N UNK F 1465 3.22 -8.12 42.97
CA UNK F 1465 2.22 -9.00 43.60
C UNK F 1465 0.99 -8.18 44.02
N UNK F 1466 1.28 -7.06 44.65
CA UNK F 1466 0.25 -6.14 45.13
C UNK F 1466 -0.64 -5.68 43.97
N UNK F 1467 0.04 -5.30 42.90
CA UNK F 1467 -0.61 -4.82 41.67
C UNK F 1467 -1.56 -5.89 41.13
N UNK F 1468 -1.04 -7.10 41.09
CA UNK F 1468 -1.78 -8.28 40.61
C UNK F 1468 -3.05 -8.47 41.43
N UNK F 1469 -2.87 -8.39 42.73
CA UNK F 1469 -3.96 -8.53 43.71
C UNK F 1469 -5.05 -7.50 43.44
N UNK F 1470 -4.60 -6.28 43.24
CA UNK F 1470 -5.48 -5.12 42.96
C UNK F 1470 -6.31 -5.40 41.71
N UNK F 1471 -5.61 -5.86 40.69
CA UNK F 1471 -6.21 -6.20 39.39
C UNK F 1471 -7.31 -7.24 39.58
N UNK F 1472 -3.36 -32.28 34.26
CA UNK F 1472 -4.12 -31.72 35.39
C UNK F 1472 -3.35 -31.95 36.70
N UNK F 1473 -2.89 -33.17 36.84
CA UNK F 1473 -2.12 -33.61 38.01
C UNK F 1473 -0.87 -32.74 38.19
N UNK F 1474 -0.20 -32.57 37.07
CA UNK F 1474 1.03 -31.76 37.00
C UNK F 1474 0.76 -30.33 37.48
N UNK F 1475 -0.33 -29.80 36.96
CA UNK F 1475 -0.78 -28.43 37.28
C UNK F 1475 -1.01 -28.30 38.79
N UNK F 1476 -1.69 -29.29 39.31
CA UNK F 1476 -2.03 -29.36 40.74
C UNK F 1476 -0.75 -29.33 41.58
N UNK F 1477 0.18 -30.16 41.16
CA UNK F 1477 1.49 -30.29 41.81
C UNK F 1477 2.19 -28.93 41.85
N UNK F 1478 2.18 -28.29 40.70
CA UNK F 1478 2.80 -26.96 40.52
C UNK F 1478 2.20 -25.96 41.50
N UNK F 1479 0.88 -25.99 41.56
CA UNK F 1479 0.09 -25.12 42.44
C UNK F 1479 0.51 -25.32 43.90
N UNK F 1480 0.61 -26.58 44.27
CA UNK F 1480 1.00 -27.01 45.61
C UNK F 1480 2.38 -26.44 45.97
N UNK F 1481 3.27 -26.59 45.01
CA UNK F 1481 4.66 -26.12 45.13
C UNK F 1481 4.68 -24.62 45.40
N UNK F 1482 3.89 -23.93 44.60
CA UNK F 1482 3.75 -22.47 44.68
C UNK F 1482 3.30 -22.06 46.08
N UNK F 1483 2.28 -22.76 46.54
CA UNK F 1483 1.68 -22.54 47.86
C UNK F 1483 2.74 -22.70 48.95
N UNK F 1484 3.50 -23.77 48.82
CA UNK F 1484 4.58 -24.11 49.76
C UNK F 1484 5.60 -22.95 49.82
N UNK F 1485 5.96 -22.50 48.63
CA UNK F 1485 6.92 -21.41 48.46
C UNK F 1485 6.43 -20.15 49.18
N UNK F 1486 5.16 -19.87 48.96
CA UNK F 1486 4.48 -18.71 49.56
C UNK F 1486 4.56 -18.79 51.08
N UNK F 1487 4.25 -19.96 51.58
CA UNK F 1487 4.26 -20.26 53.01
C UNK F 1487 5.65 -19.99 53.60
N UNK F 1488 6.64 -20.49 52.89
CA UNK F 1488 8.06 -20.35 53.27
C UNK F 1488 8.42 -18.86 53.38
N UNK F 1489 7.99 -18.13 52.36
CA UNK F 1489 8.24 -16.68 52.26
C UNK F 1489 7.64 -15.98 53.48
N UNK F 1490 6.41 -16.35 53.78
CA UNK F 1490 5.65 -15.80 54.91
C UNK F 1490 6.41 -16.03 56.21
N UNK F 1491 6.88 -17.25 56.36
CA UNK F 1491 7.64 -17.69 57.54
C UNK F 1491 8.89 -16.81 57.71
N UNK F 1492 9.62 -16.61 56.61
CA UNK F 1492 10.82 -15.79 56.64
C UNK F 1492 10.53 -14.38 57.14
N UNK F 1493 11.00 -1.55 62.22
CA UNK F 1493 10.81 -2.76 61.45
C UNK F 1493 9.48 -2.72 60.73
N UNK F 1494 8.78 -1.61 60.87
CA UNK F 1494 7.44 -1.50 60.32
C UNK F 1494 7.31 -1.60 58.79
N UNK F 1495 8.20 -1.00 58.02
CA UNK F 1495 8.08 -1.13 56.56
C UNK F 1495 8.24 -2.58 56.07
N UNK F 1496 9.21 -3.26 56.67
CA UNK F 1496 9.49 -4.64 56.36
C UNK F 1496 8.29 -5.45 56.74
N UNK F 1497 7.73 -5.07 57.88
CA UNK F 1497 6.57 -5.77 58.40
C UNK F 1497 5.40 -5.62 57.45
N UNK F 1498 5.26 -4.43 56.90
CA UNK F 1498 4.18 -4.14 55.96
C UNK F 1498 4.36 -4.99 54.74
N UNK F 1499 5.60 -5.12 54.31
CA UNK F 1499 5.85 -5.94 53.15
C UNK F 1499 5.48 -7.39 53.42
N UNK F 1500 5.81 -7.88 54.61
CA UNK F 1500 5.50 -9.25 54.94
C UNK F 1500 3.99 -9.42 54.94
N UNK F 1501 3.34 -8.45 55.57
CA UNK F 1501 1.88 -8.40 55.71
C UNK F 1501 1.12 -8.25 54.40
N UNK F 1502 1.62 -7.40 53.51
CA UNK F 1502 0.96 -7.17 52.24
C UNK F 1502 0.95 -8.49 51.50
N UNK F 1503 2.07 -9.20 51.59
CA UNK F 1503 2.21 -10.51 50.96
C UNK F 1503 1.23 -11.46 51.62
N UNK F 1504 1.08 -11.33 52.94
CA UNK F 1504 0.19 -12.21 53.71
C UNK F 1504 -1.26 -12.02 53.25
N UNK F 1505 -1.63 -10.76 53.14
CA UNK F 1505 -2.97 -10.35 52.71
C UNK F 1505 -3.28 -10.93 51.33
N UNK F 1506 -2.32 -10.78 50.46
CA UNK F 1506 -2.40 -11.25 49.06
C UNK F 1506 -2.65 -12.76 49.06
N UNK F 1507 -1.87 -13.45 49.87
CA UNK F 1507 -1.94 -14.90 50.01
C UNK F 1507 -3.35 -15.32 50.44
N UNK F 1508 -3.84 -14.61 51.44
CA UNK F 1508 -5.17 -14.84 52.01
C UNK F 1508 -6.23 -14.70 50.92
N UNK F 1509 -6.09 -13.63 50.15
CA UNK F 1509 -7.01 -13.32 49.06
C UNK F 1509 -7.04 -14.46 48.05
N UNK F 1510 -5.84 -14.92 47.71
CA UNK F 1510 -5.64 -16.01 46.75
C UNK F 1510 -6.37 -17.27 47.24
N UNK F 1511 -6.17 -17.55 48.51
CA UNK F 1511 -6.77 -18.71 49.18
C UNK F 1511 -8.30 -18.64 49.07
N UNK F 1512 -8.80 -17.46 49.36
CA UNK F 1512 -10.25 -17.18 49.32
C UNK F 1512 -10.80 -17.47 47.91
N UNK F 1513 -10.06 -16.96 46.94
CA UNK F 1513 -10.41 -17.12 45.51
C UNK F 1513 -10.49 -18.61 45.17
N UNK F 1514 -9.49 -19.37 45.59
CA UNK F 1514 -9.46 -20.80 45.33
C UNK F 1514 -10.67 -21.51 45.93
N UNK F 1515 -11.06 -21.10 47.13
CA UNK F 1515 -12.21 -21.69 47.80
C UNK F 1515 -13.49 -21.46 47.02
N UNK F 1516 -13.64 -20.26 46.47
CA UNK F 1516 -14.82 -19.90 45.70
C UNK F 1516 -14.95 -20.77 44.45
N UNK F 1517 -0.91 -20.77 62.28
CA UNK F 1517 -1.87 -21.16 61.26
C UNK F 1517 -3.06 -20.22 61.31
N UNK F 1518 -2.85 -19.06 61.90
CA UNK F 1518 -3.96 -18.15 62.10
C UNK F 1518 -4.46 -17.74 60.73
N UNK F 1519 -3.55 -17.50 59.80
CA UNK F 1519 -3.94 -17.11 58.45
C UNK F 1519 -4.75 -18.18 57.72
N UNK F 1520 -4.35 -19.43 57.87
CA UNK F 1520 -5.07 -20.53 57.26
C UNK F 1520 -6.47 -20.60 57.83
N UNK F 1521 -6.53 -20.38 59.13
CA UNK F 1521 -7.78 -20.45 59.84
C UNK F 1521 -8.65 -19.37 59.27
N UNK F 1522 -8.03 -18.22 59.02
CA UNK F 1522 -8.72 -17.08 58.49
C UNK F 1522 -9.27 -17.34 57.11
N UNK F 1523 -8.52 -18.03 56.26
CA UNK F 1523 -9.02 -18.36 54.95
C UNK F 1523 -10.24 -19.26 55.06
N UNK F 1524 -10.16 -20.20 55.99
CA UNK F 1524 -11.27 -21.12 56.18
C UNK F 1524 -12.49 -20.32 56.62
N UNK F 1525 -12.23 -19.36 57.48
CA UNK F 1525 -13.24 -18.51 58.07
C UNK F 1525 -13.90 -17.70 57.00
N UNK F 1526 -13.11 -17.22 56.06
CA UNK F 1526 -13.59 -16.46 54.93
C UNK F 1526 -14.50 -17.28 54.07
N UNK F 1527 -14.13 -18.54 53.89
CA UNK F 1527 -14.96 -19.42 53.11
C UNK F 1527 -16.29 -19.53 53.82
N UNK F 1528 -16.21 -19.63 55.13
CA UNK F 1528 -17.38 -19.75 55.96
C UNK F 1528 -18.27 -18.52 55.83
N UNK F 1529 -17.63 -17.38 55.80
CA UNK F 1529 -18.30 -16.12 55.70
C UNK F 1529 -19.04 -16.07 54.39
N UNK F 1530 -18.38 -16.59 53.37
CA UNK F 1530 -18.97 -16.63 52.04
C UNK F 1530 -20.20 -17.51 52.04
N UNK F 1531 -20.09 -18.61 52.76
CA UNK F 1531 -21.19 -19.55 52.84
C UNK F 1531 -22.35 -18.86 53.50
N UNK F 1532 -22.03 -18.08 54.52
CA UNK F 1532 -23.00 -17.29 55.26
C UNK F 1532 -23.70 -16.24 54.41
N UNK F 1533 -22.94 -15.59 53.56
CA UNK F 1533 -23.51 -14.57 52.70
C UNK F 1533 -24.48 -15.31 51.83
N UNK F 1534 -24.08 -16.49 51.42
CA UNK F 1534 -24.87 -17.30 50.51
C UNK F 1534 -26.18 -17.68 51.17
N UNK F 1535 -33.55 -20.71 57.46
CA UNK F 1535 -33.12 -20.35 58.82
C UNK F 1535 -32.29 -21.50 59.43
N UNK F 1536 -32.85 -22.68 59.27
CA UNK F 1536 -32.22 -23.92 59.77
C UNK F 1536 -30.82 -24.09 59.17
N UNK F 1537 -30.78 -23.90 57.87
CA UNK F 1537 -29.54 -24.00 57.09
C UNK F 1537 -28.48 -23.04 57.64
N UNK F 1538 -28.94 -21.82 57.85
CA UNK F 1538 -28.10 -20.73 58.38
C UNK F 1538 -27.51 -21.13 59.73
N UNK F 1539 -28.38 -21.65 60.56
CA UNK F 1539 -28.03 -22.11 61.91
C UNK F 1539 -26.93 -23.17 61.84
N UNK F 1540 -27.16 -24.10 60.95
CA UNK F 1540 -26.23 -25.22 60.70
C UNK F 1540 -24.85 -24.69 60.32
N UNK F 1541 -24.88 -23.75 59.40
CA UNK F 1541 -23.67 -23.09 58.88
C UNK F 1541 -22.90 -22.44 60.04
N UNK F 1542 -23.64 -21.73 60.86
CA UNK F 1542 -23.10 -21.03 62.03
C UNK F 1542 -22.40 -22.02 62.96
N UNK F 1543 -23.09 -23.13 63.20
CA UNK F 1543 -22.60 -24.21 64.06
C UNK F 1543 -21.27 -24.74 63.53
N UNK F 1544 -21.26 -24.96 62.23
CA UNK F 1544 -20.08 -25.48 61.52
C UNK F 1544 -18.90 -24.54 61.71
N UNK F 1545 -19.19 -23.26 61.53
CA UNK F 1545 -18.20 -22.18 61.67
C UNK F 1545 -17.59 -22.22 63.08
N UNK F 1546 -18.48 -22.33 64.05
CA UNK F 1546 -18.11 -22.38 65.47
C UNK F 1546 -17.15 -23.55 65.72
N UNK F 1547 -17.54 -24.68 65.18
CA UNK F 1547 -16.77 -25.93 65.29
C UNK F 1547 -15.36 -25.72 64.75
N UNK F 1548 -15.32 -25.12 63.57
CA UNK F 1548 -14.07 -24.82 62.87
C UNK F 1548 -13.16 -23.97 63.74
N UNK F 1549 -13.78 -22.93 64.30
CA UNK F 1549 -13.09 -21.98 65.18
C UNK F 1549 -12.46 -22.71 66.37
N UNK F 1550 -23.45 -16.33 74.16
CA UNK F 1550 -22.95 -15.18 73.39
C UNK F 1550 -22.90 -15.52 71.90
N UNK F 1551 -22.36 -16.69 71.63
CA UNK F 1551 -22.21 -17.22 70.27
C UNK F 1551 -23.59 -17.31 69.60
N UNK F 1552 -24.51 -17.87 70.36
CA UNK F 1552 -25.91 -18.06 69.91
C UNK F 1552 -26.52 -16.71 69.52
N UNK F 1553 -26.30 -15.75 70.42
CA UNK F 1553 -26.80 -14.38 70.24
C UNK F 1553 -26.27 -13.79 68.93
N UNK F 1554 -24.97 -13.97 68.76
CA UNK F 1554 -24.25 -13.48 67.57
C UNK F 1554 -24.88 -14.06 66.30
N UNK F 1555 -25.10 -15.36 66.36
CA UNK F 1555 -25.69 -16.12 65.25
C UNK F 1555 -27.06 -15.55 64.89
N UNK F 1556 -27.85 -15.32 65.93
CA UNK F 1556 -29.20 -14.77 65.82
C UNK F 1556 -29.15 -13.42 65.10
N UNK F 1557 -28.22 -12.61 65.56
CA UNK F 1557 -28.00 -11.25 65.02
C UNK F 1557 -27.69 -11.33 63.52
N UNK F 1558 -26.80 -12.24 63.20
CA UNK F 1558 -26.36 -12.49 61.82
C UNK F 1558 -27.57 -12.85 60.94
N UNK F 1559 -28.37 -13.75 61.47
CA UNK F 1559 -29.59 -14.23 60.81
C UNK F 1559 -30.52 -13.06 60.50
N UNK F 1560 -30.70 -12.24 61.52
CA UNK F 1560 -31.55 -11.05 61.44
C UNK F 1560 -31.07 -10.13 60.32
N UNK F 1561 -29.77 -9.91 60.31
CA UNK F 1561 -29.10 -9.06 59.32
C UNK F 1561 -29.38 -9.59 57.90
N UNK F 1562 -24.99 -3.68 53.29
CA UNK F 1562 -25.09 -5.08 53.73
C UNK F 1562 -23.70 -5.72 53.80
N UNK F 1563 -22.95 -5.49 52.73
CA UNK F 1563 -21.58 -6.01 52.58
C UNK F 1563 -20.71 -5.51 53.73
N UNK F 1564 -20.83 -4.23 53.98
CA UNK F 1564 -20.09 -3.55 55.04
C UNK F 1564 -20.38 -4.19 56.39
N UNK F 1565 -21.66 -4.41 56.62
CA UNK F 1565 -22.17 -5.01 57.86
C UNK F 1565 -21.55 -6.41 58.04
N UNK F 1566 -21.57 -7.15 56.96
CA UNK F 1566 -21.02 -8.52 56.91
C UNK F 1566 -19.54 -8.50 57.32
N UNK F 1567 -18.84 -7.57 56.71
CA UNK F 1567 -17.39 -7.37 56.94
C UNK F 1567 -17.14 -7.11 58.43
N UNK F 1568 -17.94 -6.21 58.96
CA UNK F 1568 -17.88 -5.82 60.37
C UNK F 1568 -18.04 -7.04 61.27
N UNK F 1569 -19.06 -7.82 60.94
CA UNK F 1569 -19.40 -9.05 61.67
C UNK F 1569 -18.20 -9.99 61.68
N UNK F 1570 -17.63 -10.15 60.51
CA UNK F 1570 -16.46 -11.02 60.30
C UNK F 1570 -15.30 -10.59 61.20
N UNK F 1571 -15.08 -9.29 61.19
CA UNK F 1571 -14.02 -8.65 61.99
C UNK F 1571 -14.23 -8.96 63.48
N UNK F 1572 -15.46 -8.79 63.90
CA UNK F 1572 -15.88 -9.04 65.29
C UNK F 1572 -15.56 -10.49 65.67
N UNK F 1573 -15.94 -11.38 64.78
CA UNK F 1573 -15.73 -12.82 64.95
C UNK F 1573 -14.24 -13.12 65.15
N UNK F 1574 -13.46 -12.51 64.28
CA UNK F 1574 -12.00 -12.66 64.28
C UNK F 1574 -11.43 -12.23 65.64
N UNK F 1575 -11.91 -11.08 66.07
CA UNK F 1575 -11.50 -10.48 67.35
C UNK F 1575 -11.79 -11.44 68.51
N UNK F 1576 -12.99 -11.99 68.46
CA UNK F 1576 -13.48 -12.94 69.47
C UNK F 1576 -12.55 -14.16 69.52
N UNK F 1577 -12.23 -14.65 68.34
CA UNK F 1577 -11.35 -15.81 68.17
C UNK F 1577 -9.99 -15.53 68.81
N UNK F 1578 -16.68 -7.74 43.19
CA UNK F 1578 -15.79 -6.58 43.39
C UNK F 1578 -15.95 -6.03 44.80
N UNK F 1579 -17.21 -5.89 45.18
CA UNK F 1579 -17.59 -5.37 46.50
C UNK F 1579 -16.99 -6.25 47.60
N UNK F 1580 -17.16 -7.55 47.40
CA UNK F 1580 -16.66 -8.57 48.33
C UNK F 1580 -15.14 -8.42 48.51
N UNK F 1581 -14.49 -8.29 47.37
CA UNK F 1581 -13.03 -8.14 47.31
C UNK F 1581 -12.59 -6.92 48.13
N UNK F 1582 -13.31 -5.83 47.90
CA UNK F 1582 -13.07 -4.55 48.57
C UNK F 1582 -13.17 -4.72 50.08
N UNK F 1583 -14.24 -5.41 50.47
CA UNK F 1583 -14.53 -5.69 51.89
C UNK F 1583 -13.37 -6.46 52.52
N UNK F 1584 -12.93 -7.47 51.79
CA UNK F 1584 -11.83 -8.34 52.21
C UNK F 1584 -10.56 -7.50 52.45
N UNK F 1585 -10.30 -6.64 51.49
CA UNK F 1585 -9.14 -5.74 51.51
C UNK F 1585 -9.18 -4.87 52.77
N UNK F 1586 -10.36 -4.32 53.01
CA UNK F 1586 -10.62 -3.45 54.17
C UNK F 1586 -10.30 -4.20 55.46
N UNK F 1587 -10.81 -5.42 55.52
CA UNK F 1587 -10.62 -6.31 56.67
C UNK F 1587 -9.14 -6.53 56.93
N UNK F 1588 -8.44 -6.81 55.86
CA UNK F 1588 -6.99 -7.07 55.87
C UNK F 1588 -6.26 -5.86 56.47
N UNK F 1589 -6.65 -4.70 55.96
CA UNK F 1589 -6.08 -3.41 56.39
C UNK F 1589 -6.26 -3.22 57.89
N UNK F 1590 -7.48 -3.50 58.31
CA UNK F 1590 -7.88 -3.38 59.73
C UNK F 1590 -6.98 -4.28 60.60
N UNK F 1591 -6.82 -5.50 60.12
CA UNK F 1591 -6.00 -6.52 60.80
C UNK F 1591 -4.57 -6.00 60.96
N UNK F 1592 -4.01 -5.46 59.88
CA UNK F 1592 -2.65 -4.94 59.90
C UNK F 1592 -2.50 -3.75 60.83
N UNK F 1593 -3.25 -2.68 60.55
CA UNK F 1593 -3.20 -1.47 61.37
C UNK F 1593 -3.67 -1.77 62.78
N UNK F 1594 -4.71 -2.57 62.91
CA UNK F 1594 -5.23 -2.95 64.22
C UNK F 1594 -4.19 -3.74 64.98
N UNK F 1595 -3.48 -4.63 64.28
CA UNK F 1595 -2.42 -5.42 64.89
C UNK F 1595 -1.31 -4.52 65.39
N UNK F 1596 -0.98 -3.50 64.60
CA UNK F 1596 0.06 -2.55 64.97
C UNK F 1596 -0.36 -1.79 66.22
N UNK F 1597 -1.64 -1.43 66.28
CA UNK F 1597 -2.18 -0.73 67.45
C UNK F 1597 -2.07 -1.62 68.68
N UNK F 1598 -2.36 -2.90 68.51
CA UNK F 1598 -2.27 -3.86 69.60
C UNK F 1598 -0.83 -3.96 70.08
N UNK F 1599 0.11 -3.96 69.14
CA UNK F 1599 1.52 -4.02 69.48
C UNK F 1599 1.92 -2.79 70.28
N UNK F 1600 1.40 -1.64 69.87
CA UNK F 1600 1.67 -0.39 70.55
C UNK F 1600 1.13 -0.43 71.98
N UNK F 1601 -11.92 -37.30 66.55
CA UNK F 1601 -11.52 -36.03 65.92
C UNK F 1601 -12.52 -34.93 66.30
N UNK F 1602 -13.79 -35.29 66.16
CA UNK F 1602 -14.91 -34.39 66.46
C UNK F 1602 -14.83 -33.91 67.91
N UNK F 1603 -14.61 -34.89 68.78
CA UNK F 1603 -14.49 -34.66 70.23
C UNK F 1603 -13.37 -33.66 70.52
N UNK F 1604 -12.25 -33.92 69.87
CA UNK F 1604 -11.04 -33.09 70.00
C UNK F 1604 -11.36 -31.64 69.61
N UNK F 1605 -12.04 -31.52 68.49
CA UNK F 1605 -12.44 -30.23 67.92
C UNK F 1605 -13.30 -29.47 68.93
N UNK F 1606 -14.26 -30.20 69.49
CA UNK F 1606 -15.19 -29.68 70.48
C UNK F 1606 -14.43 -29.13 71.68
N UNK F 1607 -13.48 -29.93 72.14
CA UNK F 1607 -12.63 -29.60 73.29
C UNK F 1607 -11.88 -28.29 73.02
N UNK F 1608 -11.32 -28.22 71.83
CA UNK F 1608 -10.56 -27.05 71.36
C UNK F 1608 -11.43 -25.80 71.42
N UNK F 1609 -12.63 -25.96 70.89
CA UNK F 1609 -13.64 -24.89 70.84
C UNK F 1609 -13.92 -24.37 72.26
N UNK F 1610 -14.13 -25.33 73.15
CA UNK F 1610 -14.42 -25.06 74.56
C UNK F 1610 -13.30 -24.23 75.18
N UNK F 1611 -12.09 -24.68 74.90
CA UNK F 1611 -10.86 -24.04 75.40
C UNK F 1611 -10.82 -22.58 74.94
N UNK F 1612 -11.09 -22.42 73.66
CA UNK F 1612 -11.11 -21.10 73.01
C UNK F 1612 -12.09 -20.17 73.71
N UNK F 1613 -13.27 -20.72 73.94
CA UNK F 1613 -14.37 -20.01 74.61
C UNK F 1613 -13.92 -19.53 75.99
N UNK F 1614 -13.30 -20.46 76.71
CA UNK F 1614 -12.79 -20.21 78.06
C UNK F 1614 -11.80 -19.04 78.04
N UNK F 1615 -10.91 -19.12 77.08
CA UNK F 1615 -9.87 -18.10 76.87
C UNK F 1615 -10.50 -16.73 76.66
N UNK F 1616 -11.49 -16.72 75.80
CA UNK F 1616 -12.25 -15.51 75.45
C UNK F 1616 -12.87 -14.90 76.71
N UNK F 1617 -13.48 -15.77 77.48
CA UNK F 1617 -14.14 -15.39 78.74
C UNK F 1617 -13.14 -14.72 79.68
N UNK F 1618 -11.99 -15.36 79.79
CA UNK F 1618 -10.88 -14.90 80.63
C UNK F 1618 -10.46 -13.49 80.21
N UNK F 1619 -10.31 -13.33 78.92
CA UNK F 1619 -9.91 -12.06 78.29
C UNK F 1619 -10.92 -10.97 78.67
N UNK F 1620 -19.27 -14.77 86.52
CA UNK F 1620 -19.40 -15.82 87.53
C UNK F 1620 -20.74 -16.53 87.42
N UNK F 1621 -21.81 -15.79 87.20
CA UNK F 1621 -23.06 -16.47 86.92
C UNK F 1621 -22.96 -17.15 85.55
N UNK F 1622 -22.45 -16.39 84.57
CA UNK F 1622 -22.27 -16.84 83.19
C UNK F 1622 -21.26 -17.96 82.87
N UNK F 1623 -20.08 -17.90 83.49
CA UNK F 1623 -18.99 -18.82 83.17
C UNK F 1623 -19.29 -20.28 83.51
N UNK F 1624 -19.92 -20.47 84.65
CA UNK F 1624 -20.28 -21.79 85.19
C UNK F 1624 -21.05 -22.59 84.14
N UNK F 1625 -22.01 -21.92 83.54
CA UNK F 1625 -22.87 -22.50 82.51
C UNK F 1625 -22.02 -23.00 81.34
N UNK F 1626 -21.10 -22.13 80.93
CA UNK F 1626 -20.17 -22.41 79.82
C UNK F 1626 -19.37 -23.67 80.13
N UNK F 1627 -18.86 -23.71 81.34
CA UNK F 1627 -18.05 -24.83 81.83
C UNK F 1627 -18.84 -26.14 81.74
N UNK F 1628 -20.08 -26.05 82.20
CA UNK F 1628 -21.02 -27.18 82.21
C UNK F 1628 -21.21 -27.70 80.78
N UNK F 1629 -21.43 -26.75 79.89
CA UNK F 1629 -21.64 -27.04 78.46
C UNK F 1629 -20.45 -27.79 77.89
N UNK F 1630 -19.28 -27.27 78.22
CA UNK F 1630 -18.00 -27.84 77.78
C UNK F 1630 -17.88 -29.29 78.24
N UNK F 1631 -18.21 -29.48 79.51
CA UNK F 1631 -18.16 -30.80 80.16
C UNK F 1631 -19.07 -31.78 79.41
N UNK F 1632 -20.27 -31.30 79.13
CA UNK F 1632 -21.29 -32.07 78.40
C UNK F 1632 -20.76 -32.51 77.04
N UNK F 1633 -20.16 -31.55 76.36
CA UNK F 1633 -19.56 -31.77 75.03
C UNK F 1633 -18.51 -32.87 75.09
N UNK F 1634 -17.66 -32.75 76.10
CA UNK F 1634 -16.58 -33.71 76.35
C UNK F 1634 -17.14 -35.12 76.52
N UNK F 1635 -18.17 -35.18 77.34
CA UNK F 1635 -18.87 -36.43 77.65
C UNK F 1635 -19.39 -37.08 76.36
N UNK F 1636 -4.69 -34.68 65.03
CA UNK F 1636 -5.80 -34.36 65.96
C UNK F 1636 -5.34 -34.58 67.40
N UNK F 1637 -4.71 -35.72 67.61
CA UNK F 1637 -4.19 -36.12 68.92
C UNK F 1637 -3.21 -35.06 69.45
N UNK F 1638 -2.32 -34.68 68.55
CA UNK F 1638 -1.28 -33.69 68.84
C UNK F 1638 -1.93 -32.37 69.29
N UNK F 1639 -2.93 -31.97 68.52
CA UNK F 1639 -3.69 -30.74 68.78
C UNK F 1639 -4.31 -30.79 70.18
N UNK F 1640 -4.91 -31.92 70.47
CA UNK F 1640 -5.57 -32.18 71.76
C UNK F 1640 -4.56 -32.01 72.90
N UNK F 1641 -3.42 -32.62 72.69
CA UNK F 1641 -2.31 -32.60 73.66
C UNK F 1641 -1.90 -31.14 73.94
N UNK F 1642 -1.76 -30.41 72.86
CA UNK F 1642 -1.37 -28.99 72.90
C UNK F 1642 -2.37 -28.19 73.73
N UNK F 1643 -3.64 -28.45 73.45
CA UNK F 1643 -4.76 -27.80 74.13
C UNK F 1643 -4.68 -28.07 75.65
N UNK F 1644 -4.44 -29.32 75.96
CA UNK F 1644 -4.32 -29.80 77.34
C UNK F 1644 -3.21 -29.04 78.07
N UNK F 1645 -2.08 -28.95 77.37
CA UNK F 1645 -0.89 -28.26 77.87
C UNK F 1645 -1.21 -26.81 78.19
N UNK F 1646 -1.90 -26.18 77.25
CA UNK F 1646 -2.32 -24.78 77.35
C UNK F 1646 -3.18 -24.59 78.60
N UNK F 1647 -4.12 -25.49 78.75
CA UNK F 1647 -5.06 -25.50 79.89
C UNK F 1647 -4.28 -25.56 81.21
N UNK F 1648 -3.34 -26.47 81.22
CA UNK F 1648 -2.48 -26.70 82.40
C UNK F 1648 -1.75 -25.41 82.77
N UNK F 1649 -1.18 -24.80 81.74
CA UNK F 1649 -0.44 -23.54 81.87
C UNK F 1649 -1.31 -22.46 82.50
N UNK F 1650 -2.52 -22.38 81.96
CA UNK F 1650 -3.53 -21.40 82.42
C UNK F 1650 -3.81 -21.60 83.91
N UNK F 1651 -4.01 -22.87 84.25
CA UNK F 1651 -4.30 -23.28 85.63
C UNK F 1651 -3.17 -22.83 86.56
N UNK F 1652 -1.96 -23.09 86.11
CA UNK F 1652 -0.74 -22.74 86.84
C UNK F 1652 -0.70 -21.23 87.11
N UNK F 1653 -0.99 -20.49 86.05
CA UNK F 1653 -1.01 -19.02 86.09
C UNK F 1653 -2.00 -18.54 87.14
N UNK F 1654 -3.20 -19.13 87.13
CA UNK F 1654 -4.25 -18.76 88.07
C UNK F 1654 -3.79 -19.00 89.52
N UNK F 1655 -3.10 -20.12 89.73
CA UNK F 1655 -2.61 -20.47 91.05
C UNK F 1655 -1.62 -19.44 91.57
N UNK F 1656 -0.75 -18.96 90.69
CA UNK F 1656 0.25 -17.96 91.06
C UNK F 1656 -0.41 -16.66 91.50
N UNK F 1657 -1.47 -16.27 90.81
CA UNK F 1657 -2.19 -15.04 91.13
C UNK F 1657 -2.89 -15.15 92.48
N UNK F 1658 -12.41 -20.54 96.36
CA UNK F 1658 -13.58 -20.91 95.55
C UNK F 1658 -13.16 -21.16 94.10
N UNK F 1659 -12.38 -20.22 93.61
CA UNK F 1659 -11.86 -20.25 92.23
C UNK F 1659 -11.06 -21.54 92.01
N UNK F 1660 -10.21 -21.81 92.97
CA UNK F 1660 -9.34 -23.00 92.96
C UNK F 1660 -10.19 -24.27 92.87
N UNK F 1661 -11.20 -24.29 93.71
CA UNK F 1661 -12.15 -25.41 93.79
C UNK F 1661 -12.80 -25.65 92.42
N UNK F 1662 -13.24 -24.55 91.84
CA UNK F 1662 -13.91 -24.54 90.53
C UNK F 1662 -12.98 -25.15 89.48
N UNK F 1663 -11.74 -24.68 89.52
CA UNK F 1663 -10.69 -25.13 88.59
C UNK F 1663 -10.52 -26.65 88.71
N UNK F 1664 -10.44 -27.10 89.95
CA UNK F 1664 -10.26 -28.52 90.28
C UNK F 1664 -11.40 -29.33 89.68
N UNK F 1665 -12.60 -28.82 89.89
CA UNK F 1665 -13.83 -29.46 89.39
C UNK F 1665 -13.78 -29.61 87.87
N UNK F 1666 -13.37 -28.53 87.24
CA UNK F 1666 -13.23 -28.46 85.78
C UNK F 1666 -12.27 -29.54 85.29
N UNK F 1667 -11.15 -29.61 85.98
CA UNK F 1667 -10.08 -30.58 85.67
C UNK F 1667 -10.63 -32.00 85.75
N UNK F 1668 -11.36 -32.24 86.82
CA UNK F 1668 -11.99 -33.55 87.08
C UNK F 1668 -12.91 -33.93 85.93
N UNK F 1669 -13.71 -32.96 85.55
CA UNK F 1669 -14.69 -33.11 84.45
C UNK F 1669 -13.96 -33.52 83.17
N UNK F 1670 -17.58 -13.59 104.93
CA UNK F 1670 -18.37 -14.77 105.32
C UNK F 1670 -19.38 -15.10 104.22
N UNK F 1671 -20.07 -14.06 103.80
CA UNK F 1671 -21.10 -14.16 102.76
C UNK F 1671 -20.50 -14.74 101.47
N UNK F 1672 -19.35 -14.18 101.12
CA UNK F 1672 -18.60 -14.60 99.93
C UNK F 1672 -18.27 -16.09 100.00
N UNK F 1673 -17.79 -16.47 101.17
CA UNK F 1673 -17.40 -17.87 101.45
C UNK F 1673 -18.61 -18.80 101.24
N UNK F 1674 -19.73 -18.36 101.80
CA UNK F 1674 -20.99 -19.09 101.72
C UNK F 1674 -21.39 -19.30 100.26
N UNK F 1675 -21.29 -18.22 99.52
CA UNK F 1675 -21.62 -18.20 98.08
C UNK F 1675 -20.76 -19.24 97.34
N UNK F 1676 -19.49 -19.19 97.65
CA UNK F 1676 -18.48 -20.10 97.05
C UNK F 1676 -18.88 -21.55 97.32
N UNK F 1677 -19.22 -21.80 98.56
CA UNK F 1677 -19.63 -23.13 99.03
C UNK F 1677 -20.83 -23.63 98.23
N UNK F 1678 -21.79 -22.73 98.09
CA UNK F 1678 -23.03 -23.00 97.35
C UNK F 1678 -22.72 -23.39 95.91
N UNK F 1679 -21.83 -22.61 95.32
CA UNK F 1679 -21.38 -22.81 93.93
C UNK F 1679 -20.78 -24.20 93.78
N UNK F 1680 -19.92 -24.53 94.73
CA UNK F 1680 -19.22 -25.82 94.77
C UNK F 1680 -20.24 -26.97 94.81
N UNK F 1681 -21.21 -26.78 95.68
CA UNK F 1681 -22.30 -27.77 95.88
C UNK F 1681 -23.03 -28.00 94.57
N UNK F 1682 -23.35 -26.89 93.92
CA UNK F 1682 -24.06 -26.88 92.63
C UNK F 1682 -23.28 -27.69 91.60
N UNK F 1683 -21.99 -27.40 91.55
CA UNK F 1683 -21.05 -28.04 90.64
C UNK F 1683 -21.07 -29.56 90.85
N UNK F 1684 -21.00 -29.93 92.12
CA UNK F 1684 -21.00 -31.32 92.55
C UNK F 1684 -22.27 -32.03 92.05
N UNK F 1685 -23.38 -31.35 92.26
CA UNK F 1685 -24.70 -31.82 91.86
C UNK F 1685 -24.73 -32.10 90.36
N UNK F 1686 -24.21 -31.12 89.63
CA UNK F 1686 -24.13 -31.18 88.16
C UNK F 1686 -23.35 -32.41 87.73
N UNK F 1687 -22.22 -32.59 88.38
CA UNK F 1687 -21.31 -33.72 88.12
C UNK F 1687 -22.04 -35.04 88.30
N UNK F 1688 -22.74 -35.10 89.42
CA UNK F 1688 -23.53 -36.29 89.81
C UNK F 1688 -24.54 -36.62 88.72
N UNK F 1689 -25.25 -35.59 88.24
CA UNK F 1689 -26.27 -35.77 87.22
C UNK F 1689 -25.66 -36.33 85.92
N UNK F 1690 -24.48 -35.83 85.57
CA UNK F 1690 -23.79 -36.28 84.37
C UNK F 1690 -23.44 -37.76 84.47
N UNK F 1691 -23.00 -38.19 85.65
CA UNK F 1691 -22.64 -39.58 85.88
C UNK F 1691 -23.86 -40.48 85.74
N UNK F 1692 -6.97 -21.82 108.12
CA UNK F 1692 -6.59 -23.22 107.95
C UNK F 1692 -7.79 -24.14 108.04
N UNK F 1693 -8.62 -23.93 109.05
CA UNK F 1693 -9.83 -24.75 109.26
C UNK F 1693 -10.73 -24.66 108.03
N UNK F 1694 -10.91 -23.43 107.58
CA UNK F 1694 -11.75 -23.13 106.41
C UNK F 1694 -11.22 -23.88 105.18
N UNK F 1695 -9.92 -23.79 105.02
CA UNK F 1695 -9.20 -24.42 103.90
C UNK F 1695 -9.45 -25.94 103.92
N UNK F 1696 -9.31 -26.49 105.11
CA UNK F 1696 -9.50 -27.92 105.35
C UNK F 1696 -10.92 -28.34 104.94
N UNK F 1697 -11.87 -27.53 105.37
CA UNK F 1697 -13.29 -27.75 105.08
C UNK F 1697 -13.53 -27.78 103.57
N UNK F 1698 -12.93 -26.80 102.92
CA UNK F 1698 -13.02 -26.64 101.46
C UNK F 1698 -12.50 -27.91 100.76
N UNK F 1699 -11.35 -28.34 101.24
CA UNK F 1699 -10.67 -29.54 100.72
C UNK F 1699 -11.60 -30.76 100.83
N UNK F 1700 -12.18 -30.87 102.00
CA UNK F 1700 -13.11 -31.96 102.33
C UNK F 1700 -14.28 -31.97 101.34
N UNK F 1701 -14.82 -30.79 101.14
CA UNK F 1701 -15.95 -30.57 100.24
C UNK F 1701 -15.59 -31.03 98.83
N UNK F 1702 -14.42 -30.61 98.40
CA UNK F 1702 -13.88 -30.96 97.08
C UNK F 1702 -13.80 -32.47 96.91
N UNK F 1703 -13.27 -33.10 97.95
CA UNK F 1703 -13.10 -34.56 97.99
C UNK F 1703 -14.45 -35.25 97.82
N UNK F 1704 -15.41 -34.74 98.58
CA UNK F 1704 -16.79 -35.25 98.57
C UNK F 1704 -17.37 -35.17 97.15
N UNK F 1705 -17.17 -34.02 96.55
CA UNK F 1705 -17.63 -33.73 95.18
C UNK F 1705 -17.05 -34.76 94.21
N UNK F 1706 -15.76 -34.97 94.35
CA UNK F 1706 -14.99 -35.91 93.52
C UNK F 1706 -15.59 -37.31 93.64
N UNK F 1707 -15.84 -37.68 94.88
CA UNK F 1707 -16.42 -39.00 95.21
C UNK F 1707 -17.76 -39.17 94.51
N UNK F 1708 -18.57 -38.14 94.61
CA UNK F 1708 -19.91 -38.09 94.01
C UNK F 1708 -19.81 -38.31 92.49
N UNK F 1709 -18.88 -37.59 91.91
CA UNK F 1709 -18.62 -37.65 90.47
C UNK F 1709 -18.27 -39.08 90.05
N UNK F 1710 -17.39 -39.66 90.83
CA UNK F 1710 -16.91 -41.04 90.62
C UNK F 1710 -18.11 -42.01 90.64
N UNK F 1711 -18.94 -41.82 91.64
CA UNK F 1711 -20.15 -42.64 91.84
C UNK F 1711 -21.05 -42.55 90.61
N UNK F 1712 -11.88 -39.77 112.38
CA UNK F 1712 -12.27 -38.37 112.19
C UNK F 1712 -12.60 -38.11 110.72
N UNK F 1713 -11.72 -38.60 109.88
CA UNK F 1713 -11.86 -38.46 108.42
C UNK F 1713 -13.18 -39.08 107.96
N UNK F 1714 -13.42 -40.27 108.45
CA UNK F 1714 -14.64 -41.05 108.14
C UNK F 1714 -15.89 -40.23 108.52
N UNK F 1715 -15.82 -39.68 109.72
CA UNK F 1715 -16.91 -38.87 110.28
C UNK F 1715 -17.21 -37.68 109.36
N UNK F 1716 -16.12 -37.04 108.96
CA UNK F 1716 -16.17 -35.87 108.08
C UNK F 1716 -16.87 -36.22 106.77
N UNK F 1717 -16.44 -37.36 106.23
CA UNK F 1717 -16.99 -37.90 104.98
C UNK F 1717 -18.50 -38.10 105.09
N UNK F 1718 -18.87 -38.71 106.21
CA UNK F 1718 -20.27 -39.01 106.53
C UNK F 1718 -21.09 -37.73 106.53
N UNK F 1719 -20.53 -36.74 107.22
CA UNK F 1719 -21.15 -35.41 107.36
C UNK F 1719 -21.39 -34.80 105.98
N UNK F 1720 -20.36 -34.89 105.16
CA UNK F 1720 -20.39 -34.36 103.78
C UNK F 1720 -21.53 -35.01 103.00
N UNK F 1721 -21.59 -36.32 103.13
CA UNK F 1721 -22.61 -37.15 102.46
C UNK F 1721 -24.01 -36.68 102.86
N UNK F 1722 -24.16 -36.49 104.16
CA UNK F 1722 -25.43 -36.05 104.76
C UNK F 1722 -25.85 -34.71 104.16
N UNK F 1723 -24.88 -33.82 104.10
CA UNK F 1723 -25.07 -32.46 103.55
C UNK F 1723 -25.56 -32.55 102.11
N UNK F 1724 -24.88 -33.39 101.36
CA UNK F 1724 -25.20 -33.63 99.94
C UNK F 1724 -26.65 -34.09 99.80
N UNK F 1725 -27.00 -35.04 100.64
CA UNK F 1725 -28.35 -35.63 100.67
C UNK F 1725 -29.39 -34.54 100.91
N UNK F 1726 -29.09 -33.71 101.90
CA UNK F 1726 -29.95 -32.59 102.29
C UNK F 1726 -30.18 -31.65 101.10
N UNK F 1727 -29.08 -31.35 100.45
CA UNK F 1727 -29.08 -30.47 99.27
C UNK F 1727 -30.00 -31.02 98.19
N UNK F 1728 -29.86 -32.33 97.92
CA UNK F 1728 -30.68 -32.98 96.92
C UNK F 1728 -32.15 -32.97 97.30
N UNK F 1729 -32.43 -33.11 98.60
CA UNK F 1729 -33.79 -33.11 99.10
C UNK F 1729 -34.47 -31.78 98.84
N UNK F 1730 -33.73 -30.69 99.03
CA UNK F 1730 -34.25 -29.36 98.77
C UNK F 1730 -34.60 -29.20 97.29
N UNK F 1731 -33.73 -29.73 96.44
CA UNK F 1731 -33.96 -29.69 95.00
C UNK F 1731 -35.22 -30.47 94.63
N UNK F 1732 -35.41 -31.61 95.28
CA UNK F 1732 -36.57 -32.45 95.03
C UNK F 1732 -37.50 -32.50 96.23
N UNK F 1733 21.95 -32.15 124.08
CA UNK F 1733 20.86 -33.05 123.68
C UNK F 1733 19.62 -32.24 123.33
N UNK F 1734 19.31 -31.30 124.20
CA UNK F 1734 18.16 -30.40 124.06
C UNK F 1734 18.26 -29.63 122.75
N UNK F 1735 19.44 -29.11 122.52
CA UNK F 1735 19.76 -28.33 121.31
C UNK F 1735 19.49 -29.17 120.06
N UNK F 1736 19.99 -30.40 120.12
CA UNK F 1736 19.86 -31.37 119.03
C UNK F 1736 18.38 -31.61 118.72
N UNK F 1737 17.64 -31.81 119.79
CA UNK F 1737 16.19 -32.06 119.72
C UNK F 1737 15.49 -30.89 119.02
N UNK F 1738 15.86 -29.71 119.45
CA UNK F 1738 15.32 -28.45 118.90
C UNK F 1738 15.57 -28.38 117.40
N UNK F 1739 16.81 -28.69 117.04
CA UNK F 1739 17.26 -28.68 115.64
C UNK F 1739 16.39 -29.64 114.81
N UNK F 1740 16.21 -30.82 115.36
CA UNK F 1740 15.42 -31.88 114.74
C UNK F 1740 13.99 -31.38 114.48
N UNK F 1741 13.44 -30.76 115.50
CA UNK F 1741 12.08 -30.20 115.46
C UNK F 1741 11.96 -29.20 114.32
N UNK F 1742 12.96 -28.32 114.27
CA UNK F 1742 13.05 -27.26 113.26
C UNK F 1742 13.03 -27.88 111.86
N UNK F 1743 13.85 -28.90 111.71
CA UNK F 1743 14.01 -29.64 110.45
C UNK F 1743 12.65 -30.20 110.01
N UNK F 1744 11.99 -30.81 110.97
CA UNK F 1744 10.67 -31.43 110.77
C UNK F 1744 9.67 -30.38 110.26
N UNK F 1745 9.70 -29.24 110.93
CA UNK F 1745 8.83 -28.11 110.61
C UNK F 1745 9.05 -27.66 109.17
N UNK F 1746 10.32 -27.55 108.84
CA UNK F 1746 10.77 -27.14 107.50
C UNK F 1746 10.21 -28.10 106.45
N UNK F 1747 10.35 -29.37 106.75
CA UNK F 1747 9.89 -30.46 105.87
C UNK F 1747 8.39 -30.33 105.63
N UNK F 1748 7.68 -30.10 106.72
CA UNK F 1748 6.22 -29.94 106.71
C UNK F 1748 5.83 -28.80 105.78
N UNK F 1749 6.54 -27.70 105.96
CA UNK F 1749 6.33 -26.47 105.18
C UNK F 1749 6.49 -26.77 103.69
N UNK F 1750 7.58 -27.47 103.40
CA UNK F 1750 7.92 -27.87 102.03
C UNK F 1750 6.79 -28.69 101.41
N UNK F 1751 6.32 -29.63 102.19
CA UNK F 1751 5.22 -30.53 101.79
C UNK F 1751 3.98 -29.72 101.44
N UNK F 1752 23.94 -44.57 77.93
CA UNK F 1752 23.45 -44.32 79.29
C UNK F 1752 24.55 -44.65 80.30
N UNK F 1753 25.13 -45.82 80.10
CA UNK F 1753 26.22 -46.34 80.95
C UNK F 1753 27.37 -45.34 80.97
N UNK F 1754 27.73 -44.89 79.78
CA UNK F 1754 28.83 -43.93 79.59
C UNK F 1754 28.56 -42.66 80.39
N UNK F 1755 27.33 -42.19 80.25
CA UNK F 1755 26.86 -40.97 80.93
C UNK F 1755 27.02 -41.13 82.45
N UNK F 1756 26.58 -42.28 82.92
CA UNK F 1756 26.63 -42.63 84.35
C UNK F 1756 28.07 -42.58 84.84
N UNK F 1757 28.95 -43.18 84.05
CA UNK F 1757 30.38 -43.24 84.34
C UNK F 1757 30.96 -41.83 84.48
N UNK F 1758 30.58 -41.00 83.52
CA UNK F 1758 31.02 -39.60 83.46
C UNK F 1758 30.60 -38.88 84.73
N UNK F 1759 29.35 -39.09 85.10
CA UNK F 1759 28.75 -38.49 86.30
C UNK F 1759 29.55 -38.88 87.54
N UNK F 1760 29.85 -40.16 87.61
CA UNK F 1760 30.61 -40.74 88.72
C UNK F 1760 31.97 -40.06 88.84
N UNK F 1761 32.61 -39.94 87.68
CA UNK F 1761 33.93 -39.31 87.57
C UNK F 1761 33.88 -37.88 88.11
N UNK F 1762 32.86 -37.17 87.67
CA UNK F 1762 32.62 -35.78 88.07
C UNK F 1762 32.50 -35.68 89.59
N UNK F 1763 31.71 -36.58 90.12
CA UNK F 1763 31.46 -36.67 91.58
C UNK F 1763 32.77 -36.85 92.33
N UNK F 1764 33.57 -37.78 91.81
CA UNK F 1764 34.87 -38.12 92.38
C UNK F 1764 35.77 -36.87 92.41
N UNK F 1765 35.77 -36.18 91.29
CA UNK F 1765 36.56 -34.95 91.12
C UNK F 1765 36.16 -33.92 92.17
N UNK F 1766 34.85 -33.78 92.31
CA UNK F 1766 34.26 -32.83 93.28
C UNK F 1766 34.74 -33.15 94.69
N UNK F 1767 34.67 -34.44 95.00
CA UNK F 1767 35.09 -34.97 96.32
C UNK F 1767 36.54 -34.61 96.59
N UNK F 1768 24.50 -52.48 87.25
CA UNK F 1768 24.37 -51.37 88.21
C UNK F 1768 25.17 -51.69 89.48
N UNK F 1769 24.99 -52.90 89.95
CA UNK F 1769 25.66 -53.41 91.16
C UNK F 1769 27.18 -53.32 90.99
N UNK F 1770 27.61 -53.79 89.82
CA UNK F 1770 29.04 -53.80 89.45
C UNK F 1770 29.61 -52.38 89.50
N UNK F 1771 28.85 -51.49 88.91
CA UNK F 1771 29.20 -50.05 88.84
C UNK F 1771 29.38 -49.49 90.25
N UNK F 1772 28.42 -49.81 91.09
CA UNK F 1772 28.40 -49.37 92.49
C UNK F 1772 29.67 -49.85 93.21
N UNK F 1773 29.96 -51.12 92.98
CA UNK F 1773 31.14 -51.78 93.57
C UNK F 1773 32.42 -51.04 93.16
N UNK F 1774 32.49 -50.75 91.88
CA UNK F 1774 33.62 -50.04 91.28
C UNK F 1774 33.81 -48.68 91.97
N UNK F 1775 32.69 -48.00 92.10
CA UNK F 1775 32.65 -46.66 92.73
C UNK F 1775 33.21 -46.74 94.15
N UNK F 1776 32.73 -47.74 94.86
CA UNK F 1776 33.13 -48.00 96.25
C UNK F 1776 34.65 -48.19 96.34
N UNK F 1777 35.14 -49.00 95.42
CA UNK F 1777 36.57 -49.33 95.32
C UNK F 1777 37.38 -48.05 95.12
N UNK F 1778 36.89 -47.24 94.20
CA UNK F 1778 37.52 -45.95 93.85
C UNK F 1778 37.62 -45.07 95.09
N UNK F 1779 36.51 -45.01 95.80
CA UNK F 1779 36.38 -44.22 97.03
C UNK F 1779 37.43 -44.66 98.05
N UNK F 1780 37.51 -45.97 98.20
CA UNK F 1780 38.45 -46.61 99.13
C UNK F 1780 39.89 -46.20 98.79
N UNK F 1781 40.17 -46.28 97.50
CA UNK F 1781 41.50 -45.94 96.95
C UNK F 1781 41.85 -44.49 97.30
N UNK F 1782 40.87 -43.64 97.08
CA UNK F 1782 40.99 -42.19 97.35
C UNK F 1782 41.34 -41.96 98.82
N UNK F 1783 40.59 -42.66 99.66
CA UNK F 1783 40.76 -42.59 101.12
C UNK F 1783 42.18 -42.97 101.51
N UNK F 1784 20.26 -11.70 81.23
CA UNK F 1784 20.04 -12.74 80.21
C UNK F 1784 19.07 -13.80 80.74
N UNK F 1785 19.34 -14.22 81.96
CA UNK F 1785 18.54 -15.24 82.65
C UNK F 1785 17.09 -14.77 82.75
N UNK F 1786 16.94 -13.52 83.16
CA UNK F 1786 15.63 -12.88 83.33
C UNK F 1786 14.86 -12.90 82.00
N UNK F 1787 15.58 -12.53 80.95
CA UNK F 1787 15.04 -12.48 79.59
C UNK F 1787 14.52 -13.86 79.19
N UNK F 1788 15.35 -14.85 79.46
CA UNK F 1788 15.05 -16.25 79.16
C UNK F 1788 13.75 -16.67 79.85
N UNK F 1789 13.68 -16.32 81.12
CA UNK F 1789 12.52 -16.62 81.98
C UNK F 1789 11.25 -16.02 81.38
N UNK F 1790 11.39 -14.77 80.98
CA UNK F 1790 10.30 -14.00 80.38
C UNK F 1790 9.78 -14.71 79.12
N UNK F 1791 10.74 -15.11 78.31
CA UNK F 1791 10.48 -15.83 77.05
C UNK F 1791 9.68 -17.09 77.32
N UNK F 1792 10.15 -17.83 78.32
CA UNK F 1792 9.54 -19.09 78.75
C UNK F 1792 8.08 -18.85 79.14
N UNK F 1793 7.90 -17.81 79.93
CA UNK F 1793 6.57 -17.40 80.43
C UNK F 1793 5.63 -17.14 79.25
N UNK F 1794 6.16 -16.38 78.31
CA UNK F 1794 5.44 -16.01 77.08
C UNK F 1794 4.98 -17.26 76.34
N UNK F 1795 5.92 -18.17 76.20
CA UNK F 1795 5.68 -19.46 75.51
C UNK F 1795 4.54 -20.21 76.19
N UNK F 1796 25.17 -20.73 73.14
CA UNK F 1796 23.77 -20.43 72.78
C UNK F 1796 22.94 -21.71 72.79
N UNK F 1797 23.52 -22.73 72.17
CA UNK F 1797 22.89 -24.06 72.06
C UNK F 1797 22.60 -24.62 73.45
N UNK F 1798 23.61 -24.50 74.30
CA UNK F 1798 23.55 -24.97 75.69
C UNK F 1798 22.38 -24.28 76.42
N UNK F 1799 22.34 -22.97 76.24
CA UNK F 1799 21.31 -22.12 76.84
C UNK F 1799 19.92 -22.60 76.42
N UNK F 1800 19.81 -22.83 75.13
CA UNK F 1800 18.55 -23.29 74.51
C UNK F 1800 18.10 -24.61 75.16
N UNK F 1801 19.07 -25.51 75.28
CA UNK F 1801 18.85 -26.82 75.87
C UNK F 1801 18.32 -26.69 77.30
N UNK F 1802 18.98 -25.81 78.03
CA UNK F 1802 18.63 -25.52 79.43
C UNK F 1802 17.17 -25.05 79.52
N UNK F 1803 16.85 -24.12 78.63
CA UNK F 1803 15.51 -23.53 78.54
C UNK F 1803 14.47 -24.62 78.31
N UNK F 1804 14.80 -25.49 77.37
CA UNK F 1804 13.94 -26.62 76.99
C UNK F 1804 13.67 -27.51 78.20
N UNK F 1805 14.74 -27.80 78.91
CA UNK F 1805 14.71 -28.63 80.12
C UNK F 1805 13.77 -28.02 81.15
N UNK F 1806 13.93 -26.73 81.34
CA UNK F 1806 13.13 -25.94 82.28
C UNK F 1806 11.64 -26.06 81.93
N UNK F 1807 11.38 -25.89 80.65
CA UNK F 1807 10.02 -25.96 80.09
C UNK F 1807 9.40 -27.32 80.42
N UNK F 1808 26.98 -31.08 82.04
CA UNK F 1808 26.23 -31.59 83.20
C UNK F 1808 27.15 -31.72 84.41
N UNK F 1809 28.30 -32.31 84.14
CA UNK F 1809 29.34 -32.54 85.17
C UNK F 1809 29.76 -31.20 85.79
N UNK F 1810 30.00 -30.25 84.90
CA UNK F 1810 30.42 -28.90 85.29
C UNK F 1810 29.38 -28.28 86.22
N UNK F 1811 28.13 -28.41 85.81
CA UNK F 1811 26.97 -27.88 86.55
C UNK F 1811 26.95 -28.48 87.95
N UNK F 1812 27.13 -29.78 88.00
CA UNK F 1812 27.14 -30.55 89.25
C UNK F 1812 28.22 -30.01 90.19
N UNK F 1813 29.40 -29.82 89.60
CA UNK F 1813 30.57 -29.31 90.31
C UNK F 1813 30.25 -27.94 90.94
N UNK F 1814 29.66 -27.11 90.12
CA UNK F 1814 29.26 -25.75 90.51
C UNK F 1814 28.32 -25.80 91.71
N UNK F 1815 27.35 -26.69 91.59
CA UNK F 1815 26.34 -26.90 92.64
C UNK F 1815 27.01 -27.29 93.96
N UNK F 1816 27.94 -28.21 93.83
CA UNK F 1816 28.71 -28.73 94.97
C UNK F 1816 29.45 -27.59 95.66
N UNK F 1817 30.09 -26.79 94.83
CA UNK F 1817 30.86 -25.62 95.29
C UNK F 1817 29.96 -24.67 96.09
N UNK F 1818 28.80 -24.42 95.52
CA UNK F 1818 27.79 -23.54 96.11
C UNK F 1818 27.39 -24.05 97.50
N UNK F 1819 27.14 -25.35 97.54
CA UNK F 1819 26.75 -26.05 98.76
C UNK F 1819 27.83 -25.86 99.85
N UNK F 1820 18.56 -41.96 85.66
CA UNK F 1820 18.15 -42.43 87.00
C UNK F 1820 19.13 -41.91 88.06
N UNK F 1821 20.40 -42.08 87.73
CA UNK F 1821 21.50 -41.65 88.60
C UNK F 1821 21.39 -40.15 88.89
N UNK F 1822 21.18 -39.42 87.82
CA UNK F 1822 21.05 -37.95 87.86
C UNK F 1822 19.90 -37.56 88.80
N UNK F 1823 18.79 -38.25 88.62
CA UNK F 1823 17.57 -38.03 89.41
C UNK F 1823 17.87 -38.24 90.90
N UNK F 1824 18.57 -39.34 91.16
CA UNK F 1824 18.96 -39.73 92.52
C UNK F 1824 19.81 -38.61 93.16
N UNK F 1825 20.75 -38.15 92.38
CA UNK F 1825 21.68 -37.08 92.79
C UNK F 1825 20.89 -35.83 93.19
N UNK F 1826 19.95 -35.50 92.32
CA UNK F 1826 19.07 -34.33 92.50
C UNK F 1826 18.31 -34.44 93.82
N UNK F 1827 17.77 -35.63 94.02
CA UNK F 1827 16.99 -35.95 95.23
C UNK F 1827 17.85 -35.73 96.47
N UNK F 1828 19.06 -36.26 96.40
CA UNK F 1828 20.05 -36.17 97.49
C UNK F 1828 20.30 -34.70 97.83
N UNK F 1829 20.51 -33.93 96.77
CA UNK F 1829 20.79 -32.49 96.87
C UNK F 1829 19.64 -31.79 97.60
N UNK F 1830 18.44 -32.13 97.17
CA UNK F 1830 17.21 -31.58 97.73
C UNK F 1830 17.14 -31.86 99.24
N UNK F 1831 17.43 -33.11 99.56
CA UNK F 1831 17.43 -33.59 100.94
C UNK F 1831 18.40 -32.76 101.80
N UNK F 1832 -12.78 -45.95 61.78
CA UNK F 1832 -13.55 -45.16 62.72
C UNK F 1832 -13.56 -45.80 64.11
N UNK F 1833 -13.82 -47.10 64.15
CA UNK F 1833 -13.86 -47.85 65.41
C UNK F 1833 -12.54 -47.73 66.16
N UNK F 1834 -11.44 -47.93 65.44
CA UNK F 1834 -10.11 -47.85 66.04
C UNK F 1834 -9.88 -46.47 66.67
N UNK F 1835 -10.21 -45.42 65.94
CA UNK F 1835 -10.04 -44.06 66.43
C UNK F 1835 -10.80 -43.84 67.73
N UNK F 1836 -12.06 -44.27 67.76
CA UNK F 1836 -12.91 -44.12 68.93
C UNK F 1836 -12.27 -44.80 70.14
N UNK F 1837 -11.81 -46.03 69.96
CA UNK F 1837 -11.18 -46.79 71.03
C UNK F 1837 -9.98 -46.05 71.61
N UNK F 1838 -9.13 -45.54 70.73
CA UNK F 1838 -7.93 -44.81 71.15
C UNK F 1838 -8.34 -43.60 72.01
N UNK F 1839 -9.33 -42.88 71.50
CA UNK F 1839 -9.86 -41.69 72.16
C UNK F 1839 -10.37 -42.05 73.57
N UNK F 1840 -11.11 -43.13 73.61
CA UNK F 1840 -11.69 -43.66 74.85
C UNK F 1840 -10.59 -43.94 75.87
N UNK F 1841 -9.56 -44.61 75.37
CA UNK F 1841 -8.39 -44.99 76.16
C UNK F 1841 -7.74 -43.75 76.78
N UNK F 1842 -7.58 -42.76 75.92
CA UNK F 1842 -6.97 -41.47 76.29
C UNK F 1842 -7.77 -40.83 77.43
N UNK F 1843 -9.08 -40.84 77.23
CA UNK F 1843 -10.04 -40.26 78.20
C UNK F 1843 -9.87 -40.95 79.56
N UNK F 1844 -9.81 -42.27 79.50
CA UNK F 1844 -9.65 -43.11 80.68
C UNK F 1844 -8.37 -42.73 81.44
N UNK F 1845 -7.31 -42.60 80.66
CA UNK F 1845 -5.99 -42.23 81.18
C UNK F 1845 -6.07 -40.89 81.92
N UNK F 1846 -6.71 -39.96 81.27
CA UNK F 1846 -6.90 -38.60 81.79
C UNK F 1846 -7.63 -38.65 83.14
N UNK F 1847 -8.69 -39.44 83.15
CA UNK F 1847 -9.52 -39.65 84.35
C UNK F 1847 -8.67 -40.18 85.50
N UNK F 1848 -7.86 -41.18 85.16
CA UNK F 1848 -6.96 -41.82 86.12
C UNK F 1848 -6.00 -40.79 86.73
N UNK F 1849 -5.44 -39.99 85.84
CA UNK F 1849 -4.50 -38.93 86.21
C UNK F 1849 -5.16 -37.97 87.21
N UNK F 1850 -6.37 -37.58 86.86
CA UNK F 1850 -7.19 -36.66 87.68
C UNK F 1850 -7.38 -37.23 89.08
N UNK F 1851 -7.73 -38.51 89.10
CA UNK F 1851 -7.97 -39.26 90.34
C UNK F 1851 -6.72 -39.23 91.22
N UNK F 1852 -5.60 -39.50 90.56
CA UNK F 1852 -4.28 -39.53 91.22
C UNK F 1852 -3.99 -38.18 91.87
N UNK F 1853 -4.25 -37.13 91.09
CA UNK F 1853 -4.04 -35.75 91.52
C UNK F 1853 -4.87 -35.45 92.77
N UNK F 1854 -6.11 -35.88 92.71
CA UNK F 1854 -7.08 -35.70 93.80
C UNK F 1854 -6.55 -36.37 95.07
N UNK F 1855 -6.08 -37.58 94.89
CA UNK F 1855 -5.53 -38.40 95.98
C UNK F 1855 -4.37 -37.67 96.65
N UNK F 1856 -3.49 -37.16 95.79
CA UNK F 1856 -2.29 -36.42 96.21
C UNK F 1856 -2.70 -35.22 97.07
N UNK F 1857 -3.62 -34.42 96.50
CA UNK F 1857 -3.97 -33.12 97.05
C UNK F 1857 -4.56 -33.17 98.43
N UNK F 1858 -5.47 -34.10 98.69
CA UNK F 1858 -6.02 -34.18 100.02
C UNK F 1858 -4.92 -34.52 101.01
N UNK F 1859 -4.05 -35.46 100.62
CA UNK F 1859 -2.97 -35.86 101.52
C UNK F 1859 -1.96 -34.77 101.84
N UNK F 1860 -1.55 -33.99 100.84
CA UNK F 1860 -0.65 -32.89 101.11
C UNK F 1860 -1.38 -31.89 101.98
N UNK F 1861 -2.64 -31.68 101.61
CA UNK F 1861 -3.58 -30.86 102.35
C UNK F 1861 -3.94 -31.53 103.65
N UNK F 1862 -4.10 -32.85 103.58
CA UNK F 1862 -4.60 -33.60 104.72
C UNK F 1862 -3.50 -33.64 105.77
N UNK F 1863 -2.28 -33.79 105.30
CA UNK F 1863 -1.10 -33.87 106.14
C UNK F 1863 -0.90 -32.60 106.96
N UNK F 1864 -1.16 -31.44 106.36
CA UNK F 1864 -0.91 -30.19 107.07
C UNK F 1864 -1.71 -30.07 108.36
N UNK F 1865 -2.97 -30.49 108.33
CA UNK F 1865 -3.85 -30.43 109.49
C UNK F 1865 -3.20 -31.08 110.71
N UNK F 1866 -2.63 -32.25 110.52
CA UNK F 1866 -1.98 -32.98 111.60
C UNK F 1866 -0.80 -32.18 112.15
N UNK F 1867 -0.03 -31.58 111.24
CA UNK F 1867 1.11 -30.76 111.64
C UNK F 1867 0.63 -29.57 112.47
N UNK F 1868 -0.48 -28.97 112.06
CA UNK F 1868 -1.05 -27.84 112.77
C UNK F 1868 -1.48 -28.27 114.17
N UNK F 1869 -2.06 -29.46 114.26
CA UNK F 1869 -2.48 -30.00 115.55
C UNK F 1869 -1.27 -30.21 116.46
N UNK F 1870 -0.18 -30.70 115.87
CA UNK F 1870 1.06 -30.91 116.61
C UNK F 1870 1.58 -29.59 117.14
N UNK F 1871 1.50 -28.56 116.30
CA UNK F 1871 1.94 -27.22 116.67
C UNK F 1871 1.11 -26.69 117.83
N UNK F 1872 -0.19 -26.95 117.78
CA UNK F 1872 -1.10 -26.50 118.83
C UNK F 1872 -0.63 -26.97 120.21
N UNK F 1873 2.89 -35.02 124.63
CA UNK F 1873 2.28 -34.44 123.43
C UNK F 1873 3.28 -34.43 122.27
N UNK F 1874 4.50 -33.99 122.54
CA UNK F 1874 5.53 -33.94 121.52
C UNK F 1874 5.79 -35.32 120.92
N UNK F 1875 5.92 -36.31 121.77
CA UNK F 1875 6.17 -37.69 121.32
C UNK F 1875 5.05 -38.15 120.40
N UNK F 1876 3.84 -37.89 120.84
CA UNK F 1876 2.61 -38.24 120.11
C UNK F 1876 2.63 -37.58 118.72
N UNK F 1877 2.96 -36.30 118.73
CA UNK F 1877 3.05 -35.49 117.52
C UNK F 1877 4.04 -36.11 116.54
N UNK F 1878 5.19 -36.46 117.08
CA UNK F 1878 6.29 -37.08 116.32
C UNK F 1878 5.81 -38.36 115.65
N UNK F 1879 5.11 -39.16 116.44
CA UNK F 1879 4.57 -40.45 116.01
C UNK F 1879 3.62 -40.23 114.83
N UNK F 1880 2.76 -39.24 115.00
CA UNK F 1880 1.75 -38.86 113.99
C UNK F 1880 2.45 -38.51 112.68
N UNK F 1881 3.48 -37.69 112.83
CA UNK F 1881 4.28 -37.22 111.68
C UNK F 1881 4.88 -38.41 110.93
N UNK F 1882 5.43 -39.33 111.71
CA UNK F 1882 6.06 -40.55 111.19
C UNK F 1882 5.03 -41.35 110.37
N UNK F 1883 3.86 -41.48 110.96
CA UNK F 1883 2.74 -42.22 110.35
C UNK F 1883 2.39 -41.60 108.99
N UNK F 1884 2.29 -40.28 109.01
CA UNK F 1884 1.96 -39.48 107.83
C UNK F 1884 2.98 -39.75 106.72
N UNK F 1885 4.24 -39.71 107.12
CA UNK F 1885 5.37 -39.94 106.23
C UNK F 1885 5.26 -41.31 105.57
N UNK F 1886 4.97 -42.29 106.40
CA UNK F 1886 4.80 -43.69 105.99
C UNK F 1886 3.71 -43.79 104.92
N UNK F 1887 2.60 -43.13 105.23
CA UNK F 1887 1.43 -43.11 104.35
C UNK F 1887 1.80 -42.54 102.98
N UNK F 1888 2.53 -41.44 103.03
CA UNK F 1888 3.01 -40.73 101.83
C UNK F 1888 3.85 -41.67 100.98
N UNK F 1889 4.75 -42.36 101.66
CA UNK F 1889 5.67 -43.31 101.03
C UNK F 1889 4.87 -44.41 100.30
N UNK F 1890 3.89 -44.91 101.01
CA UNK F 1890 3.00 -45.97 100.50
C UNK F 1890 2.31 -45.50 99.23
N UNK F 1891 1.80 -44.28 99.30
CA UNK F 1891 1.10 -43.64 98.18
C UNK F 1891 2.01 -43.56 96.96
N UNK F 1892 3.23 -43.12 97.22
CA UNK F 1892 4.26 -42.98 96.20
C UNK F 1892 4.52 -44.32 95.51
N UNK F 1893 4.65 -45.33 96.34
CA UNK F 1893 4.91 -46.71 95.89
C UNK F 1893 3.78 -47.16 94.95
N UNK F 1894 11.44 -38.81 103.55
CA UNK F 1894 10.77 -37.68 102.89
C UNK F 1894 11.49 -37.33 101.59
N UNK F 1895 12.80 -37.26 101.71
CA UNK F 1895 13.69 -36.94 100.57
C UNK F 1895 13.49 -37.96 99.44
N UNK F 1896 13.49 -39.21 99.85
CA UNK F 1896 13.31 -40.34 98.93
C UNK F 1896 11.98 -40.20 98.18
N UNK F 1897 10.96 -39.90 98.94
CA UNK F 1897 9.60 -39.72 98.42
C UNK F 1897 9.59 -38.61 97.35
N UNK F 1898 10.23 -37.52 97.71
CA UNK F 1898 10.35 -36.34 96.84
C UNK F 1898 11.00 -36.73 95.52
N UNK F 1899 12.09 -37.46 95.66
CA UNK F 1899 12.87 -37.95 94.51
C UNK F 1899 11.99 -38.79 93.57
N UNK F 1900 11.24 -39.67 94.21
CA UNK F 1900 10.32 -40.58 93.50
C UNK F 1900 9.30 -39.77 92.69
N UNK F 1901 8.75 -38.77 93.38
CA UNK F 1901 7.76 -37.86 92.79
C UNK F 1901 8.32 -37.18 91.55
N UNK F 1902 9.54 -36.68 91.72
CA UNK F 1902 10.27 -36.00 90.65
C UNK F 1902 10.42 -36.90 89.43
N UNK F 1903 10.83 -38.13 89.72
CA UNK F 1903 11.04 -39.17 88.71
C UNK F 1903 9.75 -39.39 87.92
N UNK F 1904 8.67 -39.52 88.68
CA UNK F 1904 7.33 -39.75 88.13
C UNK F 1904 6.97 -38.62 87.16
N UNK F 1905 7.21 -37.41 87.64
CA UNK F 1905 6.93 -36.18 86.88
C UNK F 1905 7.68 -36.20 85.54
N UNK F 1906 8.95 -36.56 85.65
CA UNK F 1906 9.86 -36.65 84.50
C UNK F 1906 9.30 -37.64 83.47
N UNK F 1907 8.89 -38.77 83.98
CA UNK F 1907 8.32 -39.86 83.18
C UNK F 1907 7.09 -39.36 82.42
N UNK F 1908 6.25 -38.67 83.15
CA UNK F 1908 5.00 -38.09 82.62
C UNK F 1908 5.32 -37.15 81.47
N UNK F 1909 6.30 -36.30 81.72
CA UNK F 1909 6.77 -35.31 80.74
C UNK F 1909 7.22 -35.99 79.45
N UNK F 1910 8.00 -37.04 79.65
CA UNK F 1910 8.55 -37.86 78.56
C UNK F 1910 7.41 -38.42 77.70
N UNK F 1911 6.40 -38.97 78.38
CA UNK F 1911 5.26 -39.57 77.70
C UNK F 1911 4.50 -38.54 76.88
N UNK F 1912 4.35 -37.34 77.44
CA UNK F 1912 3.65 -36.27 76.74
C UNK F 1912 4.38 -35.89 75.46
N UNK F 1913 5.71 -35.85 75.52
CA UNK F 1913 6.53 -35.53 74.37
C UNK F 1913 6.35 -36.57 73.27
N UNK F 1914 6.29 -37.83 73.66
CA UNK F 1914 6.11 -38.93 72.72
C UNK F 1914 4.76 -38.81 72.01
N UNK F 1915 3.74 -38.44 72.77
CA UNK F 1915 2.39 -38.27 72.23
C UNK F 1915 2.34 -37.13 71.23
N UNK F 1916 16.87 -48.92 92.32
CA UNK F 1916 16.27 -47.99 93.30
C UNK F 1916 17.12 -47.95 94.57
N UNK F 1917 17.47 -49.14 95.02
CA UNK F 1917 18.27 -49.34 96.24
C UNK F 1917 19.62 -48.62 96.08
N UNK F 1918 20.21 -48.84 94.93
CA UNK F 1918 21.51 -48.25 94.58
C UNK F 1918 21.43 -46.72 94.65
N UNK F 1919 20.37 -46.21 94.06
CA UNK F 1919 20.10 -44.77 94.02
C UNK F 1919 20.01 -44.21 95.44
N UNK F 1920 19.27 -44.93 96.26
CA UNK F 1920 19.05 -44.57 97.67
C UNK F 1920 20.39 -44.48 98.39
N UNK F 1921 21.20 -45.50 98.16
CA UNK F 1921 22.54 -45.62 98.76
C UNK F 1921 23.39 -44.39 98.38
N UNK F 1922 23.34 -44.08 97.10
CA UNK F 1922 24.08 -42.95 96.52
C UNK F 1922 23.67 -41.65 97.23
N UNK F 1923 22.37 -41.50 97.36
CA UNK F 1923 21.76 -40.32 98.01
C UNK F 1923 22.28 -40.18 99.44
N UNK F 1924 22.27 -41.31 100.13
CA UNK F 1924 22.74 -41.39 101.53
C UNK F 1924 24.19 -40.93 101.62
N UNK F 1925 24.98 -41.46 100.71
CA UNK F 1925 26.41 -41.15 100.62
C UNK F 1925 26.61 -39.64 100.45
N UNK F 1926 25.84 -39.09 99.54
CA UNK F 1926 25.86 -37.66 99.22
C UNK F 1926 25.58 -36.84 100.48
N UNK F 1927 24.54 -37.26 101.17
CA UNK F 1927 24.08 -36.61 102.41
C UNK F 1927 25.21 -36.60 103.44
N UNK F 1928 25.84 -37.75 103.57
CA UNK F 1928 26.95 -37.96 104.50
C UNK F 1928 28.08 -36.98 104.19
N UNK F 1929 28.39 -36.91 102.90
CA UNK F 1929 29.45 -36.03 102.38
C UNK F 1929 29.16 -34.57 102.76
N UNK F 1930 27.91 -34.21 102.53
CA UNK F 1930 27.41 -32.85 102.83
C UNK F 1930 27.61 -32.52 104.31
N UNK F 1931 27.23 -33.49 105.13
CA UNK F 1931 27.33 -33.39 106.59
C UNK F 1931 28.79 -33.14 106.99
N UNK F 1932 29.69 -33.92 106.41
CA UNK F 1932 31.11 -33.81 106.71
C UNK F 1932 31.64 -32.42 106.33
N UNK F 1933 31.20 -31.92 105.19
CA UNK F 1933 31.62 -30.61 104.73
C UNK F 1933 31.17 -29.53 105.72
N UNK F 1934 29.94 -29.69 106.22
CA UNK F 1934 29.39 -28.75 107.19
C UNK F 1934 30.21 -28.77 108.48
N UNK F 1935 30.62 -29.96 108.90
CA UNK F 1935 31.42 -30.11 110.11
C UNK F 1935 32.76 -29.40 109.97
N UNK F 1936 33.36 -29.51 108.79
CA UNK F 1936 34.63 -28.86 108.51
C UNK F 1936 34.50 -27.34 108.56
N UNK F 1937 -17.53 -7.73 71.98
CA UNK F 1937 -18.24 -6.95 70.95
C UNK F 1937 -17.98 -5.45 71.15
N UNK F 1938 -18.12 -5.05 72.40
CA UNK F 1938 -17.91 -3.65 72.82
C UNK F 1938 -16.50 -3.20 72.45
N UNK F 1939 -15.56 -4.07 72.79
CA UNK F 1939 -14.13 -3.83 72.53
C UNK F 1939 -13.90 -3.61 71.03
N UNK F 1940 -14.50 -4.50 70.26
CA UNK F 1940 -14.41 -4.48 68.80
C UNK F 1940 -14.92 -3.14 68.26
N UNK F 1941 -16.07 -2.75 68.78
CA UNK F 1941 -16.73 -1.50 68.41
C UNK F 1941 -15.80 -0.31 68.67
N UNK F 1942 -15.21 -0.34 69.84
CA UNK F 1942 -14.27 0.70 70.31
C UNK F 1942 -13.11 0.82 69.33
N UNK F 1943 -12.58 -0.34 68.98
CA UNK F 1943 -11.44 -0.46 68.06
C UNK F 1943 -11.80 0.18 66.72
N UNK F 1944 -12.98 -0.17 66.24
CA UNK F 1944 -13.52 0.32 64.97
C UNK F 1944 -13.58 1.86 64.99
N UNK F 1945 -14.11 2.36 66.10
CA UNK F 1945 -14.27 3.80 66.32
C UNK F 1945 -12.91 4.49 66.23
N UNK F 1946 -11.95 3.89 66.91
CA UNK F 1946 -10.56 4.38 66.97
C UNK F 1946 -9.99 4.48 65.56
N UNK F 1947 -10.20 3.41 64.82
CA UNK F 1947 -9.73 3.29 63.43
C UNK F 1947 -10.32 4.43 62.57
N UNK F 1948 -11.61 4.63 62.75
CA UNK F 1948 -12.36 5.67 62.04
C UNK F 1948 -11.75 7.04 62.32
N UNK F 1949 -11.50 7.27 63.60
CA UNK F 1949 -10.92 8.52 64.09
C UNK F 1949 -9.57 8.77 63.42
N UNK F 1950 -8.77 7.72 63.40
CA UNK F 1950 -7.44 7.74 62.79
C UNK F 1950 -7.52 8.14 61.32
N UNK F 1951 -8.46 7.51 60.65
CA UNK F 1951 -8.72 7.73 59.22
C UNK F 1951 -9.06 9.21 58.99
N UNK F 1952 -29.12 -4.86 67.41
CA UNK F 1952 -29.53 -4.42 66.07
C UNK F 1952 -28.97 -3.03 65.77
N UNK F 1953 -29.16 -2.16 66.75
CA UNK F 1953 -28.70 -0.76 66.68
C UNK F 1953 -27.20 -0.72 66.44
N UNK F 1954 -26.51 -1.52 67.23
CA UNK F 1954 -25.04 -1.63 67.18
C UNK F 1954 -24.60 -2.04 65.77
N UNK F 1955 -25.28 -3.05 65.27
CA UNK F 1955 -25.03 -3.60 63.93
C UNK F 1955 -25.18 -2.51 62.87
N UNK F 1956 -26.27 -1.77 63.00
CA UNK F 1956 -26.60 -0.66 62.10
C UNK F 1956 -25.47 0.37 62.09
N UNK F 1957 -25.04 0.70 63.30
CA UNK F 1957 -23.96 1.68 63.52
C UNK F 1957 -22.69 1.23 62.80
N UNK F 1958 -22.39 -0.04 62.99
CA UNK F 1958 -21.21 -0.67 62.39
C UNK F 1958 -21.26 -0.56 60.86
N UNK F 1959 -22.43 -0.87 60.34
CA UNK F 1959 -22.70 -0.81 58.90
C UNK F 1959 -22.44 0.60 58.37
N UNK F 1960 -22.96 1.56 59.11
CA UNK F 1960 -22.84 2.98 58.78
C UNK F 1960 -21.36 3.38 58.71
N UNK F 1961 -20.64 2.93 59.72
CA UNK F 1961 -19.20 3.18 59.84
C UNK F 1961 -18.46 2.64 58.63
N UNK F 1962 -18.80 1.42 58.28
CA UNK F 1962 -18.22 0.72 57.14
C UNK F 1962 -18.44 1.52 55.85
N UNK F 1963 -19.67 1.97 55.70
CA UNK F 1963 -20.10 2.76 54.54
C UNK F 1963 -19.25 4.02 54.43
N UNK F 1964 -19.11 4.68 55.57
CA UNK F 1964 -18.32 5.91 55.70
C UNK F 1964 -16.88 5.68 55.24
N UNK F 1965 -16.33 4.58 55.73
CA UNK F 1965 -14.95 4.16 55.43
C UNK F 1965 -14.80 3.98 53.91
N UNK F 1966 -15.76 3.29 53.35
CA UNK F 1966 -15.81 3.01 51.91
C UNK F 1966 -15.79 4.32 51.11
N UNK F 1967 -16.63 5.23 51.55
CA UNK F 1967 -16.77 6.56 50.93
C UNK F 1967 -15.43 7.28 50.94
N UNK F 1968 -14.80 7.23 52.10
CA UNK F 1968 -13.49 7.86 52.33
C UNK F 1968 -12.46 7.31 51.35
N UNK F 1969 -12.46 5.99 51.24
CA UNK F 1969 -11.56 5.25 50.35
C UNK F 1969 -11.74 5.72 48.91
N UNK F 1970 -22.87 34.88 64.78
CA UNK F 1970 -22.79 33.48 64.41
C UNK F 1970 -21.39 32.92 64.64
N UNK F 1971 -20.38 33.76 64.41
CA UNK F 1971 -18.99 33.35 64.59
C UNK F 1971 -18.72 32.98 66.04
N UNK F 1972 -19.28 33.77 66.96
CA UNK F 1972 -19.12 33.50 68.38
C UNK F 1972 -19.76 32.16 68.74
N UNK F 1973 -20.92 31.89 68.16
CA UNK F 1973 -21.61 30.62 68.37
C UNK F 1973 -20.76 29.47 67.86
N UNK F 1974 -20.13 29.67 66.72
CA UNK F 1974 -19.25 28.65 66.14
C UNK F 1974 -18.07 28.39 67.07
N UNK F 1975 -17.53 29.46 67.64
CA UNK F 1975 -16.42 29.34 68.58
C UNK F 1975 -16.85 28.55 69.81
N UNK F 1976 -18.07 28.82 70.28
CA UNK F 1976 -18.62 28.09 71.41
C UNK F 1976 -18.76 26.62 71.10
N UNK F 1977 -19.20 26.32 69.87
CA UNK F 1977 -19.32 24.94 69.42
C UNK F 1977 -17.96 24.25 69.41
N UNK F 1978 -16.95 24.99 68.96
CA UNK F 1978 -15.59 24.47 68.92
C UNK F 1978 -15.10 24.17 70.33
N UNK F 1979 -15.44 25.05 71.27
CA UNK F 1979 -15.07 24.86 72.67
C UNK F 1979 -15.75 23.61 73.22
N UNK F 1980 -16.98 23.33 72.82
CA UNK F 1980 -17.60 22.03 73.12
C UNK F 1980 -16.89 20.88 72.38
N UNK F 1981 -16.48 21.18 71.16
CA UNK F 1981 -15.93 20.15 70.29
C UNK F 1981 -14.66 19.50 70.79
N UNK F 1982 -13.66 20.26 71.19
CA UNK F 1982 -12.45 19.66 71.74
C UNK F 1982 -12.91 18.89 72.97
N UNK F 1983 -13.81 19.52 73.72
CA UNK F 1983 -14.47 18.87 74.84
C UNK F 1983 -15.31 17.73 74.28
N UNK F 1984 -15.92 17.98 73.13
CA UNK F 1984 -16.78 17.03 72.44
C UNK F 1984 -16.02 15.77 72.02
N UNK F 1985 -14.76 15.91 71.64
CA UNK F 1985 -14.01 14.75 71.18
C UNK F 1985 -13.94 13.71 72.29
N UNK F 1986 -13.69 14.15 73.52
CA UNK F 1986 -13.68 13.26 74.66
C UNK F 1986 -15.07 12.63 74.84
N UNK F 1987 -16.09 13.46 74.66
CA UNK F 1987 -17.47 13.02 74.77
C UNK F 1987 -17.78 11.97 73.70
N UNK F 1988 -17.26 12.21 72.50
CA UNK F 1988 -17.46 11.29 71.39
C UNK F 1988 -16.81 9.96 71.72
N UNK F 1989 -15.62 10.02 72.33
CA UNK F 1989 -14.91 8.83 72.75
C UNK F 1989 -15.69 8.05 73.80
N UNK F 1990 -16.31 8.77 74.72
CA UNK F 1990 -17.10 8.14 75.78
C UNK F 1990 -18.30 7.37 75.23
N UNK F 1991 -18.97 7.96 74.24
CA UNK F 1991 -20.12 7.35 73.62
C UNK F 1991 -19.78 5.95 73.18
N UNK F 1992 -18.58 5.79 72.66
CA UNK F 1992 -18.20 4.50 72.15
C UNK F 1992 -18.22 3.64 73.38
N UNK F 1993 -17.75 4.19 74.46
CA UNK F 1993 -17.90 3.56 75.75
C UNK F 1993 -19.29 2.97 75.75
N UNK F 1994 -13.73 19.12 60.22
CA UNK F 1994 -14.92 18.90 59.39
C UNK F 1994 -15.28 17.42 59.35
N UNK F 1995 -14.25 16.63 59.12
CA UNK F 1995 -14.37 15.16 59.05
C UNK F 1995 -14.97 14.61 60.34
N UNK F 1996 -14.41 15.11 61.44
CA UNK F 1996 -14.83 14.71 62.79
C UNK F 1996 -16.32 15.02 62.99
N UNK F 1997 -16.68 16.22 62.58
CA UNK F 1997 -18.06 16.71 62.66
C UNK F 1997 -19.00 15.78 61.91
N UNK F 1998 -18.57 15.45 60.71
CA UNK F 1998 -19.32 14.55 59.80
C UNK F 1998 -19.56 13.20 60.48
N UNK F 1999 -18.49 12.69 61.05
CA UNK F 1999 -18.50 11.41 61.76
C UNK F 1999 -19.53 11.44 62.90
N UNK F 2000 -19.46 12.52 63.65
CA UNK F 2000 -20.36 12.75 64.78
C UNK F 2000 -21.82 12.72 64.32
N UNK F 2001 -22.06 13.43 63.23
CA UNK F 2001 -23.38 13.53 62.62
C UNK F 2001 -23.90 12.14 62.25
N UNK F 2002 -23.02 11.38 61.62
CA UNK F 2002 -23.31 10.01 61.19
C UNK F 2002 -23.73 9.15 62.38
N UNK F 2003 -22.94 9.28 63.43
CA UNK F 2003 -23.15 8.55 64.69
C UNK F 2003 -24.54 8.86 65.24
N UNK F 2004 -24.85 10.15 65.24
CA UNK F 2004 -26.14 10.67 65.74
C UNK F 2004 -27.28 10.04 64.96
N UNK F 2005 -27.10 10.04 63.65
CA UNK F 2005 -28.09 9.49 62.71
C UNK F 2005 -28.35 8.02 63.04
N UNK F 2006 -27.26 7.30 63.23
CA UNK F 2006 -27.28 5.87 63.54
C UNK F 2006 -28.09 5.64 64.82
N UNK F 2007 -27.78 6.46 65.81
CA UNK F 2007 -28.44 6.40 67.13
C UNK F 2007 -29.96 6.58 66.97
N UNK F 2008 -27.68 19.41 78.10
CA UNK F 2008 -29.01 19.24 77.52
C UNK F 2008 -28.95 18.33 76.30
N UNK F 2009 -27.98 18.63 75.45
CA UNK F 2009 -27.75 17.88 74.21
C UNK F 2009 -27.49 16.41 74.53
N UNK F 2010 -26.63 16.22 75.52
CA UNK F 2010 -26.24 14.88 75.99
C UNK F 2010 -27.48 14.10 76.44
N UNK F 2011 -28.29 14.78 77.22
CA UNK F 2011 -29.55 14.24 77.76
C UNK F 2011 -30.44 13.77 76.62
N UNK F 2012 -30.57 14.65 75.64
CA UNK F 2012 -31.39 14.41 74.45
C UNK F 2012 -30.93 13.14 73.73
N UNK F 2013 -29.62 13.07 73.57
CA UNK F 2013 -28.95 11.94 72.91
C UNK F 2013 -29.29 10.63 73.64
N UNK F 2014 -29.17 10.71 74.95
CA UNK F 2014 -29.45 9.57 75.84
C UNK F 2014 -30.88 9.08 75.64
N UNK F 2015 -31.78 10.05 75.63
CA UNK F 2015 -33.22 9.80 75.45
C UNK F 2015 -33.47 9.07 74.12
N UNK F 2016 -32.82 9.59 73.10
CA UNK F 2016 -32.92 9.04 71.73
C UNK F 2016 -32.48 7.57 71.73
N UNK F 2017 -31.35 7.35 72.38
CA UNK F 2017 -30.76 6.02 72.50
C UNK F 2017 -31.74 5.05 73.16
N UNK F 2018 -32.32 5.54 74.24
CA UNK F 2018 -33.31 4.78 75.02
C UNK F 2018 -34.48 4.37 74.14
N UNK F 2019 -34.95 5.35 73.39
CA UNK F 2019 -36.09 5.19 72.46
C UNK F 2019 -35.77 4.08 71.45
N UNK F 2020 -54.91 7.31 72.34
CA UNK F 2020 -54.24 7.70 71.12
C UNK F 2020 -53.93 9.18 71.14
N UNK F 2021 -54.97 10.00 71.28
CA UNK F 2021 -54.83 11.44 71.30
C UNK F 2021 -54.02 11.91 72.50
N UNK F 2022 -54.21 11.21 73.61
CA UNK F 2022 -53.43 11.41 74.81
C UNK F 2022 -52.01 11.05 74.46
N UNK F 2023 -51.88 10.02 73.64
CA UNK F 2023 -50.58 9.54 73.25
C UNK F 2023 -49.92 10.71 72.55
N UNK F 2024 -50.71 11.38 71.73
CA UNK F 2024 -50.28 12.52 70.95
C UNK F 2024 -49.83 13.65 71.85
N UNK F 2025 -50.59 13.91 72.89
CA UNK F 2025 -50.22 14.98 73.81
C UNK F 2025 -48.88 14.68 74.45
N UNK F 2026 -48.70 13.42 74.84
CA UNK F 2026 -47.46 13.01 75.47
C UNK F 2026 -46.28 13.14 74.51
N UNK F 2027 -46.56 12.80 73.27
CA UNK F 2027 -45.59 12.83 72.20
C UNK F 2027 -45.18 14.25 72.01
N UNK F 2028 -46.17 15.11 72.12
CA UNK F 2028 -46.00 16.52 71.96
C UNK F 2028 -45.07 16.98 73.04
N UNK F 2029 -45.26 16.47 74.24
CA UNK F 2029 -44.40 16.83 75.35
C UNK F 2029 -42.97 16.42 75.05
N UNK F 2030 -42.80 15.22 74.54
CA UNK F 2030 -41.47 14.74 74.23
C UNK F 2030 -40.82 15.62 73.17
N UNK F 2031 -41.62 16.00 72.21
CA UNK F 2031 -41.21 16.84 71.09
C UNK F 2031 -40.80 18.21 71.54
N UNK F 2032 -41.52 18.72 72.53
CA UNK F 2032 -41.28 19.98 73.17
C UNK F 2032 -39.96 19.92 73.90
N UNK F 2033 -39.73 18.78 74.51
CA UNK F 2033 -38.48 18.54 75.20
C UNK F 2033 -37.42 18.64 74.13
N UNK F 2034 -37.72 18.08 72.99
CA UNK F 2034 -36.80 18.06 71.88
C UNK F 2034 -36.48 19.49 71.47
N UNK F 2035 -37.51 20.31 71.38
CA UNK F 2035 -37.34 21.71 71.12
C UNK F 2035 -36.92 22.33 72.44
N UNK F 2036 -58.26 11.32 57.98
CA UNK F 2036 -56.98 10.65 57.83
C UNK F 2036 -56.02 11.16 58.87
N UNK F 2037 -56.55 11.95 59.81
CA UNK F 2037 -55.72 12.55 60.83
C UNK F 2037 -55.01 11.58 61.77
N UNK F 2038 -55.69 10.52 62.19
CA UNK F 2038 -55.05 9.53 63.06
C UNK F 2038 -53.88 8.83 62.37
N UNK F 2039 -54.11 8.53 61.10
CA UNK F 2039 -53.12 7.90 60.27
C UNK F 2039 -51.98 8.84 60.17
N UNK F 2040 -52.36 10.10 60.05
CA UNK F 2040 -51.42 11.15 59.87
C UNK F 2040 -50.56 11.19 61.09
N UNK F 2041 -51.17 11.02 62.25
CA UNK F 2041 -50.45 11.00 63.50
C UNK F 2041 -49.45 9.85 63.63
N UNK F 2042 -49.83 8.66 63.18
CA UNK F 2042 -48.89 7.55 63.21
C UNK F 2042 -47.69 7.85 62.31
N UNK F 2043 -48.08 8.44 61.20
CA UNK F 2043 -47.18 8.74 60.11
C UNK F 2043 -46.22 9.70 60.72
N UNK F 2044 -46.80 10.56 61.52
CA UNK F 2044 -46.20 11.64 62.27
C UNK F 2044 -45.20 11.22 63.32
N UNK F 2045 -45.47 10.15 64.04
CA UNK F 2045 -44.48 9.73 64.99
C UNK F 2045 -43.29 9.39 64.11
N UNK F 2046 -43.59 8.75 62.99
CA UNK F 2046 -42.49 8.37 62.10
C UNK F 2046 -41.73 9.59 61.55
N UNK F 2047 -42.49 10.61 61.21
CA UNK F 2047 -41.99 11.85 60.67
C UNK F 2047 -41.12 12.55 61.68
N UNK F 2048 -41.56 12.51 62.92
CA UNK F 2048 -40.86 13.13 64.00
C UNK F 2048 -39.52 12.46 64.12
N UNK F 2049 -39.53 11.15 63.97
CA UNK F 2049 -38.29 10.43 64.08
C UNK F 2049 -37.36 10.89 62.97
N UNK F 2050 -37.93 11.07 61.80
CA UNK F 2050 -37.17 11.53 60.63
C UNK F 2050 -36.58 12.93 60.82
N UNK F 2051 -37.37 13.78 61.42
CA UNK F 2051 -37.01 15.15 61.70
C UNK F 2051 -35.84 15.11 62.64
N UNK F 2052 -35.97 14.17 63.55
CA UNK F 2052 -35.00 13.95 64.59
C UNK F 2052 -33.71 13.54 63.95
N UNK F 2053 -33.83 12.71 62.93
CA UNK F 2053 -32.67 12.23 62.21
C UNK F 2053 -32.00 13.41 61.55
N UNK F 2054 -32.80 14.30 61.02
CA UNK F 2054 -32.28 15.48 60.37
C UNK F 2054 -31.51 16.33 61.37
N UNK F 2055 -32.04 16.44 62.56
CA UNK F 2055 -31.36 17.18 63.60
C UNK F 2055 -30.38 18.15 62.96
N UNK F 2056 -63.27 24.04 77.85
CA UNK F 2056 -62.18 23.16 78.22
C UNK F 2056 -61.31 22.82 77.00
N UNK F 2057 -61.96 22.42 75.92
CA UNK F 2057 -61.25 22.07 74.70
C UNK F 2057 -60.50 23.27 74.14
N UNK F 2058 -61.15 24.44 74.20
CA UNK F 2058 -60.53 25.67 73.72
C UNK F 2058 -59.29 25.98 74.57
N UNK F 2059 -59.41 25.76 75.87
CA UNK F 2059 -58.32 25.99 76.80
C UNK F 2059 -57.15 25.08 76.48
N UNK F 2060 -57.46 23.82 76.15
CA UNK F 2060 -56.44 22.83 75.82
C UNK F 2060 -55.73 23.18 74.52
N UNK F 2061 -56.52 23.53 73.51
CA UNK F 2061 -55.97 23.90 72.21
C UNK F 2061 -55.01 25.07 72.35
N UNK F 2062 -55.39 26.04 73.19
CA UNK F 2062 -54.55 27.20 73.44
C UNK F 2062 -53.24 26.77 74.09
N UNK F 2063 -53.33 25.83 75.02
CA UNK F 2063 -52.15 25.30 75.69
C UNK F 2063 -51.23 24.62 74.69
N UNK F 2064 -51.84 23.88 73.76
CA UNK F 2064 -51.07 23.20 72.72
C UNK F 2064 -50.35 24.21 71.84
N UNK F 2065 -51.05 25.31 71.53
CA UNK F 2065 -50.47 26.37 70.73
C UNK F 2065 -49.29 27.00 71.46
N UNK F 2066 -49.44 27.18 72.76
CA UNK F 2066 -48.37 27.74 73.58
C UNK F 2066 -47.16 26.81 73.57
N UNK F 2067 -47.42 25.51 73.65
CA UNK F 2067 -46.36 24.52 73.61
C UNK F 2067 -45.63 24.57 72.27
N UNK F 2068 -46.39 24.75 71.19
CA UNK F 2068 -45.82 24.85 69.86
C UNK F 2068 -44.92 26.09 69.78
N UNK F 2069 -45.39 27.19 70.37
CA UNK F 2069 -44.63 28.42 70.40
C UNK F 2069 -43.31 28.23 71.16
N UNK F 2070 -32.63 37.28 73.53
CA UNK F 2070 -33.36 36.35 72.69
C UNK F 2070 -34.61 35.94 73.41
N UNK F 2071 -34.43 35.59 74.68
CA UNK F 2071 -35.54 35.14 75.47
C UNK F 2071 -36.52 36.26 75.59
N UNK F 2072 -36.02 37.47 75.75
CA UNK F 2072 -36.89 38.63 75.86
C UNK F 2072 -37.66 38.81 74.59
N UNK F 2073 -37.00 38.59 73.48
CA UNK F 2073 -37.64 38.77 72.20
C UNK F 2073 -38.78 37.78 72.09
N UNK F 2074 -38.49 36.58 72.55
CA UNK F 2074 -39.48 35.53 72.50
C UNK F 2074 -40.66 35.89 73.35
N UNK F 2075 -40.38 36.46 74.51
CA UNK F 2075 -41.44 36.82 75.41
C UNK F 2075 -42.31 37.86 74.76
N UNK F 2076 -41.68 38.80 74.08
CA UNK F 2076 -42.43 39.83 73.42
C UNK F 2076 -43.33 39.27 72.32
N UNK F 2077 -42.78 38.32 71.59
CA UNK F 2077 -43.51 37.71 70.51
C UNK F 2077 -44.72 37.02 71.08
N UNK F 2078 -44.48 36.39 72.21
CA UNK F 2078 -45.50 35.64 72.90
C UNK F 2078 -46.61 36.56 73.33
N UNK F 2079 -46.24 37.74 73.81
CA UNK F 2079 -47.21 38.74 74.23
C UNK F 2079 -48.07 39.19 73.07
N UNK F 2080 -47.40 39.38 71.93
CA UNK F 2080 -48.12 39.84 70.79
C UNK F 2080 -49.13 38.76 70.49
N UNK F 2081 -48.68 37.53 70.61
CA UNK F 2081 -49.54 36.40 70.34
C UNK F 2081 -50.73 36.30 71.28
N UNK F 2082 -50.50 36.58 72.56
CA UNK F 2082 -51.54 36.43 73.55
C UNK F 2082 -52.59 37.41 73.16
N UNK F 2083 -52.18 38.59 72.72
CA UNK F 2083 -53.18 39.47 72.13
C UNK F 2083 -53.24 38.96 70.69
N UNK F 2084 -54.52 35.23 70.55
CA UNK F 2084 -55.49 34.28 71.05
C UNK F 2084 -55.49 33.04 70.17
N UNK F 2085 -56.29 32.07 70.58
CA UNK F 2085 -56.46 30.85 69.82
C UNK F 2085 -57.16 31.14 68.50
N UNK F 2086 -58.11 32.09 68.54
CA UNK F 2086 -59.01 32.33 67.40
C UNK F 2086 -58.21 32.60 66.13
N UNK F 2087 -57.16 33.36 66.39
CA UNK F 2087 -56.24 33.82 65.40
C UNK F 2087 -55.61 32.60 64.85
N UNK F 2088 -55.35 31.68 65.77
CA UNK F 2088 -54.74 30.39 65.53
C UNK F 2088 -55.57 29.52 64.63
N UNK F 2089 -56.88 29.52 64.84
CA UNK F 2089 -57.72 28.73 63.96
C UNK F 2089 -57.52 29.33 62.60
N UNK F 2090 -57.48 30.65 62.58
CA UNK F 2090 -57.34 31.33 61.30
C UNK F 2090 -56.02 30.99 60.62
N UNK F 2091 -54.97 30.92 61.42
CA UNK F 2091 -53.61 30.58 61.03
C UNK F 2091 -53.48 29.18 60.49
N UNK F 2092 -54.18 28.26 61.14
CA UNK F 2092 -54.18 26.89 60.73
C UNK F 2092 -54.78 26.89 59.36
N UNK F 2093 -55.81 27.71 59.19
CA UNK F 2093 -56.50 27.76 57.93
C UNK F 2093 -55.49 28.26 56.91
N UNK F 2094 -54.72 29.24 57.35
CA UNK F 2094 -53.61 29.75 56.59
C UNK F 2094 -52.47 28.79 56.88
N UNK F 2095 -33.44 47.88 49.05
CA UNK F 2095 -32.17 47.50 49.69
C UNK F 2095 -32.36 47.41 51.21
N UNK F 2096 -33.00 48.44 51.73
CA UNK F 2096 -33.29 48.56 53.17
C UNK F 2096 -34.10 47.35 53.64
N UNK F 2097 -35.13 47.05 52.85
CA UNK F 2097 -36.03 45.92 53.13
C UNK F 2097 -35.24 44.62 53.21
N UNK F 2098 -34.37 44.46 52.22
CA UNK F 2098 -33.51 43.28 52.10
C UNK F 2098 -32.65 43.13 53.36
N UNK F 2099 -32.07 44.25 53.75
CA UNK F 2099 -31.20 44.33 54.94
C UNK F 2099 -31.97 43.88 56.18
N UNK F 2100 -33.16 44.41 56.29
CA UNK F 2100 -34.08 44.11 57.41
C UNK F 2100 -34.34 42.60 57.48
N UNK F 2101 -34.64 42.05 56.31
CA UNK F 2101 -34.94 40.63 56.15
C UNK F 2101 -33.75 39.80 56.65
N UNK F 2102 -32.58 40.21 56.20
CA UNK F 2102 -31.31 39.54 56.56
C UNK F 2102 -31.14 39.53 58.07
N UNK F 2103 -31.37 40.69 58.65
CA UNK F 2103 -31.26 40.90 60.11
C UNK F 2103 -32.18 39.93 60.84
N UNK F 2104 -33.40 39.87 60.35
CA UNK F 2104 -34.46 39.00 60.91
C UNK F 2104 -33.99 37.54 60.89
N UNK F 2105 -33.46 37.17 59.75
CA UNK F 2105 -32.95 35.80 59.51
C UNK F 2105 -31.86 35.47 60.54
N UNK F 2106 -30.96 36.43 60.69
CA UNK F 2106 -29.84 36.31 61.63
C UNK F 2106 -30.35 36.07 63.05
N UNK F 2107 -31.33 36.88 63.41
CA UNK F 2107 -31.98 36.82 64.73
C UNK F 2107 -32.55 35.42 64.96
N UNK F 2108 -33.25 34.95 63.95
CA UNK F 2108 -33.90 33.63 63.97
C UNK F 2108 -32.86 32.54 64.23
N UNK F 2109 -31.78 32.66 63.48
CA UNK F 2109 -30.64 31.72 63.57
C UNK F 2109 -30.10 31.68 65.00
N UNK F 2110 -51.94 37.82 56.35
CA UNK F 2110 -52.87 38.76 57.00
C UNK F 2110 -52.54 38.87 58.49
N UNK F 2111 -52.37 37.70 59.09
CA UNK F 2111 -52.03 37.59 60.51
C UNK F 2111 -50.75 38.34 60.82
N UNK F 2112 -49.77 38.11 59.98
CA UNK F 2112 -48.44 38.74 60.09
C UNK F 2112 -48.58 40.26 60.06
N UNK F 2113 -49.37 40.71 59.10
CA UNK F 2113 -49.64 42.14 58.90
C UNK F 2113 -50.24 42.74 60.16
N UNK F 2114 -51.21 42.03 60.69
CA UNK F 2114 -51.93 42.43 61.90
C UNK F 2114 -50.94 42.60 63.06
N UNK F 2115 -50.09 41.59 63.18
CA UNK F 2115 -49.06 41.55 64.23
C UNK F 2115 -48.15 42.78 64.14
N UNK F 2116 -47.71 43.10 62.91
CA UNK F 2116 -46.84 44.24 62.72
C UNK F 2116 -47.55 45.52 63.15
N UNK F 2117 -48.82 45.64 62.79
CA UNK F 2117 -49.61 46.79 63.17
C UNK F 2117 -49.74 46.86 64.69
N UNK F 2118 -49.97 45.71 65.32
CA UNK F 2118 -50.10 45.65 66.78
C UNK F 2118 -48.80 46.07 67.46
N UNK F 2119 -47.68 45.61 66.91
CA UNK F 2119 -46.37 45.96 67.43
C UNK F 2119 -46.15 47.46 67.26
N UNK F 2120 -46.59 47.97 66.11
CA UNK F 2120 -46.45 49.40 65.77
C UNK F 2120 -47.21 50.25 66.79
N UNK F 2121 -48.43 49.83 67.04
CA UNK F 2121 -49.33 50.50 67.99
C UNK F 2121 -48.68 50.57 69.38
N UNK F 2122 -48.16 49.44 69.77
CA UNK F 2122 -47.48 49.28 71.07
C UNK F 2122 -46.32 50.28 71.18
N UNK F 2123 -45.54 50.31 70.11
CA UNK F 2123 -44.37 51.20 70.00
C UNK F 2123 -44.80 52.66 70.19
N UNK F 2124 -45.86 52.99 69.48
CA UNK F 2124 -46.44 54.34 69.50
C UNK F 2124 -46.83 54.73 70.94
N UNK F 2125 -47.49 53.79 71.58
CA UNK F 2125 -47.96 53.94 72.96
C UNK F 2125 -46.77 54.23 73.89
N UNK F 2126 -45.75 53.43 73.70
CA UNK F 2126 -44.50 53.53 74.48
C UNK F 2126 -43.90 54.93 74.32
N UNK F 2127 -43.83 55.41 73.09
CA UNK F 2127 -43.29 56.73 72.82
C UNK F 2127 -44.05 57.81 73.57
N UNK F 2128 -41.38 58.05 58.70
CA UNK F 2128 -42.77 57.62 58.66
C UNK F 2128 -43.27 57.66 57.23
N UNK F 2129 -42.93 58.72 56.52
CA UNK F 2129 -43.33 58.90 55.12
C UNK F 2129 -42.73 57.85 54.19
N UNK F 2130 -41.45 57.55 54.39
CA UNK F 2130 -40.80 56.56 53.57
C UNK F 2130 -41.53 55.28 53.84
N UNK F 2131 -41.84 55.08 55.11
CA UNK F 2131 -42.47 53.85 55.53
C UNK F 2131 -43.81 53.71 54.85
N UNK F 2132 -44.55 54.81 54.76
CA UNK F 2132 -45.84 54.84 54.09
C UNK F 2132 -45.78 54.58 52.58
N UNK F 2133 -44.77 55.13 51.92
CA UNK F 2133 -44.63 54.89 50.49
C UNK F 2133 -44.40 53.40 50.34
N UNK F 2134 -43.60 52.90 51.25
CA UNK F 2134 -43.21 51.52 51.28
C UNK F 2134 -44.44 50.65 51.47
N UNK F 2135 -45.33 51.12 52.33
CA UNK F 2135 -46.55 50.43 52.67
C UNK F 2135 -47.43 50.33 51.44
N UNK F 2136 -47.49 51.41 50.69
CA UNK F 2136 -48.30 51.41 49.50
C UNK F 2136 -47.73 50.32 48.60
N UNK F 2137 -46.40 50.30 48.51
CA UNK F 2137 -45.76 49.32 47.66
C UNK F 2137 -46.04 47.88 48.09
N UNK F 2138 -46.01 47.65 49.39
CA UNK F 2138 -46.23 46.34 49.95
C UNK F 2138 -47.64 45.88 49.69
N UNK F 2139 -48.59 46.80 49.82
CA UNK F 2139 -49.97 46.45 49.59
C UNK F 2139 -50.04 46.04 48.15
N UNK F 2140 -49.38 46.83 47.33
CA UNK F 2140 -49.15 46.48 45.96
C UNK F 2140 -48.41 45.15 45.97
N UNK F 2141 -57.90 46.17 50.95
CA UNK F 2141 -56.44 46.14 51.16
C UNK F 2141 -55.83 47.51 50.87
N UNK F 2142 -56.24 48.05 49.73
CA UNK F 2142 -55.78 49.36 49.26
C UNK F 2142 -56.10 50.44 50.30
N UNK F 2143 -57.33 50.38 50.76
CA UNK F 2143 -57.85 51.32 51.78
C UNK F 2143 -56.98 51.26 53.04
N UNK F 2144 -56.72 50.04 53.44
CA UNK F 2144 -55.90 49.76 54.64
C UNK F 2144 -54.52 50.40 54.49
N UNK F 2145 -53.95 50.17 53.32
CA UNK F 2145 -52.62 50.68 52.97
C UNK F 2145 -52.61 52.21 53.09
N UNK F 2146 -53.64 52.81 52.51
CA UNK F 2146 -53.82 54.27 52.52
C UNK F 2146 -53.84 54.80 53.95
N UNK F 2147 -54.63 54.10 54.76
CA UNK F 2147 -54.80 54.44 56.18
C UNK F 2147 -53.45 54.42 56.89
N UNK F 2148 -52.72 53.36 56.61
CA UNK F 2148 -51.37 53.14 57.19
C UNK F 2148 -50.46 54.31 56.83
N UNK F 2149 -50.49 54.66 55.56
CA UNK F 2149 -49.70 55.77 55.00
C UNK F 2149 -50.00 57.06 55.75
N UNK F 2150 -51.29 57.29 55.90
CA UNK F 2150 -51.82 58.49 56.59
C UNK F 2150 -51.26 58.56 58.01
N UNK F 2151 -51.34 57.43 58.67
CA UNK F 2151 -50.86 57.27 60.06
C UNK F 2151 -49.39 57.63 60.15
N UNK F 2152 -48.64 57.09 59.20
CA UNK F 2152 -47.19 57.31 59.11
C UNK F 2152 -46.89 58.80 58.98
N UNK F 2153 -47.65 59.42 58.09
CA UNK F 2153 -47.53 60.86 57.80
C UNK F 2153 -47.75 61.66 59.08
N UNK F 2154 -48.81 61.29 59.77
CA UNK F 2154 -49.20 61.93 61.04
C UNK F 2154 -48.06 61.85 62.05
N UNK F 2155 -47.50 60.65 62.14
CA UNK F 2155 -46.40 60.35 63.05
C UNK F 2155 -45.21 61.27 62.75
N UNK F 2156 -54.29 59.58 69.02
CA UNK F 2156 -55.08 58.47 68.47
C UNK F 2156 -56.33 59.03 67.78
N UNK F 2157 -56.98 59.92 68.48
CA UNK F 2157 -58.21 60.57 68.01
C UNK F 2157 -57.95 61.30 66.69
N UNK F 2158 -56.85 62.03 66.69
CA UNK F 2158 -56.40 62.80 65.51
C UNK F 2158 -56.22 61.87 64.31
N UNK F 2159 -55.54 60.77 64.59
CA UNK F 2159 -55.24 59.74 63.59
C UNK F 2159 -56.54 59.21 62.98
N UNK F 2160 -57.47 58.92 63.86
CA UNK F 2160 -58.79 58.39 63.50
C UNK F 2160 -59.50 59.38 62.56
N UNK F 2161 -59.45 60.64 62.97
CA UNK F 2161 -60.06 61.73 62.21
C UNK F 2161 -59.48 61.79 60.80
N UNK F 2162 -58.17 61.70 60.74
CA UNK F 2162 -57.40 61.73 59.49
C UNK F 2162 -57.87 60.59 58.57
N UNK F 2163 -57.97 59.43 59.17
CA UNK F 2163 -58.40 58.20 58.47
C UNK F 2163 -59.78 58.42 57.86
N UNK F 2164 -60.67 58.96 58.67
CA UNK F 2164 -62.04 59.25 58.29
C UNK F 2164 -62.07 60.17 57.07
N UNK F 2165 -61.27 61.21 57.17
CA UNK F 2165 -61.13 62.23 56.11
C UNK F 2165 -60.70 61.56 54.80
N UNK F 2166 -59.70 60.71 54.93
CA UNK F 2166 -59.14 59.97 53.80
C UNK F 2166 -60.23 59.13 53.12
N UNK F 2167 -60.99 58.45 53.96
CA UNK F 2167 -62.09 57.58 53.53
C UNK F 2167 -63.10 58.40 52.72
N UNK F 2168 -63.44 59.54 53.28
CA UNK F 2168 -64.40 60.49 52.68
C UNK F 2168 -63.92 60.90 51.28
N UNK F 2169 -60.46 44.96 64.06
CA UNK F 2169 -59.54 45.00 65.22
C UNK F 2169 -58.86 46.37 65.28
N UNK F 2170 -58.36 46.78 64.14
CA UNK F 2170 -57.66 48.06 63.97
C UNK F 2170 -58.56 49.21 64.42
N UNK F 2171 -59.79 49.15 63.93
CA UNK F 2171 -60.82 50.16 64.22
C UNK F 2171 -61.05 50.24 65.73
N UNK F 2172 -61.17 49.07 66.33
CA UNK F 2172 -61.40 48.93 67.77
C UNK F 2172 -60.26 49.60 68.54
N UNK F 2173 -59.05 49.30 68.11
CA UNK F 2173 -57.82 49.83 68.70
C UNK F 2173 -57.84 51.36 68.66
N UNK F 2174 -58.20 51.86 67.49
CA UNK F 2174 -58.28 53.30 67.24
C UNK F 2174 -59.26 53.96 68.22
N UNK F 2175 -60.40 53.32 68.34
CA UNK F 2175 -61.48 53.76 69.23
C UNK F 2175 -60.97 53.86 70.67
N UNK F 2176 -60.29 52.81 71.07
CA UNK F 2176 -59.70 52.70 72.41
C UNK F 2176 -58.75 53.86 72.67
N UNK F 2177 -57.91 54.09 71.68
CA UNK F 2177 -56.90 55.17 71.72
C UNK F 2177 -57.60 56.52 71.92
N UNK F 2178 -58.64 56.72 71.15
CA UNK F 2178 -59.44 57.95 71.18
C UNK F 2178 -60.00 58.17 72.59
N UNK F 2179 -60.55 57.08 73.12
CA UNK F 2179 -61.15 57.07 74.46
C UNK F 2179 -60.11 57.50 75.50
N UNK F 2180 -66.41 52.90 50.10
CA UNK F 2180 -67.58 52.16 50.62
C UNK F 2180 -67.12 51.12 51.63
N UNK F 2181 -66.10 50.39 51.23
CA UNK F 2181 -65.49 49.33 52.05
C UNK F 2181 -65.04 49.90 53.40
N UNK F 2182 -64.35 51.03 53.30
CA UNK F 2182 -63.81 51.74 54.45
C UNK F 2182 -64.94 52.10 55.42
N UNK F 2183 -66.00 52.64 54.82
CA UNK F 2183 -67.20 53.06 55.56
C UNK F 2183 -67.79 51.87 56.33
N UNK F 2184 -67.89 50.77 55.61
CA UNK F 2184 -68.43 49.51 56.15
C UNK F 2184 -67.61 49.07 57.37
N UNK F 2185 -66.31 49.13 57.19
CA UNK F 2185 -65.33 48.75 58.23
C UNK F 2185 -65.55 49.60 59.49
N UNK F 2186 -65.68 50.89 59.23
CA UNK F 2186 -65.90 51.89 60.29
C UNK F 2186 -67.17 51.54 61.09
N UNK F 2187 -68.21 51.24 60.33
CA UNK F 2187 -69.52 50.88 60.89
C UNK F 2187 -69.38 49.66 61.81
N UNK F 2188 -68.67 48.68 61.29
CA UNK F 2188 -68.42 47.41 61.99
C UNK F 2188 -67.72 47.70 63.33
N UNK F 2189 -66.70 48.54 63.24
CA UNK F 2189 -65.90 48.94 64.40
C UNK F 2189 -66.80 49.58 65.46
N UNK F 2190 -67.64 50.47 64.99
CA UNK F 2190 -68.60 51.20 65.84
C UNK F 2190 -69.51 50.21 66.58
N UNK F 2191 -70.01 49.27 65.81
CA UNK F 2191 -70.90 48.21 66.32
C UNK F 2191 -70.20 47.44 67.44
N UNK F 2192 -69.66 57.39 67.57
CA UNK F 2192 -70.14 58.67 67.04
C UNK F 2192 -70.23 59.71 68.16
N UNK F 2193 -70.83 59.27 69.25
CA UNK F 2193 -71.01 60.11 70.45
C UNK F 2193 -69.66 60.61 70.95
N UNK F 2194 -68.73 59.68 71.03
CA UNK F 2194 -67.36 59.93 71.49
C UNK F 2194 -66.72 61.01 70.62
N UNK F 2195 -66.87 60.82 69.32
CA UNK F 2195 -66.33 61.73 68.30
C UNK F 2195 -66.88 63.14 68.53
N UNK F 2196 -68.19 63.19 68.72
CA UNK F 2196 -68.92 64.44 68.95
C UNK F 2196 -68.33 65.17 70.17
N UNK F 2197 -68.16 64.38 71.22
CA UNK F 2197 -67.62 64.87 72.50
C UNK F 2197 -66.24 65.50 72.28
N UNK F 2198 -65.43 64.77 71.53
CA UNK F 2198 -64.05 65.18 71.20
C UNK F 2198 -64.08 66.52 70.48
N UNK F 2199 -64.97 66.60 69.51
CA UNK F 2199 -65.16 67.81 68.69
C UNK F 2199 -65.49 69.00 69.58
N UNK F 2200 -66.43 68.79 70.50
CA UNK F 2200 -66.86 69.85 71.41
C UNK F 2200 -65.71 70.26 72.34
N UNK F 2201 -64.86 69.30 72.69
CA UNK F 2201 -63.74 69.56 73.58
C UNK F 2201 -62.77 70.56 72.96
N UNK F 2202 -62.54 70.43 71.66
CA UNK F 2202 -61.66 71.34 70.95
C UNK F 2202 -62.24 72.75 70.97
N UNK F 2203 -63.56 72.84 70.80
CA UNK F 2203 -64.25 74.13 70.84
C UNK F 2203 -64.12 74.76 72.21
N UNK F 2204 -64.23 73.93 73.25
CA UNK F 2204 -64.12 74.40 74.62
C UNK F 2204 -62.87 75.24 74.83
N UNK F 2205 -73.11 62.37 56.23
CA UNK F 2205 -72.72 62.17 57.64
C UNK F 2205 -71.21 62.30 57.78
N UNK F 2206 -70.51 61.62 56.89
CA UNK F 2206 -69.04 61.61 56.85
C UNK F 2206 -68.52 63.04 56.71
N UNK F 2207 -69.12 63.75 55.78
CA UNK F 2207 -68.76 65.15 55.48
C UNK F 2207 -68.91 66.00 56.74
N UNK F 2208 -70.04 65.81 57.39
CA UNK F 2208 -70.38 66.53 58.63
C UNK F 2208 -69.31 66.28 59.70
N UNK F 2209 -68.96 65.02 59.83
CA UNK F 2209 -67.95 64.56 60.79
C UNK F 2209 -66.63 65.27 60.53
N UNK F 2210 -66.26 65.29 59.26
CA UNK F 2210 -65.02 65.92 58.79
C UNK F 2210 -65.00 67.40 59.17
N UNK F 2211 -66.12 68.04 58.91
CA UNK F 2211 -66.32 69.46 59.21
C UNK F 2211 -66.10 69.72 60.70
N UNK F 2212 -66.72 68.87 61.49
CA UNK F 2212 -66.65 68.93 62.96
C UNK F 2212 -65.19 68.85 63.41
N UNK F 2213 -64.50 67.89 62.83
CA UNK F 2213 -63.08 67.62 63.12
C UNK F 2213 -62.25 68.88 62.84
N UNK F 2214 -62.52 69.44 61.68
CA UNK F 2214 -61.84 70.66 61.20
C UNK F 2214 -62.03 71.79 62.20
N UNK F 2215 -63.28 71.93 62.62
CA UNK F 2215 -63.69 72.97 63.59
C UNK F 2215 -62.89 72.80 64.90
N UNK F 2216 -62.84 71.56 65.34
CA UNK F 2216 -62.13 71.18 66.57
C UNK F 2216 -60.65 71.58 66.47
N UNK F 2217 -60.08 71.26 65.33
CA UNK F 2217 -58.67 71.55 65.03
C UNK F 2217 -58.42 73.06 65.12
N UNK F 2218 -59.32 73.79 64.50
CA UNK F 2218 -59.27 75.26 64.48
C UNK F 2218 -59.27 75.81 65.90
N UNK F 2219 -45.33 37.64 60.45
CA UNK F 2219 -44.94 38.98 59.96
C UNK F 2219 -43.68 38.87 59.12
N UNK F 2220 -42.71 38.15 59.67
CA UNK F 2220 -41.42 37.92 59.01
C UNK F 2220 -41.62 37.27 57.65
N UNK F 2221 -42.46 36.25 57.66
CA UNK F 2221 -42.79 35.47 56.45
C UNK F 2221 -43.37 36.41 55.39
N UNK F 2222 -44.31 37.25 55.79
CA UNK F 2222 -44.95 38.19 54.87
C UNK F 2222 -43.93 39.13 54.24
N UNK F 2223 -42.96 39.55 55.05
CA UNK F 2223 -41.93 40.47 54.57
C UNK F 2223 -41.11 39.83 53.46
N UNK F 2224 -40.79 38.55 53.62
CA UNK F 2224 -40.03 37.82 52.61
C UNK F 2224 -40.82 37.75 51.31
N UNK F 2225 -42.14 37.51 51.43
CA UNK F 2225 -43.00 37.46 50.28
C UNK F 2225 -43.03 38.81 49.56
N UNK F 2226 -43.07 39.88 50.35
CA UNK F 2226 -43.05 41.23 49.79
C UNK F 2226 -41.76 41.48 49.04
N UNK F 2227 -40.65 41.00 49.60
CA UNK F 2227 -39.35 41.14 48.97
C UNK F 2227 -39.32 40.39 47.65
N UNK F 2228 -39.93 39.20 47.63
CA UNK F 2228 -40.01 38.39 46.43
C UNK F 2228 -40.82 39.13 45.36
N UNK F 2229 -41.90 39.76 45.79
CA UNK F 2229 -42.75 40.52 44.89
C UNK F 2229 -41.97 41.70 44.30
N UNK F 2230 -41.16 42.35 45.13
CA UNK F 2230 -40.36 43.48 44.68
C UNK F 2230 -38.88 43.26 44.98
W1 KEG G . 1.15 -2.18 -0.33
W2 KEG G . 2.12 3.68 -2.50
W3 KEG G . -1.11 -1.33 -2.66
W4 KEG G . -0.63 2.23 -3.81
W5 KEG G . 3.98 -1.24 0.57
W6 KEG G . 4.42 2.34 -0.52
W7 KEG G . 1.93 -1.88 -3.24
W8 KEG G . 2.69 1.15 -4.71
W9 KEG G . 1.06 0.47 2.04
W10 KEG G . 1.58 3.24 0.38
W11 KEG G . 4.96 -0.22 -2.65
W12 KEG G . -1.50 1.63 -0.30
P1 KEG G . 1.74 0.75 -1.45
O1 KEG G . 0.83 -3.67 0.24
O2 KEG G . 2.29 5.21 -2.86
O5 KEG G . -2.32 -2.30 -3.31
O6 KEG G . -1.65 2.94 -4.89
O7 KEG G . 4.95 -2.13 1.54
O8 KEG G . 5.68 3.21 0.05
O9 KEG G . 2.06 -3.30 -4.12
O10 KEG G . 3.23 1.27 -6.23
O11 KEG G . 0.85 0.39 3.65
O12 KEG G . 1.52 4.65 1.22
O13 KEG G . 6.36 -0.67 -3.27
O14 KEG G . -2.93 2.11 0.22
O17 KEG G . 1.90 -0.08 -0.25
O18 KEG G . 2.23 1.90 -1.21
O19 KEG G . 2.51 0.26 -2.49
O21 KEG G . 0.16 0.80 -1.85
O23 KEG G . 2.82 -2.32 0.05
O24 KEG G . 3.73 3.32 -1.81
O25 KEG G . -0.41 -2.12 -1.23
O26 KEG G . 0.44 3.53 -3.14
O27 KEG G . 0.60 -1.21 1.28
O28 KEG G . 1.43 3.91 -1.13
O29 KEG G . 1.87 -2.60 -1.70
O30 KEG G . 2.78 2.89 -4.06
O31 KEG G . -1.25 0.34 -3.81
O32 KEG G . 4.65 0.66 0.55
O33 KEG G . 0.15 -1.78 -3.56
O34 KEG G . 0.77 1.63 -4.85
O35 KEG G . 2.83 -0.42 1.87
O36 KEG G . 3.29 2.89 0.42
O37 KEG G . -1.90 -0.14 -1.18
O38 KEG G . -1.50 2.42 -2.08
O39 KEG G . 4.87 -1.28 -1.08
O40 KEG G . 5.31 1.33 -1.80
O41 KEG G . 2.24 -0.61 -4.63
O42 KEG G . 1.53 2.12 1.86
O43 KEG G . 3.80 -1.53 -3.21
O44 KEG G . 4.28 0.88 -3.93
O45 KEG G . -0.69 0.88 1.32
O46 KEG G . -0.32 3.00 0.14
W1 KEG H . 23.85 -26.82 8.72
W2 KEG H . 26.43 -21.07 8.79
W3 KEG H . 22.88 -25.01 6.07
W4 KEG H . 24.29 -21.51 6.22
W5 KEG H . 26.16 -26.80 10.81
W6 KEG H . 27.50 -23.29 11.00
W7 KEG H . 25.79 -26.15 6.49
W8 KEG H . 27.51 -23.15 6.32
W9 KEG H . 23.16 -24.78 11.54
W10 KEG H . 24.70 -21.92 11.03
W11 KEG H . 28.50 -25.43 8.59
W12 KEG H . 21.98 -22.58 8.86
P1 KEG H . 25.25 -23.96 8.76
O1 KEG H . 23.10 -28.29 8.70
O2 KEG H . 26.95 -19.58 8.95
O5 KEG H . 21.92 -25.51 4.78
O6 KEG H . 23.92 -20.38 5.09
O7 KEG H . 26.50 -28.08 11.78
O8 KEG H . 28.52 -22.88 12.21
O9 KEG H . 26.07 -27.35 5.37
O10 KEG H . 28.62 -22.87 5.20
O11 KEG H . 22.29 -25.12 12.87
O12 KEG H . 24.50 -20.75 12.15
O13 KEG H . 29.96 -26.06 8.42
O14 KEG H . 20.54 -21.89 8.93
O17 KEG H . 24.78 -25.04 9.65
O18 KEG H . 25.74 -23.03 9.47
O19 KEG H . 26.29 -24.40 7.98
O21 KEG H . 24.00 -23.46 7.85
O23 KEG H . 25.17 -27.44 9.62
O24 KEG H . 27.56 -21.93 9.87
O25 KEG H . 22.81 -26.22 7.37
O26 KEG H . 25.16 -20.67 7.56
O27 KEG H . 22.82 -26.10 10.22
O28 KEG H . 25.27 -20.95 9.82
O29 KEG H . 24.99 -27.13 7.64
O30 KEG H . 27.55 -21.65 7.41
O31 KEG H . 23.46 -23.16 5.48
O32 KEG H . 27.02 -25.15 11.58
O33 KEG H . 24.32 -25.56 5.60
O34 KEG H . 25.90 -22.21 5.63
O35 KEG H . 24.69 -26.00 11.78
O36 KEG H . 26.18 -22.68 11.58
O37 KEG H . 21.73 -23.98 7.44
O38 KEG H . 22.82 -21.46 7.49
O39 KEG H . 27.64 -26.72 9.65
O40 KEG H . 28.68 -24.20 9.91
O41 KEG H . 26.81 -24.73 5.73
O42 KEG H . 23.90 -23.28 12.01
O43 KEG H . 27.51 -26.27 7.30
O44 KEG H . 28.57 -23.95 7.51
O45 KEG H . 21.94 -23.82 10.38
O46 KEG H . 23.06 -21.65 10.07
W1 KEG I . 13.63 -11.10 6.01
W2 KEG I . 14.08 -5.28 3.60
W3 KEG I . 11.24 -10.52 3.73
W4 KEG I . 11.40 -6.99 2.43
W5 KEG I . 16.40 -9.91 6.78
W6 KEG I . 16.53 -6.36 5.53
W7 KEG I . 14.29 -10.87 3.07
W8 KEG I . 14.78 -7.84 1.45
W9 KEG I . 13.41 -8.37 8.29
W10 KEG I . 13.66 -5.63 6.50
W11 KEG I . 17.21 -8.96 3.49
W12 KEG I . 10.69 -7.50 5.98
P1 KEG I . 13.95 -8.18 4.76
O1 KEG I . 13.44 -12.58 6.66
O2 KEG I . 14.12 -3.75 3.16
O5 KEG I . 10.08 -11.60 3.16
O6 KEG I . 10.30 -6.40 1.35
O7 KEG I . 17.47 -10.69 7.75
O8 KEG I . 17.73 -5.37 6.03
O9 KEG I . 14.51 -12.29 2.24
O10 KEG I . 15.25 -7.75 -0.08
O11 KEG I . 13.24 -8.40 9.90
O12 KEG I . 13.52 -4.20 7.28
O13 KEG I . 18.61 -9.32 2.84
O14 KEG I . 9.25 -7.11 6.54
O17 KEG I . 14.22 -8.95 5.99
O18 KEG I . 14.36 -6.99 4.94
O19 KEG I . 14.72 -8.65 3.71
O21 KEG I . 12.36 -8.27 4.42
O23 KEG I . 15.32 -11.11 6.34
O24 KEG I . 15.73 -5.49 4.23
O25 KEG I . 12.03 -11.20 5.17
O26 KEG I . 12.39 -5.58 3.02
O27 KEG I . 13.05 -10.11 7.60
O28 KEG I . 13.41 -5.04 4.97
O29 KEG I . 14.33 -11.53 4.64
O30 KEG I . 14.74 -6.09 2.04
O31 KEG I . 10.93 -8.91 2.53
O32 KEG I . 16.91 -7.97 6.67
O33 KEG I . 12.50 -10.92 2.81
O34 KEG I . 12.82 -7.53 1.36
O35 KEG I . 15.23 -9.12 8.08
O36 KEG I . 15.39 -5.86 6.49
O37 KEG I . 10.40 -9.32 5.20
O38 KEG I . 10.57 -6.79 4.18
O39 KEG I . 17.25 -9.95 5.10
O40 KEG I . 17.45 -7.35 4.27
O41 KEG I . 14.45 -9.63 1.63
O42 KEG I . 13.75 -6.69 8.02
O43 KEG I . 16.13 -10.38 3.02
O44 KEG I . 16.40 -7.96 2.20
O45 KEG I . 11.61 -8.12 7.60
O46 KEG I . 11.78 -6.03 6.34
W1 KEG J . 51.23 -43.27 12.62
W2 KEG J . 52.01 -37.40 10.42
W3 KEG J . 48.97 -42.53 10.25
W4 KEG J . 49.33 -38.96 9.07
W5 KEG J . 54.01 -42.22 13.55
W6 KEG J . 54.33 -38.64 12.43
W7 KEG J . 52.04 -42.98 9.72
W8 KEG J . 52.70 -39.93 8.23
W9 KEG J . 51.00 -40.61 14.97
W10 KEG J . 51.44 -37.82 13.29
W11 KEG J . 54.99 -41.20 10.34
W12 KEG J . 48.44 -39.56 12.58
P1 KEG J . 51.72 -40.33 11.48
O1 KEG J . 50.94 -44.77 13.21
O2 KEG J . 52.13 -35.87 10.05
O5 KEG J . 47.80 -43.55 9.60
O6 KEG J . 48.30 -38.31 7.97
O7 KEG J . 54.99 -43.07 14.55
O8 KEG J . 55.54 -37.71 13.02
O9 KEG J . 52.23 -44.39 8.86
O10 KEG J . 53.26 -39.80 6.73
O11 KEG J . 50.76 -40.68 16.58
O12 KEG J . 51.32 -36.42 14.12
O13 KEG J . 56.41 -41.60 9.75
O14 KEG J . 46.97 -39.13 13.07
O17 KEG J . 51.89 -41.15 12.70
O18 KEG J . 52.16 -39.16 11.72
O19 KEG J . 52.52 -40.80 10.46
O21 KEG J . 50.15 -40.35 11.06
O23 KEG J . 52.89 -43.35 13.03
O24 KEG J . 53.62 -37.69 11.12
O25 KEG J . 49.68 -43.29 11.70
O26 KEG J . 50.34 -37.62 9.75
O27 KEG J . 50.61 -42.31 14.21
O28 KEG J . 51.28 -37.19 11.77
O29 KEG J . 51.98 -43.68 11.27
O30 KEG J . 52.72 -38.18 8.86
O31 KEG J . 48.78 -40.87 9.09
O32 KEG J . 54.60 -40.29 13.53
O33 KEG J . 50.26 -42.95 9.39
O34 KEG J . 50.77 -39.52 8.05
O35 KEG J . 52.80 -41.43 14.83
O36 KEG J . 53.16 -38.12 13.35
O37 KEG J . 48.11 -41.35 11.71
O38 KEG J . 48.43 -38.78 10.79
O39 KEG J . 54.92 -42.25 11.92
O40 KEG J . 55.27 -39.63 11.19
O41 KEG J . 52.32 -41.70 8.33
O42 KEG J . 51.42 -38.94 14.78
O43 KEG J . 53.89 -42.56 9.78
O44 KEG J . 54.29 -40.13 9.04
O45 KEG J . 49.24 -40.27 14.21
O46 KEG J . 49.56 -38.15 13.02
W1 KEG K . -14.60 62.83 -25.54
W2 KEG K . -13.70 68.74 -27.58
W3 KEG K . -16.95 63.75 -27.77
W4 KEG K . -16.50 67.34 -28.84
W5 KEG K . -11.74 63.74 -24.73
W6 KEG K . -11.33 67.34 -25.75
W7 KEG K . -13.93 63.20 -28.47
W8 KEG K . -13.22 66.28 -29.89
W9 KEG K . -14.60 65.41 -23.10
W10 KEG K . -14.13 68.23 -24.70
W11 KEG K . -10.88 64.83 -27.95
W12 KEG K . -17.24 66.65 -25.33
P1 KEG K . -14.05 65.79 -26.62
O1 KEG K . -14.92 61.32 -24.99
O2 KEG K . -13.53 70.28 -27.92
O5 KEG K . -18.19 62.80 -28.40
O6 KEG K . -17.56 68.07 -29.87
O7 KEG K . -10.74 62.81 -23.81
O8 KEG K . -10.06 68.19 -25.19
O9 KEG K . -13.84 61.81 -29.39
O10 KEG K . -12.74 66.42 -31.42
O11 KEG K . -14.76 65.30 -21.49
O12 KEG K . -14.15 69.61 -23.83
O13 KEG K . -9.50 64.40 -28.63
O14 KEG K . -18.66 67.11 -24.73
O17 KEG K . -13.85 64.92 -25.44
O18 KEG K . -13.56 66.93 -26.36
O19 KEG K . -13.33 65.33 -27.69
O21 KEG K . -15.65 65.85 -26.95
O23 KEG K . -12.93 62.67 -25.23
O24 KEG K . -12.06 68.36 -26.99
O25 KEG K . -16.20 62.91 -26.39
O26 KEG K . -15.40 68.61 -28.17
O27 KEG K . -15.10 63.75 -23.90
O28 KEG K . -14.35 68.94 -26.19
O29 KEG K . -13.94 62.44 -26.95
O30 KEG K . -13.10 67.99 -29.20
O31 KEG K . -17.12 65.45 -28.86
O32 KEG K . -11.08 65.63 -24.71
O33 KEG K . -15.72 63.32 -28.72
O34 KEG K . -15.14 66.75 -29.96
O35 KEG K . -12.84 64.53 -23.37
O36 KEG K . -12.43 67.87 -24.74
O37 KEG K . -17.68 64.90 -26.22
O38 KEG K . -17.31 67.48 -27.08
O39 KEG K . -10.91 63.73 -26.41
O40 KEG K . -10.50 66.36 -27.07
O41 KEG K . -13.67 64.50 -29.84
O42 KEG K . -14.13 67.08 -23.26
O43 KEG K . -12.06 63.54 -28.50
O44 KEG K . -11.60 65.98 -29.17
O45 KEG K . -16.38 65.85 -23.75
O46 KEG K . -16.03 68.00 -24.88
W1 KEG L . 14.16 16.93 56.93
W2 KEG L . 15.15 22.86 55.02
W3 KEG L . 11.91 17.87 54.62
W4 KEG L . 12.40 21.48 53.62
W5 KEG L . 16.98 17.81 57.88
W6 KEG L . 17.44 21.43 56.93
W7 KEG L . 14.95 17.33 54.03
W8 KEG L . 15.72 20.43 52.70
W9 KEG L . 14.06 19.46 59.41
W10 KEG L . 14.60 22.31 57.87
W11 KEG L . 17.98 18.95 54.72
W12 KEG L . 11.52 20.73 57.10
P1 KEG L . 14.75 19.89 55.93
O1 KEG L . 13.82 15.41 57.44
O2 KEG L . 15.32 24.40 54.72
O5 KEG L . 10.69 16.93 53.93
O6 KEG L . 11.39 22.23 52.58
O7 KEG L . 17.94 16.87 58.82
O8 KEG L . 18.69 22.27 57.56
O9 KEG L . 15.09 15.96 53.10
O10 KEG L . 16.26 20.60 51.19
O11 KEG L . 13.83 19.32 61.02
O12 KEG L . 14.53 23.67 58.77
O13 KEG L . 19.38 18.54 54.08
O14 KEG L . 10.07 21.19 57.64
O17 KEG L . 14.91 19.01 57.11
O18 KEG L . 15.24 21.03 56.22
O19 KEG L . 15.52 19.44 54.88
O21 KEG L . 13.17 19.96 55.52
O23 KEG L . 15.82 16.75 57.31
O24 KEG L . 16.75 22.47 55.68
O25 KEG L . 12.60 17.01 56.02
O26 KEG L . 13.47 22.74 54.36
O27 KEG L . 13.60 17.83 58.56
O28 KEG L . 14.44 23.03 56.39
O29 KEG L . 14.88 16.54 55.55
O30 KEG L . 15.81 22.13 53.42
O31 KEG L . 11.78 19.59 53.55
O32 KEG L . 17.65 19.71 57.95
O33 KEG L . 13.17 17.45 53.71
O34 KEG L . 13.81 20.91 52.56
O35 KEG L . 15.83 18.58 59.21
O36 KEG L . 16.30 21.95 57.90
O37 KEG L . 11.11 19.00 56.16
O38 KEG L . 11.52 21.60 55.35
O39 KEG L . 17.88 17.83 56.23
O40 KEG L . 18.33 20.47 55.62
O41 KEG L . 15.26 18.67 52.71
O42 KEG L . 14.54 21.13 59.30
O43 KEG L . 16.82 17.67 54.09
O44 KEG L . 17.30 20.12 53.48
O45 KEG L . 12.31 19.90 58.69
O46 KEG L . 12.70 22.07 57.61
W1 KEG M . 6.68 -45.84 -54.19
W2 KEG M . 7.50 -40.11 -56.71
W3 KEG M . 4.33 -45.15 -56.49
W4 KEG M . 4.72 -41.66 -57.85
W5 KEG M . 9.52 -44.82 -53.43
W6 KEG M . 9.88 -41.30 -54.75
W7 KEG M . 7.36 -45.71 -57.13
W8 KEG M . 8.02 -42.74 -58.80
W9 KEG M . 6.63 -43.06 -51.96
W10 KEG M . 7.06 -40.37 -53.79
W11 KEG M . 10.37 -43.98 -56.73
W12 KEG M . 3.97 -42.06 -54.28
P1 KEG M . 7.19 -42.97 -55.49
O1 KEG M . 6.38 -47.30 -53.50
O2 KEG M . 7.63 -38.60 -57.17
O5 KEG M . 3.11 -46.17 -57.04
O6 KEG M . 3.65 -41.03 -58.93
O7 KEG M . 10.53 -45.64 -52.44
O8 KEG M . 11.13 -40.39 -54.26
O9 KEG M . 7.48 -47.16 -57.93
O10 KEG M . 8.50 -42.71 -60.33
O11 KEG M . 6.46 -43.05 -50.34
O12 KEG M . 7.01 -38.93 -53.04
O13 KEG M . 11.76 -44.44 -57.38
O14 KEG M . 2.55 -41.57 -53.74
O17 KEG M . 7.39 -43.73 -54.24
O18 KEG M . 7.66 -41.81 -55.33
O19 KEG M . 7.92 -43.51 -56.53
O21 KEG M . 5.59 -42.96 -55.84
O23 KEG M . 8.36 -45.95 -53.85
O24 KEG M . 9.13 -40.41 -56.07
O25 KEG M . 5.08 -45.86 -55.03
O26 KEG M . 5.79 -40.31 -57.28
O27 KEG M . 6.16 -44.79 -52.62
O28 KEG M . 6.84 -39.81 -55.33
O29 KEG M . 7.35 -46.33 -55.55
O30 KEG M . 8.11 -40.97 -58.25
O31 KEG M . 4.13 -43.55 -57.72
O32 KEG M . 10.15 -42.91 -53.58
O33 KEG M . 5.56 -45.65 -57.39
O34 KEG M . 6.10 -42.30 -58.91
O35 KEG M . 8.40 -43.93 -52.14
O36 KEG M . 8.77 -40.72 -53.79
O37 KEG M . 3.56 -43.88 -55.04
O38 KEG M . 3.90 -41.38 -56.10
O39 KEG M . 10.36 -44.95 -55.11
O40 KEG M . 10.74 -42.38 -55.99
O41 KEG M . 7.60 -44.51 -58.60
O42 KEG M . 7.08 -41.41 -52.26
O43 KEG M . 9.21 -45.34 -57.18
O44 KEG M . 9.64 -42.96 -58.05
O45 KEG M . 4.85 -42.71 -52.65
O46 KEG M . 5.16 -40.66 -53.95
W1 KEG N . -5.00 11.47 -70.15
W2 KEG N . -6.71 17.20 -72.17
W3 KEG N . -7.83 11.35 -71.95
W4 KEG N . -8.93 14.81 -72.99
W5 KEG N . -2.59 13.41 -69.78
W6 KEG N . -3.72 16.86 -70.75
W7 KEG N . -4.98 11.94 -73.15
W8 KEG N . -5.70 15.01 -74.58
W9 KEG N . -5.58 13.95 -67.67
W10 KEG N . -6.46 16.68 -69.27
W11 KEG N . -2.73 14.62 -73.06
W12 KEG N . -8.81 14.02 -69.41
P1 KEG N . -5.76 14.38 -71.22
O1 KEG N . -4.63 9.97 -69.59
O2 KEG N . -7.19 18.68 -72.48
O5 KEG N . -8.70 9.99 -72.40
O6 KEG N . -10.34 15.05 -73.82
O7 KEG N . -1.20 12.96 -69.05
O8 KEG N . -2.80 18.15 -70.38
O9 KEG N . -4.52 10.66 -74.10
O10 KEG N . -5.56 15.28 -76.16
O11 KEG N . -5.43 13.84 -66.06
O12 KEG N . -6.86 17.98 -68.36
O13 KEG N . -1.41 14.71 -73.97
O14 KEG N . -10.18 13.95 -68.60
O17 KEG N . -5.07 13.69 -70.12
O18 KEG N . -5.70 15.62 -71.02
O19 KEG N . -5.10 14.17 -72.41
O21 KEG N . -7.29 13.82 -71.30
O23 KEG N . -3.36 11.96 -70.11
O24 KEG N . -4.98 17.48 -71.84
O25 KEG N . -6.62 10.91 -70.72
O26 KEG N . -8.30 16.43 -72.47
O27 KEG N . -5.53 12.20 -68.43
O28 KEG N . -7.14 17.20 -70.68
O29 KEG N . -4.46 11.30 -71.65
O30 KEG N . -6.14 16.67 -73.87
O31 KEG N . -8.81 12.82 -72.96
O32 KEG N . -2.69 15.42 -69.82
O33 KEG N . -6.70 11.37 -73.09
O34 KEG N . -7.65 14.74 -74.33
O35 KEG N . -3.68 13.78 -68.24
O36 KEG N . -4.77 16.98 -69.58
O37 KEG N . -8.69 12.21 -70.28
O38 KEG N . -9.46 14.71 -71.12
O39 KEG N . -2.09 13.65 -71.57
O40 KEG N . -2.81 16.21 -72.23
O41 KEG N . -5.45 13.20 -74.50
O42 KEG N . -5.80 15.66 -67.86
O43 KEG N . -3.40 12.96 -73.46
O44 KEG N . -4.00 15.37 -74.13
O45 KEG N . -7.47 13.66 -68.02
O46 KEG N . -8.14 15.75 -69.14
W1 KEG O . -45.32 -14.05 -22.39
W2 KEG O . -44.74 -8.12 -24.47
W3 KEG O . -47.72 -13.28 -24.60
W4 KEG O . -47.48 -9.69 -25.70
W5 KEG O . -42.50 -12.98 -21.60
W6 KEG O . -42.29 -9.37 -22.64
W7 KEG O . -44.68 -13.67 -25.33
W8 KEG O . -44.15 -10.57 -26.77
W9 KEG O . -45.43 -11.46 -19.95
W10 KEG O . -45.13 -8.63 -21.58
W11 KEG O . -41.72 -11.86 -24.83
W12 KEG O . -48.15 -10.38 -22.17
P1 KEG O . -44.93 -11.08 -23.47
O1 KEG O . -45.54 -15.57 -21.82
O2 KEG O . -44.67 -6.58 -24.81
O5 KEG O . -48.91 -14.30 -25.21
O6 KEG O . -48.58 -9.02 -26.71
O7 KEG O . -41.44 -13.84 -20.68
O8 KEG O . -41.06 -8.45 -22.09
O9 KEG O . -44.52 -15.06 -26.24
O10 KEG O . -43.69 -10.40 -28.30
O11 KEG O . -45.58 -11.57 -18.35
O12 KEG O . -45.23 -7.24 -20.72
O13 KEG O . -40.33 -12.23 -25.52
O14 KEG O . -49.59 -9.99 -21.57
O17 KEG O . -44.68 -11.93 -22.30
O18 KEG O . -44.50 -9.91 -23.23
O19 KEG O . -44.19 -11.51 -24.55
O21 KEG O . -46.53 -11.10 -23.81
O23 KEG O . -43.63 -14.12 -22.08
O24 KEG O . -43.09 -8.40 -23.88
O25 KEG O . -46.92 -14.07 -23.22
O26 KEG O . -46.45 -8.34 -25.05
O27 KEG O . -45.84 -13.15 -20.75
O28 KEG O . -45.39 -7.95 -23.07
O29 KEG O . -44.64 -14.42 -23.79
O30 KEG O . -44.12 -8.84 -26.08
O31 KEG O . -48.00 -11.60 -25.70
O32 KEG O . -41.94 -11.04 -21.60
O33 KEG O . -46.48 -13.65 -25.55
O34 KEG O . -46.10 -10.20 -26.82
O35 KEG O . -43.63 -12.24 -20.23
O36 KEG O . -43.41 -8.90 -21.64
O37 KEG O . -48.51 -12.15 -23.05
O38 KEG O . -48.28 -9.56 -23.93
O39 KEG O . -41.69 -12.95 -23.28
O40 KEG O . -41.42 -10.31 -23.97
O41 KEG O . -44.52 -12.35 -26.70
O42 KEG O . -45.05 -9.78 -20.14
O43 KEG O . -42.84 -13.22 -25.37
O44 KEG O . -42.51 -10.77 -26.06
O45 KEG O . -47.24 -11.13 -20.61
O46 KEG O . -47.02 -8.97 -21.75
W1 KEG P . -3.37 -63.71 -2.66
W2 KEG P . -3.14 -58.14 -5.61
W3 KEG P . -5.89 -63.36 -4.83
W4 KEG P . -5.85 -59.96 -6.46
W5 KEG P . -0.58 -62.44 -2.16
W6 KEG P . -0.57 -59.01 -3.73
W7 KEG P . -2.88 -63.76 -5.64
W8 KEG P . -2.53 -60.87 -7.54
W9 KEG P . -3.51 -60.79 -0.63
W10 KEG P . -3.39 -58.22 -2.66
W11 KEG P . 0.02 -61.78 -5.55
W12 KEG P . -6.35 -60.16 -2.84
P1 KEG P . -3.16 -60.92 -4.18
O1 KEG P . -3.50 -65.14 -1.86
O2 KEG P . -3.15 -56.66 -6.17
O5 KEG P . -7.07 -64.51 -5.23
O6 KEG P . -7.03 -59.50 -7.52
O7 KEG P . 0.55 -63.10 -1.18
O8 KEG P . 0.65 -57.97 -3.39
O9 KEG P . -2.68 -65.24 -6.34
O10 KEG P . -2.15 -60.92 -9.11
O11 KEG P . -3.57 -60.68 0.99
O12 KEG P . -3.51 -56.74 -2.01
O13 KEG P . 1.40 -62.19 -6.25
O14 KEG P . -7.77 -59.73 -2.24
O17 KEG P . -2.82 -61.57 -2.91
O18 KEG P . -2.76 -59.72 -4.14
O19 KEG P . -2.45 -61.48 -5.22
O21 KEG P . -4.77 -61.06 -4.43
O23 KEG P . -1.67 -63.67 -2.43
O24 KEG P . -1.46 -58.26 -5.06
O25 KEG P . -5.01 -63.91 -3.39
O26 KEG P . -4.86 -58.51 -6.06
O27 KEG P . -3.87 -62.59 -1.13
O28 KEG P . -3.74 -57.78 -4.22
O29 KEG P . -2.73 -64.25 -4.02
O30 KEG P . -2.55 -59.07 -7.13
O31 KEG P . -6.29 -61.88 -6.16
O32 KEG P . -0.10 -60.50 -2.47
O33 KEG P . -4.68 -63.83 -5.78
O34 KEG P . -4.50 -60.59 -7.56
O35 KEG P . -1.68 -61.54 -0.87
O36 KEG P . -1.66 -58.43 -2.76
O37 KEG P . -6.67 -62.05 -3.44
O38 KEG P . -6.58 -59.62 -4.70
O39 KEG P . 0.17 -62.63 -3.87
O40 KEG P . 0.29 -60.11 -4.95
O41 KEG P . -2.81 -62.64 -7.19
O42 KEG P . -3.20 -59.14 -1.07
O43 KEG P . -1.05 -63.25 -5.84
O44 KEG P . -0.87 -60.91 -6.89
O45 KEG P . -5.34 -60.62 -1.23
O46 KEG P . -5.27 -58.66 -2.68
W1 KEG Q . -39.99 -13.18 53.13
W2 KEG Q . -39.23 -7.43 50.62
W3 KEG Q . -42.27 -12.56 50.74
W4 KEG Q . -41.92 -9.06 49.39
W5 KEG Q . -37.20 -12.08 53.97
W6 KEG Q . -36.89 -8.56 52.67
W7 KEG Q . -39.21 -13.04 50.21
W8 KEG Q . -38.56 -10.06 48.55
W9 KEG Q . -40.19 -10.40 55.34
W10 KEG Q . -39.77 -7.71 53.51
W11 KEG Q . -36.25 -11.23 50.71
W12 KEG Q . -42.78 -9.48 52.92
P1 KEG Q . -39.50 -10.30 51.83
O1 KEG Q . -40.26 -14.65 53.80
O2 KEG Q . -39.12 -5.92 50.16
O5 KEG Q . -43.44 -13.62 50.15
O6 KEG Q . -42.97 -8.46 48.26
O7 KEG Q . -36.20 -12.88 55.00
O8 KEG Q . -35.68 -7.61 53.20
O9 KEG Q . -39.02 -14.48 49.42
O10 KEG Q . -38.02 -10.02 47.04
O11 KEG Q . -40.42 -10.39 56.95
O12 KEG Q . -39.89 -6.27 54.27
O13 KEG Q . -34.83 -11.65 50.12
O14 KEG Q . -44.24 -9.02 53.41
O17 KEG Q . -39.32 -11.06 53.09
O18 KEG Q . -39.07 -9.13 52.01
O19 KEG Q . -38.72 -10.82 50.82
O21 KEG Q . -41.09 -10.34 51.42
O23 KEG Q . -38.32 -13.24 53.52
O24 KEG Q . -37.61 -7.69 51.32
O25 KEG Q . -41.55 -13.25 52.22
O26 KEG Q . -40.91 -7.68 49.98
O27 KEG Q . -40.59 -12.14 54.67
O28 KEG Q . -39.94 -7.15 51.97
O29 KEG Q . -39.25 -13.66 51.79
O30 KEG Q . -38.55 -8.29 49.10
O31 KEG Q . -42.46 -10.97 49.50
O32 KEG Q . -36.61 -10.16 53.85
O33 KEG Q . -40.99 -13.03 49.88
O34 KEG Q . -40.49 -9.68 48.37
O35 KEG Q . -38.39 -11.22 55.22
O36 KEG Q . -38.05 -8.00 53.57
O37 KEG Q . -43.11 -11.31 52.15
O38 KEG Q . -42.80 -8.80 51.10
O39 KEG Q . -36.31 -12.20 52.33
O40 KEG Q . -35.96 -9.61 51.46
O41 KEG Q . -38.94 -11.84 48.75
O42 KEG Q . -39.77 -8.75 55.05
O43 KEG Q . -37.35 -12.61 50.22
O44 KEG Q . -36.97 -10.22 49.36
O45 KEG Q . -41.96 -10.10 54.58
O46 KEG Q . -41.65 -8.04 53.29
#